data_9H5M
#
_entry.id   9H5M
#
_entity_poly.entity_id   1
_entity_poly.type   'polypeptide(L)'
_entity_poly.pdbx_seq_one_letter_code
;MFAKATRNFLREVDADGDLIAVSNLNDSDKLQLLSLVTKKKRFWCWQRPKYQFLSLTLGDVLIEDQFPSPVVVESDFVKY
EGKFANHVSGTLETALGKVKLNLGGSSRVESQSSFGTLRKQEVDLQQLIRDSAERTINLRNPVLQQVLEGRNEVLCVLTQ
KITTMQKCVISEHMQVEEKCGGIVGIQTKTVQVSATEDGNVTKDSNVVLEIPAATTIAYGVIELYVKLDGQFEFCLLRGK
QGGFE
;
_entity_poly.pdbx_strand_id   A,B,C,D,E,F,G,H,I,J,K,L,M,N,O,P,Q,R,S,T,U,V,W,X,Y,Z,a,b,c,d
#
# COMPACT_ATOMS: atom_id res chain seq x y z
N MET A 1 86.77 -26.83 -49.77
CA MET A 1 87.76 -26.99 -50.83
C MET A 1 88.97 -27.73 -50.29
N PHE A 2 89.50 -28.67 -51.09
CA PHE A 2 90.53 -29.57 -50.60
C PHE A 2 91.81 -28.82 -50.23
N ALA A 3 92.14 -27.77 -50.98
CA ALA A 3 93.37 -27.02 -50.70
C ALA A 3 93.32 -26.38 -49.32
N LYS A 4 92.18 -25.78 -48.98
CA LYS A 4 92.04 -25.15 -47.67
C LYS A 4 91.92 -26.18 -46.56
N ALA A 5 91.25 -27.30 -46.84
CA ALA A 5 91.03 -28.31 -45.81
C ALA A 5 92.29 -28.92 -45.21
N THR A 6 93.26 -29.29 -46.05
CA THR A 6 94.51 -29.82 -45.53
C THR A 6 95.48 -28.73 -45.06
N ARG A 7 95.32 -27.52 -45.58
CA ARG A 7 96.16 -26.39 -45.12
C ARG A 7 95.80 -26.16 -43.64
N ASN A 8 94.51 -26.00 -43.35
CA ASN A 8 94.07 -25.75 -41.95
C ASN A 8 94.49 -26.94 -41.08
N PHE A 9 94.28 -28.16 -41.58
CA PHE A 9 94.69 -29.37 -40.82
C PHE A 9 96.15 -29.29 -40.42
N LEU A 10 97.06 -29.23 -41.39
CA LEU A 10 98.48 -29.23 -41.06
C LEU A 10 98.87 -28.03 -40.20
N ARG A 11 98.11 -26.94 -40.28
CA ARG A 11 98.37 -25.79 -39.42
C ARG A 11 98.18 -26.12 -37.95
N GLU A 12 97.13 -26.88 -37.62
CA GLU A 12 96.81 -27.14 -36.23
C GLU A 12 97.50 -28.38 -35.70
N VAL A 13 97.91 -29.29 -36.59
CA VAL A 13 98.56 -30.51 -36.12
C VAL A 13 100.07 -30.35 -36.28
N ASP A 14 100.51 -29.94 -37.48
CA ASP A 14 101.97 -29.80 -37.77
C ASP A 14 102.44 -28.39 -37.40
N ALA A 15 102.89 -28.20 -36.15
CA ALA A 15 103.32 -26.89 -35.67
C ALA A 15 104.64 -26.43 -36.27
N ASP A 16 105.45 -27.36 -36.78
CA ASP A 16 106.77 -27.00 -37.31
C ASP A 16 106.78 -26.81 -38.82
N GLY A 17 105.71 -27.19 -39.52
CA GLY A 17 105.69 -27.06 -40.96
C GLY A 17 106.56 -27.98 -41.79
N ASP A 18 107.05 -29.07 -41.21
CA ASP A 18 107.85 -30.04 -41.94
C ASP A 18 107.05 -30.96 -42.89
N LEU A 19 105.73 -30.90 -42.77
CA LEU A 19 104.83 -31.65 -43.64
C LEU A 19 104.17 -30.60 -44.53
N ILE A 20 103.82 -31.03 -45.74
CA ILE A 20 103.26 -30.14 -46.76
C ILE A 20 101.87 -30.65 -47.13
N ALA A 21 100.90 -29.74 -47.12
CA ALA A 21 99.54 -30.10 -47.46
C ALA A 21 99.39 -30.39 -48.95
N VAL A 22 98.56 -31.37 -49.28
CA VAL A 22 98.31 -31.72 -50.67
C VAL A 22 97.41 -30.66 -51.30
N SER A 23 97.81 -30.15 -52.46
CA SER A 23 97.10 -29.04 -53.09
C SER A 23 95.71 -29.43 -53.55
N ASN A 24 95.58 -30.52 -54.29
CA ASN A 24 94.31 -30.89 -54.91
C ASN A 24 94.19 -32.41 -54.95
N LEU A 25 93.01 -32.89 -55.38
CA LEU A 25 92.78 -34.32 -55.46
C LEU A 25 93.64 -34.85 -56.61
N ASN A 26 93.96 -34.00 -57.58
CA ASN A 26 94.85 -34.42 -58.67
C ASN A 26 96.18 -34.96 -58.13
N ASP A 27 96.80 -34.17 -57.24
CA ASP A 27 98.03 -34.60 -56.58
C ASP A 27 97.91 -35.72 -55.55
N SER A 28 96.70 -36.01 -55.09
CA SER A 28 96.49 -37.05 -54.07
C SER A 28 96.70 -38.46 -54.57
N ASP A 29 96.71 -38.68 -55.88
CA ASP A 29 96.92 -40.00 -56.44
C ASP A 29 98.32 -40.13 -57.04
N LYS A 30 99.10 -39.05 -57.10
CA LYS A 30 100.46 -39.09 -57.61
C LYS A 30 101.50 -39.25 -56.50
N LEU A 31 101.24 -38.71 -55.32
CA LEU A 31 102.18 -38.80 -54.21
C LEU A 31 102.21 -40.20 -53.62
N GLN A 32 103.35 -40.86 -53.73
CA GLN A 32 103.55 -42.18 -53.16
C GLN A 32 104.85 -42.20 -52.38
N LEU A 33 105.04 -43.27 -51.60
CA LEU A 33 106.23 -43.38 -50.76
C LEU A 33 107.44 -43.50 -51.67
N LEU A 34 108.51 -42.80 -51.31
CA LEU A 34 109.77 -42.80 -52.05
C LEU A 34 109.69 -42.51 -53.56
N SER A 35 108.77 -41.65 -53.96
CA SER A 35 108.75 -41.17 -55.34
C SER A 35 109.42 -39.81 -55.23
N LEU A 36 110.04 -39.36 -56.31
CA LEU A 36 110.79 -38.10 -56.29
C LEU A 36 109.97 -36.87 -56.62
N VAL A 37 110.22 -35.78 -55.91
CA VAL A 37 109.54 -34.51 -56.13
C VAL A 37 110.64 -33.46 -56.22
N THR A 38 110.27 -32.29 -56.71
CA THR A 38 111.20 -31.19 -56.89
C THR A 38 110.55 -29.92 -56.40
N LYS A 39 111.29 -29.20 -55.54
CA LYS A 39 110.80 -27.91 -55.01
C LYS A 39 111.64 -26.78 -55.62
N LYS A 40 110.98 -25.76 -56.14
CA LYS A 40 111.64 -24.61 -56.75
C LYS A 40 111.92 -23.56 -55.68
N LYS A 41 113.20 -23.27 -55.44
CA LYS A 41 113.62 -22.35 -54.41
C LYS A 41 113.71 -20.91 -54.91
N ARG A 42 113.30 -20.64 -56.15
CA ARG A 42 113.31 -19.28 -56.66
C ARG A 42 112.41 -18.37 -55.84
N PHE A 43 111.27 -18.86 -55.39
CA PHE A 43 110.38 -18.08 -54.55
C PHE A 43 111.01 -17.83 -53.19
N TRP A 44 110.64 -16.70 -52.59
CA TRP A 44 111.21 -16.29 -51.31
C TRP A 44 110.36 -16.88 -50.18
N CYS A 45 110.60 -16.42 -48.94
CA CYS A 45 109.80 -16.89 -47.82
C CYS A 45 108.36 -16.40 -47.91
N TRP A 46 108.11 -15.42 -48.78
CA TRP A 46 106.77 -14.89 -48.98
C TRP A 46 105.80 -15.94 -49.51
N GLN A 47 106.22 -16.77 -50.46
CA GLN A 47 105.35 -17.81 -51.00
C GLN A 47 105.97 -19.17 -50.74
N ARG A 48 105.12 -20.19 -50.70
CA ARG A 48 105.59 -21.56 -50.49
C ARG A 48 106.43 -22.00 -51.69
N PRO A 49 107.43 -22.86 -51.48
CA PRO A 49 108.19 -23.40 -52.60
C PRO A 49 107.28 -24.17 -53.55
N LYS A 50 107.56 -24.06 -54.85
CA LYS A 50 106.77 -24.74 -55.87
C LYS A 50 107.21 -26.19 -55.94
N TYR A 51 106.30 -27.10 -55.60
CA TYR A 51 106.58 -28.53 -55.56
C TYR A 51 105.98 -29.20 -56.79
N GLN A 52 106.82 -29.91 -57.54
CA GLN A 52 106.41 -30.64 -58.73
C GLN A 52 106.94 -32.07 -58.64
N PHE A 53 106.12 -33.02 -59.09
CA PHE A 53 106.39 -34.44 -58.90
C PHE A 53 106.83 -35.06 -60.22
N LEU A 54 107.98 -35.73 -60.19
CA LEU A 54 108.42 -36.51 -61.35
C LEU A 54 107.71 -37.85 -61.39
N SER A 55 107.49 -38.35 -62.61
CA SER A 55 106.81 -39.62 -62.80
C SER A 55 107.70 -40.79 -62.38
N LEU A 56 109.00 -40.55 -62.30
CA LEU A 56 109.97 -41.57 -61.97
C LEU A 56 110.06 -41.74 -60.45
N THR A 57 110.70 -42.81 -60.02
CA THR A 57 110.91 -43.09 -58.60
C THR A 57 112.41 -43.26 -58.36
N LEU A 58 112.75 -43.65 -57.12
CA LEU A 58 114.15 -43.86 -56.79
C LEU A 58 114.75 -44.98 -57.62
N GLY A 59 114.10 -46.15 -57.64
CA GLY A 59 114.62 -47.26 -58.43
C GLY A 59 114.69 -46.95 -59.91
N ASP A 60 113.88 -46.00 -60.36
CA ASP A 60 113.92 -45.60 -61.77
C ASP A 60 115.16 -44.78 -62.07
N VAL A 61 115.73 -44.11 -61.07
CA VAL A 61 116.87 -43.22 -61.28
C VAL A 61 118.15 -43.72 -60.64
N LEU A 62 118.10 -44.77 -59.82
CA LEU A 62 119.35 -45.33 -59.27
C LEU A 62 120.21 -45.90 -60.39
N ILE A 63 119.74 -46.96 -61.04
CA ILE A 63 120.40 -47.60 -62.17
C ILE A 63 121.73 -48.20 -61.76
N GLU A 64 122.58 -47.42 -61.08
CA GLU A 64 123.92 -47.88 -60.75
C GLU A 64 123.90 -49.08 -59.81
N ASP A 65 123.03 -49.07 -58.80
CA ASP A 65 123.00 -50.13 -57.81
C ASP A 65 121.56 -50.51 -57.51
N GLN A 66 121.39 -51.68 -56.89
CA GLN A 66 120.07 -52.23 -56.64
C GLN A 66 119.20 -51.54 -55.59
N PHE A 67 117.88 -51.65 -55.77
CA PHE A 67 116.90 -51.04 -54.87
C PHE A 67 116.71 -51.50 -53.43
N PRO A 68 117.07 -50.70 -52.43
CA PRO A 68 116.93 -51.19 -51.04
C PRO A 68 115.51 -51.30 -50.55
N SER A 69 115.13 -52.49 -50.09
CA SER A 69 113.72 -52.76 -49.79
C SER A 69 113.28 -51.77 -48.71
N PRO A 70 112.14 -51.10 -48.87
CA PRO A 70 111.70 -50.19 -47.80
C PRO A 70 111.22 -50.69 -46.46
N VAL A 71 111.36 -49.87 -45.44
CA VAL A 71 110.87 -50.19 -44.09
C VAL A 71 109.67 -49.30 -43.83
N VAL A 72 108.50 -49.76 -44.27
CA VAL A 72 107.27 -48.98 -44.13
C VAL A 72 106.64 -49.39 -42.80
N VAL A 73 106.35 -48.40 -41.96
CA VAL A 73 105.72 -48.63 -40.66
C VAL A 73 104.45 -47.79 -40.65
N GLU A 74 103.34 -48.44 -40.26
CA GLU A 74 102.03 -47.74 -40.26
C GLU A 74 101.66 -47.29 -38.84
N SER A 75 101.38 -46.00 -38.68
CA SER A 75 100.96 -45.42 -37.40
C SER A 75 99.78 -44.50 -37.66
N ASP A 76 98.77 -44.58 -36.80
CA ASP A 76 97.55 -43.78 -36.93
C ASP A 76 97.50 -42.75 -35.80
N PHE A 77 96.99 -41.57 -36.12
CA PHE A 77 96.95 -40.48 -35.11
C PHE A 77 96.08 -39.35 -35.62
N VAL A 78 95.69 -38.43 -34.74
CA VAL A 78 94.98 -37.21 -35.21
C VAL A 78 93.76 -37.55 -36.10
N LYS A 79 92.84 -38.39 -35.62
CA LYS A 79 91.67 -38.65 -36.51
C LYS A 79 91.03 -37.28 -36.74
N TYR A 80 90.95 -36.43 -35.72
CA TYR A 80 90.56 -35.00 -35.89
C TYR A 80 89.15 -34.69 -36.39
N GLU A 81 88.81 -33.41 -36.38
CA GLU A 81 87.52 -32.86 -36.80
C GLU A 81 87.68 -31.35 -36.82
N GLY A 82 87.44 -30.74 -37.97
CA GLY A 82 87.68 -29.33 -38.12
C GLY A 82 86.51 -28.55 -38.68
N LYS A 83 86.10 -27.50 -37.98
CA LYS A 83 85.07 -26.58 -38.43
C LYS A 83 85.67 -25.19 -38.54
N PHE A 84 85.47 -24.54 -39.68
CA PHE A 84 86.13 -23.26 -39.94
C PHE A 84 85.13 -22.29 -40.55
N ALA A 85 84.60 -21.39 -39.73
CA ALA A 85 83.68 -20.35 -40.19
C ALA A 85 84.42 -19.02 -40.26
N ASN A 86 84.77 -18.61 -41.48
CA ASN A 86 85.58 -17.42 -41.70
C ASN A 86 84.73 -16.36 -42.38
N HIS A 87 84.73 -15.16 -41.80
CA HIS A 87 84.01 -14.01 -42.35
C HIS A 87 85.02 -12.92 -42.67
N VAL A 88 85.07 -12.51 -43.93
CA VAL A 88 85.98 -11.46 -44.39
C VAL A 88 85.14 -10.40 -45.08
N SER A 89 85.23 -9.16 -44.60
CA SER A 89 84.54 -8.03 -45.20
C SER A 89 85.53 -6.89 -45.40
N GLY A 90 85.65 -6.43 -46.65
CA GLY A 90 86.55 -5.32 -46.94
C GLY A 90 85.94 -4.31 -47.87
N THR A 91 85.84 -3.06 -47.42
CA THR A 91 85.23 -1.99 -48.20
C THR A 91 86.32 -0.97 -48.53
N LEU A 92 86.44 -0.63 -49.81
CA LEU A 92 87.39 0.36 -50.27
C LEU A 92 86.59 1.53 -50.85
N GLU A 93 86.86 2.73 -50.34
CA GLU A 93 86.17 3.94 -50.77
C GLU A 93 87.22 4.95 -51.17
N THR A 94 87.22 5.33 -52.45
CA THR A 94 88.19 6.26 -52.99
C THR A 94 87.44 7.37 -53.72
N ALA A 95 87.93 8.60 -53.57
CA ALA A 95 87.33 9.78 -54.21
C ALA A 95 88.47 10.71 -54.61
N LEU A 96 88.68 10.86 -55.92
CA LEU A 96 89.70 11.75 -56.45
C LEU A 96 89.05 12.66 -57.48
N GLY A 97 88.88 13.93 -57.13
CA GLY A 97 88.38 14.92 -58.07
C GLY A 97 87.06 14.52 -58.70
N LYS A 98 87.10 14.32 -60.02
CA LYS A 98 85.88 14.00 -60.76
C LYS A 98 85.30 12.65 -60.34
N VAL A 99 86.15 11.66 -60.15
CA VAL A 99 85.73 10.28 -59.96
C VAL A 99 85.55 9.94 -58.49
N LYS A 100 84.33 9.53 -58.12
CA LYS A 100 84.05 8.89 -56.83
C LYS A 100 83.71 7.41 -56.83
N LEU A 101 84.47 6.61 -56.09
CA LEU A 101 84.37 5.16 -56.14
C LEU A 101 84.02 4.62 -54.76
N ASN A 102 82.95 3.83 -54.68
CA ASN A 102 82.54 3.15 -53.46
C ASN A 102 82.51 1.65 -53.75
N LEU A 103 83.29 0.88 -53.00
CA LEU A 103 83.39 -0.55 -53.18
C LEU A 103 83.18 -1.26 -51.85
N GLY A 104 82.33 -2.27 -51.83
CA GLY A 104 82.10 -3.07 -50.64
C GLY A 104 82.07 -4.55 -50.92
N GLY A 105 83.02 -5.30 -50.37
CA GLY A 105 83.08 -6.73 -50.62
C GLY A 105 83.00 -7.57 -49.36
N SER A 106 81.95 -8.39 -49.26
CA SER A 106 81.75 -9.27 -48.11
C SER A 106 81.87 -10.72 -48.56
N SER A 107 82.77 -11.45 -47.91
CA SER A 107 83.01 -12.85 -48.23
C SER A 107 82.86 -13.69 -46.97
N ARG A 108 82.02 -14.72 -47.04
CA ARG A 108 81.82 -15.66 -45.96
C ARG A 108 82.17 -17.06 -46.41
N VAL A 109 83.05 -17.72 -45.67
CA VAL A 109 83.46 -19.09 -45.96
C VAL A 109 83.28 -19.91 -44.70
N GLU A 110 82.49 -20.98 -44.81
CA GLU A 110 82.28 -21.91 -43.70
C GLU A 110 82.71 -23.28 -44.23
N SER A 111 83.98 -23.62 -44.00
CA SER A 111 84.55 -24.85 -44.51
C SER A 111 84.68 -25.85 -43.37
N GLN A 112 83.81 -26.85 -43.36
CA GLN A 112 83.89 -27.94 -42.40
C GLN A 112 84.77 -29.04 -42.96
N SER A 113 85.76 -29.46 -42.17
CA SER A 113 86.74 -30.46 -42.59
C SER A 113 86.70 -31.61 -41.60
N SER A 114 85.80 -32.56 -41.83
CA SER A 114 85.64 -33.72 -40.97
C SER A 114 86.43 -34.87 -41.59
N PHE A 115 87.35 -35.45 -40.82
CA PHE A 115 88.22 -36.51 -41.30
C PHE A 115 88.13 -37.69 -40.34
N GLY A 116 88.41 -38.89 -40.84
CA GLY A 116 88.46 -40.08 -40.01
C GLY A 116 89.84 -40.32 -39.44
N THR A 117 90.09 -41.58 -39.07
CA THR A 117 91.38 -41.96 -38.52
C THR A 117 92.48 -41.82 -39.57
N LEU A 118 93.39 -40.87 -39.36
CA LEU A 118 94.46 -40.64 -40.32
C LEU A 118 95.69 -41.46 -39.93
N ARG A 119 96.27 -42.11 -40.95
CA ARG A 119 97.42 -42.99 -40.69
C ARG A 119 98.70 -42.46 -41.35
N LYS A 120 99.83 -42.67 -40.68
CA LYS A 120 101.13 -42.22 -41.21
C LYS A 120 101.94 -43.43 -41.69
N GLN A 121 102.57 -43.32 -42.85
CA GLN A 121 103.40 -44.37 -43.44
C GLN A 121 104.77 -43.77 -43.71
N GLU A 122 105.71 -43.97 -42.78
CA GLU A 122 107.05 -43.45 -42.89
C GLU A 122 108.03 -44.55 -43.30
N VAL A 123 108.98 -44.20 -44.15
CA VAL A 123 110.00 -45.13 -44.62
C VAL A 123 111.23 -44.98 -43.73
N ASP A 124 111.94 -46.09 -43.54
CA ASP A 124 113.18 -46.08 -42.74
C ASP A 124 114.20 -45.08 -43.24
N LEU A 125 114.52 -44.07 -42.42
CA LEU A 125 115.49 -43.06 -42.81
C LEU A 125 116.88 -43.66 -43.03
N GLN A 126 117.24 -44.66 -42.23
CA GLN A 126 118.51 -45.34 -42.43
C GLN A 126 118.67 -46.10 -43.74
N GLN A 127 117.60 -46.73 -44.24
CA GLN A 127 117.63 -47.27 -45.60
C GLN A 127 117.84 -46.15 -46.61
N LEU A 128 117.32 -44.96 -46.31
CA LEU A 128 117.42 -43.85 -47.24
C LEU A 128 118.86 -43.38 -47.38
N ILE A 129 119.64 -43.45 -46.30
CA ILE A 129 120.99 -42.91 -46.31
C ILE A 129 121.98 -43.94 -46.85
N ARG A 130 121.69 -45.23 -46.66
CA ARG A 130 122.67 -46.26 -47.01
C ARG A 130 123.00 -46.26 -48.49
N ASP A 131 121.98 -46.29 -49.35
CA ASP A 131 122.22 -46.29 -50.79
C ASP A 131 122.78 -44.95 -51.26
N SER A 132 122.30 -43.86 -50.67
CA SER A 132 122.71 -42.52 -51.11
C SER A 132 124.20 -42.28 -50.90
N ALA A 133 124.75 -42.66 -49.74
CA ALA A 133 126.17 -42.43 -49.46
C ALA A 133 127.09 -43.19 -50.40
N GLU A 134 126.59 -44.21 -51.09
CA GLU A 134 127.36 -44.98 -52.05
C GLU A 134 127.03 -44.52 -53.46
N ARG A 135 127.84 -44.95 -54.42
CA ARG A 135 127.64 -44.60 -55.83
C ARG A 135 126.47 -45.43 -56.36
N THR A 136 125.26 -44.91 -56.12
CA THR A 136 124.04 -45.62 -56.44
C THR A 136 123.18 -44.93 -57.49
N ILE A 137 123.29 -43.60 -57.64
CA ILE A 137 122.46 -42.84 -58.58
C ILE A 137 123.33 -42.47 -59.77
N ASN A 138 122.83 -42.78 -60.97
CA ASN A 138 123.57 -42.44 -62.19
C ASN A 138 123.59 -40.93 -62.38
N LEU A 139 124.70 -40.42 -62.94
CA LEU A 139 124.86 -38.99 -63.08
C LEU A 139 123.98 -38.42 -64.19
N ARG A 140 123.89 -39.12 -65.31
CA ARG A 140 123.19 -38.64 -66.49
C ARG A 140 121.94 -39.49 -66.72
N ASN A 141 120.80 -38.84 -66.87
CA ASN A 141 119.53 -39.47 -67.19
C ASN A 141 118.86 -38.68 -68.31
N PRO A 142 118.11 -39.37 -69.19
CA PRO A 142 117.36 -38.62 -70.21
C PRO A 142 116.35 -37.65 -69.62
N VAL A 143 115.85 -37.97 -68.42
CA VAL A 143 114.91 -37.04 -67.73
C VAL A 143 115.71 -36.36 -66.61
N LEU A 144 115.22 -35.23 -66.07
CA LEU A 144 115.85 -34.51 -64.91
C LEU A 144 116.91 -33.50 -65.42
N GLN A 145 117.21 -33.52 -66.72
CA GLN A 145 118.13 -32.49 -67.27
C GLN A 145 117.58 -31.08 -67.05
N GLN A 146 116.29 -30.89 -67.29
CA GLN A 146 115.64 -29.57 -67.10
C GLN A 146 115.72 -29.15 -65.63
N VAL A 147 115.87 -30.11 -64.71
CA VAL A 147 116.03 -29.76 -63.30
C VAL A 147 117.39 -29.14 -63.05
N LEU A 148 118.45 -29.73 -63.62
CA LEU A 148 119.78 -29.16 -63.46
C LEU A 148 119.88 -27.79 -64.12
N GLU A 149 119.29 -27.64 -65.32
CA GLU A 149 119.20 -26.34 -65.98
C GLU A 149 118.11 -25.50 -65.31
N GLY A 150 118.51 -24.74 -64.30
CA GLY A 150 117.56 -24.20 -63.37
C GLY A 150 117.98 -24.57 -61.97
N ARG A 151 119.29 -24.54 -61.70
CA ARG A 151 119.82 -24.99 -60.38
C ARG A 151 118.79 -24.75 -59.27
N ASN A 152 118.39 -23.51 -59.05
CA ASN A 152 117.31 -23.20 -58.12
C ASN A 152 116.28 -24.22 -57.64
N GLU A 153 115.78 -25.06 -58.53
CA GLU A 153 114.92 -26.17 -58.15
C GLU A 153 115.77 -27.42 -57.98
N VAL A 154 115.53 -28.16 -56.89
CA VAL A 154 116.33 -29.32 -56.53
C VAL A 154 115.41 -30.51 -56.33
N LEU A 155 115.94 -31.70 -56.55
CA LEU A 155 115.18 -32.93 -56.44
C LEU A 155 115.09 -33.35 -54.98
N CYS A 156 113.92 -33.86 -54.58
CA CYS A 156 113.69 -34.36 -53.24
C CYS A 156 112.99 -35.70 -53.40
N VAL A 157 112.98 -36.47 -52.30
CA VAL A 157 112.34 -37.81 -52.31
C VAL A 157 111.37 -37.86 -51.13
N LEU A 158 110.14 -38.31 -51.37
CA LEU A 158 109.13 -38.42 -50.32
C LEU A 158 109.48 -39.53 -49.35
N THR A 159 109.31 -39.25 -48.05
CA THR A 159 109.56 -40.21 -47.00
C THR A 159 108.48 -40.35 -45.91
N GLN A 160 107.68 -39.29 -45.76
CA GLN A 160 106.56 -39.33 -44.78
C GLN A 160 105.26 -39.11 -45.55
N LYS A 161 104.17 -39.75 -45.13
CA LYS A 161 102.90 -39.65 -45.84
C LYS A 161 101.78 -39.90 -44.85
N ILE A 162 100.77 -39.02 -44.85
CA ILE A 162 99.59 -39.16 -44.02
C ILE A 162 98.43 -39.52 -44.93
N THR A 163 97.76 -40.63 -44.62
CA THR A 163 96.67 -41.15 -45.45
C THR A 163 95.46 -41.46 -44.59
N THR A 164 94.28 -41.11 -45.11
CA THR A 164 93.03 -41.38 -44.41
C THR A 164 92.50 -42.77 -44.73
N MET A 165 91.68 -43.31 -43.81
CA MET A 165 91.14 -44.65 -43.96
C MET A 165 89.62 -44.65 -44.08
N GLN A 166 88.95 -43.54 -43.80
CA GLN A 166 87.50 -43.47 -43.82
C GLN A 166 87.11 -42.34 -44.75
N LYS A 167 85.96 -42.54 -45.42
CA LYS A 167 85.43 -41.50 -46.32
C LYS A 167 85.35 -40.19 -45.54
N CYS A 168 86.01 -39.15 -46.03
CA CYS A 168 86.05 -37.87 -45.36
C CYS A 168 85.03 -36.89 -45.93
N VAL A 169 84.62 -35.93 -45.09
CA VAL A 169 83.59 -34.97 -45.44
C VAL A 169 84.19 -33.57 -45.45
N ILE A 170 84.02 -32.86 -46.55
CA ILE A 170 84.45 -31.47 -46.67
C ILE A 170 83.24 -30.67 -47.14
N SER A 171 82.46 -30.16 -46.19
CA SER A 171 81.27 -29.37 -46.51
C SER A 171 81.69 -27.91 -46.57
N GLU A 172 81.83 -27.38 -47.78
CA GLU A 172 82.30 -26.02 -48.00
C GLU A 172 81.12 -25.13 -48.37
N HIS A 173 80.94 -24.06 -47.63
CA HIS A 173 79.95 -23.02 -47.95
C HIS A 173 80.72 -21.73 -48.22
N MET A 174 80.55 -21.18 -49.41
CA MET A 174 81.28 -19.98 -49.84
C MET A 174 80.27 -18.97 -50.35
N GLN A 175 79.94 -17.99 -49.52
CA GLN A 175 79.08 -16.89 -49.92
C GLN A 175 79.94 -15.66 -50.18
N VAL A 176 79.86 -15.14 -51.39
CA VAL A 176 80.68 -14.01 -51.82
C VAL A 176 79.74 -12.91 -52.28
N GLU A 177 79.80 -11.74 -51.64
CA GLU A 177 79.03 -10.59 -52.04
C GLU A 177 79.98 -9.43 -52.32
N GLU A 178 79.92 -8.89 -53.53
CA GLU A 178 80.78 -7.80 -53.96
C GLU A 178 79.90 -6.71 -54.56
N LYS A 179 80.00 -5.49 -54.04
CA LYS A 179 79.25 -4.35 -54.53
C LYS A 179 80.23 -3.29 -54.99
N CYS A 180 80.09 -2.87 -56.25
CA CYS A 180 80.95 -1.86 -56.84
C CYS A 180 80.08 -0.68 -57.30
N GLY A 181 80.48 0.52 -56.89
CA GLY A 181 79.74 1.72 -57.27
C GLY A 181 80.64 2.88 -57.65
N GLY A 182 80.42 3.44 -58.84
CA GLY A 182 81.22 4.56 -59.29
C GLY A 182 80.37 5.69 -59.82
N ILE A 183 80.54 6.87 -59.21
CA ILE A 183 79.83 8.09 -59.68
C ILE A 183 80.92 8.98 -60.30
N VAL A 184 80.74 9.38 -61.56
CA VAL A 184 81.73 10.16 -62.29
C VAL A 184 81.07 11.41 -62.84
N GLY A 185 81.61 12.57 -62.50
CA GLY A 185 81.12 13.83 -63.00
C GLY A 185 82.19 14.68 -63.67
N ILE A 186 82.01 14.98 -64.95
CA ILE A 186 83.12 15.70 -65.65
C ILE A 186 82.68 17.11 -66.10
N GLN A 187 83.39 18.14 -65.64
CA GLN A 187 83.16 19.54 -65.99
C GLN A 187 83.57 20.08 -67.38
N THR A 188 83.24 19.30 -68.41
CA THR A 188 83.68 19.60 -69.77
C THR A 188 83.27 20.91 -70.42
N LYS A 189 84.10 21.39 -71.36
CA LYS A 189 83.76 22.70 -72.01
C LYS A 189 82.51 22.78 -72.89
N THR A 190 81.42 23.36 -72.41
CA THR A 190 80.14 23.50 -73.15
C THR A 190 79.42 22.16 -73.19
N VAL A 191 79.86 21.21 -72.36
CA VAL A 191 79.19 19.87 -72.28
C VAL A 191 79.07 19.49 -70.80
N GLN A 192 77.86 19.52 -70.25
CA GLN A 192 77.74 19.05 -68.86
C GLN A 192 77.57 17.54 -68.89
N VAL A 193 78.45 16.83 -68.18
CA VAL A 193 78.50 15.38 -68.24
C VAL A 193 78.17 14.80 -66.87
N SER A 194 77.50 13.64 -66.85
CA SER A 194 77.20 12.94 -65.61
C SER A 194 77.09 11.45 -65.88
N ALA A 195 78.08 10.68 -65.43
CA ALA A 195 78.16 9.24 -65.69
C ALA A 195 78.19 8.50 -64.36
N THR A 196 77.28 7.55 -64.20
CA THR A 196 77.19 6.73 -63.00
C THR A 196 77.17 5.26 -63.41
N GLU A 197 78.01 4.47 -62.74
CA GLU A 197 78.05 3.01 -63.00
C GLU A 197 77.96 2.26 -61.66
N ASP A 198 76.97 1.37 -61.53
CA ASP A 198 76.75 0.60 -60.31
C ASP A 198 76.81 -0.88 -60.65
N GLY A 199 77.68 -1.61 -59.95
CA GLY A 199 77.81 -3.04 -60.17
C GLY A 199 77.65 -3.86 -58.91
N ASN A 200 76.60 -4.65 -58.84
CA ASN A 200 76.32 -5.51 -57.68
C ASN A 200 76.49 -6.96 -58.13
N VAL A 201 77.36 -7.69 -57.45
CA VAL A 201 77.61 -9.09 -57.74
C VAL A 201 77.41 -9.87 -56.45
N THR A 202 76.51 -10.85 -56.48
CA THR A 202 76.27 -11.74 -55.35
C THR A 202 76.44 -13.17 -55.84
N LYS A 203 77.39 -13.89 -55.24
CA LYS A 203 77.73 -15.24 -55.66
C LYS A 203 77.68 -16.17 -54.45
N ASP A 204 77.03 -17.32 -54.62
CA ASP A 204 76.92 -18.33 -53.59
C ASP A 204 77.40 -19.66 -54.15
N SER A 205 78.17 -20.40 -53.35
CA SER A 205 78.67 -21.72 -53.74
C SER A 205 78.49 -22.68 -52.56
N ASN A 206 77.32 -23.30 -52.49
CA ASN A 206 77.04 -24.29 -51.46
C ASN A 206 77.48 -25.66 -51.99
N VAL A 207 78.72 -26.04 -51.69
CA VAL A 207 79.27 -27.28 -52.21
C VAL A 207 79.61 -28.25 -51.08
N VAL A 208 78.90 -29.36 -51.02
CA VAL A 208 79.22 -30.43 -50.08
C VAL A 208 79.77 -31.61 -50.89
N LEU A 209 81.07 -31.84 -50.77
CA LEU A 209 81.75 -32.89 -51.51
C LEU A 209 82.42 -33.84 -50.54
N GLU A 210 82.31 -35.14 -50.86
CA GLU A 210 82.92 -36.16 -50.00
C GLU A 210 84.33 -36.48 -50.50
N ILE A 211 85.13 -37.09 -49.64
CA ILE A 211 86.50 -37.46 -49.95
C ILE A 211 86.65 -38.95 -49.71
N PRO A 212 87.16 -39.72 -50.67
CA PRO A 212 87.28 -41.16 -50.46
C PRO A 212 88.45 -41.50 -49.54
N ALA A 213 88.45 -42.76 -49.08
CA ALA A 213 89.57 -43.25 -48.29
C ALA A 213 90.80 -43.41 -49.18
N ALA A 214 91.95 -43.59 -48.52
CA ALA A 214 93.27 -43.82 -49.11
C ALA A 214 93.84 -42.59 -49.81
N THR A 215 93.15 -41.45 -49.68
CA THR A 215 93.64 -40.20 -50.29
C THR A 215 94.85 -39.69 -49.52
N THR A 216 95.74 -38.96 -50.20
CA THR A 216 96.89 -38.38 -49.51
C THR A 216 96.53 -37.03 -48.92
N ILE A 217 96.80 -36.86 -47.63
CA ILE A 217 96.51 -35.61 -46.94
C ILE A 217 97.75 -34.75 -46.76
N ALA A 218 98.87 -35.36 -46.36
CA ALA A 218 100.10 -34.64 -46.16
C ALA A 218 101.26 -35.52 -46.56
N TYR A 219 102.40 -34.88 -46.86
CA TYR A 219 103.60 -35.59 -47.24
C TYR A 219 104.83 -34.77 -46.87
N GLY A 220 105.83 -35.45 -46.35
CA GLY A 220 107.10 -34.81 -46.02
C GLY A 220 108.21 -35.41 -46.86
N VAL A 221 109.15 -34.57 -47.28
CA VAL A 221 110.20 -34.97 -48.19
C VAL A 221 111.46 -34.55 -47.44
N ILE A 222 112.56 -35.23 -47.78
CA ILE A 222 113.88 -34.69 -47.30
C ILE A 222 114.64 -34.51 -48.60
N GLU A 223 115.39 -33.42 -48.72
CA GLU A 223 116.03 -33.04 -49.97
C GLU A 223 117.30 -33.81 -50.33
N LEU A 224 117.63 -33.75 -51.63
CA LEU A 224 118.79 -34.52 -52.14
C LEU A 224 119.95 -33.58 -52.48
N TYR A 225 121.08 -33.77 -51.82
CA TYR A 225 122.29 -33.01 -52.11
C TYR A 225 122.84 -33.41 -53.48
N VAL A 226 122.83 -32.48 -54.43
CA VAL A 226 123.24 -32.76 -55.80
C VAL A 226 124.47 -31.94 -56.14
N LYS A 227 125.57 -32.62 -56.42
CA LYS A 227 126.76 -31.98 -57.00
C LYS A 227 126.95 -32.52 -58.41
N LEU A 228 127.10 -31.59 -59.37
CA LEU A 228 127.19 -32.00 -60.79
C LEU A 228 128.42 -32.91 -61.01
N ASP A 229 129.35 -32.92 -60.05
CA ASP A 229 130.51 -33.85 -60.17
C ASP A 229 129.98 -35.29 -60.15
N GLY A 230 128.99 -35.57 -59.31
CA GLY A 230 128.37 -36.91 -59.29
C GLY A 230 128.19 -37.43 -57.88
N GLN A 231 128.49 -36.60 -56.88
CA GLN A 231 128.36 -37.03 -55.50
C GLN A 231 126.99 -36.64 -54.97
N PHE A 232 126.25 -37.63 -54.47
CA PHE A 232 124.90 -37.42 -53.98
C PHE A 232 124.75 -38.04 -52.59
N GLU A 233 123.92 -37.39 -51.77
CA GLU A 233 123.63 -37.85 -50.41
C GLU A 233 122.27 -37.32 -49.96
N PHE A 234 121.39 -38.22 -49.54
CA PHE A 234 120.11 -37.81 -48.98
C PHE A 234 120.29 -37.38 -47.52
N CYS A 235 120.38 -36.08 -47.29
CA CYS A 235 120.69 -35.53 -45.97
C CYS A 235 119.47 -34.83 -45.40
N LEU A 236 119.22 -35.01 -44.10
CA LEU A 236 117.99 -34.44 -43.48
C LEU A 236 118.23 -33.07 -42.80
N LEU A 237 119.47 -32.59 -42.76
CA LEU A 237 119.76 -31.34 -42.07
C LEU A 237 120.06 -30.25 -43.09
N ARG A 238 120.03 -28.99 -42.63
CA ARG A 238 120.22 -27.83 -43.50
C ARG A 238 121.63 -27.69 -44.09
N GLY A 239 122.58 -28.47 -43.58
CA GLY A 239 123.97 -28.32 -43.97
C GLY A 239 124.25 -28.46 -45.45
N LYS A 240 124.12 -29.62 -46.01
CA LYS A 240 124.43 -29.85 -47.43
C LYS A 240 123.30 -30.62 -48.13
N GLN A 241 122.22 -29.95 -48.51
CA GLN A 241 121.15 -30.55 -49.29
C GLN A 241 120.64 -29.60 -50.37
N GLY A 242 121.26 -28.43 -50.48
CA GLY A 242 120.74 -27.39 -51.37
C GLY A 242 121.04 -27.61 -52.84
N GLY A 243 122.01 -28.45 -53.16
CA GLY A 243 122.43 -28.62 -54.54
C GLY A 243 123.63 -27.76 -54.82
N PHE A 244 124.67 -28.33 -55.44
CA PHE A 244 125.92 -27.64 -55.67
C PHE A 244 126.41 -27.97 -57.07
N GLU A 245 127.36 -27.19 -57.58
CA GLU A 245 127.84 -27.41 -58.97
C GLU A 245 129.19 -28.16 -58.99
N MET B 1 95.33 -27.37 -29.89
CA MET B 1 96.51 -27.56 -30.73
C MET B 1 97.59 -28.27 -29.91
N PHE B 2 98.28 -29.22 -30.55
CA PHE B 2 99.20 -30.08 -29.82
C PHE B 2 100.37 -29.30 -29.23
N ALA B 3 100.84 -28.27 -29.95
CA ALA B 3 101.97 -27.49 -29.47
C ALA B 3 101.65 -26.78 -28.16
N LYS B 4 100.45 -26.20 -28.08
CA LYS B 4 100.05 -25.50 -26.86
C LYS B 4 99.71 -26.49 -25.75
N ALA B 5 99.12 -27.63 -26.11
CA ALA B 5 98.71 -28.59 -25.09
C ALA B 5 99.83 -29.15 -24.22
N THR B 6 100.95 -29.54 -24.83
CA THR B 6 102.08 -30.02 -24.05
C THR B 6 102.92 -28.89 -23.44
N ARG B 7 102.86 -27.72 -24.04
CA ARG B 7 103.58 -26.55 -23.47
C ARG B 7 102.93 -26.26 -22.11
N ASN B 8 101.60 -26.10 -22.10
CA ASN B 8 100.88 -25.80 -20.83
C ASN B 8 101.13 -26.94 -19.83
N PHE B 9 101.03 -28.19 -20.31
CA PHE B 9 101.29 -29.36 -19.43
C PHE B 9 102.65 -29.23 -18.73
N LEU B 10 103.73 -29.20 -19.51
CA LEU B 10 105.06 -29.15 -18.90
C LEU B 10 105.25 -27.92 -18.03
N ARG B 11 104.52 -26.84 -18.33
CA ARG B 11 104.59 -25.65 -17.48
C ARG B 11 104.10 -25.91 -16.07
N GLU B 12 103.02 -26.68 -15.93
CA GLU B 12 102.41 -26.87 -14.62
C GLU B 12 103.01 -28.08 -13.90
N VAL B 13 103.60 -29.02 -14.63
CA VAL B 13 104.15 -30.20 -13.99
C VAL B 13 105.66 -30.03 -13.85
N ASP B 14 106.33 -29.66 -14.96
CA ASP B 14 107.82 -29.51 -14.95
C ASP B 14 108.18 -28.07 -14.56
N ALA B 15 108.37 -27.82 -13.26
CA ALA B 15 108.68 -26.48 -12.76
C ALA B 15 110.10 -26.02 -13.11
N ASP B 16 111.01 -26.95 -13.40
CA ASP B 16 112.40 -26.60 -13.68
C ASP B 16 112.70 -26.47 -15.16
N GLY B 17 111.80 -26.91 -16.04
CA GLY B 17 112.07 -26.85 -17.45
C GLY B 17 113.10 -27.78 -18.05
N ASP B 18 113.47 -28.84 -17.33
CA ASP B 18 114.42 -29.82 -17.83
C ASP B 18 113.83 -30.79 -18.88
N LEU B 19 112.53 -30.76 -19.04
CA LEU B 19 111.82 -31.56 -20.03
C LEU B 19 111.35 -30.57 -21.09
N ILE B 20 111.25 -31.06 -22.32
CA ILE B 20 110.90 -30.23 -23.47
C ILE B 20 109.62 -30.78 -24.09
N ALA B 21 108.66 -29.89 -24.32
CA ALA B 21 107.39 -30.30 -24.90
C ALA B 21 107.56 -30.65 -26.38
N VAL B 22 106.81 -31.66 -26.82
CA VAL B 22 106.86 -32.07 -28.21
C VAL B 22 106.09 -31.06 -29.06
N SER B 23 106.72 -30.61 -30.15
CA SER B 23 106.14 -29.53 -30.95
C SER B 23 104.87 -29.97 -31.67
N ASN B 24 104.90 -31.11 -32.37
CA ASN B 24 103.78 -31.52 -33.20
C ASN B 24 103.70 -33.04 -33.21
N LEU B 25 102.64 -33.56 -33.83
CA LEU B 25 102.44 -35.00 -33.90
C LEU B 25 103.51 -35.56 -34.81
N ASN B 26 104.03 -34.75 -35.75
CA ASN B 26 105.11 -35.21 -36.61
C ASN B 26 106.31 -35.70 -35.79
N ASP B 27 106.73 -34.85 -34.83
CA ASP B 27 107.80 -35.23 -33.91
C ASP B 27 107.49 -36.30 -32.88
N SER B 28 106.21 -36.61 -32.65
CA SER B 28 105.81 -37.58 -31.65
C SER B 28 106.15 -39.03 -32.03
N ASP B 29 106.41 -39.30 -33.30
CA ASP B 29 106.76 -40.64 -33.75
C ASP B 29 108.23 -40.78 -34.05
N LYS B 30 109.00 -39.68 -33.99
CA LYS B 30 110.44 -39.72 -34.21
C LYS B 30 111.24 -39.81 -32.91
N LEU B 31 110.73 -39.21 -31.84
CA LEU B 31 111.43 -39.24 -30.56
C LEU B 31 111.35 -40.61 -29.90
N GLN B 32 112.50 -41.26 -29.76
CA GLN B 32 112.59 -42.54 -29.09
C GLN B 32 113.71 -42.51 -28.07
N LEU B 33 113.75 -43.53 -27.22
CA LEU B 33 114.74 -43.58 -26.14
C LEU B 33 116.12 -43.72 -26.79
N LEU B 34 117.09 -42.98 -26.25
CA LEU B 34 118.47 -42.99 -26.73
C LEU B 34 118.70 -42.78 -28.23
N SER B 35 117.86 -41.94 -28.84
CA SER B 35 118.12 -41.53 -30.22
C SER B 35 118.74 -40.15 -30.04
N LEU B 36 119.56 -39.73 -31.00
CA LEU B 36 120.27 -38.47 -30.89
C LEU B 36 119.52 -37.27 -31.45
N VAL B 37 119.62 -36.14 -30.75
CA VAL B 37 118.98 -34.90 -31.15
C VAL B 37 120.07 -33.84 -31.08
N THR B 38 119.80 -32.69 -31.69
CA THR B 38 120.75 -31.58 -31.73
C THR B 38 119.98 -30.30 -31.43
N LYS B 39 120.53 -29.54 -30.49
CA LYS B 39 119.93 -28.23 -30.13
C LYS B 39 120.86 -27.11 -30.61
N LYS B 40 120.30 -26.13 -31.31
CA LYS B 40 121.07 -25.00 -31.83
C LYS B 40 121.12 -23.89 -30.77
N LYS B 41 122.32 -23.57 -30.30
CA LYS B 41 122.51 -22.59 -29.24
C LYS B 41 122.69 -21.18 -29.79
N ARG B 42 122.53 -20.98 -31.09
CA ARG B 42 122.63 -19.64 -31.66
C ARG B 42 121.58 -18.70 -31.09
N PHE B 43 120.37 -19.21 -30.84
CA PHE B 43 119.32 -18.40 -30.24
C PHE B 43 119.66 -18.07 -28.79
N TRP B 44 119.17 -16.93 -28.33
CA TRP B 44 119.47 -16.45 -26.99
C TRP B 44 118.42 -17.00 -26.02
N CYS B 45 118.39 -16.48 -24.79
CA CYS B 45 117.38 -16.92 -23.83
C CYS B 45 115.99 -16.46 -24.25
N TRP B 46 115.91 -15.52 -25.18
CA TRP B 46 114.63 -15.02 -25.67
C TRP B 46 113.80 -16.11 -26.34
N GLN B 47 114.40 -16.98 -27.14
CA GLN B 47 113.69 -18.07 -27.79
C GLN B 47 114.24 -19.41 -27.35
N ARG B 48 113.42 -20.44 -27.44
CA ARG B 48 113.85 -21.78 -27.06
C ARG B 48 114.92 -22.26 -28.04
N PRO B 49 115.86 -23.09 -27.59
CA PRO B 49 116.84 -23.67 -28.53
C PRO B 49 116.15 -24.51 -29.60
N LYS B 50 116.69 -24.43 -30.82
CA LYS B 50 116.13 -25.18 -31.94
C LYS B 50 116.58 -26.62 -31.86
N TYR B 51 115.63 -27.53 -31.65
CA TYR B 51 115.92 -28.96 -31.49
C TYR B 51 115.59 -29.69 -32.79
N GLN B 52 116.56 -30.43 -33.31
CA GLN B 52 116.41 -31.22 -34.52
C GLN B 52 116.92 -32.63 -34.26
N PHE B 53 116.22 -33.61 -34.81
CA PHE B 53 116.46 -35.02 -34.51
C PHE B 53 117.16 -35.68 -35.68
N LEU B 54 118.29 -36.34 -35.39
CA LEU B 54 118.97 -37.15 -36.40
C LEU B 54 118.29 -38.51 -36.52
N SER B 55 118.32 -39.06 -37.73
CA SER B 55 117.71 -40.36 -37.99
C SER B 55 118.51 -41.48 -37.34
N LEU B 56 119.77 -41.21 -37.02
CA LEU B 56 120.65 -42.21 -36.45
C LEU B 56 120.43 -42.31 -34.94
N THR B 57 120.99 -43.35 -34.32
CA THR B 57 120.91 -43.55 -32.88
C THR B 57 122.33 -43.68 -32.34
N LEU B 58 122.42 -44.01 -31.05
CA LEU B 58 123.73 -44.18 -30.42
C LEU B 58 124.50 -45.32 -31.07
N GLY B 59 123.88 -46.50 -31.16
CA GLY B 59 124.56 -47.64 -31.76
C GLY B 59 124.92 -47.39 -33.21
N ASP B 60 124.21 -46.48 -33.88
CA ASP B 60 124.53 -46.14 -35.26
C ASP B 60 125.80 -45.31 -35.35
N VAL B 61 126.15 -44.59 -34.28
CA VAL B 61 127.29 -43.69 -34.30
C VAL B 61 128.42 -44.13 -33.39
N LEU B 62 128.23 -45.15 -32.54
CA LEU B 62 129.33 -45.65 -31.74
C LEU B 62 130.41 -46.25 -32.62
N ILE B 63 130.08 -47.36 -33.30
CA ILE B 63 130.97 -48.03 -34.25
C ILE B 63 132.20 -48.60 -33.56
N GLU B 64 132.88 -47.76 -32.75
CA GLU B 64 134.14 -48.18 -32.13
C GLU B 64 133.94 -49.33 -31.16
N ASP B 65 132.88 -49.30 -30.35
CA ASP B 65 132.66 -50.31 -29.33
C ASP B 65 131.19 -50.70 -29.30
N GLN B 66 130.91 -51.85 -28.69
CA GLN B 66 129.57 -52.41 -28.68
C GLN B 66 128.50 -51.69 -27.86
N PHE B 67 127.25 -51.84 -28.30
CA PHE B 67 126.10 -51.21 -27.65
C PHE B 67 125.63 -51.60 -26.25
N PRO B 68 125.77 -50.75 -25.24
CA PRO B 68 125.37 -51.19 -23.89
C PRO B 68 123.87 -51.30 -23.68
N SER B 69 123.41 -52.47 -23.26
CA SER B 69 121.98 -52.75 -23.23
C SER B 69 121.32 -51.73 -22.31
N PRO B 70 120.24 -51.09 -22.73
CA PRO B 70 119.57 -50.14 -21.82
C PRO B 70 118.84 -50.59 -20.59
N VAL B 71 118.76 -49.72 -19.59
CA VAL B 71 118.02 -49.99 -18.35
C VAL B 71 116.78 -49.11 -18.39
N VAL B 72 115.72 -49.61 -19.03
CA VAL B 72 114.48 -48.85 -19.17
C VAL B 72 113.60 -49.20 -17.98
N VAL B 73 113.12 -48.19 -17.27
CA VAL B 73 112.26 -48.37 -16.11
C VAL B 73 111.00 -47.55 -16.40
N GLU B 74 109.84 -48.21 -16.20
CA GLU B 74 108.55 -47.54 -16.50
C GLU B 74 107.89 -47.03 -15.21
N SER B 75 107.59 -45.74 -15.17
CA SER B 75 106.90 -45.11 -14.04
C SER B 75 105.79 -44.23 -14.57
N ASP B 76 104.63 -44.28 -13.94
CA ASP B 76 103.46 -43.52 -14.33
C ASP B 76 103.17 -42.44 -13.30
N PHE B 77 102.72 -41.28 -13.77
CA PHE B 77 102.46 -40.15 -12.85
C PHE B 77 101.70 -39.06 -13.57
N VAL B 78 101.14 -38.11 -12.83
CA VAL B 78 100.51 -36.92 -13.49
C VAL B 78 99.52 -37.33 -14.60
N LYS B 79 98.53 -38.16 -14.28
CA LYS B 79 97.56 -38.49 -15.36
C LYS B 79 96.98 -37.14 -15.79
N TYR B 80 96.67 -36.25 -14.84
CA TYR B 80 96.32 -34.83 -15.16
C TYR B 80 95.02 -34.59 -15.95
N GLU B 81 94.68 -33.30 -16.07
CA GLU B 81 93.50 -32.80 -16.76
C GLU B 81 93.64 -31.29 -16.82
N GLY B 82 93.62 -30.74 -18.03
CA GLY B 82 93.89 -29.32 -18.20
C GLY B 82 92.85 -28.60 -19.01
N LYS B 83 92.29 -27.53 -18.46
CA LYS B 83 91.37 -26.65 -19.17
C LYS B 83 91.96 -25.26 -19.21
N PHE B 84 91.99 -24.66 -20.40
CA PHE B 84 92.67 -23.38 -20.58
C PHE B 84 91.81 -22.46 -21.43
N ALA B 85 91.12 -21.53 -20.78
CA ALA B 85 90.30 -20.54 -21.46
C ALA B 85 91.03 -19.20 -21.45
N ASN B 86 91.61 -18.83 -22.59
CA ASN B 86 92.44 -17.64 -22.70
C ASN B 86 91.74 -16.62 -23.58
N HIS B 87 91.59 -15.41 -23.07
CA HIS B 87 91.00 -14.29 -23.81
C HIS B 87 92.04 -13.20 -23.98
N VAL B 88 92.34 -12.84 -25.22
CA VAL B 88 93.31 -11.80 -25.54
C VAL B 88 92.61 -10.78 -26.44
N SER B 89 92.60 -9.52 -26.00
CA SER B 89 92.03 -8.44 -26.79
C SER B 89 93.03 -7.29 -26.84
N GLY B 90 93.40 -6.88 -28.05
CA GLY B 90 94.33 -5.78 -28.21
C GLY B 90 93.91 -4.82 -29.30
N THR B 91 93.71 -3.55 -28.95
CA THR B 91 93.26 -2.53 -29.87
C THR B 91 94.37 -1.51 -30.02
N LEU B 92 94.75 -1.21 -31.27
CA LEU B 92 95.77 -0.23 -31.58
C LEU B 92 95.10 0.89 -32.36
N GLU B 93 95.23 2.12 -31.86
CA GLU B 93 94.63 3.29 -32.48
C GLU B 93 95.73 4.31 -32.71
N THR B 94 95.99 4.62 -33.97
CA THR B 94 97.04 5.56 -34.36
C THR B 94 96.45 6.60 -35.28
N ALA B 95 96.88 7.86 -35.10
CA ALA B 95 96.40 8.99 -35.90
C ALA B 95 97.59 9.93 -36.10
N LEU B 96 98.07 10.02 -37.35
CA LEU B 96 99.17 10.91 -37.72
C LEU B 96 98.73 11.75 -38.90
N GLY B 97 98.47 13.03 -38.64
CA GLY B 97 98.17 13.97 -39.71
C GLY B 97 97.01 13.52 -40.57
N LYS B 98 97.31 13.26 -41.85
CA LYS B 98 96.27 12.88 -42.80
C LYS B 98 95.63 11.54 -42.45
N VAL B 99 96.44 10.57 -42.05
CA VAL B 99 96.00 9.19 -41.87
C VAL B 99 95.53 8.92 -40.45
N LYS B 100 94.27 8.50 -40.32
CA LYS B 100 93.74 7.92 -39.09
C LYS B 100 93.41 6.43 -39.08
N LEU B 101 94.02 5.68 -38.16
CA LEU B 101 93.94 4.23 -38.16
C LEU B 101 93.33 3.74 -36.85
N ASN B 102 92.28 2.95 -36.96
CA ASN B 102 91.64 2.31 -35.81
C ASN B 102 91.67 0.80 -36.03
N LEU B 103 92.29 0.09 -35.10
CA LEU B 103 92.44 -1.36 -35.19
C LEU B 103 91.98 -2.01 -33.89
N GLY B 104 91.14 -3.03 -34.01
CA GLY B 104 90.70 -3.77 -32.84
C GLY B 104 90.74 -5.28 -33.05
N GLY B 105 91.55 -5.98 -32.28
CA GLY B 105 91.68 -7.41 -32.43
C GLY B 105 91.35 -8.20 -31.19
N SER B 106 90.32 -9.04 -31.26
CA SER B 106 89.89 -9.85 -30.14
C SER B 106 90.12 -11.32 -30.48
N SER B 107 90.88 -12.01 -29.62
CA SER B 107 91.21 -13.42 -29.82
C SER B 107 90.80 -14.21 -28.58
N ARG B 108 90.00 -15.26 -28.78
CA ARG B 108 89.59 -16.14 -27.70
C ARG B 108 90.05 -17.56 -28.02
N VAL B 109 90.76 -18.17 -27.08
CA VAL B 109 91.24 -19.55 -27.21
C VAL B 109 90.81 -20.31 -25.98
N GLU B 110 90.08 -21.39 -26.19
CA GLU B 110 89.65 -22.29 -25.10
C GLU B 110 90.19 -23.66 -25.46
N SER B 111 91.39 -23.97 -24.98
CA SER B 111 92.07 -25.22 -25.29
C SER B 111 91.98 -26.16 -24.11
N GLN B 112 91.13 -27.18 -24.22
CA GLN B 112 91.02 -28.22 -23.22
C GLN B 112 92.03 -29.32 -23.53
N SER B 113 92.83 -29.69 -22.53
CA SER B 113 93.89 -30.68 -22.70
C SER B 113 93.65 -31.79 -21.68
N SER B 114 92.82 -32.76 -22.05
CA SER B 114 92.51 -33.89 -21.19
C SER B 114 93.42 -35.05 -21.58
N PHE B 115 94.16 -35.57 -20.61
CA PHE B 115 95.13 -36.63 -20.84
C PHE B 115 94.86 -37.77 -19.87
N GLY B 116 95.25 -38.99 -20.25
CA GLY B 116 95.14 -40.13 -19.37
C GLY B 116 96.38 -40.33 -18.52
N THR B 117 96.56 -41.56 -18.05
CA THR B 117 97.72 -41.89 -17.23
C THR B 117 99.01 -41.78 -18.04
N LEU B 118 99.84 -40.80 -17.70
CA LEU B 118 101.09 -40.60 -18.43
C LEU B 118 102.22 -41.37 -17.77
N ARG B 119 103.00 -42.05 -18.61
CA ARG B 119 104.08 -42.90 -18.07
C ARG B 119 105.46 -42.38 -18.50
N LYS B 120 106.44 -42.53 -17.60
CA LYS B 120 107.82 -42.09 -17.89
C LYS B 120 108.71 -43.30 -18.13
N GLN B 121 109.56 -43.23 -19.14
CA GLN B 121 110.50 -44.29 -19.51
C GLN B 121 111.90 -43.68 -19.53
N GLU B 122 112.63 -43.83 -18.42
CA GLU B 122 113.97 -43.27 -18.28
C GLU B 122 115.00 -44.37 -18.43
N VAL B 123 116.11 -44.04 -19.08
CA VAL B 123 117.22 -44.97 -19.29
C VAL B 123 118.24 -44.76 -18.19
N ASP B 124 118.92 -45.83 -17.80
CA ASP B 124 119.95 -45.77 -16.77
C ASP B 124 121.05 -44.78 -17.10
N LEU B 125 121.18 -43.73 -16.28
CA LEU B 125 122.20 -42.72 -16.52
C LEU B 125 123.62 -43.29 -16.43
N GLN B 126 123.82 -44.25 -15.52
CA GLN B 126 125.11 -44.92 -15.44
C GLN B 126 125.53 -45.73 -16.65
N GLN B 127 124.61 -46.41 -17.31
CA GLN B 127 124.90 -47.00 -18.61
C GLN B 127 125.31 -45.93 -19.61
N LEU B 128 124.72 -44.74 -19.49
CA LEU B 128 124.99 -43.67 -20.43
C LEU B 128 126.44 -43.18 -20.30
N ILE B 129 126.97 -43.18 -19.08
CA ILE B 129 128.30 -42.62 -18.84
C ILE B 129 129.39 -43.65 -19.11
N ARG B 130 129.08 -44.94 -18.93
CA ARG B 130 130.12 -45.97 -19.02
C ARG B 130 130.73 -46.02 -20.41
N ASP B 131 129.91 -46.11 -21.45
CA ASP B 131 130.44 -46.17 -22.81
C ASP B 131 131.07 -44.85 -23.22
N SER B 132 130.46 -43.72 -22.80
CA SER B 132 130.95 -42.42 -23.21
C SER B 132 132.36 -42.12 -22.71
N ALA B 133 132.67 -42.45 -21.45
CA ALA B 133 133.99 -42.18 -20.90
C ALA B 133 135.10 -42.96 -21.60
N GLU B 134 134.76 -44.03 -22.32
CA GLU B 134 135.72 -44.82 -23.08
C GLU B 134 135.67 -44.42 -24.55
N ARG B 135 136.67 -44.89 -25.30
CA ARG B 135 136.75 -44.61 -26.73
C ARG B 135 135.71 -45.48 -27.44
N THR B 136 134.48 -44.97 -27.48
CA THR B 136 133.35 -45.73 -28.00
C THR B 136 132.72 -45.09 -29.24
N ILE B 137 132.84 -43.78 -29.42
CA ILE B 137 132.22 -43.08 -30.54
C ILE B 137 133.31 -42.74 -31.56
N ASN B 138 133.07 -43.12 -32.82
CA ASN B 138 134.03 -42.82 -33.88
C ASN B 138 134.07 -41.32 -34.14
N LEU B 139 135.26 -40.82 -34.49
CA LEU B 139 135.43 -39.38 -34.66
C LEU B 139 134.79 -38.89 -35.95
N ARG B 140 134.94 -39.64 -37.04
CA ARG B 140 134.48 -39.22 -38.35
C ARG B 140 133.33 -40.11 -38.79
N ASN B 141 132.23 -39.48 -39.20
CA ASN B 141 131.05 -40.15 -39.73
C ASN B 141 130.61 -39.45 -41.00
N PRO B 142 130.07 -40.17 -41.98
CA PRO B 142 129.53 -39.49 -43.17
C PRO B 142 128.42 -38.51 -42.83
N VAL B 143 127.68 -38.79 -41.74
CA VAL B 143 126.61 -37.85 -41.30
C VAL B 143 127.17 -37.10 -40.07
N LEU B 144 126.56 -35.96 -39.70
CA LEU B 144 126.95 -35.17 -38.49
C LEU B 144 128.07 -34.16 -38.81
N GLN B 145 128.62 -34.23 -40.02
CA GLN B 145 129.64 -33.22 -40.43
C GLN B 145 129.03 -31.81 -40.38
N GLN B 146 127.81 -31.66 -40.90
CA GLN B 146 127.12 -30.35 -40.91
C GLN B 146 126.90 -29.85 -39.46
N VAL B 147 126.88 -30.76 -38.50
CA VAL B 147 126.74 -30.36 -37.10
C VAL B 147 128.02 -29.70 -36.61
N LEU B 148 129.18 -30.29 -36.93
CA LEU B 148 130.45 -29.69 -36.53
C LEU B 148 130.66 -28.35 -37.22
N GLU B 149 130.33 -28.26 -38.52
CA GLU B 149 130.35 -27.00 -39.25
C GLU B 149 129.15 -26.15 -38.86
N GLY B 150 129.33 -25.35 -37.82
CA GLY B 150 128.19 -24.78 -37.13
C GLY B 150 128.33 -25.07 -35.65
N ARG B 151 129.56 -25.00 -35.13
CA ARG B 151 129.82 -25.39 -33.72
C ARG B 151 128.58 -25.12 -32.85
N ASN B 152 128.14 -23.87 -32.77
CA ASN B 152 126.89 -23.53 -32.09
C ASN B 152 125.79 -24.55 -31.76
N GLU B 153 125.49 -25.45 -32.71
CA GLU B 153 124.59 -26.56 -32.47
C GLU B 153 125.40 -27.78 -32.05
N VAL B 154 124.94 -28.47 -31.00
CA VAL B 154 125.67 -29.59 -30.43
C VAL B 154 124.73 -30.79 -30.36
N LEU B 155 125.32 -31.98 -30.43
CA LEU B 155 124.56 -33.22 -30.40
C LEU B 155 124.18 -33.59 -28.97
N CYS B 156 122.96 -34.10 -28.80
CA CYS B 156 122.46 -34.53 -27.51
C CYS B 156 121.82 -35.90 -27.74
N VAL B 157 121.61 -36.61 -26.63
CA VAL B 157 120.98 -37.96 -26.70
C VAL B 157 119.79 -37.99 -25.73
N LEU B 158 118.65 -38.47 -26.20
CA LEU B 158 117.45 -38.54 -25.38
C LEU B 158 117.61 -39.60 -24.29
N THR B 159 117.17 -39.27 -23.07
CA THR B 159 117.22 -40.17 -21.95
C THR B 159 115.95 -40.29 -21.09
N GLN B 160 115.11 -39.25 -21.15
CA GLN B 160 113.82 -39.26 -20.42
C GLN B 160 112.70 -39.10 -21.45
N LYS B 161 111.55 -39.74 -21.23
CA LYS B 161 110.45 -39.69 -22.18
C LYS B 161 109.16 -39.92 -21.42
N ILE B 162 108.17 -39.06 -21.67
CA ILE B 162 106.84 -39.18 -21.09
C ILE B 162 105.89 -39.61 -22.20
N THR B 163 105.18 -40.71 -21.97
CA THR B 163 104.30 -41.29 -22.98
C THR B 163 102.94 -41.59 -22.37
N THR B 164 101.87 -41.29 -23.13
CA THR B 164 100.52 -41.55 -22.69
C THR B 164 100.08 -42.96 -23.04
N MET B 165 99.10 -43.47 -22.29
CA MET B 165 98.61 -44.83 -22.47
C MET B 165 97.14 -44.87 -22.90
N GLN B 166 96.42 -43.76 -22.81
CA GLN B 166 95.00 -43.72 -23.12
C GLN B 166 94.80 -42.63 -24.18
N LYS B 167 93.81 -42.89 -25.04
CA LYS B 167 93.46 -41.90 -26.09
C LYS B 167 93.21 -40.55 -25.40
N CYS B 168 93.95 -39.53 -25.80
CA CYS B 168 93.85 -38.22 -25.20
C CYS B 168 92.95 -37.29 -26.00
N VAL B 169 92.37 -36.31 -25.31
CA VAL B 169 91.42 -35.38 -25.90
C VAL B 169 91.99 -33.97 -25.86
N ILE B 170 92.03 -33.31 -27.01
CA ILE B 170 92.47 -31.92 -27.11
C ILE B 170 91.38 -31.16 -27.85
N SER B 171 90.41 -30.63 -27.10
CA SER B 171 89.31 -29.88 -27.69
C SER B 171 89.72 -28.41 -27.74
N GLU B 172 90.09 -27.93 -28.92
CA GLU B 172 90.59 -26.58 -29.12
C GLU B 172 89.49 -25.73 -29.76
N HIS B 173 89.15 -24.62 -29.11
CA HIS B 173 88.25 -23.63 -29.68
C HIS B 173 89.04 -22.34 -29.85
N MET B 174 89.11 -21.84 -31.08
CA MET B 174 89.90 -20.66 -31.40
C MET B 174 89.00 -19.69 -32.15
N GLN B 175 88.50 -18.67 -31.46
CA GLN B 175 87.72 -17.61 -32.07
C GLN B 175 88.61 -16.38 -32.22
N VAL B 176 88.78 -15.90 -33.44
CA VAL B 176 89.65 -14.78 -33.75
C VAL B 176 88.81 -13.72 -34.44
N GLU B 177 88.73 -12.54 -33.86
CA GLU B 177 88.04 -11.41 -34.47
C GLU B 177 89.01 -10.25 -34.60
N GLU B 178 89.20 -9.77 -35.83
CA GLU B 178 90.11 -8.67 -36.12
C GLU B 178 89.37 -7.64 -36.95
N LYS B 179 89.35 -6.40 -36.46
CA LYS B 179 88.70 -5.29 -37.15
C LYS B 179 89.74 -4.23 -37.47
N CYS B 180 89.85 -3.88 -38.74
CA CYS B 180 90.81 -2.87 -39.20
C CYS B 180 90.04 -1.73 -39.87
N GLY B 181 90.33 -0.50 -39.45
CA GLY B 181 89.68 0.66 -40.04
C GLY B 181 90.63 1.81 -40.28
N GLY B 182 90.65 2.31 -41.51
CA GLY B 182 91.50 3.44 -41.85
C GLY B 182 90.77 4.53 -42.60
N ILE B 183 90.81 5.73 -42.01
CA ILE B 183 90.20 6.92 -42.67
C ILE B 183 91.37 7.80 -43.11
N VAL B 184 91.44 8.13 -44.39
CA VAL B 184 92.56 8.90 -44.94
C VAL B 184 92.00 10.10 -45.68
N GLY B 185 92.45 11.29 -45.29
CA GLY B 185 92.06 12.52 -45.95
C GLY B 185 93.25 13.35 -46.42
N ILE B 186 93.32 13.59 -47.73
CA ILE B 186 94.54 14.30 -48.23
C ILE B 186 94.19 15.68 -48.83
N GLN B 187 94.77 16.74 -48.28
CA GLN B 187 94.60 18.13 -48.74
C GLN B 187 95.29 18.62 -50.04
N THR B 188 95.18 17.78 -51.07
CA THR B 188 95.88 18.03 -52.33
C THR B 188 95.60 19.29 -53.12
N LYS B 189 96.59 19.75 -53.88
CA LYS B 189 96.38 21.02 -54.66
C LYS B 189 95.34 21.03 -55.78
N THR B 190 94.16 21.62 -55.55
CA THR B 190 93.06 21.70 -56.55
C THR B 190 92.38 20.34 -56.66
N VAL B 191 92.65 19.44 -55.71
CA VAL B 191 91.99 18.10 -55.71
C VAL B 191 91.57 17.77 -54.27
N GLN B 192 90.27 17.81 -53.97
CA GLN B 192 89.89 17.40 -52.62
C GLN B 192 89.75 15.89 -52.61
N VAL B 193 90.47 15.23 -51.71
CA VAL B 193 90.54 13.78 -51.67
C VAL B 193 89.95 13.25 -50.37
N SER B 194 89.30 12.10 -50.43
CA SER B 194 88.77 11.44 -49.25
C SER B 194 88.73 9.93 -49.45
N ALA B 195 89.61 9.20 -48.79
CA ALA B 195 89.74 7.76 -48.95
C ALA B 195 89.53 7.07 -47.62
N THR B 196 88.60 6.11 -47.59
CA THR B 196 88.28 5.35 -46.39
C THR B 196 88.36 3.86 -46.72
N GLU B 197 89.06 3.12 -45.86
CA GLU B 197 89.16 1.64 -46.04
C GLU B 197 88.81 0.96 -44.71
N ASP B 198 87.82 0.06 -44.74
CA ASP B 198 87.37 -0.66 -43.56
C ASP B 198 87.52 -2.15 -43.80
N GLY B 199 88.23 -2.84 -42.91
CA GLY B 199 88.42 -4.27 -43.03
C GLY B 199 88.02 -5.02 -41.78
N ASN B 200 86.97 -5.84 -41.89
CA ASN B 200 86.48 -6.65 -40.78
C ASN B 200 86.74 -8.12 -41.11
N VAL B 201 87.47 -8.79 -40.24
CA VAL B 201 87.78 -10.21 -40.40
C VAL B 201 87.34 -10.93 -39.14
N THR B 202 86.47 -11.93 -39.31
CA THR B 202 86.02 -12.77 -38.20
C THR B 202 86.30 -14.21 -38.57
N LYS B 203 87.12 -14.88 -37.77
CA LYS B 203 87.54 -16.25 -38.04
C LYS B 203 87.26 -17.11 -36.83
N ASP B 204 86.67 -18.29 -37.07
CA ASP B 204 86.37 -19.26 -36.03
C ASP B 204 86.97 -20.60 -36.42
N SER B 205 87.56 -21.29 -35.45
CA SER B 205 88.15 -22.62 -35.66
C SER B 205 87.74 -23.52 -34.50
N ASN B 206 86.58 -24.16 -34.63
CA ASN B 206 86.12 -25.12 -33.63
C ASN B 206 86.66 -26.49 -33.99
N VAL B 207 87.82 -26.83 -33.44
CA VAL B 207 88.48 -28.09 -33.77
C VAL B 207 88.60 -28.99 -32.56
N VAL B 208 87.90 -30.12 -32.59
CA VAL B 208 88.03 -31.14 -31.55
C VAL B 208 88.75 -32.33 -32.17
N LEU B 209 90.00 -32.54 -31.78
CA LEU B 209 90.82 -33.61 -32.32
C LEU B 209 91.29 -34.51 -31.19
N GLU B 210 91.26 -35.81 -31.46
CA GLU B 210 91.69 -36.79 -30.44
C GLU B 210 93.18 -37.10 -30.63
N ILE B 211 93.80 -37.65 -29.61
CA ILE B 211 95.22 -38.01 -29.62
C ILE B 211 95.32 -39.49 -29.28
N PRO B 212 96.02 -40.30 -30.07
CA PRO B 212 96.11 -41.73 -29.77
C PRO B 212 97.07 -42.00 -28.63
N ALA B 213 97.00 -43.22 -28.12
CA ALA B 213 97.94 -43.65 -27.09
C ALA B 213 99.32 -43.84 -27.70
N ALA B 214 100.32 -43.97 -26.82
CA ALA B 214 101.73 -44.20 -27.11
C ALA B 214 102.40 -42.99 -27.76
N THR B 215 101.70 -41.86 -27.80
CA THR B 215 102.28 -40.62 -28.37
C THR B 215 103.32 -40.06 -27.41
N THR B 216 104.32 -39.35 -27.92
CA THR B 216 105.30 -38.71 -27.05
C THR B 216 104.80 -37.34 -26.60
N ILE B 217 104.81 -37.10 -25.30
CA ILE B 217 104.37 -35.84 -24.74
C ILE B 217 105.55 -34.94 -24.36
N ALA B 218 106.56 -35.52 -23.71
CA ALA B 218 107.73 -34.75 -23.30
C ALA B 218 108.96 -35.63 -23.41
N TYR B 219 110.12 -34.98 -23.51
CA TYR B 219 111.38 -35.69 -23.61
C TYR B 219 112.50 -34.83 -23.04
N GLY B 220 113.38 -35.46 -22.30
CA GLY B 220 114.56 -34.80 -21.74
C GLY B 220 115.82 -35.40 -22.31
N VAL B 221 116.81 -34.56 -22.58
CA VAL B 221 118.04 -34.98 -23.24
C VAL B 221 119.11 -34.51 -22.27
N ILE B 222 120.26 -35.17 -22.34
CA ILE B 222 121.44 -34.60 -21.64
C ILE B 222 122.46 -34.45 -22.77
N GLU B 223 123.21 -33.36 -22.79
CA GLU B 223 124.09 -33.03 -23.90
C GLU B 223 125.40 -33.79 -23.97
N LEU B 224 125.99 -33.78 -25.16
CA LEU B 224 127.24 -34.54 -25.40
C LEU B 224 128.43 -33.61 -25.54
N TYR B 225 129.41 -33.74 -24.66
CA TYR B 225 130.65 -32.97 -24.73
C TYR B 225 131.46 -33.42 -25.94
N VAL B 226 131.63 -32.53 -26.92
CA VAL B 226 132.31 -32.87 -28.16
C VAL B 226 133.58 -32.04 -28.29
N LYS B 227 134.73 -32.71 -28.30
CA LYS B 227 135.99 -32.07 -28.66
C LYS B 227 136.48 -32.67 -29.98
N LEU B 228 136.81 -31.79 -30.93
CA LEU B 228 137.19 -32.26 -32.29
C LEU B 228 138.44 -33.15 -32.21
N ASP B 229 139.16 -33.10 -31.08
CA ASP B 229 140.33 -34.01 -30.92
C ASP B 229 139.83 -35.46 -30.95
N GLY B 230 138.68 -35.72 -30.31
CA GLY B 230 138.10 -37.08 -30.34
C GLY B 230 137.63 -37.53 -28.98
N GLN B 231 137.72 -36.65 -27.98
CA GLN B 231 137.32 -37.02 -26.63
C GLN B 231 135.86 -36.63 -26.42
N PHE B 232 135.05 -37.61 -26.01
CA PHE B 232 133.62 -37.41 -25.82
C PHE B 232 133.20 -37.97 -24.47
N GLU B 233 132.23 -37.29 -23.85
CA GLU B 233 131.66 -37.70 -22.57
C GLU B 233 130.24 -37.17 -22.42
N PHE B 234 129.29 -38.07 -22.14
CA PHE B 234 127.92 -37.66 -21.88
C PHE B 234 127.80 -37.17 -20.44
N CYS B 235 127.83 -35.85 -20.25
CA CYS B 235 127.86 -35.24 -18.93
C CYS B 235 126.54 -34.53 -18.64
N LEU B 236 126.04 -34.67 -17.42
CA LEU B 236 124.70 -34.09 -17.08
C LEU B 236 124.79 -32.68 -16.44
N LEU B 237 125.99 -32.18 -16.17
CA LEU B 237 126.12 -30.89 -15.50
C LEU B 237 126.61 -29.85 -16.49
N ARG B 238 126.48 -28.57 -16.12
CA ARG B 238 126.83 -27.45 -16.98
C ARG B 238 128.32 -27.30 -17.27
N GLY B 239 129.16 -28.04 -16.54
CA GLY B 239 130.60 -27.89 -16.65
C GLY B 239 131.17 -28.07 -18.05
N LYS B 240 131.16 -29.27 -18.56
CA LYS B 240 131.77 -29.56 -19.89
C LYS B 240 130.81 -30.38 -20.75
N GLN B 241 129.82 -29.75 -21.38
CA GLN B 241 128.93 -30.40 -22.32
C GLN B 241 128.65 -29.52 -23.52
N GLY B 242 129.26 -28.34 -23.58
CA GLY B 242 128.92 -27.36 -24.59
C GLY B 242 129.52 -27.63 -25.96
N GLY B 243 130.54 -28.48 -26.04
CA GLY B 243 131.23 -28.69 -27.30
C GLY B 243 132.46 -27.82 -27.36
N PHE B 244 133.60 -28.39 -27.73
CA PHE B 244 134.86 -27.70 -27.75
C PHE B 244 135.63 -28.08 -29.00
N GLU B 245 136.66 -27.31 -29.35
CA GLU B 245 137.42 -27.58 -30.59
C GLU B 245 138.74 -28.30 -30.30
N MET C 1 99.67 -26.85 -8.70
CA MET C 1 101.00 -27.05 -9.27
C MET C 1 101.90 -27.70 -8.21
N PHE C 2 102.71 -28.66 -8.66
CA PHE C 2 103.48 -29.47 -7.72
C PHE C 2 104.49 -28.64 -6.94
N ALA C 3 105.08 -27.64 -7.60
CA ALA C 3 106.10 -26.82 -6.94
C ALA C 3 105.50 -26.05 -5.77
N LYS C 4 104.30 -25.49 -5.95
CA LYS C 4 103.66 -24.75 -4.87
C LYS C 4 103.12 -25.69 -3.80
N ALA C 5 102.62 -26.86 -4.21
CA ALA C 5 102.02 -27.78 -3.26
C ALA C 5 102.95 -28.28 -2.16
N THR C 6 104.17 -28.68 -2.52
CA THR C 6 105.13 -29.09 -1.49
C THR C 6 105.82 -27.93 -0.78
N ARG C 7 105.87 -26.77 -1.44
CA ARG C 7 106.44 -25.57 -0.80
C ARG C 7 105.53 -25.23 0.40
N ASN C 8 104.22 -25.10 0.13
CA ASN C 8 103.26 -24.76 1.21
C ASN C 8 103.31 -25.85 2.29
N PHE C 9 103.33 -27.12 1.87
CA PHE C 9 103.41 -28.24 2.83
C PHE C 9 104.60 -28.06 3.79
N LEU C 10 105.81 -28.04 3.24
CA LEU C 10 106.99 -27.94 4.10
C LEU C 10 106.99 -26.66 4.93
N ARG C 11 106.33 -25.61 4.45
CA ARG C 11 106.21 -24.38 5.23
C ARG C 11 105.45 -24.59 6.53
N GLU C 12 104.37 -25.37 6.47
CA GLU C 12 103.51 -25.52 7.65
C GLU C 12 103.96 -26.68 8.54
N VAL C 13 104.70 -27.64 7.97
CA VAL C 13 105.12 -28.78 8.77
C VAL C 13 106.57 -28.57 9.21
N ASP C 14 107.44 -28.24 8.24
CA ASP C 14 108.89 -28.06 8.54
C ASP C 14 109.16 -26.60 8.93
N ALA C 15 109.08 -26.28 10.22
CA ALA C 15 109.28 -24.92 10.71
C ALA C 15 110.72 -24.45 10.64
N ASP C 16 111.69 -25.37 10.58
CA ASP C 16 113.09 -25.01 10.57
C ASP C 16 113.70 -24.95 9.18
N GLY C 17 112.99 -25.43 8.15
CA GLY C 17 113.55 -25.43 6.82
C GLY C 17 114.68 -26.38 6.49
N ASP C 18 114.91 -27.39 7.32
CA ASP C 18 115.95 -28.38 7.07
C ASP C 18 115.60 -29.41 5.97
N LEU C 19 114.34 -29.40 5.55
CA LEU C 19 113.86 -30.26 4.48
C LEU C 19 113.60 -29.33 3.30
N ILE C 20 113.76 -29.88 2.09
CA ILE C 20 113.66 -29.11 0.86
C ILE C 20 112.54 -29.71 0.03
N ALA C 21 111.62 -28.86 -0.44
CA ALA C 21 110.50 -29.31 -1.25
C ALA C 21 110.97 -29.73 -2.63
N VAL C 22 110.34 -30.77 -3.17
CA VAL C 22 110.67 -31.24 -4.51
C VAL C 22 110.08 -30.29 -5.54
N SER C 23 110.91 -29.87 -6.50
CA SER C 23 110.50 -28.84 -7.45
C SER C 23 109.39 -29.34 -8.39
N ASN C 24 109.58 -30.51 -9.01
CA ASN C 24 108.67 -30.98 -10.04
C ASN C 24 108.59 -32.50 -9.98
N LEU C 25 107.68 -33.06 -10.78
CA LEU C 25 107.52 -34.51 -10.81
C LEU C 25 108.77 -35.09 -11.46
N ASN C 26 109.44 -34.31 -12.32
CA ASN C 26 110.69 -34.79 -12.92
C ASN C 26 111.70 -35.22 -11.85
N ASP C 27 111.91 -34.32 -10.87
CA ASP C 27 112.77 -34.64 -9.73
C ASP C 27 112.27 -35.67 -8.74
N SER C 28 110.98 -35.99 -8.76
CA SER C 28 110.39 -36.92 -7.81
C SER C 28 110.81 -38.37 -8.05
N ASP C 29 111.33 -38.69 -9.23
CA ASP C 29 111.77 -40.05 -9.52
C ASP C 29 113.28 -40.18 -9.52
N LYS C 30 114.01 -39.07 -9.35
CA LYS C 30 115.46 -39.08 -9.28
C LYS C 30 115.98 -39.10 -7.85
N LEU C 31 115.26 -38.46 -6.92
CA LEU C 31 115.70 -38.42 -5.54
C LEU C 31 115.49 -39.75 -4.84
N GLN C 32 116.60 -40.38 -4.43
CA GLN C 32 116.57 -41.63 -3.70
C GLN C 32 117.46 -41.53 -2.47
N LEU C 33 117.33 -42.51 -1.58
CA LEU C 33 118.08 -42.49 -0.33
C LEU C 33 119.55 -42.63 -0.68
N LEU C 34 120.39 -41.85 0.01
CA LEU C 34 121.85 -41.86 -0.18
C LEU C 34 122.37 -41.71 -1.61
N SER C 35 121.67 -40.92 -2.43
CA SER C 35 122.19 -40.56 -3.74
C SER C 35 122.75 -39.17 -3.51
N LEU C 36 123.74 -38.77 -4.30
CA LEU C 36 124.41 -37.49 -4.10
C LEU C 36 123.78 -36.33 -4.85
N VAL C 37 123.72 -35.17 -4.21
CA VAL C 37 123.16 -33.96 -4.80
C VAL C 37 124.19 -32.88 -4.55
N THR C 38 124.05 -31.76 -5.27
CA THR C 38 124.97 -30.65 -5.17
C THR C 38 124.14 -29.37 -5.10
N LYS C 39 124.49 -28.55 -4.09
CA LYS C 39 123.82 -27.24 -3.93
C LYS C 39 124.81 -26.13 -4.27
N LYS C 40 124.40 -25.19 -5.11
CA LYS C 40 125.24 -24.06 -5.51
C LYS C 40 125.07 -22.91 -4.53
N LYS C 41 126.15 -22.55 -3.84
CA LYS C 41 126.12 -21.52 -2.81
C LYS C 41 126.38 -20.12 -3.37
N ARG C 42 126.49 -19.99 -4.70
CA ARG C 42 126.69 -18.67 -5.30
C ARG C 42 125.54 -17.73 -4.99
N PHE C 43 124.31 -18.25 -4.97
CA PHE C 43 123.15 -17.43 -4.64
C PHE C 43 123.19 -17.04 -3.17
N TRP C 44 122.60 -15.88 -2.87
CA TRP C 44 122.61 -15.33 -1.52
C TRP C 44 121.40 -15.86 -0.76
N CYS C 45 121.11 -15.29 0.42
CA CYS C 45 119.94 -15.70 1.18
C CYS C 45 118.66 -15.29 0.47
N TRP C 46 118.76 -14.40 -0.51
CA TRP C 46 117.60 -13.95 -1.27
C TRP C 46 116.93 -15.09 -2.03
N GLN C 47 117.70 -15.98 -2.66
CA GLN C 47 117.13 -17.10 -3.39
C GLN C 47 117.60 -18.41 -2.78
N ARG C 48 116.82 -19.46 -2.99
CA ARG C 48 117.18 -20.77 -2.47
C ARG C 48 118.43 -21.29 -3.19
N PRO C 49 119.27 -22.07 -2.51
CA PRO C 49 120.42 -22.67 -3.20
C PRO C 49 119.98 -23.56 -4.35
N LYS C 50 120.74 -23.54 -5.44
CA LYS C 50 120.43 -24.34 -6.62
C LYS C 50 120.87 -25.78 -6.36
N TYR C 51 119.91 -26.70 -6.31
CA TYR C 51 120.17 -28.10 -6.04
C TYR C 51 120.12 -28.90 -7.33
N GLN C 52 121.18 -29.64 -7.61
CA GLN C 52 121.28 -30.48 -8.79
C GLN C 52 121.75 -31.88 -8.37
N PHE C 53 121.19 -32.89 -9.00
CA PHE C 53 121.36 -34.28 -8.58
C PHE C 53 122.31 -34.98 -9.56
N LEU C 54 123.36 -35.61 -9.02
CA LEU C 54 124.23 -36.45 -9.83
C LEU C 54 123.61 -37.82 -10.02
N SER C 55 123.89 -38.43 -11.16
CA SER C 55 123.35 -39.75 -11.48
C SER C 55 124.02 -40.83 -10.63
N LEU C 56 125.18 -40.52 -10.06
CA LEU C 56 125.94 -41.47 -9.28
C LEU C 56 125.43 -41.50 -7.85
N THR C 57 125.85 -42.51 -7.09
CA THR C 57 125.49 -42.64 -5.69
C THR C 57 126.77 -42.73 -4.86
N LEU C 58 126.60 -42.98 -3.56
CA LEU C 58 127.75 -43.11 -2.68
C LEU C 58 128.64 -44.26 -3.10
N GLY C 59 128.07 -45.45 -3.26
CA GLY C 59 128.87 -46.60 -3.65
C GLY C 59 129.52 -46.42 -5.02
N ASP C 60 128.94 -45.55 -5.85
CA ASP C 60 129.53 -45.27 -7.14
C ASP C 60 130.79 -44.42 -7.02
N VAL C 61 130.90 -43.65 -5.95
CA VAL C 61 132.02 -42.72 -5.78
C VAL C 61 132.95 -43.10 -4.64
N LEU C 62 132.60 -44.08 -3.80
CA LEU C 62 133.52 -44.53 -2.76
C LEU C 62 134.76 -45.15 -3.39
N ILE C 63 134.59 -46.28 -4.06
CA ILE C 63 135.65 -46.99 -4.78
C ILE C 63 136.73 -47.50 -3.82
N GLU C 64 137.23 -46.61 -2.94
CA GLU C 64 138.33 -46.98 -2.06
C GLU C 64 137.95 -48.09 -1.09
N ASP C 65 136.75 -48.04 -0.52
CA ASP C 65 136.34 -49.01 0.49
C ASP C 65 134.90 -49.43 0.23
N GLN C 66 134.51 -50.55 0.83
CA GLN C 66 133.20 -51.14 0.60
C GLN C 66 131.98 -50.40 1.15
N PHE C 67 130.86 -50.59 0.48
CA PHE C 67 129.59 -49.95 0.86
C PHE C 67 128.85 -50.30 2.14
N PRO C 68 128.78 -49.40 3.12
CA PRO C 68 128.10 -49.78 4.38
C PRO C 68 126.60 -49.91 4.28
N SER C 69 126.07 -51.07 4.67
CA SER C 69 124.67 -51.38 4.42
C SER C 69 123.83 -50.33 5.14
N PRO C 70 122.85 -49.73 4.47
CA PRO C 70 122.00 -48.75 5.18
C PRO C 70 121.04 -49.16 6.26
N VAL C 71 120.75 -48.24 7.19
CA VAL C 71 119.78 -48.48 8.25
C VAL C 71 118.56 -47.62 7.93
N VAL C 72 117.66 -48.17 7.11
CA VAL C 72 116.46 -47.44 6.69
C VAL C 72 115.36 -47.76 7.69
N VAL C 73 114.74 -46.72 8.24
CA VAL C 73 113.66 -46.87 9.20
C VAL C 73 112.49 -46.09 8.64
N GLU C 74 111.32 -46.76 8.62
CA GLU C 74 110.10 -46.13 8.05
C GLU C 74 109.20 -45.57 9.14
N SER C 75 108.87 -44.29 9.06
CA SER C 75 107.97 -43.62 9.99
C SER C 75 106.98 -42.79 9.20
N ASP C 76 105.71 -42.83 9.61
CA ASP C 76 104.65 -42.10 8.93
C ASP C 76 104.14 -40.99 9.84
N PHE C 77 103.79 -39.86 9.23
CA PHE C 77 103.33 -38.70 10.03
C PHE C 77 102.72 -37.66 9.12
N VAL C 78 102.01 -36.68 9.68
CA VAL C 78 101.53 -35.54 8.85
C VAL C 78 100.78 -36.02 7.58
N LYS C 79 99.75 -36.85 7.74
CA LYS C 79 99.02 -37.25 6.50
C LYS C 79 98.52 -35.93 5.90
N TYR C 80 98.02 -35.01 6.73
CA TYR C 80 97.73 -33.61 6.26
C TYR C 80 96.62 -33.42 5.23
N GLU C 81 96.29 -32.16 4.97
CA GLU C 81 95.28 -31.71 4.04
C GLU C 81 95.42 -30.20 3.93
N GLY C 82 95.64 -29.71 2.73
CA GLY C 82 95.91 -28.29 2.55
C GLY C 82 95.05 -27.64 1.50
N LYS C 83 94.39 -26.55 1.88
CA LYS C 83 93.62 -25.72 0.96
C LYS C 83 94.19 -24.32 0.97
N PHE C 84 94.45 -23.77 -0.22
CA PHE C 84 95.15 -22.49 -0.33
C PHE C 84 94.46 -21.62 -1.37
N ALA C 85 93.65 -20.68 -0.92
CA ALA C 85 92.97 -19.74 -1.79
C ALA C 85 93.67 -18.39 -1.70
N ASN C 86 94.46 -18.06 -2.71
CA ASN C 86 95.29 -16.86 -2.72
C ASN C 86 94.77 -15.89 -3.77
N HIS C 87 94.51 -14.66 -3.36
CA HIS C 87 94.07 -13.59 -4.26
C HIS C 87 95.12 -12.49 -4.26
N VAL C 88 95.66 -12.18 -5.44
CA VAL C 88 96.66 -11.13 -5.60
C VAL C 88 96.16 -10.18 -6.67
N SER C 89 96.04 -8.90 -6.31
CA SER C 89 95.62 -7.86 -7.24
C SER C 89 96.60 -6.69 -7.15
N GLY C 90 97.20 -6.34 -8.27
CA GLY C 90 98.13 -5.23 -8.31
C GLY C 90 97.93 -4.32 -9.50
N THR C 91 97.66 -3.04 -9.25
CA THR C 91 97.40 -2.07 -10.30
C THR C 91 98.51 -1.04 -10.27
N LEU C 92 99.12 -0.79 -11.42
CA LEU C 92 100.17 0.20 -11.57
C LEU C 92 99.66 1.27 -12.52
N GLU C 93 99.69 2.52 -12.07
CA GLU C 93 99.21 3.64 -12.86
C GLU C 93 100.32 4.68 -12.91
N THR C 94 100.83 4.94 -14.10
CA THR C 94 101.93 5.87 -14.31
C THR C 94 101.53 6.87 -15.39
N ALA C 95 101.90 8.14 -15.18
CA ALA C 95 101.59 9.21 -16.12
C ALA C 95 102.78 10.17 -16.12
N LEU C 96 103.50 10.21 -17.25
CA LEU C 96 104.63 11.11 -17.42
C LEU C 96 104.44 11.89 -18.71
N GLY C 97 104.12 13.17 -18.57
CA GLY C 97 104.03 14.06 -19.73
C GLY C 97 103.07 13.55 -20.79
N LYS C 98 103.63 13.23 -21.96
CA LYS C 98 102.81 12.79 -23.09
C LYS C 98 102.12 11.46 -22.80
N VAL C 99 102.85 10.52 -22.19
CA VAL C 99 102.39 9.15 -22.05
C VAL C 99 101.65 8.93 -20.74
N LYS C 100 100.39 8.49 -20.84
CA LYS C 100 99.63 7.96 -19.72
C LYS C 100 99.32 6.47 -19.71
N LEU C 101 99.74 5.77 -18.65
CA LEU C 101 99.68 4.31 -18.60
C LEU C 101 98.82 3.88 -17.42
N ASN C 102 97.81 3.06 -17.69
CA ASN C 102 96.97 2.46 -16.67
C ASN C 102 97.05 0.95 -16.80
N LEU C 103 97.48 0.29 -15.73
CA LEU C 103 97.66 -1.17 -15.72
C LEU C 103 96.95 -1.76 -14.51
N GLY C 104 96.16 -2.81 -14.74
CA GLY C 104 95.50 -3.50 -13.66
C GLY C 104 95.59 -5.01 -13.78
N GLY C 105 96.25 -5.66 -12.84
CA GLY C 105 96.42 -7.09 -12.89
C GLY C 105 95.86 -7.83 -11.70
N SER C 106 94.86 -8.69 -11.93
CA SER C 106 94.23 -9.47 -10.89
C SER C 106 94.54 -10.94 -11.09
N SER C 107 95.11 -11.58 -10.08
CA SER C 107 95.48 -12.99 -10.14
C SER C 107 94.85 -13.73 -8.97
N ARG C 108 94.11 -14.80 -9.28
CA ARG C 108 93.50 -15.64 -8.26
C ARG C 108 94.02 -17.06 -8.40
N VAL C 109 94.54 -17.62 -7.31
CA VAL C 109 95.05 -18.99 -7.28
C VAL C 109 94.38 -19.71 -6.12
N GLU C 110 93.73 -20.81 -6.42
CA GLU C 110 93.09 -21.66 -5.41
C GLU C 110 93.71 -23.04 -5.59
N SER C 111 94.79 -23.30 -4.85
CA SER C 111 95.53 -24.54 -4.96
C SER C 111 95.21 -25.43 -3.77
N GLN C 112 94.41 -26.48 -4.01
CA GLN C 112 94.11 -27.48 -3.00
C GLN C 112 95.16 -28.57 -3.05
N SER C 113 95.76 -28.88 -1.90
CA SER C 113 96.84 -29.85 -1.80
C SER C 113 96.41 -30.92 -0.80
N SER C 114 95.69 -31.92 -1.27
CA SER C 114 95.21 -33.02 -0.44
C SER C 114 96.19 -34.17 -0.58
N PHE C 115 96.73 -34.64 0.54
CA PHE C 115 97.74 -35.69 0.56
C PHE C 115 97.29 -36.79 1.52
N GLY C 116 97.76 -38.01 1.28
CA GLY C 116 97.48 -39.12 2.17
C GLY C 116 98.53 -39.25 3.27
N THR C 117 98.62 -40.46 3.82
CA THR C 117 99.59 -40.73 4.87
C THR C 117 101.01 -40.63 4.33
N LEU C 118 101.76 -39.62 4.79
CA LEU C 118 103.12 -39.43 4.32
C LEU C 118 104.10 -40.14 5.23
N ARG C 119 105.04 -40.85 4.59
CA ARG C 119 106.01 -41.66 5.37
C ARG C 119 107.43 -41.12 5.22
N LYS C 120 108.21 -41.21 6.30
CA LYS C 120 109.62 -40.76 6.28
C LYS C 120 110.55 -41.96 6.27
N GLN C 121 111.59 -41.92 5.45
CA GLN C 121 112.59 -42.98 5.34
C GLN C 121 113.96 -42.34 5.57
N GLU C 122 114.45 -42.41 6.81
CA GLU C 122 115.73 -41.84 7.19
C GLU C 122 116.79 -42.92 7.31
N VAL C 123 117.99 -42.60 6.88
CA VAL C 123 119.13 -43.52 6.93
C VAL C 123 119.91 -43.24 8.21
N ASP C 124 120.50 -44.28 8.78
CA ASP C 124 121.31 -44.15 10.00
C ASP C 124 122.44 -43.14 9.85
N LEU C 125 122.39 -42.07 10.62
CA LEU C 125 123.43 -41.05 10.55
C LEU C 125 124.80 -41.59 10.96
N GLN C 126 124.83 -42.51 11.92
CA GLN C 126 126.08 -43.14 12.30
C GLN C 126 126.75 -44.00 11.24
N GLN C 127 125.98 -44.72 10.43
CA GLN C 127 126.55 -45.37 9.26
C GLN C 127 127.13 -44.34 8.30
N LEU C 128 126.51 -43.15 8.25
CA LEU C 128 126.96 -42.12 7.34
C LEU C 128 128.35 -41.60 7.73
N ILE C 129 128.62 -41.54 9.03
CA ILE C 129 129.86 -40.93 9.50
C ILE C 129 131.01 -41.96 9.50
N ARG C 130 130.67 -43.24 9.68
CA ARG C 130 131.72 -44.25 9.85
C ARG C 130 132.61 -44.36 8.62
N ASP C 131 132.01 -44.51 7.44
CA ASP C 131 132.80 -44.62 6.22
C ASP C 131 133.49 -43.30 5.88
N SER C 132 132.80 -42.18 6.12
CA SER C 132 133.35 -40.88 5.75
C SER C 132 134.63 -40.54 6.51
N ALA C 133 134.68 -40.79 7.82
CA ALA C 133 135.86 -40.48 8.61
C ALA C 133 137.10 -41.27 8.19
N GLU C 134 136.91 -42.37 7.46
CA GLU C 134 138.01 -43.18 6.96
C GLU C 134 138.26 -42.85 5.49
N ARG C 135 139.39 -43.33 4.98
CA ARG C 135 139.76 -43.12 3.58
C ARG C 135 138.90 -44.04 2.72
N THR C 136 137.70 -43.56 2.41
CA THR C 136 136.71 -44.36 1.70
C THR C 136 136.33 -43.79 0.33
N ILE C 137 136.47 -42.48 0.11
CA ILE C 137 136.09 -41.85 -1.14
C ILE C 137 137.35 -41.54 -1.93
N ASN C 138 137.37 -41.98 -3.19
CA ASN C 138 138.52 -41.71 -4.05
C ASN C 138 138.61 -40.22 -4.37
N LEU C 139 139.83 -39.72 -4.50
CA LEU C 139 140.02 -38.28 -4.69
C LEU C 139 139.65 -37.86 -6.11
N ARG C 140 140.03 -38.65 -7.10
CA ARG C 140 139.84 -38.31 -8.50
C ARG C 140 138.81 -39.24 -9.12
N ASN C 141 137.80 -38.65 -9.78
CA ASN C 141 136.77 -39.37 -10.50
C ASN C 141 136.58 -38.72 -11.87
N PRO C 142 136.27 -39.51 -12.89
CA PRO C 142 135.97 -38.89 -14.21
C PRO C 142 134.79 -37.92 -14.15
N VAL C 143 133.87 -38.15 -13.22
CA VAL C 143 132.72 -37.23 -13.05
C VAL C 143 133.00 -36.41 -11.77
N LEU C 144 132.33 -35.27 -11.58
CA LEU C 144 132.44 -34.42 -10.36
C LEU C 144 133.61 -33.40 -10.49
N GLN C 145 134.39 -33.51 -11.56
CA GLN C 145 135.45 -32.50 -11.81
C GLN C 145 134.85 -31.09 -11.95
N GLN C 146 133.75 -31.00 -12.70
CA GLN C 146 133.06 -29.70 -12.91
C GLN C 146 132.55 -29.15 -11.57
N VAL C 147 132.33 -30.01 -10.59
CA VAL C 147 131.92 -29.55 -9.27
C VAL C 147 133.07 -28.84 -8.56
N LEU C 148 134.27 -29.42 -8.61
CA LEU C 148 135.43 -28.78 -8.00
C LEU C 148 135.76 -27.47 -8.70
N GLU C 149 135.69 -27.45 -10.04
CA GLU C 149 135.86 -26.22 -10.80
C GLU C 149 134.59 -25.38 -10.70
N GLY C 150 134.55 -24.52 -9.70
CA GLY C 150 133.29 -23.95 -9.28
C GLY C 150 133.14 -24.17 -7.79
N ARG C 151 134.23 -24.05 -7.03
CA ARG C 151 134.19 -24.37 -5.58
C ARG C 151 132.81 -24.09 -4.98
N ASN C 152 132.35 -22.85 -5.07
CA ASN C 152 130.98 -22.50 -4.67
C ASN C 152 129.85 -23.53 -4.52
N GLU C 153 129.75 -24.47 -5.47
CA GLU C 153 128.83 -25.58 -5.36
C GLU C 153 129.55 -26.77 -4.74
N VAL C 154 128.91 -27.42 -3.76
CA VAL C 154 129.51 -28.50 -3.00
C VAL C 154 128.59 -29.71 -3.06
N LEU C 155 129.19 -30.89 -2.95
CA LEU C 155 128.45 -32.15 -3.02
C LEU C 155 127.80 -32.45 -1.68
N CYS C 156 126.57 -32.98 -1.73
CA CYS C 156 125.82 -33.37 -0.54
C CYS C 156 125.27 -34.75 -0.84
N VAL C 157 124.83 -35.42 0.24
CA VAL C 157 124.25 -36.78 0.12
C VAL C 157 122.89 -36.78 0.82
N LEU C 158 121.87 -37.31 0.15
CA LEU C 158 120.54 -37.37 0.72
C LEU C 158 120.47 -38.37 1.86
N THR C 159 119.80 -38.00 2.95
CA THR C 159 119.62 -38.85 4.11
C THR C 159 118.20 -38.95 4.68
N GLN C 160 117.39 -37.92 4.42
CA GLN C 160 115.98 -37.93 4.87
C GLN C 160 115.09 -37.84 3.63
N LYS C 161 113.93 -38.49 3.65
CA LYS C 161 113.04 -38.51 2.49
C LYS C 161 111.62 -38.72 2.98
N ILE C 162 110.69 -37.90 2.49
CA ILE C 162 109.28 -38.02 2.81
C ILE C 162 108.57 -38.51 1.55
N THR C 163 107.84 -39.62 1.67
CA THR C 163 107.19 -40.26 0.55
C THR C 163 105.74 -40.56 0.87
N THR C 164 104.85 -40.31 -0.09
CA THR C 164 103.43 -40.58 0.08
C THR C 164 103.08 -42.01 -0.28
N MET C 165 101.98 -42.51 0.27
CA MET C 165 101.55 -43.89 0.06
C MET C 165 100.20 -43.98 -0.64
N GLN C 166 99.47 -42.87 -0.76
CA GLN C 166 98.15 -42.87 -1.35
C GLN C 166 98.14 -41.84 -2.47
N LYS C 167 97.35 -42.15 -3.51
CA LYS C 167 97.21 -41.22 -4.65
C LYS C 167 96.82 -39.85 -4.09
N CYS C 168 97.62 -38.83 -4.38
CA CYS C 168 97.37 -37.49 -3.88
C CYS C 168 96.65 -36.62 -4.89
N VAL C 169 95.93 -35.62 -4.39
CA VAL C 169 95.11 -34.74 -5.20
C VAL C 169 95.66 -33.32 -5.11
N ILE C 170 95.93 -32.71 -6.26
CA ILE C 170 96.36 -31.32 -6.33
C ILE C 170 95.43 -30.61 -7.32
N SER C 171 94.33 -30.06 -6.81
CA SER C 171 93.35 -29.36 -7.65
C SER C 171 93.75 -27.89 -7.68
N GLU C 172 94.36 -27.47 -8.78
CA GLU C 172 94.86 -26.11 -8.93
C GLU C 172 93.91 -25.32 -9.82
N HIS C 173 93.43 -24.18 -9.31
CA HIS C 173 92.66 -23.24 -10.09
C HIS C 173 93.46 -21.94 -10.16
N MET C 174 93.77 -21.50 -11.37
CA MET C 174 94.59 -20.32 -11.59
C MET C 174 93.86 -19.40 -12.56
N GLN C 175 93.22 -18.36 -12.03
CA GLN C 175 92.57 -17.34 -12.83
C GLN C 175 93.45 -16.11 -12.85
N VAL C 176 93.86 -15.68 -14.05
CA VAL C 176 94.77 -14.56 -14.23
C VAL C 176 94.08 -13.55 -15.12
N GLU C 177 93.87 -12.34 -14.62
CA GLU C 177 93.30 -11.25 -15.41
C GLU C 177 94.28 -10.08 -15.40
N GLU C 178 94.70 -9.65 -16.59
CA GLU C 178 95.64 -8.55 -16.74
C GLU C 178 95.07 -7.57 -17.75
N LYS C 179 94.94 -6.31 -17.34
CA LYS C 179 94.43 -5.25 -18.20
C LYS C 179 95.50 -4.18 -18.35
N CYS C 180 95.88 -3.89 -19.59
CA CYS C 180 96.89 -2.88 -19.90
C CYS C 180 96.26 -1.79 -20.77
N GLY C 181 96.45 -0.54 -20.36
CA GLY C 181 95.92 0.58 -21.11
C GLY C 181 96.89 1.73 -21.22
N GLY C 182 97.14 2.18 -22.45
CA GLY C 182 98.04 3.31 -22.66
C GLY C 182 97.46 4.35 -23.59
N ILE C 183 97.36 5.58 -23.07
CA ILE C 183 96.89 6.73 -23.90
C ILE C 183 98.13 7.61 -24.12
N VAL C 184 98.44 7.88 -25.38
CA VAL C 184 99.65 8.64 -25.73
C VAL C 184 99.24 9.80 -26.63
N GLY C 185 99.59 11.02 -26.21
CA GLY C 185 99.33 12.21 -26.98
C GLY C 185 100.58 13.04 -27.25
N ILE C 186 100.91 13.22 -28.53
CA ILE C 186 102.21 13.93 -28.81
C ILE C 186 101.97 15.27 -29.53
N GLN C 187 102.41 16.37 -28.93
CA GLN C 187 102.33 17.73 -29.48
C GLN C 187 103.26 18.17 -30.64
N THR C 188 103.36 17.28 -31.63
CA THR C 188 104.31 17.49 -32.72
C THR C 188 104.18 18.71 -33.62
N LYS C 189 105.30 19.15 -34.20
CA LYS C 189 105.24 20.38 -35.05
C LYS C 189 104.45 20.32 -36.36
N THR C 190 103.24 20.90 -36.40
CA THR C 190 102.36 20.91 -37.60
C THR C 190 101.72 19.54 -37.78
N VAL C 191 101.81 18.68 -36.76
CA VAL C 191 101.18 17.33 -36.82
C VAL C 191 100.48 17.07 -35.48
N GLN C 192 99.14 17.09 -35.45
CA GLN C 192 98.50 16.73 -34.19
C GLN C 192 98.38 15.22 -34.14
N VAL C 193 98.91 14.62 -33.07
CA VAL C 193 98.98 13.17 -32.96
C VAL C 193 98.14 12.70 -31.78
N SER C 194 97.53 11.52 -31.92
CA SER C 194 96.77 10.91 -30.83
C SER C 194 96.79 9.40 -30.97
N ALA C 195 97.54 8.71 -30.10
CA ALA C 195 97.72 7.26 -30.18
C ALA C 195 97.24 6.64 -28.88
N THR C 196 96.34 5.66 -28.99
CA THR C 196 95.80 4.95 -27.84
C THR C 196 95.94 3.45 -28.08
N GLU C 197 96.46 2.76 -27.06
CA GLU C 197 96.63 1.29 -27.14
C GLU C 197 96.01 0.66 -25.88
N ASP C 198 95.06 -0.27 -26.07
CA ASP C 198 94.38 -0.94 -24.97
C ASP C 198 94.60 -2.44 -25.10
N GLY C 199 95.11 -3.07 -24.05
CA GLY C 199 95.34 -4.50 -24.06
C GLY C 199 94.70 -5.21 -22.89
N ASN C 200 93.71 -6.05 -23.16
CA ASN C 200 93.01 -6.82 -22.14
C ASN C 200 93.34 -8.29 -22.34
N VAL C 201 93.89 -8.91 -21.30
CA VAL C 201 94.24 -10.33 -21.32
C VAL C 201 93.55 -11.00 -20.15
N THR C 202 92.75 -12.02 -20.43
CA THR C 202 92.09 -12.81 -19.41
C THR C 202 92.46 -14.27 -19.65
N LYS C 203 93.11 -14.88 -18.66
CA LYS C 203 93.59 -16.26 -18.78
C LYS C 203 93.07 -17.07 -17.61
N ASP C 204 92.56 -18.26 -17.90
CA ASP C 204 92.05 -19.20 -16.90
C ASP C 204 92.74 -20.54 -17.09
N SER C 205 93.13 -21.18 -15.99
CA SER C 205 93.76 -22.50 -16.02
C SER C 205 93.14 -23.36 -14.92
N ASN C 206 92.03 -24.02 -15.26
CA ASN C 206 91.39 -24.95 -14.32
C ASN C 206 92.00 -26.33 -14.50
N VAL C 207 93.03 -26.61 -13.71
CA VAL C 207 93.76 -27.87 -13.85
C VAL C 207 93.63 -28.72 -12.58
N VAL C 208 92.97 -29.86 -12.70
CA VAL C 208 92.89 -30.83 -11.62
C VAL C 208 93.74 -32.03 -12.01
N LEU C 209 94.89 -32.20 -11.37
CA LEU C 209 95.81 -33.27 -11.69
C LEU C 209 96.05 -34.11 -10.43
N GLU C 210 96.09 -35.42 -10.65
CA GLU C 210 96.31 -36.35 -9.51
C GLU C 210 97.81 -36.63 -9.39
N ILE C 211 98.22 -37.13 -8.23
CA ILE C 211 99.60 -37.46 -7.94
C ILE C 211 99.65 -38.92 -7.51
N PRO C 212 100.50 -39.75 -8.12
CA PRO C 212 100.55 -41.16 -7.73
C PRO C 212 101.26 -41.37 -6.41
N ALA C 213 101.10 -42.57 -5.86
CA ALA C 213 101.82 -42.93 -4.64
C ALA C 213 103.30 -43.12 -4.95
N ALA C 214 104.09 -43.19 -3.89
CA ALA C 214 105.55 -43.41 -3.88
C ALA C 214 106.32 -42.21 -4.43
N THR C 215 105.63 -41.10 -4.68
CA THR C 215 106.31 -39.87 -5.17
C THR C 215 107.11 -39.25 -4.04
N THR C 216 108.19 -38.53 -4.38
CA THR C 216 108.97 -37.85 -3.36
C THR C 216 108.38 -36.47 -3.09
N ILE C 217 108.12 -36.17 -1.83
CA ILE C 217 107.56 -34.89 -1.42
C ILE C 217 108.63 -33.97 -0.86
N ALA C 218 109.50 -34.49 0.01
CA ALA C 218 110.55 -33.68 0.61
C ALA C 218 111.79 -34.54 0.78
N TYR C 219 112.94 -33.87 0.89
CA TYR C 219 114.20 -34.56 1.09
C TYR C 219 115.17 -33.65 1.83
N GLY C 220 115.89 -34.23 2.77
CA GLY C 220 116.92 -33.51 3.51
C GLY C 220 118.28 -34.13 3.24
N VAL C 221 119.30 -33.28 3.13
CA VAL C 221 120.64 -33.71 2.75
C VAL C 221 121.48 -33.16 3.89
N ILE C 222 122.63 -33.82 4.09
CA ILE C 222 123.65 -33.17 4.98
C ILE C 222 124.87 -33.07 4.08
N GLU C 223 125.59 -31.97 4.17
CA GLU C 223 126.67 -31.67 3.23
C GLU C 223 127.99 -32.41 3.47
N LEU C 224 128.80 -32.43 2.42
CA LEU C 224 130.08 -33.19 2.48
C LEU C 224 131.26 -32.23 2.53
N TYR C 225 132.06 -32.31 3.61
CA TYR C 225 133.27 -31.52 3.74
C TYR C 225 134.32 -32.01 2.75
N VAL C 226 134.67 -31.16 1.78
CA VAL C 226 135.59 -31.53 0.73
C VAL C 226 136.86 -30.70 0.81
N LYS C 227 137.98 -31.34 1.05
CA LYS C 227 139.29 -30.70 0.93
C LYS C 227 140.04 -31.35 -0.23
N LEU C 228 140.54 -30.50 -1.14
CA LEU C 228 141.19 -31.03 -2.37
C LEU C 228 142.42 -31.89 -1.99
N ASP C 229 142.89 -31.78 -0.75
CA ASP C 229 144.01 -32.65 -0.31
C ASP C 229 143.54 -34.10 -0.37
N GLY C 230 142.29 -34.36 0.04
CA GLY C 230 141.74 -35.73 -0.05
C GLY C 230 141.01 -36.13 1.22
N GLN C 231 140.89 -35.21 2.17
CA GLN C 231 140.23 -35.52 3.43
C GLN C 231 138.75 -35.15 3.33
N PHE C 232 137.88 -36.13 3.60
CA PHE C 232 136.44 -35.95 3.49
C PHE C 232 135.77 -36.45 4.75
N GLU C 233 134.68 -35.77 5.13
CA GLU C 233 133.87 -36.13 6.30
C GLU C 233 132.44 -35.62 6.13
N PHE C 234 131.47 -36.52 6.24
CA PHE C 234 130.06 -36.12 6.21
C PHE C 234 129.66 -35.57 7.57
N CYS C 235 129.63 -34.25 7.70
CA CYS C 235 129.39 -33.58 8.97
C CYS C 235 128.04 -32.89 8.94
N LEU C 236 127.29 -32.97 10.06
CA LEU C 236 125.91 -32.40 10.09
C LEU C 236 125.84 -30.97 10.66
N LEU C 237 126.96 -30.43 11.14
CA LEU C 237 126.95 -29.12 11.77
C LEU C 237 127.62 -28.10 10.84
N ARG C 238 127.40 -26.82 11.12
CA ARG C 238 127.90 -25.73 10.29
C ARG C 238 129.42 -25.56 10.30
N GLY C 239 130.10 -26.25 11.21
CA GLY C 239 131.53 -26.08 11.39
C GLY C 239 132.37 -26.31 10.15
N LYS C 240 132.49 -27.53 9.71
CA LYS C 240 133.35 -27.87 8.55
C LYS C 240 132.59 -28.75 7.55
N GLN C 241 131.74 -28.16 6.70
CA GLN C 241 131.07 -28.88 5.63
C GLN C 241 131.03 -28.06 4.35
N GLY C 242 131.63 -26.87 4.37
CA GLY C 242 131.50 -25.94 3.26
C GLY C 242 132.36 -26.26 2.05
N GLY C 243 133.39 -27.09 2.23
CA GLY C 243 134.32 -27.35 1.15
C GLY C 243 135.52 -26.46 1.29
N PHE C 244 136.71 -27.03 1.18
CA PHE C 244 137.96 -26.30 1.39
C PHE C 244 138.97 -26.74 0.34
N GLU C 245 140.03 -25.96 0.17
CA GLU C 245 141.02 -26.27 -0.89
C GLU C 245 142.28 -26.95 -0.31
N MET D 1 99.61 -25.28 12.91
CA MET D 1 101.02 -25.48 12.62
C MET D 1 101.70 -26.06 13.87
N PHE D 2 102.60 -27.02 13.65
CA PHE D 2 103.17 -27.78 14.76
C PHE D 2 103.99 -26.89 15.68
N ALA D 3 104.70 -25.91 15.11
CA ALA D 3 105.54 -25.04 15.92
C ALA D 3 104.71 -24.23 16.91
N LYS D 4 103.58 -23.70 16.47
CA LYS D 4 102.72 -22.93 17.35
C LYS D 4 101.98 -23.83 18.33
N ALA D 5 101.59 -25.02 17.89
CA ALA D 5 100.82 -25.92 18.75
C ALA D 5 101.51 -26.34 20.03
N THR D 6 102.78 -26.73 19.95
CA THR D 6 103.51 -27.08 21.17
C THR D 6 104.03 -25.87 21.95
N ARG D 7 104.21 -24.75 21.25
CA ARG D 7 104.63 -23.51 21.95
C ARG D 7 103.49 -23.14 22.90
N ASN D 8 102.27 -23.05 22.38
CA ASN D 8 101.10 -22.67 23.22
C ASN D 8 100.95 -23.71 24.34
N PHE D 9 101.05 -24.99 24.00
CA PHE D 9 100.95 -26.07 25.02
C PHE D 9 101.91 -25.82 26.17
N LEU D 10 103.22 -25.80 25.88
CA LEU D 10 104.20 -25.64 26.95
C LEU D 10 104.02 -24.32 27.71
N ARG D 11 103.45 -23.31 27.05
CA ARG D 11 103.17 -22.06 27.73
C ARG D 11 102.17 -22.21 28.86
N GLU D 12 101.12 -23.02 28.63
CA GLU D 12 100.05 -23.13 29.62
C GLU D 12 100.32 -24.24 30.63
N VAL D 13 101.17 -25.22 30.27
CA VAL D 13 101.43 -26.31 31.20
C VAL D 13 102.75 -26.05 31.89
N ASP D 14 103.81 -25.74 31.12
CA ASP D 14 105.17 -25.53 31.69
C ASP D 14 105.34 -24.05 32.05
N ALA D 15 104.99 -23.67 33.28
CA ALA D 15 105.06 -22.29 33.74
C ALA D 15 106.49 -21.79 33.93
N ASP D 16 107.46 -22.69 34.12
CA ASP D 16 108.84 -22.30 34.37
C ASP D 16 109.71 -22.29 33.13
N GLY D 17 109.22 -22.84 32.02
CA GLY D 17 110.04 -22.89 30.82
C GLY D 17 111.23 -23.83 30.77
N ASP D 18 111.31 -24.80 31.68
CA ASP D 18 112.38 -25.77 31.69
C ASP D 18 112.27 -26.86 30.60
N LEU D 19 111.12 -26.90 29.93
CA LEU D 19 110.88 -27.81 28.83
C LEU D 19 110.85 -26.94 27.57
N ILE D 20 111.25 -27.54 26.45
CA ILE D 20 111.39 -26.83 25.20
C ILE D 20 110.47 -27.49 24.18
N ALA D 21 109.66 -26.67 23.50
CA ALA D 21 108.73 -27.18 22.51
C ALA D 21 109.48 -27.66 21.26
N VAL D 22 108.98 -28.74 20.65
CA VAL D 22 109.58 -29.26 19.44
C VAL D 22 109.19 -28.36 18.27
N SER D 23 110.19 -27.97 17.48
CA SER D 23 109.97 -27.00 16.42
C SER D 23 109.09 -27.56 15.30
N ASN D 24 109.42 -28.75 14.78
CA ASN D 24 108.73 -29.28 13.61
C ASN D 24 108.66 -30.80 13.72
N LEU D 25 107.94 -31.42 12.79
CA LEU D 25 107.80 -32.87 12.79
C LEU D 25 109.16 -33.46 12.43
N ASN D 26 109.98 -32.70 11.70
CA ASN D 26 111.33 -33.18 11.39
C ASN D 26 112.11 -33.55 12.66
N ASP D 27 112.10 -32.59 13.62
CA ASP D 27 112.73 -32.84 14.91
C ASP D 27 112.04 -33.84 15.83
N SER D 28 110.78 -34.18 15.57
CA SER D 28 110.04 -35.09 16.43
C SER D 28 110.50 -36.54 16.35
N ASP D 29 111.25 -36.90 15.32
CA ASP D 29 111.75 -38.26 15.18
C ASP D 29 113.24 -38.36 15.50
N LYS D 30 113.90 -37.23 15.75
CA LYS D 30 115.31 -37.21 16.12
C LYS D 30 115.53 -37.15 17.62
N LEU D 31 114.64 -36.49 18.35
CA LEU D 31 114.77 -36.38 19.79
C LEU D 31 114.45 -37.68 20.50
N GLN D 32 115.46 -38.27 21.15
CA GLN D 32 115.29 -39.48 21.92
C GLN D 32 115.91 -39.30 23.29
N LEU D 33 115.62 -40.25 24.19
CA LEU D 33 116.10 -40.16 25.56
C LEU D 33 117.61 -40.28 25.52
N LEU D 34 118.28 -39.46 26.33
CA LEU D 34 119.75 -39.45 26.43
C LEU D 34 120.55 -39.35 25.14
N SER D 35 120.02 -38.62 24.16
CA SER D 35 120.80 -38.31 22.96
C SER D 35 121.27 -36.89 23.24
N LEU D 36 122.40 -36.52 22.65
CA LEU D 36 123.01 -35.22 22.90
C LEU D 36 122.53 -34.11 21.98
N VAL D 37 122.34 -32.92 22.55
CA VAL D 37 121.89 -31.75 21.81
C VAL D 37 122.85 -30.63 22.21
N THR D 38 122.84 -29.56 21.42
CA THR D 38 123.71 -28.41 21.65
C THR D 38 122.88 -27.15 21.49
N LYS D 39 123.00 -26.27 22.50
CA LYS D 39 122.29 -24.98 22.47
C LYS D 39 123.33 -23.87 22.28
N LYS D 40 123.08 -22.97 21.33
CA LYS D 40 123.98 -21.85 21.05
C LYS D 40 123.60 -20.66 21.92
N LYS D 41 124.51 -20.24 22.80
CA LYS D 41 124.26 -19.17 23.74
C LYS D 41 124.62 -17.79 23.18
N ARG D 42 125.00 -17.72 21.90
CA ARG D 42 125.30 -16.43 21.29
C ARG D 42 124.10 -15.50 21.31
N PHE D 43 122.89 -16.04 21.11
CA PHE D 43 121.69 -15.23 21.17
C PHE D 43 121.42 -14.77 22.58
N TRP D 44 120.78 -13.61 22.71
CA TRP D 44 120.50 -13.00 24.01
C TRP D 44 119.17 -13.52 24.53
N CYS D 45 118.65 -12.90 25.59
CA CYS D 45 117.35 -13.30 26.12
C CYS D 45 116.23 -12.95 25.15
N TRP D 46 116.52 -12.10 24.16
CA TRP D 46 115.54 -11.71 23.17
C TRP D 46 115.04 -12.89 22.34
N GLN D 47 115.93 -13.79 21.93
CA GLN D 47 115.54 -14.96 21.15
C GLN D 47 115.88 -16.23 21.91
N ARG D 48 115.17 -17.30 21.60
CA ARG D 48 115.43 -18.58 22.24
C ARG D 48 116.81 -19.10 21.82
N PRO D 49 117.51 -19.84 22.67
CA PRO D 49 118.77 -20.45 22.27
C PRO D 49 118.59 -21.40 21.11
N LYS D 50 119.55 -21.41 20.19
CA LYS D 50 119.48 -22.28 19.01
C LYS D 50 119.89 -23.69 19.41
N TYR D 51 118.95 -24.62 19.31
CA TYR D 51 119.16 -26.01 19.71
C TYR D 51 119.37 -26.87 18.47
N GLN D 52 120.48 -27.60 18.45
CA GLN D 52 120.83 -28.49 17.35
C GLN D 52 121.21 -29.85 17.93
N PHE D 53 120.80 -30.91 17.24
CA PHE D 53 120.91 -32.28 17.76
C PHE D 53 122.03 -33.00 17.03
N LEU D 54 122.96 -33.58 17.80
CA LEU D 54 123.98 -34.43 17.23
C LEU D 54 123.42 -35.83 16.97
N SER D 55 123.94 -36.48 15.94
CA SER D 55 123.49 -37.83 15.60
C SER D 55 123.98 -38.85 16.61
N LEU D 56 125.00 -38.50 17.38
CA LEU D 56 125.60 -39.40 18.34
C LEU D 56 124.80 -39.37 19.65
N THR D 57 125.08 -40.33 20.52
CA THR D 57 124.44 -40.42 21.83
C THR D 57 125.52 -40.43 22.90
N LEU D 58 125.10 -40.64 24.14
CA LEU D 58 126.06 -40.70 25.25
C LEU D 58 127.02 -41.85 25.07
N GLY D 59 126.50 -43.06 24.86
CA GLY D 59 127.38 -44.21 24.68
C GLY D 59 128.28 -44.08 23.48
N ASP D 60 127.88 -43.26 22.51
CA ASP D 60 128.72 -43.02 21.34
C ASP D 60 129.92 -42.15 21.67
N VAL D 61 129.81 -41.32 22.71
CA VAL D 61 130.86 -40.37 23.06
C VAL D 61 131.54 -40.68 24.38
N LEU D 62 131.03 -41.63 25.17
CA LEU D 62 131.73 -42.01 26.40
C LEU D 62 133.07 -42.63 26.07
N ILE D 63 133.06 -43.80 25.42
CA ILE D 63 134.25 -44.52 24.98
C ILE D 63 135.12 -44.96 26.15
N GLU D 64 135.42 -44.03 27.07
CA GLU D 64 136.32 -44.33 28.17
C GLU D 64 135.76 -45.40 29.10
N ASP D 65 134.48 -45.35 29.42
CA ASP D 65 133.87 -46.28 30.36
C ASP D 65 132.52 -46.74 29.84
N GLN D 66 132.02 -47.84 30.41
CA GLN D 66 130.80 -48.46 29.94
C GLN D 66 129.49 -47.73 30.20
N PHE D 67 128.52 -47.97 29.33
CA PHE D 67 127.20 -47.34 29.40
C PHE D 67 126.22 -47.64 30.53
N PRO D 68 125.94 -46.69 31.43
CA PRO D 68 125.03 -47.03 32.56
C PRO D 68 123.57 -47.20 32.15
N SER D 69 122.99 -48.34 32.48
CA SER D 69 121.68 -48.69 31.97
C SER D 69 120.69 -47.63 32.45
N PRO D 70 119.86 -47.08 31.57
CA PRO D 70 118.87 -46.08 32.05
C PRO D 70 117.72 -46.46 32.94
N VAL D 71 117.25 -45.51 33.73
CA VAL D 71 116.08 -45.72 34.58
C VAL D 71 114.94 -44.90 33.98
N VAL D 72 114.23 -45.50 33.03
CA VAL D 72 113.14 -44.82 32.34
C VAL D 72 111.86 -45.11 33.11
N VAL D 73 111.14 -44.06 33.49
CA VAL D 73 109.88 -44.19 34.21
C VAL D 73 108.83 -43.46 33.38
N GLU D 74 107.71 -44.15 33.16
CA GLU D 74 106.62 -43.57 32.32
C GLU D 74 105.51 -42.98 33.19
N SER D 75 105.19 -41.71 32.98
CA SER D 75 104.12 -41.02 33.68
C SER D 75 103.30 -40.24 32.67
N ASP D 76 101.97 -40.29 32.80
CA ASP D 76 101.05 -39.62 31.89
C ASP D 76 100.37 -38.47 32.63
N PHE D 77 100.13 -37.38 31.91
CA PHE D 77 99.52 -36.19 32.55
C PHE D 77 99.10 -35.21 31.48
N VAL D 78 98.27 -34.22 31.84
CA VAL D 78 97.96 -33.13 30.86
C VAL D 78 97.49 -33.68 29.51
N LYS D 79 96.45 -34.52 29.49
CA LYS D 79 96.01 -34.99 28.15
C LYS D 79 95.62 -33.71 27.40
N TYR D 80 94.96 -32.76 28.06
CA TYR D 80 94.75 -31.39 27.49
C TYR D 80 93.87 -31.27 26.24
N GLU D 81 93.58 -30.02 25.86
CA GLU D 81 92.77 -29.64 24.72
C GLU D 81 92.92 -28.13 24.58
N GLY D 82 93.38 -27.68 23.41
CA GLY D 82 93.67 -26.28 23.22
C GLY D 82 93.02 -25.68 21.99
N LYS D 83 92.29 -24.60 22.17
CA LYS D 83 91.71 -23.82 21.08
C LYS D 83 92.26 -22.41 21.13
N PHE D 84 92.75 -21.92 20.00
CA PHE D 84 93.45 -20.63 19.98
C PHE D 84 92.97 -19.83 18.77
N ALA D 85 92.08 -18.88 19.00
CA ALA D 85 91.58 -17.99 17.97
C ALA D 85 92.23 -16.61 18.13
N ASN D 86 93.21 -16.32 17.29
CA ASN D 86 94.01 -15.11 17.39
C ASN D 86 93.70 -14.20 16.21
N HIS D 87 93.36 -12.96 16.50
CA HIS D 87 93.10 -11.94 15.48
C HIS D 87 94.11 -10.82 15.64
N VAL D 88 94.88 -10.56 14.58
CA VAL D 88 95.88 -9.49 14.57
C VAL D 88 95.59 -8.60 13.38
N SER D 89 95.39 -7.31 13.65
CA SER D 89 95.17 -6.31 12.60
C SER D 89 96.09 -5.13 12.83
N GLY D 90 96.91 -4.82 11.84
CA GLY D 90 97.81 -3.69 11.94
C GLY D 90 97.85 -2.84 10.69
N THR D 91 97.51 -1.56 10.82
CA THR D 91 97.47 -0.64 9.69
C THR D 91 98.54 0.41 9.89
N LEU D 92 99.37 0.62 8.87
CA LEU D 92 100.42 1.62 8.90
C LEU D 92 100.11 2.63 7.81
N GLU D 93 100.02 3.90 8.19
CA GLU D 93 99.70 4.98 7.28
C GLU D 93 100.79 6.03 7.40
N THR D 94 101.53 6.25 6.32
CA THR D 94 102.64 7.19 6.29
C THR D 94 102.45 8.14 5.11
N ALA D 95 102.76 9.42 5.32
CA ALA D 95 102.64 10.45 4.29
C ALA D 95 103.80 11.43 4.49
N LEU D 96 104.72 11.43 3.52
CA LEU D 96 105.87 12.34 3.54
C LEU D 96 105.93 13.06 2.21
N GLY D 97 105.57 14.35 2.21
CA GLY D 97 105.71 15.17 1.03
C GLY D 97 104.99 14.59 -0.18
N LYS D 98 105.78 14.23 -1.20
CA LYS D 98 105.21 13.73 -2.45
C LYS D 98 104.50 12.40 -2.24
N VAL D 99 105.08 11.50 -1.46
CA VAL D 99 104.63 10.12 -1.34
C VAL D 99 103.63 9.95 -0.19
N LYS D 100 102.44 9.49 -0.53
CA LYS D 100 101.46 8.99 0.44
C LYS D 100 101.18 7.49 0.46
N LEU D 101 101.37 6.85 1.61
CA LEU D 101 101.31 5.40 1.72
C LEU D 101 100.24 5.00 2.73
N ASN D 102 99.32 4.15 2.29
CA ASN D 102 98.29 3.59 3.15
C ASN D 102 98.42 2.07 3.11
N LEU D 103 98.62 1.47 4.28
CA LEU D 103 98.81 0.02 4.40
C LEU D 103 97.87 -0.53 5.46
N GLY D 104 97.16 -1.60 5.14
CA GLY D 104 96.30 -2.26 6.09
C GLY D 104 96.43 -3.77 6.05
N GLY D 105 96.89 -4.37 7.16
CA GLY D 105 97.08 -5.80 7.19
C GLY D 105 96.29 -6.48 8.29
N SER D 106 95.38 -7.37 7.90
CA SER D 106 94.55 -8.12 8.83
C SER D 106 94.90 -9.59 8.76
N SER D 107 95.27 -10.17 9.90
CA SER D 107 95.66 -11.57 9.99
C SER D 107 94.81 -12.27 11.04
N ARG D 108 94.16 -13.37 10.65
CA ARG D 108 93.36 -14.18 11.55
C ARG D 108 93.92 -15.59 11.59
N VAL D 109 94.22 -16.09 12.78
CA VAL D 109 94.72 -17.45 12.98
C VAL D 109 93.85 -18.13 14.02
N GLU D 110 93.26 -19.25 13.65
CA GLU D 110 92.45 -20.07 14.55
C GLU D 110 93.11 -21.45 14.57
N SER D 111 94.01 -21.65 15.52
CA SER D 111 94.78 -22.88 15.62
C SER D 111 94.22 -23.72 16.76
N GLN D 112 93.51 -24.79 16.42
CA GLN D 112 93.02 -25.75 17.39
C GLN D 112 94.07 -26.82 17.61
N SER D 113 94.42 -27.06 18.87
CA SER D 113 95.47 -28.02 19.23
C SER D 113 94.86 -29.04 20.18
N SER D 114 94.26 -30.09 19.61
CA SER D 114 93.63 -31.15 20.39
C SER D 114 94.63 -32.29 20.51
N PHE D 115 94.94 -32.69 21.74
CA PHE D 115 95.92 -33.72 22.01
C PHE D 115 95.30 -34.78 22.91
N GLY D 116 95.83 -36.01 22.82
CA GLY D 116 95.39 -37.08 23.70
C GLY D 116 96.19 -37.14 24.98
N THR D 117 96.18 -38.32 25.60
CA THR D 117 96.92 -38.53 26.84
C THR D 117 98.42 -38.42 26.59
N LEU D 118 99.05 -37.38 27.13
CA LEU D 118 100.48 -37.18 26.94
C LEU D 118 101.26 -37.84 28.07
N ARG D 119 102.31 -38.55 27.67
CA ARG D 119 103.11 -39.30 28.66
C ARG D 119 104.54 -38.75 28.78
N LYS D 120 105.08 -38.78 29.99
CA LYS D 120 106.46 -38.29 30.23
C LYS D 120 107.39 -39.48 30.49
N GLN D 121 108.57 -39.46 29.89
CA GLN D 121 109.58 -40.50 30.02
C GLN D 121 110.86 -39.82 30.50
N GLU D 122 111.09 -39.83 31.81
CA GLU D 122 112.26 -39.22 32.41
C GLU D 122 113.29 -40.27 32.80
N VAL D 123 114.55 -39.95 32.60
CA VAL D 123 115.66 -40.84 32.94
C VAL D 123 116.17 -40.49 34.33
N ASP D 124 116.64 -41.49 35.05
CA ASP D 124 117.18 -41.29 36.39
C ASP D 124 118.31 -40.27 36.43
N LEU D 125 118.10 -39.16 37.13
CA LEU D 125 119.12 -38.12 37.21
C LEU D 125 120.38 -38.61 37.92
N GLN D 126 120.22 -39.49 38.90
CA GLN D 126 121.37 -40.08 39.57
C GLN D 126 122.26 -40.98 38.70
N GLN D 127 121.67 -41.75 37.79
CA GLN D 127 122.48 -42.44 36.79
C GLN D 127 123.23 -41.44 35.92
N LEU D 128 122.63 -40.27 35.69
CA LEU D 128 123.24 -39.27 34.84
C LEU D 128 124.51 -38.70 35.48
N ILE D 129 124.52 -38.58 36.80
CA ILE D 129 125.63 -37.93 37.48
C ILE D 129 126.76 -38.94 37.76
N ARG D 130 126.41 -40.21 37.94
CA ARG D 130 127.42 -41.20 38.36
C ARG D 130 128.53 -41.34 37.34
N ASP D 131 128.19 -41.56 36.07
CA ASP D 131 129.21 -41.71 35.04
C ASP D 131 129.94 -40.39 34.79
N SER D 132 129.21 -39.27 34.82
CA SER D 132 129.81 -37.98 34.52
C SER D 132 130.90 -37.58 35.49
N ALA D 133 130.68 -37.77 36.80
CA ALA D 133 131.68 -37.40 37.80
C ALA D 133 132.97 -38.19 37.67
N GLU D 134 132.96 -39.33 36.99
CA GLU D 134 134.15 -40.13 36.75
C GLU D 134 134.68 -39.86 35.35
N ARG D 135 135.90 -40.35 35.10
CA ARG D 135 136.54 -40.19 33.80
C ARG D 135 135.89 -41.17 32.82
N THR D 136 134.77 -40.73 32.25
CA THR D 136 133.95 -41.58 31.40
C THR D 136 133.85 -41.08 29.96
N ILE D 137 134.02 -39.78 29.71
CA ILE D 137 133.89 -39.21 28.38
C ILE D 137 135.28 -38.91 27.84
N ASN D 138 135.56 -39.40 26.64
CA ASN D 138 136.86 -39.15 26.02
C ASN D 138 136.99 -37.67 25.65
N LEU D 139 138.22 -37.16 25.75
CA LEU D 139 138.43 -35.73 25.52
C LEU D 139 138.34 -35.38 24.04
N ARG D 140 138.93 -36.21 23.18
CA ARG D 140 139.02 -35.93 21.76
C ARG D 140 138.14 -36.91 20.98
N ASN D 141 137.29 -36.37 20.12
CA ASN D 141 136.43 -37.14 19.23
C ASN D 141 136.52 -36.57 17.83
N PRO D 142 136.42 -37.40 16.79
CA PRO D 142 136.39 -36.84 15.43
C PRO D 142 135.22 -35.90 15.20
N VAL D 143 134.13 -36.11 15.93
CA VAL D 143 132.95 -35.19 15.82
C VAL D 143 132.97 -34.31 17.09
N LEU D 144 132.25 -33.18 17.08
CA LEU D 144 132.11 -32.27 18.27
C LEU D 144 133.27 -31.24 18.32
N GLN D 145 134.26 -31.39 17.44
CA GLN D 145 135.33 -30.37 17.37
C GLN D 145 134.76 -28.98 17.03
N GLN D 146 133.83 -28.94 16.06
CA GLN D 146 133.19 -27.67 15.65
C GLN D 146 132.42 -27.06 16.84
N VAL D 147 132.02 -27.89 17.80
CA VAL D 147 131.33 -27.38 18.98
C VAL D 147 132.30 -26.61 19.88
N LEU D 148 133.49 -27.17 20.09
CA LEU D 148 134.50 -26.48 20.90
C LEU D 148 134.96 -25.20 20.22
N GLU D 149 135.17 -25.24 18.90
CA GLU D 149 135.47 -24.04 18.12
C GLU D 149 134.19 -23.22 17.91
N GLY D 150 133.94 -22.32 18.86
CA GLY D 150 132.62 -21.74 18.98
C GLY D 150 132.17 -21.91 20.42
N ARG D 151 133.09 -21.74 21.37
CA ARG D 151 132.77 -21.99 22.81
C ARG D 151 131.28 -21.71 23.09
N ASN D 152 130.83 -20.48 22.86
CA ASN D 152 129.41 -20.14 22.96
C ASN D 152 128.29 -21.18 22.91
N GLU D 153 128.40 -22.17 22.03
CA GLU D 153 127.48 -23.29 22.00
C GLU D 153 128.07 -24.43 22.81
N VAL D 154 127.24 -25.05 23.67
CA VAL D 154 127.69 -26.09 24.58
C VAL D 154 126.81 -27.32 24.40
N LEU D 155 127.40 -28.48 24.68
CA LEU D 155 126.70 -29.75 24.53
C LEU D 155 125.78 -30.01 25.72
N CYS D 156 124.60 -30.56 25.45
CA CYS D 156 123.63 -30.91 26.48
C CYS D 156 123.16 -32.32 26.14
N VAL D 157 122.53 -32.94 27.14
CA VAL D 157 122.00 -34.32 26.97
C VAL D 157 120.52 -34.32 27.38
N LEU D 158 119.66 -34.89 26.55
CA LEU D 158 118.23 -34.95 26.84
C LEU D 158 117.95 -35.90 27.99
N THR D 159 117.07 -35.49 28.90
CA THR D 159 116.67 -36.29 30.04
C THR D 159 115.17 -36.40 30.33
N GLN D 160 114.42 -35.39 29.85
CA GLN D 160 112.94 -35.41 30.00
C GLN D 160 112.32 -35.39 28.60
N LYS D 161 111.19 -36.07 28.42
CA LYS D 161 110.55 -36.16 27.11
C LYS D 161 109.06 -36.37 27.32
N ILE D 162 108.25 -35.59 26.61
CA ILE D 162 106.80 -35.72 26.63
C ILE D 162 106.37 -36.29 25.29
N THR D 163 105.65 -37.40 25.32
CA THR D 163 105.23 -38.11 24.12
C THR D 163 103.74 -38.42 24.16
N THR D 164 103.07 -38.23 23.02
CA THR D 164 101.65 -38.51 22.91
C THR D 164 101.40 -39.97 22.56
N MET D 165 100.21 -40.47 22.92
CA MET D 165 99.84 -41.86 22.68
C MET D 165 98.67 -42.01 21.73
N GLN D 166 97.96 -40.92 21.41
CA GLN D 166 96.79 -40.98 20.56
C GLN D 166 97.00 -40.00 19.41
N LYS D 167 96.44 -40.37 18.26
CA LYS D 167 96.53 -39.49 17.07
C LYS D 167 96.01 -38.11 17.47
N CYS D 168 96.84 -37.09 17.29
CA CYS D 168 96.49 -35.73 17.67
C CYS D 168 95.97 -34.92 16.49
N VAL D 169 95.17 -33.92 16.79
CA VAL D 169 94.52 -33.09 15.79
C VAL D 169 95.01 -31.65 15.92
N ILE D 170 95.50 -31.09 14.82
CA ILE D 170 95.93 -29.70 14.77
C ILE D 170 95.22 -29.06 13.59
N SER D 171 94.02 -28.50 13.83
CA SER D 171 93.23 -27.86 12.79
C SER D 171 93.61 -26.39 12.76
N GLU D 172 94.43 -26.00 11.79
CA GLU D 172 94.94 -24.64 11.68
C GLU D 172 94.18 -23.91 10.58
N HIS D 173 93.60 -22.76 10.92
CA HIS D 173 92.99 -21.87 9.96
C HIS D 173 93.77 -20.56 9.99
N MET D 174 94.32 -20.17 8.84
CA MET D 174 95.16 -18.97 8.74
C MET D 174 94.63 -18.12 7.60
N GLN D 175 93.89 -17.07 7.94
CA GLN D 175 93.40 -16.11 6.97
C GLN D 175 94.26 -14.86 7.06
N VAL D 176 94.89 -14.48 5.96
CA VAL D 176 95.82 -13.34 5.92
C VAL D 176 95.30 -12.39 4.85
N GLU D 177 94.98 -11.16 5.24
CA GLU D 177 94.58 -10.12 4.31
C GLU D 177 95.52 -8.93 4.45
N GLU D 178 96.17 -8.55 3.36
CA GLU D 178 97.11 -7.44 3.34
C GLU D 178 96.74 -6.52 2.20
N LYS D 179 96.52 -5.25 2.50
CA LYS D 179 96.19 -4.23 1.51
C LYS D 179 97.26 -3.15 1.53
N CYS D 180 97.87 -2.91 0.37
CA CYS D 180 98.92 -1.90 0.23
C CYS D 180 98.47 -0.86 -0.79
N GLY D 181 98.56 0.41 -0.42
CA GLY D 181 98.17 1.48 -1.32
C GLY D 181 99.14 2.65 -1.28
N GLY D 182 99.63 3.06 -2.45
CA GLY D 182 100.55 4.18 -2.53
C GLY D 182 100.15 5.17 -3.61
N ILE D 183 99.95 6.41 -3.18
CA ILE D 183 99.64 7.52 -4.14
C ILE D 183 100.89 8.41 -4.16
N VAL D 184 101.45 8.64 -5.34
CA VAL D 184 102.69 9.40 -5.47
C VAL D 184 102.45 10.51 -6.49
N GLY D 185 102.71 11.75 -6.06
CA GLY D 185 102.59 12.91 -6.94
C GLY D 185 103.86 13.74 -6.99
N ILE D 186 104.45 13.87 -8.17
CA ILE D 186 105.76 14.59 -8.22
C ILE D 186 105.66 15.89 -9.04
N GLN D 187 105.96 17.03 -8.41
CA GLN D 187 105.98 18.36 -9.03
C GLN D 187 107.13 18.77 -10.00
N THR D 188 107.44 17.84 -10.91
CA THR D 188 108.57 18.01 -11.80
C THR D 188 108.63 19.20 -12.76
N LYS D 189 109.83 19.62 -13.12
CA LYS D 189 109.93 20.82 -14.03
C LYS D 189 109.42 20.68 -15.46
N THR D 190 108.25 21.24 -15.78
CA THR D 190 107.62 21.17 -17.13
C THR D 190 107.06 19.78 -17.37
N VAL D 191 106.94 18.97 -16.31
CA VAL D 191 106.35 17.61 -16.43
C VAL D 191 105.40 17.39 -15.25
N GLN D 192 104.08 17.39 -15.50
CA GLN D 192 103.19 17.08 -14.37
C GLN D 192 103.08 15.57 -14.27
N VAL D 193 103.39 15.03 -13.09
CA VAL D 193 103.46 13.58 -12.89
C VAL D 193 102.40 13.15 -11.89
N SER D 194 101.84 11.96 -12.09
CA SER D 194 100.89 11.38 -11.15
C SER D 194 100.95 9.86 -11.21
N ALA D 195 101.51 9.23 -10.17
CA ALA D 195 101.71 7.79 -10.13
C ALA D 195 100.99 7.21 -8.94
N THR D 196 100.13 6.21 -9.18
CA THR D 196 99.38 5.54 -8.13
C THR D 196 99.59 4.04 -8.27
N GLU D 197 99.89 3.40 -7.13
CA GLU D 197 100.08 1.93 -7.10
C GLU D 197 99.23 1.35 -5.97
N ASP D 198 98.35 0.41 -6.29
CA ASP D 198 97.46 -0.24 -5.32
C ASP D 198 97.72 -1.74 -5.34
N GLY D 199 98.02 -2.31 -4.17
CA GLY D 199 98.26 -3.74 -4.07
C GLY D 199 97.40 -4.40 -3.02
N ASN D 200 96.49 -5.27 -3.44
CA ASN D 200 95.60 -6.01 -2.55
C ASN D 200 95.99 -7.48 -2.60
N VAL D 201 96.32 -8.04 -1.45
CA VAL D 201 96.69 -9.44 -1.34
C VAL D 201 95.78 -10.08 -0.29
N THR D 202 95.07 -11.12 -0.68
CA THR D 202 94.22 -11.89 0.22
C THR D 202 94.64 -13.35 0.14
N LYS D 203 95.08 -13.90 1.26
CA LYS D 203 95.59 -15.27 1.31
C LYS D 203 94.86 -16.04 2.39
N ASP D 204 94.43 -17.25 2.06
CA ASP D 204 93.74 -18.15 2.98
C ASP D 204 94.46 -19.49 2.99
N SER D 205 94.62 -20.07 4.18
CA SER D 205 95.25 -21.38 4.34
C SER D 205 94.44 -22.20 5.33
N ASN D 206 93.43 -22.89 4.82
CA ASN D 206 92.61 -23.79 5.63
C ASN D 206 93.27 -25.15 5.66
N VAL D 207 94.12 -25.39 6.65
CA VAL D 207 94.88 -26.64 6.73
C VAL D 207 94.51 -27.43 7.98
N VAL D 208 93.88 -28.59 7.79
CA VAL D 208 93.60 -29.51 8.89
C VAL D 208 94.53 -30.72 8.71
N LEU D 209 95.52 -30.82 9.59
CA LEU D 209 96.50 -31.90 9.52
C LEU D 209 96.49 -32.68 10.83
N GLU D 210 96.58 -33.99 10.69
CA GLU D 210 96.58 -34.86 11.89
C GLU D 210 98.03 -35.12 12.33
N ILE D 211 98.19 -35.55 13.57
CA ILE D 211 99.49 -35.84 14.14
C ILE D 211 99.47 -37.28 14.65
N PRO D 212 100.43 -38.12 14.28
CA PRO D 212 100.42 -39.51 14.72
C PRO D 212 100.85 -39.63 16.18
N ALA D 213 100.59 -40.81 16.73
CA ALA D 213 101.05 -41.11 18.07
C ALA D 213 102.57 -41.29 18.09
N ALA D 214 103.13 -41.29 19.30
CA ALA D 214 104.55 -41.47 19.60
C ALA D 214 105.41 -40.29 19.17
N THR D 215 104.78 -39.20 18.73
CA THR D 215 105.52 -37.99 18.34
C THR D 215 106.07 -37.30 19.56
N THR D 216 107.19 -36.58 19.42
CA THR D 216 107.74 -35.84 20.54
C THR D 216 107.10 -34.46 20.62
N ILE D 217 106.59 -34.11 21.79
CA ILE D 217 105.94 -32.83 22.00
C ILE D 217 106.87 -31.84 22.73
N ALA D 218 107.54 -32.31 23.77
CA ALA D 218 108.45 -31.46 24.54
C ALA D 218 109.64 -32.29 25.00
N TYR D 219 110.72 -31.59 25.31
CA TYR D 219 111.94 -32.25 25.79
C TYR D 219 112.72 -31.29 26.66
N GLY D 220 113.25 -31.81 27.75
CA GLY D 220 114.10 -31.04 28.66
C GLY D 220 115.49 -31.64 28.69
N VAL D 221 116.50 -30.78 28.75
CA VAL D 221 117.89 -31.20 28.67
C VAL D 221 118.49 -30.60 29.93
N ILE D 222 119.58 -31.21 30.39
CA ILE D 222 120.39 -30.51 31.44
C ILE D 222 121.76 -30.42 30.79
N GLU D 223 122.44 -29.30 30.97
CA GLU D 223 123.69 -29.02 30.26
C GLU D 223 124.92 -29.72 30.79
N LEU D 224 125.94 -29.78 29.94
CA LEU D 224 127.19 -30.51 30.28
C LEU D 224 128.33 -29.53 30.54
N TYR D 225 128.88 -29.54 31.74
CA TYR D 225 130.04 -28.73 32.08
C TYR D 225 131.27 -29.24 31.34
N VAL D 226 131.80 -28.43 30.42
CA VAL D 226 132.92 -28.84 29.60
C VAL D 226 134.13 -27.97 29.90
N LYS D 227 135.20 -28.58 30.39
CA LYS D 227 136.50 -27.92 30.51
C LYS D 227 137.47 -28.60 29.55
N LEU D 228 138.14 -27.79 28.72
CA LEU D 228 139.03 -28.36 27.68
C LEU D 228 140.16 -29.18 28.33
N ASP D 229 140.37 -29.00 29.63
CA ASP D 229 141.39 -29.83 30.34
C ASP D 229 140.95 -31.29 30.26
N GLY D 230 139.65 -31.55 30.43
CA GLY D 230 139.14 -32.94 30.29
C GLY D 230 138.17 -33.29 31.39
N GLN D 231 137.86 -32.33 32.26
CA GLN D 231 136.95 -32.60 33.37
C GLN D 231 135.53 -32.27 32.95
N PHE D 232 134.63 -33.24 33.10
CA PHE D 232 133.24 -33.10 32.68
C PHE D 232 132.33 -33.54 33.81
N GLU D 233 131.17 -32.88 33.93
CA GLU D 233 130.15 -33.20 34.92
C GLU D 233 128.79 -32.73 34.44
N PHE D 234 127.81 -33.64 34.41
CA PHE D 234 126.44 -33.27 34.07
C PHE D 234 125.76 -32.67 35.30
N CYS D 235 125.70 -31.34 35.35
CA CYS D 235 125.20 -30.62 36.52
C CYS D 235 123.87 -29.95 36.18
N LEU D 236 122.91 -30.00 37.12
CA LEU D 236 121.56 -29.46 36.84
C LEU D 236 121.37 -28.01 37.32
N LEU D 237 122.36 -27.43 38.00
CA LEU D 237 122.21 -26.08 38.54
C LEU D 237 123.04 -25.10 37.72
N ARG D 238 122.75 -23.81 37.89
CA ARG D 238 123.40 -22.75 37.13
C ARG D 238 124.88 -22.55 37.43
N GLY D 239 125.37 -23.19 38.50
CA GLY D 239 126.74 -22.98 38.95
C GLY D 239 127.82 -23.25 37.92
N LYS D 240 128.03 -24.49 37.56
CA LYS D 240 129.11 -24.86 36.62
C LYS D 240 128.58 -25.80 35.54
N GLN D 241 127.91 -25.27 34.51
CA GLN D 241 127.48 -26.04 33.36
C GLN D 241 127.69 -25.28 32.06
N GLY D 242 128.26 -24.08 32.14
CA GLY D 242 128.34 -23.20 30.99
C GLY D 242 129.43 -23.57 29.99
N GLY D 243 130.41 -24.36 30.40
CA GLY D 243 131.54 -24.66 29.55
C GLY D 243 132.69 -23.74 29.89
N PHE D 244 133.89 -24.29 30.05
CA PHE D 244 135.05 -23.53 30.48
C PHE D 244 136.26 -23.99 29.67
N GLU D 245 137.33 -23.20 29.68
CA GLU D 245 138.52 -23.54 28.87
C GLU D 245 139.63 -24.17 29.72
N MET E 1 95.20 -22.74 33.93
CA MET E 1 96.64 -22.92 33.95
C MET E 1 97.06 -23.44 35.32
N PHE E 2 97.99 -24.39 35.34
CA PHE E 2 98.32 -25.08 36.58
C PHE E 2 98.94 -24.14 37.60
N ALA E 3 99.75 -23.18 37.14
CA ALA E 3 100.40 -22.24 38.06
C ALA E 3 99.38 -21.41 38.83
N LYS E 4 98.34 -20.93 38.13
CA LYS E 4 97.32 -20.13 38.79
C LYS E 4 96.40 -21.00 39.65
N ALA E 5 96.12 -22.22 39.19
CA ALA E 5 95.20 -23.09 39.92
C ALA E 5 95.62 -23.44 41.33
N THR E 6 96.89 -23.80 41.53
CA THR E 6 97.37 -24.09 42.87
C THR E 6 97.71 -22.84 43.69
N ARG E 7 98.00 -21.74 42.99
CA ARG E 7 98.27 -20.47 43.69
C ARG E 7 96.95 -20.07 44.38
N ASN E 8 95.86 -20.03 43.62
CA ASN E 8 94.54 -19.64 44.19
C ASN E 8 94.17 -20.63 45.30
N PHE E 9 94.36 -21.92 45.06
CA PHE E 9 94.06 -22.95 46.08
C PHE E 9 94.78 -22.63 47.39
N LEU E 10 96.11 -22.60 47.38
CA LEU E 10 96.85 -22.38 48.61
C LEU E 10 96.51 -21.03 49.25
N ARG E 11 96.07 -20.06 48.44
CA ARG E 11 95.65 -18.78 48.98
C ARG E 11 94.44 -18.91 49.89
N GLU E 12 93.47 -19.74 49.50
CA GLU E 12 92.23 -19.83 50.25
C GLU E 12 92.29 -20.89 51.35
N VAL E 13 93.20 -21.86 51.22
CA VAL E 13 93.29 -22.91 52.23
C VAL E 13 94.44 -22.59 53.18
N ASP E 14 95.62 -22.30 52.60
CA ASP E 14 96.84 -22.03 53.44
C ASP E 14 96.92 -20.53 53.75
N ALA E 15 96.33 -20.11 54.87
CA ALA E 15 96.29 -18.69 55.26
C ALA E 15 97.65 -18.17 55.71
N ASP E 16 98.56 -19.04 56.14
CA ASP E 16 99.86 -18.61 56.65
C ASP E 16 100.96 -18.64 55.60
N GLY E 17 100.73 -19.25 54.44
CA GLY E 17 101.77 -19.34 53.43
C GLY E 17 102.95 -20.25 53.68
N ASP E 18 102.84 -21.18 54.62
CA ASP E 18 103.90 -22.14 54.90
C ASP E 18 104.03 -23.27 53.86
N LEU E 19 103.03 -23.36 52.98
CA LEU E 19 103.03 -24.33 51.90
C LEU E 19 103.25 -23.52 50.63
N ILE E 20 103.87 -24.16 49.64
CA ILE E 20 104.26 -23.50 48.39
C ILE E 20 103.56 -24.23 47.24
N ALA E 21 102.91 -23.46 46.38
CA ALA E 21 102.20 -24.02 45.25
C ALA E 21 103.19 -24.54 44.20
N VAL E 22 102.83 -25.66 43.57
CA VAL E 22 103.67 -26.23 42.52
C VAL E 22 103.53 -25.39 41.25
N SER E 23 104.66 -25.02 40.66
CA SER E 23 104.65 -24.10 39.52
C SER E 23 104.02 -24.72 38.28
N ASN E 24 104.46 -25.92 37.90
CA ASN E 24 104.02 -26.53 36.65
C ASN E 24 103.95 -28.04 36.82
N LEU E 25 103.44 -28.72 35.79
CA LEU E 25 103.31 -30.17 35.83
C LEU E 25 104.72 -30.74 35.78
N ASN E 26 105.68 -30.01 35.20
CA ASN E 26 107.06 -30.47 35.19
C ASN E 26 107.56 -30.76 36.60
N ASP E 27 107.36 -29.77 37.49
CA ASP E 27 107.71 -29.95 38.90
C ASP E 27 106.87 -30.92 39.72
N SER E 28 105.68 -31.28 39.22
CA SER E 28 104.79 -32.18 39.94
C SER E 28 105.27 -33.62 40.03
N ASP E 29 106.22 -34.01 39.20
CA ASP E 29 106.76 -35.37 39.23
C ASP E 29 108.14 -35.42 39.84
N LYS E 30 108.74 -34.27 40.17
CA LYS E 30 110.03 -34.20 40.81
C LYS E 30 109.95 -34.08 42.32
N LEU E 31 108.92 -33.40 42.83
CA LEU E 31 108.76 -33.22 44.26
C LEU E 31 108.32 -34.50 44.94
N GLN E 32 109.17 -35.02 45.82
CA GLN E 32 108.86 -36.21 46.59
C GLN E 32 109.20 -35.96 48.05
N LEU E 33 108.74 -36.87 48.91
CA LEU E 33 108.93 -36.71 50.35
C LEU E 33 110.42 -36.81 50.63
N LEU E 34 110.91 -35.93 51.50
CA LEU E 34 112.32 -35.89 51.90
C LEU E 34 113.37 -35.83 50.79
N SER E 35 113.03 -35.15 49.70
CA SER E 35 114.04 -34.88 48.66
C SER E 35 114.44 -33.45 48.96
N LEU E 36 115.66 -33.08 48.59
CA LEU E 36 116.18 -31.76 48.90
C LEU E 36 115.90 -30.70 47.86
N VAL E 37 115.57 -29.49 48.31
CA VAL E 37 115.29 -28.37 47.44
C VAL E 37 116.13 -27.22 47.96
N THR E 38 116.27 -26.18 47.14
CA THR E 38 117.06 -25.01 47.49
C THR E 38 116.26 -23.77 47.11
N LYS E 39 116.17 -22.85 48.07
CA LYS E 39 115.47 -21.57 47.84
C LYS E 39 116.52 -20.44 47.81
N LYS E 40 116.45 -19.60 46.79
CA LYS E 40 117.38 -18.47 46.65
C LYS E 40 116.82 -17.25 47.36
N LYS E 41 117.53 -16.78 48.38
CA LYS E 41 117.09 -15.67 49.21
C LYS E 41 117.54 -14.31 48.66
N ARG E 42 118.17 -14.29 47.48
CA ARG E 42 118.57 -13.02 46.88
C ARG E 42 117.38 -12.12 46.61
N PHE E 43 116.25 -12.68 46.20
CA PHE E 43 115.05 -11.90 45.97
C PHE E 43 114.49 -11.38 47.29
N TRP E 44 113.83 -10.23 47.22
CA TRP E 44 113.30 -9.57 48.40
C TRP E 44 111.88 -10.09 48.67
N CYS E 45 111.15 -9.43 49.58
CA CYS E 45 109.77 -9.83 49.85
C CYS E 45 108.87 -9.55 48.66
N TRP E 46 109.35 -8.74 47.71
CA TRP E 46 108.58 -8.41 46.52
C TRP E 46 108.28 -9.64 45.67
N GLN E 47 109.24 -10.54 45.49
CA GLN E 47 109.02 -11.75 44.70
C GLN E 47 109.22 -12.98 45.58
N ARG E 48 108.60 -14.08 45.18
CA ARG E 48 108.74 -15.32 45.92
C ARG E 48 110.17 -15.83 45.81
N PRO E 49 110.69 -16.52 46.83
CA PRO E 49 112.03 -17.12 46.72
C PRO E 49 112.07 -18.13 45.58
N LYS E 50 113.21 -18.16 44.89
CA LYS E 50 113.40 -19.08 43.76
C LYS E 50 113.72 -20.46 44.30
N TYR E 51 112.83 -21.41 44.06
CA TYR E 51 112.98 -22.78 44.56
C TYR E 51 113.44 -23.69 43.43
N GLN E 52 114.53 -24.40 43.67
CA GLN E 52 115.11 -25.33 42.72
C GLN E 52 115.38 -26.66 43.42
N PHE E 53 115.12 -27.75 42.72
CA PHE E 53 115.14 -29.09 43.31
C PHE E 53 116.39 -29.83 42.86
N LEU E 54 117.15 -30.36 43.82
CA LEU E 54 118.27 -31.22 43.50
C LEU E 54 117.80 -32.63 43.22
N SER E 55 118.52 -33.32 42.34
CA SER E 55 118.16 -34.69 41.98
C SER E 55 118.45 -35.66 43.11
N LEU E 56 119.29 -35.25 44.05
CA LEU E 56 119.68 -36.09 45.16
C LEU E 56 118.64 -36.02 46.28
N THR E 57 118.75 -36.93 47.23
CA THR E 57 117.85 -36.97 48.39
C THR E 57 118.70 -36.92 49.66
N LEU E 58 118.03 -37.07 50.80
CA LEU E 58 118.74 -37.07 52.08
C LEU E 58 119.74 -38.21 52.16
N GLY E 59 119.29 -39.44 51.90
CA GLY E 59 120.19 -40.58 51.96
C GLY E 59 121.32 -40.48 50.95
N ASP E 60 121.12 -39.72 49.89
CA ASP E 60 122.18 -39.52 48.90
C ASP E 60 123.26 -38.60 49.43
N VAL E 61 122.94 -37.73 50.38
CA VAL E 61 123.88 -36.75 50.88
C VAL E 61 124.29 -36.98 52.34
N LEU E 62 123.65 -37.90 53.05
CA LEU E 62 124.08 -38.21 54.41
C LEU E 62 125.48 -38.83 54.39
N ILE E 63 125.60 -40.02 53.81
CA ILE E 63 126.86 -40.74 53.64
C ILE E 63 127.48 -41.10 54.99
N GLU E 64 127.57 -40.13 55.90
CA GLU E 64 128.25 -40.37 57.18
C GLU E 64 127.53 -41.41 58.03
N ASP E 65 126.20 -41.36 58.07
CA ASP E 65 125.42 -42.26 58.92
C ASP E 65 124.20 -42.77 58.16
N GLN E 66 123.63 -43.84 58.67
CA GLN E 66 122.53 -44.52 58.00
C GLN E 66 121.17 -43.80 57.95
N PHE E 67 120.40 -44.10 56.92
CA PHE E 67 119.09 -43.49 56.70
C PHE E 67 117.91 -43.76 57.61
N PRO E 68 117.44 -42.78 58.39
CA PRO E 68 116.33 -43.08 59.31
C PRO E 68 114.99 -43.29 58.65
N SER E 69 114.36 -44.44 58.90
CA SER E 69 113.18 -44.83 58.15
C SER E 69 112.11 -43.77 58.37
N PRO E 70 111.47 -43.26 57.33
CA PRO E 70 110.40 -42.28 57.55
C PRO E 70 109.08 -42.64 58.19
N VAL E 71 108.45 -41.66 58.83
CA VAL E 71 107.14 -41.85 59.45
C VAL E 71 106.13 -41.08 58.58
N VAL E 72 105.64 -41.74 57.54
CA VAL E 72 104.71 -41.11 56.61
C VAL E 72 103.30 -41.40 57.13
N VAL E 73 102.51 -40.35 57.30
CA VAL E 73 101.13 -40.46 57.75
C VAL E 73 100.27 -39.79 56.69
N GLU E 74 99.21 -40.51 56.28
CA GLU E 74 98.32 -39.99 55.21
C GLU E 74 97.05 -39.38 55.82
N SER E 75 96.77 -38.12 55.48
CA SER E 75 95.56 -37.43 55.92
C SER E 75 94.96 -36.72 54.72
N ASP E 76 93.63 -36.79 54.60
CA ASP E 76 92.92 -36.17 53.49
C ASP E 76 92.08 -35.01 54.01
N PHE E 77 91.98 -33.96 53.20
CA PHE E 77 91.24 -32.75 53.64
C PHE E 77 91.03 -31.82 52.47
N VAL E 78 90.15 -30.84 52.61
CA VAL E 78 90.02 -29.78 51.54
C VAL E 78 89.84 -30.42 50.15
N LYS E 79 88.84 -31.28 49.96
CA LYS E 79 88.67 -31.81 48.58
C LYS E 79 88.44 -30.58 47.70
N TYR E 80 87.65 -29.61 48.17
CA TYR E 80 87.55 -28.28 47.50
C TYR E 80 86.94 -28.23 46.10
N GLU E 81 86.72 -27.01 45.61
CA GLU E 81 86.15 -26.69 44.31
C GLU E 81 86.31 -25.19 44.12
N GLY E 82 86.99 -24.79 43.06
CA GLY E 82 87.30 -23.39 42.87
C GLY E 82 86.91 -22.85 41.50
N LYS E 83 86.15 -21.77 41.48
CA LYS E 83 85.80 -21.07 40.26
C LYS E 83 86.30 -19.64 40.35
N PHE E 84 87.01 -19.19 39.32
CA PHE E 84 87.69 -17.90 39.38
C PHE E 84 87.46 -17.16 38.06
N ALA E 85 86.52 -16.22 38.06
CA ALA E 85 86.24 -15.38 36.90
C ALA E 85 86.83 -13.99 37.13
N ASN E 86 87.96 -13.72 36.49
CA ASN E 86 88.71 -12.49 36.69
C ASN E 86 88.64 -11.64 35.43
N HIS E 87 88.22 -10.39 35.59
CA HIS E 87 88.16 -9.43 34.49
C HIS E 87 89.12 -8.28 34.79
N VAL E 88 90.08 -8.05 33.90
CA VAL E 88 91.05 -6.97 34.04
C VAL E 88 91.00 -6.13 32.77
N SER E 89 90.74 -4.84 32.93
CA SER E 89 90.72 -3.90 31.82
C SER E 89 91.56 -2.68 32.17
N GLY E 90 92.57 -2.40 31.35
CA GLY E 90 93.42 -1.26 31.58
C GLY E 90 93.70 -0.46 30.32
N THR E 91 93.33 0.81 30.32
CA THR E 91 93.50 1.68 29.16
C THR E 91 94.50 2.77 29.52
N LEU E 92 95.52 2.94 28.68
CA LEU E 92 96.54 3.96 28.87
C LEU E 92 96.43 4.92 27.69
N GLU E 93 96.27 6.20 27.99
CA GLU E 93 96.12 7.23 26.97
C GLU E 93 97.16 8.31 27.26
N THR E 94 98.10 8.49 26.33
CA THR E 94 99.18 9.45 26.49
C THR E 94 99.23 10.34 25.26
N ALA E 95 99.48 11.64 25.47
CA ALA E 95 99.55 12.61 24.38
C ALA E 95 100.64 13.62 24.76
N LEU E 96 101.74 13.60 24.01
CA LEU E 96 102.85 14.53 24.21
C LEU E 96 103.17 15.20 22.88
N GLY E 97 102.81 16.46 22.75
CA GLY E 97 103.18 17.24 21.58
C GLY E 97 102.73 16.59 20.29
N LYS E 98 103.70 16.20 19.46
CA LYS E 98 103.40 15.63 18.15
C LYS E 98 102.67 14.30 18.27
N VAL E 99 103.10 13.45 19.21
CA VAL E 99 102.64 12.07 19.29
C VAL E 99 101.44 11.93 20.21
N LYS E 100 100.34 11.43 19.66
CA LYS E 100 99.19 10.96 20.45
C LYS E 100 98.92 9.46 20.49
N LEU E 101 98.89 8.88 21.68
CA LEU E 101 98.83 7.43 21.84
C LEU E 101 97.58 7.06 22.63
N ASN E 102 96.77 6.17 22.06
CA ASN E 102 95.59 5.62 22.72
C ASN E 102 95.74 4.11 22.78
N LEU E 103 95.72 3.56 23.99
CA LEU E 103 95.88 2.13 24.22
C LEU E 103 94.76 1.61 25.10
N GLY E 104 94.14 0.51 24.68
CA GLY E 104 93.10 -0.12 25.48
C GLY E 104 93.26 -1.63 25.54
N GLY E 105 93.49 -2.17 26.73
CA GLY E 105 93.69 -3.59 26.89
C GLY E 105 92.70 -4.24 27.83
N SER E 106 91.89 -5.16 27.30
CA SER E 106 90.90 -5.88 28.09
C SER E 106 91.27 -7.35 28.16
N SER E 107 91.41 -7.87 29.38
CA SER E 107 91.78 -9.26 29.61
C SER E 107 90.75 -9.92 30.51
N ARG E 108 90.20 -11.05 30.04
CA ARG E 108 89.25 -11.84 30.81
C ARG E 108 89.80 -13.24 31.02
N VAL E 109 89.85 -13.67 32.27
CA VAL E 109 90.32 -15.00 32.63
C VAL E 109 89.25 -15.66 33.51
N GLU E 110 88.77 -16.81 33.08
CA GLU E 110 87.81 -17.60 33.84
C GLU E 110 88.46 -18.96 34.06
N SER E 111 89.15 -19.10 35.17
CA SER E 111 89.89 -20.31 35.49
C SER E 111 89.13 -21.11 36.53
N GLN E 112 88.50 -22.20 36.10
CA GLN E 112 87.84 -23.13 37.01
C GLN E 112 88.84 -24.17 37.48
N SER E 113 88.93 -24.35 38.80
CA SER E 113 89.89 -25.27 39.41
C SER E 113 89.10 -26.26 40.26
N SER E 114 88.64 -27.34 39.64
CA SER E 114 87.89 -28.38 40.32
C SER E 114 88.85 -29.49 40.70
N PHE E 115 88.91 -29.84 41.97
CA PHE E 115 89.83 -30.83 42.49
C PHE E 115 89.05 -31.86 43.30
N GLY E 116 89.59 -33.08 43.38
CA GLY E 116 89.00 -34.12 44.20
C GLY E 116 89.52 -34.11 45.62
N THR E 117 89.40 -35.26 46.28
CA THR E 117 89.87 -35.39 47.65
C THR E 117 91.39 -35.26 47.71
N LEU E 118 91.88 -34.19 48.32
CA LEU E 118 93.32 -33.97 48.40
C LEU E 118 93.87 -34.56 49.69
N ARG E 119 94.99 -35.27 49.56
CA ARG E 119 95.57 -35.96 50.72
C ARG E 119 96.94 -35.38 51.09
N LYS E 120 97.22 -35.34 52.39
CA LYS E 120 98.52 -34.81 52.89
C LYS E 120 99.40 -35.98 53.38
N GLN E 121 100.67 -35.96 53.03
CA GLN E 121 101.64 -36.97 53.42
C GLN E 121 102.81 -36.25 54.11
N GLU E 122 102.76 -36.20 55.44
CA GLU E 122 103.77 -35.53 56.23
C GLU E 122 104.72 -36.55 56.87
N VAL E 123 105.99 -36.21 56.91
CA VAL E 123 107.02 -37.07 57.50
C VAL E 123 107.22 -36.63 58.95
N ASP E 124 107.55 -37.60 59.81
CA ASP E 124 107.81 -37.33 61.23
C ASP E 124 108.90 -36.28 61.42
N LEU E 125 108.54 -35.15 62.02
CA LEU E 125 109.51 -34.09 62.26
C LEU E 125 110.62 -34.52 63.22
N GLN E 126 110.25 -35.35 64.20
CA GLN E 126 111.27 -35.90 65.11
C GLN E 126 112.31 -36.81 64.49
N GLN E 127 111.93 -37.64 63.51
CA GLN E 127 112.92 -38.35 62.72
C GLN E 127 113.83 -37.38 61.98
N LEU E 128 113.27 -36.23 61.58
CA LEU E 128 114.04 -35.26 60.81
C LEU E 128 115.14 -34.64 61.67
N ILE E 129 114.88 -34.46 62.96
CA ILE E 129 115.83 -33.76 63.82
C ILE E 129 116.88 -34.73 64.37
N ARG E 130 116.52 -36.00 64.53
CA ARG E 130 117.42 -36.94 65.21
C ARG E 130 118.73 -37.12 64.44
N ASP E 131 118.65 -37.40 63.13
CA ASP E 131 119.87 -37.57 62.34
C ASP E 131 120.62 -36.26 62.17
N SER E 132 119.88 -35.15 62.01
CA SER E 132 120.52 -33.86 61.76
C SER E 132 121.39 -33.39 62.92
N ALA E 133 120.91 -33.54 64.17
CA ALA E 133 121.68 -33.10 65.32
C ALA E 133 122.99 -33.87 65.50
N GLU E 134 123.12 -35.03 64.88
CA GLU E 134 124.33 -35.83 64.93
C GLU E 134 125.14 -35.61 63.66
N ARG E 135 126.39 -36.08 63.68
CA ARG E 135 127.29 -35.97 62.53
C ARG E 135 126.85 -37.01 61.49
N THR E 136 125.85 -36.61 60.69
CA THR E 136 125.24 -37.50 59.72
C THR E 136 125.43 -37.09 58.27
N ILE E 137 125.63 -35.79 58.00
CA ILE E 137 125.77 -35.29 56.64
C ILE E 137 127.23 -34.99 56.38
N ASN E 138 127.77 -35.53 55.29
CA ASN E 138 129.16 -35.28 54.94
C ASN E 138 129.35 -33.82 54.53
N LEU E 139 130.52 -33.27 54.85
CA LEU E 139 130.76 -31.86 54.59
C LEU E 139 130.98 -31.57 53.12
N ARG E 140 131.73 -32.43 52.43
CA ARG E 140 132.10 -32.22 51.04
C ARG E 140 131.41 -33.24 50.16
N ASN E 141 130.74 -32.76 49.12
CA ASN E 141 130.09 -33.59 48.11
C ASN E 141 130.45 -33.06 46.73
N PRO E 142 130.57 -33.95 45.74
CA PRO E 142 130.82 -33.46 44.37
C PRO E 142 129.71 -32.55 43.86
N VAL E 143 128.50 -32.75 44.37
CA VAL E 143 127.36 -31.86 43.98
C VAL E 143 127.11 -30.93 45.18
N LEU E 144 126.39 -29.81 44.98
CA LEU E 144 126.01 -28.85 46.06
C LEU E 144 127.13 -27.80 46.29
N GLN E 145 128.27 -27.96 45.63
CA GLN E 145 129.33 -26.93 45.74
C GLN E 145 128.81 -25.57 45.23
N GLN E 146 128.11 -25.59 44.10
CA GLN E 146 127.55 -24.35 43.50
C GLN E 146 126.54 -23.71 44.47
N VAL E 147 125.96 -24.49 45.38
CA VAL E 147 125.05 -23.94 46.37
C VAL E 147 125.81 -23.12 47.40
N LEU E 148 126.94 -23.65 47.88
CA LEU E 148 127.75 -22.90 48.83
C LEU E 148 128.33 -21.64 48.20
N GLU E 149 128.80 -21.73 46.96
CA GLU E 149 129.24 -20.57 46.20
C GLU E 149 128.02 -19.78 45.70
N GLY E 150 127.58 -18.84 46.53
CA GLY E 150 126.26 -18.29 46.35
C GLY E 150 125.53 -18.40 47.67
N ARG E 151 126.23 -18.17 48.79
CA ARG E 151 125.63 -18.35 50.14
C ARG E 151 124.12 -18.10 50.11
N ASN E 152 123.71 -16.89 49.72
CA ASN E 152 122.29 -16.58 49.52
C ASN E 152 121.21 -17.64 49.30
N GLU E 153 121.51 -18.66 48.50
CA GLU E 153 120.62 -19.80 48.34
C GLU E 153 121.05 -20.89 49.31
N VAL E 154 120.08 -21.49 50.01
CA VAL E 154 120.34 -22.47 51.05
C VAL E 154 119.53 -23.73 50.74
N LEU E 155 120.05 -24.87 51.20
CA LEU E 155 119.41 -26.16 50.98
C LEU E 155 118.29 -26.37 51.97
N CYS E 156 117.18 -26.96 51.49
CA CYS E 156 116.03 -27.28 52.32
C CYS E 156 115.65 -28.71 51.96
N VAL E 157 114.83 -29.30 52.84
CA VAL E 157 114.36 -30.70 52.63
C VAL E 157 112.83 -30.70 52.74
N LEU E 158 112.16 -31.33 51.78
CA LEU E 158 110.71 -31.41 51.78
C LEU E 158 110.21 -32.31 52.89
N THR E 159 109.16 -31.88 53.59
CA THR E 159 108.55 -32.63 54.66
C THR E 159 107.02 -32.74 54.64
N GLN E 160 106.36 -31.79 53.97
CA GLN E 160 104.89 -31.83 53.83
C GLN E 160 104.57 -31.88 52.33
N LYS E 161 103.51 -32.59 51.96
CA LYS E 161 103.15 -32.75 50.55
C LYS E 161 101.65 -32.98 50.47
N ILE E 162 100.98 -32.25 49.57
CA ILE E 162 99.56 -32.41 49.32
C ILE E 162 99.42 -33.04 47.93
N THR E 163 98.71 -34.17 47.87
CA THR E 163 98.57 -34.93 46.65
C THR E 163 97.09 -35.27 46.40
N THR E 164 96.67 -35.15 45.15
CA THR E 164 95.30 -35.47 44.77
C THR E 164 95.14 -36.94 44.44
N MET E 165 93.91 -37.44 44.56
CA MET E 165 93.60 -38.85 44.33
C MET E 165 92.65 -39.06 43.17
N GLN E 166 92.01 -38.01 42.66
CA GLN E 166 91.04 -38.12 41.60
C GLN E 166 91.47 -37.19 40.47
N LYS E 167 91.16 -37.63 39.24
CA LYS E 167 91.47 -36.80 38.06
C LYS E 167 90.87 -35.41 38.28
N CYS E 168 91.71 -34.39 38.23
CA CYS E 168 91.28 -33.02 38.47
C CYS E 168 91.01 -32.27 37.17
N VAL E 169 90.15 -31.28 37.25
CA VAL E 169 89.70 -30.50 36.10
C VAL E 169 90.15 -29.05 36.25
N ILE E 170 90.84 -28.54 35.25
CA ILE E 170 91.26 -27.14 35.22
C ILE E 170 90.79 -26.56 33.89
N SER E 171 89.57 -26.03 33.86
CA SER E 171 89.00 -25.45 32.65
C SER E 171 89.36 -23.97 32.62
N GLU E 172 90.36 -23.61 31.82
CA GLU E 172 90.86 -22.25 31.74
C GLU E 172 90.34 -21.58 30.48
N HIS E 173 89.69 -20.43 30.66
CA HIS E 173 89.28 -19.59 29.53
C HIS E 173 90.02 -18.27 29.66
N MET E 174 90.79 -17.92 28.63
CA MET E 174 91.62 -16.72 28.65
C MET E 174 91.32 -15.92 27.38
N GLN E 175 90.51 -14.88 27.51
CA GLN E 175 90.22 -13.96 26.42
C GLN E 175 91.04 -12.70 26.63
N VAL E 176 91.87 -12.35 25.66
CA VAL E 176 92.78 -11.21 25.75
C VAL E 176 92.48 -10.31 24.55
N GLU E 177 92.08 -9.08 24.81
CA GLU E 177 91.87 -8.09 23.76
C GLU E 177 92.74 -6.87 24.03
N GLU E 178 93.59 -6.53 23.08
CA GLU E 178 94.51 -5.40 23.20
C GLU E 178 94.37 -4.55 21.96
N LYS E 179 94.08 -3.26 22.16
CA LYS E 179 93.95 -2.30 21.07
C LYS E 179 94.98 -1.20 21.25
N CYS E 180 95.81 -1.00 20.24
CA CYS E 180 96.85 0.02 20.25
C CYS E 180 96.61 1.01 19.11
N GLY E 181 96.61 2.30 19.44
CA GLY E 181 96.41 3.32 18.43
C GLY E 181 97.33 4.51 18.60
N GLY E 182 98.05 4.87 17.54
CA GLY E 182 98.95 6.00 17.59
C GLY E 182 98.78 6.94 16.41
N ILE E 183 98.47 8.19 16.73
CA ILE E 183 98.35 9.25 15.67
C ILE E 183 99.57 10.16 15.87
N VAL E 184 100.36 10.35 14.81
CA VAL E 184 101.59 11.12 14.89
C VAL E 184 101.55 12.19 13.81
N GLY E 185 101.71 13.44 14.20
CA GLY E 185 101.76 14.56 13.27
C GLY E 185 103.00 15.42 13.43
N ILE E 186 103.82 15.50 12.39
CA ILE E 186 105.10 16.25 12.57
C ILE E 186 105.16 17.51 11.69
N GLN E 187 105.32 18.68 12.31
CA GLN E 187 105.45 19.98 11.64
C GLN E 187 106.76 20.36 10.90
N THR E 188 107.26 19.40 10.12
CA THR E 188 108.55 19.56 9.47
C THR E 188 108.78 20.70 8.49
N LYS E 189 110.03 21.13 8.35
CA LYS E 189 110.30 22.27 7.44
C LYS E 189 110.10 22.07 5.93
N THR E 190 109.00 22.58 5.36
CA THR E 190 108.67 22.45 3.91
C THR E 190 108.17 21.04 3.63
N VAL E 191 107.85 20.28 4.68
CA VAL E 191 107.32 18.90 4.51
C VAL E 191 106.14 18.71 5.48
N GLN E 192 104.91 18.68 4.98
CA GLN E 192 103.81 18.40 5.92
C GLN E 192 103.68 16.90 6.07
N VAL E 193 103.77 16.41 7.31
CA VAL E 193 103.81 14.98 7.58
C VAL E 193 102.58 14.57 8.38
N SER E 194 102.07 13.36 8.12
CA SER E 194 100.96 12.81 8.88
C SER E 194 101.04 11.29 8.91
N ALA E 195 101.38 10.72 10.07
CA ALA E 195 101.59 9.28 10.21
C ALA E 195 100.64 8.75 11.26
N THR E 196 99.87 7.73 10.90
CA THR E 196 98.92 7.08 11.80
C THR E 196 99.17 5.59 11.79
N GLU E 197 99.25 5.01 12.99
CA GLU E 197 99.43 3.54 13.13
C GLU E 197 98.38 2.99 14.10
N ASP E 198 97.59 2.01 13.65
CA ASP E 198 96.54 1.41 14.45
C ASP E 198 96.81 -0.09 14.56
N GLY E 199 96.87 -0.60 15.78
CA GLY E 199 97.09 -2.01 16.00
C GLY E 199 96.05 -2.65 16.89
N ASN E 200 95.26 -3.55 16.33
CA ASN E 200 94.21 -4.27 17.06
C ASN E 200 94.62 -5.72 17.16
N VAL E 201 94.72 -6.23 18.38
CA VAL E 201 95.06 -7.62 18.63
C VAL E 201 93.97 -8.23 19.51
N THR E 202 93.35 -9.31 19.03
CA THR E 202 92.35 -10.04 19.78
C THR E 202 92.80 -11.50 19.85
N LYS E 203 93.01 -11.99 21.07
CA LYS E 203 93.50 -13.35 21.29
C LYS E 203 92.57 -14.08 22.24
N ASP E 204 92.24 -15.32 21.88
CA ASP E 204 91.39 -16.18 22.69
C ASP E 204 92.10 -17.50 22.90
N SER E 205 92.03 -18.03 24.14
CA SER E 205 92.63 -19.31 24.48
C SER E 205 91.63 -20.10 25.32
N ASN E 206 90.76 -20.84 24.65
CA ASN E 206 89.80 -21.71 25.33
C ASN E 206 90.46 -23.07 25.55
N VAL E 207 91.09 -23.24 26.71
CA VAL E 207 91.83 -24.47 27.00
C VAL E 207 91.21 -25.21 28.18
N VAL E 208 90.65 -26.39 27.92
CA VAL E 208 90.16 -27.27 28.98
C VAL E 208 91.11 -28.46 29.06
N LEU E 209 91.91 -28.51 30.12
CA LEU E 209 92.90 -29.57 30.31
C LEU E 209 92.63 -30.28 31.62
N GLU E 210 92.76 -31.60 31.57
CA GLU E 210 92.52 -32.42 32.78
C GLU E 210 93.85 -32.62 33.52
N ILE E 211 93.78 -32.99 34.78
CA ILE E 211 94.94 -33.23 35.62
C ILE E 211 94.83 -34.65 36.18
N PRO E 212 95.85 -35.48 36.05
CA PRO E 212 95.76 -36.85 36.56
C PRO E 212 95.89 -36.90 38.07
N ALA E 213 95.53 -38.06 38.61
CA ALA E 213 95.71 -38.29 40.04
C ALA E 213 97.20 -38.44 40.36
N ALA E 214 97.51 -38.37 41.66
CA ALA E 214 98.84 -38.51 42.25
C ALA E 214 99.76 -37.34 41.95
N THR E 215 99.20 -36.28 41.34
CA THR E 215 100.01 -35.08 41.04
C THR E 215 100.30 -34.32 42.32
N THR E 216 101.42 -33.59 42.37
CA THR E 216 101.72 -32.78 43.55
C THR E 216 101.07 -31.41 43.42
N ILE E 217 100.32 -31.02 44.45
CA ILE E 217 99.63 -29.74 44.47
C ILE E 217 100.38 -28.71 45.31
N ALA E 218 100.84 -29.11 46.50
CA ALA E 218 101.56 -28.22 47.38
C ALA E 218 102.63 -29.00 48.12
N TYR E 219 103.63 -28.27 48.60
CA TYR E 219 104.73 -28.88 49.34
C TYR E 219 105.31 -27.87 50.31
N GLY E 220 105.61 -28.32 51.52
CA GLY E 220 106.25 -27.50 52.53
C GLY E 220 107.61 -28.07 52.88
N VAL E 221 108.58 -27.19 53.10
CA VAL E 221 109.97 -27.59 53.32
C VAL E 221 110.29 -26.91 54.64
N ILE E 222 111.27 -27.48 55.34
CA ILE E 222 111.83 -26.72 56.50
C ILE E 222 113.32 -26.64 56.14
N GLU E 223 113.94 -25.49 56.39
CA GLU E 223 115.29 -25.22 55.95
C GLU E 223 116.41 -25.88 56.74
N LEU E 224 117.59 -25.96 56.11
CA LEU E 224 118.74 -26.64 56.74
C LEU E 224 119.79 -25.63 57.16
N TYR E 225 120.09 -25.58 58.46
CA TYR E 225 121.15 -24.72 58.99
C TYR E 225 122.51 -25.25 58.53
N VAL E 226 123.21 -24.47 57.71
CA VAL E 226 124.48 -24.89 57.14
C VAL E 226 125.60 -23.99 57.63
N LYS E 227 126.54 -24.55 58.37
CA LYS E 227 127.78 -23.86 58.70
C LYS E 227 128.93 -24.57 58.00
N LEU E 228 129.75 -23.78 57.30
CA LEU E 228 130.84 -24.38 56.48
C LEU E 228 131.82 -25.14 57.39
N ASP E 229 131.76 -24.91 58.70
CA ASP E 229 132.63 -25.69 59.63
C ASP E 229 132.23 -27.16 59.53
N GLY E 230 130.92 -27.44 59.44
CA GLY E 230 130.46 -28.84 59.27
C GLY E 230 129.30 -29.16 60.17
N GLN E 231 128.81 -28.17 60.91
CA GLN E 231 127.69 -28.40 61.83
C GLN E 231 126.38 -28.12 61.11
N PHE E 232 125.48 -29.10 61.13
CA PHE E 232 124.20 -29.00 60.44
C PHE E 232 123.08 -29.41 61.38
N GLU E 233 121.92 -28.77 61.22
CA GLU E 233 120.73 -29.06 62.00
C GLU E 233 119.48 -28.64 61.23
N PHE E 234 118.55 -29.57 61.06
CA PHE E 234 117.26 -29.25 60.43
C PHE E 234 116.34 -28.60 61.46
N CYS E 235 116.26 -27.27 61.43
CA CYS E 235 115.53 -26.51 62.44
C CYS E 235 114.29 -25.88 61.82
N LEU E 236 113.17 -25.91 62.54
CA LEU E 236 111.89 -25.41 61.97
C LEU E 236 111.58 -23.93 62.33
N LEU E 237 112.42 -23.31 63.16
CA LEU E 237 112.14 -21.94 63.59
C LEU E 237 113.11 -20.98 62.92
N ARG E 238 112.78 -19.69 62.95
CA ARG E 238 113.57 -18.65 62.29
C ARG E 238 114.96 -18.42 62.88
N GLY E 239 115.23 -18.98 64.05
CA GLY E 239 116.46 -18.74 64.76
C GLY E 239 117.74 -19.04 63.98
N LYS E 240 118.03 -20.28 63.74
CA LYS E 240 119.28 -20.67 63.06
C LYS E 240 118.99 -21.68 61.93
N GLN E 241 118.55 -21.19 60.77
CA GLN E 241 118.36 -22.04 59.59
C GLN E 241 118.82 -21.33 58.32
N GLY E 242 119.35 -20.12 58.46
CA GLY E 242 119.66 -19.29 57.30
C GLY E 242 120.92 -19.68 56.57
N GLY E 243 121.81 -20.44 57.21
CA GLY E 243 123.09 -20.75 56.62
C GLY E 243 124.14 -19.79 57.14
N PHE E 244 125.29 -20.31 57.56
CA PHE E 244 126.33 -19.51 58.18
C PHE E 244 127.68 -19.98 57.66
N GLU E 245 128.72 -19.17 57.84
CA GLU E 245 130.05 -19.53 57.30
C GLU E 245 130.97 -20.10 58.39
N MET F 1 86.56 -19.32 53.48
CA MET F 1 87.98 -19.48 53.81
C MET F 1 88.12 -19.92 55.26
N PHE F 2 89.03 -20.86 55.51
CA PHE F 2 89.12 -21.49 56.82
C PHE F 2 89.50 -20.49 57.91
N ALA F 3 90.37 -19.53 57.57
CA ALA F 3 90.82 -18.54 58.55
C ALA F 3 89.65 -17.70 59.06
N LYS F 4 88.78 -17.27 58.14
CA LYS F 4 87.63 -16.46 58.54
C LYS F 4 86.58 -17.31 59.24
N ALA F 5 86.40 -18.55 58.80
CA ALA F 5 85.37 -19.40 59.36
C ALA F 5 85.49 -19.68 60.85
N THR F 6 86.70 -20.01 61.32
CA THR F 6 86.89 -20.23 62.74
C THR F 6 87.05 -18.93 63.55
N ARG F 7 87.47 -17.87 62.87
CA ARG F 7 87.58 -16.56 63.55
C ARG F 7 86.14 -16.15 63.94
N ASN F 8 85.22 -16.17 62.98
CA ASN F 8 83.82 -15.78 63.24
C ASN F 8 83.24 -16.72 64.30
N PHE F 9 83.49 -18.03 64.17
CA PHE F 9 83.01 -19.01 65.16
C PHE F 9 83.42 -18.62 66.57
N LEU F 10 84.74 -18.56 66.82
CA LEU F 10 85.21 -18.27 68.16
C LEU F 10 84.73 -16.90 68.66
N ARG F 11 84.46 -15.98 67.73
CA ARG F 11 83.92 -14.68 68.12
C ARG F 11 82.55 -14.79 68.78
N GLU F 12 81.70 -15.66 68.24
CA GLU F 12 80.33 -15.74 68.72
C GLU F 12 80.18 -16.75 69.85
N VAL F 13 81.10 -17.70 69.96
CA VAL F 13 80.99 -18.70 71.02
C VAL F 13 81.93 -18.32 72.16
N ASP F 14 83.20 -18.03 71.82
CA ASP F 14 84.21 -17.70 72.86
C ASP F 14 84.22 -16.19 73.12
N ALA F 15 83.41 -15.73 74.08
CA ALA F 15 83.28 -14.30 74.37
C ALA F 15 84.51 -13.73 75.08
N ASP F 16 85.33 -14.56 75.71
CA ASP F 16 86.49 -14.09 76.45
C ASP F 16 87.79 -14.14 75.65
N GLY F 17 87.79 -14.81 74.50
CA GLY F 17 89.02 -14.92 73.73
C GLY F 17 90.13 -15.80 74.25
N ASP F 18 89.85 -16.68 75.20
CA ASP F 18 90.84 -17.61 75.74
C ASP F 18 91.18 -18.78 74.79
N LEU F 19 90.40 -18.93 73.73
CA LEU F 19 90.61 -19.95 72.72
C LEU F 19 91.08 -19.19 71.48
N ILE F 20 91.90 -19.86 70.68
CA ILE F 20 92.52 -19.26 69.50
C ILE F 20 92.09 -20.05 68.28
N ALA F 21 91.60 -19.33 67.26
CA ALA F 21 91.15 -19.96 66.03
C ALA F 21 92.33 -20.51 65.23
N VAL F 22 92.13 -21.66 64.60
CA VAL F 22 93.16 -22.26 63.77
C VAL F 22 93.27 -21.48 62.45
N SER F 23 94.49 -21.11 62.10
CA SER F 23 94.71 -20.25 60.94
C SER F 23 94.35 -20.94 59.63
N ASN F 24 94.86 -22.14 59.40
CA ASN F 24 94.69 -22.82 58.11
C ASN F 24 94.60 -24.32 58.34
N LEU F 25 94.31 -25.05 57.25
CA LEU F 25 94.20 -26.50 57.34
C LEU F 25 95.60 -27.05 57.61
N ASN F 26 96.63 -26.33 57.19
CA ASN F 26 98.00 -26.77 57.48
C ASN F 26 98.22 -26.98 58.99
N ASP F 27 97.82 -25.95 59.77
CA ASP F 27 97.88 -26.06 61.22
C ASP F 27 96.90 -27.01 61.90
N SER F 28 95.85 -27.42 61.19
CA SER F 28 94.83 -28.29 61.76
C SER F 28 95.30 -29.72 62.02
N ASP F 29 96.41 -30.14 61.41
CA ASP F 29 96.94 -31.48 61.61
C ASP F 29 98.18 -31.47 62.50
N LYS F 30 98.67 -30.30 62.88
CA LYS F 30 99.82 -30.18 63.77
C LYS F 30 99.43 -29.98 65.22
N LEU F 31 98.30 -29.31 65.47
CA LEU F 31 97.86 -29.06 66.84
C LEU F 31 97.29 -30.32 67.48
N GLN F 32 97.97 -30.80 68.53
CA GLN F 32 97.52 -31.95 69.28
C GLN F 32 97.55 -31.62 70.77
N LEU F 33 96.93 -32.50 71.56
CA LEU F 33 96.82 -32.27 73.00
C LEU F 33 98.23 -32.33 73.57
N LEU F 34 98.53 -31.40 74.49
CA LEU F 34 99.82 -31.31 75.16
C LEU F 34 101.07 -31.29 74.28
N SER F 35 100.97 -30.67 73.11
CA SER F 35 102.15 -30.42 72.29
C SER F 35 102.47 -28.97 72.59
N LEU F 36 103.73 -28.60 72.46
CA LEU F 36 104.17 -27.24 72.81
C LEU F 36 104.09 -26.25 71.68
N VAL F 37 103.67 -25.03 71.99
CA VAL F 37 103.55 -23.95 71.03
C VAL F 37 104.26 -22.76 71.66
N THR F 38 104.56 -21.75 70.83
CA THR F 38 105.25 -20.56 71.27
C THR F 38 104.54 -19.35 70.67
N LYS F 39 104.24 -18.39 71.56
CA LYS F 39 103.59 -17.14 71.13
C LYS F 39 104.61 -15.99 71.25
N LYS F 40 104.75 -15.20 70.20
CA LYS F 40 105.67 -14.06 70.20
C LYS F 40 104.96 -12.82 70.72
N LYS F 41 105.45 -12.29 71.84
CA LYS F 41 104.84 -11.15 72.50
C LYS F 41 105.38 -9.81 72.00
N ARG F 42 106.23 -9.82 70.98
CA ARG F 42 106.74 -8.58 70.41
C ARG F 42 105.61 -7.71 69.86
N PHE F 43 104.60 -8.32 69.25
CA PHE F 43 103.46 -7.57 68.75
C PHE F 43 102.64 -7.00 69.90
N TRP F 44 102.00 -5.87 69.64
CA TRP F 44 101.23 -5.17 70.66
C TRP F 44 99.79 -5.70 70.66
N CYS F 45 98.89 -5.02 71.37
CA CYS F 45 97.49 -5.42 71.39
C CYS F 45 96.84 -5.22 70.02
N TRP F 46 97.49 -4.44 69.15
CA TRP F 46 96.98 -4.19 67.82
C TRP F 46 96.87 -5.46 66.98
N GLN F 47 97.86 -6.35 67.04
CA GLN F 47 97.82 -7.60 66.28
C GLN F 47 97.85 -8.78 67.24
N ARG F 48 97.33 -9.91 66.78
CA ARG F 48 97.32 -11.11 67.60
C ARG F 48 98.76 -11.60 67.80
N PRO F 49 99.06 -12.23 68.94
CA PRO F 49 100.40 -12.81 69.12
C PRO F 49 100.70 -13.87 68.07
N LYS F 50 101.95 -13.91 67.62
CA LYS F 50 102.36 -14.87 66.60
C LYS F 50 102.58 -16.22 67.26
N TYR F 51 101.77 -17.20 66.90
CA TYR F 51 101.82 -18.54 67.48
C TYR F 51 102.52 -19.49 66.51
N GLN F 52 103.55 -20.17 67.00
CA GLN F 52 104.31 -21.13 66.22
C GLN F 52 104.44 -22.42 67.03
N PHE F 53 104.34 -23.55 66.35
CA PHE F 53 104.26 -24.86 66.99
C PHE F 53 105.58 -25.59 66.83
N LEU F 54 106.13 -26.05 67.95
CA LEU F 54 107.31 -26.91 67.92
C LEU F 54 106.91 -28.34 67.62
N SER F 55 107.81 -29.07 66.93
CA SER F 55 107.54 -30.45 66.57
C SER F 55 107.60 -31.36 67.78
N LEU F 56 108.23 -30.90 68.86
CA LEU F 56 108.40 -31.68 70.06
C LEU F 56 107.15 -31.58 70.93
N THR F 57 107.07 -32.44 71.94
CA THR F 57 105.96 -32.45 72.89
C THR F 57 106.53 -32.32 74.30
N LEU F 58 105.65 -32.44 75.29
CA LEU F 58 106.09 -32.36 76.69
C LEU F 58 107.07 -33.48 77.02
N GLY F 59 106.69 -34.73 76.73
CA GLY F 59 107.56 -35.84 77.03
C GLY F 59 108.87 -35.77 76.26
N ASP F 60 108.88 -35.06 75.15
CA ASP F 60 110.11 -34.89 74.39
C ASP F 60 111.07 -33.92 75.08
N VAL F 61 110.54 -33.01 75.91
CA VAL F 61 111.36 -31.99 76.54
C VAL F 61 111.47 -32.16 78.05
N LEU F 62 110.70 -33.06 78.67
CA LEU F 62 110.85 -33.30 80.10
C LEU F 62 112.24 -33.88 80.39
N ILE F 63 112.48 -35.10 79.90
CA ILE F 63 113.76 -35.80 80.03
C ILE F 63 114.09 -36.09 81.49
N GLU F 64 113.99 -35.07 82.36
CA GLU F 64 114.40 -35.24 83.75
C GLU F 64 113.53 -36.25 84.48
N ASP F 65 112.22 -36.23 84.26
CA ASP F 65 111.30 -37.11 84.98
C ASP F 65 110.26 -37.67 84.02
N GLN F 66 109.60 -38.74 84.45
CA GLN F 66 108.67 -39.46 83.60
C GLN F 66 107.35 -38.77 83.25
N PHE F 67 106.81 -39.13 82.09
CA PHE F 67 105.56 -38.56 81.58
C PHE F 67 104.21 -38.81 82.25
N PRO F 68 103.59 -37.80 82.87
CA PRO F 68 102.32 -38.09 83.57
C PRO F 68 101.15 -38.35 82.66
N SER F 69 100.49 -39.50 82.84
CA SER F 69 99.49 -39.94 81.87
C SER F 69 98.38 -38.90 81.83
N PRO F 70 97.96 -38.45 80.64
CA PRO F 70 96.86 -37.48 80.60
C PRO F 70 95.46 -37.84 80.99
N VAL F 71 94.69 -36.84 81.44
CA VAL F 71 93.28 -37.03 81.78
C VAL F 71 92.46 -36.32 80.70
N VAL F 72 92.20 -37.03 79.61
CA VAL F 72 91.48 -36.47 78.48
C VAL F 72 89.99 -36.76 78.71
N VAL F 73 89.17 -35.70 78.67
CA VAL F 73 87.72 -35.83 78.85
C VAL F 73 87.09 -35.23 77.60
N GLU F 74 86.14 -35.98 77.03
CA GLU F 74 85.49 -35.53 75.77
C GLU F 74 84.11 -34.92 76.07
N SER F 75 83.90 -33.68 75.63
CA SER F 75 82.62 -33.00 75.78
C SER F 75 82.26 -32.34 74.45
N ASP F 76 80.99 -32.46 74.06
CA ASP F 76 80.50 -31.90 72.81
C ASP F 76 79.57 -30.73 73.09
N PHE F 77 79.62 -29.72 72.23
CA PHE F 77 78.80 -28.51 72.46
C PHE F 77 78.83 -27.64 71.22
N VAL F 78 77.93 -26.67 71.14
CA VAL F 78 78.00 -25.67 70.02
C VAL F 78 78.11 -26.37 68.64
N LYS F 79 77.18 -27.26 68.30
CA LYS F 79 77.30 -27.85 66.95
C LYS F 79 77.24 -26.66 65.98
N TYR F 80 76.36 -25.69 66.23
CA TYR F 80 76.39 -24.39 65.49
C TYR F 80 76.07 -24.42 63.99
N GLU F 81 75.95 -23.23 63.41
CA GLU F 81 75.65 -22.97 62.01
C GLU F 81 75.82 -21.48 61.79
N GLY F 82 76.71 -21.12 60.86
CA GLY F 82 77.03 -19.72 60.67
C GLY F 82 76.93 -19.26 59.23
N LYS F 83 76.16 -18.19 59.00
CA LYS F 83 76.06 -17.55 57.71
C LYS F 83 76.52 -16.12 57.83
N PHE F 84 77.42 -15.70 56.94
CA PHE F 84 78.06 -14.39 57.07
C PHE F 84 78.09 -13.71 55.70
N ALA F 85 77.16 -12.79 55.47
CA ALA F 85 77.12 -12.02 54.24
C ALA F 85 77.64 -10.61 54.52
N ASN F 86 78.87 -10.35 54.10
CA ASN F 86 79.55 -9.09 54.39
C ASN F 86 79.73 -8.30 53.11
N HIS F 87 79.29 -7.06 53.11
CA HIS F 87 79.43 -6.14 51.97
C HIS F 87 80.29 -4.96 52.40
N VAL F 88 81.41 -4.76 51.72
CA VAL F 88 82.33 -3.65 52.00
C VAL F 88 82.53 -2.88 50.71
N SER F 89 82.23 -1.58 50.74
CA SER F 89 82.42 -0.70 49.61
C SER F 89 83.17 0.55 50.07
N GLY F 90 84.32 0.82 49.45
CA GLY F 90 85.09 1.99 49.79
C GLY F 90 85.61 2.73 48.57
N THR F 91 85.25 4.00 48.44
CA THR F 91 85.63 4.81 47.29
C THR F 91 86.53 5.94 47.80
N LEU F 92 87.69 6.09 47.18
CA LEU F 92 88.64 7.14 47.52
C LEU F 92 88.77 8.04 46.30
N GLU F 93 88.53 9.33 46.50
CA GLU F 93 88.59 10.31 45.42
C GLU F 93 89.53 11.42 45.87
N THR F 94 90.64 11.58 45.14
CA THR F 94 91.66 12.57 45.46
C THR F 94 91.95 13.40 44.22
N ALA F 95 92.13 14.71 44.42
CA ALA F 95 92.41 15.63 43.32
C ALA F 95 93.39 16.68 43.86
N LEU F 96 94.63 16.64 43.34
CA LEU F 96 95.65 17.61 43.72
C LEU F 96 96.24 18.21 42.45
N GLY F 97 95.90 19.48 42.20
CA GLY F 97 96.49 20.20 41.09
C GLY F 97 96.31 19.48 39.76
N LYS F 98 97.44 19.08 39.17
CA LYS F 98 97.42 18.44 37.86
C LYS F 98 96.70 17.10 37.89
N VAL F 99 96.94 16.31 38.93
CA VAL F 99 96.48 14.92 38.99
C VAL F 99 95.11 14.80 39.66
N LYS F 100 94.15 14.26 38.93
CA LYS F 100 92.88 13.80 39.48
C LYS F 100 92.62 12.30 39.53
N LEU F 101 92.35 11.77 40.72
CA LEU F 101 92.27 10.33 40.95
C LEU F 101 90.89 9.97 41.48
N ASN F 102 90.23 9.04 40.80
CA ASN F 102 88.94 8.51 41.24
C ASN F 102 89.09 6.99 41.40
N LEU F 103 88.82 6.50 42.60
CA LEU F 103 88.96 5.08 42.92
C LEU F 103 87.69 4.58 43.59
N GLY F 104 87.17 3.45 43.11
CA GLY F 104 86.01 2.84 43.71
C GLY F 104 86.16 1.34 43.87
N GLY F 105 86.15 0.86 45.11
CA GLY F 105 86.32 -0.55 45.37
C GLY F 105 85.17 -1.17 46.12
N SER F 106 84.50 -2.13 45.50
CA SER F 106 83.37 -2.84 46.09
C SER F 106 83.75 -4.30 46.31
N SER F 107 83.63 -4.76 47.56
CA SER F 107 83.96 -6.13 47.93
C SER F 107 82.77 -6.77 48.62
N ARG F 108 82.35 -7.93 48.11
CA ARG F 108 81.27 -8.70 48.71
C ARG F 108 81.77 -10.07 49.09
N VAL F 109 81.58 -10.45 50.35
CA VAL F 109 81.98 -11.75 50.86
C VAL F 109 80.76 -12.38 51.53
N GLU F 110 80.38 -13.57 51.08
CA GLU F 110 79.29 -14.34 51.66
C GLU F 110 79.90 -15.68 52.07
N SER F 111 80.35 -15.76 53.32
CA SER F 111 81.03 -16.94 53.82
C SER F 111 80.08 -17.70 54.74
N GLN F 112 79.57 -18.82 54.23
CA GLN F 112 78.73 -19.72 55.04
C GLN F 112 79.63 -20.72 55.75
N SER F 113 79.46 -20.83 57.07
CA SER F 113 80.28 -21.71 57.90
C SER F 113 79.35 -22.67 58.63
N SER F 114 79.04 -23.79 57.97
CA SER F 114 78.16 -24.81 58.54
C SER F 114 79.05 -25.89 59.15
N PHE F 115 78.85 -26.17 60.43
CA PHE F 115 79.65 -27.13 61.17
C PHE F 115 78.74 -28.13 61.85
N GLY F 116 79.27 -29.34 62.10
CA GLY F 116 78.53 -30.35 62.83
C GLY F 116 78.74 -30.26 64.33
N THR F 117 78.50 -31.38 65.00
CA THR F 117 78.70 -31.45 66.45
C THR F 117 80.18 -31.29 66.80
N LEU F 118 80.52 -30.18 67.45
CA LEU F 118 81.91 -29.93 67.81
C LEU F 118 82.19 -30.45 69.22
N ARG F 119 83.32 -31.13 69.34
CA ARG F 119 83.66 -31.77 70.63
C ARG F 119 84.92 -31.14 71.24
N LYS F 120 84.94 -31.04 72.57
CA LYS F 120 86.11 -30.47 73.29
C LYS F 120 86.86 -31.59 74.00
N GLN F 121 88.19 -31.56 73.92
CA GLN F 121 89.08 -32.53 74.54
C GLN F 121 90.07 -31.76 75.42
N GLU F 122 89.75 -31.65 76.70
CA GLU F 122 90.58 -30.93 77.65
C GLU F 122 91.38 -31.90 78.51
N VAL F 123 92.62 -31.53 78.80
CA VAL F 123 93.51 -32.34 79.62
C VAL F 123 93.42 -31.83 81.06
N ASP F 124 93.57 -32.76 82.01
CA ASP F 124 93.54 -32.42 83.43
C ASP F 124 94.55 -31.34 83.81
N LEU F 125 94.06 -30.19 84.26
CA LEU F 125 94.95 -29.10 84.64
C LEU F 125 95.85 -29.47 85.83
N GLN F 126 95.30 -30.26 86.75
CA GLN F 126 96.11 -30.74 87.87
C GLN F 126 97.28 -31.67 87.51
N GLN F 127 97.10 -32.54 86.52
CA GLN F 127 98.25 -33.28 85.99
C GLN F 127 99.27 -32.32 85.39
N LEU F 128 98.80 -31.20 84.84
CA LEU F 128 99.69 -30.25 84.20
C LEU F 128 100.60 -29.57 85.23
N ILE F 129 100.08 -29.34 86.42
CA ILE F 129 100.84 -28.58 87.43
C ILE F 129 101.76 -29.49 88.22
N ARG F 130 101.38 -30.77 88.37
CA ARG F 130 102.14 -31.67 89.26
C ARG F 130 103.58 -31.85 88.78
N ASP F 131 103.76 -32.19 87.50
CA ASP F 131 105.11 -32.38 86.98
C ASP F 131 105.88 -31.06 86.90
N SER F 132 105.18 -29.97 86.54
CA SER F 132 105.83 -28.69 86.36
C SER F 132 106.44 -28.15 87.66
N ALA F 133 105.73 -28.24 88.78
CA ALA F 133 106.25 -27.74 90.05
C ALA F 133 107.49 -28.47 90.52
N GLU F 134 107.76 -29.66 90.00
CA GLU F 134 108.96 -30.43 90.33
C GLU F 134 110.00 -30.26 89.23
N ARG F 135 111.22 -30.70 89.53
CA ARG F 135 112.32 -30.63 88.57
C ARG F 135 112.12 -31.72 87.53
N THR F 136 111.31 -31.37 86.52
CA THR F 136 110.90 -32.33 85.49
C THR F 136 111.38 -31.96 84.09
N ILE F 137 111.62 -30.69 83.81
CA ILE F 137 112.02 -30.24 82.48
C ILE F 137 113.52 -29.92 82.52
N ASN F 138 114.27 -30.50 81.57
CA ASN F 138 115.69 -30.24 81.50
C ASN F 138 115.94 -28.80 81.06
N LEU F 139 117.03 -28.21 81.58
CA LEU F 139 117.29 -26.81 81.32
C LEU F 139 117.80 -26.59 79.90
N ARG F 140 118.68 -27.46 79.42
CA ARG F 140 119.34 -27.31 78.13
C ARG F 140 118.84 -28.38 77.18
N ASN F 141 118.39 -27.96 76.00
CA ASN F 141 117.96 -28.84 74.93
C ASN F 141 118.61 -28.38 73.62
N PRO F 142 118.93 -29.31 72.72
CA PRO F 142 119.44 -28.87 71.40
C PRO F 142 118.44 -28.01 70.64
N VAL F 143 117.15 -28.21 70.90
CA VAL F 143 116.11 -27.35 70.26
C VAL F 143 115.62 -26.38 71.33
N LEU F 144 114.95 -25.29 70.93
CA LEU F 144 114.35 -24.29 71.87
C LEU F 144 115.37 -23.20 72.27
N GLN F 145 116.63 -23.37 71.87
CA GLN F 145 117.64 -22.31 72.13
C GLN F 145 117.23 -20.99 71.46
N GLN F 146 116.76 -21.07 70.21
CA GLN F 146 116.32 -19.87 69.46
C GLN F 146 115.14 -19.21 70.17
N VAL F 147 114.39 -19.97 70.98
CA VAL F 147 113.29 -19.38 71.74
C VAL F 147 113.82 -18.51 72.86
N LEU F 148 114.84 -18.99 73.58
CA LEU F 148 115.43 -18.18 74.65
C LEU F 148 116.12 -16.94 74.08
N GLU F 149 116.82 -17.08 72.96
CA GLU F 149 117.41 -15.94 72.25
C GLU F 149 116.30 -15.21 71.48
N GLY F 150 115.69 -14.24 72.16
CA GLY F 150 114.43 -13.72 71.70
C GLY F 150 113.44 -13.79 72.85
N ARG F 151 113.90 -13.49 74.07
CA ARG F 151 113.04 -13.62 75.27
C ARG F 151 111.57 -13.39 74.92
N ASN F 152 111.23 -12.22 74.41
CA ASN F 152 109.89 -11.94 73.91
C ASN F 152 108.89 -13.03 73.53
N GLU F 153 109.34 -14.08 72.85
CA GLU F 153 108.52 -15.25 72.58
C GLU F 153 108.75 -16.28 73.67
N VAL F 154 107.66 -16.87 74.18
CA VAL F 154 107.72 -17.80 75.30
C VAL F 154 107.00 -19.08 74.90
N LEU F 155 107.43 -20.19 75.51
CA LEU F 155 106.87 -21.50 75.21
C LEU F 155 105.55 -21.69 75.97
N CYS F 156 104.58 -22.32 75.30
CA CYS F 156 103.29 -22.63 75.90
C CYS F 156 103.00 -24.08 75.54
N VAL F 157 102.02 -24.64 76.27
CA VAL F 157 101.63 -26.06 76.03
C VAL F 157 100.11 -26.08 75.83
N LEU F 158 99.65 -26.77 74.79
CA LEU F 158 98.23 -26.87 74.50
C LEU F 158 97.53 -27.74 75.53
N THR F 159 96.35 -27.29 75.98
CA THR F 159 95.54 -28.01 76.94
C THR F 159 94.04 -28.15 76.62
N GLN F 160 93.54 -27.24 75.78
CA GLN F 160 92.12 -27.32 75.35
C GLN F 160 92.11 -27.44 73.83
N LYS F 161 91.15 -28.19 73.28
CA LYS F 161 91.08 -28.42 71.84
C LYS F 161 89.63 -28.69 71.46
N ILE F 162 89.16 -28.00 70.41
CA ILE F 162 87.82 -28.21 69.88
C ILE F 162 87.96 -28.90 68.54
N THR F 163 87.30 -30.04 68.39
CA THR F 163 87.40 -30.86 67.19
C THR F 163 86.03 -31.24 66.68
N THR F 164 85.86 -31.19 65.36
CA THR F 164 84.60 -31.55 64.73
C THR F 164 84.52 -33.04 64.45
N MET F 165 83.30 -33.56 64.34
CA MET F 165 83.06 -34.98 64.12
C MET F 165 82.37 -35.26 62.80
N GLN F 166 81.83 -34.24 62.13
CA GLN F 166 81.09 -34.43 60.89
C GLN F 166 81.73 -33.54 59.84
N LYS F 167 81.68 -34.04 58.60
CA LYS F 167 82.22 -33.26 57.46
C LYS F 167 81.57 -31.87 57.49
N CYS F 168 82.39 -30.83 57.55
CA CYS F 168 81.92 -29.47 57.63
C CYS F 168 81.90 -28.79 56.26
N VAL F 169 81.03 -27.80 56.13
CA VAL F 169 80.82 -27.08 54.87
C VAL F 169 81.21 -25.63 55.05
N ILE F 170 82.09 -25.14 54.19
CA ILE F 170 82.49 -23.74 54.16
C ILE F 170 82.29 -23.23 52.74
N SER F 171 81.10 -22.72 52.45
CA SER F 171 80.79 -22.21 51.11
C SER F 171 81.13 -20.73 51.10
N GLU F 172 82.26 -20.39 50.49
CA GLU F 172 82.76 -19.02 50.46
C GLU F 172 82.50 -18.42 49.09
N HIS F 173 81.82 -17.28 49.06
CA HIS F 173 81.62 -16.50 47.85
C HIS F 173 82.32 -15.15 48.05
N MET F 174 83.27 -14.84 47.19
CA MET F 174 84.07 -13.63 47.31
C MET F 174 84.03 -12.89 45.97
N GLN F 175 83.20 -11.86 45.88
CA GLN F 175 83.13 -11.00 44.71
C GLN F 175 83.87 -9.71 45.03
N VAL F 176 84.88 -9.39 44.23
CA VAL F 176 85.73 -8.23 44.44
C VAL F 176 85.68 -7.39 43.17
N GLU F 177 85.22 -6.16 43.28
CA GLU F 177 85.22 -5.22 42.17
C GLU F 177 86.01 -3.97 42.55
N GLU F 178 87.04 -3.66 41.77
CA GLU F 178 87.89 -2.51 42.02
C GLU F 178 88.00 -1.71 40.73
N LYS F 179 87.67 -0.43 40.81
CA LYS F 179 87.74 0.48 39.68
C LYS F 179 88.70 1.61 40.01
N CYS F 180 89.72 1.79 39.17
CA CYS F 180 90.73 2.82 39.34
C CYS F 180 90.71 3.75 38.13
N GLY F 181 90.64 5.05 38.39
CA GLY F 181 90.63 6.02 37.31
C GLY F 181 91.49 7.23 37.61
N GLY F 182 92.40 7.56 36.70
CA GLY F 182 93.27 8.71 36.88
C GLY F 182 93.32 9.59 35.64
N ILE F 183 92.94 10.85 35.82
CA ILE F 183 93.04 11.85 34.72
C ILE F 183 94.18 12.80 35.10
N VAL F 184 95.16 12.96 34.23
CA VAL F 184 96.35 13.76 34.51
C VAL F 184 96.52 14.77 33.40
N GLY F 185 96.57 16.05 33.76
CA GLY F 185 96.81 17.12 32.80
C GLY F 185 97.98 18.00 33.18
N ILE F 186 98.99 18.06 32.31
CA ILE F 186 100.21 18.83 32.71
C ILE F 186 100.42 20.06 31.79
N GLN F 187 100.44 21.26 32.38
CA GLN F 187 100.69 22.53 31.69
C GLN F 187 102.12 22.90 31.21
N THR F 188 102.78 21.91 30.60
CA THR F 188 104.18 22.06 30.22
C THR F 188 104.59 23.17 29.24
N LYS F 189 105.84 23.62 29.35
CA LYS F 189 106.28 24.73 28.44
C LYS F 189 106.38 24.45 26.94
N THR F 190 105.42 24.92 26.14
CA THR F 190 105.39 24.71 24.66
C THR F 190 104.97 23.28 24.36
N VAL F 191 104.45 22.56 25.36
CA VAL F 191 103.97 21.16 25.15
C VAL F 191 102.64 21.00 25.87
N GLN F 192 101.52 20.92 25.14
CA GLN F 192 100.27 20.66 25.84
C GLN F 192 100.13 19.16 26.03
N VAL F 193 99.96 18.74 27.29
CA VAL F 193 99.95 17.32 27.63
C VAL F 193 98.59 16.92 28.18
N SER F 194 98.17 15.70 27.89
CA SER F 194 96.92 15.16 28.43
C SER F 194 97.01 13.64 28.55
N ALA F 195 97.12 13.13 29.78
CA ALA F 195 97.31 11.71 30.03
C ALA F 195 96.17 11.20 30.89
N THR F 196 95.50 10.15 30.44
CA THR F 196 94.40 9.53 31.15
C THR F 196 94.65 8.04 31.27
N GLU F 197 94.49 7.52 32.49
CA GLU F 197 94.67 6.06 32.72
C GLU F 197 93.45 5.53 33.49
N ASP F 198 92.77 4.53 32.93
CA ASP F 198 91.58 3.93 33.54
C ASP F 198 91.84 2.45 33.77
N GLY F 199 91.66 1.99 35.01
CA GLY F 199 91.86 0.60 35.33
C GLY F 199 90.65 -0.01 36.03
N ASN F 200 89.99 -0.96 35.36
CA ASN F 200 88.83 -1.66 35.90
C ASN F 200 89.22 -3.10 36.15
N VAL F 201 89.07 -3.55 37.39
CA VAL F 201 89.39 -4.93 37.77
C VAL F 201 88.15 -5.51 38.43
N THR F 202 87.64 -6.62 37.89
CA THR F 202 86.52 -7.34 38.47
C THR F 202 86.95 -8.78 38.69
N LYS F 203 86.92 -9.22 39.95
CA LYS F 203 87.37 -10.55 40.33
C LYS F 203 86.28 -11.26 41.10
N ASP F 204 86.03 -12.52 40.74
CA ASP F 204 85.05 -13.36 41.41
C ASP F 204 85.71 -14.66 41.82
N SER F 205 85.41 -15.13 43.04
CA SER F 205 85.93 -16.38 43.56
C SER F 205 84.79 -17.15 44.22
N ASN F 206 84.08 -17.94 43.43
CA ASN F 206 83.01 -18.80 43.94
C ASN F 206 83.62 -20.12 44.36
N VAL F 207 84.00 -20.23 45.62
CA VAL F 207 84.68 -21.44 46.11
C VAL F 207 83.85 -22.13 47.18
N VAL F 208 83.37 -23.33 46.87
CA VAL F 208 82.68 -24.17 47.86
C VAL F 208 83.61 -25.34 48.18
N LEU F 209 84.18 -25.32 49.38
CA LEU F 209 85.11 -26.35 49.81
C LEU F 209 84.59 -27.01 51.08
N GLU F 210 84.75 -28.33 51.11
CA GLU F 210 84.28 -29.09 52.29
C GLU F 210 85.44 -29.24 53.29
N ILE F 211 85.09 -29.56 54.54
CA ILE F 211 86.07 -29.74 55.60
C ILE F 211 85.86 -31.13 56.20
N PRO F 212 86.90 -31.95 56.31
CA PRO F 212 86.72 -33.30 56.85
C PRO F 212 86.55 -33.27 58.36
N ALA F 213 86.09 -34.41 58.88
CA ALA F 213 85.99 -34.57 60.33
C ALA F 213 87.37 -34.67 60.95
N ALA F 214 87.42 -34.55 62.27
CA ALA F 214 88.60 -34.64 63.13
C ALA F 214 89.55 -33.46 62.95
N THR F 215 89.13 -32.44 62.20
CA THR F 215 89.97 -31.24 62.01
C THR F 215 89.98 -30.42 63.28
N THR F 216 91.06 -29.66 63.53
CA THR F 216 91.11 -28.80 64.70
C THR F 216 90.48 -27.45 64.37
N ILE F 217 89.54 -27.03 65.21
CA ILE F 217 88.85 -25.76 65.03
C ILE F 217 89.39 -24.67 65.96
N ALA F 218 89.61 -25.01 67.23
CA ALA F 218 90.13 -24.07 68.19
C ALA F 218 91.03 -24.79 69.17
N TYR F 219 91.91 -24.02 69.81
CA TYR F 219 92.83 -24.58 70.79
C TYR F 219 93.20 -23.51 71.81
N GLY F 220 93.27 -23.91 73.06
CA GLY F 220 93.68 -23.03 74.15
C GLY F 220 94.95 -23.55 74.79
N VAL F 221 95.83 -22.64 75.16
CA VAL F 221 97.15 -23.00 75.67
C VAL F 221 97.19 -22.26 77.00
N ILE F 222 98.02 -22.79 77.90
CA ILE F 222 98.34 -21.96 79.11
C ILE F 222 99.85 -21.86 79.06
N GLU F 223 100.40 -20.70 79.37
CA GLU F 223 101.82 -20.42 79.20
C GLU F 223 102.75 -21.02 80.24
N LEU F 224 104.03 -21.10 79.86
CA LEU F 224 105.04 -21.74 80.74
C LEU F 224 105.98 -20.69 81.32
N TYR F 225 106.01 -20.57 82.64
CA TYR F 225 106.93 -19.67 83.33
C TYR F 225 108.36 -20.19 83.19
N VAL F 226 109.20 -19.43 82.49
CA VAL F 226 110.56 -19.85 82.20
C VAL F 226 111.54 -18.91 82.87
N LYS F 227 112.32 -19.43 83.81
CA LYS F 227 113.47 -18.69 84.36
C LYS F 227 114.75 -19.41 83.93
N LEU F 228 115.68 -18.64 83.36
CA LEU F 228 116.93 -19.26 82.82
C LEU F 228 117.70 -19.95 83.93
N ASP F 229 117.38 -19.66 85.20
CA ASP F 229 118.05 -20.39 86.31
C ASP F 229 117.69 -21.86 86.21
N GLY F 230 116.43 -22.17 85.87
CA GLY F 230 116.03 -23.59 85.69
C GLY F 230 114.71 -23.89 86.35
N GLN F 231 114.06 -22.88 86.93
CA GLN F 231 112.79 -23.09 87.61
C GLN F 231 111.65 -22.86 86.63
N PHE F 232 110.78 -23.86 86.51
CA PHE F 232 109.66 -23.82 85.57
C PHE F 232 108.39 -24.21 86.29
N GLU F 233 107.28 -23.59 85.87
CA GLU F 233 105.95 -23.88 86.41
C GLU F 233 104.87 -23.51 85.39
N PHE F 234 104.00 -24.47 85.07
CA PHE F 234 102.88 -24.20 84.18
C PHE F 234 101.76 -23.52 84.97
N CYS F 235 101.68 -22.20 84.86
CA CYS F 235 100.75 -21.41 85.66
C CYS F 235 99.65 -20.84 84.77
N LEU F 236 98.40 -20.85 85.26
CA LEU F 236 97.26 -20.40 84.41
C LEU F 236 96.88 -18.92 84.64
N LEU F 237 97.52 -18.23 85.59
CA LEU F 237 97.14 -16.86 85.89
C LEU F 237 98.22 -15.91 85.38
N ARG F 238 97.89 -14.63 85.29
CA ARG F 238 98.77 -13.61 84.75
C ARG F 238 100.02 -13.32 85.59
N GLY F 239 100.04 -13.82 86.82
CA GLY F 239 101.12 -13.52 87.75
C GLY F 239 102.51 -13.83 87.26
N LYS F 240 102.86 -15.08 87.14
CA LYS F 240 104.23 -15.48 86.74
C LYS F 240 104.19 -16.54 85.63
N GLN F 241 103.98 -16.12 84.37
CA GLN F 241 104.04 -17.01 83.23
C GLN F 241 104.74 -16.36 82.05
N GLY F 242 105.23 -15.13 82.23
CA GLY F 242 105.75 -14.35 81.12
C GLY F 242 107.14 -14.75 80.68
N GLY F 243 107.89 -15.46 81.52
CA GLY F 243 109.27 -15.77 81.22
C GLY F 243 110.19 -14.77 81.88
N PHE F 244 111.22 -15.25 82.56
CA PHE F 244 112.11 -14.40 83.33
C PHE F 244 113.54 -14.87 83.12
N GLU F 245 114.52 -14.03 83.48
CA GLU F 245 115.93 -14.39 83.23
C GLU F 245 116.63 -14.89 84.51
N MET G 1 74.11 -15.19 70.73
CA MET G 1 75.43 -15.31 71.34
C MET G 1 75.28 -15.67 72.81
N PHE G 2 76.14 -16.59 73.29
CA PHE G 2 75.96 -17.15 74.62
C PHE G 2 76.11 -16.10 75.70
N ALA G 3 77.01 -15.14 75.50
CA ALA G 3 77.25 -14.10 76.51
C ALA G 3 76.00 -13.26 76.73
N LYS G 4 75.33 -12.89 75.64
CA LYS G 4 74.11 -12.08 75.76
C LYS G 4 72.95 -12.92 76.27
N ALA G 5 72.88 -14.19 75.86
CA ALA G 5 71.75 -15.03 76.24
C ALA G 5 71.57 -15.24 77.75
N THR G 6 72.66 -15.53 78.45
CA THR G 6 72.57 -15.68 79.90
C THR G 6 72.55 -14.34 80.66
N ARG G 7 73.08 -13.30 80.02
CA ARG G 7 73.04 -11.95 80.65
C ARG G 7 71.56 -11.57 80.72
N ASN G 8 70.85 -11.64 79.59
CA ASN G 8 69.41 -11.26 79.55
C ASN G 8 68.64 -12.17 80.52
N PHE G 9 68.93 -13.47 80.50
CA PHE G 9 68.26 -14.43 81.42
C PHE G 9 68.39 -13.96 82.87
N LEU G 10 69.62 -13.87 83.37
CA LEU G 10 69.80 -13.50 84.77
C LEU G 10 69.23 -12.12 85.08
N ARG G 11 69.14 -11.25 84.08
CA ARG G 11 68.52 -9.94 84.29
C ARG G 11 67.04 -10.05 84.66
N GLU G 12 66.33 -10.96 84.00
CA GLU G 12 64.89 -11.04 84.21
C GLU G 12 64.52 -12.00 85.34
N VAL G 13 65.41 -12.93 85.67
CA VAL G 13 65.11 -13.89 86.73
C VAL G 13 65.79 -13.44 88.01
N ASP G 14 67.09 -13.14 87.93
CA ASP G 14 67.88 -12.74 89.14
C ASP G 14 67.81 -11.22 89.32
N ALA G 15 66.82 -10.73 90.06
CA ALA G 15 66.62 -9.29 90.26
C ALA G 15 67.68 -8.67 91.17
N ASP G 16 68.36 -9.46 92.00
CA ASP G 16 69.34 -8.92 92.94
C ASP G 16 70.77 -8.98 92.41
N GLY G 17 71.01 -9.71 91.32
CA GLY G 17 72.37 -9.83 90.82
C GLY G 17 73.37 -10.66 91.60
N ASP G 18 72.91 -11.51 92.51
CA ASP G 18 73.78 -12.39 93.27
C ASP G 18 74.32 -13.60 92.48
N LEU G 19 73.76 -13.81 91.30
CA LEU G 19 74.19 -14.87 90.39
C LEU G 19 74.90 -14.16 89.25
N ILE G 20 75.87 -14.85 88.66
CA ILE G 20 76.70 -14.29 87.60
C ILE G 20 76.53 -15.14 86.35
N ALA G 21 76.26 -14.48 85.23
CA ALA G 21 76.07 -15.17 83.96
C ALA G 21 77.39 -15.73 83.45
N VAL G 22 77.33 -16.92 82.84
CA VAL G 22 78.52 -17.53 82.27
C VAL G 22 78.88 -16.82 80.96
N SER G 23 80.16 -16.44 80.84
CA SER G 23 80.59 -15.62 79.71
C SER G 23 80.50 -16.38 78.38
N ASN G 24 81.07 -17.58 78.33
CA ASN G 24 81.17 -18.32 77.07
C ASN G 24 81.05 -19.81 77.34
N LEU G 25 81.00 -20.60 76.26
CA LEU G 25 80.89 -22.04 76.40
C LEU G 25 82.20 -22.55 76.97
N ASN G 26 83.29 -21.83 76.73
CA ASN G 26 84.58 -22.23 77.31
C ASN G 26 84.48 -22.36 78.83
N ASP G 27 83.94 -21.31 79.47
CA ASP G 27 83.70 -21.35 80.91
C ASP G 27 82.61 -22.29 81.42
N SER G 28 81.73 -22.75 80.54
CA SER G 28 80.62 -23.62 80.93
C SER G 28 81.04 -25.03 81.34
N ASP G 29 82.26 -25.45 80.99
CA ASP G 29 82.74 -26.77 81.36
C ASP G 29 83.77 -26.69 82.48
N LYS G 30 84.18 -25.50 82.89
CA LYS G 30 85.12 -25.32 83.98
C LYS G 30 84.43 -25.06 85.32
N LEU G 31 83.29 -24.40 85.31
CA LEU G 31 82.57 -24.10 86.54
C LEU G 31 81.90 -25.33 87.12
N GLN G 32 82.35 -25.74 88.30
CA GLN G 32 81.76 -26.87 89.00
C GLN G 32 81.49 -26.48 90.45
N LEU G 33 80.73 -27.33 91.14
CA LEU G 33 80.34 -27.04 92.51
C LEU G 33 81.60 -27.04 93.37
N LEU G 34 81.69 -26.07 94.28
CA LEU G 34 82.83 -25.93 95.20
C LEU G 34 84.23 -25.92 94.58
N SER G 35 84.35 -25.36 93.38
CA SER G 35 85.68 -25.13 92.81
C SER G 35 85.92 -23.66 93.10
N LEU G 36 87.18 -23.27 93.20
CA LEU G 36 87.53 -21.89 93.57
C LEU G 36 87.66 -20.94 92.40
N VAL G 37 87.18 -19.72 92.57
CA VAL G 37 87.25 -18.69 91.54
C VAL G 37 87.80 -17.45 92.24
N THR G 38 88.24 -16.49 91.45
CA THR G 38 88.82 -15.26 91.97
C THR G 38 88.24 -14.10 91.17
N LYS G 39 87.76 -13.10 91.95
CA LYS G 39 87.20 -11.88 91.32
C LYS G 39 88.15 -10.71 91.59
N LYS G 40 88.50 -9.96 90.56
CA LYS G 40 89.39 -8.81 90.68
C LYS G 40 88.57 -7.56 90.99
N LYS G 41 88.83 -6.97 92.16
CA LYS G 41 88.08 -5.82 92.63
C LYS G 41 88.69 -4.49 92.19
N ARG G 42 89.73 -4.53 91.35
CA ARG G 42 90.34 -3.31 90.84
C ARG G 42 89.34 -2.49 90.03
N PHE G 43 88.48 -3.14 89.26
CA PHE G 43 87.45 -2.44 88.51
C PHE G 43 86.42 -1.83 89.44
N TRP G 44 85.83 -0.73 89.00
CA TRP G 44 84.85 0.01 89.81
C TRP G 44 83.45 -0.55 89.55
N CYS G 45 82.42 0.14 90.03
CA CYS G 45 81.05 -0.30 89.77
C CYS G 45 80.69 -0.16 88.30
N TRP G 46 81.50 0.59 87.54
CA TRP G 46 81.27 0.78 86.12
C TRP G 46 81.34 -0.53 85.34
N GLN G 47 82.31 -1.40 85.65
CA GLN G 47 82.43 -2.67 84.96
C GLN G 47 82.27 -3.81 85.96
N ARG G 48 81.87 -4.98 85.45
CA ARG G 48 81.71 -6.15 86.32
C ARG G 48 83.09 -6.59 86.83
N PRO G 49 83.16 -7.17 88.02
CA PRO G 49 84.44 -7.71 88.50
C PRO G 49 84.94 -8.81 87.59
N LYS G 50 86.26 -8.85 87.40
CA LYS G 50 86.88 -9.85 86.54
C LYS G 50 86.98 -11.17 87.29
N TYR G 51 86.27 -12.18 86.82
CA TYR G 51 86.22 -13.49 87.46
C TYR G 51 87.10 -14.47 86.70
N GLN G 52 88.02 -15.09 87.41
CA GLN G 52 88.93 -16.08 86.86
C GLN G 52 88.92 -17.33 87.75
N PHE G 53 88.97 -18.49 87.10
CA PHE G 53 88.77 -19.76 87.78
C PHE G 53 90.10 -20.48 87.93
N LEU G 54 90.41 -20.89 89.16
CA LEU G 54 91.58 -21.72 89.40
C LEU G 54 91.26 -23.17 89.09
N SER G 55 92.28 -23.90 88.64
CA SER G 55 92.12 -25.31 88.30
C SER G 55 91.93 -26.16 89.54
N LEU G 56 92.34 -25.64 90.70
CA LEU G 56 92.26 -26.36 91.95
C LEU G 56 90.86 -26.24 92.55
N THR G 57 90.59 -27.06 93.56
CA THR G 57 89.31 -27.05 94.27
C THR G 57 89.58 -26.85 95.76
N LEU G 58 88.52 -26.94 96.55
CA LEU G 58 88.66 -26.78 97.99
C LEU G 58 89.56 -27.86 98.58
N GLY G 59 89.26 -29.13 98.28
CA GLY G 59 90.07 -30.22 98.79
C GLY G 59 91.51 -30.16 98.31
N ASP G 60 91.74 -29.50 97.18
CA ASP G 60 93.10 -29.34 96.68
C ASP G 60 93.89 -28.33 97.50
N VAL G 61 93.20 -27.39 98.16
CA VAL G 61 93.85 -26.32 98.91
C VAL G 61 93.66 -26.42 100.41
N LEU G 62 92.79 -27.30 100.90
CA LEU G 62 92.65 -27.47 102.34
C LEU G 62 93.95 -28.02 102.93
N ILE G 63 94.30 -29.25 102.57
CA ILE G 63 95.53 -29.92 102.99
C ILE G 63 95.56 -30.13 104.49
N GLU G 64 95.28 -29.09 105.27
CA GLU G 64 95.39 -29.18 106.72
C GLU G 64 94.40 -30.18 107.32
N ASP G 65 93.18 -30.19 106.83
CA ASP G 65 92.13 -31.05 107.40
C ASP G 65 91.32 -31.67 106.27
N GLN G 66 90.60 -32.73 106.61
CA GLN G 66 89.86 -33.52 105.62
C GLN G 66 88.63 -32.87 104.98
N PHE G 67 88.34 -33.29 103.75
CA PHE G 67 87.21 -32.76 102.98
C PHE G 67 85.77 -33.01 103.38
N PRO G 68 85.03 -31.99 103.81
CA PRO G 68 83.63 -32.27 104.25
C PRO G 68 82.67 -32.60 103.13
N SER G 69 82.01 -33.74 103.22
CA SER G 69 81.23 -34.25 102.11
C SER G 69 80.13 -33.23 101.79
N PRO G 70 79.97 -32.85 100.53
CA PRO G 70 78.89 -31.90 100.21
C PRO G 70 77.43 -32.27 100.32
N VAL G 71 76.58 -31.27 100.56
CA VAL G 71 75.14 -31.47 100.62
C VAL G 71 74.55 -30.82 99.37
N VAL G 72 74.51 -31.59 98.28
CA VAL G 72 74.03 -31.09 97.00
C VAL G 72 72.53 -31.40 96.94
N VAL G 73 71.73 -30.37 96.69
CA VAL G 73 70.28 -30.51 96.57
C VAL G 73 69.91 -29.98 95.20
N GLU G 74 69.10 -30.78 94.48
CA GLU G 74 68.70 -30.40 93.10
C GLU G 74 67.30 -29.79 93.09
N SER G 75 67.15 -28.58 92.56
CA SER G 75 65.87 -27.92 92.41
C SER G 75 65.77 -27.34 91.01
N ASP G 76 64.62 -27.49 90.37
CA ASP G 76 64.39 -26.99 89.02
C ASP G 76 63.40 -25.84 89.05
N PHE G 77 63.63 -24.86 88.18
CA PHE G 77 62.77 -23.65 88.17
C PHE G 77 63.03 -22.85 86.93
N VAL G 78 62.15 -21.90 86.61
CA VAL G 78 62.45 -20.95 85.49
C VAL G 78 62.84 -21.71 84.19
N LYS G 79 62.01 -22.63 83.70
CA LYS G 79 62.41 -23.29 82.44
C LYS G 79 62.52 -22.14 81.43
N TYR G 80 61.60 -21.18 81.44
CA TYR G 80 61.75 -19.91 80.66
C TYR G 80 61.76 -20.01 79.14
N GLU G 81 61.74 -18.85 78.49
CA GLU G 81 61.74 -18.66 77.04
C GLU G 81 61.94 -17.19 76.79
N GLY G 82 62.99 -16.84 76.04
CA GLY G 82 63.33 -15.45 75.86
C GLY G 82 63.51 -15.06 74.41
N LYS G 83 62.81 -14.02 73.98
CA LYS G 83 62.96 -13.44 72.66
C LYS G 83 63.37 -11.99 72.80
N PHE G 84 64.43 -11.60 72.10
CA PHE G 84 65.01 -10.27 72.28
C PHE G 84 65.32 -9.66 70.93
N ALA G 85 64.45 -8.77 70.47
CA ALA G 85 64.63 -8.04 69.21
C ALA G 85 65.08 -6.61 69.51
N ASN G 86 66.37 -6.35 69.35
CA ASN G 86 66.95 -5.07 69.71
C ASN G 86 67.39 -4.34 68.45
N HIS G 87 66.94 -3.10 68.30
CA HIS G 87 67.31 -2.24 67.18
C HIS G 87 68.05 -1.02 67.72
N VAL G 88 69.28 -0.83 67.27
CA VAL G 88 70.11 0.31 67.66
C VAL G 88 70.56 1.03 66.41
N SER G 89 70.24 2.32 66.32
CA SER G 89 70.66 3.16 65.21
C SER G 89 71.29 4.44 65.75
N GLY G 90 72.53 4.70 65.36
CA GLY G 90 73.21 5.90 65.79
C GLY G 90 73.96 6.59 64.67
N THR G 91 73.61 7.84 64.40
CA THR G 91 74.22 8.61 63.32
C THR G 91 74.99 9.78 63.95
N LEU G 92 76.25 9.92 63.57
CA LEU G 92 77.09 11.00 64.03
C LEU G 92 77.46 11.85 62.83
N GLU G 93 77.17 13.15 62.91
CA GLU G 93 77.44 14.08 61.82
C GLU G 93 78.26 15.22 62.39
N THR G 94 79.49 15.38 61.90
CA THR G 94 80.41 16.39 62.37
C THR G 94 80.94 17.17 61.18
N ALA G 95 81.08 18.49 61.34
CA ALA G 95 81.55 19.37 60.28
C ALA G 95 82.40 20.46 60.95
N LEU G 96 83.70 20.43 60.71
CA LEU G 96 84.63 21.42 61.24
C LEU G 96 85.45 21.98 60.08
N GLY G 97 85.16 23.23 59.71
CA GLY G 97 85.96 23.91 58.70
C GLY G 97 86.05 23.13 57.40
N LYS G 98 87.28 22.72 57.07
CA LYS G 98 87.54 22.04 55.82
C LYS G 98 86.83 20.68 55.77
N VAL G 99 86.86 19.94 56.87
CA VAL G 99 86.42 18.55 56.90
C VAL G 99 84.95 18.43 57.28
N LYS G 100 84.16 17.83 56.39
CA LYS G 100 82.81 17.37 56.70
C LYS G 100 82.56 15.87 56.78
N LEU G 101 82.06 15.40 57.92
CA LEU G 101 81.95 13.96 58.18
C LEU G 101 80.50 13.61 58.44
N ASN G 102 79.98 12.63 57.69
CA ASN G 102 78.65 12.09 57.88
C ASN G 102 78.78 10.60 58.15
N LEU G 103 78.28 10.15 59.30
CA LEU G 103 78.36 8.75 59.71
C LEU G 103 76.99 8.26 60.12
N GLY G 104 76.59 7.10 59.61
CA GLY G 104 75.33 6.49 59.99
C GLY G 104 75.45 5.00 60.25
N GLY G 105 75.20 4.58 61.49
CA GLY G 105 75.33 3.19 61.84
C GLY G 105 74.06 2.57 62.38
N SER G 106 73.53 1.57 61.67
CA SER G 106 72.32 0.88 62.07
C SER G 106 72.65 -0.57 62.42
N SER G 107 72.30 -0.97 63.64
CA SER G 107 72.56 -2.32 64.13
C SER G 107 71.27 -2.95 64.60
N ARG G 108 70.97 -4.14 64.08
CA ARG G 108 69.79 -4.90 64.48
C ARG G 108 70.23 -6.25 65.02
N VAL G 109 69.78 -6.57 66.23
CA VAL G 109 70.08 -7.84 66.88
C VAL G 109 68.76 -8.46 67.32
N GLU G 110 68.50 -9.68 66.85
CA GLU G 110 67.32 -10.44 67.24
C GLU G 110 67.83 -11.75 67.83
N SER G 111 68.03 -11.76 69.14
CA SER G 111 68.60 -12.90 69.83
C SER G 111 67.50 -13.64 70.57
N GLN G 112 67.10 -14.79 70.03
CA GLN G 112 66.14 -15.68 70.69
C GLN G 112 66.88 -16.62 71.61
N SER G 113 66.45 -16.68 72.87
CA SER G 113 67.09 -17.50 73.90
C SER G 113 66.04 -18.45 74.47
N SER G 114 65.89 -19.60 73.82
CA SER G 114 64.92 -20.61 74.25
C SER G 114 65.67 -21.64 75.08
N PHE G 115 65.22 -21.87 76.30
CA PHE G 115 65.87 -22.78 77.23
C PHE G 115 64.84 -23.77 77.77
N GLY G 116 65.32 -24.95 78.17
CA GLY G 116 64.46 -25.94 78.78
C GLY G 116 64.37 -25.78 80.29
N THR G 117 64.01 -26.87 80.96
CA THR G 117 63.91 -26.87 82.41
C THR G 117 65.28 -26.66 83.06
N LEU G 118 65.48 -25.52 83.69
CA LEU G 118 66.76 -25.23 84.31
C LEU G 118 66.75 -25.68 85.78
N ARG G 119 67.85 -26.35 86.15
CA ARG G 119 67.92 -26.90 87.53
C ARG G 119 69.02 -26.22 88.34
N LYS G 120 68.77 -26.06 89.64
CA LYS G 120 69.76 -25.44 90.55
C LYS G 120 70.38 -26.51 91.45
N GLN G 121 71.69 -26.46 91.63
CA GLN G 121 72.44 -27.39 92.48
C GLN G 121 73.22 -26.56 93.49
N GLU G 122 72.65 -26.39 94.69
CA GLU G 122 73.27 -25.61 95.75
C GLU G 122 73.89 -26.52 96.80
N VAL G 123 75.03 -26.12 97.30
CA VAL G 123 75.75 -26.86 98.33
C VAL G 123 75.37 -26.31 99.70
N ASP G 124 75.32 -27.18 100.70
CA ASP G 124 75.01 -26.78 102.07
C ASP G 124 75.92 -25.67 102.58
N LEU G 125 75.33 -24.51 102.88
CA LEU G 125 76.12 -23.39 103.37
C LEU G 125 76.76 -23.68 104.74
N GLN G 126 76.05 -24.45 105.57
CA GLN G 126 76.62 -24.86 106.85
C GLN G 126 77.84 -25.77 106.77
N GLN G 127 77.88 -26.69 105.81
CA GLN G 127 79.11 -27.43 105.56
C GLN G 127 80.23 -26.48 105.14
N LEU G 128 79.87 -25.40 104.44
CA LEU G 128 80.86 -24.46 103.95
C LEU G 128 81.54 -23.72 105.11
N ILE G 129 80.78 -23.44 106.18
CA ILE G 129 81.30 -22.63 107.26
C ILE G 129 82.06 -23.49 108.27
N ARG G 130 81.68 -24.76 108.40
CA ARG G 130 82.24 -25.60 109.46
C ARG G 130 83.75 -25.78 109.29
N ASP G 131 84.20 -26.17 108.10
CA ASP G 131 85.63 -26.35 107.87
C ASP G 131 86.37 -25.02 107.88
N SER G 132 85.75 -23.97 107.34
CA SER G 132 86.42 -22.68 107.24
C SER G 132 86.75 -22.08 108.60
N ALA G 133 85.83 -22.13 109.56
CA ALA G 133 86.07 -21.56 110.88
C ALA G 133 87.20 -22.25 111.63
N GLU G 134 87.58 -23.46 111.23
CA GLU G 134 88.69 -24.18 111.83
C GLU G 134 89.94 -24.04 110.96
N ARG G 135 91.07 -24.45 111.52
CA ARG G 135 92.35 -24.40 110.81
C ARG G 135 92.37 -25.53 109.79
N THR G 136 91.77 -25.25 108.62
CA THR G 136 91.60 -26.25 107.59
C THR G 136 92.35 -25.95 106.30
N ILE G 137 92.62 -24.68 106.00
CA ILE G 137 93.29 -24.29 104.76
C ILE G 137 94.73 -23.94 105.07
N ASN G 138 95.66 -24.55 104.33
CA ASN G 138 97.08 -24.27 104.53
C ASN G 138 97.39 -22.84 104.10
N LEU G 139 98.35 -22.21 104.79
CA LEU G 139 98.64 -20.81 104.53
C LEU G 139 99.43 -20.64 103.23
N ARG G 140 100.40 -21.53 102.98
CA ARG G 140 101.29 -21.41 101.84
C ARG G 140 101.01 -22.54 100.86
N ASN G 141 100.81 -22.18 99.60
CA ASN G 141 100.62 -23.13 98.50
C ASN G 141 101.50 -22.70 97.33
N PRO G 142 102.01 -23.67 96.56
CA PRO G 142 102.77 -23.28 95.35
C PRO G 142 101.95 -22.47 94.37
N VAL G 143 100.63 -22.68 94.37
CA VAL G 143 99.74 -21.88 93.48
C VAL G 143 99.02 -20.87 94.39
N LEU G 144 98.44 -19.81 93.82
CA LEU G 144 97.64 -18.78 94.56
C LEU G 144 98.57 -17.66 95.11
N GLN G 145 99.88 -17.83 94.98
CA GLN G 145 100.80 -16.73 95.38
C GLN G 145 100.52 -15.45 94.58
N GLN G 146 100.32 -15.60 93.27
CA GLN G 146 100.03 -14.44 92.38
C GLN G 146 98.71 -13.77 92.81
N VAL G 147 97.83 -14.51 93.49
CA VAL G 147 96.59 -13.92 93.99
C VAL G 147 96.88 -12.97 95.14
N LEU G 148 97.72 -13.40 96.08
CA LEU G 148 98.09 -12.54 97.20
C LEU G 148 98.86 -11.31 96.73
N GLU G 149 99.78 -11.49 95.78
CA GLU G 149 100.48 -10.37 95.15
C GLU G 149 99.55 -9.69 94.14
N GLY G 150 98.81 -8.70 94.63
CA GLY G 150 97.66 -8.23 93.90
C GLY G 150 96.46 -8.27 94.83
N ARG G 151 96.67 -7.90 96.10
CA ARG G 151 95.57 -8.00 97.11
C ARG G 151 94.21 -7.82 96.46
N ASN G 152 93.96 -6.67 95.84
CA ASN G 152 92.75 -6.45 95.06
C ASN G 152 91.85 -7.57 94.54
N GLU G 153 92.45 -8.64 94.02
CA GLU G 153 91.71 -9.83 93.65
C GLU G 153 91.73 -10.82 94.81
N VAL G 154 90.56 -11.40 95.12
CA VAL G 154 90.40 -12.27 96.27
C VAL G 154 89.79 -13.59 95.79
N LEU G 155 90.10 -14.66 96.53
CA LEU G 155 89.61 -15.99 96.19
C LEU G 155 88.18 -16.17 96.67
N CYS G 156 87.37 -16.85 95.86
CA CYS G 156 85.99 -17.16 96.19
C CYS G 156 85.80 -18.63 95.86
N VAL G 157 84.70 -19.18 96.39
CA VAL G 157 84.36 -20.61 96.15
C VAL G 157 82.92 -20.67 95.65
N LEU G 158 82.69 -21.42 94.57
CA LEU G 158 81.36 -21.55 94.01
C LEU G 158 80.47 -22.39 94.91
N THR G 159 79.22 -21.95 95.09
CA THR G 159 78.24 -22.64 95.91
C THR G 159 76.84 -22.82 95.30
N GLN G 160 76.51 -21.96 94.34
CA GLN G 160 75.20 -22.08 93.63
C GLN G 160 75.50 -22.27 92.14
N LYS G 161 74.68 -23.06 91.44
CA LYS G 161 74.91 -23.36 90.03
C LYS G 161 73.57 -23.67 89.38
N ILE G 162 73.31 -23.05 88.24
CA ILE G 162 72.10 -23.30 87.46
C ILE G 162 72.52 -24.05 86.20
N THR G 163 71.92 -25.21 85.98
CA THR G 163 72.28 -26.09 84.87
C THR G 163 71.03 -26.51 84.10
N THR G 164 71.14 -26.52 82.77
CA THR G 164 70.03 -26.93 81.93
C THR G 164 70.03 -28.44 81.70
N MET G 165 68.85 -28.98 81.38
CA MET G 165 68.68 -30.42 81.19
C MET G 165 68.27 -30.77 79.76
N GLN G 166 67.88 -29.79 78.96
CA GLN G 166 67.40 -30.05 77.61
C GLN G 166 68.23 -29.20 76.66
N LYS G 167 68.44 -29.76 75.46
CA LYS G 167 69.20 -29.02 74.42
C LYS G 167 68.55 -27.65 74.24
N CYS G 168 69.32 -26.59 74.43
CA CYS G 168 68.82 -25.23 74.34
C CYS G 168 69.08 -24.61 72.98
N VAL G 169 68.24 -23.65 72.62
CA VAL G 169 68.29 -22.99 71.31
C VAL G 169 68.62 -21.52 71.48
N ILE G 170 69.65 -21.06 70.80
CA ILE G 170 70.02 -19.65 70.79
C ILE G 170 70.12 -19.22 69.33
N SER G 171 69.01 -18.74 68.77
CA SER G 171 68.96 -18.30 67.39
C SER G 171 69.29 -16.81 67.37
N GLU G 172 70.52 -16.47 66.98
CA GLU G 172 71.00 -15.10 66.99
C GLU G 172 71.01 -14.57 65.56
N HIS G 173 70.34 -13.44 65.34
CA HIS G 173 70.39 -12.72 64.08
C HIS G 173 71.01 -11.36 64.36
N MET G 174 72.12 -11.06 63.68
CA MET G 174 72.87 -9.82 63.91
C MET G 174 73.09 -9.16 62.56
N GLN G 175 72.28 -8.15 62.26
CA GLN G 175 72.45 -7.35 61.06
C GLN G 175 73.09 -6.03 61.45
N VAL G 176 74.25 -5.73 60.86
CA VAL G 176 75.02 -4.54 61.18
C VAL G 176 75.22 -3.76 59.88
N GLU G 177 74.74 -2.53 59.84
CA GLU G 177 74.95 -1.64 58.71
C GLU G 177 75.63 -0.37 59.18
N GLU G 178 76.80 -0.07 58.61
CA GLU G 178 77.57 1.10 58.98
C GLU G 178 77.93 1.85 57.70
N LYS G 179 77.57 3.13 57.65
CA LYS G 179 77.87 3.98 56.50
C LYS G 179 78.73 5.14 56.97
N CYS G 180 79.90 5.30 56.35
CA CYS G 180 80.83 6.36 56.67
C CYS G 180 81.06 7.23 55.44
N GLY G 181 80.92 8.54 55.61
CA GLY G 181 81.13 9.46 54.51
C GLY G 181 81.89 10.71 54.91
N GLY G 182 82.97 11.01 54.19
CA GLY G 182 83.76 12.19 54.48
C GLY G 182 84.06 13.00 53.25
N ILE G 183 83.64 14.27 53.29
CA ILE G 183 83.95 15.22 52.18
C ILE G 183 84.97 16.20 52.74
N VAL G 184 86.12 16.34 52.08
CA VAL G 184 87.21 17.17 52.56
C VAL G 184 87.60 18.14 51.44
N GLY G 185 87.56 19.43 51.75
CA GLY G 185 87.98 20.46 50.80
C GLY G 185 89.04 21.39 51.36
N ILE G 186 90.21 21.42 50.72
CA ILE G 186 91.30 22.24 51.32
C ILE G 186 91.69 23.42 50.41
N GLN G 187 91.58 24.65 50.94
CA GLN G 187 91.95 25.89 50.25
C GLN G 187 93.45 26.27 50.05
N THR G 188 94.22 25.27 49.63
CA THR G 188 95.66 25.43 49.52
C THR G 188 96.25 26.50 48.60
N LYS G 189 97.45 26.98 48.93
CA LYS G 189 98.06 28.06 48.09
C LYS G 189 98.47 27.70 46.66
N THR G 190 97.68 28.12 45.65
CA THR G 190 97.95 27.84 44.20
C THR G 190 97.62 26.39 43.90
N VAL G 191 96.91 25.72 44.81
CA VAL G 191 96.50 24.29 44.57
C VAL G 191 95.05 24.14 45.02
N GLN G 192 94.11 24.00 44.07
CA GLN G 192 92.73 23.75 44.52
C GLN G 192 92.58 22.26 44.76
N VAL G 193 92.16 21.89 45.96
CA VAL G 193 92.11 20.49 46.37
C VAL G 193 90.66 20.10 46.65
N SER G 194 90.31 18.85 46.35
CA SER G 194 89.00 18.31 46.65
C SER G 194 89.08 16.80 46.85
N ALA G 195 88.94 16.36 48.10
CA ALA G 195 89.09 14.95 48.45
C ALA G 195 87.79 14.45 49.10
N THR G 196 87.25 13.37 48.57
CA THR G 196 86.02 12.77 49.07
C THR G 196 86.27 11.28 49.31
N GLU G 197 85.87 10.81 50.50
CA GLU G 197 86.01 9.37 50.84
C GLU G 197 84.66 8.86 51.36
N ASP G 198 84.12 7.82 50.73
CA ASP G 198 82.84 7.23 51.11
C ASP G 198 83.06 5.76 51.45
N GLY G 199 82.63 5.36 52.65
CA GLY G 199 82.77 3.99 53.08
C GLY G 199 81.46 3.38 53.55
N ASN G 200 80.97 2.39 52.81
CA ASN G 200 79.73 1.70 53.13
C ASN G 200 80.07 0.27 53.52
N VAL G 201 79.68 -0.13 54.73
CA VAL G 201 79.91 -1.47 55.23
C VAL G 201 78.57 -2.05 55.65
N THR G 202 78.21 -3.19 55.08
CA THR G 202 77.00 -3.91 55.45
C THR G 202 77.38 -5.33 55.83
N LYS G 203 77.10 -5.71 57.08
CA LYS G 203 77.48 -7.01 57.60
C LYS G 203 76.26 -7.71 58.17
N ASP G 204 76.11 -8.98 57.84
CA ASP G 204 75.02 -9.82 58.32
C ASP G 204 75.60 -11.08 58.93
N SER G 205 75.05 -11.50 60.08
CA SER G 205 75.48 -12.71 60.75
C SER G 205 74.23 -13.48 61.21
N ASN G 206 73.70 -14.32 60.32
CA ASN G 206 72.56 -15.17 60.65
C ASN G 206 73.09 -16.46 61.25
N VAL G 207 73.21 -16.51 62.57
CA VAL G 207 73.79 -17.68 63.24
C VAL G 207 72.76 -18.34 64.15
N VAL G 208 72.36 -19.56 63.81
CA VAL G 208 71.51 -20.37 64.67
C VAL G 208 72.36 -21.50 65.24
N LEU G 209 72.67 -21.42 66.53
CA LEU G 209 73.51 -22.41 67.19
C LEU G 209 72.74 -23.02 68.35
N GLU G 210 72.90 -24.34 68.49
CA GLU G 210 72.22 -25.05 69.58
C GLU G 210 73.14 -25.13 70.79
N ILE G 211 72.56 -25.40 71.95
CA ILE G 211 73.30 -25.51 73.21
C ILE G 211 73.00 -26.87 73.81
N PRO G 212 73.99 -27.67 74.17
CA PRO G 212 73.73 -29.00 74.73
C PRO G 212 73.25 -28.90 76.16
N ALA G 213 72.71 -30.03 76.64
CA ALA G 213 72.32 -30.13 78.04
C ALA G 213 73.55 -30.17 78.93
N ALA G 214 73.32 -29.99 80.23
CA ALA G 214 74.30 -30.01 81.32
C ALA G 214 75.26 -28.83 81.28
N THR G 215 74.99 -27.85 80.41
CA THR G 215 75.83 -26.64 80.33
C THR G 215 75.58 -25.76 81.54
N THR G 216 76.58 -24.98 81.97
CA THR G 216 76.38 -24.06 83.07
C THR G 216 75.82 -22.74 82.57
N ILE G 217 74.72 -22.30 83.17
CA ILE G 217 74.07 -21.05 82.80
C ILE G 217 74.41 -19.92 83.76
N ALA G 218 74.37 -20.20 85.07
CA ALA G 218 74.67 -19.20 86.07
C ALA G 218 75.37 -19.86 87.25
N TYR G 219 76.10 -19.05 88.01
CA TYR G 219 76.81 -19.54 89.18
C TYR G 219 76.95 -18.41 90.19
N GLY G 220 76.75 -18.75 91.46
CA GLY G 220 76.93 -17.82 92.56
C GLY G 220 78.05 -18.29 93.46
N VAL G 221 78.83 -17.35 93.96
CA VAL G 221 80.02 -17.66 94.74
C VAL G 221 79.80 -16.86 96.02
N ILE G 222 80.42 -17.32 97.10
CA ILE G 222 80.48 -16.44 98.31
C ILE G 222 81.97 -16.31 98.56
N GLU G 223 82.43 -15.13 98.92
CA GLU G 223 83.86 -14.83 99.01
C GLU G 223 84.56 -15.36 100.25
N LEU G 224 85.89 -15.44 100.14
CA LEU G 224 86.72 -16.01 101.24
C LEU G 224 87.50 -14.92 101.95
N TYR G 225 87.26 -14.74 103.25
CA TYR G 225 88.02 -13.80 104.06
C TYR G 225 89.44 -14.29 104.22
N VAL G 226 90.40 -13.55 103.67
CA VAL G 226 91.80 -13.96 103.69
C VAL G 226 92.62 -12.97 104.50
N LYS G 227 93.20 -13.42 105.60
CA LYS G 227 94.20 -12.65 106.33
C LYS G 227 95.55 -13.36 106.20
N LEU G 228 96.57 -12.59 105.81
CA LEU G 228 97.90 -13.21 105.55
C LEU G 228 98.45 -13.85 106.84
N ASP G 229 97.88 -13.50 107.98
CA ASP G 229 98.30 -14.16 109.26
C ASP G 229 97.99 -15.64 109.16
N GLY G 230 96.84 -15.99 108.58
CA GLY G 230 96.49 -17.42 108.39
C GLY G 230 95.07 -17.72 108.78
N GLN G 231 94.31 -16.69 109.17
CA GLN G 231 92.93 -16.90 109.59
C GLN G 231 92.00 -16.74 108.39
N PHE G 232 91.19 -17.76 108.14
CA PHE G 232 90.28 -17.78 106.99
C PHE G 232 88.89 -18.17 107.46
N GLU G 233 87.88 -17.59 106.81
CA GLU G 233 86.48 -17.87 107.06
C GLU G 233 85.63 -17.58 105.83
N PHE G 234 84.85 -18.56 105.40
CA PHE G 234 83.93 -18.36 104.29
C PHE G 234 82.66 -17.67 104.80
N CYS G 235 82.59 -16.36 104.62
CA CYS G 235 81.51 -15.54 105.17
C CYS G 235 80.61 -15.03 104.05
N LEU G 236 79.29 -15.05 104.28
CA LEU G 236 78.34 -14.66 103.20
C LEU G 236 77.90 -13.18 103.27
N LEU G 237 78.33 -12.44 104.30
CA LEU G 237 77.89 -11.06 104.45
C LEU G 237 79.04 -10.12 104.12
N ARG G 238 78.71 -8.84 103.90
CA ARG G 238 79.68 -7.83 103.50
C ARG G 238 80.73 -7.48 104.56
N GLY G 239 80.51 -7.93 105.79
CA GLY G 239 81.37 -7.56 106.91
C GLY G 239 82.84 -7.87 106.73
N LYS G 240 83.22 -9.11 106.75
CA LYS G 240 84.65 -9.51 106.64
C LYS G 240 84.84 -10.61 105.60
N GLN G 241 84.89 -10.25 104.31
CA GLN G 241 85.19 -11.20 103.25
C GLN G 241 86.11 -10.59 102.20
N GLY G 242 86.52 -9.34 102.42
CA GLY G 242 87.26 -8.61 101.40
C GLY G 242 88.71 -8.99 101.27
N GLY G 243 89.28 -9.65 102.28
CA GLY G 243 90.71 -9.95 102.27
C GLY G 243 91.44 -8.90 103.06
N PHE G 244 92.33 -9.33 103.96
CA PHE G 244 93.04 -8.43 104.85
C PHE G 244 94.50 -8.88 104.95
N GLU G 245 95.36 -8.01 105.45
CA GLU G 245 96.81 -8.35 105.51
C GLU G 245 97.23 -8.78 106.93
N MET H 1 58.43 -10.54 84.88
CA MET H 1 59.60 -10.60 85.75
C MET H 1 59.16 -10.90 87.18
N PHE H 2 59.91 -11.78 87.86
CA PHE H 2 59.47 -12.28 89.15
C PHE H 2 59.39 -11.18 90.19
N ALA H 3 60.31 -10.21 90.13
CA ALA H 3 60.32 -9.13 91.11
C ALA H 3 59.04 -8.30 91.03
N LYS H 4 58.60 -7.99 89.81
CA LYS H 4 57.38 -7.20 89.64
C LYS H 4 56.15 -8.04 89.95
N ALA H 5 56.18 -9.33 89.60
CA ALA H 5 55.00 -10.17 89.79
C ALA H 5 54.53 -10.32 91.22
N THR H 6 55.45 -10.55 92.16
CA THR H 6 55.06 -10.64 93.56
C THR H 6 54.88 -9.27 94.23
N ARG H 7 55.52 -8.25 93.67
CA ARG H 7 55.34 -6.88 94.21
C ARG H 7 53.86 -6.51 93.97
N ASN H 8 53.41 -6.65 92.72
CA ASN H 8 52.00 -6.31 92.37
C ASN H 8 51.06 -7.18 93.20
N PHE H 9 51.36 -8.48 93.30
CA PHE H 9 50.53 -9.40 94.11
C PHE H 9 50.36 -8.87 95.53
N LEU H 10 51.46 -8.73 96.27
CA LEU H 10 51.35 -8.30 97.66
C LEU H 10 50.71 -6.91 97.79
N ARG H 11 50.82 -6.09 96.75
CA ARG H 11 50.16 -4.79 96.76
C ARG H 11 48.64 -4.91 96.83
N GLU H 12 48.08 -5.86 96.08
CA GLU H 12 46.63 -5.96 96.00
C GLU H 12 46.05 -6.87 97.07
N VAL H 13 46.87 -7.78 97.63
CA VAL H 13 46.36 -8.68 98.65
C VAL H 13 46.76 -8.17 100.01
N ASP H 14 48.06 -7.84 100.19
CA ASP H 14 48.58 -7.38 101.51
C ASP H 14 48.46 -5.85 101.59
N ALA H 15 47.33 -5.35 102.09
CA ALA H 15 47.08 -3.90 102.19
C ALA H 15 47.93 -3.22 103.26
N ASP H 16 48.44 -3.96 104.24
CA ASP H 16 49.21 -3.37 105.33
C ASP H 16 50.71 -3.43 105.12
N GLY H 17 51.18 -4.19 104.13
CA GLY H 17 52.61 -4.31 103.92
C GLY H 17 53.44 -5.08 104.92
N ASP H 18 52.80 -5.90 105.76
CA ASP H 18 53.52 -6.72 106.72
C ASP H 18 54.21 -7.96 106.11
N LEU H 19 53.91 -8.24 104.85
CA LEU H 19 54.52 -9.33 104.12
C LEU H 19 55.44 -8.66 103.10
N ILE H 20 56.52 -9.35 102.75
CA ILE H 20 57.55 -8.82 101.86
C ILE H 20 57.64 -9.73 100.64
N ALA H 21 57.59 -9.13 99.46
CA ALA H 21 57.67 -9.88 98.22
C ALA H 21 59.07 -10.44 98.00
N VAL H 22 59.14 -11.65 97.45
CA VAL H 22 60.43 -12.27 97.16
C VAL H 22 61.04 -11.60 95.93
N SER H 23 62.31 -11.21 96.04
CA SER H 23 62.95 -10.44 94.99
C SER H 23 63.16 -11.25 93.72
N ASN H 24 63.72 -12.45 93.83
CA ASN H 24 64.09 -13.24 92.65
C ASN H 24 63.93 -14.72 92.97
N LEU H 25 64.10 -15.55 91.94
CA LEU H 25 63.98 -16.99 92.12
C LEU H 25 65.16 -17.45 92.97
N ASN H 26 66.27 -16.71 92.92
CA ASN H 26 67.41 -17.06 93.76
C ASN H 26 67.02 -17.13 95.25
N ASP H 27 66.33 -16.07 95.70
CA ASP H 27 65.82 -16.04 97.06
C ASP H 27 64.66 -16.97 97.39
N SER H 28 63.98 -17.50 96.37
CA SER H 28 62.82 -18.37 96.58
C SER H 28 63.17 -19.75 97.12
N ASP H 29 64.43 -20.16 97.05
CA ASP H 29 64.85 -21.45 97.58
C ASP H 29 65.63 -21.30 98.87
N LYS H 30 65.92 -20.08 99.30
CA LYS H 30 66.63 -19.84 100.55
C LYS H 30 65.68 -19.54 101.71
N LEU H 31 64.55 -18.89 101.43
CA LEU H 31 63.60 -18.55 102.48
C LEU H 31 62.84 -19.77 102.97
N GLN H 32 63.04 -20.12 104.24
CA GLN H 32 62.34 -21.23 104.86
C GLN H 32 61.78 -20.78 106.20
N LEU H 33 60.90 -21.61 106.77
CA LEU H 33 60.24 -21.27 108.01
C LEU H 33 61.30 -21.21 109.10
N LEU H 34 61.20 -20.20 109.96
CA LEU H 34 62.12 -19.99 111.08
C LEU H 34 63.61 -19.98 110.76
N SER H 35 63.97 -19.47 109.60
CA SER H 35 65.39 -19.23 109.28
C SER H 35 65.54 -17.75 109.55
N LEU H 36 66.76 -17.33 109.89
CA LEU H 36 67.01 -15.93 110.25
C LEU H 36 67.37 -15.04 109.08
N VAL H 37 66.85 -13.82 109.09
CA VAL H 37 67.11 -12.83 108.05
C VAL H 37 67.50 -11.55 108.79
N THR H 38 68.09 -10.62 108.05
CA THR H 38 68.54 -9.36 108.62
C THR H 38 68.11 -8.24 107.67
N LYS H 39 67.48 -7.22 108.28
CA LYS H 39 67.04 -6.04 107.50
C LYS H 39 67.91 -4.85 107.90
N LYS H 40 68.45 -4.14 106.92
CA LYS H 40 69.29 -2.97 107.17
C LYS H 40 68.42 -1.72 107.25
N LYS H 41 68.42 -1.07 108.41
CA LYS H 41 67.59 0.09 108.66
C LYS H 41 68.26 1.41 108.28
N ARG H 42 69.46 1.34 107.68
CA ARG H 42 70.13 2.56 107.24
C ARG H 42 69.31 3.32 106.21
N PHE H 43 68.63 2.62 105.32
CA PHE H 43 67.77 3.26 104.33
C PHE H 43 66.56 3.89 105.02
N TRP H 44 66.05 4.96 104.41
CA TRP H 44 64.94 5.71 104.98
C TRP H 44 63.63 5.12 104.47
N CYS H 45 62.51 5.81 104.69
CA CYS H 45 61.23 5.33 104.19
C CYS H 45 61.17 5.40 102.66
N TRP H 46 62.11 6.13 102.05
CA TRP H 46 62.17 6.25 100.61
C TRP H 46 62.41 4.90 99.92
N GLN H 47 63.30 4.07 100.45
CA GLN H 47 63.57 2.77 99.87
C GLN H 47 63.23 1.68 100.87
N ARG H 48 62.94 0.48 100.35
CA ARG H 48 62.64 -0.65 101.22
C ARG H 48 63.87 -1.04 102.01
N PRO H 49 63.71 -1.57 103.23
CA PRO H 49 64.86 -2.06 103.98
C PRO H 49 65.56 -3.19 103.24
N LYS H 50 66.88 -3.21 103.33
CA LYS H 50 67.69 -4.24 102.65
C LYS H 50 67.64 -5.52 103.48
N TYR H 51 67.06 -6.56 102.92
CA TYR H 51 66.88 -7.84 103.60
C TYR H 51 67.91 -8.84 103.08
N GLN H 52 68.68 -9.41 104.00
CA GLN H 52 69.68 -10.41 103.69
C GLN H 52 69.51 -11.62 104.60
N PHE H 53 69.70 -12.81 104.05
CA PHE H 53 69.38 -14.05 104.73
C PHE H 53 70.66 -14.74 105.18
N LEU H 54 70.72 -15.07 106.48
CA LEU H 54 71.82 -15.87 106.98
C LEU H 54 71.59 -17.34 106.68
N SER H 55 72.68 -18.07 106.48
CA SER H 55 72.61 -19.50 106.18
C SER H 55 72.18 -20.30 107.40
N LEU H 56 72.33 -19.71 108.58
CA LEU H 56 72.02 -20.39 109.84
C LEU H 56 70.52 -20.26 110.13
N THR H 57 70.06 -21.04 111.10
CA THR H 57 68.66 -21.02 111.54
C THR H 57 68.63 -20.75 113.03
N LEU H 58 67.42 -20.82 113.61
CA LEU H 58 67.28 -20.60 115.04
C LEU H 58 68.05 -21.64 115.84
N GLY H 59 67.83 -22.92 115.55
CA GLY H 59 68.53 -23.97 116.28
C GLY H 59 70.03 -23.90 116.10
N ASP H 60 70.47 -23.29 115.00
CA ASP H 60 71.91 -23.12 114.78
C ASP H 60 72.51 -22.05 115.69
N VAL H 61 71.68 -21.11 116.15
CA VAL H 61 72.17 -20.00 116.95
C VAL H 61 71.67 -20.03 118.40
N LEU H 62 70.73 -20.91 118.73
CA LEU H 62 70.31 -21.02 120.13
C LEU H 62 71.46 -21.51 121.00
N ILE H 63 71.90 -22.75 120.78
CA ILE H 63 73.02 -23.37 121.46
C ILE H 63 72.75 -23.52 122.96
N GLU H 64 72.31 -22.44 123.60
CA GLU H 64 72.12 -22.47 125.05
C GLU H 64 71.05 -23.45 125.48
N ASP H 65 69.93 -23.52 124.76
CA ASP H 65 68.81 -24.37 125.14
C ASP H 65 68.26 -25.06 123.91
N GLN H 66 67.48 -26.11 124.15
CA GLN H 66 66.96 -26.95 123.07
C GLN H 66 65.89 -26.36 122.17
N PHE H 67 65.86 -26.84 120.93
CA PHE H 67 64.90 -26.37 119.92
C PHE H 67 63.41 -26.63 120.03
N PRO H 68 62.59 -25.61 120.24
CA PRO H 68 61.14 -25.89 120.41
C PRO H 68 60.42 -26.29 119.14
N SER H 69 59.77 -27.44 119.15
CA SER H 69 59.23 -28.01 117.93
C SER H 69 58.22 -27.03 117.34
N PRO H 70 58.31 -26.71 116.06
CA PRO H 70 57.30 -25.80 115.48
C PRO H 70 55.86 -26.19 115.32
N VAL H 71 54.98 -25.20 115.33
CA VAL H 71 53.54 -25.42 115.11
C VAL H 71 53.22 -24.85 113.73
N VAL H 72 53.41 -25.65 112.70
CA VAL H 72 53.19 -25.23 111.33
C VAL H 72 51.74 -25.57 110.99
N VAL H 73 50.99 -24.56 110.52
CA VAL H 73 49.59 -24.74 110.13
C VAL H 73 49.50 -24.28 108.68
N GLU H 74 48.87 -25.12 107.85
CA GLU H 74 48.76 -24.82 106.40
C GLU H 74 47.37 -24.24 106.08
N SER H 75 47.33 -23.06 105.47
CA SER H 75 46.10 -22.43 105.03
C SER H 75 46.28 -21.91 103.62
N ASP H 76 45.28 -22.11 102.77
CA ASP H 76 45.32 -21.69 101.38
C ASP H 76 44.34 -20.55 101.16
N PHE H 77 44.72 -19.61 100.29
CA PHE H 77 43.87 -18.43 100.06
C PHE H 77 44.37 -17.67 98.86
N VAL H 78 43.57 -16.75 98.33
CA VAL H 78 44.07 -15.85 97.23
C VAL H 78 44.73 -16.65 96.08
N LYS H 79 44.03 -17.61 95.49
CA LYS H 79 44.68 -18.32 94.36
C LYS H 79 44.98 -17.22 93.34
N TYR H 80 44.06 -16.27 93.12
CA TYR H 80 44.38 -15.04 92.33
C TYR H 80 44.68 -15.21 90.84
N GLU H 81 44.78 -14.08 90.15
CA GLU H 81 45.07 -13.96 88.73
C GLU H 81 45.30 -12.49 88.45
N GLY H 82 46.47 -12.16 87.91
CA GLY H 82 46.84 -10.78 87.73
C GLY H 82 47.30 -10.44 86.32
N LYS H 83 46.69 -9.44 85.71
CA LYS H 83 47.11 -8.92 84.42
C LYS H 83 47.46 -7.45 84.59
N PHE H 84 48.63 -7.07 84.08
CA PHE H 84 49.15 -5.73 84.33
C PHE H 84 49.72 -5.17 83.02
N ALA H 85 48.95 -4.32 82.35
CA ALA H 85 49.39 -3.64 81.13
C ALA H 85 49.75 -2.20 81.45
N ASN H 86 51.04 -1.92 81.53
CA ASN H 86 51.53 -0.61 81.94
C ASN H 86 52.20 0.07 80.77
N HIS H 87 51.78 1.29 80.47
CA HIS H 87 52.36 2.11 79.41
C HIS H 87 52.97 3.36 80.02
N VAL H 88 54.27 3.56 79.82
CA VAL H 88 54.99 4.73 80.33
C VAL H 88 55.67 5.40 79.15
N SER H 89 55.36 6.68 78.94
CA SER H 89 55.99 7.48 77.89
C SER H 89 56.47 8.79 78.48
N GLY H 90 57.77 9.05 78.34
CA GLY H 90 58.34 10.28 78.85
C GLY H 90 59.29 10.94 77.87
N THR H 91 59.00 12.17 77.47
CA THR H 91 59.80 12.90 76.51
C THR H 91 60.42 14.11 77.21
N LEU H 92 61.72 14.26 77.08
CA LEU H 92 62.45 15.38 77.66
C LEU H 92 63.04 16.18 76.52
N GLU H 93 62.73 17.47 76.48
CA GLU H 93 63.21 18.36 75.42
C GLU H 93 63.88 19.54 76.08
N THR H 94 65.19 19.70 75.85
CA THR H 94 65.98 20.75 76.44
C THR H 94 66.73 21.49 75.34
N ALA H 95 66.81 22.81 75.47
CA ALA H 95 67.49 23.66 74.49
C ALA H 95 68.17 24.79 75.26
N LEU H 96 69.51 24.77 75.28
CA LEU H 96 70.30 25.81 75.94
C LEU H 96 71.32 26.33 74.95
N GLY H 97 71.10 27.55 74.47
CA GLY H 97 72.08 28.20 73.60
C GLY H 97 72.46 27.37 72.39
N LYS H 98 73.72 26.97 72.34
CA LYS H 98 74.23 26.22 71.19
C LYS H 98 73.56 24.86 71.07
N VAL H 99 73.39 24.17 72.19
CA VAL H 99 72.95 22.77 72.20
C VAL H 99 71.43 22.64 72.28
N LYS H 100 70.85 22.00 71.28
CA LYS H 100 69.46 21.52 71.33
C LYS H 100 69.22 20.02 71.44
N LEU H 101 68.51 19.59 72.46
CA LEU H 101 68.36 18.17 72.78
C LEU H 101 66.88 17.78 72.76
N ASN H 102 66.55 16.78 71.96
CA ASN H 102 65.20 16.22 71.90
C ASN H 102 65.29 14.74 72.26
N LEU H 103 64.58 14.33 73.31
CA LEU H 103 64.58 12.96 73.79
C LEU H 103 63.16 12.46 73.95
N GLY H 104 62.89 11.27 73.41
CA GLY H 104 61.59 10.65 73.57
C GLY H 104 61.67 9.18 73.91
N GLY H 105 61.17 8.81 75.10
CA GLY H 105 61.24 7.44 75.54
C GLY H 105 59.89 6.83 75.83
N SER H 106 59.54 5.78 75.09
CA SER H 106 58.27 5.08 75.27
C SER H 106 58.54 3.66 75.75
N SER H 107 57.95 3.31 76.88
CA SER H 107 58.12 1.99 77.49
C SER H 107 56.76 1.36 77.72
N ARG H 108 56.58 0.14 77.20
CA ARG H 108 55.36 -0.62 77.39
C ARG H 108 55.69 -1.94 78.07
N VAL H 109 55.01 -2.21 79.18
CA VAL H 109 55.18 -3.45 79.94
C VAL H 109 53.82 -4.07 80.14
N GLU H 110 53.66 -5.31 79.69
CA GLU H 110 52.44 -6.08 79.86
C GLU H 110 52.84 -7.35 80.61
N SER H 111 52.77 -7.30 81.93
CA SER H 111 53.19 -8.40 82.78
C SER H 111 51.97 -9.13 83.31
N GLN H 112 51.71 -10.31 82.76
CA GLN H 112 50.63 -11.18 83.26
C GLN H 112 51.18 -12.07 84.35
N SER H 113 50.51 -12.08 85.50
CA SER H 113 50.94 -12.83 86.67
C SER H 113 49.80 -13.78 87.06
N SER H 114 49.79 -14.96 86.46
CA SER H 114 48.77 -15.96 86.72
C SER H 114 49.36 -16.95 87.74
N PHE H 115 48.66 -17.13 88.86
CA PHE H 115 49.12 -17.98 89.94
C PHE H 115 48.01 -18.96 90.30
N GLY H 116 48.41 -20.12 90.85
CA GLY H 116 47.45 -21.09 91.33
C GLY H 116 47.06 -20.87 92.78
N THR H 117 46.58 -21.94 93.41
CA THR H 117 46.19 -21.87 94.81
C THR H 117 47.40 -21.61 95.70
N LEU H 118 47.45 -20.44 96.32
CA LEU H 118 48.57 -20.09 97.17
C LEU H 118 48.28 -20.46 98.61
N ARG H 119 49.28 -21.10 99.24
CA ARG H 119 49.08 -21.59 100.62
C ARG H 119 49.99 -20.86 101.61
N LYS H 120 49.49 -20.64 102.82
CA LYS H 120 50.26 -19.95 103.88
C LYS H 120 50.69 -20.98 104.94
N GLN H 121 51.94 -20.89 105.38
CA GLN H 121 52.51 -21.76 106.40
C GLN H 121 53.06 -20.87 107.51
N GLU H 122 52.26 -20.67 108.56
CA GLU H 122 52.64 -19.83 109.68
C GLU H 122 53.05 -20.68 110.87
N VAL H 123 54.06 -20.24 111.58
CA VAL H 123 54.56 -20.92 112.77
C VAL H 123 53.91 -20.31 114.00
N ASP H 124 53.68 -21.13 115.02
CA ASP H 124 53.08 -20.68 116.27
C ASP H 124 53.86 -19.53 116.91
N LEU H 125 53.21 -18.36 117.01
CA LEU H 125 53.88 -17.21 117.61
C LEU H 125 54.23 -17.43 119.08
N GLN H 126 53.37 -18.17 119.79
CA GLN H 126 53.67 -18.51 121.18
C GLN H 126 54.88 -19.40 121.40
N GLN H 127 55.13 -20.36 120.51
CA GLN H 127 56.40 -21.09 120.54
C GLN H 127 57.56 -20.14 120.31
N LEU H 128 57.35 -19.10 119.50
CA LEU H 128 58.41 -18.16 119.18
C LEU H 128 58.83 -17.36 120.42
N ILE H 129 57.87 -17.04 121.29
CA ILE H 129 58.15 -16.17 122.42
C ILE H 129 58.70 -16.96 123.61
N ARG H 130 58.31 -18.24 123.72
CA ARG H 130 58.66 -19.02 124.91
C ARG H 130 60.17 -19.18 125.05
N ASP H 131 60.86 -19.62 123.99
CA ASP H 131 62.30 -19.78 124.07
C ASP H 131 63.01 -18.44 124.17
N SER H 132 62.51 -17.43 123.46
CA SER H 132 63.17 -16.13 123.43
C SER H 132 63.22 -15.45 124.80
N ALA H 133 62.12 -15.49 125.56
CA ALA H 133 62.08 -14.85 126.88
C ALA H 133 63.04 -15.48 127.87
N GLU H 134 63.51 -16.70 127.61
CA GLU H 134 64.48 -17.38 128.45
C GLU H 134 65.87 -17.25 127.84
N ARG H 135 66.88 -17.61 128.65
CA ARG H 135 68.27 -17.56 128.20
C ARG H 135 68.51 -18.75 127.26
N THR H 136 68.16 -18.53 125.99
CA THR H 136 68.21 -19.58 124.99
C THR H 136 69.20 -19.32 123.87
N ILE H 137 69.52 -18.06 123.57
CA ILE H 137 70.41 -17.71 122.47
C ILE H 137 71.76 -17.32 123.06
N ASN H 138 72.82 -17.95 122.55
CA ASN H 138 74.17 -17.63 123.02
C ASN H 138 74.56 -16.21 122.58
N LEU H 139 75.34 -15.53 123.43
CA LEU H 139 75.66 -14.14 123.16
C LEU H 139 76.70 -14.02 122.04
N ARG H 140 77.71 -14.89 122.04
CA ARG H 140 78.81 -14.82 121.09
C ARG H 140 78.75 -15.99 120.13
N ASN H 141 78.80 -15.70 118.83
CA ASN H 141 78.84 -16.69 117.77
C ASN H 141 79.94 -16.30 116.78
N PRO H 142 80.60 -17.30 116.18
CA PRO H 142 81.59 -16.95 115.13
C PRO H 142 80.97 -16.20 113.97
N VAL H 143 79.69 -16.44 113.71
CA VAL H 143 78.98 -15.69 112.62
C VAL H 143 78.09 -14.66 113.31
N LEU H 144 77.62 -13.63 112.59
CA LEU H 144 76.68 -12.59 113.11
C LEU H 144 77.47 -11.42 113.78
N GLN H 145 78.78 -11.57 113.92
CA GLN H 145 79.59 -10.44 114.45
C GLN H 145 79.46 -9.20 113.55
N GLN H 146 79.53 -9.42 112.23
CA GLN H 146 79.42 -8.30 111.25
C GLN H 146 78.05 -7.64 111.37
N VAL H 147 77.04 -8.36 111.89
CA VAL H 147 75.73 -7.76 112.10
C VAL H 147 75.76 -6.77 113.25
N LEU H 148 76.41 -7.14 114.35
CA LEU H 148 76.53 -6.22 115.48
C LEU H 148 77.36 -5.00 115.12
N GLU H 149 78.46 -5.21 114.38
CA GLU H 149 79.26 -4.10 113.85
C GLU H 149 78.55 -3.49 112.65
N GLY H 150 77.72 -2.50 112.93
CA GLY H 150 76.73 -2.08 111.95
C GLY H 150 75.37 -2.10 112.62
N ARG H 151 75.31 -1.67 113.89
CA ARG H 151 74.04 -1.75 114.66
C ARG H 151 72.83 -1.61 113.74
N ASN H 152 72.71 -0.51 113.02
CA ASN H 152 71.67 -0.34 112.01
C ASN H 152 70.90 -1.50 111.38
N GLU H 153 71.61 -2.59 111.04
CA GLU H 153 70.97 -3.81 110.58
C GLU H 153 70.76 -4.74 111.77
N VAL H 154 69.56 -5.33 111.86
CA VAL H 154 69.18 -6.15 113.00
C VAL H 154 68.70 -7.50 112.48
N LEU H 155 68.86 -8.53 113.31
CA LEU H 155 68.47 -9.88 112.94
C LEU H 155 66.97 -10.07 113.14
N CYS H 156 66.34 -10.80 112.22
CA CYS H 156 64.92 -11.12 112.28
C CYS H 156 64.82 -12.60 111.98
N VAL H 157 63.64 -13.15 112.31
CA VAL H 157 63.38 -14.60 112.07
C VAL H 157 62.07 -14.71 111.30
N LEU H 158 62.07 -15.51 110.23
CA LEU H 158 60.88 -15.70 109.41
C LEU H 158 59.83 -16.51 110.17
N THR H 159 58.57 -16.08 110.07
CA THR H 159 57.45 -16.75 110.70
C THR H 159 56.21 -16.99 109.83
N GLN H 160 56.06 -16.18 108.78
CA GLN H 160 54.93 -16.36 107.82
C GLN H 160 55.53 -16.62 106.44
N LYS H 161 54.87 -17.45 105.63
CA LYS H 161 55.38 -17.80 104.32
C LYS H 161 54.21 -18.17 103.43
N ILE H 162 54.18 -17.61 102.22
CA ILE H 162 53.16 -17.92 101.23
C ILE H 162 53.84 -18.72 100.12
N THR H 163 53.30 -19.90 99.84
CA THR H 163 53.88 -20.81 98.86
C THR H 163 52.82 -21.30 97.88
N THR H 164 53.19 -21.36 96.61
CA THR H 164 52.29 -21.84 95.57
C THR H 164 52.34 -23.35 95.43
N MET H 165 51.26 -23.93 94.91
CA MET H 165 51.14 -25.38 94.75
C MET H 165 51.03 -25.80 93.29
N GLN H 166 50.81 -24.87 92.37
CA GLN H 166 50.62 -25.20 90.97
C GLN H 166 51.61 -24.37 90.17
N LYS H 167 52.07 -24.98 89.07
CA LYS H 167 53.00 -24.28 88.15
C LYS H 167 52.38 -22.92 87.79
N CYS H 168 53.10 -21.84 88.08
CA CYS H 168 52.62 -20.51 87.83
C CYS H 168 53.14 -19.94 86.50
N VAL H 169 52.38 -19.01 85.94
CA VAL H 169 52.68 -18.42 84.64
C VAL H 169 52.96 -16.93 84.82
N ILE H 170 54.11 -16.48 84.33
CA ILE H 170 54.46 -15.07 84.32
C ILE H 170 54.84 -14.70 82.90
N SER H 171 53.86 -14.27 82.11
CA SER H 171 54.10 -13.89 80.72
C SER H 171 54.40 -12.40 80.69
N GLU H 172 55.68 -12.06 80.55
CA GLU H 172 56.14 -10.68 80.58
C GLU H 172 56.43 -10.21 79.16
N HIS H 173 55.81 -9.11 78.76
CA HIS H 173 56.11 -8.45 77.51
C HIS H 173 56.65 -7.06 77.84
N MET H 174 57.87 -6.77 77.38
CA MET H 174 58.54 -5.51 77.69
C MET H 174 59.02 -4.90 76.38
N GLN H 175 58.29 -3.92 75.88
CA GLN H 175 58.68 -3.17 74.70
C GLN H 175 59.22 -1.83 75.15
N VAL H 176 60.46 -1.53 74.78
CA VAL H 176 61.15 -0.31 75.20
C VAL H 176 61.61 0.41 73.94
N GLU H 177 61.12 1.62 73.74
CA GLU H 177 61.55 2.46 72.63
C GLU H 177 62.11 3.77 73.17
N GLU H 178 63.36 4.07 72.83
CA GLU H 178 64.04 5.27 73.28
C GLU H 178 64.64 5.97 72.07
N LYS H 179 64.29 7.23 71.89
CA LYS H 179 64.81 8.04 70.79
C LYS H 179 65.54 9.24 71.36
N CYS H 180 66.81 9.39 70.99
CA CYS H 180 67.65 10.48 71.44
C CYS H 180 68.11 11.30 70.24
N GLY H 181 67.92 12.61 70.31
CA GLY H 181 68.34 13.49 69.23
C GLY H 181 68.99 14.76 69.72
N GLY H 182 70.19 15.06 69.22
CA GLY H 182 70.90 16.26 69.60
C GLY H 182 71.43 17.02 68.41
N ILE H 183 71.00 18.28 68.32
CA ILE H 183 71.51 19.19 67.24
C ILE H 183 72.41 20.21 67.95
N VAL H 184 73.66 20.34 67.52
CA VAL H 184 74.61 21.22 68.17
C VAL H 184 75.21 22.14 67.12
N GLY H 185 75.11 23.44 67.35
CA GLY H 185 75.69 24.44 66.46
C GLY H 185 76.61 25.41 67.17
N ILE H 186 77.89 25.43 66.78
CA ILE H 186 78.82 26.30 67.55
C ILE H 186 79.38 27.45 66.67
N GLN H 187 79.15 28.69 67.11
CA GLN H 187 79.64 29.91 66.45
C GLN H 187 81.14 30.31 66.54
N THR H 188 82.00 29.32 66.33
CA THR H 188 83.43 29.49 66.51
C THR H 188 84.18 30.52 65.68
N LYS H 189 85.29 31.05 66.23
CA LYS H 189 86.04 32.10 65.47
C LYS H 189 86.73 31.69 64.16
N THR H 190 86.16 32.04 63.00
CA THR H 190 86.72 31.70 61.66
C THR H 190 86.47 30.24 61.35
N VAL H 191 85.60 29.58 62.13
CA VAL H 191 85.26 28.15 61.89
C VAL H 191 83.74 27.99 62.04
N GLN H 192 83.02 27.79 60.94
CA GLN H 192 81.59 27.53 61.11
C GLN H 192 81.40 26.05 61.39
N VAL H 193 80.75 25.73 62.50
CA VAL H 193 80.63 24.35 62.95
C VAL H 193 79.17 23.94 62.95
N SER H 194 78.90 22.67 62.64
CA SER H 194 77.55 22.12 62.70
C SER H 194 77.60 20.63 62.99
N ALA H 195 77.22 20.24 64.20
CA ALA H 195 77.31 18.85 64.64
C ALA H 195 75.92 18.36 65.04
N THR H 196 75.50 17.24 64.46
CA THR H 196 74.20 16.63 64.75
C THR H 196 74.40 15.17 65.09
N GLU H 197 73.79 14.74 66.20
CA GLU H 197 73.87 13.33 66.63
C GLU H 197 72.44 12.81 66.89
N ASP H 198 72.05 11.73 66.21
CA ASP H 198 70.73 11.13 66.36
C ASP H 198 70.88 9.69 66.82
N GLY H 199 70.23 9.33 67.92
CA GLY H 199 70.29 7.99 68.43
C GLY H 199 68.92 7.37 68.65
N ASN H 200 68.60 6.35 67.88
CA ASN H 200 67.32 5.65 67.98
C ASN H 200 67.59 4.25 68.50
N VAL H 201 66.98 3.89 69.62
CA VAL H 201 67.11 2.58 70.22
C VAL H 201 65.72 2.00 70.40
N THR H 202 65.49 0.82 69.81
CA THR H 202 64.24 0.10 69.96
C THR H 202 64.55 -1.30 70.49
N LYS H 203 64.03 -1.63 71.66
CA LYS H 203 64.31 -2.90 72.32
C LYS H 203 63.00 -3.59 72.66
N ASP H 204 62.94 -4.88 72.36
CA ASP H 204 61.78 -5.71 72.66
C ASP H 204 62.24 -6.94 73.43
N SER H 205 61.46 -7.31 74.46
CA SER H 205 61.76 -8.49 75.27
C SER H 205 60.46 -9.26 75.50
N ASN H 206 60.13 -10.14 74.57
CA ASN H 206 58.95 -11.00 74.70
C ASN H 206 59.36 -12.26 75.45
N VAL H 207 59.21 -12.24 76.77
CA VAL H 207 59.65 -13.37 77.59
C VAL H 207 58.47 -14.01 78.33
N VAL H 208 58.16 -15.25 77.96
CA VAL H 208 57.15 -16.03 78.67
C VAL H 208 57.88 -17.12 79.45
N LEU H 209 57.93 -16.98 80.77
CA LEU H 209 58.62 -17.92 81.64
C LEU H 209 57.65 -18.50 82.65
N GLU H 210 57.79 -19.80 82.87
CA GLU H 210 56.90 -20.47 83.84
C GLU H 210 57.56 -20.48 85.22
N ILE H 211 56.77 -20.71 86.26
CA ILE H 211 57.23 -20.75 87.64
C ILE H 211 56.82 -22.09 88.23
N PRO H 212 57.74 -22.84 88.83
CA PRO H 212 57.38 -24.14 89.37
C PRO H 212 56.62 -24.00 90.69
N ALA H 213 56.01 -25.12 91.10
CA ALA H 213 55.34 -25.16 92.38
C ALA H 213 56.37 -25.13 93.51
N ALA H 214 55.89 -24.90 94.73
CA ALA H 214 56.62 -24.86 95.98
C ALA H 214 57.55 -23.66 96.09
N THR H 215 57.45 -22.72 95.13
CA THR H 215 58.29 -21.51 95.17
C THR H 215 57.78 -20.58 96.26
N THR H 216 58.67 -19.75 96.83
CA THR H 216 58.24 -18.79 97.84
C THR H 216 57.78 -17.51 97.16
N ILE H 217 56.58 -17.06 97.51
CA ILE H 217 56.01 -15.84 96.95
C ILE H 217 56.13 -14.66 97.91
N ALA H 218 55.84 -14.88 99.19
CA ALA H 218 55.91 -13.83 100.19
C ALA H 218 56.36 -14.43 101.51
N TYR H 219 56.91 -13.57 102.37
CA TYR H 219 57.38 -13.99 103.68
C TYR H 219 57.29 -12.82 104.64
N GLY H 220 56.86 -13.11 105.85
CA GLY H 220 56.80 -12.12 106.92
C GLY H 220 57.72 -12.53 108.06
N VAL H 221 58.38 -11.55 108.66
CA VAL H 221 59.39 -11.80 109.68
C VAL H 221 58.89 -10.94 110.84
N ILE H 222 59.29 -11.35 112.05
CA ILE H 222 59.09 -10.41 113.19
C ILE H 222 60.51 -10.25 113.74
N GLU H 223 60.87 -9.04 114.12
CA GLU H 223 62.25 -8.70 114.49
C GLU H 223 62.69 -9.17 115.87
N LEU H 224 64.02 -9.22 116.04
CA LEU H 224 64.60 -9.73 117.29
C LEU H 224 65.22 -8.59 118.10
N TYR H 225 64.72 -8.36 119.31
CA TYR H 225 65.28 -7.36 120.21
C TYR H 225 66.66 -7.82 120.69
N VAL H 226 67.70 -7.09 120.31
CA VAL H 226 69.08 -7.47 120.63
C VAL H 226 69.71 -6.43 121.53
N LYS H 227 70.06 -6.82 122.76
CA LYS H 227 70.88 -5.99 123.62
C LYS H 227 72.22 -6.68 123.82
N LEU H 228 73.31 -5.92 123.59
CA LEU H 228 74.66 -6.52 123.64
C LEU H 228 74.95 -7.08 125.04
N ASP H 229 74.14 -6.70 126.04
CA ASP H 229 74.32 -7.29 127.39
C ASP H 229 74.05 -8.79 127.30
N GLY H 230 73.03 -9.19 126.53
CA GLY H 230 72.75 -10.63 126.33
C GLY H 230 71.28 -10.94 126.45
N GLN H 231 70.44 -9.91 126.62
CA GLN H 231 69.01 -10.12 126.77
C GLN H 231 68.34 -10.03 125.40
N PHE H 232 67.61 -11.08 125.04
CA PHE H 232 66.95 -11.16 123.74
C PHE H 232 65.50 -11.56 123.92
N GLU H 233 64.64 -11.03 123.05
CA GLU H 233 63.21 -11.33 123.05
C GLU H 233 62.63 -11.11 121.65
N PHE H 234 61.97 -12.13 121.11
CA PHE H 234 61.28 -11.99 119.83
C PHE H 234 59.93 -11.30 120.05
N CYS H 235 59.88 -10.00 119.79
CA CYS H 235 58.71 -9.18 120.08
C CYS H 235 58.05 -8.75 118.78
N LEU H 236 56.71 -8.78 118.73
CA LEU H 236 55.99 -8.45 117.47
C LEU H 236 55.54 -6.98 117.37
N LEU H 237 55.74 -6.19 118.43
CA LEU H 237 55.26 -4.81 118.42
C LEU H 237 56.45 -3.86 118.28
N ARG H 238 56.16 -2.61 117.94
CA ARG H 238 57.18 -1.59 117.70
C ARG H 238 57.98 -1.17 118.93
N GLY H 239 57.53 -1.57 120.12
CA GLY H 239 58.14 -1.14 121.36
C GLY H 239 59.62 -1.42 121.50
N LYS H 240 60.00 -2.66 121.64
CA LYS H 240 61.42 -3.03 121.86
C LYS H 240 61.83 -4.18 120.92
N GLN H 241 62.13 -3.87 119.66
CA GLN H 241 62.66 -4.87 118.73
C GLN H 241 63.76 -4.28 117.86
N GLY H 242 64.12 -3.02 118.09
CA GLY H 242 65.03 -2.32 117.21
C GLY H 242 66.49 -2.68 117.40
N GLY H 243 66.85 -3.28 118.53
CA GLY H 243 68.24 -3.55 118.82
C GLY H 243 68.80 -2.45 119.70
N PHE H 244 69.49 -2.82 120.77
CA PHE H 244 70.00 -1.87 121.74
C PHE H 244 71.40 -2.29 122.15
N GLU H 245 72.14 -1.38 122.78
CA GLU H 245 73.55 -1.69 123.16
C GLU H 245 73.68 -2.04 124.64
N MET I 1 40.15 -5.55 95.31
CA MET I 1 41.12 -5.56 96.40
C MET I 1 40.40 -5.80 97.72
N PHE I 2 41.00 -6.63 98.58
CA PHE I 2 40.31 -7.08 99.78
C PHE I 2 40.01 -5.93 100.73
N ALA I 3 40.92 -4.94 100.80
CA ALA I 3 40.71 -3.82 101.72
C ALA I 3 39.47 -3.03 101.35
N LYS I 4 39.29 -2.78 100.05
CA LYS I 4 38.12 -2.03 99.60
C LYS I 4 36.85 -2.87 99.68
N ALA I 5 36.97 -4.17 99.41
CA ALA I 5 35.78 -5.03 99.40
C ALA I 5 35.03 -5.12 100.72
N THR I 6 35.76 -5.29 101.83
CA THR I 6 35.09 -5.32 103.13
C THR I 6 34.76 -3.93 103.68
N ARG I 7 35.50 -2.92 103.21
CA ARG I 7 35.20 -1.53 103.63
C ARG I 7 33.80 -1.21 103.08
N ASN I 8 33.60 -1.41 101.77
CA ASN I 8 32.29 -1.11 101.14
C ASN I 8 31.20 -1.96 101.81
N PHE I 9 31.50 -3.25 102.02
CA PHE I 9 30.53 -4.15 102.70
C PHE I 9 30.06 -3.55 104.03
N LEU I 10 30.99 -3.36 104.96
CA LEU I 10 30.61 -2.87 106.28
C LEU I 10 29.94 -1.50 106.21
N ARG I 11 30.25 -0.72 105.17
CA ARG I 11 29.59 0.57 104.99
C ARG I 11 28.09 0.42 104.76
N GLU I 12 27.69 -0.57 103.96
CA GLU I 12 26.29 -0.71 103.58
C GLU I 12 25.52 -1.58 104.56
N VAL I 13 26.22 -2.44 105.32
CA VAL I 13 25.51 -3.31 106.26
C VAL I 13 25.63 -2.72 107.65
N ASP I 14 26.86 -2.37 108.07
CA ASP I 14 27.10 -1.83 109.44
C ASP I 14 26.95 -0.30 109.43
N ALA I 15 25.74 0.20 109.67
CA ALA I 15 25.47 1.64 109.64
C ALA I 15 26.06 2.39 110.82
N ASP I 16 26.37 1.71 111.92
CA ASP I 16 26.90 2.36 113.11
C ASP I 16 28.42 2.33 113.21
N GLY I 17 29.09 1.52 112.37
CA GLY I 17 30.53 1.42 112.47
C GLY I 17 31.14 0.71 113.64
N ASP I 18 30.37 -0.08 114.38
CA ASP I 18 30.88 -0.85 115.51
C ASP I 18 31.69 -2.09 115.12
N LEU I 19 31.65 -2.43 113.84
CA LEU I 19 32.41 -3.54 113.28
C LEU I 19 33.51 -2.90 112.43
N ILE I 20 34.64 -3.59 112.35
CA ILE I 20 35.83 -3.08 111.65
C ILE I 20 36.16 -4.05 110.53
N ALA I 21 36.35 -3.50 109.33
CA ALA I 21 36.69 -4.31 108.17
C ALA I 21 38.12 -4.85 108.27
N VAL I 22 38.31 -6.08 107.81
CA VAL I 22 39.64 -6.68 107.82
C VAL I 22 40.47 -6.06 106.70
N SER I 23 41.69 -5.64 107.05
CA SER I 23 42.53 -4.90 106.11
C SER I 23 42.99 -5.77 104.94
N ASN I 24 43.54 -6.95 105.22
CA ASN I 24 44.14 -7.78 104.18
C ASN I 24 43.93 -9.25 104.53
N LEU I 25 44.32 -10.13 103.60
CA LEU I 25 44.18 -11.56 103.82
C LEU I 25 45.16 -11.96 104.91
N ASN I 26 46.26 -11.20 105.05
CA ASN I 26 47.21 -11.49 106.13
C ASN I 26 46.52 -11.50 107.50
N ASP I 27 45.75 -10.43 107.76
CA ASP I 27 44.97 -10.35 108.99
C ASP I 27 43.77 -11.29 109.11
N SER I 28 43.32 -11.87 108.01
CA SER I 28 42.16 -12.76 108.01
C SER I 28 42.39 -14.09 108.69
N ASP I 29 43.65 -14.49 108.89
CA ASP I 29 43.96 -15.75 109.55
C ASP I 29 44.46 -15.52 110.97
N LYS I 30 44.66 -14.29 111.39
CA LYS I 30 45.09 -13.96 112.74
C LYS I 30 43.93 -13.63 113.67
N LEU I 31 42.87 -13.02 113.15
CA LEU I 31 41.72 -12.66 113.96
C LEU I 31 40.89 -13.87 114.34
N GLN I 32 40.83 -14.15 115.64
CA GLN I 32 40.03 -15.25 116.16
C GLN I 32 39.20 -14.74 117.33
N LEU I 33 38.25 -15.57 117.75
CA LEU I 33 37.33 -15.18 118.82
C LEU I 33 38.16 -15.05 120.10
N LEU I 34 37.86 -14.00 120.87
CA LEU I 34 38.55 -13.73 122.15
C LEU I 34 40.07 -13.70 122.13
N SER I 35 40.65 -13.24 121.03
CA SER I 35 42.11 -12.99 121.01
C SER I 35 42.19 -11.50 121.23
N LEU I 36 43.30 -11.04 121.79
CA LEU I 36 43.46 -9.62 122.12
C LEU I 36 44.04 -8.78 121.01
N VAL I 37 43.52 -7.57 120.86
CA VAL I 37 43.98 -6.62 119.85
C VAL I 37 44.20 -5.30 120.59
N THR I 38 44.91 -4.39 119.93
CA THR I 38 45.23 -3.10 120.51
C THR I 38 44.99 -2.04 119.45
N LYS I 39 44.24 -1.00 119.86
CA LYS I 39 43.95 0.13 118.96
C LYS I 39 44.72 1.36 119.47
N LYS I 40 45.44 2.03 118.59
CA LYS I 40 46.20 3.23 118.94
C LYS I 40 45.31 4.47 118.78
N LYS I 41 45.07 5.17 119.89
CA LYS I 41 44.19 6.32 119.91
C LYS I 41 44.92 7.63 119.62
N ARG I 42 46.21 7.56 119.27
CA ARG I 42 46.95 8.77 118.92
C ARG I 42 46.35 9.47 117.71
N PHE I 43 45.86 8.72 116.73
CA PHE I 43 45.22 9.30 115.57
C PHE I 43 43.88 9.93 115.95
N TRP I 44 43.51 10.96 115.21
CA TRP I 44 42.30 11.72 115.50
C TRP I 44 41.12 11.07 114.76
N CYS I 45 39.97 11.76 114.73
CA CYS I 45 38.83 11.24 114.00
C CYS I 45 39.08 11.23 112.49
N TRP I 46 40.10 11.95 112.05
CA TRP I 46 40.46 12.00 110.64
C TRP I 46 40.85 10.63 110.08
N GLN I 47 41.62 9.84 110.82
CA GLN I 47 42.01 8.52 110.36
C GLN I 47 41.49 7.47 111.33
N ARG I 48 41.33 6.24 110.82
CA ARG I 48 40.85 5.15 111.67
C ARG I 48 41.91 4.81 112.71
N PRO I 49 41.51 4.34 113.90
CA PRO I 49 42.50 3.91 114.89
C PRO I 49 43.34 2.76 114.36
N LYS I 50 44.62 2.77 114.71
CA LYS I 50 45.54 1.73 114.26
C LYS I 50 45.35 0.49 115.12
N TYR I 51 44.90 -0.60 114.50
CA TYR I 51 44.60 -1.84 115.20
C TYR I 51 45.72 -2.84 114.95
N GLN I 52 46.29 -3.37 116.03
CA GLN I 52 47.36 -4.35 115.98
C GLN I 52 47.01 -5.52 116.89
N PHE I 53 47.32 -6.73 116.45
CA PHE I 53 46.88 -7.95 117.11
C PHE I 53 48.04 -8.58 117.84
N LEU I 54 47.85 -8.86 119.13
CA LEU I 54 48.84 -9.62 119.90
C LEU I 54 48.69 -11.10 119.63
N SER I 55 49.80 -11.82 119.68
CA SER I 55 49.80 -13.26 119.45
C SER I 55 49.15 -14.01 120.59
N LEU I 56 49.04 -13.37 121.75
CA LEU I 56 48.50 -13.99 122.94
C LEU I 56 46.97 -13.89 122.93
N THR I 57 46.33 -14.63 123.82
CA THR I 57 44.88 -14.61 123.97
C THR I 57 44.53 -14.27 125.40
N LEU I 58 43.24 -14.34 125.72
CA LEU I 58 42.81 -14.06 127.09
C LEU I 58 43.41 -15.04 128.08
N GLY I 59 43.26 -16.35 127.81
CA GLY I 59 43.81 -17.35 128.71
C GLY I 59 45.32 -17.25 128.84
N ASP I 60 45.97 -16.69 127.83
CA ASP I 60 47.42 -16.50 127.88
C ASP I 60 47.80 -15.39 128.84
N VAL I 61 46.89 -14.43 129.09
CA VAL I 61 47.20 -13.28 129.91
C VAL I 61 46.43 -13.25 131.23
N LEU I 62 45.44 -14.13 131.42
CA LEU I 62 44.75 -14.19 132.70
C LEU I 62 45.71 -14.62 133.81
N ILE I 63 46.19 -15.86 133.73
CA ILE I 63 47.15 -16.42 134.66
C ILE I 63 46.59 -16.51 136.07
N GLU I 64 46.01 -15.41 136.58
CA GLU I 64 45.54 -15.38 137.96
C GLU I 64 44.41 -16.37 138.21
N ASP I 65 43.46 -16.48 137.27
CA ASP I 65 42.30 -17.34 137.46
C ASP I 65 42.01 -18.10 136.17
N GLN I 66 41.22 -19.15 136.30
CA GLN I 66 40.93 -20.05 135.19
C GLN I 66 40.07 -19.52 134.06
N PHE I 67 40.29 -20.06 132.86
CA PHE I 67 39.55 -19.65 131.66
C PHE I 67 38.07 -19.93 131.47
N PRO I 68 37.20 -18.92 131.47
CA PRO I 68 35.76 -19.22 131.35
C PRO I 68 35.32 -19.69 129.99
N SER I 69 34.69 -20.86 129.93
CA SER I 69 34.41 -21.49 128.65
C SER I 69 33.54 -20.56 127.82
N PRO I 70 33.88 -20.29 126.57
CA PRO I 70 33.00 -19.43 125.76
C PRO I 70 31.62 -19.85 125.33
N VAL I 71 30.73 -18.88 125.11
CA VAL I 71 29.39 -19.14 124.62
C VAL I 71 29.34 -18.63 123.18
N VAL I 72 29.75 -19.49 122.25
CA VAL I 72 29.80 -19.13 120.83
C VAL I 72 28.45 -19.50 120.22
N VAL I 73 27.81 -18.54 119.57
CA VAL I 73 26.52 -18.76 118.91
C VAL I 73 26.72 -18.37 117.46
N GLU I 74 26.27 -19.27 116.56
CA GLU I 74 26.45 -19.02 115.11
C GLU I 74 25.16 -18.49 114.48
N SER I 75 25.24 -17.34 113.82
CA SER I 75 24.10 -16.75 113.11
C SER I 75 24.57 -16.29 111.74
N ASP I 76 23.76 -16.55 110.72
CA ASP I 76 24.08 -16.19 109.35
C ASP I 76 23.15 -15.08 108.88
N PHE I 77 23.69 -14.18 108.06
CA PHE I 77 22.89 -13.03 107.61
C PHE I 77 23.62 -12.31 106.49
N VAL I 78 22.92 -11.43 105.76
CA VAL I 78 23.64 -10.58 104.76
C VAL I 78 24.53 -11.42 103.80
N LYS I 79 23.95 -12.41 103.13
CA LYS I 79 24.83 -13.16 102.19
C LYS I 79 25.33 -12.10 101.20
N TYR I 80 24.47 -11.18 100.76
CA TYR I 80 24.91 -9.98 99.98
C TYR I 80 25.51 -10.21 98.59
N GLU I 81 25.74 -9.11 97.89
CA GLU I 81 26.31 -9.05 96.55
C GLU I 81 26.59 -7.59 96.25
N GLY I 82 27.83 -7.27 95.94
CA GLY I 82 28.22 -5.88 95.77
C GLY I 82 28.95 -5.60 94.48
N LYS I 83 28.47 -4.64 93.71
CA LYS I 83 29.12 -4.17 92.51
C LYS I 83 29.43 -2.69 92.66
N PHE I 84 30.68 -2.32 92.39
CA PHE I 84 31.13 -0.95 92.67
C PHE I 84 31.94 -0.44 91.47
N ALA I 85 31.32 0.36 90.63
CA ALA I 85 31.98 0.98 89.50
C ALA I 85 32.25 2.45 89.81
N ASN I 86 33.49 2.77 90.13
CA ASN I 86 33.88 4.10 90.57
C ASN I 86 34.77 4.74 89.52
N HIS I 87 34.41 5.94 89.09
CA HIS I 87 35.19 6.71 88.13
C HIS I 87 35.64 8.01 88.79
N VAL I 88 36.95 8.22 88.84
CA VAL I 88 37.54 9.42 89.42
C VAL I 88 38.44 10.05 88.38
N SER I 89 38.17 11.32 88.05
CA SER I 89 38.99 12.08 87.11
C SER I 89 39.33 13.42 87.73
N GLY I 90 40.63 13.71 87.84
CA GLY I 90 41.07 14.97 88.39
C GLY I 90 42.19 15.60 87.60
N THR I 91 41.97 16.81 87.08
CA THR I 91 42.94 17.51 86.26
C THR I 91 43.39 18.76 87.02
N LEU I 92 44.70 18.93 87.15
CA LEU I 92 45.29 20.09 87.81
C LEU I 92 46.09 20.84 86.76
N GLU I 93 45.78 22.13 86.61
CA GLU I 93 46.45 22.97 85.63
C GLU I 93 46.97 24.20 86.36
N THR I 94 48.29 24.37 86.38
CA THR I 94 48.94 25.47 87.07
C THR I 94 49.88 26.16 86.11
N ALA I 95 49.93 27.50 86.18
CA ALA I 95 50.79 28.31 85.33
C ALA I 95 51.28 29.49 86.17
N LEU I 96 52.59 29.49 86.45
CA LEU I 96 53.22 30.58 87.21
C LEU I 96 54.41 31.07 86.41
N GLY I 97 54.29 32.27 85.84
CA GLY I 97 55.41 32.89 85.16
C GLY I 97 56.03 32.01 84.10
N LYS I 98 57.29 31.64 84.31
CA LYS I 98 58.02 30.85 83.33
C LYS I 98 57.41 29.48 83.14
N VAL I 99 57.01 28.83 84.24
CA VAL I 99 56.60 27.43 84.22
C VAL I 99 55.10 27.27 84.01
N LYS I 100 54.73 26.57 82.95
CA LYS I 100 53.37 26.07 82.74
C LYS I 100 53.14 24.57 82.86
N LEU I 101 52.23 24.16 83.74
CA LEU I 101 52.03 22.76 84.08
C LEU I 101 50.60 22.35 83.79
N ASN I 102 50.44 21.30 82.99
CA ASN I 102 49.14 20.72 82.69
C ASN I 102 49.16 19.25 83.13
N LEU I 103 48.25 18.89 84.02
CA LEU I 103 48.18 17.54 84.57
C LEU I 103 46.76 17.01 84.45
N GLY I 104 46.62 15.80 83.94
CA GLY I 104 45.32 15.16 83.86
C GLY I 104 45.34 13.71 84.30
N GLY I 105 44.62 13.39 85.36
CA GLY I 105 44.61 12.04 85.87
C GLY I 105 43.24 11.41 85.92
N SER I 106 43.05 10.33 85.17
CA SER I 106 41.78 9.61 85.12
C SER I 106 41.96 8.22 85.71
N SER I 107 41.15 7.91 86.73
CA SER I 107 41.22 6.63 87.41
C SER I 107 39.84 5.97 87.39
N ARG I 108 39.78 4.73 86.91
CA ARG I 108 38.56 3.95 86.89
C ARG I 108 38.75 2.68 87.69
N VAL I 109 37.86 2.44 88.65
CA VAL I 109 37.90 1.25 89.48
C VAL I 109 36.53 0.60 89.43
N GLU I 110 36.48 -0.66 89.01
CA GLU I 110 35.24 -1.44 88.98
C GLU I 110 35.51 -2.67 89.85
N SER I 111 35.16 -2.56 91.12
CA SER I 111 35.42 -3.61 92.10
C SER I 111 34.12 -4.34 92.40
N GLN I 112 33.98 -5.55 91.87
CA GLN I 112 32.85 -6.41 92.18
C GLN I 112 33.16 -7.24 93.41
N SER I 113 32.27 -7.21 94.39
CA SER I 113 32.46 -7.90 95.66
C SER I 113 31.29 -8.85 95.87
N SER I 114 31.40 -10.06 95.32
CA SER I 114 30.36 -11.08 95.43
C SER I 114 30.74 -12.00 96.58
N PHE I 115 29.83 -12.14 97.55
CA PHE I 115 30.08 -12.93 98.75
C PHE I 115 28.93 -13.92 98.92
N GLY I 116 29.21 -15.04 99.60
CA GLY I 116 28.19 -16.01 99.92
C GLY I 116 27.52 -15.73 101.24
N THR I 117 26.92 -16.78 101.81
CA THR I 117 26.26 -16.65 103.11
C THR I 117 27.26 -16.33 104.21
N LEU I 118 27.17 -15.13 104.76
CA LEU I 118 28.10 -14.72 105.81
C LEU I 118 27.52 -15.05 107.18
N ARG I 119 28.37 -15.62 108.03
CA ARG I 119 27.91 -16.06 109.36
C ARG I 119 28.60 -15.26 110.47
N LYS I 120 27.85 -15.00 111.55
CA LYS I 120 28.39 -14.25 112.71
C LYS I 120 28.61 -15.21 113.88
N GLN I 121 29.74 -15.09 114.56
CA GLN I 121 30.10 -15.90 115.72
C GLN I 121 30.41 -14.95 116.87
N GLU I 122 29.41 -14.71 117.72
CA GLU I 122 29.55 -13.82 118.86
C GLU I 122 29.70 -14.60 120.14
N VAL I 123 30.56 -14.11 121.03
CA VAL I 123 30.81 -14.72 122.32
C VAL I 123 29.91 -14.07 123.36
N ASP I 124 29.49 -14.86 124.35
CA ASP I 124 28.65 -14.36 125.43
C ASP I 124 29.26 -13.16 126.15
N LEU I 125 28.61 -12.01 126.08
CA LEU I 125 29.12 -10.81 126.74
C LEU I 125 29.17 -10.96 128.25
N GLN I 126 28.19 -11.68 128.81
CA GLN I 126 28.21 -11.95 130.25
C GLN I 126 29.37 -12.81 130.75
N GLN I 127 29.80 -13.81 129.98
CA GLN I 127 31.05 -14.51 130.30
C GLN I 127 32.22 -13.55 130.27
N LEU I 128 32.16 -12.55 129.38
CA LEU I 128 33.26 -11.61 129.23
C LEU I 128 33.41 -10.74 130.49
N ILE I 129 32.29 -10.41 131.12
CA ILE I 129 32.33 -9.48 132.26
C ILE I 129 32.64 -10.21 133.56
N ARG I 130 32.24 -11.49 133.65
CA ARG I 130 32.35 -12.21 134.92
C ARG I 130 33.81 -12.32 135.38
N ASP I 131 34.69 -12.79 134.50
CA ASP I 131 36.09 -12.93 134.88
C ASP I 131 36.76 -11.57 135.05
N SER I 132 36.39 -10.60 134.21
CA SER I 132 37.04 -9.30 134.25
C SER I 132 36.80 -8.56 135.57
N ALA I 133 35.56 -8.57 136.08
CA ALA I 133 35.26 -7.88 137.33
C ALA I 133 36.01 -8.45 138.53
N GLU I 134 36.53 -9.67 138.43
CA GLU I 134 37.31 -10.29 139.48
C GLU I 134 38.80 -10.16 139.17
N ARG I 135 39.63 -10.47 140.17
CA ARG I 135 41.08 -10.41 140.02
C ARG I 135 41.52 -11.63 139.20
N THR I 136 41.43 -11.48 137.88
CA THR I 136 41.69 -12.58 136.95
C THR I 136 42.88 -12.34 136.04
N ILE I 137 43.25 -11.10 135.76
CA ILE I 137 44.34 -10.78 134.85
C ILE I 137 45.54 -10.34 135.68
N ASN I 138 46.69 -10.96 135.42
CA ASN I 138 47.91 -10.60 136.13
C ASN I 138 48.36 -9.20 135.72
N LEU I 139 48.94 -8.46 136.67
CA LEU I 139 49.32 -7.09 136.41
C LEU I 139 50.55 -6.99 135.52
N ARG I 140 51.54 -7.84 135.75
CA ARG I 140 52.81 -7.79 135.05
C ARG I 140 52.96 -9.01 134.16
N ASN I 141 53.28 -8.77 132.89
CA ASN I 141 53.54 -9.81 131.90
C ASN I 141 54.80 -9.45 131.14
N PRO I 142 55.59 -10.45 130.73
CA PRO I 142 56.77 -10.14 129.89
C PRO I 142 56.38 -9.45 128.58
N VAL I 143 55.18 -9.72 128.09
CA VAL I 143 54.71 -9.05 126.85
C VAL I 143 53.68 -7.99 127.30
N LEU I 144 53.36 -7.01 126.44
CA LEU I 144 52.33 -5.96 126.71
C LEU I 144 52.94 -4.75 127.46
N GLN I 145 54.21 -4.87 127.87
CA GLN I 145 54.89 -3.71 128.50
C GLN I 145 54.92 -2.51 127.53
N GLN I 146 55.26 -2.78 126.27
CA GLN I 146 55.34 -1.71 125.24
C GLN I 146 53.96 -1.08 125.04
N VAL I 147 52.88 -1.79 125.39
CA VAL I 147 51.54 -1.21 125.29
C VAL I 147 51.34 -0.17 126.38
N LEU I 148 51.75 -0.47 127.61
CA LEU I 148 51.63 0.50 128.69
C LEU I 148 52.51 1.71 128.43
N GLU I 149 53.73 1.50 127.95
CA GLU I 149 54.62 2.59 127.54
C GLU I 149 54.16 3.14 126.19
N GLY I 150 53.27 4.13 126.25
CA GLY I 150 52.50 4.48 125.07
C GLY I 150 51.03 4.47 125.46
N ARG I 151 50.71 4.95 126.67
CA ARG I 151 49.32 4.88 127.18
C ARG I 151 48.31 4.95 126.02
N ASN I 152 48.33 6.02 125.24
CA ASN I 152 47.51 6.12 124.03
C ASN I 152 46.91 4.92 123.32
N GLU I 153 47.67 3.83 123.18
CA GLU I 153 47.15 2.58 122.66
C GLU I 153 46.72 1.70 123.83
N VAL I 154 45.54 1.09 123.70
CA VAL I 154 44.94 0.31 124.78
C VAL I 154 44.58 -1.07 124.23
N LEU I 155 44.58 -2.05 125.12
CA LEU I 155 44.29 -3.43 124.75
C LEU I 155 42.78 -3.63 124.65
N CYS I 156 42.37 -4.42 123.66
CA CYS I 156 40.97 -4.76 123.45
C CYS I 156 40.94 -6.26 123.21
N VAL I 157 39.72 -6.82 123.32
CA VAL I 157 39.52 -8.28 123.11
C VAL I 157 38.39 -8.45 122.09
N LEU I 158 38.62 -9.30 121.09
CA LEU I 158 37.63 -9.55 120.06
C LEU I 158 36.45 -10.34 120.62
N THR I 159 35.23 -9.94 120.24
CA THR I 159 34.02 -10.61 120.67
C THR I 159 32.98 -10.91 119.58
N GLN I 160 33.04 -10.15 118.48
CA GLN I 160 32.13 -10.39 117.34
C GLN I 160 33.00 -10.70 116.12
N LYS I 161 32.53 -11.58 115.23
CA LYS I 161 33.30 -11.99 114.06
C LYS I 161 32.33 -12.42 112.98
N ILE I 162 32.54 -11.90 111.76
CA ILE I 162 31.75 -12.28 110.60
C ILE I 162 32.64 -13.12 109.69
N THR I 163 32.18 -14.32 109.36
CA THR I 163 32.95 -15.27 108.57
C THR I 163 32.12 -15.82 107.42
N THR I 164 32.74 -15.93 106.25
CA THR I 164 32.07 -16.47 105.07
C THR I 164 32.17 -17.99 105.02
N MET I 165 31.22 -18.61 104.31
CA MET I 165 31.16 -20.05 104.21
C MET I 165 31.35 -20.56 102.78
N GLN I 166 31.30 -19.67 101.80
CA GLN I 166 31.40 -20.07 100.40
C GLN I 166 32.53 -19.26 99.78
N LYS I 167 33.20 -19.91 98.81
CA LYS I 167 34.30 -19.23 98.09
C LYS I 167 33.76 -17.91 97.54
N CYS I 168 34.39 -16.80 97.91
CA CYS I 168 33.95 -15.48 97.50
C CYS I 168 34.72 -14.97 96.29
N VAL I 169 34.08 -14.08 95.54
CA VAL I 169 34.64 -13.54 94.30
C VAL I 169 34.86 -12.05 94.45
N ILE I 170 36.08 -11.60 94.19
CA ILE I 170 36.41 -10.18 94.19
C ILE I 170 37.07 -9.86 92.85
N SER I 171 36.27 -9.49 91.87
CA SER I 171 36.77 -9.17 90.54
C SER I 171 37.06 -7.68 90.49
N GLU I 172 38.34 -7.32 90.59
CA GLU I 172 38.77 -5.93 90.65
C GLU I 172 39.34 -5.52 89.30
N HIS I 173 38.80 -4.45 88.73
CA HIS I 173 39.34 -3.84 87.52
C HIS I 173 39.79 -2.42 87.89
N MET I 174 41.07 -2.14 87.68
CA MET I 174 41.66 -0.85 88.06
C MET I 174 42.38 -0.29 86.85
N GLN I 175 41.76 0.65 86.16
CA GLN I 175 42.37 1.35 85.05
C GLN I 175 42.80 2.73 85.53
N VAL I 176 44.09 3.03 85.41
CA VAL I 176 44.66 4.28 85.90
C VAL I 176 45.36 4.95 84.71
N GLU I 177 44.92 6.15 84.37
CA GLU I 177 45.55 6.94 83.33
C GLU I 177 45.98 8.28 83.91
N GLU I 178 47.27 8.59 83.82
CA GLU I 178 47.83 9.82 84.33
C GLU I 178 48.65 10.48 83.24
N LYS I 179 48.34 11.72 82.93
CA LYS I 179 49.05 12.49 81.92
C LYS I 179 49.65 13.73 82.57
N CYS I 180 50.97 13.89 82.45
CA CYS I 180 51.69 15.02 83.01
C CYS I 180 52.37 15.79 81.89
N GLY I 181 52.16 17.10 81.86
CA GLY I 181 52.77 17.93 80.84
C GLY I 181 53.31 19.24 81.39
N GLY I 182 54.58 19.53 81.13
CA GLY I 182 55.18 20.76 81.59
C GLY I 182 55.94 21.48 80.49
N ILE I 183 55.52 22.73 80.25
CA ILE I 183 56.24 23.59 79.26
C ILE I 183 56.95 24.67 80.08
N VAL I 184 58.26 24.80 79.91
CA VAL I 184 59.06 25.73 80.70
C VAL I 184 59.85 26.61 79.74
N GLY I 185 59.69 27.92 79.88
CA GLY I 185 60.43 28.88 79.08
C GLY I 185 61.18 29.90 79.92
N ILE I 186 62.50 29.94 79.79
CA ILE I 186 63.26 30.86 80.69
C ILE I 186 63.97 31.97 79.89
N GLN I 187 63.65 33.23 80.21
CA GLN I 187 64.25 34.43 79.60
C GLN I 187 65.69 34.86 79.98
N THR I 188 66.59 33.87 79.99
CA THR I 188 67.95 34.08 80.46
C THR I 188 68.84 35.09 79.74
N LYS I 189 69.80 35.66 80.47
CA LYS I 189 70.69 36.69 79.83
C LYS I 189 71.63 36.23 78.71
N THR I 190 71.31 36.53 77.44
CA THR I 190 72.13 36.14 76.26
C THR I 190 71.97 34.65 75.99
N VAL I 191 70.96 34.01 76.60
CA VAL I 191 70.69 32.57 76.36
C VAL I 191 69.18 32.38 76.22
N GLN I 192 68.69 32.12 74.99
CA GLN I 192 67.26 31.85 74.89
C GLN I 192 67.04 30.38 75.19
N VAL I 193 66.17 30.09 76.16
CA VAL I 193 65.98 28.73 76.65
C VAL I 193 64.54 28.29 76.38
N SER I 194 64.36 27.01 76.08
CA SER I 194 63.03 26.44 75.89
C SER I 194 63.04 24.96 76.26
N ALA I 195 62.43 24.62 77.39
CA ALA I 195 62.44 23.25 77.91
C ALA I 195 61.00 22.75 78.04
N THR I 196 60.71 21.60 77.44
CA THR I 196 59.39 20.98 77.49
C THR I 196 59.54 19.54 77.94
N GLU I 197 58.71 19.16 78.91
CA GLU I 197 58.71 17.76 79.42
C GLU I 197 57.28 17.23 79.41
N ASP I 198 57.04 16.11 78.73
CA ASP I 198 55.72 15.49 78.63
C ASP I 198 55.80 14.07 79.18
N GLY I 199 54.94 13.76 80.14
CA GLY I 199 54.90 12.44 80.71
C GLY I 199 53.53 11.81 80.69
N ASN I 200 53.37 10.74 79.91
CA ASN I 200 52.11 10.02 79.79
C ASN I 200 52.28 8.65 80.42
N VAL I 201 51.46 8.34 81.41
CA VAL I 201 51.48 7.05 82.09
C VAL I 201 50.08 6.46 82.01
N THR I 202 50.00 5.25 81.45
CA THR I 202 48.74 4.51 81.37
C THR I 202 48.96 3.15 82.02
N LYS I 203 48.21 2.86 83.07
CA LYS I 203 48.36 1.63 83.84
C LYS I 203 47.03 0.92 83.94
N ASP I 204 47.03 -0.38 83.70
CA ASP I 204 45.84 -1.22 83.80
C ASP I 204 46.15 -2.40 84.71
N SER I 205 45.19 -2.74 85.58
CA SER I 205 45.33 -3.88 86.49
C SER I 205 44.01 -4.66 86.49
N ASN I 206 43.89 -5.59 85.55
CA ASN I 206 42.72 -6.47 85.48
C ASN I 206 42.97 -7.68 86.36
N VAL I 207 42.56 -7.60 87.62
CA VAL I 207 42.83 -8.68 88.57
C VAL I 207 41.54 -9.31 89.08
N VAL I 208 41.33 -10.57 88.72
CA VAL I 208 40.20 -11.34 89.25
C VAL I 208 40.77 -12.38 90.21
N LEU I 209 40.54 -12.17 91.50
CA LEU I 209 41.06 -13.07 92.53
C LEU I 209 39.91 -13.60 93.35
N GLU I 210 40.01 -14.90 93.68
CA GLU I 210 38.95 -15.54 94.47
C GLU I 210 39.33 -15.48 95.95
N ILE I 211 38.34 -15.68 96.81
CA ILE I 211 38.52 -15.64 98.26
C ILE I 211 38.00 -16.97 98.82
N PRO I 212 38.79 -17.68 99.63
CA PRO I 212 38.33 -18.96 100.15
C PRO I 212 37.33 -18.77 101.27
N ALA I 213 36.65 -19.88 101.61
CA ALA I 213 35.74 -19.87 102.73
C ALA I 213 36.52 -19.77 104.05
N ALA I 214 35.80 -19.49 105.13
CA ALA I 214 36.27 -19.38 106.50
C ALA I 214 37.15 -18.16 106.73
N THR I 215 37.23 -17.28 105.74
CA THR I 215 38.03 -16.04 105.88
C THR I 215 37.30 -15.07 106.80
N THR I 216 38.05 -14.21 107.50
CA THR I 216 37.42 -13.21 108.34
C THR I 216 37.09 -11.97 107.54
N ILE I 217 35.84 -11.52 107.62
CA ILE I 217 35.38 -10.35 106.90
C ILE I 217 35.29 -9.12 107.80
N ALA I 218 34.74 -9.29 109.01
CA ALA I 218 34.61 -8.19 109.94
C ALA I 218 34.80 -8.72 111.35
N TYR I 219 35.15 -7.81 112.26
CA TYR I 219 35.35 -8.17 113.65
C TYR I 219 35.06 -6.96 114.53
N GLY I 220 34.39 -7.20 115.64
CA GLY I 220 34.10 -6.16 116.62
C GLY I 220 34.77 -6.50 117.95
N VAL I 221 35.29 -5.48 118.61
CA VAL I 221 36.07 -5.67 119.83
C VAL I 221 35.35 -4.77 120.82
N ILE I 222 35.50 -5.11 122.10
CA ILE I 222 35.06 -4.12 123.15
C ILE I 222 36.34 -3.91 123.94
N GLU I 223 36.61 -2.68 124.34
CA GLU I 223 37.87 -2.30 124.96
C GLU I 223 38.03 -2.69 126.43
N LEU I 224 39.30 -2.72 126.85
CA LEU I 224 39.62 -3.16 128.24
C LEU I 224 40.05 -1.97 129.09
N TYR I 225 39.32 -1.69 130.15
CA TYR I 225 39.67 -0.65 131.10
C TYR I 225 40.93 -1.06 131.88
N VAL I 226 42.02 -0.32 131.67
CA VAL I 226 43.30 -0.66 132.28
C VAL I 226 43.72 0.43 133.24
N LYS I 227 43.83 0.10 134.52
CA LYS I 227 44.45 0.99 135.51
C LYS I 227 45.74 0.33 136.00
N LEU I 228 46.82 1.11 135.96
CA LEU I 228 48.16 0.53 136.31
C LEU I 228 48.16 0.04 137.76
N ASP I 229 47.16 0.45 138.55
CA ASP I 229 47.06 -0.07 139.95
C ASP I 229 46.83 -1.58 139.87
N GLY I 230 46.00 -2.03 138.93
CA GLY I 230 45.78 -3.48 138.76
C GLY I 230 44.32 -3.82 138.58
N GLN I 231 43.46 -2.80 138.54
CA GLN I 231 42.02 -3.03 138.41
C GLN I 231 41.65 -3.02 136.93
N PHE I 232 41.01 -4.10 136.48
CA PHE I 232 40.63 -4.24 135.08
C PHE I 232 39.17 -4.66 134.99
N GLU I 233 38.51 -4.19 133.93
CA GLU I 233 37.10 -4.52 133.65
C GLU I 233 36.82 -4.37 132.16
N PHE I 234 36.29 -5.43 131.55
CA PHE I 234 35.88 -5.36 130.15
C PHE I 234 34.50 -4.69 130.06
N CYS I 235 34.49 -3.40 129.73
CA CYS I 235 33.28 -2.60 129.73
C CYS I 235 32.89 -2.23 128.30
N LEU I 236 31.59 -2.29 127.99
CA LEU I 236 31.13 -2.03 126.60
C LEU I 236 30.70 -0.58 126.35
N LEU I 237 30.67 0.26 127.38
CA LEU I 237 30.20 1.63 127.21
C LEU I 237 31.38 2.59 127.27
N ARG I 238 31.15 3.83 126.81
CA ARG I 238 32.19 4.85 126.74
C ARG I 238 32.72 5.34 128.08
N GLY I 239 32.05 4.98 129.17
CA GLY I 239 32.39 5.48 130.49
C GLY I 239 33.81 5.24 130.93
N LYS I 240 34.17 4.01 131.22
CA LYS I 240 35.52 3.69 131.72
C LYS I 240 36.11 2.50 130.96
N GLN I 241 36.67 2.75 129.76
CA GLN I 241 37.38 1.73 129.01
C GLN I 241 38.63 2.30 128.35
N GLY I 242 38.92 3.58 128.59
CA GLY I 242 39.98 4.26 127.88
C GLY I 242 41.38 3.93 128.37
N GLY I 243 41.50 3.39 129.57
CA GLY I 243 42.82 3.16 130.15
C GLY I 243 43.17 4.30 131.07
N PHE I 244 43.64 4.00 132.28
CA PHE I 244 43.92 5.00 133.29
C PHE I 244 45.22 4.63 133.99
N GLU I 245 45.81 5.58 134.72
CA GLU I 245 47.11 5.32 135.38
C GLU I 245 46.95 5.03 136.88
N MET J 1 20.06 -0.44 101.61
CA MET J 1 20.79 -0.38 102.87
C MET J 1 19.82 -0.58 104.02
N PHE J 2 20.25 -1.35 105.02
CA PHE J 2 19.34 -1.77 106.08
C PHE J 2 18.83 -0.58 106.90
N ALA J 3 19.69 0.43 107.11
CA ALA J 3 19.30 1.58 107.90
C ALA J 3 18.15 2.34 107.25
N LYS J 4 18.23 2.52 105.94
CA LYS J 4 17.17 3.23 105.22
C LYS J 4 15.92 2.37 105.09
N ALA J 5 16.10 1.06 104.91
CA ALA J 5 14.96 0.18 104.70
C ALA J 5 13.95 0.13 105.84
N THR J 6 14.43 0.03 107.09
CA THR J 6 13.52 0.04 108.22
C THR J 6 13.08 1.45 108.63
N ARG J 7 13.88 2.45 108.27
CA ARG J 7 13.48 3.85 108.56
C ARG J 7 12.23 4.12 107.71
N ASN J 8 12.30 3.86 106.41
CA ASN J 8 11.14 4.10 105.51
C ASN J 8 9.95 3.26 105.98
N PHE J 9 10.21 1.99 106.32
CA PHE J 9 9.13 1.10 106.82
C PHE J 9 8.40 1.75 108.00
N LEU J 10 9.12 2.00 109.09
CA LEU J 10 8.46 2.55 110.28
C LEU J 10 7.81 3.90 110.01
N ARG J 11 8.32 4.64 109.01
CA ARG J 11 7.70 5.90 108.65
C ARG J 11 6.28 5.72 108.12
N GLU J 12 6.07 4.68 107.32
CA GLU J 12 4.76 4.50 106.66
C GLU J 12 3.82 3.66 107.51
N VAL J 13 4.36 2.85 108.43
CA VAL J 13 3.49 2.01 109.26
C VAL J 13 3.32 2.66 110.62
N ASP J 14 4.43 3.06 111.25
CA ASP J 14 4.38 3.66 112.61
C ASP J 14 4.23 5.18 112.50
N ALA J 15 2.99 5.67 112.46
CA ALA J 15 2.71 7.09 112.31
C ALA J 15 3.05 7.92 113.55
N ASP J 16 3.14 7.29 114.72
CA ASP J 16 3.41 8.01 115.97
C ASP J 16 4.88 8.01 116.36
N GLY J 17 5.70 7.18 115.72
CA GLY J 17 7.10 7.11 116.10
C GLY J 17 7.47 6.46 117.42
N ASP J 18 6.57 5.70 118.02
CA ASP J 18 6.84 4.99 119.27
C ASP J 18 7.73 3.74 119.10
N LEU J 19 7.96 3.35 117.86
CA LEU J 19 8.83 2.22 117.52
C LEU J 19 10.06 2.85 116.89
N ILE J 20 11.19 2.18 117.06
CA ILE J 20 12.49 2.68 116.61
C ILE J 20 13.07 1.67 115.61
N ALA J 21 13.49 2.17 114.46
CA ALA J 21 14.07 1.31 113.43
C ALA J 21 15.44 0.81 113.84
N VAL J 22 15.74 -0.44 113.48
CA VAL J 22 17.04 -1.02 113.79
C VAL J 22 18.08 -0.43 112.84
N SER J 23 19.20 0.03 113.40
CA SER J 23 20.20 0.74 112.62
C SER J 23 20.90 -0.17 111.61
N ASN J 24 21.39 -1.33 112.05
CA ASN J 24 22.20 -2.19 111.20
C ASN J 24 21.94 -3.65 111.57
N LEU J 25 22.51 -4.56 110.78
CA LEU J 25 22.34 -5.98 111.04
C LEU J 25 23.10 -6.31 112.32
N ASN J 26 24.13 -5.53 112.65
CA ASN J 26 24.84 -5.75 113.89
C ASN J 26 23.89 -5.71 115.10
N ASP J 27 23.08 -4.64 115.15
CA ASP J 27 22.06 -4.53 116.18
C ASP J 27 20.87 -5.48 116.11
N SER J 28 20.66 -6.12 114.97
CA SER J 28 19.53 -7.03 114.78
C SER J 28 19.63 -8.32 115.56
N ASP J 29 20.83 -8.69 116.03
CA ASP J 29 21.01 -9.91 116.80
C ASP J 29 21.22 -9.61 118.28
N LYS J 30 21.31 -8.35 118.66
CA LYS J 30 21.46 -7.96 120.06
C LYS J 30 20.12 -7.61 120.72
N LEU J 31 19.19 -7.05 119.96
CA LEU J 31 17.90 -6.67 120.50
C LEU J 31 17.02 -7.88 120.77
N GLN J 32 16.70 -8.10 122.05
CA GLN J 32 15.82 -9.19 122.45
C GLN J 32 14.77 -8.65 123.40
N LEU J 33 13.75 -9.47 123.65
CA LEU J 33 12.64 -9.05 124.51
C LEU J 33 13.19 -8.85 125.91
N LEU J 34 12.74 -7.77 126.56
CA LEU J 34 13.14 -7.43 127.93
C LEU J 34 14.64 -7.37 128.22
N SER J 35 15.42 -6.95 127.24
CA SER J 35 16.85 -6.67 127.50
C SER J 35 16.87 -5.17 127.65
N LEU J 36 17.85 -4.67 128.40
CA LEU J 36 17.92 -3.23 128.69
C LEU J 36 18.71 -2.43 127.68
N VAL J 37 18.21 -1.23 127.37
CA VAL J 37 18.86 -0.33 126.43
C VAL J 37 18.91 1.03 127.14
N THR J 38 19.73 1.92 126.60
CA THR J 38 19.91 3.25 127.16
C THR J 38 19.88 4.25 126.03
N LYS J 39 19.05 5.29 126.23
CA LYS J 39 18.94 6.38 125.24
C LYS J 39 19.57 7.64 125.82
N LYS J 40 20.46 8.29 125.07
CA LYS J 40 21.11 9.52 125.51
C LYS J 40 20.27 10.72 125.13
N LYS J 41 19.80 11.47 126.12
CA LYS J 41 18.92 12.60 125.91
C LYS J 41 19.69 13.91 125.71
N ARG J 42 21.02 13.86 125.62
CA ARG J 42 21.80 15.06 125.38
C ARG J 42 21.45 15.69 124.04
N PHE J 43 21.18 14.89 123.02
CA PHE J 43 20.78 15.40 121.73
C PHE J 43 19.40 16.03 121.80
N TRP J 44 19.16 17.02 120.95
CA TRP J 44 17.90 17.76 120.95
C TRP J 44 16.90 17.06 120.03
N CYS J 45 15.79 17.72 119.73
CA CYS J 45 14.81 17.14 118.81
C CYS J 45 15.36 17.07 117.39
N TRP J 46 16.46 17.79 117.12
CA TRP J 46 17.09 17.78 115.82
C TRP J 46 17.59 16.40 115.42
N GLN J 47 18.20 15.66 116.33
CA GLN J 47 18.71 14.33 116.03
C GLN J 47 18.00 13.30 116.92
N ARG J 48 17.96 12.06 116.45
CA ARG J 48 17.34 10.99 117.23
C ARG J 48 18.16 10.73 118.48
N PRO J 49 17.53 10.31 119.58
CA PRO J 49 18.31 9.94 120.78
C PRO J 49 19.25 8.78 120.49
N LYS J 50 20.43 8.83 121.08
CA LYS J 50 21.43 7.79 120.88
C LYS J 50 21.08 6.59 121.74
N TYR J 51 20.78 5.47 121.10
CA TYR J 51 20.36 4.25 121.78
C TYR J 51 21.52 3.26 121.81
N GLN J 52 21.86 2.80 123.01
CA GLN J 52 22.92 1.83 123.22
C GLN J 52 22.40 0.70 124.10
N PHE J 53 22.82 -0.52 123.78
CA PHE J 53 22.26 -1.72 124.40
C PHE J 53 23.26 -2.30 125.38
N LEU J 54 22.82 -2.52 126.62
CA LEU J 54 23.63 -3.22 127.60
C LEU J 54 23.55 -4.72 127.38
N SER J 55 24.64 -5.42 127.70
CA SER J 55 24.71 -6.86 127.53
C SER J 55 23.84 -7.58 128.56
N LEU J 56 23.50 -6.88 129.64
CA LEU J 56 22.72 -7.46 130.73
C LEU J 56 21.24 -7.39 130.40
N THR J 57 20.43 -8.10 131.17
CA THR J 57 18.98 -8.10 131.02
C THR J 57 18.35 -7.71 132.35
N LEU J 58 17.02 -7.79 132.41
CA LEU J 58 16.31 -7.45 133.63
C LEU J 58 16.71 -8.38 134.78
N GLY J 59 16.64 -9.69 134.55
CA GLY J 59 17.00 -10.64 135.59
C GLY J 59 18.45 -10.51 136.00
N ASP J 60 19.29 -9.98 135.12
CA ASP J 60 20.69 -9.76 135.47
C ASP J 60 20.87 -8.60 136.43
N VAL J 61 19.93 -7.66 136.43
CA VAL J 61 20.04 -6.46 137.26
C VAL J 61 19.02 -6.39 138.38
N LEU J 62 18.02 -7.28 138.41
CA LEU J 62 17.09 -7.29 139.52
C LEU J 62 17.80 -7.65 140.82
N ILE J 63 18.30 -8.88 140.91
CA ILE J 63 19.07 -9.39 142.04
C ILE J 63 18.22 -9.42 143.31
N GLU J 64 17.55 -8.31 143.62
CA GLU J 64 16.81 -8.23 144.88
C GLU J 64 15.66 -9.22 144.95
N ASP J 65 14.92 -9.40 143.85
CA ASP J 65 13.75 -10.27 143.84
C ASP J 65 13.73 -11.09 142.56
N GLN J 66 12.94 -12.15 142.57
CA GLN J 66 12.90 -13.10 141.47
C GLN J 66 12.27 -12.64 140.16
N PHE J 67 12.73 -13.23 139.06
CA PHE J 67 12.26 -12.90 137.72
C PHE J 67 10.84 -13.21 137.25
N PRO J 68 9.99 -12.22 137.03
CA PRO J 68 8.60 -12.55 136.65
C PRO J 68 8.45 -13.09 135.23
N SER J 69 7.86 -14.27 135.11
CA SER J 69 7.85 -14.96 133.83
C SER J 69 7.15 -14.08 132.80
N PRO J 70 7.73 -13.87 131.63
CA PRO J 70 7.03 -13.06 130.61
C PRO J 70 5.77 -13.53 129.94
N VAL J 71 4.94 -12.59 129.50
CA VAL J 71 3.72 -12.89 128.76
C VAL J 71 3.96 -12.46 127.32
N VAL J 72 4.57 -13.34 126.53
CA VAL J 72 4.90 -13.05 125.14
C VAL J 72 3.70 -13.48 124.30
N VAL J 73 3.20 -12.56 123.47
CA VAL J 73 2.07 -12.83 122.58
C VAL J 73 2.55 -12.50 121.17
N GLU J 74 2.31 -13.44 120.25
CA GLU J 74 2.78 -13.27 118.85
C GLU J 74 1.63 -12.79 117.96
N SER J 75 1.83 -11.67 117.27
CA SER J 75 0.85 -11.13 116.33
C SER J 75 1.59 -10.73 115.06
N ASP J 76 1.00 -11.05 113.91
CA ASP J 76 1.59 -10.75 112.60
C ASP J 76 0.76 -9.68 111.90
N PHE J 77 1.45 -8.80 111.18
CA PHE J 77 0.75 -7.68 110.51
C PHE J 77 1.67 -7.01 109.53
N VAL J 78 1.14 -6.17 108.64
CA VAL J 78 2.03 -5.35 107.76
C VAL J 78 3.09 -6.22 107.05
N LYS J 79 2.69 -7.26 106.32
CA LYS J 79 3.75 -8.03 105.61
C LYS J 79 4.42 -7.00 104.69
N TYR J 80 3.66 -6.12 104.04
CA TYR J 80 4.24 -4.95 103.31
C TYR J 80 5.11 -5.23 102.10
N GLU J 81 5.47 -4.16 101.39
CA GLU J 81 6.29 -4.15 100.19
C GLU J 81 6.61 -2.70 99.88
N GLY J 82 7.89 -2.37 99.83
CA GLY J 82 8.28 -0.99 99.67
C GLY J 82 9.27 -0.75 98.54
N LYS J 83 8.93 0.17 97.64
CA LYS J 83 9.82 0.59 96.57
C LYS J 83 10.07 2.08 96.71
N PHE J 84 11.34 2.47 96.68
CA PHE J 84 11.72 3.86 96.97
C PHE J 84 12.75 4.33 95.96
N ALA J 85 12.30 5.08 94.96
CA ALA J 85 13.18 5.67 93.95
C ALA J 85 13.36 7.15 94.24
N ASN J 86 14.51 7.50 94.79
CA ASN J 86 14.79 8.87 95.23
C ASN J 86 15.87 9.47 94.35
N HIS J 87 15.59 10.64 93.80
CA HIS J 87 16.53 11.39 92.99
C HIS J 87 16.83 12.71 93.66
N VAL J 88 18.11 12.95 93.96
CA VAL J 88 18.55 14.20 94.60
C VAL J 88 19.64 14.80 93.73
N SER J 89 19.42 16.04 93.29
CA SER J 89 20.42 16.77 92.49
C SER J 89 20.61 18.15 93.10
N GLY J 90 21.86 18.46 93.46
CA GLY J 90 22.16 19.76 94.02
C GLY J 90 23.42 20.37 93.44
N THR J 91 23.29 21.55 92.84
CA THR J 91 24.41 22.24 92.20
C THR J 91 24.68 23.52 92.97
N LEU J 92 25.93 23.73 93.36
CA LEU J 92 26.36 24.92 94.07
C LEU J 92 27.34 25.65 93.17
N GLU J 93 27.07 26.92 92.89
CA GLU J 93 27.91 27.73 92.02
C GLU J 93 28.26 29.00 92.79
N THR J 94 29.54 29.20 93.06
CA THR J 94 30.03 30.33 93.82
C THR J 94 31.14 31.00 93.03
N ALA J 95 31.16 32.34 93.05
CA ALA J 95 32.17 33.13 92.34
C ALA J 95 32.47 34.35 93.21
N LEU J 96 33.68 34.40 93.75
CA LEU J 96 34.15 35.52 94.57
C LEU J 96 35.47 36.01 94.01
N GLY J 97 35.45 37.17 93.36
CA GLY J 97 36.68 37.79 92.90
C GLY J 97 37.51 36.88 92.03
N LYS J 98 38.71 36.53 92.51
CA LYS J 98 39.63 35.73 91.73
C LYS J 98 39.08 34.32 91.49
N VAL J 99 38.48 33.72 92.51
CA VAL J 99 38.09 32.31 92.49
C VAL J 99 36.66 32.12 91.98
N LYS J 100 36.53 31.36 90.90
CA LYS J 100 35.24 30.83 90.45
C LYS J 100 35.00 29.33 90.58
N LEU J 101 33.93 28.96 91.29
CA LEU J 101 33.69 27.56 91.65
C LEU J 101 32.35 27.12 91.09
N ASN J 102 32.37 26.02 90.34
CA ASN J 102 31.16 25.40 89.81
C ASN J 102 31.12 23.96 90.31
N LEU J 103 30.04 23.61 91.02
CA LEU J 103 29.88 22.28 91.60
C LEU J 103 28.51 21.73 91.23
N GLY J 104 28.49 20.49 90.75
CA GLY J 104 27.23 19.83 90.44
C GLY J 104 27.19 18.40 90.94
N GLY J 105 26.26 18.11 91.85
CA GLY J 105 26.17 16.78 92.42
C GLY J 105 24.82 16.13 92.22
N SER J 106 24.79 15.02 91.50
CA SER J 106 23.57 14.27 91.23
C SER J 106 23.64 12.91 91.92
N SER J 107 22.65 12.63 92.77
CA SER J 107 22.58 11.38 93.50
C SER J 107 21.25 10.70 93.24
N ARG J 108 21.30 9.44 92.81
CA ARG J 108 20.11 8.64 92.58
C ARG J 108 20.16 7.40 93.46
N VAL J 109 19.10 7.19 94.24
CA VAL J 109 18.97 6.04 95.12
C VAL J 109 17.64 5.37 94.82
N GLU J 110 17.69 4.09 94.47
CA GLU J 110 16.50 3.28 94.22
C GLU J 110 16.59 2.10 95.19
N SER J 111 15.99 2.26 96.36
CA SER J 111 16.06 1.26 97.42
C SER J 111 14.74 0.52 97.48
N GLN J 112 14.72 -0.71 96.99
CA GLN J 112 13.55 -1.59 97.11
C GLN J 112 13.63 -2.36 98.42
N SER J 113 12.55 -2.30 99.19
CA SER J 113 12.49 -2.93 100.51
C SER J 113 11.30 -3.89 100.52
N SER J 114 11.54 -5.12 100.07
CA SER J 114 10.51 -6.15 100.02
C SER J 114 10.65 -7.01 101.26
N PHE J 115 9.57 -7.12 102.03
CA PHE J 115 9.57 -7.86 103.29
C PHE J 115 8.43 -8.86 103.28
N GLY J 116 8.58 -9.94 104.05
CA GLY J 116 7.53 -10.92 104.20
C GLY J 116 6.59 -10.58 105.35
N THR J 117 5.91 -11.62 105.84
CA THR J 117 4.99 -11.45 106.96
C THR J 117 5.74 -11.06 108.23
N LEU J 118 5.53 -9.83 108.69
CA LEU J 118 6.23 -9.36 109.89
C LEU J 118 5.39 -9.62 111.13
N ARG J 119 6.06 -10.16 112.16
CA ARG J 119 5.34 -10.54 113.39
C ARG J 119 5.77 -9.68 114.58
N LYS J 120 4.82 -9.39 115.46
CA LYS J 120 5.11 -8.58 116.67
C LYS J 120 5.10 -9.48 117.91
N GLN J 121 6.07 -9.30 118.79
CA GLN J 121 6.20 -10.05 120.04
C GLN J 121 6.25 -9.04 121.19
N GLU J 122 5.11 -8.79 121.80
CA GLU J 122 5.00 -7.84 122.90
C GLU J 122 4.90 -8.56 124.23
N VAL J 123 5.56 -8.02 125.24
CA VAL J 123 5.54 -8.56 126.59
C VAL J 123 4.44 -7.88 127.39
N ASP J 124 3.83 -8.63 128.31
CA ASP J 124 2.79 -8.10 129.18
C ASP J 124 3.23 -6.86 129.94
N LEU J 125 2.59 -5.72 129.68
CA LEU J 125 2.96 -4.49 130.37
C LEU J 125 2.70 -4.57 131.88
N GLN J 126 1.64 -5.28 132.27
CA GLN J 126 1.37 -5.49 133.68
C GLN J 126 2.41 -6.30 134.45
N GLN J 127 2.99 -7.33 133.84
CA GLN J 127 4.15 -7.98 134.43
C GLN J 127 5.30 -7.00 134.59
N LEU J 128 5.41 -6.05 133.66
CA LEU J 128 6.50 -5.09 133.70
C LEU J 128 6.39 -4.17 134.91
N ILE J 129 5.17 -3.82 135.29
CA ILE J 129 4.96 -2.85 136.36
C ILE J 129 5.00 -3.52 137.73
N ARG J 130 4.61 -4.79 137.80
CA ARG J 130 4.48 -5.45 139.10
C ARG J 130 5.81 -5.52 139.85
N ASP J 131 6.85 -6.01 139.19
CA ASP J 131 8.15 -6.10 139.85
C ASP J 131 8.76 -4.72 140.10
N SER J 132 8.57 -3.80 139.14
CA SER J 132 9.16 -2.48 139.25
C SER J 132 8.67 -1.69 140.45
N ALA J 133 7.35 -1.71 140.72
CA ALA J 133 6.80 -0.96 141.84
C ALA J 133 7.29 -1.46 143.19
N GLU J 134 7.83 -2.67 143.25
CA GLU J 134 8.39 -3.23 144.47
C GLU J 134 9.91 -3.09 144.46
N ARG J 135 10.51 -3.33 145.62
CA ARG J 135 11.98 -3.26 145.76
C ARG J 135 12.57 -4.50 145.11
N THR J 136 12.76 -4.41 143.79
CA THR J 136 13.20 -5.54 143.00
C THR J 136 14.56 -5.33 142.33
N ILE J 137 14.96 -4.09 142.07
CA ILE J 137 16.21 -3.79 141.37
C ILE J 137 17.22 -3.29 142.40
N ASN J 138 18.40 -3.90 142.42
CA ASN J 138 19.44 -3.48 143.35
C ASN J 138 19.95 -2.10 142.97
N LEU J 139 20.34 -1.31 143.97
CA LEU J 139 20.74 0.06 143.73
C LEU J 139 22.12 0.14 143.10
N ARG J 140 23.06 -0.68 143.58
CA ARG J 140 24.44 -0.63 143.15
C ARG J 140 24.78 -1.89 142.35
N ASN J 141 25.34 -1.70 141.17
CA ASN J 141 25.81 -2.78 140.31
C ASN J 141 27.21 -2.43 139.80
N PRO J 142 28.06 -3.43 139.61
CA PRO J 142 29.38 -3.13 139.00
C PRO J 142 29.27 -2.52 137.61
N VAL J 143 28.19 -2.84 136.90
CA VAL J 143 27.97 -2.22 135.56
C VAL J 143 26.86 -1.17 135.74
N LEU J 144 26.71 -0.24 134.79
CA LEU J 144 25.64 0.80 134.79
C LEU J 144 26.08 2.06 135.60
N GLN J 145 27.23 1.98 136.26
CA GLN J 145 27.75 3.19 136.95
C GLN J 145 27.99 4.34 135.96
N GLN J 146 28.57 4.01 134.80
CA GLN J 146 28.84 5.04 133.76
C GLN J 146 27.52 5.64 133.26
N VAL J 147 26.41 4.92 133.41
CA VAL J 147 25.11 5.47 133.02
C VAL J 147 24.68 6.55 133.99
N LEU J 148 24.83 6.32 135.30
CA LEU J 148 24.49 7.33 136.29
C LEU J 148 25.39 8.55 136.15
N GLU J 149 26.69 8.34 135.93
CA GLU J 149 27.63 9.43 135.66
C GLU J 149 27.45 9.90 134.21
N GLY J 150 26.56 10.88 134.05
CA GLY J 150 26.04 11.16 132.72
C GLY J 150 24.52 11.14 132.81
N ARG J 151 23.96 11.66 133.90
CA ARG J 151 22.49 11.60 134.12
C ARG J 151 21.73 11.59 132.78
N ASN J 152 21.90 12.63 131.97
CA ASN J 152 21.34 12.66 130.63
C ASN J 152 20.91 11.41 129.85
N GLU J 153 21.69 10.34 129.93
CA GLU J 153 21.30 9.05 129.38
C GLU J 153 20.65 8.22 130.47
N VAL J 154 19.52 7.58 130.15
CA VAL J 154 18.73 6.84 131.11
C VAL J 154 18.50 5.43 130.57
N LEU J 155 18.33 4.49 131.49
CA LEU J 155 18.13 3.09 131.14
C LEU J 155 16.69 2.85 130.75
N CYS J 156 16.49 2.01 129.73
CA CYS J 156 15.16 1.64 129.25
C CYS J 156 15.19 0.13 129.09
N VAL J 157 13.99 -0.45 128.98
CA VAL J 157 13.85 -1.92 128.81
C VAL J 157 12.95 -2.16 127.58
N LEU J 158 13.38 -3.05 126.69
CA LEU J 158 12.62 -3.36 125.50
C LEU J 158 11.37 -4.15 125.85
N THR J 159 10.24 -3.79 125.21
CA THR J 159 8.98 -4.46 125.41
C THR J 159 8.18 -4.83 124.16
N GLN J 160 8.46 -4.12 123.06
CA GLN J 160 7.80 -4.43 121.77
C GLN J 160 8.90 -4.78 120.77
N LYS J 161 8.63 -5.71 119.84
CA LYS J 161 9.62 -6.15 118.87
C LYS J 161 8.90 -6.66 117.64
N ILE J 162 9.35 -6.19 116.47
CA ILE J 162 8.81 -6.64 115.19
C ILE J 162 9.88 -7.50 114.52
N THR J 163 9.50 -8.72 114.16
CA THR J 163 10.43 -9.69 113.60
C THR J 163 9.85 -10.30 112.33
N THR J 164 10.70 -10.46 111.31
CA THR J 164 10.28 -11.06 110.05
C THR J 164 10.41 -12.58 110.09
N MET J 165 9.62 -13.25 109.25
CA MET J 165 9.60 -14.71 109.20
C MET J 165 10.08 -15.27 107.87
N GLN J 166 10.23 -14.43 106.85
CA GLN J 166 10.61 -14.88 105.52
C GLN J 166 11.83 -14.08 105.10
N LYS J 167 12.69 -14.76 104.33
CA LYS J 167 13.91 -14.09 103.80
C LYS J 167 13.47 -12.81 103.09
N CYS J 168 14.01 -11.68 103.52
CA CYS J 168 13.64 -10.38 102.98
C CYS J 168 14.64 -9.91 101.92
N VAL J 169 14.17 -9.07 101.02
CA VAL J 169 14.95 -8.57 99.89
C VAL J 169 15.12 -7.07 100.01
N ILE J 170 16.36 -6.61 99.97
CA ILE J 170 16.67 -5.19 99.98
C ILE J 170 17.59 -4.92 98.79
N SER J 171 17.00 -4.61 97.64
CA SER J 171 17.75 -4.34 96.42
C SER J 171 18.04 -2.85 96.37
N GLU J 172 19.26 -2.46 96.71
CA GLU J 172 19.66 -1.06 96.79
C GLU J 172 20.49 -0.70 95.56
N HIS J 173 20.06 0.33 94.85
CA HIS J 173 20.83 0.90 93.74
C HIS J 173 21.18 2.33 94.12
N MET J 174 22.47 2.64 94.16
CA MET J 174 22.95 3.95 94.59
C MET J 174 23.92 4.47 93.52
N GLN J 175 23.43 5.36 92.67
CA GLN J 175 24.25 6.03 91.68
C GLN J 175 24.56 7.44 92.17
N VAL J 176 25.84 7.75 92.31
CA VAL J 176 26.29 9.03 92.83
C VAL J 176 27.20 9.66 91.79
N GLU J 177 26.82 10.84 91.30
CA GLU J 177 27.65 11.60 90.37
C GLU J 177 27.94 12.97 90.95
N GLU J 178 29.22 13.29 91.11
CA GLU J 178 29.65 14.56 91.68
C GLU J 178 30.68 15.18 90.73
N LYS J 179 30.42 16.41 90.31
CA LYS J 179 31.31 17.14 89.43
C LYS J 179 31.75 18.42 90.13
N CYS J 180 33.07 18.60 90.26
CA CYS J 180 33.64 19.77 90.90
C CYS J 180 34.54 20.49 89.91
N GLY J 181 34.33 21.80 89.77
CA GLY J 181 35.12 22.60 88.86
C GLY J 181 35.52 23.94 89.44
N GLY J 182 36.81 24.24 89.42
CA GLY J 182 37.30 25.51 89.94
C GLY J 182 38.25 26.19 88.99
N ILE J 183 37.88 27.42 88.61
CA ILE J 183 38.78 28.25 87.74
C ILE J 183 39.30 29.37 88.64
N VAL J 184 40.62 29.53 88.73
CA VAL J 184 41.23 30.50 89.61
C VAL J 184 42.19 31.35 88.79
N GLY J 185 41.99 32.67 88.83
CA GLY J 185 42.87 33.61 88.15
C GLY J 185 43.42 34.68 89.08
N ILE J 186 44.74 34.74 89.21
CA ILE J 186 45.29 35.70 90.20
C ILE J 186 46.13 36.80 89.51
N GLN J 187 45.75 38.06 89.70
CA GLN J 187 46.45 39.24 89.17
C GLN J 187 47.78 39.72 89.81
N THR J 188 48.66 38.75 90.05
CA THR J 188 49.90 39.01 90.77
C THR J 188 50.91 40.00 90.20
N LYS J 189 51.70 40.62 91.08
CA LYS J 189 52.68 41.63 90.57
C LYS J 189 53.84 41.15 89.70
N THR J 190 53.78 41.38 88.39
CA THR J 190 54.82 40.95 87.41
C THR J 190 54.73 39.45 87.18
N VAL J 191 53.63 38.83 87.61
CA VAL J 191 53.43 37.36 87.39
C VAL J 191 51.98 37.14 86.95
N GLN J 192 51.76 36.81 85.67
CA GLN J 192 50.37 36.52 85.29
C GLN J 192 50.10 35.05 85.61
N VAL J 193 49.08 34.79 86.41
CA VAL J 193 48.79 33.45 86.90
C VAL J 193 47.44 32.97 86.37
N SER J 194 47.34 31.67 86.11
CA SER J 194 46.09 31.07 85.68
C SER J 194 46.04 29.61 86.11
N ALA J 195 45.21 29.31 87.10
CA ALA J 195 45.13 27.97 87.68
C ALA J 195 43.70 27.44 87.55
N THR J 196 43.55 26.26 86.96
CA THR J 196 42.25 25.63 86.76
C THR J 196 42.32 24.21 87.31
N GLU J 197 41.31 23.85 88.11
CA GLU J 197 41.23 22.48 88.68
C GLU J 197 39.83 21.92 88.40
N ASP J 198 39.74 20.77 87.74
CA ASP J 198 38.48 20.12 87.41
C ASP J 198 38.46 18.73 88.03
N GLY J 199 37.43 18.45 88.81
CA GLY J 199 37.29 17.15 89.43
C GLY J 199 35.95 16.49 89.15
N ASN J 200 35.97 15.38 88.42
CA ASN J 200 34.76 14.64 88.08
C ASN J 200 34.82 13.30 88.80
N VAL J 201 33.81 13.02 89.61
CA VAL J 201 33.71 11.77 90.35
C VAL J 201 32.37 11.14 90.01
N THR J 202 32.40 9.91 89.51
CA THR J 202 31.19 9.14 89.22
C THR J 202 31.30 7.81 89.96
N LYS J 203 30.35 7.56 90.86
CA LYS J 203 30.36 6.36 91.69
C LYS J 203 29.03 5.64 91.56
N ASP J 204 29.10 4.33 91.39
CA ASP J 204 27.92 3.47 91.28
C ASP J 204 28.05 2.34 92.28
N SER J 205 26.95 2.02 92.96
CA SER J 205 26.91 0.93 93.93
C SER J 205 25.62 0.12 93.71
N ASN J 206 25.70 -0.85 92.82
CA ASN J 206 24.57 -1.75 92.56
C ASN J 206 24.67 -2.92 93.52
N VAL J 207 24.01 -2.80 94.67
CA VAL J 207 24.09 -3.82 95.71
C VAL J 207 22.73 -4.46 95.96
N VAL J 208 22.60 -5.74 95.63
CA VAL J 208 21.40 -6.50 95.96
C VAL J 208 21.77 -7.49 97.07
N LEU J 209 21.29 -7.23 98.28
CA LEU J 209 21.59 -8.06 99.44
C LEU J 209 20.30 -8.58 100.03
N GLU J 210 20.36 -9.86 100.43
CA GLU J 210 19.17 -10.49 101.02
C GLU J 210 19.22 -10.35 102.54
N ILE J 211 18.09 -10.52 103.20
CA ILE J 211 17.96 -10.42 104.65
C ILE J 211 17.37 -11.72 105.16
N PRO J 212 17.98 -12.39 106.14
CA PRO J 212 17.44 -13.65 106.62
C PRO J 212 16.22 -13.43 107.51
N ALA J 213 15.51 -14.54 107.75
CA ALA J 213 14.38 -14.50 108.66
C ALA J 213 14.88 -14.32 110.11
N ALA J 214 13.95 -14.00 111.00
CA ALA J 214 14.13 -13.83 112.44
C ALA J 214 14.93 -12.58 112.78
N THR J 215 15.21 -11.74 111.78
CA THR J 215 15.95 -10.48 112.01
C THR J 215 15.04 -9.49 112.72
N THR J 216 15.62 -8.58 113.51
CA THR J 216 14.82 -7.56 114.17
C THR J 216 14.66 -6.36 113.26
N ILE J 217 13.41 -5.94 113.06
CA ILE J 217 13.09 -4.81 112.20
C ILE J 217 12.81 -3.54 113.02
N ALA J 218 12.03 -3.66 114.08
CA ALA J 218 11.71 -2.53 114.93
C ALA J 218 11.60 -2.99 116.37
N TYR J 219 11.75 -2.03 117.29
CA TYR J 219 11.66 -2.32 118.70
C TYR J 219 11.20 -1.08 119.44
N GLY J 220 10.31 -1.28 120.40
CA GLY J 220 9.83 -0.21 121.26
C GLY J 220 10.22 -0.47 122.71
N VAL J 221 10.58 0.59 123.41
CA VAL J 221 11.10 0.47 124.77
C VAL J 221 10.18 1.40 125.56
N ILE J 222 10.08 1.12 126.85
CA ILE J 222 9.43 2.14 127.73
C ILE J 222 10.52 2.42 128.77
N GLU J 223 10.68 3.67 129.15
CA GLU J 223 11.79 4.09 129.99
C GLU J 223 11.66 3.78 131.48
N LEU J 224 12.82 3.80 132.15
CA LEU J 224 12.85 3.43 133.59
C LEU J 224 13.10 4.66 134.45
N TYR J 225 12.16 4.97 135.34
CA TYR J 225 12.31 6.07 136.29
C TYR J 225 13.38 5.72 137.31
N VAL J 226 14.48 6.46 137.30
CA VAL J 226 15.61 6.18 138.17
C VAL J 226 15.82 7.32 139.15
N LYS J 227 15.66 7.05 140.44
CA LYS J 227 16.07 7.99 141.48
C LYS J 227 17.24 7.38 142.24
N LEU J 228 18.31 8.17 142.40
CA LEU J 228 19.54 7.65 143.03
C LEU J 228 19.26 7.22 144.48
N ASP J 229 18.12 7.65 145.03
CA ASP J 229 17.74 7.19 146.40
C ASP J 229 17.55 5.67 146.35
N GLY J 230 16.93 5.16 145.28
CA GLY J 230 16.76 3.70 145.14
C GLY J 230 15.37 3.33 144.69
N GLN J 231 14.53 4.33 144.42
CA GLN J 231 13.15 4.06 144.02
C GLN J 231 13.07 4.00 142.50
N PHE J 232 12.56 2.89 141.97
CA PHE J 232 12.47 2.66 140.54
C PHE J 232 11.07 2.22 140.18
N GLU J 233 10.62 2.63 138.99
CA GLU J 233 9.32 2.26 138.44
C GLU J 233 9.33 2.34 136.93
N PHE J 234 8.95 1.25 136.27
CA PHE J 234 8.82 1.24 134.81
C PHE J 234 7.50 1.88 134.42
N CYS J 235 7.53 3.15 134.03
CA CYS J 235 6.34 3.93 133.75
C CYS J 235 6.24 4.23 132.26
N LEU J 236 5.04 4.13 131.69
CA LEU J 236 4.87 4.30 130.22
C LEU J 236 4.47 5.75 129.82
N LEU J 237 4.24 6.63 130.79
CA LEU J 237 3.79 7.98 130.46
C LEU J 237 4.93 8.97 130.71
N ARG J 238 4.79 10.18 130.16
CA ARG J 238 5.81 11.21 130.24
C ARG J 238 6.04 11.77 131.64
N GLY J 239 5.16 11.45 132.58
CA GLY J 239 5.23 12.02 133.91
C GLY J 239 6.54 11.82 134.65
N LYS J 240 6.84 10.62 135.06
CA LYS J 240 8.06 10.34 135.85
C LYS J 240 8.82 9.14 135.27
N GLN J 241 9.60 9.34 134.21
CA GLN J 241 10.46 8.30 133.65
C GLN J 241 11.81 8.86 133.24
N GLY J 242 12.03 10.16 133.47
CA GLY J 242 13.22 10.82 132.95
C GLY J 242 14.48 10.54 133.74
N GLY J 243 14.37 10.06 134.97
CA GLY J 243 15.53 9.89 135.80
C GLY J 243 15.68 11.08 136.72
N PHE J 244 15.90 10.83 138.01
CA PHE J 244 15.97 11.89 139.01
C PHE J 244 17.09 11.57 139.98
N GLU J 245 17.52 12.57 140.75
CA GLU J 245 18.67 12.36 141.67
C GLU J 245 18.20 12.14 143.12
N MET K 1 -0.90 4.54 103.48
CA MET K 1 -0.45 4.68 104.86
C MET K 1 -1.63 4.51 105.80
N PHE K 2 -1.41 3.80 106.91
CA PHE K 2 -2.50 3.41 107.78
C PHE K 2 -3.17 4.63 108.42
N ALA K 3 -2.38 5.66 108.75
CA ALA K 3 -2.94 6.84 109.39
C ALA K 3 -3.94 7.54 108.48
N LYS K 4 -3.59 7.67 107.20
CA LYS K 4 -4.49 8.32 106.26
C LYS K 4 -5.69 7.43 105.91
N ALA K 5 -5.46 6.12 105.84
CA ALA K 5 -6.53 5.21 105.45
C ALA K 5 -7.75 5.20 106.37
N THR K 6 -7.52 5.16 107.68
CA THR K 6 -8.64 5.20 108.61
C THR K 6 -9.18 6.62 108.85
N ARG K 7 -8.33 7.62 108.61
CA ARG K 7 -8.79 9.03 108.74
C ARG K 7 -9.85 9.23 107.66
N ASN K 8 -9.52 8.91 106.40
CA ASN K 8 -10.46 9.09 105.28
C ASN K 8 -11.72 8.25 105.54
N PHE K 9 -11.53 7.00 105.98
CA PHE K 9 -12.67 6.12 106.30
C PHE K 9 -13.63 6.80 107.27
N LEU K 10 -13.16 7.12 108.48
CA LEU K 10 -14.04 7.70 109.48
C LEU K 10 -14.63 9.03 109.02
N ARG K 11 -13.94 9.73 108.12
CA ARG K 11 -14.50 10.96 107.57
C ARG K 11 -15.77 10.73 106.77
N GLU K 12 -15.81 9.65 105.98
CA GLU K 12 -16.95 9.42 105.11
C GLU K 12 -18.04 8.60 105.79
N VAL K 13 -17.69 7.84 106.84
CA VAL K 13 -18.70 7.02 107.50
C VAL K 13 -19.15 7.73 108.76
N ASP K 14 -18.18 8.18 109.59
CA ASP K 14 -18.52 8.84 110.88
C ASP K 14 -18.66 10.35 110.67
N ALA K 15 -19.88 10.82 110.36
CA ALA K 15 -20.13 12.23 110.09
C ALA K 15 -20.06 13.11 111.33
N ASP K 16 -20.20 12.54 112.52
CA ASP K 16 -20.20 13.32 113.75
C ASP K 16 -18.85 13.35 114.45
N GLY K 17 -17.89 12.52 114.02
CA GLY K 17 -16.61 12.50 114.69
C GLY K 17 -16.50 11.92 116.07
N ASP K 18 -17.50 11.16 116.52
CA ASP K 18 -17.47 10.52 117.83
C ASP K 18 -16.55 9.28 117.91
N LEU K 19 -16.08 8.83 116.76
CA LEU K 19 -15.15 7.72 116.66
C LEU K 19 -13.81 8.33 116.26
N ILE K 20 -12.73 7.69 116.68
CA ILE K 20 -11.38 8.20 116.48
C ILE K 20 -10.60 7.16 115.68
N ALA K 21 -9.96 7.61 114.60
CA ALA K 21 -9.19 6.72 113.75
C ALA K 21 -7.92 6.26 114.45
N VAL K 22 -7.54 5.01 114.23
CA VAL K 22 -6.32 4.47 114.81
C VAL K 22 -5.11 5.03 114.06
N SER K 23 -4.14 5.54 114.83
CA SER K 23 -3.00 6.23 114.22
C SER K 23 -2.11 5.29 113.41
N ASN K 24 -1.71 4.16 114.01
CA ASN K 24 -0.73 3.28 113.38
C ASN K 24 -1.04 1.83 113.76
N LEU K 25 -0.32 0.90 113.14
CA LEU K 25 -0.52 -0.52 113.43
C LEU K 25 -0.04 -0.77 114.85
N ASN K 26 0.90 0.05 115.34
CA ASN K 26 1.35 -0.10 116.73
C ASN K 26 0.17 -0.03 117.71
N ASP K 27 -0.65 1.03 117.54
CA ASP K 27 -1.86 1.17 118.35
C ASP K 27 -3.00 0.19 118.08
N SER K 28 -2.97 -0.51 116.94
CA SER K 28 -4.03 -1.44 116.58
C SER K 28 -4.07 -2.71 117.43
N ASP K 29 -2.98 -3.02 118.14
CA ASP K 29 -2.95 -4.20 119.00
C ASP K 29 -3.05 -3.84 120.46
N LYS K 30 -3.05 -2.56 120.80
CA LYS K 30 -3.20 -2.09 122.18
C LYS K 30 -4.64 -1.75 122.53
N LEU K 31 -5.41 -1.23 121.58
CA LEU K 31 -6.79 -0.85 121.83
C LEU K 31 -7.69 -2.07 121.98
N GLN K 32 -8.25 -2.25 123.17
CA GLN K 32 -9.18 -3.32 123.44
C GLN K 32 -10.41 -2.76 124.13
N LEU K 33 -11.45 -3.60 124.22
CA LEU K 33 -12.72 -3.16 124.80
C LEU K 33 -12.47 -2.88 126.28
N LEU K 34 -13.05 -1.79 126.76
CA LEU K 34 -12.94 -1.37 128.17
C LEU K 34 -11.53 -1.27 128.75
N SER K 35 -10.57 -0.88 127.94
CA SER K 35 -9.23 -0.56 128.46
C SER K 35 -9.25 0.94 128.55
N LEU K 36 -8.45 1.50 129.45
CA LEU K 36 -8.46 2.94 129.68
C LEU K 36 -7.48 3.72 128.81
N VAL K 37 -7.92 4.89 128.35
CA VAL K 37 -7.11 5.76 127.51
C VAL K 37 -7.21 7.14 128.15
N THR K 38 -6.31 8.03 127.75
CA THR K 38 -6.26 9.39 128.27
C THR K 38 -6.07 10.34 127.10
N LYS K 39 -6.93 11.37 127.09
CA LYS K 39 -6.84 12.41 126.04
C LYS K 39 -6.36 13.71 126.69
N LYS K 40 -5.35 14.34 126.09
CA LYS K 40 -4.80 15.60 126.60
C LYS K 40 -5.57 16.77 125.98
N LYS K 41 -6.24 17.55 126.83
CA LYS K 41 -7.06 18.66 126.39
C LYS K 41 -6.29 19.97 126.29
N ARG K 42 -4.96 19.94 126.48
CA ARG K 42 -4.16 21.14 126.34
C ARG K 42 -4.24 21.71 124.92
N PHE K 43 -4.29 20.85 123.92
CA PHE K 43 -4.42 21.30 122.54
C PHE K 43 -5.81 21.90 122.31
N TRP K 44 -5.87 22.84 121.38
CA TRP K 44 -7.11 23.56 121.09
C TRP K 44 -7.88 22.80 120.02
N CYS K 45 -8.93 23.43 119.47
CA CYS K 45 -9.69 22.78 118.40
C CYS K 45 -8.87 22.67 117.12
N TRP K 46 -7.75 23.39 117.05
CA TRP K 46 -6.87 23.34 115.90
C TRP K 46 -6.27 21.95 115.67
N GLN K 47 -5.86 21.26 116.73
CA GLN K 47 -5.30 19.92 116.60
C GLN K 47 -6.15 18.93 117.39
N ARG K 48 -6.09 17.67 116.98
CA ARG K 48 -6.84 16.63 117.66
C ARG K 48 -6.28 16.43 119.07
N PRO K 49 -7.12 16.05 120.03
CA PRO K 49 -6.60 15.75 121.38
C PRO K 49 -5.61 14.60 121.34
N LYS K 50 -4.57 14.70 122.16
CA LYS K 50 -3.53 13.67 122.22
C LYS K 50 -4.04 12.50 123.05
N TYR K 51 -4.21 11.35 122.41
CA TYR K 51 -4.74 10.15 123.04
C TYR K 51 -3.60 9.19 123.36
N GLN K 52 -3.50 8.79 124.62
CA GLN K 52 -2.49 7.85 125.09
C GLN K 52 -3.17 6.75 125.90
N PHE K 53 -2.69 5.53 125.73
CA PHE K 53 -3.35 4.35 126.28
C PHE K 53 -2.56 3.83 127.48
N LEU K 54 -3.24 3.66 128.60
CA LEU K 54 -2.64 3.02 129.77
C LEU K 54 -2.65 1.51 129.61
N SER K 55 -1.65 0.85 130.17
CA SER K 55 -1.54 -0.60 130.09
C SER K 55 -2.59 -1.28 130.95
N LEU K 56 -3.15 -0.55 131.91
CA LEU K 56 -4.12 -1.09 132.84
C LEU K 56 -5.51 -1.06 132.21
N THR K 57 -6.45 -1.75 132.85
CA THR K 57 -7.84 -1.79 132.41
C THR K 57 -8.73 -1.35 133.56
N LEU K 58 -10.04 -1.45 133.35
CA LEU K 58 -10.99 -1.07 134.39
C LEU K 58 -10.82 -1.94 135.64
N GLY K 59 -10.83 -3.27 135.46
CA GLY K 59 -10.67 -4.16 136.60
C GLY K 59 -9.34 -3.98 137.29
N ASP K 60 -8.34 -3.47 136.57
CA ASP K 60 -7.04 -3.22 137.18
C ASP K 60 -7.08 -2.01 138.10
N VAL K 61 -8.01 -1.08 137.87
CA VAL K 61 -8.08 0.15 138.64
C VAL K 61 -9.31 0.25 139.52
N LEU K 62 -10.29 -0.65 139.40
CA LEU K 62 -11.43 -0.63 140.30
C LEU K 62 -10.98 -0.92 141.73
N ILE K 63 -10.50 -2.13 141.97
CA ILE K 63 -9.97 -2.57 143.27
C ILE K 63 -11.05 -2.56 144.34
N GLU K 64 -11.79 -1.46 144.46
CA GLU K 64 -12.77 -1.33 145.53
C GLU K 64 -13.90 -2.34 145.41
N ASP K 65 -14.40 -2.58 144.20
CA ASP K 65 -15.53 -3.47 143.99
C ASP K 65 -15.28 -4.35 142.78
N GLN K 66 -16.05 -5.43 142.69
CA GLN K 66 -15.85 -6.43 141.64
C GLN K 66 -16.21 -6.04 140.22
N PHE K 67 -15.53 -6.67 139.26
CA PHE K 67 -15.73 -6.41 137.83
C PHE K 67 -17.02 -6.77 137.11
N PRO K 68 -17.82 -5.80 136.67
CA PRO K 68 -19.10 -6.18 136.02
C PRO K 68 -18.95 -6.79 134.64
N SER K 69 -19.50 -7.98 134.46
CA SER K 69 -19.23 -8.74 133.23
C SER K 69 -19.73 -7.91 132.05
N PRO K 70 -18.91 -7.75 131.01
CA PRO K 70 -19.41 -7.00 129.84
C PRO K 70 -20.50 -7.52 128.94
N VAL K 71 -21.24 -6.61 128.30
CA VAL K 71 -22.27 -6.97 127.35
C VAL K 71 -21.75 -6.60 125.97
N VAL K 72 -20.99 -7.52 125.36
CA VAL K 72 -20.39 -7.27 124.05
C VAL K 72 -21.38 -7.76 123.00
N VAL K 73 -21.72 -6.89 122.05
CA VAL K 73 -22.64 -7.23 120.97
C VAL K 73 -21.88 -6.95 119.67
N GLU K 74 -21.93 -7.94 118.77
CA GLU K 74 -21.19 -7.81 117.49
C GLU K 74 -22.14 -7.40 116.35
N SER K 75 -21.81 -6.31 115.67
CA SER K 75 -22.59 -5.83 114.52
C SER K 75 -21.62 -5.48 113.41
N ASP K 76 -21.95 -5.86 112.18
CA ASP K 76 -21.11 -5.60 111.01
C ASP K 76 -21.79 -4.59 110.11
N PHE K 77 -20.98 -3.73 109.50
CA PHE K 77 -21.55 -2.66 108.64
C PHE K 77 -20.45 -2.00 107.84
N VAL K 78 -20.80 -1.23 106.82
CA VAL K 78 -19.75 -0.43 106.10
C VAL K 78 -18.56 -1.30 105.65
N LYS K 79 -18.80 -2.38 104.91
CA LYS K 79 -17.61 -3.16 104.48
C LYS K 79 -16.78 -2.17 103.66
N TYR K 80 -17.40 -1.33 102.83
CA TYR K 80 -16.70 -0.19 102.17
C TYR K 80 -15.59 -0.50 101.17
N GLU K 81 -15.11 0.54 100.51
CA GLU K 81 -14.06 0.51 99.50
C GLU K 81 -13.70 1.95 99.20
N GLY K 82 -12.43 2.31 99.37
CA GLY K 82 -12.04 3.69 99.23
C GLY K 82 -10.84 3.89 98.31
N LYS K 83 -11.00 4.76 97.32
CA LYS K 83 -9.92 5.16 96.43
C LYS K 83 -9.72 6.65 96.55
N PHE K 84 -8.47 7.07 96.77
CA PHE K 84 -8.18 8.47 97.06
C PHE K 84 -6.96 8.91 96.24
N ALA K 85 -7.21 9.61 95.14
CA ALA K 85 -6.15 10.17 94.30
C ALA K 85 -6.04 11.66 94.55
N ASN K 86 -5.03 12.06 95.31
CA ASN K 86 -4.86 13.44 95.74
C ASN K 86 -3.64 14.04 95.06
N HIS K 87 -3.82 15.17 94.41
CA HIS K 87 -2.72 15.90 93.75
C HIS K 87 -2.58 17.27 94.42
N VAL K 88 -1.40 17.55 94.96
CA VAL K 88 -1.11 18.82 95.61
C VAL K 88 0.13 19.40 94.95
N SER K 89 0.01 20.62 94.42
CA SER K 89 1.12 21.33 93.82
C SER K 89 1.18 22.74 94.37
N GLY K 90 2.32 23.09 94.96
CA GLY K 90 2.49 24.42 95.52
C GLY K 90 3.84 25.03 95.17
N THR K 91 3.82 26.18 94.50
CA THR K 91 5.04 26.86 94.07
C THR K 91 5.13 28.18 94.80
N LEU K 92 6.29 28.42 95.43
CA LEU K 92 6.55 29.66 96.15
C LEU K 92 7.69 30.36 95.43
N GLU K 93 7.45 31.61 95.04
CA GLU K 93 8.45 32.40 94.33
C GLU K 93 8.63 33.71 95.08
N THR K 94 9.82 33.95 95.61
CA THR K 94 10.13 35.13 96.39
C THR K 94 11.39 35.78 95.81
N ALA K 95 11.38 37.12 95.77
CA ALA K 95 12.51 37.89 95.24
C ALA K 95 12.62 39.16 96.09
N LEU K 96 13.69 39.25 96.87
CA LEU K 96 13.96 40.42 97.70
C LEU K 96 15.38 40.91 97.40
N GLY K 97 15.47 42.04 96.71
CA GLY K 97 16.76 42.66 96.48
C GLY K 97 17.76 41.72 95.82
N LYS K 98 18.83 41.43 96.55
CA LYS K 98 19.91 40.59 96.02
C LYS K 98 19.43 39.18 95.74
N VAL K 99 18.64 38.62 96.64
CA VAL K 99 18.28 37.20 96.61
C VAL K 99 16.99 36.96 95.84
N LYS K 100 17.08 36.15 94.80
CA LYS K 100 15.92 35.56 94.11
C LYS K 100 15.67 34.07 94.27
N LEU K 101 14.49 33.70 94.76
CA LEU K 101 14.19 32.33 95.14
C LEU K 101 12.99 31.84 94.34
N ASN K 102 13.17 30.70 93.65
CA ASN K 102 12.11 30.03 92.93
C ASN K 102 11.97 28.63 93.48
N LEU K 103 10.78 28.29 93.98
CA LEU K 103 10.51 26.98 94.58
C LEU K 103 9.25 26.39 93.97
N GLY K 104 9.34 25.12 93.55
CA GLY K 104 8.19 24.43 93.03
C GLY K 104 8.05 23.02 93.57
N GLY K 105 6.97 22.75 94.30
CA GLY K 105 6.78 21.45 94.90
C GLY K 105 5.50 20.77 94.46
N SER K 106 5.63 19.62 93.80
CA SER K 106 4.49 18.84 93.33
C SER K 106 4.43 17.52 94.08
N SER K 107 3.29 17.25 94.72
CA SER K 107 3.10 16.04 95.49
C SER K 107 1.85 15.32 94.99
N ARG K 108 2.00 14.04 94.65
CA ARG K 108 0.89 13.21 94.23
C ARG K 108 0.76 12.02 95.16
N VAL K 109 -0.43 11.82 95.71
CA VAL K 109 -0.72 10.71 96.60
C VAL K 109 -1.96 9.99 96.07
N GLU K 110 -1.82 8.70 95.80
CA GLU K 110 -2.93 7.86 95.36
C GLU K 110 -3.03 6.73 96.37
N SER K 111 -3.85 6.93 97.40
CA SER K 111 -3.99 5.98 98.49
C SER K 111 -5.29 5.22 98.33
N GLN K 112 -5.19 3.96 97.91
CA GLN K 112 -6.36 3.07 97.82
C GLN K 112 -6.54 2.37 99.15
N SER K 113 -7.76 2.44 99.69
CA SER K 113 -8.07 1.87 101.00
C SER K 113 -9.23 0.89 100.82
N SER K 114 -8.89 -0.36 100.48
CA SER K 114 -9.88 -1.41 100.28
C SER K 114 -9.98 -2.21 101.56
N PHE K 115 -11.19 -2.31 102.10
CA PHE K 115 -11.44 -2.98 103.37
C PHE K 115 -12.55 -4.01 103.17
N GLY K 116 -12.55 -5.05 104.01
CA GLY K 116 -13.60 -6.04 103.99
C GLY K 116 -14.76 -5.67 104.91
N THR K 117 -15.51 -6.70 105.30
CA THR K 117 -16.64 -6.49 106.21
C THR K 117 -16.16 -6.03 107.58
N LEU K 118 -16.46 -4.79 107.94
CA LEU K 118 -16.03 -4.25 109.22
C LEU K 118 -17.10 -4.48 110.28
N ARG K 119 -16.65 -4.95 111.45
CA ARG K 119 -17.60 -5.29 112.53
C ARG K 119 -17.43 -4.37 113.73
N LYS K 120 -18.54 -4.05 114.40
CA LYS K 120 -18.51 -3.18 115.59
C LYS K 120 -18.77 -4.03 116.84
N GLN K 121 -18.00 -3.79 117.90
CA GLN K 121 -18.11 -4.48 119.17
C GLN K 121 -18.30 -3.43 120.26
N GLU K 122 -19.55 -3.16 120.62
CA GLU K 122 -19.89 -2.17 121.62
C GLU K 122 -20.25 -2.83 122.95
N VAL K 123 -19.82 -2.23 124.04
CA VAL K 123 -20.09 -2.71 125.38
C VAL K 123 -21.34 -2.02 125.91
N ASP K 124 -22.11 -2.74 126.73
CA ASP K 124 -23.32 -2.19 127.33
C ASP K 124 -23.05 -0.90 128.13
N LEU K 125 -23.64 0.21 127.68
CA LEU K 125 -23.44 1.48 128.37
C LEU K 125 -23.99 1.46 129.78
N GLN K 126 -25.11 0.75 129.99
CA GLN K 126 -25.65 0.60 131.33
C GLN K 126 -24.78 -0.16 132.33
N GLN K 127 -24.08 -1.20 131.90
CA GLN K 127 -23.05 -1.81 132.74
C GLN K 127 -21.97 -0.80 133.08
N LEU K 128 -21.68 0.12 132.15
CA LEU K 128 -20.63 1.09 132.36
C LEU K 128 -20.98 2.07 133.48
N ILE K 129 -22.28 2.41 133.60
CA ILE K 129 -22.69 3.43 134.54
C ILE K 129 -22.93 2.83 135.93
N ARG K 130 -23.31 1.54 135.98
CA ARG K 130 -23.71 0.95 137.26
C ARG K 130 -22.55 0.94 138.26
N ASP K 131 -21.38 0.43 137.85
CA ASP K 131 -20.25 0.40 138.76
C ASP K 131 -19.72 1.80 139.05
N SER K 132 -19.72 2.67 138.04
CA SER K 132 -19.17 4.01 138.20
C SER K 132 -19.92 4.84 139.25
N ALA K 133 -21.25 4.81 139.24
CA ALA K 133 -22.03 5.59 140.18
C ALA K 133 -21.82 5.17 141.63
N GLU K 134 -21.28 3.97 141.86
CA GLU K 134 -20.98 3.48 143.20
C GLU K 134 -19.49 3.65 143.48
N ARG K 135 -19.13 3.47 144.75
CA ARG K 135 -17.73 3.58 145.17
C ARG K 135 -16.99 2.32 144.72
N THR K 136 -16.55 2.35 143.46
CA THR K 136 -15.94 1.20 142.83
C THR K 136 -14.48 1.41 142.44
N ILE K 137 -14.05 2.64 142.21
CA ILE K 137 -12.69 2.93 141.77
C ILE K 137 -11.92 3.50 142.96
N ASN K 138 -10.76 2.91 143.24
CA ASN K 138 -9.92 3.39 144.33
C ASN K 138 -9.36 4.77 144.00
N LEU K 139 -9.21 5.61 145.02
CA LEU K 139 -8.78 6.97 144.79
C LEU K 139 -7.28 7.05 144.46
N ARG K 140 -6.46 6.27 145.16
CA ARG K 140 -5.01 6.32 145.01
C ARG K 140 -4.51 5.04 144.36
N ASN K 141 -3.73 5.18 143.30
CA ASN K 141 -3.09 4.08 142.61
C ASN K 141 -1.62 4.43 142.37
N PRO K 142 -0.73 3.44 142.41
CA PRO K 142 0.68 3.74 142.07
C PRO K 142 0.85 4.28 140.67
N VAL K 143 -0.06 3.91 139.76
CA VAL K 143 -0.01 4.46 138.38
C VAL K 143 -1.14 5.50 138.28
N LEU K 144 -1.11 6.38 137.27
CA LEU K 144 -2.17 7.40 137.01
C LEU K 144 -1.92 8.70 137.82
N GLN K 145 -0.92 8.68 138.71
CA GLN K 145 -0.56 9.92 139.44
C GLN K 145 -0.15 11.03 138.45
N GLN K 146 0.66 10.67 137.46
CA GLN K 146 1.13 11.65 136.44
C GLN K 146 -0.06 12.20 135.65
N VAL K 147 -1.18 11.47 135.61
CA VAL K 147 -2.37 11.97 134.95
C VAL K 147 -3.01 13.09 135.75
N LEU K 148 -3.11 12.92 137.07
CA LEU K 148 -3.66 13.97 137.92
C LEU K 148 -2.76 15.20 137.92
N GLU K 149 -1.45 15.00 137.98
CA GLU K 149 -0.48 16.10 137.85
C GLU K 149 -0.37 16.50 136.37
N GLY K 150 -1.22 17.45 135.98
CA GLY K 150 -1.46 17.66 134.56
C GLY K 150 -2.97 17.61 134.34
N ARG K 151 -3.74 18.18 135.27
CA ARG K 151 -5.23 18.10 135.19
C ARG K 151 -5.69 18.01 133.73
N ASN K 152 -5.37 19.02 132.93
CA ASN K 152 -5.65 18.97 131.49
C ASN K 152 -5.90 17.68 130.72
N GLU K 153 -5.14 16.63 131.00
CA GLU K 153 -5.39 15.31 130.43
C GLU K 153 -6.24 14.52 131.42
N VAL K 154 -7.29 13.85 130.90
CA VAL K 154 -8.25 13.13 131.73
C VAL K 154 -8.35 11.70 131.22
N LEU K 155 -8.69 10.79 132.13
CA LEU K 155 -8.80 9.38 131.82
C LEU K 155 -10.14 9.09 131.15
N CYS K 156 -10.12 8.20 130.16
CA CYS K 156 -11.31 7.78 129.44
C CYS K 156 -11.23 6.26 129.35
N VAL K 157 -12.39 5.67 129.03
CA VAL K 157 -12.48 4.18 128.91
C VAL K 157 -13.11 3.87 127.55
N LEU K 158 -12.49 2.95 126.80
CA LEU K 158 -12.99 2.56 125.49
C LEU K 158 -14.28 1.77 125.61
N THR K 159 -15.26 2.08 124.76
CA THR K 159 -16.53 1.40 124.74
C THR K 159 -17.06 0.96 123.36
N GLN K 160 -16.57 1.62 122.30
CA GLN K 160 -16.95 1.24 120.92
C GLN K 160 -15.66 0.86 120.18
N LYS K 161 -15.74 -0.11 119.27
CA LYS K 161 -14.56 -0.58 118.54
C LYS K 161 -15.01 -1.15 117.21
N ILE K 162 -14.35 -0.73 116.14
CA ILE K 162 -14.61 -1.24 114.80
C ILE K 162 -13.42 -2.11 114.39
N THR K 163 -13.71 -3.36 114.03
CA THR K 163 -12.67 -4.33 113.71
C THR K 163 -12.97 -5.01 112.38
N THR K 164 -11.94 -5.20 111.57
CA THR K 164 -12.08 -5.87 110.28
C THR K 164 -11.95 -7.38 110.42
N MET K 165 -12.54 -8.10 109.47
CA MET K 165 -12.54 -9.56 109.49
C MET K 165 -11.80 -10.17 108.30
N GLN K 166 -11.46 -9.37 107.29
CA GLN K 166 -10.81 -9.88 106.09
C GLN K 166 -9.53 -9.08 105.89
N LYS K 167 -8.53 -9.77 105.35
CA LYS K 167 -7.23 -9.11 105.04
C LYS K 167 -7.53 -7.86 104.20
N CYS K 168 -7.11 -6.70 104.68
CA CYS K 168 -7.36 -5.45 104.00
C CYS K 168 -6.18 -5.00 103.15
N VAL K 169 -6.47 -4.20 102.13
CA VAL K 169 -5.48 -3.75 101.16
C VAL K 169 -5.35 -2.24 101.25
N ILE K 170 -4.13 -1.76 101.43
CA ILE K 170 -3.84 -0.34 101.43
C ILE K 170 -2.70 -0.10 100.44
N SER K 171 -3.06 0.14 99.18
CA SER K 171 -2.07 0.37 98.13
C SER K 171 -1.80 1.87 98.07
N GLU K 172 -0.67 2.30 98.62
CA GLU K 172 -0.32 3.71 98.71
C GLU K 172 0.74 4.02 97.66
N HIS K 173 0.46 5.01 96.82
CA HIS K 173 1.43 5.54 95.88
C HIS K 173 1.68 7.01 96.25
N MET K 174 2.94 7.33 96.54
CA MET K 174 3.31 8.68 96.98
C MET K 174 4.46 9.16 96.11
N GLN K 175 4.15 10.01 95.14
CA GLN K 175 5.15 10.64 94.31
C GLN K 175 5.33 12.07 94.78
N VAL K 176 6.56 12.42 95.15
CA VAL K 176 6.88 13.74 95.70
C VAL K 176 7.98 14.33 94.82
N GLU K 177 7.70 15.48 94.21
CA GLU K 177 8.69 16.21 93.43
C GLU K 177 8.84 17.62 94.00
N GLU K 178 10.06 17.97 94.40
CA GLU K 178 10.35 19.27 94.98
C GLU K 178 11.54 19.87 94.23
N LYS K 179 11.36 21.06 93.70
CA LYS K 179 12.41 21.78 92.98
C LYS K 179 12.69 23.09 93.70
N CYS K 180 13.94 23.30 94.09
CA CYS K 180 14.37 24.51 94.77
C CYS K 180 15.44 25.21 93.94
N GLY K 181 15.25 26.50 93.71
CA GLY K 181 16.20 27.28 92.94
C GLY K 181 16.46 28.65 93.52
N GLY K 182 17.73 28.98 93.76
CA GLY K 182 18.09 30.27 94.29
C GLY K 182 19.22 30.93 93.53
N ILE K 183 18.92 32.13 93.01
CA ILE K 183 19.95 32.94 92.31
C ILE K 183 20.27 34.11 93.23
N VAL K 184 21.54 34.30 93.58
CA VAL K 184 21.95 35.32 94.53
C VAL K 184 23.05 36.15 93.88
N GLY K 185 22.83 37.46 93.81
CA GLY K 185 23.82 38.39 93.28
C GLY K 185 24.16 39.51 94.23
N ILE K 186 25.43 39.59 94.64
CA ILE K 186 25.76 40.62 95.67
C ILE K 186 26.72 41.70 95.12
N GLN K 187 26.29 42.96 95.15
CA GLN K 187 27.07 44.13 94.73
C GLN K 187 28.24 44.66 95.59
N THR K 188 29.07 43.72 96.05
CA THR K 188 30.13 44.04 96.99
C THR K 188 31.22 45.02 96.60
N LYS K 189 31.81 45.70 97.58
CA LYS K 189 32.87 46.70 97.24
C LYS K 189 34.18 46.20 96.64
N THR K 190 34.38 46.37 95.33
CA THR K 190 35.61 45.92 94.61
C THR K 190 35.58 44.41 94.43
N VAL K 191 34.42 43.78 94.67
CA VAL K 191 34.28 42.31 94.48
C VAL K 191 32.96 42.04 93.76
N GLN K 192 33.00 41.65 92.49
CA GLN K 192 31.73 41.31 91.86
C GLN K 192 31.42 39.85 92.18
N VAL K 193 30.24 39.61 92.76
CA VAL K 193 29.88 38.29 93.26
C VAL K 193 28.67 37.76 92.49
N SER K 194 28.64 36.45 92.27
CA SER K 194 27.50 35.80 91.63
C SER K 194 27.38 34.36 92.11
N ALA K 195 26.37 34.09 92.93
CA ALA K 195 26.18 32.78 93.55
C ALA K 195 24.81 32.22 93.14
N THR K 196 24.81 31.01 92.60
CA THR K 196 23.58 30.34 92.18
C THR K 196 23.55 28.95 92.80
N GLU K 197 22.40 28.61 93.39
CA GLU K 197 22.22 27.27 94.00
C GLU K 197 20.91 26.67 93.47
N ASP K 198 20.98 25.49 92.87
CA ASP K 198 19.81 24.80 92.31
C ASP K 198 19.68 23.44 92.99
N GLY K 199 18.50 23.17 93.55
CA GLY K 199 18.26 21.90 94.20
C GLY K 199 17.02 21.20 93.69
N ASN K 200 17.19 20.07 93.03
CA ASN K 200 16.08 19.29 92.49
C ASN K 200 16.01 17.98 93.28
N VAL K 201 14.86 17.71 93.87
CA VAL K 201 14.63 16.50 94.64
C VAL K 201 13.38 15.83 94.07
N THR K 202 13.53 14.58 93.63
CA THR K 202 12.42 13.77 93.15
C THR K 202 12.37 12.48 93.95
N LYS K 203 11.28 12.25 94.66
CA LYS K 203 11.12 11.09 95.53
C LYS K 203 9.86 10.34 95.17
N ASP K 204 9.98 9.02 95.08
CA ASP K 204 8.85 8.14 94.78
C ASP K 204 8.79 7.06 95.84
N SER K 205 7.57 6.75 96.29
CA SER K 205 7.34 5.70 97.29
C SER K 205 6.14 4.86 96.85
N ASN K 206 6.40 3.85 96.04
CA ASN K 206 5.36 2.92 95.60
C ASN K 206 5.27 1.80 96.62
N VAL K 207 4.39 1.96 97.61
CA VAL K 207 4.27 0.98 98.68
C VAL K 207 2.89 0.34 98.70
N VAL K 208 2.84 -0.96 98.40
CA VAL K 208 1.60 -1.73 98.52
C VAL K 208 1.75 -2.66 99.72
N LEU K 209 1.04 -2.36 100.80
CA LEU K 209 1.12 -3.13 102.03
C LEU K 209 -0.27 -3.66 102.39
N GLU K 210 -0.29 -4.91 102.84
CA GLU K 210 -1.57 -5.53 103.21
C GLU K 210 -1.82 -5.32 104.71
N ILE K 211 -3.06 -5.49 105.12
CA ILE K 211 -3.47 -5.32 106.51
C ILE K 211 -4.14 -6.61 106.96
N PRO K 212 -3.74 -7.22 108.07
CA PRO K 212 -4.36 -8.47 108.50
C PRO K 212 -5.73 -8.23 109.10
N ALA K 213 -6.47 -9.34 109.25
CA ALA K 213 -7.75 -9.28 109.92
C ALA K 213 -7.56 -9.04 111.42
N ALA K 214 -8.65 -8.69 112.08
CA ALA K 214 -8.77 -8.45 113.52
C ALA K 214 -8.07 -7.17 113.96
N THR K 215 -7.60 -6.37 112.99
CA THR K 215 -6.94 -5.09 113.31
C THR K 215 -7.98 -4.08 113.78
N THR K 216 -7.58 -3.13 114.64
CA THR K 216 -8.51 -2.09 115.06
C THR K 216 -8.49 -0.94 114.07
N ILE K 217 -9.68 -0.55 113.61
CA ILE K 217 -9.83 0.53 112.65
C ILE K 217 -10.28 1.83 113.33
N ALA K 218 -11.25 1.74 114.22
CA ALA K 218 -11.76 2.91 114.92
C ALA K 218 -12.15 2.51 116.34
N TYR K 219 -12.19 3.51 117.22
CA TYR K 219 -12.56 3.28 118.61
C TYR K 219 -13.18 4.56 119.17
N GLY K 220 -14.24 4.38 119.95
CA GLY K 220 -14.90 5.48 120.64
C GLY K 220 -14.81 5.28 122.14
N VAL K 221 -14.61 6.38 122.85
CA VAL K 221 -14.37 6.34 124.29
C VAL K 221 -15.44 7.28 124.83
N ILE K 222 -15.80 7.06 126.08
CA ILE K 222 -16.63 8.11 126.77
C ILE K 222 -15.77 8.45 127.99
N GLU K 223 -15.70 9.73 128.34
CA GLU K 223 -14.79 10.22 129.36
C GLU K 223 -15.21 9.96 130.80
N LEU K 224 -14.22 10.03 131.69
CA LEU K 224 -14.47 9.72 133.12
C LEU K 224 -14.42 11.00 133.96
N TYR K 225 -15.52 11.33 134.62
CA TYR K 225 -15.58 12.47 135.53
C TYR K 225 -14.74 12.19 136.76
N VAL K 226 -13.66 12.95 136.94
CA VAL K 226 -12.71 12.73 138.03
C VAL K 226 -12.72 13.92 138.98
N LYS K 227 -13.14 13.70 140.21
CA LYS K 227 -12.96 14.70 141.28
C LYS K 227 -11.97 14.15 142.29
N LEU K 228 -10.96 14.97 142.62
CA LEU K 228 -9.87 14.49 143.51
C LEU K 228 -10.45 14.13 144.88
N ASP K 229 -11.67 14.56 145.18
CA ASP K 229 -12.31 14.15 146.46
C ASP K 229 -12.48 12.63 146.45
N GLY K 230 -12.88 12.07 145.31
CA GLY K 230 -12.98 10.59 145.20
C GLY K 230 -14.26 10.18 144.50
N GLN K 231 -15.04 11.15 144.02
CA GLN K 231 -16.30 10.84 143.35
C GLN K 231 -16.06 10.70 141.86
N PHE K 232 -16.45 9.56 141.30
CA PHE K 232 -16.24 9.28 139.88
C PHE K 232 -17.55 8.78 139.27
N GLU K 233 -17.75 9.13 137.99
CA GLU K 233 -18.91 8.71 137.22
C GLU K 233 -18.58 8.72 135.73
N PHE K 234 -18.82 7.59 135.07
CA PHE K 234 -18.65 7.52 133.61
C PHE K 234 -19.87 8.11 132.93
N CYS K 235 -19.77 9.36 132.50
CA CYS K 235 -20.89 10.11 131.95
C CYS K 235 -20.69 10.33 130.45
N LEU K 236 -21.75 10.18 129.66
CA LEU K 236 -21.61 10.29 128.19
C LEU K 236 -21.93 11.71 127.64
N LEU K 237 -22.37 12.63 128.49
CA LEU K 237 -22.75 13.95 128.01
C LEU K 237 -21.70 14.97 128.44
N ARG K 238 -21.74 16.15 127.82
CA ARG K 238 -20.77 17.21 128.05
C ARG K 238 -20.83 17.84 129.44
N GLY K 239 -21.87 17.55 130.21
CA GLY K 239 -22.09 18.17 131.49
C GLY K 239 -20.95 18.03 132.49
N LYS K 240 -20.73 16.86 133.00
CA LYS K 240 -19.69 16.64 134.04
C LYS K 240 -18.81 15.42 133.68
N GLN K 241 -17.84 15.60 132.78
CA GLN K 241 -16.88 14.55 132.47
C GLN K 241 -15.48 15.12 132.31
N GLY K 242 -15.32 16.42 132.52
CA GLY K 242 -14.06 17.09 132.22
C GLY K 242 -12.97 16.87 133.25
N GLY K 243 -13.33 16.44 134.46
CA GLY K 243 -12.36 16.32 135.52
C GLY K 243 -12.40 17.56 136.40
N PHE K 244 -12.46 17.38 137.71
CA PHE K 244 -12.60 18.48 138.65
C PHE K 244 -11.69 18.23 139.84
N GLU K 245 -11.44 19.27 140.63
CA GLU K 245 -10.50 19.12 141.77
C GLU K 245 -11.25 18.96 143.11
N MET L 1 -96.55 16.81 -33.50
CA MET L 1 -97.94 17.26 -33.55
C MET L 1 -98.58 16.81 -34.86
N PHE L 2 -99.84 16.36 -34.77
CA PHE L 2 -100.48 15.72 -35.92
C PHE L 2 -100.65 16.69 -37.08
N ALA L 3 -100.93 17.96 -36.78
CA ALA L 3 -101.15 18.95 -37.83
C ALA L 3 -99.89 19.13 -38.67
N LYS L 4 -98.73 19.22 -38.02
CA LYS L 4 -97.48 19.39 -38.75
C LYS L 4 -97.06 18.10 -39.45
N ALA L 5 -97.33 16.95 -38.82
CA ALA L 5 -96.91 15.67 -39.39
C ALA L 5 -97.48 15.34 -40.76
N THR L 6 -98.79 15.55 -40.95
CA THR L 6 -99.38 15.32 -42.26
C THR L 6 -99.16 16.47 -43.25
N ARG L 7 -98.93 17.67 -42.71
CA ARG L 7 -98.62 18.83 -43.59
C ARG L 7 -97.30 18.51 -44.29
N ASN L 8 -96.27 18.18 -43.50
CA ASN L 8 -94.93 17.87 -44.07
C ASN L 8 -95.07 16.68 -45.03
N PHE L 9 -95.80 15.64 -44.61
CA PHE L 9 -96.02 14.46 -45.48
C PHE L 9 -96.56 14.87 -46.85
N LEU L 10 -97.74 15.49 -46.87
CA LEU L 10 -98.35 15.84 -48.15
C LEU L 10 -97.47 16.80 -48.95
N ARG L 11 -96.64 17.58 -48.27
CA ARG L 11 -95.71 18.47 -48.97
C ARG L 11 -94.71 17.69 -49.83
N GLU L 12 -94.19 16.58 -49.29
CA GLU L 12 -93.14 15.85 -49.98
C GLU L 12 -93.69 14.79 -50.93
N VAL L 13 -94.92 14.35 -50.70
CA VAL L 13 -95.49 13.32 -51.55
C VAL L 13 -96.42 13.98 -52.56
N ASP L 14 -97.34 14.82 -52.08
CA ASP L 14 -98.33 15.49 -52.97
C ASP L 14 -97.76 16.81 -53.50
N ALA L 15 -97.08 16.78 -54.65
CA ALA L 15 -96.45 17.96 -55.22
C ALA L 15 -97.45 18.95 -55.79
N ASP L 16 -98.67 18.52 -56.10
CA ASP L 16 -99.66 19.40 -56.72
C ASP L 16 -100.63 20.01 -55.71
N GLY L 17 -100.64 19.52 -54.47
CA GLY L 17 -101.59 20.03 -53.50
C GLY L 17 -103.05 19.71 -53.65
N ASP L 18 -103.40 18.71 -54.46
CA ASP L 18 -104.78 18.28 -54.64
C ASP L 18 -105.35 17.48 -53.45
N LEU L 19 -104.47 17.07 -52.54
CA LEU L 19 -104.85 16.36 -51.33
C LEU L 19 -104.66 17.36 -50.19
N ILE L 20 -105.48 17.20 -49.15
CA ILE L 20 -105.50 18.11 -48.02
C ILE L 20 -105.15 17.33 -46.76
N ALA L 21 -104.20 17.84 -45.99
CA ALA L 21 -103.77 17.17 -44.76
C ALA L 21 -104.85 17.29 -43.69
N VAL L 22 -105.00 16.22 -42.90
CA VAL L 22 -105.97 16.24 -41.81
C VAL L 22 -105.43 17.08 -40.66
N SER L 23 -106.27 18.00 -40.17
CA SER L 23 -105.82 18.97 -39.17
C SER L 23 -105.50 18.30 -37.83
N ASN L 24 -106.40 17.47 -37.31
CA ASN L 24 -106.23 16.92 -35.97
C ASN L 24 -106.83 15.52 -35.92
N LEU L 25 -106.63 14.84 -34.79
CA LEU L 25 -107.16 13.48 -34.64
C LEU L 25 -108.68 13.60 -34.55
N ASN L 26 -109.19 14.74 -34.10
CA ASN L 26 -110.64 14.93 -34.07
C ASN L 26 -111.27 14.71 -35.46
N ASP L 27 -110.67 15.39 -36.47
CA ASP L 27 -111.12 15.18 -37.85
C ASP L 27 -110.80 13.84 -38.49
N SER L 28 -109.89 13.06 -37.92
CA SER L 28 -109.49 11.79 -38.48
C SER L 28 -110.56 10.70 -38.40
N ASP L 29 -111.56 10.87 -37.53
CA ASP L 29 -112.64 9.90 -37.40
C ASP L 29 -113.93 10.39 -38.05
N LYS L 30 -113.96 11.62 -38.54
CA LYS L 30 -115.13 12.16 -39.23
C LYS L 30 -115.04 12.03 -40.75
N LEU L 31 -113.83 12.11 -41.30
CA LEU L 31 -113.66 12.01 -42.74
C LEU L 31 -113.84 10.58 -43.24
N GLN L 32 -114.86 10.37 -44.04
CA GLN L 32 -115.14 9.07 -44.64
C GLN L 32 -115.37 9.24 -46.13
N LEU L 33 -115.38 8.12 -46.84
CA LEU L 33 -115.53 8.15 -48.30
C LEU L 33 -116.92 8.67 -48.61
N LEU L 34 -117.00 9.55 -49.61
CA LEU L 34 -118.26 10.14 -50.05
C LEU L 34 -119.14 10.80 -49.00
N SER L 35 -118.52 11.42 -48.00
CA SER L 35 -119.26 12.24 -47.03
C SER L 35 -119.01 13.65 -47.54
N LEU L 36 -119.93 14.55 -47.27
CA LEU L 36 -119.84 15.92 -47.77
C LEU L 36 -119.08 16.88 -46.87
N VAL L 37 -118.28 17.75 -47.48
CA VAL L 37 -117.50 18.74 -46.75
C VAL L 37 -117.77 20.06 -47.46
N THR L 38 -117.41 21.15 -46.78
CA THR L 38 -117.62 22.49 -47.32
C THR L 38 -116.35 23.30 -47.08
N LYS L 39 -115.90 23.94 -48.17
CA LYS L 39 -114.70 24.81 -48.09
C LYS L 39 -115.15 26.28 -48.24
N LYS L 40 -114.70 27.14 -47.34
CA LYS L 40 -115.03 28.55 -47.38
C LYS L 40 -114.01 29.29 -48.24
N LYS L 41 -114.49 29.89 -49.34
CA LYS L 41 -113.62 30.58 -50.29
C LYS L 41 -113.41 32.05 -49.96
N ARG L 42 -113.93 32.51 -48.80
CA ARG L 42 -113.72 33.89 -48.40
C ARG L 42 -112.24 34.22 -48.21
N PHE L 43 -111.47 33.27 -47.70
CA PHE L 43 -110.04 33.48 -47.54
C PHE L 43 -109.35 33.52 -48.90
N TRP L 44 -108.25 34.26 -48.97
CA TRP L 44 -107.52 34.45 -50.21
C TRP L 44 -106.48 33.33 -50.36
N CYS L 45 -105.57 33.46 -51.33
CA CYS L 45 -104.51 32.48 -51.50
C CYS L 45 -103.54 32.49 -50.33
N TRP L 46 -103.58 33.56 -49.52
CA TRP L 46 -102.71 33.68 -48.36
C TRP L 46 -102.95 32.57 -47.33
N GLN L 47 -104.20 32.20 -47.07
CA GLN L 47 -104.52 31.15 -46.11
C GLN L 47 -105.26 30.02 -46.82
N ARG L 48 -105.17 28.83 -46.26
CA ARG L 48 -105.86 27.68 -46.83
C ARG L 48 -107.37 27.87 -46.69
N PRO L 49 -108.17 27.35 -47.62
CA PRO L 49 -109.63 27.41 -47.47
C PRO L 49 -110.08 26.69 -46.21
N LYS L 50 -111.09 27.25 -45.55
CA LYS L 50 -111.62 26.68 -44.32
C LYS L 50 -112.54 25.52 -44.68
N TYR L 51 -112.15 24.30 -44.28
CA TYR L 51 -112.89 23.09 -44.59
C TYR L 51 -113.67 22.64 -43.36
N GLN L 52 -114.97 22.46 -43.54
CA GLN L 52 -115.86 22.00 -42.49
C GLN L 52 -116.71 20.85 -43.01
N PHE L 53 -116.93 19.85 -42.15
CA PHE L 53 -117.56 18.60 -42.56
C PHE L 53 -118.99 18.54 -42.05
N LEU L 54 -119.92 18.28 -42.96
CA LEU L 54 -121.31 18.06 -42.56
C LEU L 54 -121.49 16.62 -42.07
N SER L 55 -122.41 16.45 -41.13
CA SER L 55 -122.67 15.13 -40.57
C SER L 55 -123.39 14.24 -41.57
N LEU L 56 -124.00 14.84 -42.59
CA LEU L 56 -124.76 14.11 -43.59
C LEU L 56 -123.82 13.56 -44.66
N THR L 57 -124.35 12.66 -45.50
CA THR L 57 -123.60 12.09 -46.60
C THR L 57 -124.38 12.33 -47.89
N LEU L 58 -123.89 11.74 -48.98
CA LEU L 58 -124.56 11.89 -50.27
C LEU L 58 -125.96 11.30 -50.22
N GLY L 59 -126.08 10.05 -49.78
CA GLY L 59 -127.38 9.42 -49.72
C GLY L 59 -128.34 10.13 -48.77
N ASP L 60 -127.78 10.87 -47.81
CA ASP L 60 -128.62 11.64 -46.89
C ASP L 60 -129.21 12.87 -47.59
N VAL L 61 -128.56 13.36 -48.63
CA VAL L 61 -129.00 14.59 -49.30
C VAL L 61 -129.51 14.36 -50.71
N LEU L 62 -129.36 13.16 -51.28
CA LEU L 62 -129.93 12.89 -52.59
C LEU L 62 -131.46 12.96 -52.53
N ILE L 63 -132.06 12.02 -51.80
CA ILE L 63 -133.51 11.97 -51.58
C ILE L 63 -134.27 11.72 -52.88
N GLU L 64 -133.96 12.50 -53.92
CA GLU L 64 -134.70 12.42 -55.17
C GLU L 64 -134.54 11.05 -55.85
N ASP L 65 -133.33 10.51 -55.85
CA ASP L 65 -133.05 9.26 -56.55
C ASP L 65 -132.15 8.38 -55.70
N GLN L 66 -132.12 7.10 -56.03
CA GLN L 66 -131.40 6.11 -55.24
C GLN L 66 -129.88 6.17 -55.25
N PHE L 67 -129.28 5.71 -54.15
CA PHE L 67 -127.83 5.70 -53.99
C PHE L 67 -126.91 4.81 -54.82
N PRO L 68 -126.08 5.38 -55.70
CA PRO L 68 -125.25 4.50 -56.54
C PRO L 68 -124.11 3.82 -55.81
N SER L 69 -124.06 2.49 -55.88
CA SER L 69 -123.14 1.72 -55.05
C SER L 69 -121.72 2.16 -55.39
N PRO L 70 -120.90 2.48 -54.39
CA PRO L 70 -119.51 2.86 -54.71
C PRO L 70 -118.51 1.88 -55.26
N VAL L 71 -117.53 2.38 -56.01
CA VAL L 71 -116.46 1.55 -56.54
C VAL L 71 -115.19 1.92 -55.77
N VAL L 72 -115.00 1.26 -54.63
CA VAL L 72 -113.86 1.54 -53.76
C VAL L 72 -112.73 0.60 -54.19
N VAL L 73 -111.56 1.16 -54.47
CA VAL L 73 -110.40 0.40 -54.87
C VAL L 73 -109.29 0.75 -53.89
N GLU L 74 -108.65 -0.29 -53.35
CA GLU L 74 -107.58 -0.08 -52.33
C GLU L 74 -106.19 -0.17 -52.97
N SER L 75 -105.37 0.87 -52.80
CA SER L 75 -104.01 0.90 -53.29
C SER L 75 -103.10 1.44 -52.19
N ASP L 76 -101.95 0.81 -52.00
CA ASP L 76 -101.00 1.19 -50.97
C ASP L 76 -99.76 1.78 -51.61
N PHE L 77 -99.19 2.79 -50.96
CA PHE L 77 -98.01 3.48 -51.54
C PHE L 77 -97.38 4.38 -50.50
N VAL L 78 -96.15 4.85 -50.74
CA VAL L 78 -95.55 5.87 -49.83
C VAL L 78 -95.61 5.42 -48.35
N LYS L 79 -95.09 4.23 -48.02
CA LYS L 79 -95.13 3.88 -46.57
C LYS L 79 -94.35 5.00 -45.86
N TYR L 80 -93.22 5.45 -46.44
CA TYR L 80 -92.54 6.68 -45.95
C TYR L 80 -91.92 6.64 -44.55
N GLU L 81 -91.17 7.71 -44.22
CA GLU L 81 -90.48 7.92 -42.96
C GLU L 81 -89.97 9.35 -42.99
N GLY L 82 -90.37 10.14 -42.01
CA GLY L 82 -90.03 11.55 -42.02
C GLY L 82 -89.41 12.04 -40.73
N LYS L 83 -88.24 12.66 -40.83
CA LYS L 83 -87.58 13.30 -39.70
C LYS L 83 -87.42 14.79 -40.01
N PHE L 84 -87.82 15.64 -39.07
CA PHE L 84 -87.86 17.08 -39.33
C PHE L 84 -87.29 17.82 -38.11
N ALA L 85 -86.04 18.24 -38.22
CA ALA L 85 -85.38 19.01 -37.19
C ALA L 85 -85.31 20.47 -37.61
N ASN L 86 -86.19 21.30 -37.04
CA ASN L 86 -86.33 22.69 -37.45
C ASN L 86 -85.86 23.59 -36.32
N HIS L 87 -84.95 24.50 -36.62
CA HIS L 87 -84.44 25.48 -35.66
C HIS L 87 -84.80 26.88 -36.15
N VAL L 88 -85.53 27.62 -35.33
CA VAL L 88 -85.94 28.98 -35.64
C VAL L 88 -85.49 29.88 -34.50
N SER L 89 -84.69 30.90 -34.82
CA SER L 89 -84.23 31.87 -33.85
C SER L 89 -84.46 33.28 -34.39
N GLY L 90 -85.22 34.08 -33.64
CA GLY L 90 -85.50 35.44 -34.06
C GLY L 90 -85.35 36.44 -32.93
N THR L 91 -84.47 37.42 -33.09
CA THR L 91 -84.20 38.41 -32.06
C THR L 91 -84.64 39.76 -32.60
N LEU L 92 -85.45 40.47 -31.82
CA LEU L 92 -85.92 41.81 -32.18
C LEU L 92 -85.37 42.78 -31.15
N GLU L 93 -84.67 43.81 -31.61
CA GLU L 93 -84.06 44.80 -30.74
C GLU L 93 -84.53 46.16 -31.21
N THR L 94 -85.26 46.86 -30.35
CA THR L 94 -85.82 48.17 -30.67
C THR L 94 -85.44 49.14 -29.57
N ALA L 95 -85.10 50.37 -29.96
CA ALA L 95 -84.70 51.43 -29.02
C ALA L 95 -85.25 52.75 -29.56
N LEU L 96 -86.23 53.32 -28.85
CA LEU L 96 -86.82 54.59 -29.21
C LEU L 96 -86.78 55.50 -28.00
N GLY L 97 -85.90 56.50 -28.04
CA GLY L 97 -85.86 57.51 -26.99
C GLY L 97 -85.69 56.92 -25.61
N LYS L 98 -86.71 57.11 -24.77
CA LYS L 98 -86.64 56.65 -23.39
C LYS L 98 -86.58 55.13 -23.30
N VAL L 99 -87.37 54.44 -24.12
CA VAL L 99 -87.56 53.00 -24.01
C VAL L 99 -86.57 52.22 -24.86
N LYS L 100 -85.78 51.37 -24.22
CA LYS L 100 -84.98 50.34 -24.89
C LYS L 100 -85.39 48.89 -24.71
N LEU L 101 -85.66 48.19 -25.81
CA LEU L 101 -86.24 46.85 -25.78
C LEU L 101 -85.31 45.87 -26.46
N ASN L 102 -84.95 44.81 -25.75
CA ASN L 102 -84.15 43.71 -26.30
C ASN L 102 -84.95 42.42 -26.16
N LEU L 103 -85.19 41.76 -27.28
CA LEU L 103 -85.99 40.53 -27.31
C LEU L 103 -85.24 39.46 -28.08
N GLY L 104 -85.15 38.26 -27.50
CA GLY L 104 -84.52 37.14 -28.17
C GLY L 104 -85.32 35.86 -28.03
N GLY L 105 -85.79 35.32 -29.15
CA GLY L 105 -86.59 34.11 -29.10
C GLY L 105 -86.03 32.97 -29.92
N SER L 106 -85.69 31.87 -29.25
CA SER L 106 -85.14 30.69 -29.89
C SER L 106 -86.12 29.55 -29.78
N SER L 107 -86.51 28.98 -30.92
CA SER L 107 -87.45 27.87 -30.97
C SER L 107 -86.84 26.70 -31.72
N ARG L 108 -86.84 25.53 -31.10
CA ARG L 108 -86.34 24.31 -31.72
C ARG L 108 -87.46 23.27 -31.76
N VAL L 109 -87.73 22.75 -32.94
CA VAL L 109 -88.75 21.71 -33.13
C VAL L 109 -88.11 20.55 -33.87
N GLU L 110 -88.17 19.37 -33.28
CA GLU L 110 -87.66 18.15 -33.89
C GLU L 110 -88.85 17.19 -33.93
N SER L 111 -89.57 17.21 -35.06
CA SER L 111 -90.79 16.42 -35.22
C SER L 111 -90.48 15.23 -36.12
N GLN L 112 -90.38 14.05 -35.53
CA GLN L 112 -90.21 12.81 -36.28
C GLN L 112 -91.57 12.25 -36.64
N SER L 113 -91.78 11.96 -37.91
CA SER L 113 -93.06 11.47 -38.43
C SER L 113 -92.83 10.14 -39.11
N SER L 114 -92.86 9.07 -38.33
CA SER L 114 -92.66 7.72 -38.84
C SER L 114 -94.02 7.10 -39.08
N PHE L 115 -94.26 6.65 -40.31
CA PHE L 115 -95.55 6.08 -40.71
C PHE L 115 -95.32 4.73 -41.35
N GLY L 116 -96.34 3.87 -41.28
CA GLY L 116 -96.29 2.57 -41.93
C GLY L 116 -96.79 2.62 -43.36
N THR L 117 -97.21 1.45 -43.84
CA THR L 117 -97.75 1.35 -45.20
C THR L 117 -99.05 2.11 -45.32
N LEU L 118 -99.04 3.20 -46.09
CA LEU L 118 -100.24 4.02 -46.25
C LEU L 118 -101.04 3.56 -47.47
N ARG L 119 -102.35 3.44 -47.26
CA ARG L 119 -103.21 2.91 -48.36
C ARG L 119 -104.19 3.98 -48.84
N LYS L 120 -104.48 3.96 -50.14
CA LYS L 120 -105.43 4.93 -50.74
C LYS L 120 -106.74 4.21 -51.09
N GLN L 121 -107.86 4.84 -50.79
CA GLN L 121 -109.20 4.32 -51.07
C GLN L 121 -109.95 5.36 -51.89
N GLU L 122 -109.92 5.20 -53.21
CA GLU L 122 -110.57 6.14 -54.12
C GLU L 122 -111.88 5.55 -54.63
N VAL L 123 -112.88 6.41 -54.78
CA VAL L 123 -114.18 6.02 -55.27
C VAL L 123 -114.24 6.30 -56.77
N ASP L 124 -114.98 5.46 -57.50
CA ASP L 124 -115.13 5.63 -58.94
C ASP L 124 -115.66 7.00 -59.33
N LEU L 125 -114.86 7.77 -60.05
CA LEU L 125 -115.27 9.11 -60.46
C LEU L 125 -116.49 9.07 -61.40
N GLN L 126 -116.57 8.05 -62.24
CA GLN L 126 -117.73 7.87 -63.10
C GLN L 126 -119.05 7.61 -62.39
N GLN L 127 -119.05 6.84 -61.30
CA GLN L 127 -120.23 6.74 -60.45
C GLN L 127 -120.59 8.11 -59.88
N LEU L 128 -119.57 8.93 -59.61
CA LEU L 128 -119.82 10.25 -59.02
C LEU L 128 -120.57 11.15 -59.98
N ILE L 129 -120.30 11.04 -61.29
CA ILE L 129 -120.87 11.95 -62.26
C ILE L 129 -122.25 11.48 -62.71
N ARG L 130 -122.50 10.16 -62.68
CA ARG L 130 -123.74 9.63 -63.25
C ARG L 130 -124.96 10.16 -62.50
N ASP L 131 -124.96 10.05 -61.17
CA ASP L 131 -126.11 10.52 -60.40
C ASP L 131 -126.21 12.05 -60.44
N SER L 132 -125.07 12.73 -60.40
CA SER L 132 -125.05 14.19 -60.36
C SER L 132 -125.68 14.82 -61.60
N ALA L 133 -125.35 14.32 -62.79
CA ALA L 133 -125.88 14.89 -64.03
C ALA L 133 -127.40 14.76 -64.14
N GLU L 134 -128.01 13.87 -63.36
CA GLU L 134 -129.45 13.69 -63.34
C GLU L 134 -130.04 14.40 -62.13
N ARG L 135 -131.37 14.53 -62.13
CA ARG L 135 -132.08 15.16 -61.04
C ARG L 135 -132.11 14.21 -59.85
N THR L 136 -131.03 14.23 -59.08
CA THR L 136 -130.83 13.29 -57.98
C THR L 136 -130.77 13.96 -56.61
N ILE L 137 -130.38 15.22 -56.52
CA ILE L 137 -130.24 15.93 -55.26
C ILE L 137 -131.42 16.86 -55.09
N ASN L 138 -132.09 16.77 -53.94
CA ASN L 138 -133.23 17.65 -53.68
C ASN L 138 -132.75 19.07 -53.48
N LEU L 139 -133.57 20.04 -53.90
CA LEU L 139 -133.15 21.44 -53.86
C LEU L 139 -133.18 21.99 -52.44
N ARG L 140 -134.21 21.64 -51.66
CA ARG L 140 -134.41 22.19 -50.33
C ARG L 140 -134.21 21.08 -49.29
N ASN L 141 -133.36 21.37 -48.31
CA ASN L 141 -133.10 20.49 -47.18
C ASN L 141 -133.16 21.29 -45.89
N PRO L 142 -133.63 20.70 -44.80
CA PRO L 142 -133.59 21.42 -43.51
C PRO L 142 -132.18 21.82 -43.10
N VAL L 143 -131.18 21.04 -43.53
CA VAL L 143 -129.77 21.39 -43.23
C VAL L 143 -129.18 21.94 -44.54
N LEU L 144 -128.04 22.66 -44.47
CA LEU L 144 -127.30 23.19 -45.67
C LEU L 144 -127.86 24.59 -46.08
N GLN L 145 -128.94 25.02 -45.43
CA GLN L 145 -129.43 26.40 -45.71
C GLN L 145 -128.37 27.44 -45.37
N GLN L 146 -127.70 27.28 -44.23
CA GLN L 146 -126.64 28.22 -43.79
C GLN L 146 -125.49 28.22 -44.81
N VAL L 147 -125.33 27.14 -45.58
CA VAL L 147 -124.31 27.09 -46.61
C VAL L 147 -124.67 28.02 -47.77
N LEU L 148 -125.93 27.98 -48.21
CA LEU L 148 -126.36 28.87 -49.28
C LEU L 148 -126.30 30.33 -48.85
N GLU L 149 -126.73 30.61 -47.61
CA GLU L 149 -126.60 31.95 -47.03
C GLU L 149 -125.14 32.17 -46.61
N GLY L 150 -124.36 32.71 -47.54
CA GLY L 150 -122.92 32.64 -47.40
C GLY L 150 -122.35 32.05 -48.68
N ARG L 151 -122.92 32.40 -49.83
CA ARG L 151 -122.50 31.79 -51.12
C ARG L 151 -121.03 31.37 -51.08
N ASN L 152 -120.12 32.32 -50.85
CA ASN L 152 -118.71 32.00 -50.65
C ASN L 152 -118.20 30.62 -50.25
N GLU L 153 -118.87 29.95 -49.32
CA GLU L 153 -118.58 28.57 -48.99
C GLU L 153 -119.48 27.65 -49.81
N VAL L 154 -118.88 26.60 -50.40
CA VAL L 154 -119.58 25.69 -51.30
C VAL L 154 -119.39 24.26 -50.80
N LEU L 155 -120.37 23.42 -51.11
CA LEU L 155 -120.35 22.02 -50.68
C LEU L 155 -119.46 21.21 -51.60
N CYS L 156 -118.72 20.27 -51.02
CA CYS L 156 -117.85 19.36 -51.75
C CYS L 156 -118.12 17.97 -51.19
N VAL L 157 -117.67 16.98 -51.96
CA VAL L 157 -117.86 15.56 -51.55
C VAL L 157 -116.49 14.87 -51.61
N LEU L 158 -116.13 14.15 -50.55
CA LEU L 158 -114.86 13.45 -50.49
C LEU L 158 -114.84 12.27 -51.46
N THR L 159 -113.72 12.11 -52.17
CA THR L 159 -113.54 11.02 -53.10
C THR L 159 -112.21 10.24 -53.03
N GLN L 160 -111.19 10.90 -52.48
CA GLN L 160 -109.87 10.25 -52.28
C GLN L 160 -109.56 10.26 -50.78
N LYS L 161 -108.90 9.21 -50.28
CA LYS L 161 -108.60 9.11 -48.85
C LYS L 161 -107.35 8.26 -48.69
N ILE L 162 -106.41 8.74 -47.89
CA ILE L 162 -105.20 8.01 -47.56
C ILE L 162 -105.29 7.58 -46.11
N THR L 163 -105.16 6.28 -45.87
CA THR L 163 -105.31 5.69 -44.55
C THR L 163 -104.14 4.78 -44.21
N THR L 164 -103.66 4.88 -42.97
CA THR L 164 -102.55 4.06 -42.51
C THR L 164 -103.05 2.72 -41.98
N MET L 165 -102.17 1.72 -42.00
CA MET L 165 -102.51 0.37 -41.57
C MET L 165 -101.70 -0.08 -40.35
N GLN L 166 -100.65 0.65 -39.98
CA GLN L 166 -99.79 0.26 -38.88
C GLN L 166 -99.74 1.43 -37.90
N LYS L 167 -99.61 1.07 -36.62
CA LYS L 167 -99.50 2.11 -35.57
C LYS L 167 -98.35 3.05 -35.96
N CYS L 168 -98.66 4.33 -36.06
CA CYS L 168 -97.68 5.33 -36.47
C CYS L 168 -97.07 6.04 -35.28
N VAL L 169 -95.85 6.55 -35.48
CA VAL L 169 -95.08 7.20 -34.43
C VAL L 169 -94.86 8.67 -34.79
N ILE L 170 -95.23 9.56 -33.90
CA ILE L 170 -94.98 10.99 -34.06
C ILE L 170 -94.27 11.47 -32.80
N SER L 171 -92.94 11.42 -32.82
CA SER L 171 -92.14 11.86 -31.68
C SER L 171 -91.81 13.34 -31.87
N GLU L 172 -92.53 14.19 -31.15
CA GLU L 172 -92.38 15.64 -31.28
C GLU L 172 -91.57 16.17 -30.11
N HIS L 173 -90.49 16.89 -30.41
CA HIS L 173 -89.72 17.61 -29.41
C HIS L 173 -89.82 19.09 -29.73
N MET L 174 -90.32 19.88 -28.79
CA MET L 174 -90.54 21.31 -28.99
C MET L 174 -89.89 22.05 -27.84
N GLN L 175 -88.70 22.60 -28.09
CA GLN L 175 -88.01 23.45 -27.12
C GLN L 175 -88.19 24.90 -27.53
N VAL L 176 -88.76 25.71 -26.63
CA VAL L 176 -89.07 27.10 -26.91
C VAL L 176 -88.38 27.94 -25.83
N GLU L 177 -87.49 28.82 -26.24
CA GLU L 177 -86.83 29.74 -25.34
C GLU L 177 -87.09 31.17 -25.81
N GLU L 178 -87.69 31.98 -24.93
CA GLU L 178 -88.02 33.37 -25.24
C GLU L 178 -87.48 34.24 -24.12
N LYS L 179 -86.67 35.23 -24.48
CA LYS L 179 -86.09 36.17 -23.52
C LYS L 179 -86.54 37.58 -23.90
N CYS L 180 -87.16 38.26 -22.94
CA CYS L 180 -87.65 39.62 -23.13
C CYS L 180 -86.98 40.54 -22.13
N GLY L 181 -86.42 41.65 -22.62
CA GLY L 181 -85.76 42.61 -21.76
C GLY L 181 -86.07 44.04 -22.12
N GLY L 182 -86.53 44.82 -21.15
CA GLY L 182 -86.84 46.21 -21.37
C GLY L 182 -86.24 47.13 -20.32
N ILE L 183 -85.42 48.07 -20.80
CA ILE L 183 -84.83 49.09 -19.90
C ILE L 183 -85.52 50.42 -20.25
N VAL L 184 -86.12 51.07 -19.26
CA VAL L 184 -86.89 52.29 -19.49
C VAL L 184 -86.35 53.37 -18.55
N GLY L 185 -85.95 54.50 -19.12
CA GLY L 185 -85.49 55.63 -18.35
C GLY L 185 -86.23 56.92 -18.68
N ILE L 186 -86.90 57.50 -17.67
CA ILE L 186 -87.73 58.70 -18.00
C ILE L 186 -87.20 59.96 -17.29
N GLN L 187 -86.85 60.99 -18.08
CA GLN L 187 -86.38 62.30 -17.60
C GLN L 187 -87.37 63.31 -16.96
N THR L 188 -88.21 62.78 -16.07
CA THR L 188 -89.29 63.57 -15.49
C THR L 188 -88.96 64.81 -14.67
N LYS L 189 -89.89 65.77 -14.65
CA LYS L 189 -89.61 67.03 -13.90
C LYS L 189 -89.46 66.97 -12.38
N THR L 190 -88.23 67.02 -11.84
CA THR L 190 -87.95 66.95 -10.39
C THR L 190 -88.11 65.52 -9.89
N VAL L 191 -88.18 64.56 -10.83
CA VAL L 191 -88.30 63.12 -10.45
C VAL L 191 -87.36 62.31 -11.35
N GLN L 192 -86.25 61.81 -10.81
CA GLN L 192 -85.42 60.96 -11.66
C GLN L 192 -85.97 59.55 -11.60
N VAL L 193 -86.29 58.98 -12.76
CA VAL L 193 -86.96 57.69 -12.84
C VAL L 193 -86.05 56.68 -13.54
N SER L 194 -86.13 55.41 -13.10
CA SER L 194 -85.38 54.33 -13.74
C SER L 194 -86.13 53.01 -13.56
N ALA L 195 -86.73 52.50 -14.64
CA ALA L 195 -87.54 51.30 -14.60
C ALA L 195 -86.96 50.26 -15.54
N THR L 196 -86.70 49.07 -15.02
CA THR L 196 -86.16 47.96 -15.79
C THR L 196 -87.04 46.74 -15.59
N GLU L 197 -87.40 46.09 -16.70
CA GLU L 197 -88.22 44.84 -16.64
C GLU L 197 -87.54 43.76 -17.48
N ASP L 198 -87.25 42.61 -16.88
CA ASP L 198 -86.59 41.51 -17.56
C ASP L 198 -87.48 40.27 -17.46
N GLY L 199 -87.80 39.69 -18.61
CA GLY L 199 -88.63 38.50 -18.65
C GLY L 199 -88.00 37.36 -19.41
N ASN L 200 -87.66 36.28 -18.71
CA ASN L 200 -87.06 35.09 -19.30
C ASN L 200 -88.07 33.95 -19.21
N VAL L 201 -88.41 33.37 -20.36
CA VAL L 201 -89.35 32.26 -20.43
C VAL L 201 -88.65 31.13 -21.17
N THR L 202 -88.56 29.97 -20.53
CA THR L 202 -88.00 28.77 -21.14
C THR L 202 -89.04 27.66 -21.04
N LYS L 203 -89.48 27.14 -22.18
CA LYS L 203 -90.52 26.13 -22.22
C LYS L 203 -90.04 24.94 -23.03
N ASP L 204 -90.27 23.74 -22.50
CA ASP L 204 -89.91 22.50 -23.15
C ASP L 204 -91.13 21.60 -23.21
N SER L 205 -91.34 20.94 -24.35
CA SER L 205 -92.45 20.01 -24.54
C SER L 205 -91.93 18.76 -25.24
N ASN L 206 -91.45 17.81 -24.45
CA ASN L 206 -90.99 16.52 -24.97
C ASN L 206 -92.17 15.57 -25.02
N VAL L 207 -92.86 15.53 -26.16
CA VAL L 207 -94.06 14.73 -26.30
C VAL L 207 -93.88 13.65 -27.36
N VAL L 208 -93.88 12.39 -26.92
CA VAL L 208 -93.86 11.25 -27.84
C VAL L 208 -95.24 10.59 -27.78
N LEU L 209 -96.02 10.75 -28.85
CA LEU L 209 -97.37 10.22 -28.92
C LEU L 209 -97.48 9.29 -30.11
N GLU L 210 -98.18 8.18 -29.89
CA GLU L 210 -98.36 7.19 -30.97
C GLU L 210 -99.65 7.49 -31.71
N ILE L 211 -99.78 6.95 -32.91
CA ILE L 211 -100.97 7.13 -33.75
C ILE L 211 -101.51 5.75 -34.11
N PRO L 212 -102.79 5.47 -33.90
CA PRO L 212 -103.31 4.14 -34.20
C PRO L 212 -103.50 3.94 -35.69
N ALA L 213 -103.71 2.69 -36.08
CA ALA L 213 -104.02 2.37 -37.46
C ALA L 213 -105.43 2.85 -37.80
N ALA L 214 -105.72 2.86 -39.10
CA ALA L 214 -106.99 3.23 -39.71
C ALA L 214 -107.30 4.72 -39.60
N THR L 215 -106.32 5.50 -39.13
CA THR L 215 -106.51 6.97 -39.02
C THR L 215 -106.47 7.58 -40.40
N THR L 216 -107.16 8.72 -40.59
CA THR L 216 -107.11 9.42 -41.87
C THR L 216 -105.92 10.36 -41.91
N ILE L 217 -105.12 10.25 -42.96
CA ILE L 217 -103.94 11.08 -43.13
C ILE L 217 -104.18 12.20 -44.13
N ALA L 218 -104.82 11.88 -45.26
CA ALA L 218 -105.10 12.88 -46.29
C ALA L 218 -106.43 12.56 -46.94
N TYR L 219 -107.03 13.58 -47.55
CA TYR L 219 -108.29 13.41 -48.23
C TYR L 219 -108.41 14.44 -49.35
N GLY L 220 -108.92 13.99 -50.49
CA GLY L 220 -109.17 14.86 -51.63
C GLY L 220 -110.65 14.90 -51.94
N VAL L 221 -111.13 16.09 -52.30
CA VAL L 221 -112.56 16.31 -52.51
C VAL L 221 -112.60 16.86 -53.94
N ILE L 222 -113.76 16.69 -54.57
CA ILE L 222 -113.97 17.46 -55.84
C ILE L 222 -115.25 18.24 -55.54
N GLU L 223 -115.31 19.49 -55.97
CA GLU L 223 -116.40 20.38 -55.60
C GLU L 223 -117.72 20.17 -56.35
N LEU L 224 -118.78 20.70 -55.74
CA LEU L 224 -120.15 20.51 -56.31
C LEU L 224 -120.66 21.82 -56.91
N TYR L 225 -120.95 21.83 -58.20
CA TYR L 225 -121.53 22.97 -58.87
C TYR L 225 -122.98 23.15 -58.40
N VAL L 226 -123.23 24.27 -57.72
CA VAL L 226 -124.54 24.53 -57.12
C VAL L 226 -125.17 25.75 -57.77
N LYS L 227 -126.29 25.56 -58.46
CA LYS L 227 -127.11 26.67 -58.92
C LYS L 227 -128.43 26.65 -58.17
N LEU L 228 -128.80 27.79 -57.59
CA LEU L 228 -130.02 27.86 -56.74
C LEU L 228 -131.27 27.48 -57.57
N ASP L 229 -131.15 27.48 -58.89
CA ASP L 229 -132.30 27.05 -59.73
C ASP L 229 -132.58 25.57 -59.43
N GLY L 230 -131.53 24.76 -59.26
CA GLY L 230 -131.72 23.35 -58.89
C GLY L 230 -130.84 22.42 -59.70
N GLN L 231 -129.98 22.99 -60.55
CA GLN L 231 -129.12 22.18 -61.39
C GLN L 231 -127.79 21.94 -60.69
N PHE L 232 -127.42 20.67 -60.53
CA PHE L 232 -126.20 20.31 -59.82
C PHE L 232 -125.40 19.31 -60.66
N GLU L 233 -124.08 19.42 -60.56
CA GLU L 233 -123.16 18.52 -61.25
C GLU L 233 -121.83 18.44 -60.52
N PHE L 234 -121.38 17.24 -60.17
CA PHE L 234 -120.08 17.06 -59.56
C PHE L 234 -119.00 17.08 -60.64
N CYS L 235 -118.34 18.23 -60.80
CA CYS L 235 -117.38 18.46 -61.87
C CYS L 235 -115.97 18.56 -61.30
N LEU L 236 -115.00 17.94 -61.98
CA LEU L 236 -113.61 17.91 -61.44
C LEU L 236 -112.71 19.03 -61.99
N LEU L 237 -113.20 19.84 -62.92
CA LEU L 237 -112.37 20.87 -63.53
C LEU L 237 -112.81 22.24 -63.02
N ARG L 238 -111.95 23.24 -63.22
CA ARG L 238 -112.18 24.60 -62.73
C ARG L 238 -113.34 25.34 -63.39
N GLY L 239 -113.87 24.78 -64.49
CA GLY L 239 -114.89 25.46 -65.26
C GLY L 239 -116.14 25.84 -64.50
N LYS L 240 -116.95 24.90 -64.09
CA LYS L 240 -118.22 25.20 -63.39
C LYS L 240 -118.36 24.34 -62.13
N GLN L 241 -117.71 24.72 -61.03
CA GLN L 241 -117.88 24.05 -59.75
C GLN L 241 -117.94 25.05 -58.61
N GLY L 242 -117.89 26.34 -58.93
CA GLY L 242 -117.77 27.37 -57.90
C GLY L 242 -119.05 27.69 -57.16
N GLY L 243 -120.20 27.31 -57.72
CA GLY L 243 -121.47 27.68 -57.13
C GLY L 243 -122.01 28.92 -57.81
N PHE L 244 -123.27 28.90 -58.20
CA PHE L 244 -123.90 29.98 -58.95
C PHE L 244 -125.29 30.22 -58.40
N GLU L 245 -125.88 31.37 -58.75
CA GLU L 245 -127.22 31.71 -58.19
C GLU L 245 -128.33 31.46 -59.23
N MET M 1 -100.98 19.35 -12.46
CA MET M 1 -102.34 19.82 -12.20
C MET M 1 -103.25 19.44 -13.37
N PHE M 2 -104.46 19.00 -13.05
CA PHE M 2 -105.34 18.43 -14.07
C PHE M 2 -105.72 19.45 -15.13
N ALA M 3 -105.91 20.71 -14.72
CA ALA M 3 -106.31 21.74 -15.66
C ALA M 3 -105.25 21.95 -16.73
N LYS M 4 -103.98 22.00 -16.33
CA LYS M 4 -102.89 22.19 -17.28
C LYS M 4 -102.66 20.94 -18.11
N ALA M 5 -102.82 19.76 -17.49
CA ALA M 5 -102.54 18.51 -18.20
C ALA M 5 -103.39 18.25 -19.43
N THR M 6 -104.70 18.48 -19.34
CA THR M 6 -105.55 18.31 -20.52
C THR M 6 -105.51 19.51 -21.47
N ARG M 7 -105.15 20.68 -20.94
CA ARG M 7 -105.01 21.88 -21.82
C ARG M 7 -103.86 21.59 -22.78
N ASN M 8 -102.70 21.20 -22.24
CA ASN M 8 -101.51 20.91 -23.08
C ASN M 8 -101.86 19.77 -24.04
N PHE M 9 -102.51 18.72 -23.53
CA PHE M 9 -102.92 17.58 -24.39
C PHE M 9 -103.72 18.06 -25.59
N LEU M 10 -104.88 18.69 -25.35
CA LEU M 10 -105.71 19.12 -26.46
C LEU M 10 -105.01 20.10 -27.39
N ARG M 11 -104.03 20.84 -26.85
CA ARG M 11 -103.25 21.75 -27.69
C ARG M 11 -102.45 21.01 -28.76
N GLU M 12 -101.86 19.86 -28.39
CA GLU M 12 -100.98 19.16 -29.31
C GLU M 12 -101.73 18.16 -30.18
N VAL M 13 -102.91 17.72 -29.72
CA VAL M 13 -103.65 16.73 -30.49
C VAL M 13 -104.75 17.45 -31.26
N ASP M 14 -105.53 18.29 -30.56
CA ASP M 14 -106.68 19.00 -31.20
C ASP M 14 -106.20 20.34 -31.77
N ALA M 15 -105.77 20.35 -33.03
CA ALA M 15 -105.24 21.55 -33.67
C ALA M 15 -106.32 22.58 -33.98
N ASP M 16 -107.58 22.18 -34.07
CA ASP M 16 -108.66 23.09 -34.42
C ASP M 16 -109.40 23.66 -33.21
N GLY M 17 -109.17 23.12 -32.02
CA GLY M 17 -109.89 23.58 -30.86
C GLY M 17 -111.36 23.29 -30.72
N ASP M 18 -111.88 22.33 -31.49
CA ASP M 18 -113.28 21.92 -31.39
C ASP M 18 -113.61 21.07 -30.16
N LEU M 19 -112.58 20.61 -29.46
CA LEU M 19 -112.72 19.85 -28.23
C LEU M 19 -112.28 20.79 -27.11
N ILE M 20 -112.87 20.58 -25.94
CA ILE M 20 -112.64 21.44 -24.78
C ILE M 20 -112.07 20.60 -23.66
N ALA M 21 -110.97 21.06 -23.08
CA ALA M 21 -110.32 20.33 -21.99
C ALA M 21 -111.16 20.41 -20.72
N VAL M 22 -111.16 19.30 -19.96
CA VAL M 22 -111.89 19.28 -18.70
C VAL M 22 -111.12 20.06 -17.65
N SER M 23 -111.82 20.96 -16.96
CA SER M 23 -111.17 21.87 -16.02
C SER M 23 -110.58 21.15 -14.82
N ASN M 24 -111.38 20.30 -14.16
CA ASN M 24 -110.96 19.68 -12.91
C ASN M 24 -111.56 18.29 -12.81
N LEU M 25 -111.16 17.55 -11.77
CA LEU M 25 -111.67 16.19 -11.57
C LEU M 25 -113.14 16.32 -11.18
N ASN M 26 -113.52 17.45 -10.59
CA ASN M 26 -114.93 17.66 -10.26
C ASN M 26 -115.83 17.50 -11.49
N ASP M 27 -115.44 18.22 -12.57
CA ASP M 27 -116.15 18.08 -13.83
C ASP M 27 -116.00 16.77 -14.58
N SER M 28 -115.01 15.96 -14.24
CA SER M 28 -114.76 14.71 -14.93
C SER M 28 -115.81 13.63 -14.68
N ASP M 29 -116.61 13.77 -13.63
CA ASP M 29 -117.65 12.81 -13.33
C ASP M 29 -119.04 13.33 -13.68
N LYS M 30 -119.15 14.59 -14.10
CA LYS M 30 -120.42 15.17 -14.51
C LYS M 30 -120.64 15.12 -16.02
N LEU M 31 -119.57 15.21 -16.80
CA LEU M 31 -119.69 15.18 -18.25
C LEU M 31 -120.00 13.77 -18.76
N GLN M 32 -121.17 13.61 -19.36
CA GLN M 32 -121.58 12.34 -19.95
C GLN M 32 -122.10 12.59 -21.35
N LEU M 33 -122.28 11.51 -22.10
CA LEU M 33 -122.72 11.61 -23.49
C LEU M 33 -124.13 12.17 -23.48
N LEU M 34 -124.40 13.09 -24.40
CA LEU M 34 -125.71 13.71 -24.56
C LEU M 34 -126.34 14.33 -23.31
N SER M 35 -125.52 14.89 -22.43
CA SER M 35 -126.04 15.67 -21.31
C SER M 35 -125.86 17.09 -21.79
N LEU M 36 -126.70 17.99 -21.29
CA LEU M 36 -126.68 19.38 -21.75
C LEU M 36 -125.73 20.29 -20.97
N VAL M 37 -125.06 21.18 -21.69
CA VAL M 37 -124.13 22.13 -21.10
C VAL M 37 -124.51 23.49 -21.68
N THR M 38 -124.01 24.54 -21.04
CA THR M 38 -124.29 25.90 -21.45
C THR M 38 -122.99 26.69 -21.44
N LYS M 39 -122.75 27.38 -22.57
CA LYS M 39 -121.54 28.23 -22.69
C LYS M 39 -121.98 29.70 -22.69
N LYS M 40 -121.35 30.52 -21.85
CA LYS M 40 -121.65 31.94 -21.76
C LYS M 40 -120.82 32.71 -22.78
N LYS M 41 -121.48 33.36 -23.73
CA LYS M 41 -120.81 34.08 -24.80
C LYS M 41 -120.52 35.53 -24.45
N ARG M 42 -120.78 35.94 -23.20
CA ARG M 42 -120.47 37.30 -22.78
C ARG M 42 -118.98 37.60 -22.90
N PHE M 43 -118.13 36.63 -22.58
CA PHE M 43 -116.69 36.81 -22.70
C PHE M 43 -116.30 36.91 -24.17
N TRP M 44 -115.22 37.64 -24.43
CA TRP M 44 -114.75 37.89 -25.78
C TRP M 44 -113.79 36.77 -26.20
N CYS M 45 -113.09 36.94 -27.32
CA CYS M 45 -112.11 35.95 -27.75
C CYS M 45 -110.92 35.90 -26.79
N TRP M 46 -110.77 36.92 -25.94
CA TRP M 46 -109.69 36.98 -24.98
C TRP M 46 -109.73 35.83 -23.99
N GLN M 47 -110.92 35.46 -23.48
CA GLN M 47 -111.05 34.36 -22.53
C GLN M 47 -111.94 33.28 -23.13
N ARG M 48 -111.76 32.06 -22.64
CA ARG M 48 -112.57 30.95 -23.12
C ARG M 48 -114.03 31.14 -22.68
N PRO M 49 -115.00 30.68 -23.44
CA PRO M 49 -116.39 30.75 -23.00
C PRO M 49 -116.61 29.97 -21.71
N LYS M 50 -117.45 30.50 -20.84
CA LYS M 50 -117.73 29.88 -19.55
C LYS M 50 -118.72 28.75 -19.76
N TYR M 51 -118.28 27.51 -19.50
CA TYR M 51 -119.10 26.33 -19.72
C TYR M 51 -119.62 25.82 -18.38
N GLN M 52 -120.94 25.66 -18.30
CA GLN M 52 -121.60 25.16 -17.10
C GLN M 52 -122.56 24.05 -17.50
N PHE M 53 -122.63 23.01 -16.66
CA PHE M 53 -123.34 21.78 -16.99
C PHE M 53 -124.65 21.72 -16.20
N LEU M 54 -125.76 21.52 -16.91
CA LEU M 54 -127.02 21.28 -16.26
C LEU M 54 -127.13 19.83 -15.80
N SER M 55 -127.85 19.62 -14.71
CA SER M 55 -128.02 18.28 -14.16
C SER M 55 -128.94 17.44 -15.04
N LEU M 56 -129.73 18.10 -15.89
CA LEU M 56 -130.69 17.42 -16.74
C LEU M 56 -130.00 16.92 -18.00
N THR M 57 -130.70 16.07 -18.75
CA THR M 57 -130.21 15.54 -20.02
C THR M 57 -131.22 15.85 -21.11
N LEU M 58 -130.97 15.31 -22.30
CA LEU M 58 -131.88 15.53 -23.41
C LEU M 58 -133.26 14.94 -23.12
N GLY M 59 -133.31 13.68 -22.73
CA GLY M 59 -134.60 13.06 -22.42
C GLY M 59 -135.32 13.73 -21.27
N ASP M 60 -134.56 14.42 -20.41
CA ASP M 60 -135.18 15.16 -19.31
C ASP M 60 -135.88 16.42 -19.80
N VAL M 61 -135.45 16.96 -20.94
CA VAL M 61 -135.99 18.22 -21.45
C VAL M 61 -136.78 18.06 -22.73
N LEU M 62 -136.77 16.89 -23.37
CA LEU M 62 -137.60 16.69 -24.55
C LEU M 62 -139.07 16.77 -24.19
N ILE M 63 -139.55 15.80 -23.39
CA ILE M 63 -140.92 15.76 -22.89
C ILE M 63 -141.93 15.58 -24.02
N GLU M 64 -141.82 16.41 -25.06
CA GLU M 64 -142.80 16.39 -26.14
C GLU M 64 -142.80 15.06 -26.89
N ASP M 65 -141.63 14.50 -27.17
CA ASP M 65 -141.52 13.29 -27.96
C ASP M 65 -140.49 12.36 -27.34
N GLN M 66 -140.55 11.09 -27.73
CA GLN M 66 -139.70 10.06 -27.15
C GLN M 66 -138.21 10.11 -27.46
N PHE M 67 -137.41 9.59 -26.53
CA PHE M 67 -135.95 9.56 -26.66
C PHE M 67 -135.24 8.70 -27.71
N PRO M 68 -134.60 9.30 -28.71
CA PRO M 68 -133.97 8.46 -29.74
C PRO M 68 -132.72 7.73 -29.29
N SER M 69 -132.72 6.41 -29.43
CA SER M 69 -131.67 5.59 -28.84
C SER M 69 -130.33 6.03 -29.43
N PRO M 70 -129.31 6.29 -28.61
CA PRO M 70 -128.01 6.67 -29.19
C PRO M 70 -127.16 5.71 -29.98
N VAL M 71 -126.35 6.24 -30.88
CA VAL M 71 -125.42 5.42 -31.66
C VAL M 71 -124.01 5.74 -31.14
N VAL M 72 -123.61 5.02 -30.10
CA VAL M 72 -122.31 5.25 -29.46
C VAL M 72 -121.31 4.32 -30.15
N VAL M 73 -120.22 4.89 -30.65
CA VAL M 73 -119.16 4.13 -31.31
C VAL M 73 -117.88 4.42 -30.55
N GLU M 74 -117.16 3.36 -30.20
CA GLU M 74 -115.91 3.51 -29.40
C GLU M 74 -114.68 3.43 -30.32
N SER M 75 -113.83 4.45 -30.27
CA SER M 75 -112.58 4.49 -31.02
C SER M 75 -111.47 4.97 -30.10
N ASP M 76 -110.31 4.32 -30.19
CA ASP M 76 -109.16 4.64 -29.35
C ASP M 76 -108.06 5.25 -30.22
N PHE M 77 -107.36 6.22 -29.64
CA PHE M 77 -106.31 6.93 -30.41
C PHE M 77 -105.46 7.77 -29.48
N VAL M 78 -104.30 8.24 -29.95
CA VAL M 78 -103.51 9.20 -29.12
C VAL M 78 -103.27 8.69 -27.68
N LYS M 79 -102.72 7.48 -27.52
CA LYS M 79 -102.48 7.06 -26.12
C LYS M 79 -101.55 8.13 -25.54
N TYR M 80 -100.56 8.60 -26.30
CA TYR M 80 -99.75 9.80 -25.91
C TYR M 80 -98.87 9.69 -24.67
N GLU M 81 -98.05 10.73 -24.45
CA GLU M 81 -97.12 10.87 -23.35
C GLU M 81 -96.59 12.30 -23.40
N GLY M 82 -96.78 13.04 -22.33
CA GLY M 82 -96.41 14.45 -22.35
C GLY M 82 -95.53 14.87 -21.19
N LYS M 83 -94.41 15.49 -21.50
CA LYS M 83 -93.52 16.06 -20.51
C LYS M 83 -93.39 17.56 -20.77
N PHE M 84 -93.58 18.37 -19.73
CA PHE M 84 -93.64 19.82 -19.91
C PHE M 84 -92.82 20.49 -18.81
N ALA M 85 -91.61 20.91 -19.14
CA ALA M 85 -90.74 21.63 -18.21
C ALA M 85 -90.73 23.10 -18.59
N ASN M 86 -91.46 23.91 -17.82
CA ASN M 86 -91.65 25.32 -18.12
C ASN M 86 -90.95 26.16 -17.06
N HIS M 87 -90.10 27.08 -17.51
CA HIS M 87 -89.39 28.00 -16.63
C HIS M 87 -89.80 29.42 -16.97
N VAL M 88 -90.35 30.13 -15.98
CA VAL M 88 -90.78 31.51 -16.15
C VAL M 88 -90.10 32.35 -15.08
N SER M 89 -89.36 33.38 -15.51
CA SER M 89 -88.69 34.29 -14.61
C SER M 89 -89.01 35.73 -15.03
N GLY M 90 -89.58 36.50 -14.11
CA GLY M 90 -89.91 37.88 -14.40
C GLY M 90 -89.52 38.82 -13.28
N THR M 91 -88.66 39.80 -13.57
CA THR M 91 -88.18 40.75 -12.57
C THR M 91 -88.69 42.12 -12.95
N LEU M 92 -89.32 42.80 -12.00
CA LEU M 92 -89.82 44.16 -12.18
C LEU M 92 -89.06 45.07 -11.24
N GLU M 93 -88.44 46.11 -11.79
CA GLU M 93 -87.66 47.05 -11.02
C GLU M 93 -88.18 48.45 -11.32
N THR M 94 -88.71 49.11 -10.30
CA THR M 94 -89.30 50.44 -10.44
C THR M 94 -88.67 51.35 -9.39
N ALA M 95 -88.41 52.60 -9.79
CA ALA M 95 -87.81 53.60 -8.90
C ALA M 95 -88.43 54.95 -9.26
N LEU M 96 -89.23 55.49 -8.35
CA LEU M 96 -89.86 56.80 -8.52
C LEU M 96 -89.56 57.64 -7.30
N GLY M 97 -88.68 58.63 -7.47
CA GLY M 97 -88.40 59.59 -6.41
C GLY M 97 -87.97 58.92 -5.12
N LYS M 98 -88.80 59.09 -4.08
CA LYS M 98 -88.47 58.56 -2.76
C LYS M 98 -88.42 57.04 -2.76
N VAL M 99 -89.36 56.39 -3.43
CA VAL M 99 -89.56 54.95 -3.34
C VAL M 99 -88.77 54.21 -4.43
N LYS M 100 -87.90 53.32 -3.99
CA LYS M 100 -87.27 52.32 -4.85
C LYS M 100 -87.67 50.86 -4.66
N LEU M 101 -88.15 50.22 -5.72
CA LEU M 101 -88.74 48.89 -5.63
C LEU M 101 -87.99 47.93 -6.53
N ASN M 102 -87.52 46.83 -5.96
CA ASN M 102 -86.87 45.75 -6.70
C ASN M 102 -87.64 44.47 -6.46
N LEU M 103 -88.13 43.86 -7.54
CA LEU M 103 -88.93 42.65 -7.46
C LEU M 103 -88.37 41.60 -8.41
N GLY M 104 -88.19 40.38 -7.91
CA GLY M 104 -87.73 39.29 -8.75
C GLY M 104 -88.51 38.01 -8.51
N GLY M 105 -89.21 37.53 -9.54
CA GLY M 105 -90.02 36.33 -9.38
C GLY M 105 -89.64 35.22 -10.35
N SER M 106 -89.20 34.09 -9.82
CA SER M 106 -88.81 32.94 -10.61
C SER M 106 -89.77 31.80 -10.35
N SER M 107 -90.39 31.29 -11.41
CA SER M 107 -91.35 30.20 -11.32
C SER M 107 -90.92 29.06 -12.24
N ARG M 108 -90.81 27.86 -11.68
CA ARG M 108 -90.48 26.66 -12.44
C ARG M 108 -91.61 25.64 -12.29
N VAL M 109 -92.12 25.17 -13.42
CA VAL M 109 -93.17 24.16 -13.45
C VAL M 109 -92.72 23.03 -14.36
N GLU M 110 -92.67 21.82 -13.82
CA GLU M 110 -92.33 20.62 -14.58
C GLU M 110 -93.52 19.68 -14.43
N SER M 111 -94.45 19.76 -15.36
CA SER M 111 -95.68 18.99 -15.32
C SER M 111 -95.59 17.84 -16.32
N GLN M 112 -95.40 16.63 -15.81
CA GLN M 112 -95.41 15.43 -16.63
C GLN M 112 -96.83 14.90 -16.73
N SER M 113 -97.30 14.67 -17.96
CA SER M 113 -98.66 14.23 -18.22
C SER M 113 -98.60 12.92 -19.00
N SER M 114 -98.49 11.82 -18.27
CA SER M 114 -98.42 10.49 -18.88
C SER M 114 -99.82 9.90 -18.86
N PHE M 115 -100.32 9.51 -20.04
CA PHE M 115 -101.66 8.98 -20.20
C PHE M 115 -101.59 7.65 -20.93
N GLY M 116 -102.60 6.80 -20.70
CA GLY M 116 -102.70 5.54 -21.40
C GLY M 116 -103.48 5.66 -22.69
N THR M 117 -104.01 4.53 -23.15
CA THR M 117 -104.81 4.49 -24.37
C THR M 117 -106.11 5.27 -24.19
N LEU M 118 -106.23 6.40 -24.88
CA LEU M 118 -107.42 7.23 -24.77
C LEU M 118 -108.44 6.84 -25.82
N ARG M 119 -109.69 6.72 -25.36
CA ARG M 119 -110.77 6.26 -26.26
C ARG M 119 -111.80 7.36 -26.49
N LYS M 120 -112.35 7.40 -27.71
CA LYS M 120 -113.38 8.41 -28.06
C LYS M 120 -114.74 7.72 -28.18
N GLN M 121 -115.78 8.35 -27.63
CA GLN M 121 -117.15 7.85 -27.65
C GLN M 121 -118.02 8.93 -28.25
N GLU M 122 -118.27 8.85 -29.56
CA GLU M 122 -119.07 9.83 -30.27
C GLU M 122 -120.47 9.28 -30.54
N VAL M 123 -121.46 10.16 -30.42
CA VAL M 123 -122.86 9.81 -30.67
C VAL M 123 -123.20 10.15 -32.12
N ASP M 124 -124.08 9.36 -32.72
CA ASP M 124 -124.53 9.60 -34.09
C ASP M 124 -125.09 10.99 -34.29
N LEU M 125 -124.44 11.80 -35.14
CA LEU M 125 -124.91 13.15 -35.40
C LEU M 125 -126.29 13.17 -36.06
N GLN M 126 -126.55 12.19 -36.92
CA GLN M 126 -127.87 12.07 -37.52
C GLN M 126 -129.02 11.79 -36.58
N GLN M 127 -128.81 10.96 -35.55
CA GLN M 127 -129.80 10.83 -34.48
C GLN M 127 -130.02 12.18 -33.79
N LEU M 128 -128.95 12.97 -33.70
CA LEU M 128 -129.04 14.26 -33.01
C LEU M 128 -129.95 15.22 -33.77
N ILE M 129 -129.95 15.16 -35.09
CA ILE M 129 -130.69 16.13 -35.89
C ILE M 129 -132.14 15.69 -36.06
N ARG M 130 -132.39 14.38 -36.05
CA ARG M 130 -133.74 13.89 -36.37
C ARG M 130 -134.78 14.39 -35.38
N ASP M 131 -134.52 14.22 -34.08
CA ASP M 131 -135.47 14.67 -33.07
C ASP M 131 -135.55 16.19 -33.02
N SER M 132 -134.41 16.86 -33.19
CA SER M 132 -134.36 18.32 -33.08
C SER M 132 -135.21 19.01 -34.14
N ALA M 133 -135.14 18.57 -35.40
CA ALA M 133 -135.90 19.20 -36.47
C ALA M 133 -137.40 19.09 -36.28
N GLU M 134 -137.87 18.17 -35.44
CA GLU M 134 -139.28 17.99 -35.13
C GLU M 134 -139.60 18.66 -33.80
N ARG M 135 -140.90 18.80 -33.52
CA ARG M 135 -141.36 19.40 -32.28
C ARG M 135 -141.17 18.38 -31.16
N THR M 136 -139.95 18.35 -30.62
CA THR M 136 -139.55 17.36 -29.63
C THR M 136 -139.21 17.96 -28.27
N ILE M 137 -138.78 19.22 -28.21
CA ILE M 137 -138.37 19.85 -26.96
C ILE M 137 -139.48 20.79 -26.51
N ASN M 138 -139.91 20.65 -25.27
CA ASN M 138 -140.94 21.53 -24.73
C ASN M 138 -140.41 22.94 -24.57
N LEU M 139 -141.29 23.93 -24.78
CA LEU M 139 -140.84 25.32 -24.75
C LEU M 139 -140.57 25.80 -23.33
N ARG M 140 -141.43 25.43 -22.39
CA ARG M 140 -141.35 25.91 -21.02
C ARG M 140 -140.96 24.76 -20.09
N ASN M 141 -139.93 24.99 -19.28
CA ASN M 141 -139.47 24.05 -18.27
C ASN M 141 -139.25 24.79 -16.97
N PRO M 142 -139.49 24.15 -15.82
CA PRO M 142 -139.18 24.81 -14.54
C PRO M 142 -137.71 25.17 -14.41
N VAL M 143 -136.85 24.40 -15.07
CA VAL M 143 -135.38 24.72 -15.05
C VAL M 143 -135.05 25.34 -16.43
N LEU M 144 -133.91 26.03 -16.55
CA LEU M 144 -133.43 26.62 -17.85
C LEU M 144 -134.02 28.04 -18.08
N GLN M 145 -134.94 28.45 -17.20
CA GLN M 145 -135.46 29.85 -17.31
C GLN M 145 -134.32 30.86 -17.15
N GLN M 146 -133.44 30.63 -16.17
CA GLN M 146 -132.30 31.54 -15.92
C GLN M 146 -131.38 31.58 -17.15
N VAL M 147 -131.41 30.54 -17.98
CA VAL M 147 -130.60 30.53 -19.20
C VAL M 147 -131.17 31.51 -20.22
N LEU M 148 -132.50 31.51 -20.40
CA LEU M 148 -133.12 32.45 -21.32
C LEU M 148 -132.95 33.89 -20.83
N GLU M 149 -133.11 34.11 -19.52
CA GLU M 149 -132.84 35.42 -18.93
C GLU M 149 -131.33 35.62 -18.79
N GLY M 150 -130.74 36.19 -19.84
CA GLY M 150 -129.30 36.10 -20.00
C GLY M 150 -129.01 35.56 -21.39
N ARG M 151 -129.79 35.99 -22.39
CA ARG M 151 -129.66 35.43 -23.76
C ARG M 151 -128.21 34.99 -24.03
N ASN M 152 -127.26 35.92 -23.96
CA ASN M 152 -125.85 35.57 -24.06
C ASN M 152 -125.29 34.17 -23.83
N GLU M 153 -125.78 33.46 -22.82
CA GLU M 153 -125.45 32.06 -22.62
C GLU M 153 -126.51 31.19 -23.29
N VAL M 154 -126.07 30.17 -24.02
CA VAL M 154 -126.95 29.32 -24.80
C VAL M 154 -126.69 27.86 -24.42
N LEU M 155 -127.73 27.04 -24.56
CA LEU M 155 -127.66 25.63 -24.22
C LEU M 155 -126.98 24.84 -25.33
N CYS M 156 -126.16 23.88 -24.95
CA CYS M 156 -125.47 23.00 -25.89
C CYS M 156 -125.65 21.58 -25.35
N VAL M 157 -125.38 20.62 -26.24
CA VAL M 157 -125.51 19.19 -25.86
C VAL M 157 -124.19 18.49 -26.22
N LEU M 158 -123.65 17.72 -25.29
CA LEU M 158 -122.40 17.00 -25.53
C LEU M 158 -122.59 15.87 -26.53
N THR M 159 -121.65 15.73 -27.46
CA THR M 159 -121.68 14.67 -28.46
C THR M 159 -120.38 13.89 -28.69
N GLN M 160 -119.26 14.52 -28.32
CA GLN M 160 -117.94 13.84 -28.43
C GLN M 160 -117.33 13.77 -27.03
N LYS M 161 -116.60 12.70 -26.72
CA LYS M 161 -116.03 12.53 -25.39
C LYS M 161 -114.79 11.66 -25.52
N ILE M 162 -113.70 12.09 -24.90
CA ILE M 162 -112.45 11.34 -24.86
C ILE M 162 -112.27 10.83 -23.44
N THR M 163 -112.11 9.52 -23.29
CA THR M 163 -112.01 8.87 -21.99
C THR M 163 -110.81 7.94 -21.95
N THR M 164 -110.08 7.97 -20.82
CA THR M 164 -108.93 7.11 -20.63
C THR M 164 -109.33 5.75 -20.07
N MET M 165 -108.49 4.75 -20.32
CA MET M 165 -108.75 3.38 -19.89
C MET M 165 -107.74 2.87 -18.89
N GLN M 166 -106.62 3.57 -18.69
CA GLN M 166 -105.56 3.12 -17.81
C GLN M 166 -105.28 4.24 -16.81
N LYS M 167 -104.91 3.82 -15.60
CA LYS M 167 -104.57 4.80 -14.55
C LYS M 167 -103.51 5.75 -15.12
N CYS M 168 -103.81 7.03 -15.11
CA CYS M 168 -102.91 8.04 -15.65
C CYS M 168 -102.05 8.69 -14.58
N VAL M 169 -100.89 9.20 -14.99
CA VAL M 169 -99.92 9.79 -14.10
C VAL M 169 -99.74 11.26 -14.44
N ILE M 170 -99.90 12.13 -13.44
CA ILE M 170 -99.67 13.55 -13.59
C ILE M 170 -98.72 13.97 -12.48
N SER M 171 -97.41 13.90 -12.76
CA SER M 171 -96.38 14.28 -11.80
C SER M 171 -96.07 15.76 -11.98
N GLU M 172 -96.62 16.59 -11.09
CA GLU M 172 -96.47 18.04 -11.19
C GLU M 172 -95.44 18.51 -10.17
N HIS M 173 -94.43 19.23 -10.65
CA HIS M 173 -93.45 19.89 -9.79
C HIS M 173 -93.59 21.38 -10.03
N MET M 174 -93.87 22.13 -8.97
CA MET M 174 -94.10 23.57 -9.06
C MET M 174 -93.21 24.25 -8.02
N GLN M 175 -92.09 24.80 -8.47
CA GLN M 175 -91.21 25.60 -7.64
C GLN M 175 -91.44 27.07 -7.93
N VAL M 176 -91.81 27.83 -6.91
CA VAL M 176 -92.14 29.25 -7.05
C VAL M 176 -91.22 30.02 -6.11
N GLU M 177 -90.41 30.92 -6.65
CA GLU M 177 -89.57 31.80 -5.86
C GLU M 177 -89.90 33.24 -6.19
N GLU M 178 -90.28 34.02 -5.18
CA GLU M 178 -90.64 35.42 -5.34
C GLU M 178 -89.86 36.22 -4.32
N LYS M 179 -89.12 37.22 -4.80
CA LYS M 179 -88.35 38.10 -3.94
C LYS M 179 -88.84 39.54 -4.14
N CYS M 180 -89.25 40.18 -3.05
CA CYS M 180 -89.74 41.55 -3.08
C CYS M 180 -88.85 42.42 -2.19
N GLY M 181 -88.39 43.54 -2.74
CA GLY M 181 -87.54 44.45 -1.99
C GLY M 181 -87.89 45.90 -2.21
N GLY M 182 -88.13 46.63 -1.13
CA GLY M 182 -88.46 48.05 -1.22
C GLY M 182 -87.63 48.90 -0.28
N ILE M 183 -86.92 49.86 -0.87
CA ILE M 183 -86.13 50.83 -0.06
C ILE M 183 -86.86 52.18 -0.20
N VAL M 184 -87.23 52.79 0.92
CA VAL M 184 -88.00 54.03 0.91
C VAL M 184 -87.28 55.05 1.76
N GLY M 185 -86.98 56.20 1.17
CA GLY M 185 -86.34 57.29 1.88
C GLY M 185 -87.10 58.60 1.78
N ILE M 186 -87.55 59.14 2.91
CA ILE M 186 -88.40 60.36 2.83
C ILE M 186 -87.72 61.58 3.46
N GLN M 187 -87.52 62.64 2.67
CA GLN M 187 -86.93 63.92 3.11
C GLN M 187 -87.76 64.91 3.97
N THR M 188 -88.41 64.34 4.99
CA THR M 188 -89.32 65.12 5.81
C THR M 188 -88.83 66.32 6.60
N LYS M 189 -89.71 67.28 6.86
CA LYS M 189 -89.25 68.50 7.59
C LYS M 189 -88.81 68.36 9.04
N THR M 190 -87.50 68.38 9.32
CA THR M 190 -86.92 68.24 10.69
C THR M 190 -87.01 66.78 11.13
N VAL M 191 -87.29 65.87 10.19
CA VAL M 191 -87.36 64.42 10.52
C VAL M 191 -86.64 63.65 9.41
N GLN M 192 -85.44 63.10 9.70
CA GLN M 192 -84.82 62.28 8.65
C GLN M 192 -85.38 60.88 8.76
N VAL M 193 -85.93 60.37 7.66
CA VAL M 193 -86.63 59.09 7.66
C VAL M 193 -85.90 58.11 6.76
N SER M 194 -85.91 56.83 7.14
CA SER M 194 -85.34 55.78 6.32
C SER M 194 -86.06 54.46 6.58
N ALA M 195 -86.87 54.00 5.62
CA ALA M 195 -87.69 52.80 5.78
C ALA M 195 -87.32 51.81 4.69
N THR M 196 -86.98 50.58 5.09
CA THR M 196 -86.63 49.51 4.17
C THR M 196 -87.47 48.29 4.50
N GLU M 197 -88.06 47.70 3.45
CA GLU M 197 -88.87 46.47 3.62
C GLU M 197 -88.40 45.42 2.61
N ASP M 198 -88.01 44.23 3.08
CA ASP M 198 -87.53 43.16 2.24
C ASP M 198 -88.41 41.93 2.45
N GLY M 199 -88.97 41.40 1.37
CA GLY M 199 -89.81 40.22 1.45
C GLY M 199 -89.37 39.12 0.53
N ASN M 200 -88.92 38.00 1.09
CA ASN M 200 -88.47 36.84 0.34
C ASN M 200 -89.46 35.70 0.58
N VAL M 201 -90.04 35.19 -0.50
CA VAL M 201 -90.99 34.08 -0.43
C VAL M 201 -90.48 32.98 -1.34
N THR M 202 -90.28 31.79 -0.80
CA THR M 202 -89.89 30.62 -1.56
C THR M 202 -90.90 29.52 -1.30
N LYS M 203 -91.57 29.07 -2.35
CA LYS M 203 -92.63 28.07 -2.22
C LYS M 203 -92.34 26.91 -3.16
N ASP M 204 -92.48 25.69 -2.65
CA ASP M 204 -92.28 24.47 -3.42
C ASP M 204 -93.51 23.59 -3.27
N SER M 205 -93.95 22.99 -4.38
CA SER M 205 -95.09 22.08 -4.38
C SER M 205 -94.75 20.86 -5.22
N ASN M 206 -94.14 19.87 -4.58
CA ASN M 206 -93.82 18.60 -5.25
C ASN M 206 -95.01 17.67 -5.11
N VAL M 207 -95.91 17.69 -6.08
CA VAL M 207 -97.13 16.91 -6.01
C VAL M 207 -97.19 15.87 -7.13
N VAL M 208 -97.13 14.60 -6.76
CA VAL M 208 -97.31 13.50 -7.72
C VAL M 208 -98.67 12.85 -7.41
N LEU M 209 -99.63 13.07 -8.29
CA LEU M 209 -100.98 12.56 -8.11
C LEU M 209 -101.35 11.69 -9.30
N GLU M 210 -102.01 10.58 -8.99
CA GLU M 210 -102.42 9.64 -10.05
C GLU M 210 -103.85 9.99 -10.50
N ILE M 211 -104.23 9.51 -11.68
CA ILE M 211 -105.54 9.74 -12.25
C ILE M 211 -106.17 8.38 -12.55
N PRO M 212 -107.39 8.11 -12.09
CA PRO M 212 -108.00 6.80 -12.34
C PRO M 212 -108.48 6.68 -13.78
N ALA M 213 -108.78 5.45 -14.16
CA ALA M 213 -109.37 5.20 -15.47
C ALA M 213 -110.81 5.71 -15.50
N ALA M 214 -111.36 5.79 -16.72
CA ALA M 214 -112.72 6.19 -17.04
C ALA M 214 -112.96 7.68 -16.80
N THR M 215 -111.91 8.43 -16.50
CA THR M 215 -112.03 9.89 -16.28
C THR M 215 -112.26 10.57 -17.62
N THR M 216 -112.95 11.72 -17.61
CA THR M 216 -113.16 12.48 -18.84
C THR M 216 -111.98 13.41 -19.08
N ILE M 217 -111.41 13.34 -20.27
CA ILE M 217 -110.27 14.17 -20.64
C ILE M 217 -110.69 15.34 -21.52
N ALA M 218 -111.55 15.08 -22.51
CA ALA M 218 -112.00 16.13 -23.41
C ALA M 218 -113.45 15.85 -23.80
N TYR M 219 -114.13 16.91 -24.23
CA TYR M 219 -115.52 16.79 -24.65
C TYR M 219 -115.84 17.87 -25.67
N GLY M 220 -116.57 17.48 -26.70
CA GLY M 220 -117.04 18.41 -27.73
C GLY M 220 -118.55 18.48 -27.72
N VAL M 221 -119.07 19.69 -27.93
CA VAL M 221 -120.50 19.93 -27.84
C VAL M 221 -120.82 20.56 -29.19
N ILE M 222 -122.08 20.42 -29.60
CA ILE M 222 -122.53 21.25 -30.76
C ILE M 222 -123.71 22.03 -30.17
N GLU M 223 -123.84 23.30 -30.52
CA GLU M 223 -124.80 24.19 -29.90
C GLU M 223 -126.25 24.02 -30.37
N LEU M 224 -127.16 24.53 -29.54
CA LEU M 224 -128.61 24.38 -29.82
C LEU M 224 -129.21 25.73 -30.25
N TYR M 225 -129.76 25.80 -31.46
CA TYR M 225 -130.45 26.98 -31.94
C TYR M 225 -131.75 27.16 -31.17
N VAL M 226 -131.85 28.24 -30.39
CA VAL M 226 -133.01 28.48 -29.56
C VAL M 226 -133.73 29.74 -30.01
N LYS M 227 -134.97 29.60 -30.45
CA LYS M 227 -135.85 30.73 -30.70
C LYS M 227 -136.99 30.69 -29.68
N LEU M 228 -137.22 31.81 -29.00
CA LEU M 228 -138.23 31.84 -27.92
C LEU M 228 -139.62 31.52 -28.48
N ASP M 229 -139.78 31.58 -29.81
CA ASP M 229 -141.08 31.20 -30.42
C ASP M 229 -141.32 29.71 -30.13
N GLY M 230 -140.27 28.89 -30.22
CA GLY M 230 -140.42 27.46 -29.88
C GLY M 230 -139.74 26.56 -30.88
N GLN M 231 -139.05 27.16 -31.87
CA GLN M 231 -138.39 26.38 -32.91
C GLN M 231 -136.96 26.10 -32.49
N PHE M 232 -136.58 24.82 -32.47
CA PHE M 232 -135.26 24.41 -32.04
C PHE M 232 -134.67 23.45 -33.07
N GLU M 233 -133.34 23.53 -33.24
CA GLU M 233 -132.59 22.67 -34.14
C GLU M 233 -131.15 22.54 -33.69
N PHE M 234 -130.68 21.31 -33.50
CA PHE M 234 -129.27 21.09 -33.17
C PHE M 234 -128.43 21.16 -34.45
N CYS M 235 -127.79 22.31 -34.68
CA CYS M 235 -127.07 22.58 -35.92
C CYS M 235 -125.57 22.63 -35.64
N LEU M 236 -124.77 22.04 -36.52
CA LEU M 236 -123.30 21.97 -36.29
C LEU M 236 -122.51 23.10 -36.96
N LEU M 237 -123.17 23.97 -37.73
CA LEU M 237 -122.46 25.02 -38.45
C LEU M 237 -122.75 26.36 -37.80
N ARG M 238 -121.93 27.37 -38.13
CA ARG M 238 -122.03 28.70 -37.54
C ARG M 238 -123.28 29.48 -37.92
N GLY M 239 -124.04 28.99 -38.90
CA GLY M 239 -125.18 29.70 -39.42
C GLY M 239 -126.25 30.07 -38.40
N LYS M 240 -126.96 29.11 -37.88
CA LYS M 240 -128.07 29.39 -36.94
C LYS M 240 -127.96 28.47 -35.71
N GLN M 241 -127.10 28.79 -34.75
CA GLN M 241 -127.02 28.06 -33.49
C GLN M 241 -126.83 29.01 -32.31
N GLY M 242 -126.83 30.32 -32.57
CA GLY M 242 -126.48 31.29 -31.55
C GLY M 242 -127.58 31.58 -30.56
N GLY M 243 -128.83 31.24 -30.89
CA GLY M 243 -129.94 31.60 -30.03
C GLY M 243 -130.58 32.88 -30.54
N PHE M 244 -131.90 32.88 -30.66
CA PHE M 244 -132.64 34.00 -31.21
C PHE M 244 -133.90 34.23 -30.39
N GLU M 245 -134.51 35.41 -30.55
CA GLU M 245 -135.70 35.73 -29.73
C GLU M 245 -137.00 35.54 -30.52
N MET N 1 -101.03 20.92 9.11
CA MET N 1 -102.29 21.39 9.66
C MET N 1 -103.42 21.07 8.69
N PHE N 2 -104.56 20.63 9.23
CA PHE N 2 -105.63 20.11 8.37
C PHE N 2 -106.20 21.20 7.47
N ALA N 3 -106.28 22.43 7.96
CA ALA N 3 -106.85 23.52 7.17
C ALA N 3 -106.01 23.78 5.91
N LYS N 4 -104.69 23.78 6.06
CA LYS N 4 -103.82 24.01 4.91
C LYS N 4 -103.77 22.79 3.99
N ALA N 5 -103.83 21.59 4.58
CA ALA N 5 -103.73 20.38 3.78
C ALA N 5 -104.81 20.19 2.72
N THR N 6 -106.06 20.42 3.09
CA THR N 6 -107.15 20.32 2.11
C THR N 6 -107.28 21.56 1.22
N ARG N 7 -106.79 22.70 1.72
CA ARG N 7 -106.80 23.94 0.90
C ARG N 7 -105.88 23.68 -0.30
N ASN N 8 -104.64 23.26 -0.01
CA ASN N 8 -103.66 22.99 -1.10
C ASN N 8 -104.21 21.90 -2.02
N PHE N 9 -104.77 20.84 -1.43
CA PHE N 9 -105.37 19.75 -2.25
C PHE N 9 -106.38 20.30 -3.24
N LEU N 10 -107.45 20.92 -2.74
CA LEU N 10 -108.48 21.41 -3.65
C LEU N 10 -107.96 22.43 -4.64
N ARG N 11 -106.88 23.13 -4.29
CA ARG N 11 -106.27 24.07 -5.22
C ARG N 11 -105.71 23.38 -6.45
N GLU N 12 -105.09 22.21 -6.27
CA GLU N 12 -104.42 21.54 -7.38
C GLU N 12 -105.36 20.60 -8.11
N VAL N 13 -106.42 20.14 -7.45
CA VAL N 13 -107.32 19.20 -8.10
C VAL N 13 -108.55 19.96 -8.59
N ASP N 14 -109.15 20.77 -7.72
CA ASP N 14 -110.39 21.53 -8.08
C ASP N 14 -110.01 22.89 -8.67
N ALA N 15 -109.84 22.96 -10.00
CA ALA N 15 -109.43 24.18 -10.67
C ALA N 15 -110.52 25.24 -10.71
N ASP N 16 -111.79 24.85 -10.55
CA ASP N 16 -112.90 25.79 -10.64
C ASP N 16 -113.36 26.31 -9.28
N GLY N 17 -112.91 25.70 -8.19
CA GLY N 17 -113.38 26.12 -6.89
C GLY N 17 -114.79 25.83 -6.47
N ASP N 18 -115.47 24.92 -7.16
CA ASP N 18 -116.83 24.52 -6.80
C ASP N 18 -116.93 23.61 -5.57
N LEU N 19 -115.78 23.11 -5.11
CA LEU N 19 -115.69 22.29 -3.93
C LEU N 19 -115.02 23.17 -2.87
N ILE N 20 -115.36 22.92 -1.61
CA ILE N 20 -114.89 23.71 -0.49
C ILE N 20 -114.11 22.81 0.46
N ALA N 21 -112.90 23.24 0.82
CA ALA N 21 -112.07 22.45 1.72
C ALA N 21 -112.63 22.48 3.14
N VAL N 22 -112.51 21.33 3.83
CA VAL N 22 -112.97 21.25 5.22
C VAL N 22 -111.99 21.98 6.12
N SER N 23 -112.51 22.85 6.99
CA SER N 23 -111.67 23.71 7.80
C SER N 23 -110.87 22.92 8.83
N ASN N 24 -111.52 22.05 9.60
CA ASN N 24 -110.87 21.37 10.72
C ASN N 24 -111.48 19.98 10.87
N LEU N 25 -110.88 19.18 11.76
CA LEU N 25 -111.36 17.82 12.00
C LEU N 25 -112.72 17.95 12.69
N ASN N 26 -112.96 19.05 13.40
CA ASN N 26 -114.27 19.25 14.02
C ASN N 26 -115.40 19.17 12.99
N ASP N 27 -115.22 19.93 11.89
CA ASP N 27 -116.18 19.87 10.78
C ASP N 27 -116.21 18.59 9.95
N SER N 28 -115.18 17.75 10.05
CA SER N 28 -115.10 16.53 9.27
C SER N 28 -116.10 15.46 9.68
N ASP N 29 -116.68 15.55 10.88
CA ASP N 29 -117.65 14.59 11.35
C ASP N 29 -119.06 15.14 11.30
N LYS N 30 -119.24 16.42 10.97
CA LYS N 30 -120.55 17.04 10.86
C LYS N 30 -121.07 17.05 9.42
N LEU N 31 -120.18 17.18 8.45
CA LEU N 31 -120.59 17.21 7.05
C LEU N 31 -121.02 15.84 6.55
N GLN N 32 -122.30 15.72 6.19
CA GLN N 32 -122.83 14.49 5.64
C GLN N 32 -123.63 14.80 4.38
N LEU N 33 -123.97 13.76 3.64
CA LEU N 33 -124.68 13.93 2.38
C LEU N 33 -126.05 14.50 2.70
N LEU N 34 -126.49 15.47 1.88
CA LEU N 34 -127.80 16.11 2.03
C LEU N 34 -128.15 16.67 3.40
N SER N 35 -127.15 17.18 4.12
CA SER N 35 -127.42 17.91 5.36
C SER N 35 -127.32 19.36 4.92
N LEU N 36 -128.02 20.24 5.62
CA LEU N 36 -128.06 21.65 5.23
C LEU N 36 -126.97 22.51 5.84
N VAL N 37 -126.43 23.43 5.04
CA VAL N 37 -125.38 24.34 5.48
C VAL N 37 -125.84 25.73 5.06
N THR N 38 -125.20 26.74 5.62
CA THR N 38 -125.54 28.12 5.33
C THR N 38 -124.24 28.90 5.12
N LYS N 39 -124.23 29.64 4.00
CA LYS N 39 -123.05 30.48 3.67
C LYS N 39 -123.45 31.96 3.83
N LYS N 40 -122.64 32.73 4.55
CA LYS N 40 -122.90 34.14 4.77
C LYS N 40 -122.27 34.95 3.63
N LYS N 41 -123.10 35.65 2.87
CA LYS N 41 -122.64 36.42 1.72
C LYS N 41 -122.26 37.85 2.08
N ARG N 42 -122.27 38.20 3.36
CA ARG N 42 -121.84 39.53 3.77
C ARG N 42 -120.40 39.83 3.38
N PHE N 43 -119.53 38.83 3.47
CA PHE N 43 -118.14 39.01 3.06
C PHE N 43 -118.04 39.17 1.55
N TRP N 44 -117.02 39.90 1.12
CA TRP N 44 -116.84 40.21 -0.29
C TRP N 44 -115.99 39.10 -0.94
N CYS N 45 -115.53 39.33 -2.17
CA CYS N 45 -114.68 38.35 -2.83
C CYS N 45 -113.32 38.24 -2.15
N TRP N 46 -112.99 39.22 -1.30
CA TRP N 46 -111.73 39.21 -0.57
C TRP N 46 -111.60 38.02 0.37
N GLN N 47 -112.66 37.64 1.07
CA GLN N 47 -112.62 36.50 1.98
C GLN N 47 -113.63 35.45 1.53
N ARG N 48 -113.39 34.21 1.91
CA ARG N 48 -114.30 33.13 1.56
C ARG N 48 -115.62 33.32 2.30
N PRO N 49 -116.75 32.90 1.72
CA PRO N 49 -118.02 32.97 2.44
C PRO N 49 -117.98 32.12 3.71
N LYS N 50 -118.62 32.63 4.76
CA LYS N 50 -118.65 31.94 6.05
C LYS N 50 -119.69 30.83 5.99
N TYR N 51 -119.23 29.58 6.09
CA TYR N 51 -120.09 28.41 6.00
C TYR N 51 -120.34 27.85 7.39
N GLN N 52 -121.62 27.70 7.74
CA GLN N 52 -122.04 27.15 9.02
C GLN N 52 -123.08 26.06 8.77
N PHE N 53 -123.00 24.99 9.55
CA PHE N 53 -123.78 23.79 9.33
C PHE N 53 -124.91 23.70 10.36
N LEU N 54 -126.13 23.54 9.87
CA LEU N 54 -127.26 23.29 10.76
C LEU N 54 -127.30 21.81 11.15
N SER N 55 -127.78 21.56 12.36
CA SER N 55 -127.86 20.19 12.87
C SER N 55 -128.97 19.41 12.16
N LEU N 56 -129.89 20.11 11.52
CA LEU N 56 -131.02 19.49 10.86
C LEU N 56 -130.61 19.04 9.45
N THR N 57 -131.46 18.23 8.82
CA THR N 57 -131.25 17.77 7.47
C THR N 57 -132.44 18.14 6.62
N LEU N 58 -132.45 17.65 5.37
CA LEU N 58 -133.56 17.93 4.48
C LEU N 58 -134.87 17.36 5.02
N GLY N 59 -134.86 16.07 5.37
CA GLY N 59 -136.07 15.45 5.90
C GLY N 59 -136.53 16.08 7.19
N ASP N 60 -135.61 16.71 7.92
CA ASP N 60 -135.98 17.40 9.14
C ASP N 60 -136.73 18.68 8.86
N VAL N 61 -136.53 19.27 7.69
CA VAL N 61 -137.14 20.56 7.36
C VAL N 61 -138.18 20.48 6.25
N LEU N 62 -138.32 19.34 5.57
CA LEU N 62 -139.37 19.20 4.57
C LEU N 62 -140.74 19.28 5.23
N ILE N 63 -141.06 18.28 6.07
CA ILE N 63 -142.30 18.22 6.84
C ILE N 63 -143.52 18.11 5.92
N GLU N 64 -143.61 19.00 4.92
CA GLU N 64 -144.79 19.03 4.06
C GLU N 64 -144.97 17.75 3.26
N ASP N 65 -143.88 17.18 2.73
CA ASP N 65 -143.97 16.01 1.88
C ASP N 65 -142.84 15.04 2.23
N GLN N 66 -143.01 13.79 1.79
CA GLN N 66 -142.09 12.73 2.16
C GLN N 66 -140.69 12.78 1.55
N PHE N 67 -139.73 12.20 2.27
CA PHE N 67 -138.32 12.17 1.85
C PHE N 67 -137.85 11.35 0.65
N PRO N 68 -137.42 12.00 -0.44
CA PRO N 68 -137.02 11.19 -1.61
C PRO N 68 -135.72 10.43 -1.45
N SER N 69 -135.77 9.12 -1.65
CA SER N 69 -134.64 8.27 -1.32
C SER N 69 -133.44 8.72 -2.15
N PRO N 70 -132.28 8.93 -1.54
CA PRO N 70 -131.11 9.33 -2.36
C PRO N 70 -130.46 8.40 -3.34
N VAL N 71 -129.84 8.96 -4.37
CA VAL N 71 -129.09 8.17 -5.35
C VAL N 71 -127.61 8.45 -5.11
N VAL N 72 -127.02 7.68 -4.21
CA VAL N 72 -125.62 7.87 -3.84
C VAL N 72 -124.80 6.96 -4.76
N VAL N 73 -123.81 7.54 -5.43
CA VAL N 73 -122.92 6.81 -6.33
C VAL N 73 -121.51 7.05 -5.84
N GLU N 74 -120.75 5.96 -5.70
CA GLU N 74 -119.37 6.06 -5.16
C GLU N 74 -118.35 6.02 -6.30
N SER N 75 -117.49 7.03 -6.38
CA SER N 75 -116.42 7.09 -7.37
C SER N 75 -115.13 7.51 -6.67
N ASP N 76 -114.03 6.86 -7.02
CA ASP N 76 -112.73 7.12 -6.43
C ASP N 76 -111.81 7.76 -7.46
N PHE N 77 -110.98 8.70 -7.00
CA PHE N 77 -110.10 9.43 -7.93
C PHE N 77 -109.07 10.22 -7.16
N VAL N 78 -108.01 10.69 -7.83
CA VAL N 78 -107.06 11.61 -7.14
C VAL N 78 -106.55 11.03 -5.80
N LYS N 79 -106.00 9.81 -5.80
CA LYS N 79 -105.48 9.32 -4.50
C LYS N 79 -104.43 10.35 -4.07
N TYR N 80 -103.61 10.85 -5.00
CA TYR N 80 -102.72 12.02 -4.72
C TYR N 80 -101.61 11.84 -3.69
N GLU N 81 -100.74 12.86 -3.60
CA GLU N 81 -99.61 12.94 -2.71
C GLU N 81 -99.07 14.36 -2.81
N GLY N 82 -99.02 15.05 -1.68
CA GLY N 82 -98.64 16.46 -1.71
C GLY N 82 -97.54 16.81 -0.73
N LYS N 83 -96.48 17.43 -1.23
CA LYS N 83 -95.40 17.95 -0.42
C LYS N 83 -95.30 19.45 -0.64
N PHE N 84 -95.26 20.21 0.46
CA PHE N 84 -95.33 21.67 0.37
C PHE N 84 -94.30 22.29 1.31
N ALA N 85 -93.16 22.70 0.75
CA ALA N 85 -92.11 23.37 1.51
C ALA N 85 -92.15 24.86 1.21
N ASN N 86 -92.69 25.64 2.15
CA ASN N 86 -92.91 27.06 1.96
C ASN N 86 -92.00 27.85 2.89
N HIS N 87 -91.23 28.77 2.32
CA HIS N 87 -90.34 29.65 3.08
C HIS N 87 -90.79 31.09 2.90
N VAL N 88 -91.11 31.75 4.01
CA VAL N 88 -91.55 33.14 4.00
C VAL N 88 -90.64 33.92 4.93
N SER N 89 -89.98 34.96 4.40
CA SER N 89 -89.13 35.83 5.20
C SER N 89 -89.50 37.28 4.92
N GLY N 90 -89.86 38.02 5.97
CA GLY N 90 -90.20 39.41 5.82
C GLY N 90 -89.59 40.30 6.88
N THR N 91 -88.79 41.27 6.47
CA THR N 91 -88.09 42.17 7.38
C THR N 91 -88.64 43.56 7.18
N LEU N 92 -89.05 44.20 8.27
CA LEU N 92 -89.56 45.57 8.25
C LEU N 92 -88.61 46.43 9.06
N GLU N 93 -88.09 47.49 8.45
CA GLU N 93 -87.14 48.39 9.08
C GLU N 93 -87.69 49.80 8.96
N THR N 94 -88.00 50.42 10.09
CA THR N 94 -88.57 51.76 10.14
C THR N 94 -87.74 52.61 11.08
N ALA N 95 -87.53 53.87 10.69
CA ALA N 95 -86.74 54.82 11.48
C ALA N 95 -87.40 56.20 11.31
N LEU N 96 -87.98 56.70 12.40
CA LEU N 96 -88.61 58.02 12.42
C LEU N 96 -88.05 58.80 13.58
N GLY N 97 -87.21 59.79 13.28
CA GLY N 97 -86.71 60.69 14.31
C GLY N 97 -86.03 59.96 15.46
N LYS N 98 -86.64 60.08 16.64
CA LYS N 98 -86.05 59.49 17.85
C LYS N 98 -86.03 57.97 17.77
N VAL N 99 -87.11 57.37 17.27
CA VAL N 99 -87.30 55.92 17.33
C VAL N 99 -86.77 55.23 16.09
N LYS N 100 -85.84 54.31 16.30
CA LYS N 100 -85.42 53.34 15.27
C LYS N 100 -85.80 51.88 15.48
N LEU N 101 -86.51 51.30 14.51
CA LEU N 101 -87.09 49.97 14.66
C LEU N 101 -86.55 49.05 13.58
N ASN N 102 -86.00 47.92 13.99
CA ASN N 102 -85.52 46.87 13.09
C ASN N 102 -86.26 45.58 13.43
N LEU N 103 -86.97 45.04 12.45
CA LEU N 103 -87.76 43.83 12.62
C LEU N 103 -87.42 42.82 11.52
N GLY N 104 -87.17 41.58 11.92
CA GLY N 104 -86.91 40.52 10.96
C GLY N 104 -87.65 39.24 11.29
N GLY N 105 -88.55 38.82 10.42
CA GLY N 105 -89.33 37.63 10.67
C GLY N 105 -89.18 36.56 9.60
N SER N 106 -88.66 35.40 9.99
CA SER N 106 -88.46 34.29 9.08
C SER N 106 -89.38 33.14 9.47
N SER N 107 -90.21 32.69 8.54
CA SER N 107 -91.14 31.60 8.77
C SER N 107 -90.95 30.50 7.74
N ARG N 108 -90.75 29.28 8.20
CA ARG N 108 -90.60 28.12 7.34
C ARG N 108 -91.68 27.10 7.67
N VAL N 109 -92.43 26.69 6.64
CA VAL N 109 -93.48 25.69 6.78
C VAL N 109 -93.24 24.60 5.75
N GLU N 110 -93.12 23.36 6.21
CA GLU N 110 -92.95 22.20 5.35
C GLU N 110 -94.10 21.27 5.70
N SER N 111 -95.21 21.40 4.96
CA SER N 111 -96.42 20.64 5.23
C SER N 111 -96.56 19.55 4.18
N GLN N 112 -96.29 18.31 4.58
CA GLN N 112 -96.49 17.15 3.72
C GLN N 112 -97.90 16.64 3.89
N SER N 113 -98.61 16.48 2.77
CA SER N 113 -100.01 16.07 2.77
C SER N 113 -100.12 14.79 1.94
N SER N 114 -99.91 13.65 2.58
CA SER N 114 -99.98 12.36 1.91
C SER N 114 -101.37 11.78 2.18
N PHE N 115 -102.09 11.45 1.12
CA PHE N 115 -103.45 10.95 1.21
C PHE N 115 -103.55 9.65 0.42
N GLY N 116 -104.51 8.80 0.81
CA GLY N 116 -104.77 7.57 0.09
C GLY N 116 -105.80 7.76 -1.00
N THR N 117 -106.43 6.66 -1.40
CA THR N 117 -107.46 6.69 -2.43
C THR N 117 -108.68 7.48 -1.95
N LEU N 118 -108.91 8.64 -2.57
CA LEU N 118 -110.04 9.47 -2.17
C LEU N 118 -111.27 9.14 -3.00
N ARG N 119 -112.40 9.01 -2.31
CA ARG N 119 -113.64 8.60 -3.00
C ARG N 119 -114.68 9.72 -2.97
N LYS N 120 -115.47 9.83 -4.05
CA LYS N 120 -116.53 10.86 -4.14
C LYS N 120 -117.89 10.20 -4.00
N GLN N 121 -118.78 10.80 -3.22
CA GLN N 121 -120.14 10.32 -3.00
C GLN N 121 -121.10 11.46 -3.36
N GLU N 122 -121.61 11.42 -4.59
CA GLU N 122 -122.52 12.45 -5.08
C GLU N 122 -123.95 11.93 -5.08
N VAL N 123 -124.88 12.81 -4.74
CA VAL N 123 -126.30 12.48 -4.71
C VAL N 123 -126.93 12.90 -6.04
N ASP N 124 -127.93 12.14 -6.48
CA ASP N 124 -128.64 12.45 -7.72
C ASP N 124 -129.21 13.86 -7.75
N LEU N 125 -128.71 14.70 -8.66
CA LEU N 125 -129.20 16.07 -8.76
C LEU N 125 -130.68 16.13 -9.14
N GLN N 126 -131.13 15.19 -9.97
CA GLN N 126 -132.55 15.13 -10.29
C GLN N 126 -133.50 14.80 -9.15
N GLN N 127 -133.10 13.92 -8.22
CA GLN N 127 -133.85 13.76 -6.98
C GLN N 127 -133.90 15.07 -6.21
N LEU N 128 -132.82 15.85 -6.30
CA LEU N 128 -132.75 17.10 -5.54
C LEU N 128 -133.77 18.12 -6.04
N ILE N 129 -134.04 18.11 -7.35
CA ILE N 129 -134.90 19.13 -7.94
C ILE N 129 -136.37 18.71 -7.84
N ARG N 130 -136.64 17.41 -7.83
CA ARG N 130 -138.03 16.94 -7.90
C ARG N 130 -138.84 17.40 -6.69
N ASP N 131 -138.33 17.16 -5.48
CA ASP N 131 -139.05 17.58 -4.28
C ASP N 131 -139.08 19.09 -4.15
N SER N 132 -137.98 19.76 -4.51
CA SER N 132 -137.89 21.21 -4.35
C SER N 132 -138.92 21.96 -5.19
N ALA N 133 -139.12 21.58 -6.45
CA ALA N 133 -140.07 22.27 -7.31
C ALA N 133 -141.50 22.17 -6.83
N GLU N 134 -141.80 21.21 -5.96
CA GLU N 134 -143.12 21.04 -5.37
C GLU N 134 -143.15 21.63 -3.98
N ARG N 135 -144.37 21.78 -3.44
CA ARG N 135 -144.56 22.32 -2.10
C ARG N 135 -144.17 21.24 -1.08
N THR N 136 -142.87 21.18 -0.80
CA THR N 136 -142.30 20.14 0.03
C THR N 136 -141.67 20.66 1.33
N ILE N 137 -141.22 21.92 1.35
CA ILE N 137 -140.55 22.49 2.52
C ILE N 137 -141.53 23.42 3.23
N ASN N 138 -141.70 23.22 4.53
CA ASN N 138 -142.59 24.08 5.31
C ASN N 138 -142.01 25.47 5.41
N LEU N 139 -142.88 26.48 5.43
CA LEU N 139 -142.43 27.86 5.43
C LEU N 139 -141.86 28.27 6.78
N ARG N 140 -142.52 27.87 7.87
CA ARG N 140 -142.15 28.28 9.22
C ARG N 140 -141.60 27.08 9.98
N ASN N 141 -140.42 27.26 10.58
CA ASN N 141 -139.79 26.27 11.43
C ASN N 141 -139.30 26.95 12.70
N PRO N 142 -139.32 26.25 13.84
CA PRO N 142 -138.74 26.84 15.06
C PRO N 142 -137.27 27.19 14.91
N VAL N 143 -136.57 26.44 14.04
CA VAL N 143 -135.13 26.75 13.78
C VAL N 143 -135.07 27.43 12.41
N LEU N 144 -133.97 28.11 12.07
CA LEU N 144 -133.74 28.76 10.74
C LEU N 144 -134.34 30.19 10.71
N GLN N 145 -135.06 30.57 11.76
CA GLN N 145 -135.56 31.97 11.83
C GLN N 145 -134.40 32.97 11.80
N GLN N 146 -133.34 32.69 12.57
CA GLN N 146 -132.15 33.57 12.63
C GLN N 146 -131.50 33.65 11.23
N VAL N 147 -131.71 32.66 10.38
CA VAL N 147 -131.17 32.70 9.02
C VAL N 147 -131.92 33.74 8.19
N LEU N 148 -133.25 33.76 8.28
CA LEU N 148 -134.03 34.75 7.55
C LEU N 148 -133.73 36.16 8.06
N GLU N 149 -133.62 36.32 9.37
CA GLU N 149 -133.21 37.59 9.97
C GLU N 149 -131.71 37.77 9.79
N GLY N 150 -131.32 38.38 8.68
CA GLY N 150 -129.95 38.29 8.23
C GLY N 150 -129.96 37.81 6.79
N ARG N 151 -130.92 38.30 5.99
CA ARG N 151 -131.08 37.80 4.59
C ARG N 151 -129.73 37.36 4.01
N ASN N 152 -128.75 38.28 3.93
CA ASN N 152 -127.39 37.92 3.54
C ASN N 152 -126.84 36.51 3.57
N GLU N 153 -127.13 35.76 4.64
CA GLU N 153 -126.78 34.35 4.71
C GLU N 153 -127.97 33.52 4.23
N VAL N 154 -127.71 32.53 3.37
CA VAL N 154 -128.74 31.73 2.74
C VAL N 154 -128.45 30.25 3.01
N LEU N 155 -129.52 29.45 3.04
CA LEU N 155 -129.40 28.02 3.30
C LEU N 155 -128.97 27.28 2.03
N CYS N 156 -128.11 26.29 2.20
CA CYS N 156 -127.65 25.46 1.10
C CYS N 156 -127.75 24.01 1.60
N VAL N 157 -127.67 23.09 0.63
CA VAL N 157 -127.75 21.64 0.96
C VAL N 157 -126.54 20.95 0.31
N LEU N 158 -125.84 20.13 1.07
CA LEU N 158 -124.68 19.41 0.56
C LEU N 158 -125.10 18.33 -0.43
N THR N 159 -124.36 18.23 -1.54
CA THR N 159 -124.61 17.23 -2.56
C THR N 159 -123.40 16.44 -3.08
N GLN N 160 -122.22 17.03 -2.93
CA GLN N 160 -120.96 16.35 -3.33
C GLN N 160 -120.09 16.21 -2.08
N LYS N 161 -119.32 15.12 -1.97
CA LYS N 161 -118.50 14.88 -0.79
C LYS N 161 -117.33 14.00 -1.21
N ILE N 162 -116.13 14.40 -0.81
CA ILE N 162 -114.92 13.63 -1.06
C ILE N 162 -114.45 13.05 0.27
N THR N 163 -114.29 11.73 0.33
CA THR N 163 -113.94 11.03 1.55
C THR N 163 -112.78 10.08 1.31
N THR N 164 -111.84 10.05 2.26
CA THR N 164 -110.69 9.17 2.18
C THR N 164 -111.00 7.79 2.74
N MET N 165 -110.24 6.78 2.29
CA MET N 165 -110.44 5.40 2.70
C MET N 165 -109.25 4.83 3.46
N GLN N 166 -108.11 5.51 3.44
CA GLN N 166 -106.90 5.01 4.08
C GLN N 166 -106.41 6.08 5.04
N LYS N 167 -105.80 5.59 6.14
CA LYS N 167 -105.23 6.52 7.14
C LYS N 167 -104.29 7.49 6.41
N CYS N 168 -104.56 8.77 6.54
CA CYS N 168 -103.77 9.80 5.87
C CYS N 168 -102.71 10.39 6.78
N VAL N 169 -101.65 10.90 6.16
CA VAL N 169 -100.49 11.43 6.87
C VAL N 169 -100.36 12.93 6.56
N ILE N 170 -100.31 13.74 7.61
CA ILE N 170 -100.08 15.17 7.48
C ILE N 170 -98.90 15.52 8.39
N SER N 171 -97.70 15.46 7.85
CA SER N 171 -96.48 15.78 8.61
C SER N 171 -96.19 17.26 8.43
N GLU N 172 -96.53 18.05 9.45
CA GLU N 172 -96.38 19.50 9.39
C GLU N 172 -95.15 19.91 10.19
N HIS N 173 -94.24 20.65 9.55
CA HIS N 173 -93.10 21.25 10.22
C HIS N 173 -93.25 22.76 10.08
N MET N 174 -93.30 23.46 11.22
CA MET N 174 -93.51 24.90 11.24
C MET N 174 -92.43 25.52 12.10
N GLN N 175 -91.41 26.09 11.45
CA GLN N 175 -90.36 26.83 12.13
C GLN N 175 -90.61 28.31 11.96
N VAL N 176 -90.74 29.03 13.07
CA VAL N 176 -91.07 30.45 13.06
C VAL N 176 -89.98 31.17 13.84
N GLU N 177 -89.28 32.08 13.18
CA GLU N 177 -88.27 32.91 13.83
C GLU N 177 -88.63 34.38 13.63
N GLU N 178 -88.79 35.10 14.73
CA GLU N 178 -89.15 36.52 14.71
C GLU N 178 -88.17 37.27 15.58
N LYS N 179 -87.53 38.28 15.02
CA LYS N 179 -86.57 39.12 15.73
C LYS N 179 -87.06 40.56 15.71
N CYS N 180 -87.23 41.15 16.88
CA CYS N 180 -87.69 42.53 17.02
C CYS N 180 -86.63 43.35 17.74
N GLY N 181 -86.25 44.48 17.17
CA GLY N 181 -85.27 45.35 17.78
C GLY N 181 -85.62 46.81 17.69
N GLY N 182 -85.62 47.49 18.84
CA GLY N 182 -85.94 48.92 18.87
C GLY N 182 -84.93 49.72 19.67
N ILE N 183 -84.32 50.69 18.99
CA ILE N 183 -83.37 51.62 19.67
C ILE N 183 -84.09 52.98 19.73
N VAL N 184 -84.21 53.53 20.94
CA VAL N 184 -84.94 54.78 21.13
C VAL N 184 -84.04 55.75 21.87
N GLY N 185 -83.84 56.93 21.29
CA GLY N 185 -83.06 57.98 21.90
C GLY N 185 -83.80 59.30 22.01
N ILE N 186 -84.00 59.78 23.24
CA ILE N 186 -84.83 61.01 23.37
C ILE N 186 -84.01 62.20 23.92
N GLN N 187 -83.95 63.30 23.15
CA GLN N 187 -83.26 64.54 23.51
C GLN N 187 -83.87 65.50 24.58
N THR N 188 -84.32 64.89 25.68
CA THR N 188 -85.04 65.64 26.70
C THR N 188 -84.36 66.79 27.42
N LYS N 189 -85.16 67.75 27.90
CA LYS N 189 -84.54 68.93 28.58
C LYS N 189 -83.81 68.71 29.91
N THR N 190 -82.48 68.70 29.91
CA THR N 190 -81.64 68.49 31.13
C THR N 190 -81.66 67.01 31.52
N VAL N 191 -82.14 66.15 30.61
CA VAL N 191 -82.18 64.69 30.88
C VAL N 191 -81.70 63.96 29.62
N GLN N 192 -80.49 63.39 29.63
CA GLN N 192 -80.11 62.62 28.45
C GLN N 192 -80.66 61.22 28.60
N VAL N 193 -81.43 60.77 27.61
CA VAL N 193 -82.14 59.50 27.69
C VAL N 193 -81.63 58.55 26.62
N SER N 194 -81.58 57.26 26.93
CA SER N 194 -81.21 56.24 25.97
C SER N 194 -81.89 54.92 26.31
N ALA N 195 -82.87 54.51 25.51
CA ALA N 195 -83.67 53.32 25.78
C ALA N 195 -83.56 52.37 24.59
N THR N 196 -83.17 51.13 24.87
CA THR N 196 -83.03 50.09 23.84
C THR N 196 -83.81 48.87 24.28
N GLU N 197 -84.61 48.34 23.35
CA GLU N 197 -85.40 47.11 23.62
C GLU N 197 -85.17 46.10 22.49
N ASP N 198 -84.70 44.89 22.83
CA ASP N 198 -84.43 43.85 21.85
C ASP N 198 -85.27 42.63 22.18
N GLY N 199 -86.04 42.15 21.21
CA GLY N 199 -86.88 40.98 21.41
C GLY N 199 -86.65 39.92 20.37
N ASN N 200 -86.11 38.77 20.78
CA ASN N 200 -85.85 37.64 19.89
C ASN N 200 -86.80 36.51 20.28
N VAL N 201 -87.59 36.06 19.32
CA VAL N 201 -88.53 34.95 19.53
C VAL N 201 -88.23 33.89 18.48
N THR N 202 -87.95 32.68 18.93
CA THR N 202 -87.75 31.54 18.04
C THR N 202 -88.70 30.44 18.46
N LYS N 203 -89.58 30.04 17.55
CA LYS N 203 -90.61 29.04 17.83
C LYS N 203 -90.54 27.94 16.81
N ASP N 204 -90.60 26.69 17.28
CA ASP N 204 -90.59 25.51 16.43
C ASP N 204 -91.78 24.64 16.79
N SER N 205 -92.44 24.09 15.76
CA SER N 205 -93.58 23.20 15.96
C SER N 205 -93.43 22.01 15.00
N ASN N 206 -92.72 20.99 15.46
CA ASN N 206 -92.57 19.75 14.68
C ASN N 206 -93.73 18.82 15.03
N VAL N 207 -94.80 18.90 14.25
CA VAL N 207 -96.00 18.13 14.53
C VAL N 207 -96.30 17.15 13.41
N VAL N 208 -96.19 15.86 13.69
CA VAL N 208 -96.59 14.81 12.75
C VAL N 208 -97.86 14.17 13.29
N LEU N 209 -98.98 14.43 12.63
CA LEU N 209 -100.27 13.93 13.06
C LEU N 209 -100.90 13.12 11.93
N GLU N 210 -101.50 12.00 12.32
CA GLU N 210 -102.14 11.12 11.32
C GLU N 210 -103.62 11.50 11.19
N ILE N 211 -104.23 11.08 10.09
CA ILE N 211 -105.64 11.36 9.81
C ILE N 211 -106.34 10.02 9.58
N PRO N 212 -107.44 9.74 10.26
CA PRO N 212 -108.11 8.45 10.08
C PRO N 212 -108.88 8.40 8.77
N ALA N 213 -109.28 7.19 8.39
CA ALA N 213 -110.12 7.01 7.23
C ALA N 213 -111.53 7.53 7.51
N ALA N 214 -112.31 7.68 6.44
CA ALA N 214 -113.70 8.11 6.41
C ALA N 214 -113.86 9.59 6.77
N THR N 215 -112.75 10.31 6.89
CA THR N 215 -112.81 11.77 7.18
C THR N 215 -113.29 12.52 5.96
N THR N 216 -113.94 13.66 6.16
CA THR N 216 -114.37 14.48 5.02
C THR N 216 -113.25 15.42 4.60
N ILE N 217 -112.92 15.39 3.31
CA ILE N 217 -111.87 16.23 2.75
C ILE N 217 -112.43 17.44 2.03
N ALA N 218 -113.48 17.24 1.23
CA ALA N 218 -114.08 18.34 0.49
C ALA N 218 -115.58 18.09 0.38
N TYR N 219 -116.32 19.17 0.15
CA TYR N 219 -117.77 19.09 0.02
C TYR N 219 -118.27 20.22 -0.87
N GLY N 220 -119.21 19.89 -1.75
CA GLY N 220 -119.84 20.87 -2.61
C GLY N 220 -121.32 20.96 -2.30
N VAL N 221 -121.85 22.18 -2.35
CA VAL N 221 -123.23 22.43 -1.96
C VAL N 221 -123.80 23.12 -3.18
N ILE N 222 -125.12 23.03 -3.33
CA ILE N 222 -125.78 23.91 -4.33
C ILE N 222 -126.81 24.67 -3.49
N GLU N 223 -126.97 25.96 -3.75
CA GLU N 223 -127.78 26.82 -2.90
C GLU N 223 -129.29 26.70 -3.08
N LEU N 224 -130.01 27.18 -2.06
CA LEU N 224 -131.48 27.05 -2.06
C LEU N 224 -132.13 28.42 -2.27
N TYR N 225 -132.91 28.55 -3.36
CA TYR N 225 -133.66 29.77 -3.63
C TYR N 225 -134.78 29.93 -2.62
N VAL N 226 -134.70 30.97 -1.79
CA VAL N 226 -135.66 31.17 -0.71
C VAL N 226 -136.43 32.47 -0.95
N LYS N 227 -137.74 32.36 -1.14
CA LYS N 227 -138.62 33.51 -1.15
C LYS N 227 -139.54 33.43 0.07
N LEU N 228 -139.60 34.52 0.84
CA LEU N 228 -140.37 34.51 2.10
C LEU N 228 -141.86 34.22 1.80
N ASP N 229 -142.27 34.36 0.55
CA ASP N 229 -143.68 34.01 0.20
C ASP N 229 -143.89 32.52 0.46
N GLY N 230 -142.89 31.69 0.13
CA GLY N 230 -142.99 30.25 0.42
C GLY N 230 -142.56 29.40 -0.74
N GLN N 231 -142.07 30.03 -1.81
CA GLN N 231 -141.65 29.30 -3.00
C GLN N 231 -140.16 28.98 -2.89
N PHE N 232 -139.81 27.70 -3.01
CA PHE N 232 -138.44 27.26 -2.87
C PHE N 232 -138.09 26.34 -4.05
N GLU N 233 -136.82 26.42 -4.47
CA GLU N 233 -136.30 25.59 -5.55
C GLU N 233 -134.79 25.44 -5.40
N PHE N 234 -134.30 24.18 -5.37
CA PHE N 234 -132.87 23.94 -5.35
C PHE N 234 -132.30 24.06 -6.76
N CYS N 235 -131.71 25.21 -7.06
CA CYS N 235 -131.23 25.53 -8.41
C CYS N 235 -129.72 25.56 -8.43
N LEU N 236 -129.12 25.00 -9.49
CA LEU N 236 -127.64 24.90 -9.56
C LEU N 236 -126.97 26.06 -10.32
N LEU N 237 -127.75 26.97 -10.91
CA LEU N 237 -127.19 28.05 -11.70
C LEU N 237 -127.32 29.37 -10.95
N ARG N 238 -126.56 30.37 -11.39
CA ARG N 238 -126.51 31.67 -10.74
C ARG N 238 -127.80 32.48 -10.81
N GLY N 239 -128.74 32.04 -11.65
CA GLY N 239 -129.96 32.80 -11.89
C GLY N 239 -130.79 33.12 -10.66
N LYS N 240 -131.40 32.15 -10.06
CA LYS N 240 -132.29 32.40 -8.89
C LYS N 240 -131.96 31.41 -7.76
N GLN N 241 -130.91 31.68 -6.98
CA GLN N 241 -130.59 30.89 -5.79
C GLN N 241 -130.15 31.78 -4.63
N GLY N 242 -130.17 33.10 -4.84
CA GLY N 242 -129.61 34.01 -3.87
C GLY N 242 -130.48 34.27 -2.65
N GLY N 243 -131.78 33.96 -2.74
CA GLY N 243 -132.69 34.29 -1.67
C GLY N 243 -133.40 35.59 -1.97
N PHE N 244 -134.71 35.62 -1.82
CA PHE N 244 -135.52 36.77 -2.16
C PHE N 244 -136.58 36.97 -1.10
N GLU N 245 -137.19 38.16 -1.07
CA GLU N 245 -138.19 38.46 -0.01
C GLU N 245 -139.63 38.31 -0.53
N MET O 1 -96.69 21.44 30.31
CA MET O 1 -97.81 21.90 31.13
C MET O 1 -99.11 21.64 30.39
N PHE O 2 -100.12 21.19 31.12
CA PHE O 2 -101.35 20.72 30.49
C PHE O 2 -102.08 21.85 29.77
N ALA O 3 -102.03 23.06 30.32
CA ALA O 3 -102.73 24.19 29.70
C ALA O 3 -102.16 24.50 28.32
N LYS O 4 -100.83 24.48 28.20
CA LYS O 4 -100.20 24.76 26.91
C LYS O 4 -100.37 23.59 25.95
N ALA O 5 -100.33 22.36 26.48
CA ALA O 5 -100.41 21.19 25.61
C ALA O 5 -101.69 21.06 24.80
N THR O 6 -102.84 21.28 25.42
CA THR O 6 -104.10 21.24 24.68
C THR O 6 -104.39 22.53 23.88
N ARG O 7 -103.78 23.63 24.33
CA ARG O 7 -103.94 24.91 23.58
C ARG O 7 -103.28 24.70 22.22
N ASN O 8 -102.02 24.26 22.22
CA ASN O 8 -101.28 24.04 20.95
C ASN O 8 -102.03 23.00 20.12
N PHE O 9 -102.48 21.91 20.75
CA PHE O 9 -103.25 20.86 20.03
C PHE O 9 -104.43 21.47 19.28
N LEU O 10 -105.36 22.08 20.02
CA LEU O 10 -106.55 22.62 19.37
C LEU O 10 -106.22 23.68 18.33
N ARG O 11 -105.08 24.37 18.49
CA ARG O 11 -104.64 25.34 17.50
C ARG O 11 -104.37 24.70 16.15
N GLU O 12 -103.74 23.52 16.15
CA GLU O 12 -103.33 22.90 14.90
C GLU O 12 -104.41 22.00 14.32
N VAL O 13 -105.32 21.52 15.16
CA VAL O 13 -106.36 20.62 14.67
C VAL O 13 -107.64 21.42 14.47
N ASP O 14 -108.05 22.19 15.49
CA ASP O 14 -109.32 22.98 15.41
C ASP O 14 -109.04 24.36 14.82
N ALA O 15 -109.13 24.49 13.50
CA ALA O 15 -108.84 25.74 12.81
C ALA O 15 -109.90 26.82 13.04
N ASP O 16 -111.11 26.43 13.43
CA ASP O 16 -112.20 27.38 13.61
C ASP O 16 -112.38 27.84 15.06
N GLY O 17 -111.72 27.18 16.01
CA GLY O 17 -111.91 27.54 17.40
C GLY O 17 -113.22 27.24 18.08
N ASP O 18 -114.04 26.37 17.50
CA ASP O 18 -115.31 25.98 18.10
C ASP O 18 -115.17 25.00 19.29
N LEU O 19 -113.96 24.48 19.49
CA LEU O 19 -113.65 23.59 20.59
C LEU O 19 -112.76 24.41 21.52
N ILE O 20 -112.85 24.10 22.81
CA ILE O 20 -112.14 24.84 23.85
C ILE O 20 -111.21 23.88 24.59
N ALA O 21 -109.95 24.28 24.71
CA ALA O 21 -108.96 23.44 25.39
C ALA O 21 -109.23 23.40 26.89
N VAL O 22 -108.99 22.24 27.50
CA VAL O 22 -109.16 22.08 28.93
C VAL O 22 -108.00 22.76 29.66
N SER O 23 -108.32 23.59 30.65
CA SER O 23 -107.32 24.40 31.31
C SER O 23 -106.34 23.55 32.12
N ASN O 24 -106.85 22.65 32.97
CA ASN O 24 -106.00 21.92 33.90
C ASN O 24 -106.58 20.52 34.11
N LEU O 25 -105.83 19.68 34.82
CA LEU O 25 -106.29 18.32 35.10
C LEU O 25 -107.48 18.42 36.04
N ASN O 26 -107.55 19.49 36.84
CA ASN O 26 -108.70 19.68 37.72
C ASN O 26 -110.01 19.65 36.94
N ASP O 27 -110.05 20.46 35.85
CA ASP O 27 -111.20 20.46 34.97
C ASP O 27 -111.43 19.23 34.11
N SER O 28 -110.42 18.38 33.95
CA SER O 28 -110.52 17.20 33.11
C SER O 28 -111.44 16.11 33.68
N ASP O 29 -111.76 16.15 34.96
CA ASP O 29 -112.64 15.18 35.57
C ASP O 29 -114.02 15.74 35.84
N LYS O 30 -114.22 17.04 35.62
CA LYS O 30 -115.53 17.67 35.80
C LYS O 30 -116.33 17.77 34.50
N LEU O 31 -115.65 17.93 33.37
CA LEU O 31 -116.33 18.04 32.08
C LEU O 31 -116.87 16.69 31.62
N GLN O 32 -118.20 16.60 31.53
CA GLN O 32 -118.86 15.41 31.04
C GLN O 32 -119.90 15.79 29.99
N LEU O 33 -120.40 14.78 29.28
CA LEU O 33 -121.34 15.02 28.20
C LEU O 33 -122.61 15.59 28.81
N LEU O 34 -123.18 16.60 28.15
CA LEU O 34 -124.41 17.26 28.58
C LEU O 34 -124.48 17.75 30.03
N SER O 35 -123.34 18.21 30.55
CA SER O 35 -123.35 18.88 31.85
C SER O 35 -123.31 20.35 31.46
N LEU O 36 -123.84 21.20 32.33
CA LEU O 36 -123.93 22.63 32.02
C LEU O 36 -122.71 23.45 32.43
N VAL O 37 -122.33 24.40 31.59
CA VAL O 37 -121.20 25.28 31.84
C VAL O 37 -121.71 26.68 31.58
N THR O 38 -120.95 27.67 32.05
CA THR O 38 -121.31 29.06 31.91
C THR O 38 -120.07 29.83 31.46
N LYS O 39 -120.26 30.63 30.40
CA LYS O 39 -119.17 31.48 29.88
C LYS O 39 -119.49 32.94 30.19
N LYS O 40 -118.54 33.67 30.76
CA LYS O 40 -118.72 35.08 31.08
C LYS O 40 -118.31 35.94 29.89
N LYS O 41 -119.27 36.69 29.35
CA LYS O 41 -119.04 37.50 28.16
C LYS O 41 -118.57 38.91 28.49
N ARG O 42 -118.31 39.19 29.77
CA ARG O 42 -117.79 40.50 30.14
C ARG O 42 -116.45 40.80 29.49
N PHE O 43 -115.59 39.79 29.35
CA PHE O 43 -114.31 39.97 28.68
C PHE O 43 -114.52 40.21 27.18
N TRP O 44 -113.60 40.95 26.58
CA TRP O 44 -113.68 41.32 25.18
C TRP O 44 -113.02 40.24 24.34
N CYS O 45 -112.81 40.52 23.05
CA CYS O 45 -112.12 39.56 22.18
C CYS O 45 -110.66 39.41 22.57
N TRP O 46 -110.15 40.34 23.38
CA TRP O 46 -108.77 40.29 23.84
C TRP O 46 -108.47 39.05 24.67
N GLN O 47 -109.38 38.65 25.56
CA GLN O 47 -109.18 37.46 26.39
C GLN O 47 -110.29 36.45 26.11
N ARG O 48 -109.98 35.19 26.37
CA ARG O 48 -110.98 34.14 26.17
C ARG O 48 -112.11 34.30 27.17
N PRO O 49 -113.34 33.92 26.81
CA PRO O 49 -114.44 33.97 27.77
C PRO O 49 -114.16 33.06 28.97
N LYS O 50 -114.57 33.53 30.15
CA LYS O 50 -114.35 32.77 31.38
C LYS O 50 -115.40 31.68 31.48
N TYR O 51 -114.95 30.42 31.44
CA TYR O 51 -115.83 29.27 31.46
C TYR O 51 -115.82 28.64 32.85
N GLN O 52 -117.00 28.48 33.44
CA GLN O 52 -117.17 27.88 34.75
C GLN O 52 -118.26 26.82 34.68
N PHE O 53 -118.03 25.71 35.38
CA PHE O 53 -118.87 24.52 35.26
C PHE O 53 -119.77 24.40 36.49
N LEU O 54 -121.07 24.27 36.26
CA LEU O 54 -122.00 23.99 37.34
C LEU O 54 -121.98 22.49 37.67
N SER O 55 -122.22 22.19 38.94
CA SER O 55 -122.23 20.80 39.39
C SER O 55 -123.45 20.06 38.88
N LEU O 56 -124.48 20.81 38.48
CA LEU O 56 -125.73 20.23 38.02
C LEU O 56 -125.62 19.84 36.55
N THR O 57 -126.60 19.07 36.07
CA THR O 57 -126.66 18.67 34.68
C THR O 57 -128.01 19.09 34.11
N LEU O 58 -128.28 18.67 32.87
CA LEU O 58 -129.54 19.01 32.23
C LEU O 58 -130.72 18.42 33.00
N GLY O 59 -130.67 17.11 33.28
CA GLY O 59 -131.76 16.48 34.01
C GLY O 59 -131.93 17.05 35.40
N ASP O 60 -130.87 17.64 35.95
CA ASP O 60 -130.97 18.27 37.25
C ASP O 60 -131.74 19.58 37.20
N VAL O 61 -131.78 20.22 36.03
CA VAL O 61 -132.40 21.53 35.89
C VAL O 61 -133.65 21.51 35.01
N LEU O 62 -133.94 20.40 34.32
CA LEU O 62 -135.18 20.33 33.55
C LEU O 62 -136.39 20.38 34.48
N ILE O 63 -136.55 19.35 35.32
CA ILE O 63 -137.62 19.27 36.32
C ILE O 63 -139.00 19.21 35.67
N GLU O 64 -139.26 20.14 34.75
CA GLU O 64 -140.59 20.23 34.15
C GLU O 64 -140.96 18.99 33.34
N ASP O 65 -140.01 18.44 32.57
CA ASP O 65 -140.29 17.31 31.71
C ASP O 65 -139.14 16.32 31.78
N GLN O 66 -139.41 15.09 31.33
CA GLN O 66 -138.45 14.00 31.45
C GLN O 66 -137.20 14.06 30.57
N PHE O 67 -136.14 13.45 31.06
CA PHE O 67 -134.84 13.42 30.37
C PHE O 67 -134.64 12.66 29.06
N PRO O 68 -134.43 13.35 27.94
CA PRO O 68 -134.29 12.60 26.67
C PRO O 68 -133.00 11.82 26.53
N SER O 69 -133.11 10.52 26.28
CA SER O 69 -131.95 9.64 26.34
C SER O 69 -130.94 10.12 25.31
N PRO O 70 -129.67 10.29 25.67
CA PRO O 70 -128.68 10.72 24.66
C PRO O 70 -128.26 9.83 23.52
N VAL O 71 -127.84 10.43 22.42
CA VAL O 71 -127.34 9.69 21.27
C VAL O 71 -125.83 9.94 21.21
N VAL O 72 -125.08 9.12 21.95
CA VAL O 72 -123.63 9.28 22.03
C VAL O 72 -123.03 8.41 20.93
N VAL O 73 -122.19 9.01 20.08
CA VAL O 73 -121.52 8.31 19.00
C VAL O 73 -120.03 8.52 19.22
N GLU O 74 -119.28 7.41 19.14
CA GLU O 74 -117.81 7.47 19.39
C GLU O 74 -117.04 7.47 18.06
N SER O 75 -116.20 8.48 17.85
CA SER O 75 -115.34 8.57 16.67
C SER O 75 -113.94 8.95 17.11
N ASP O 76 -112.94 8.31 16.53
CA ASP O 76 -111.54 8.53 16.85
C ASP O 76 -110.84 9.22 15.69
N PHE O 77 -109.92 10.12 16.01
CA PHE O 77 -109.23 10.88 14.95
C PHE O 77 -108.05 11.62 15.54
N VAL O 78 -107.14 12.12 14.70
CA VAL O 78 -106.05 12.99 15.21
C VAL O 78 -105.29 12.34 16.39
N LYS O 79 -104.77 11.13 16.23
CA LYS O 79 -104.01 10.56 17.37
C LYS O 79 -102.88 11.56 17.63
N TYR O 80 -102.25 12.09 16.58
CA TYR O 80 -101.31 13.24 16.72
C TYR O 80 -100.01 13.00 17.50
N GLU O 81 -99.13 14.00 17.46
CA GLU O 81 -97.83 14.03 18.11
C GLU O 81 -97.30 15.45 17.95
N GLY O 82 -97.01 16.09 19.08
CA GLY O 82 -96.62 17.49 19.04
C GLY O 82 -95.34 17.78 19.80
N LYS O 83 -94.39 18.42 19.11
CA LYS O 83 -93.15 18.88 19.72
C LYS O 83 -93.07 20.40 19.55
N PHE O 84 -92.80 21.10 20.65
CA PHE O 84 -92.85 22.57 20.64
C PHE O 84 -91.64 23.12 21.38
N ALA O 85 -90.64 23.55 20.63
CA ALA O 85 -89.44 24.17 21.18
C ALA O 85 -89.51 25.67 20.97
N ASN O 86 -89.84 26.41 22.03
CA ASN O 86 -90.07 27.85 21.95
C ASN O 86 -88.96 28.57 22.71
N HIS O 87 -88.31 29.52 22.04
CA HIS O 87 -87.26 30.35 22.65
C HIS O 87 -87.72 31.80 22.62
N VAL O 88 -87.80 32.42 23.81
CA VAL O 88 -88.19 33.81 23.95
C VAL O 88 -87.10 34.53 24.71
N SER O 89 -86.55 35.59 24.11
CA SER O 89 -85.54 36.41 24.76
C SER O 89 -85.93 37.88 24.62
N GLY O 90 -86.05 38.56 25.75
CA GLY O 90 -86.39 39.97 25.73
C GLY O 90 -85.56 40.79 26.70
N THR O 91 -84.84 41.78 26.17
CA THR O 91 -83.96 42.62 26.96
C THR O 91 -84.51 44.04 26.94
N LEU O 92 -84.68 44.63 28.13
CA LEU O 92 -85.16 46.00 28.26
C LEU O 92 -84.04 46.80 28.91
N GLU O 93 -83.64 47.89 28.25
CA GLU O 93 -82.56 48.74 28.72
C GLU O 93 -83.10 50.17 28.77
N THR O 94 -83.15 50.73 29.97
CA THR O 94 -83.68 52.07 30.19
C THR O 94 -82.65 52.87 30.98
N ALA O 95 -82.51 54.15 30.62
CA ALA O 95 -81.57 55.06 31.27
C ALA O 95 -82.20 56.44 31.31
N LEU O 96 -82.55 56.90 32.51
CA LEU O 96 -83.15 58.22 32.71
C LEU O 96 -82.34 58.94 33.79
N GLY O 97 -81.56 59.93 33.36
CA GLY O 97 -80.85 60.78 34.30
C GLY O 97 -79.97 59.99 35.26
N LYS O 98 -80.32 60.06 36.54
CA LYS O 98 -79.52 59.40 37.58
C LYS O 98 -79.54 57.88 37.43
N VAL O 99 -80.71 57.32 37.13
CA VAL O 99 -80.92 55.88 37.16
C VAL O 99 -80.65 55.23 35.81
N LYS O 100 -79.71 54.29 35.78
CA LYS O 100 -79.53 53.38 34.65
C LYS O 100 -79.88 51.91 34.86
N LEU O 101 -80.79 51.38 34.04
CA LEU O 101 -81.36 50.06 34.23
C LEU O 101 -81.06 49.18 33.02
N ASN O 102 -80.46 48.03 33.26
CA ASN O 102 -80.20 47.02 32.24
C ASN O 102 -80.89 45.73 32.66
N LEU O 103 -81.78 45.24 31.81
CA LEU O 103 -82.55 44.02 32.10
C LEU O 103 -82.46 43.07 30.91
N GLY O 104 -82.15 41.81 31.19
CA GLY O 104 -82.11 40.80 30.16
C GLY O 104 -82.79 39.51 30.57
N GLY O 105 -83.86 39.14 29.88
CA GLY O 105 -84.60 37.94 30.23
C GLY O 105 -84.69 36.93 29.10
N SER O 106 -84.12 35.74 29.32
CA SER O 106 -84.14 34.68 28.34
C SER O 106 -84.97 33.52 28.86
N SER O 107 -85.98 33.12 28.09
CA SER O 107 -86.88 32.04 28.47
C SER O 107 -86.90 30.98 27.36
N ARG O 108 -86.64 29.74 27.72
CA ARG O 108 -86.69 28.62 26.80
C ARG O 108 -87.70 27.60 27.29
N VAL O 109 -88.65 27.25 26.41
CA VAL O 109 -89.68 26.25 26.73
C VAL O 109 -89.66 25.21 25.61
N GLU O 110 -89.47 23.96 25.99
CA GLU O 110 -89.51 22.83 25.05
C GLU O 110 -90.59 21.89 25.59
N SER O 111 -91.82 22.07 25.10
CA SER O 111 -92.97 21.31 25.57
C SER O 111 -93.33 20.27 24.52
N GLN O 112 -93.00 19.01 24.80
CA GLN O 112 -93.40 17.90 23.95
C GLN O 112 -94.77 17.39 24.39
N SER O 113 -95.68 17.30 23.42
CA SER O 113 -97.06 16.90 23.69
C SER O 113 -97.37 15.66 22.84
N SER O 114 -97.04 14.49 23.36
CA SER O 114 -97.28 13.23 22.67
C SER O 114 -98.59 12.65 23.19
N PHE O 115 -99.53 12.38 22.28
CA PHE O 115 -100.85 11.89 22.62
C PHE O 115 -101.14 10.64 21.81
N GLY O 116 -102.00 9.77 22.35
CA GLY O 116 -102.44 8.59 21.64
C GLY O 116 -103.66 8.84 20.79
N THR O 117 -104.37 7.76 20.48
CA THR O 117 -105.58 7.86 19.68
C THR O 117 -106.66 8.64 20.42
N LEU O 118 -107.00 9.82 19.93
CA LEU O 118 -108.01 10.65 20.58
C LEU O 118 -109.39 10.37 20.00
N ARG O 119 -110.36 10.21 20.90
CA ARG O 119 -111.73 9.85 20.46
C ARG O 119 -112.72 10.99 20.75
N LYS O 120 -113.69 11.15 19.86
CA LYS O 120 -114.74 12.20 20.03
C LYS O 120 -116.06 11.54 20.42
N GLN O 121 -116.75 12.11 21.38
CA GLN O 121 -118.05 11.63 21.85
C GLN O 121 -119.05 12.79 21.75
N GLU O 122 -119.79 12.82 20.65
CA GLU O 122 -120.76 13.88 20.39
C GLU O 122 -122.16 13.37 20.66
N VAL O 123 -123.00 14.25 21.23
CA VAL O 123 -124.39 13.93 21.52
C VAL O 123 -125.26 14.42 20.37
N ASP O 124 -126.35 13.70 20.11
CA ASP O 124 -127.28 14.07 19.05
C ASP O 124 -127.81 15.48 19.21
N LEU O 125 -127.50 16.36 18.25
CA LEU O 125 -127.97 17.74 18.31
C LEU O 125 -129.50 17.83 18.25
N GLN O 126 -130.13 16.94 17.49
CA GLN O 126 -131.58 16.91 17.44
C GLN O 126 -132.28 16.54 18.75
N GLN O 127 -131.72 15.62 19.53
CA GLN O 127 -132.22 15.40 20.89
C GLN O 127 -132.07 16.66 21.72
N LEU O 128 -131.02 17.44 21.45
CA LEU O 128 -130.78 18.65 22.22
C LEU O 128 -131.86 19.70 21.99
N ILE O 129 -132.39 19.76 20.76
CA ILE O 129 -133.33 20.81 20.41
C ILE O 129 -134.76 20.41 20.79
N ARG O 130 -135.05 19.11 20.78
CA ARG O 130 -136.43 18.66 20.99
C ARG O 130 -136.97 19.07 22.35
N ASP O 131 -136.23 18.77 23.41
CA ASP O 131 -136.69 19.12 24.75
C ASP O 131 -136.66 20.63 24.96
N SER O 132 -135.65 21.31 24.41
CA SER O 132 -135.49 22.75 24.62
C SER O 132 -136.65 23.55 24.04
N ALA O 133 -137.11 23.23 22.84
CA ALA O 133 -138.20 23.97 22.21
C ALA O 133 -139.51 23.86 22.97
N GLU O 134 -139.65 22.86 23.85
CA GLU O 134 -140.83 22.68 24.66
C GLU O 134 -140.57 23.20 26.07
N ARG O 135 -141.65 23.33 26.84
CA ARG O 135 -141.55 23.81 28.22
C ARG O 135 -140.98 22.68 29.08
N THR O 136 -139.65 22.59 29.08
CA THR O 136 -138.95 21.51 29.74
C THR O 136 -138.06 21.96 30.91
N ILE O 137 -137.59 23.21 30.91
CA ILE O 137 -136.69 23.72 31.94
C ILE O 137 -137.49 24.63 32.86
N ASN O 138 -137.39 24.36 34.17
CA ASN O 138 -138.10 25.19 35.14
C ASN O 138 -137.48 26.58 35.19
N LEU O 139 -138.31 27.59 35.43
CA LEU O 139 -137.83 28.96 35.40
C LEU O 139 -137.00 29.30 36.64
N ARG O 140 -137.43 28.85 37.80
CA ARG O 140 -136.79 29.20 39.07
C ARG O 140 -136.13 27.96 39.66
N ASN O 141 -134.86 28.09 40.01
CA ASN O 141 -134.08 27.06 40.67
C ASN O 141 -133.32 27.67 41.84
N PRO O 142 -133.13 26.92 42.93
CA PRO O 142 -132.31 27.45 44.03
C PRO O 142 -130.89 27.78 43.60
N VAL O 143 -130.39 27.07 42.58
CA VAL O 143 -129.02 27.37 42.05
C VAL O 143 -129.24 28.12 40.72
N LEU O 144 -128.20 28.81 40.21
CA LEU O 144 -128.24 29.52 38.89
C LEU O 144 -128.81 30.96 39.03
N GLN O 145 -129.30 31.29 40.23
CA GLN O 145 -129.75 32.70 40.45
C GLN O 145 -128.58 33.68 40.24
N GLN O 146 -127.41 33.35 40.76
CA GLN O 146 -126.21 34.21 40.62
C GLN O 146 -125.85 34.36 39.14
N VAL O 147 -126.26 33.41 38.29
CA VAL O 147 -125.99 33.51 36.87
C VAL O 147 -126.87 34.60 36.25
N LEU O 148 -128.16 34.62 36.60
CA LEU O 148 -129.05 35.66 36.10
C LEU O 148 -128.63 37.04 36.59
N GLU O 149 -128.26 37.14 37.86
CA GLU O 149 -127.71 38.37 38.41
C GLU O 149 -126.26 38.54 37.96
N GLY O 150 -126.10 39.20 36.81
CA GLY O 150 -124.85 39.12 36.09
C GLY O 150 -125.16 38.72 34.66
N ARG O 151 -126.25 39.25 34.09
CA ARG O 151 -126.70 38.82 32.73
C ARG O 151 -125.50 38.40 31.87
N ASN O 152 -124.55 39.30 31.65
CA ASN O 152 -123.30 38.95 30.97
C ASN O 152 -122.78 37.54 30.83
N GLU O 153 -122.86 36.74 31.89
CA GLU O 153 -122.54 35.32 31.83
C GLU O 153 -123.82 34.53 31.56
N VAL O 154 -123.75 33.58 30.62
CA VAL O 154 -124.90 32.82 30.19
C VAL O 154 -124.59 31.32 30.31
N LEU O 155 -125.64 30.54 30.52
CA LEU O 155 -125.50 29.10 30.69
C LEU O 155 -125.36 28.42 29.34
N CYS O 156 -124.49 27.41 29.27
CA CYS O 156 -124.27 26.62 28.07
C CYS O 156 -124.30 25.17 28.50
N VAL O 157 -124.44 24.29 27.51
CA VAL O 157 -124.48 22.82 27.78
C VAL O 157 -123.45 22.15 26.87
N LEU O 158 -122.62 21.28 27.43
CA LEU O 158 -121.60 20.58 26.66
C LEU O 158 -122.23 19.56 25.74
N THR O 159 -121.73 19.50 24.49
CA THR O 159 -122.20 18.56 23.50
C THR O 159 -121.14 17.78 22.71
N GLN O 160 -119.93 18.35 22.65
CA GLN O 160 -118.80 17.68 21.98
C GLN O 160 -117.69 17.47 23.01
N LYS O 161 -116.96 16.37 22.91
CA LYS O 161 -115.91 16.06 23.88
C LYS O 161 -114.87 15.19 23.20
N ILE O 162 -113.60 15.56 23.36
CA ILE O 162 -112.47 14.79 22.84
C ILE O 162 -111.77 14.14 24.03
N THR O 163 -111.63 12.82 23.99
CA THR O 163 -111.05 12.06 25.08
C THR O 163 -109.98 11.11 24.57
N THR O 164 -108.87 11.02 25.30
CA THR O 164 -107.77 10.13 24.95
C THR O 164 -107.99 8.73 25.51
N MET O 165 -107.36 7.75 24.86
CA MET O 165 -107.50 6.35 25.24
C MET O 165 -106.19 5.73 25.72
N GLN O 166 -105.06 6.40 25.50
CA GLN O 166 -103.77 5.86 25.85
C GLN O 166 -103.07 6.87 26.75
N LYS O 167 -102.26 6.33 27.67
CA LYS O 167 -101.49 7.20 28.58
C LYS O 167 -100.70 8.19 27.72
N CYS O 168 -100.91 9.47 27.96
CA CYS O 168 -100.25 10.52 27.19
C CYS O 168 -99.01 11.05 27.89
N VAL O 169 -98.08 11.58 27.09
CA VAL O 169 -96.80 12.07 27.58
C VAL O 169 -96.70 13.58 27.33
N ILE O 170 -96.42 14.34 28.37
CA ILE O 170 -96.19 15.77 28.27
C ILE O 170 -94.86 16.07 28.93
N SER O 171 -93.79 16.02 28.16
CA SER O 171 -92.44 16.29 28.67
C SER O 171 -92.16 17.78 28.50
N GLU O 172 -92.27 18.53 29.60
CA GLU O 172 -92.11 19.97 29.58
C GLU O 172 -90.73 20.33 30.13
N HIS O 173 -89.96 21.08 29.35
CA HIS O 173 -88.70 21.65 29.81
C HIS O 173 -88.84 23.16 29.78
N MET O 174 -88.65 23.80 30.92
CA MET O 174 -88.82 25.24 31.06
C MET O 174 -87.57 25.81 31.71
N GLN O 175 -86.70 26.41 30.90
CA GLN O 175 -85.51 27.09 31.38
C GLN O 175 -85.78 28.59 31.33
N VAL O 176 -85.67 29.26 32.47
CA VAL O 176 -85.96 30.68 32.59
C VAL O 176 -84.71 31.35 33.17
N GLU O 177 -84.14 32.29 32.42
CA GLU O 177 -83.01 33.08 32.89
C GLU O 177 -83.38 34.55 32.84
N GLU O 178 -83.30 35.23 33.98
CA GLU O 178 -83.63 36.64 34.09
C GLU O 178 -82.48 37.34 34.79
N LYS O 179 -81.93 38.37 34.14
CA LYS O 179 -80.84 39.16 34.69
C LYS O 179 -81.30 40.61 34.83
N CYS O 180 -81.21 41.14 36.04
CA CYS O 180 -81.61 42.52 36.33
C CYS O 180 -80.41 43.29 36.86
N GLY O 181 -80.15 44.45 36.28
CA GLY O 181 -79.03 45.27 36.71
C GLY O 181 -79.37 46.74 36.76
N GLY O 182 -79.12 47.37 37.91
CA GLY O 182 -79.40 48.79 38.07
C GLY O 182 -78.23 49.54 38.69
N ILE O 183 -77.76 50.54 37.94
CA ILE O 183 -76.66 51.43 38.46
C ILE O 183 -77.33 52.78 38.72
N VAL O 184 -77.20 53.28 39.95
CA VAL O 184 -77.86 54.52 40.35
C VAL O 184 -76.80 55.45 40.93
N GLY O 185 -76.71 56.66 40.37
CA GLY O 185 -75.80 57.66 40.87
C GLY O 185 -76.47 58.99 41.18
N ILE O 186 -76.41 59.41 42.46
CA ILE O 186 -77.17 60.64 42.80
C ILE O 186 -76.23 61.79 43.22
N GLN O 187 -76.31 62.92 42.51
CA GLN O 187 -75.54 64.14 42.78
C GLN O 187 -75.90 65.06 43.99
N THR O 188 -76.13 64.40 45.13
CA THR O 188 -76.62 65.10 46.31
C THR O 188 -75.79 66.21 46.93
N LYS O 189 -76.45 67.15 47.60
CA LYS O 189 -75.69 68.29 48.20
C LYS O 189 -74.71 68.01 49.33
N THR O 190 -73.40 67.98 49.07
CA THR O 190 -72.33 67.71 50.09
C THR O 190 -72.32 66.22 50.40
N VAL O 191 -72.99 65.40 49.57
CA VAL O 191 -72.98 63.92 49.78
C VAL O 191 -72.79 63.26 48.40
N GLN O 192 -71.61 62.68 48.15
CA GLN O 192 -71.50 61.96 46.88
C GLN O 192 -72.02 60.55 47.08
N VAL O 193 -72.99 60.16 46.25
CA VAL O 193 -73.70 58.90 46.41
C VAL O 193 -73.44 58.00 45.22
N SER O 194 -73.36 56.69 45.46
CA SER O 194 -73.20 55.71 44.39
C SER O 194 -73.81 54.38 44.80
N ALA O 195 -74.96 54.03 44.21
CA ALA O 195 -75.70 52.83 44.58
C ALA O 195 -75.84 51.94 43.35
N THR O 196 -75.44 50.68 43.48
CA THR O 196 -75.53 49.70 42.41
C THR O 196 -76.23 48.46 42.93
N GLU O 197 -77.21 47.98 42.16
CA GLU O 197 -77.95 46.75 42.53
C GLU O 197 -77.96 45.80 41.33
N ASP O 198 -77.47 44.57 41.51
CA ASP O 198 -77.41 43.57 40.45
C ASP O 198 -78.20 42.35 40.89
N GLY O 199 -79.17 41.92 40.08
CA GLY O 199 -79.96 40.75 40.39
C GLY O 199 -79.97 39.74 39.27
N ASN O 200 -79.39 38.57 39.52
CA ASN O 200 -79.33 37.48 38.54
C ASN O 200 -80.19 36.34 39.06
N VAL O 201 -81.17 35.94 38.27
CA VAL O 201 -82.07 34.83 38.61
C VAL O 201 -82.02 33.83 37.47
N THR O 202 -81.68 32.59 37.80
CA THR O 202 -81.67 31.50 36.84
C THR O 202 -82.55 30.38 37.40
N LYS O 203 -83.60 30.04 36.66
CA LYS O 203 -84.56 29.04 37.11
C LYS O 203 -84.72 27.98 36.04
N ASP O 204 -84.71 26.72 36.45
CA ASP O 204 -84.89 25.58 35.56
C ASP O 204 -86.00 24.70 36.11
N SER O 205 -86.87 24.21 35.22
CA SER O 205 -87.97 23.32 35.60
C SER O 205 -88.04 22.18 34.59
N ASN O 206 -87.27 21.13 34.84
CA ASN O 206 -87.30 19.93 34.00
C ASN O 206 -88.38 19.00 34.52
N VAL O 207 -89.59 19.13 33.99
CA VAL O 207 -90.72 18.35 34.47
C VAL O 207 -91.26 17.43 33.38
N VAL O 208 -91.12 16.12 33.59
CA VAL O 208 -91.72 15.13 32.70
C VAL O 208 -92.87 14.47 33.46
N LEU O 209 -94.10 14.78 33.05
CA LEU O 209 -95.29 14.27 33.71
C LEU O 209 -96.14 13.51 32.70
N GLU O 210 -96.67 12.38 33.15
CA GLU O 210 -97.52 11.56 32.26
C GLU O 210 -98.98 11.96 32.44
N ILE O 211 -99.82 11.60 31.47
CA ILE O 211 -101.24 11.90 31.50
C ILE O 211 -102.00 10.59 31.35
N PRO O 212 -102.95 10.28 32.23
CA PRO O 212 -103.67 9.01 32.13
C PRO O 212 -104.69 9.04 31.01
N ALA O 213 -105.18 7.85 30.66
CA ALA O 213 -106.24 7.74 29.69
C ALA O 213 -107.55 8.26 30.26
N ALA O 214 -108.53 8.46 29.39
CA ALA O 214 -109.89 8.91 29.66
C ALA O 214 -109.95 10.37 30.10
N THR O 215 -108.82 11.07 30.03
CA THR O 215 -108.78 12.51 30.40
C THR O 215 -109.49 13.33 29.33
N THR O 216 -110.06 14.47 29.71
CA THR O 216 -110.70 15.34 28.72
C THR O 216 -109.67 16.29 28.13
N ILE O 217 -109.61 16.32 26.79
CA ILE O 217 -108.68 17.18 26.08
C ILE O 217 -109.36 18.43 25.54
N ALA O 218 -110.54 18.28 24.95
CA ALA O 218 -111.26 19.41 24.40
C ALA O 218 -112.76 19.19 24.59
N TYR O 219 -113.51 20.28 24.57
CA TYR O 219 -114.96 20.22 24.72
C TYR O 219 -115.59 21.40 24.00
N GLY O 220 -116.70 21.12 23.32
CA GLY O 220 -117.47 22.15 22.65
C GLY O 220 -118.86 22.23 23.26
N VAL O 221 -119.37 23.46 23.37
CA VAL O 221 -120.64 23.71 24.05
C VAL O 221 -121.42 24.46 22.99
N ILE O 222 -122.75 24.39 23.11
CA ILE O 222 -123.58 25.32 22.30
C ILE O 222 -124.40 26.06 23.37
N GLU O 223 -124.58 27.35 23.21
CA GLU O 223 -125.19 28.19 24.24
C GLU O 223 -126.71 28.08 24.37
N LEU O 224 -127.19 28.52 25.54
CA LEU O 224 -128.65 28.41 25.83
C LEU O 224 -129.30 29.80 25.80
N TYR O 225 -130.27 29.99 24.91
CA TYR O 225 -131.04 31.22 24.85
C TYR O 225 -131.93 31.34 26.08
N VAL O 226 -131.66 32.34 26.93
CA VAL O 226 -132.38 32.50 28.18
C VAL O 226 -133.16 33.81 28.15
N LYS O 227 -134.48 33.72 28.23
CA LYS O 227 -135.32 34.89 28.45
C LYS O 227 -135.98 34.75 29.83
N LEU O 228 -135.86 35.81 30.64
CA LEU O 228 -136.37 35.74 32.04
C LEU O 228 -137.89 35.49 32.03
N ASP O 229 -138.54 35.69 30.89
CA ASP O 229 -140.00 35.37 30.81
C ASP O 229 -140.18 33.87 31.06
N GLY O 230 -139.29 33.04 30.49
CA GLY O 230 -139.35 31.59 30.73
C GLY O 230 -139.17 30.80 29.46
N GLN O 231 -138.91 31.48 28.34
CA GLN O 231 -138.74 30.80 27.07
C GLN O 231 -137.28 30.46 26.85
N PHE O 232 -136.98 29.18 26.61
CA PHE O 232 -135.61 28.72 26.44
C PHE O 232 -135.53 27.86 25.19
N GLU O 233 -134.37 27.94 24.52
CA GLU O 233 -134.08 27.16 23.32
C GLU O 233 -132.58 26.99 23.15
N PHE O 234 -132.14 25.73 23.03
CA PHE O 234 -130.73 25.47 22.75
C PHE O 234 -130.45 25.66 21.26
N CYS O 235 -129.91 26.81 20.89
CA CYS O 235 -129.72 27.19 19.50
C CYS O 235 -128.22 27.20 19.17
N LEU O 236 -127.87 26.70 17.98
CA LEU O 236 -126.43 26.58 17.61
C LEU O 236 -125.91 27.77 16.79
N LEU O 237 -126.78 28.72 16.41
CA LEU O 237 -126.36 29.83 15.57
C LEU O 237 -126.31 31.11 16.39
N ARG O 238 -125.64 32.13 15.85
CA ARG O 238 -125.44 33.40 16.54
C ARG O 238 -126.70 34.22 16.76
N GLY O 239 -127.80 33.83 16.11
CA GLY O 239 -129.02 34.61 16.16
C GLY O 239 -129.58 34.88 17.54
N LYS O 240 -130.09 33.88 18.21
CA LYS O 240 -130.71 34.08 19.55
C LYS O 240 -130.18 33.04 20.55
N GLN O 241 -128.99 33.26 21.11
CA GLN O 241 -128.45 32.41 22.17
C GLN O 241 -127.77 33.25 23.25
N GLY O 242 -127.81 34.57 23.11
CA GLY O 242 -127.04 35.43 24.00
C GLY O 242 -127.65 35.64 25.37
N GLY O 243 -128.93 35.34 25.54
CA GLY O 243 -129.61 35.63 26.78
C GLY O 243 -130.33 36.95 26.69
N PHE O 244 -131.59 36.98 27.11
CA PHE O 244 -132.44 38.16 26.99
C PHE O 244 -133.25 38.32 28.25
N GLU O 245 -133.81 39.51 28.45
CA GLU O 245 -134.58 39.77 29.71
C GLU O 245 -136.10 39.66 29.48
N MET P 1 -88.15 20.90 50.20
CA MET P 1 -89.08 21.34 51.25
C MET P 1 -90.52 21.12 50.77
N PHE P 2 -91.37 20.65 51.68
CA PHE P 2 -92.71 20.23 51.28
C PHE P 2 -93.54 21.39 50.77
N ALA P 3 -93.36 22.57 51.36
CA ALA P 3 -94.14 23.74 50.95
C ALA P 3 -93.86 24.11 49.49
N LYS P 4 -92.58 24.08 49.11
CA LYS P 4 -92.23 24.42 47.74
C LYS P 4 -92.61 23.29 46.78
N ALA P 5 -92.48 22.04 47.22
CA ALA P 5 -92.76 20.91 46.35
C ALA P 5 -94.17 20.84 45.80
N THR P 6 -95.18 21.04 46.65
CA THR P 6 -96.56 21.05 46.17
C THR P 6 -96.97 22.37 45.52
N ARG P 7 -96.28 23.45 45.89
CA ARG P 7 -96.56 24.77 45.24
C ARG P 7 -96.19 24.62 43.76
N ASN P 8 -94.96 24.16 43.49
CA ASN P 8 -94.49 23.99 42.09
C ASN P 8 -95.42 23.00 41.38
N PHE P 9 -95.75 21.89 42.04
CA PHE P 9 -96.66 20.89 41.44
C PHE P 9 -97.97 21.54 40.97
N LEU P 10 -98.72 22.13 41.91
CA LEU P 10 -100.01 22.71 41.54
C LEU P 10 -99.86 23.81 40.51
N ARG P 11 -98.70 24.48 40.47
CA ARG P 11 -98.46 25.49 39.45
C ARG P 11 -98.47 24.92 38.04
N GLU P 12 -97.88 23.73 37.87
CA GLU P 12 -97.74 23.17 36.52
C GLU P 12 -98.93 22.30 36.14
N VAL P 13 -99.67 21.80 37.13
CA VAL P 13 -100.80 20.93 36.82
C VAL P 13 -102.09 21.75 36.91
N ASP P 14 -102.25 22.48 38.03
CA ASP P 14 -103.50 23.28 38.24
C ASP P 14 -103.32 24.69 37.68
N ALA P 15 -103.67 24.88 36.40
CA ALA P 15 -103.50 26.16 35.73
C ALA P 15 -104.48 27.24 36.22
N ASP P 16 -105.60 26.84 36.82
CA ASP P 16 -106.60 27.79 37.26
C ASP P 16 -106.48 28.18 38.73
N GLY P 17 -105.65 27.47 39.51
CA GLY P 17 -105.54 27.76 40.92
C GLY P 17 -106.70 27.45 41.84
N ASP P 18 -107.64 26.61 41.40
CA ASP P 18 -108.76 26.20 42.23
C ASP P 18 -108.41 25.17 43.32
N LEU P 19 -107.20 24.62 43.23
CA LEU P 19 -106.68 23.68 44.22
C LEU P 19 -105.62 24.45 44.99
N ILE P 20 -105.44 24.08 46.25
CA ILE P 20 -104.53 24.77 47.16
C ILE P 20 -103.50 23.76 47.64
N ALA P 21 -102.21 24.13 47.53
CA ALA P 21 -101.14 23.26 47.96
C ALA P 21 -101.09 23.15 49.47
N VAL P 22 -100.75 21.95 49.97
CA VAL P 22 -100.64 21.73 51.40
C VAL P 22 -99.34 22.36 51.90
N SER P 23 -99.45 23.14 52.97
CA SER P 23 -98.31 23.91 53.46
C SER P 23 -97.20 23.02 54.02
N ASN P 24 -97.55 22.08 54.90
CA ASN P 24 -96.54 21.29 55.61
C ASN P 24 -97.11 19.90 55.87
N LEU P 25 -96.24 19.02 56.38
CA LEU P 25 -96.66 17.65 56.67
C LEU P 25 -97.62 17.71 57.85
N ASN P 26 -97.52 18.75 58.70
CA ASN P 26 -98.46 18.90 59.80
C ASN P 26 -99.91 18.92 59.30
N ASP P 27 -100.14 19.79 58.28
CA ASP P 27 -101.45 19.84 57.65
C ASP P 27 -101.87 18.66 56.79
N SER P 28 -100.94 17.80 56.40
CA SER P 28 -101.23 16.66 55.55
C SER P 28 -102.03 15.56 56.23
N ASP P 29 -102.08 15.55 57.56
CA ASP P 29 -102.85 14.55 58.29
C ASP P 29 -104.13 15.12 58.86
N LYS P 30 -104.35 16.42 58.74
CA LYS P 30 -105.58 17.06 59.20
C LYS P 30 -106.61 17.22 58.10
N LEU P 31 -106.18 17.43 56.86
CA LEU P 31 -107.11 17.61 55.76
C LEU P 31 -107.76 16.29 55.35
N GLN P 32 -109.08 16.22 55.52
CA GLN P 32 -109.84 15.06 55.13
C GLN P 32 -111.06 15.50 54.32
N LEU P 33 -111.71 14.53 53.69
CA LEU P 33 -112.85 14.84 52.83
C LEU P 33 -113.97 15.39 53.71
N LEU P 34 -114.63 16.43 53.22
CA LEU P 34 -115.74 17.08 53.93
C LEU P 34 -115.51 17.50 55.38
N SER P 35 -114.28 17.92 55.68
CA SER P 35 -114.01 18.53 56.98
C SER P 35 -114.02 20.01 56.66
N LEU P 36 -114.34 20.84 57.65
CA LEU P 36 -114.47 22.27 57.43
C LEU P 36 -113.17 23.06 57.63
N VAL P 37 -112.96 24.05 56.77
CA VAL P 37 -111.78 24.90 56.83
C VAL P 37 -112.30 26.32 56.74
N THR P 38 -111.45 27.28 57.09
CA THR P 38 -111.81 28.68 57.09
C THR P 38 -110.67 29.46 56.44
N LYS P 39 -111.05 30.30 55.48
CA LYS P 39 -110.06 31.17 54.79
C LYS P 39 -110.30 32.62 55.21
N LYS P 40 -109.23 33.31 55.61
CA LYS P 40 -109.32 34.71 56.03
C LYS P 40 -109.14 35.62 54.82
N LYS P 41 -110.17 36.40 54.52
CA LYS P 41 -110.18 37.26 53.34
C LYS P 41 -109.62 38.65 53.63
N ARG P 42 -109.10 38.87 54.84
CA ARG P 42 -108.48 40.16 55.17
C ARG P 42 -107.30 40.47 54.27
N PHE P 43 -106.51 39.46 53.90
CA PHE P 43 -105.39 39.66 53.00
C PHE P 43 -105.89 39.97 51.60
N TRP P 44 -105.09 40.73 50.86
CA TRP P 44 -105.46 41.17 49.52
C TRP P 44 -104.99 40.13 48.51
N CYS P 45 -105.04 40.47 47.22
CA CYS P 45 -104.57 39.54 46.19
C CYS P 45 -103.05 39.36 46.27
N TRP P 46 -102.38 40.25 47.00
CA TRP P 46 -100.93 40.16 47.16
C TRP P 46 -100.50 38.88 47.86
N GLN P 47 -101.21 38.45 48.90
CA GLN P 47 -100.88 37.22 49.61
C GLN P 47 -102.03 36.23 49.51
N ARG P 48 -101.72 34.95 49.65
CA ARG P 48 -102.74 33.92 49.61
C ARG P 48 -103.65 34.05 50.83
N PRO P 49 -104.93 33.70 50.70
CA PRO P 49 -105.81 33.71 51.88
C PRO P 49 -105.31 32.75 52.95
N LYS P 50 -105.47 33.16 54.21
CA LYS P 50 -105.02 32.34 55.33
C LYS P 50 -106.05 31.25 55.59
N TYR P 51 -105.64 29.99 55.40
CA TYR P 51 -106.53 28.85 55.56
C TYR P 51 -106.24 28.16 56.88
N GLN P 52 -107.28 27.99 57.69
CA GLN P 52 -107.19 27.32 58.98
C GLN P 52 -108.30 26.27 59.08
N PHE P 53 -107.96 25.14 59.67
CA PHE P 53 -108.83 23.96 59.67
C PHE P 53 -109.46 23.79 61.04
N LEU P 54 -110.78 23.68 61.08
CA LEU P 54 -111.47 23.35 62.31
C LEU P 54 -111.42 21.86 62.57
N SER P 55 -111.41 21.48 63.84
CA SER P 55 -111.35 20.07 64.21
C SER P 55 -112.67 19.37 63.94
N LEU P 56 -113.74 20.15 63.79
CA LEU P 56 -115.07 19.60 63.57
C LEU P 56 -115.27 19.29 62.08
N THR P 57 -116.34 18.55 61.78
CA THR P 57 -116.69 18.22 60.41
C THR P 57 -118.11 18.68 60.14
N LEU P 58 -118.63 18.32 58.96
CA LEU P 58 -119.99 18.70 58.62
C LEU P 58 -121.00 18.09 59.58
N GLY P 59 -120.93 16.77 59.78
CA GLY P 59 -121.85 16.11 60.68
C GLY P 59 -121.73 16.62 62.11
N ASP P 60 -120.57 17.17 62.46
CA ASP P 60 -120.40 17.74 63.79
C ASP P 60 -121.14 19.05 63.95
N VAL P 61 -121.39 19.75 62.84
CA VAL P 61 -122.01 21.07 62.89
C VAL P 61 -123.40 21.10 62.28
N LEU P 62 -123.85 20.04 61.62
CA LEU P 62 -125.22 20.01 61.12
C LEU P 62 -126.22 20.03 62.26
N ILE P 63 -126.22 18.96 63.07
CA ILE P 63 -127.07 18.84 64.26
C ILE P 63 -128.55 18.83 63.90
N GLU P 64 -128.98 19.81 63.09
CA GLU P 64 -130.40 19.94 62.78
C GLU P 64 -130.95 18.75 62.01
N ASP P 65 -130.19 18.23 61.04
CA ASP P 65 -130.65 17.14 60.20
C ASP P 65 -129.53 16.13 59.99
N GLN P 66 -129.91 14.93 59.55
CA GLN P 66 -128.97 13.83 59.42
C GLN P 66 -127.92 13.92 58.33
N PHE P 67 -126.79 13.27 58.55
CA PHE P 67 -125.67 13.26 57.61
C PHE P 67 -125.75 12.58 56.26
N PRO P 68 -125.75 13.31 55.14
CA PRO P 68 -125.89 12.62 53.84
C PRO P 68 -124.67 11.83 53.40
N SER P 69 -124.85 10.55 53.12
CA SER P 69 -123.72 9.65 52.91
C SER P 69 -122.93 10.18 51.72
N PRO P 70 -121.61 10.31 51.83
CA PRO P 70 -120.84 10.78 50.66
C PRO P 70 -120.68 9.94 49.42
N VAL P 71 -120.48 10.59 48.28
CA VAL P 71 -120.22 9.91 47.02
C VAL P 71 -118.75 10.14 46.67
N VAL P 72 -117.89 9.28 47.20
CA VAL P 72 -116.45 9.41 47.00
C VAL P 72 -116.10 8.60 45.75
N VAL P 73 -115.43 9.23 44.79
CA VAL P 73 -115.01 8.58 43.56
C VAL P 73 -113.51 8.77 43.48
N GLU P 74 -112.80 7.65 43.21
CA GLU P 74 -111.32 7.69 43.15
C GLU P 74 -110.83 7.74 41.70
N SER P 75 -110.03 8.75 41.37
CA SER P 75 -109.44 8.89 40.05
C SER P 75 -107.96 9.23 40.21
N ASP P 76 -107.11 8.61 39.40
CA ASP P 76 -105.68 8.80 39.46
C ASP P 76 -105.21 9.54 38.20
N PHE P 77 -104.22 10.41 38.38
CA PHE P 77 -103.74 11.22 37.24
C PHE P 77 -102.46 11.92 37.60
N VAL P 78 -101.73 12.45 36.62
CA VAL P 78 -100.54 13.29 36.94
C VAL P 78 -99.57 12.57 37.92
N LYS P 79 -99.12 11.36 37.59
CA LYS P 79 -98.16 10.73 38.53
C LYS P 79 -96.98 11.71 38.60
N TYR P 80 -96.56 12.28 37.46
CA TYR P 80 -95.58 13.41 37.46
C TYR P 80 -94.17 13.12 37.95
N GLU P 81 -93.29 14.12 37.78
CA GLU P 81 -91.89 14.10 38.15
C GLU P 81 -91.36 15.52 37.97
N GLY P 82 -90.84 16.10 39.04
CA GLY P 82 -90.44 17.50 38.98
C GLY P 82 -89.03 17.74 39.47
N LYS P 83 -88.23 18.40 38.65
CA LYS P 83 -86.88 18.84 39.01
C LYS P 83 -86.81 20.34 38.89
N PHE P 84 -86.31 20.99 39.95
CA PHE P 84 -86.33 22.45 40.01
C PHE P 84 -84.99 22.96 40.51
N ALA P 85 -84.15 23.42 39.59
CA ALA P 85 -82.85 24.00 39.92
C ALA P 85 -82.94 25.51 39.80
N ASN P 86 -83.03 26.20 40.93
CA ASN P 86 -83.24 27.64 40.97
C ASN P 86 -81.99 28.32 41.52
N HIS P 87 -81.47 29.29 40.78
CA HIS P 87 -80.31 30.08 41.19
C HIS P 87 -80.73 31.53 41.34
N VAL P 88 -80.56 32.09 42.53
CA VAL P 88 -80.89 33.48 42.81
C VAL P 88 -79.65 34.15 43.37
N SER P 89 -79.21 35.23 42.72
CA SER P 89 -78.07 36.01 43.18
C SER P 89 -78.45 37.49 43.20
N GLY P 90 -78.33 38.12 44.36
CA GLY P 90 -78.64 39.53 44.48
C GLY P 90 -77.61 40.29 45.28
N THR P 91 -77.00 41.30 44.67
CA THR P 91 -75.96 42.10 45.31
C THR P 91 -76.48 43.51 45.46
N LEU P 92 -76.39 44.05 46.68
CA LEU P 92 -76.81 45.41 46.97
C LEU P 92 -75.56 46.18 47.40
N GLU P 93 -75.29 47.29 46.73
CA GLU P 93 -74.12 48.11 47.02
C GLU P 93 -74.61 49.54 47.24
N THR P 94 -74.41 50.04 48.46
CA THR P 94 -74.85 51.37 48.83
C THR P 94 -73.68 52.12 49.44
N ALA P 95 -73.58 53.41 49.10
CA ALA P 95 -72.50 54.28 49.60
C ALA P 95 -73.10 55.67 49.82
N LEU P 96 -73.19 56.07 51.09
CA LEU P 96 -73.70 57.39 51.47
C LEU P 96 -72.68 58.05 52.38
N GLY P 97 -71.99 59.05 51.86
CA GLY P 97 -71.07 59.84 52.68
C GLY P 97 -70.05 59.00 53.40
N LYS P 98 -70.12 59.01 54.73
CA LYS P 98 -69.14 58.30 55.54
C LYS P 98 -69.23 56.79 55.34
N VAL P 99 -70.44 56.25 55.26
CA VAL P 99 -70.67 54.81 55.27
C VAL P 99 -70.70 54.23 53.86
N LYS P 100 -69.80 53.28 53.59
CA LYS P 100 -69.86 52.42 52.41
C LYS P 100 -70.20 50.95 52.62
N LEU P 101 -71.25 50.47 51.98
CA LEU P 101 -71.81 49.14 52.23
C LEU P 101 -71.77 48.32 50.95
N ASN P 102 -71.15 47.15 51.01
CA ASN P 102 -71.13 46.20 49.90
C ASN P 102 -71.74 44.89 50.40
N LEU P 103 -72.80 44.45 49.73
CA LEU P 103 -73.52 43.23 50.10
C LEU P 103 -73.68 42.34 48.89
N GLY P 104 -73.36 41.06 49.04
CA GLY P 104 -73.54 40.10 47.97
C GLY P 104 -74.15 38.79 48.46
N GLY P 105 -75.35 38.47 47.98
CA GLY P 105 -76.02 37.27 48.42
C GLY P 105 -76.35 36.32 47.29
N SER P 106 -75.77 35.12 47.34
CA SER P 106 -76.01 34.09 46.32
C SER P 106 -76.74 32.92 46.96
N SER P 107 -77.89 32.57 46.39
CA SER P 107 -78.72 31.48 46.88
C SER P 107 -78.99 30.48 45.76
N ARG P 108 -78.68 29.21 46.01
CA ARG P 108 -78.94 28.15 45.06
C ARG P 108 -79.86 27.12 45.69
N VAL P 109 -80.96 26.81 45.02
CA VAL P 109 -81.91 25.82 45.48
C VAL P 109 -82.16 24.83 44.35
N GLU P 110 -81.92 23.55 44.62
CA GLU P 110 -82.17 22.47 43.67
C GLU P 110 -83.14 21.52 44.36
N SER P 111 -84.43 21.75 44.14
CA SER P 111 -85.48 20.97 44.80
C SER P 111 -86.06 19.98 43.80
N GLN P 112 -85.71 18.71 43.96
CA GLN P 112 -86.29 17.64 43.15
C GLN P 112 -87.55 17.13 43.82
N SER P 113 -88.64 17.09 43.07
CA SER P 113 -89.95 16.69 43.60
C SER P 113 -90.45 15.50 42.76
N SER P 114 -90.04 14.30 43.16
CA SER P 114 -90.44 13.08 42.47
C SER P 114 -91.63 12.49 43.21
N PHE P 115 -92.73 12.27 42.50
CA PHE P 115 -93.96 11.78 43.08
C PHE P 115 -94.44 10.56 42.30
N GLY P 116 -95.20 9.69 42.96
CA GLY P 116 -95.79 8.54 42.29
C GLY P 116 -97.15 8.84 41.71
N THR P 117 -97.93 7.79 41.51
CA THR P 117 -99.28 7.94 40.98
C THR P 117 -100.18 8.69 41.97
N LEU P 118 -100.58 9.90 41.61
CA LEU P 118 -101.42 10.70 42.49
C LEU P 118 -102.90 10.47 42.18
N ARG P 119 -103.66 10.28 43.25
CA ARG P 119 -105.10 9.95 43.08
C ARG P 119 -105.98 11.08 43.62
N LYS P 120 -107.12 11.29 42.95
CA LYS P 120 -108.08 12.34 43.38
C LYS P 120 -109.32 11.68 43.98
N GLN P 121 -109.79 12.21 45.09
CA GLN P 121 -110.97 11.72 45.81
C GLN P 121 -111.95 12.90 45.95
N GLU P 122 -112.90 12.99 45.03
CA GLU P 122 -113.88 14.07 45.03
C GLU P 122 -115.22 13.56 45.55
N VAL P 123 -115.89 14.41 46.31
CA VAL P 123 -117.21 14.10 46.87
C VAL P 123 -118.28 14.65 45.94
N ASP P 124 -119.41 13.95 45.86
CA ASP P 124 -120.53 14.39 45.03
C ASP P 124 -121.00 15.79 45.37
N LEU P 125 -120.87 16.71 44.40
CA LEU P 125 -121.29 18.09 44.62
C LEU P 125 -122.79 18.20 44.88
N GLN P 126 -123.58 17.36 44.21
CA GLN P 126 -125.02 17.34 44.47
C GLN P 126 -125.45 16.91 45.87
N GLN P 127 -124.75 15.95 46.48
CA GLN P 127 -124.97 15.67 47.90
C GLN P 127 -124.64 16.89 48.74
N LEU P 128 -123.64 17.67 48.30
CA LEU P 128 -123.22 18.84 49.05
C LEU P 128 -124.32 19.91 49.09
N ILE P 129 -125.07 20.04 48.00
CA ILE P 129 -126.05 21.11 47.90
C ILE P 129 -127.38 20.70 48.54
N ARG P 130 -127.69 19.41 48.54
CA ARG P 130 -129.02 18.96 48.99
C ARG P 130 -129.26 19.31 50.45
N ASP P 131 -128.33 18.95 51.33
CA ASP P 131 -128.49 19.26 52.75
C ASP P 131 -128.40 20.75 53.01
N SER P 132 -127.50 21.43 52.31
CA SER P 132 -127.29 22.86 52.54
C SER P 132 -128.52 23.70 52.25
N ALA P 133 -129.22 23.45 51.14
CA ALA P 133 -130.39 24.23 50.79
C ALA P 133 -131.52 24.09 51.79
N GLU P 134 -131.51 23.05 52.63
CA GLU P 134 -132.50 22.84 53.67
C GLU P 134 -131.95 23.30 55.01
N ARG P 135 -132.84 23.40 55.99
CA ARG P 135 -132.47 23.81 57.35
C ARG P 135 -131.77 22.64 58.02
N THR P 136 -130.46 22.53 57.75
CA THR P 136 -129.65 21.41 58.20
C THR P 136 -128.56 21.80 59.18
N ILE P 137 -128.06 23.04 59.14
CA ILE P 137 -126.96 23.49 59.99
C ILE P 137 -127.53 24.36 61.09
N ASN P 138 -127.20 24.03 62.34
CA ASN P 138 -127.67 24.82 63.47
C ASN P 138 -127.01 26.20 63.46
N LEU P 139 -127.76 27.20 63.91
CA LEU P 139 -127.27 28.57 63.85
C LEU P 139 -126.20 28.84 64.89
N ARG P 140 -126.40 28.34 66.11
CA ARG P 140 -125.51 28.62 67.23
C ARG P 140 -124.77 27.35 67.62
N ASN P 141 -123.44 27.45 67.71
CA ASN P 141 -122.58 26.38 68.15
C ASN P 141 -121.59 26.92 69.17
N PRO P 142 -121.20 26.12 70.16
CA PRO P 142 -120.15 26.59 71.09
C PRO P 142 -118.84 26.93 70.41
N VAL P 143 -118.58 26.26 69.27
CA VAL P 143 -117.35 26.58 68.49
C VAL P 143 -117.80 27.39 67.26
N LEU P 144 -116.89 28.09 66.59
CA LEU P 144 -117.17 28.86 65.34
C LEU P 144 -117.67 30.30 65.66
N GLN P 145 -117.89 30.59 66.94
CA GLN P 145 -118.26 31.97 67.32
C GLN P 145 -117.16 32.97 66.92
N GLN P 146 -115.90 32.59 67.17
CA GLN P 146 -114.74 33.45 66.84
C GLN P 146 -114.68 33.67 65.31
N VAL P 147 -115.27 32.76 64.53
CA VAL P 147 -115.31 32.93 63.08
C VAL P 147 -116.27 34.05 62.70
N LEU P 148 -117.45 34.07 63.32
CA LEU P 148 -118.41 35.14 63.05
C LEU P 148 -117.87 36.49 63.51
N GLU P 149 -117.24 36.53 64.68
CA GLU P 149 -116.57 37.73 65.18
C GLU P 149 -115.25 37.91 64.44
N GLY P 150 -115.32 38.62 63.31
CA GLY P 150 -114.23 38.56 62.35
C GLY P 150 -114.82 38.22 61.00
N ARG P 151 -116.00 38.79 60.69
CA ARG P 151 -116.72 38.44 59.43
C ARG P 151 -115.73 38.04 58.32
N ASN P 152 -114.83 38.95 57.96
CA ASN P 152 -113.75 38.63 57.02
C ASN P 152 -113.28 37.21 56.70
N GLU P 153 -113.18 36.36 57.73
CA GLU P 153 -112.90 34.95 57.54
C GLU P 153 -114.22 34.18 57.50
N VAL P 154 -114.36 33.28 56.53
CA VAL P 154 -115.60 32.55 56.30
C VAL P 154 -115.29 31.05 56.29
N LEU P 155 -116.30 30.27 56.67
CA LEU P 155 -116.15 28.82 56.75
C LEU P 155 -116.30 28.20 55.36
N CYS P 156 -115.49 27.19 55.08
CA CYS P 156 -115.53 26.46 53.82
C CYS P 156 -115.49 24.97 54.19
N VAL P 157 -115.85 24.15 53.20
CA VAL P 157 -115.86 22.68 53.41
C VAL P 157 -115.05 22.04 52.28
N LEU P 158 -114.13 21.14 52.62
CA LEU P 158 -113.31 20.46 51.63
C LEU P 158 -114.13 19.49 50.80
N THR P 159 -113.90 19.49 49.49
CA THR P 159 -114.58 18.60 48.57
C THR P 159 -113.71 17.85 47.55
N GLN P 160 -112.52 18.41 47.27
CA GLN P 160 -111.57 17.77 46.34
C GLN P 160 -110.29 17.49 47.13
N LYS P 161 -109.59 16.39 46.83
CA LYS P 161 -108.38 16.02 47.55
C LYS P 161 -107.52 15.18 46.64
N ILE P 162 -106.23 15.53 46.56
CA ILE P 162 -105.25 14.77 45.78
C ILE P 162 -104.33 14.06 46.77
N THR P 163 -104.23 12.74 46.64
CA THR P 163 -103.47 11.92 47.56
C THR P 163 -102.53 10.99 46.79
N THR P 164 -101.30 10.86 47.29
CA THR P 164 -100.32 9.98 46.69
C THR P 164 -100.44 8.55 47.20
N MET P 165 -99.98 7.59 46.41
CA MET P 165 -100.06 6.18 46.75
C MET P 165 -98.70 5.52 46.91
N GLN P 166 -97.62 6.19 46.51
CA GLN P 166 -96.29 5.62 46.56
C GLN P 166 -95.41 6.58 47.34
N LYS P 167 -94.45 5.99 48.06
CA LYS P 167 -93.49 6.81 48.83
C LYS P 167 -92.86 7.83 47.88
N CYS P 168 -92.99 9.11 48.21
CA CYS P 168 -92.49 10.18 47.36
C CYS P 168 -91.13 10.67 47.83
N VAL P 169 -90.37 11.23 46.88
CA VAL P 169 -89.00 11.68 47.12
C VAL P 169 -88.93 13.19 46.92
N ILE P 170 -88.43 13.90 47.93
CA ILE P 170 -88.20 15.33 47.84
C ILE P 170 -86.75 15.59 48.23
N SER P 171 -85.85 15.57 47.26
CA SER P 171 -84.43 15.79 47.49
C SER P 171 -84.16 17.28 47.35
N GLU P 172 -84.02 17.98 48.47
CA GLU P 172 -83.84 19.42 48.49
C GLU P 172 -82.39 19.74 48.76
N HIS P 173 -81.77 20.53 47.88
CA HIS P 173 -80.43 21.05 48.10
C HIS P 173 -80.54 22.57 48.16
N MET P 174 -80.12 23.15 49.28
CA MET P 174 -80.24 24.59 49.50
C MET P 174 -78.86 25.11 49.92
N GLN P 175 -78.16 25.74 48.97
CA GLN P 175 -76.89 26.39 49.24
C GLN P 175 -77.13 27.89 49.30
N VAL P 176 -76.78 28.49 50.44
CA VAL P 176 -77.01 29.91 50.68
C VAL P 176 -75.67 30.54 51.02
N GLU P 177 -75.24 31.51 50.22
CA GLU P 177 -74.02 32.26 50.48
C GLU P 177 -74.36 33.75 50.57
N GLU P 178 -74.03 34.36 51.70
CA GLU P 178 -74.31 35.77 51.94
C GLU P 178 -73.03 36.42 52.42
N LYS P 179 -72.61 37.48 51.72
CA LYS P 179 -71.41 38.24 52.09
C LYS P 179 -71.81 39.68 52.37
N CYS P 180 -71.47 40.15 53.56
CA CYS P 180 -71.77 41.52 53.99
C CYS P 180 -70.47 42.24 54.30
N GLY P 181 -70.31 43.43 53.72
CA GLY P 181 -69.12 44.22 53.96
C GLY P 181 -69.41 45.69 54.15
N GLY P 182 -68.92 46.27 55.26
CA GLY P 182 -69.13 47.67 55.53
C GLY P 182 -67.86 48.38 55.93
N ILE P 183 -67.52 49.41 55.15
CA ILE P 183 -66.33 50.26 55.47
C ILE P 183 -66.90 51.61 55.93
N VAL P 184 -66.51 52.05 57.12
CA VAL P 184 -67.05 53.28 57.71
C VAL P 184 -65.88 54.16 58.10
N GLY P 185 -65.88 55.39 57.59
CA GLY P 185 -64.87 56.38 57.94
C GLY P 185 -65.45 57.68 58.45
N ILE P 186 -65.11 58.04 59.69
CA ILE P 186 -65.77 59.26 60.24
C ILE P 186 -64.74 60.38 60.51
N GLN P 187 -64.94 61.55 59.89
CA GLN P 187 -64.10 62.74 60.05
C GLN P 187 -64.20 63.60 61.35
N THR P 188 -64.21 62.89 62.47
CA THR P 188 -64.43 63.54 63.76
C THR P 188 -63.46 64.62 64.25
N LYS P 189 -63.96 65.52 65.09
CA LYS P 189 -63.07 66.63 65.56
C LYS P 189 -61.90 66.28 66.47
N THR P 190 -60.67 66.26 65.94
CA THR P 190 -59.43 65.92 66.71
C THR P 190 -59.37 64.42 66.94
N VAL P 191 -60.21 63.65 66.23
CA VAL P 191 -60.20 62.16 66.36
C VAL P 191 -60.30 61.56 64.96
N GLN P 192 -59.21 60.98 64.44
CA GLN P 192 -59.36 60.32 63.15
C GLN P 192 -59.87 58.92 63.38
N VAL P 193 -61.00 58.57 62.75
CA VAL P 193 -61.68 57.31 63.00
C VAL P 193 -61.67 56.47 61.73
N SER P 194 -61.57 55.15 61.89
CA SER P 194 -61.65 54.22 60.76
C SER P 194 -62.20 52.88 61.24
N ALA P 195 -63.44 52.56 60.87
CA ALA P 195 -64.13 51.36 61.32
C ALA P 195 -64.53 50.53 60.11
N THR P 196 -64.13 49.26 60.10
CA THR P 196 -64.45 48.33 59.03
C THR P 196 -65.05 47.07 59.63
N GLU P 197 -66.19 46.65 59.05
CA GLU P 197 -66.85 45.41 59.51
C GLU P 197 -67.13 44.52 58.28
N ASP P 198 -66.64 43.28 58.31
CA ASP P 198 -66.82 42.33 57.22
C ASP P 198 -67.51 41.09 57.76
N GLY P 199 -68.63 40.72 57.13
CA GLY P 199 -69.37 39.54 57.55
C GLY P 199 -69.62 38.58 56.41
N ASN P 200 -69.03 37.39 56.48
CA ASN P 200 -69.18 36.36 55.46
C ASN P 200 -69.95 35.19 56.09
N VAL P 201 -71.08 34.85 55.49
CA VAL P 201 -71.91 33.75 55.97
C VAL P 201 -72.11 32.78 54.80
N THR P 202 -71.74 31.53 54.99
CA THR P 202 -71.94 30.48 54.00
C THR P 202 -72.71 29.35 54.67
N LYS P 203 -73.89 29.05 54.15
CA LYS P 203 -74.77 28.04 54.74
C LYS P 203 -75.16 27.04 53.67
N ASP P 204 -75.09 25.76 54.02
CA ASP P 204 -75.47 24.66 53.13
C ASP P 204 -76.46 23.77 53.86
N SER P 205 -77.50 23.33 53.14
CA SER P 205 -78.52 22.43 53.69
C SER P 205 -78.81 21.35 52.66
N ASN P 206 -78.04 20.28 52.71
CA ASN P 206 -78.25 19.12 51.84
C ASN P 206 -79.22 18.18 52.53
N VAL P 207 -80.51 18.35 52.25
CA VAL P 207 -81.54 17.55 52.92
C VAL P 207 -82.31 16.69 51.92
N VAL P 208 -82.16 15.38 52.03
CA VAL P 208 -82.94 14.43 51.24
C VAL P 208 -83.93 13.75 52.18
N LEU P 209 -85.20 14.10 52.05
CA LEU P 209 -86.24 13.56 52.92
C LEU P 209 -87.29 12.86 52.06
N GLU P 210 -87.75 11.72 52.56
CA GLU P 210 -88.77 10.95 51.82
C GLU P 210 -90.17 11.36 52.31
N ILE P 211 -91.18 11.05 51.52
CA ILE P 211 -92.57 11.36 51.84
C ILE P 211 -93.36 10.06 51.79
N PRO P 212 -94.13 9.73 52.83
CA PRO P 212 -94.87 8.47 52.82
C PRO P 212 -96.09 8.56 51.93
N ALA P 213 -96.66 7.39 51.64
CA ALA P 213 -97.90 7.34 50.89
C ALA P 213 -99.06 7.84 51.75
N ALA P 214 -100.19 8.10 51.10
CA ALA P 214 -101.46 8.55 51.67
C ALA P 214 -101.40 9.99 52.17
N THR P 215 -100.30 10.68 51.90
CA THR P 215 -100.16 12.10 52.32
C THR P 215 -101.05 12.97 51.46
N THR P 216 -101.52 14.10 51.99
CA THR P 216 -102.32 15.03 51.21
C THR P 216 -101.41 15.99 50.45
N ILE P 217 -101.62 16.09 49.14
CA ILE P 217 -100.84 16.96 48.29
C ILE P 217 -101.58 18.24 47.96
N ALA P 218 -102.87 18.14 47.61
CA ALA P 218 -103.67 19.31 47.27
C ALA P 218 -105.10 19.09 47.75
N TYR P 219 -105.81 20.19 47.93
CA TYR P 219 -107.20 20.13 48.37
C TYR P 219 -107.95 21.35 47.85
N GLY P 220 -109.17 21.11 47.40
CA GLY P 220 -110.04 22.18 46.94
C GLY P 220 -111.28 22.26 47.81
N VAL P 221 -111.73 23.48 48.09
CA VAL P 221 -112.83 23.71 49.02
C VAL P 221 -113.80 24.52 48.18
N ILE P 222 -115.07 24.45 48.56
CA ILE P 222 -116.04 25.43 47.98
C ILE P 222 -116.61 26.12 49.22
N GLU P 223 -116.80 27.42 49.17
CA GLU P 223 -117.16 28.21 50.34
C GLU P 223 -118.62 28.12 50.76
N LEU P 224 -118.86 28.50 52.01
CA LEU P 224 -120.22 28.39 52.60
C LEU P 224 -120.85 29.78 52.77
N TYR P 225 -121.97 30.03 52.11
CA TYR P 225 -122.71 31.27 52.26
C TYR P 225 -123.34 31.34 53.64
N VAL P 226 -122.88 32.29 54.45
CA VAL P 226 -123.33 32.40 55.84
C VAL P 226 -124.07 33.72 56.03
N LYS P 227 -125.36 33.64 56.36
CA LYS P 227 -126.11 34.80 56.81
C LYS P 227 -126.47 34.60 58.27
N LEU P 228 -126.18 35.62 59.10
CA LEU P 228 -126.40 35.49 60.56
C LEU P 228 -127.88 35.25 60.86
N ASP P 229 -128.76 35.52 59.88
CA ASP P 229 -130.21 35.22 60.09
C ASP P 229 -130.36 33.70 60.29
N GLY P 230 -129.62 32.90 59.52
CA GLY P 230 -129.66 31.44 59.70
C GLY P 230 -129.75 30.71 58.38
N GLN P 231 -129.70 31.44 57.28
CA GLN P 231 -129.82 30.82 55.96
C GLN P 231 -128.43 30.49 55.44
N PHE P 232 -128.21 29.22 55.09
CA PHE P 232 -126.93 28.74 54.62
C PHE P 232 -127.10 27.94 53.34
N GLU P 233 -126.11 28.05 52.46
CA GLU P 233 -126.09 27.32 51.19
C GLU P 233 -124.65 27.14 50.71
N PHE P 234 -124.26 25.89 50.44
CA PHE P 234 -122.94 25.62 49.87
C PHE P 234 -122.97 25.88 48.37
N CYS P 235 -122.49 27.05 47.96
CA CYS P 235 -122.57 27.49 46.56
C CYS P 235 -121.19 27.51 45.94
N LEU P 236 -121.09 27.05 44.69
CA LEU P 236 -119.74 26.94 44.03
C LEU P 236 -119.38 28.17 43.17
N LEU P 237 -120.29 29.14 43.02
CA LEU P 237 -120.03 30.28 42.16
C LEU P 237 -119.79 31.51 43.02
N ARG P 238 -119.22 32.56 42.39
CA ARG P 238 -118.86 33.79 43.08
C ARG P 238 -120.03 34.61 43.59
N GLY P 239 -121.25 34.27 43.17
CA GLY P 239 -122.43 35.06 43.50
C GLY P 239 -122.68 35.26 44.98
N LYS P 240 -123.07 34.24 45.69
CA LYS P 240 -123.40 34.38 47.13
C LYS P 240 -122.71 33.29 47.95
N GLN P 241 -121.42 33.47 48.27
CA GLN P 241 -120.70 32.57 49.16
C GLN P 241 -119.79 33.34 50.12
N GLY P 242 -119.83 34.67 50.05
CA GLY P 242 -118.88 35.47 50.80
C GLY P 242 -119.20 35.62 52.27
N GLY P 243 -120.43 35.33 52.68
CA GLY P 243 -120.84 35.57 54.05
C GLY P 243 -121.54 36.90 54.17
N PHE P 244 -122.69 36.92 54.82
CA PHE P 244 -123.51 38.11 54.93
C PHE P 244 -124.05 38.21 56.34
N GLU P 245 -124.55 39.40 56.72
CA GLU P 245 -125.03 39.61 58.11
C GLU P 245 -126.57 39.53 58.19
N MET Q 1 -75.79 19.32 67.90
CA MET Q 1 -76.48 19.71 69.13
C MET Q 1 -77.98 19.53 68.94
N PHE Q 2 -78.64 19.02 69.97
CA PHE Q 2 -80.05 18.63 69.85
C PHE Q 2 -80.94 19.83 69.57
N ALA Q 3 -80.62 20.98 70.16
CA ALA Q 3 -81.45 22.17 69.97
C ALA Q 3 -81.46 22.61 68.51
N LYS Q 4 -80.28 22.59 67.86
CA LYS Q 4 -80.20 22.99 66.46
C LYS Q 4 -80.79 21.91 65.55
N ALA Q 5 -80.60 20.64 65.91
CA ALA Q 5 -81.07 19.55 65.06
C ALA Q 5 -82.58 19.53 64.81
N THR Q 6 -83.38 19.70 65.85
CA THR Q 6 -84.83 19.75 65.66
C THR Q 6 -85.34 21.10 65.17
N ARG Q 7 -84.56 22.16 65.44
CA ARG Q 7 -84.94 23.50 64.92
C ARG Q 7 -84.88 23.41 63.39
N ASN Q 8 -83.74 22.96 62.86
CA ASN Q 8 -83.56 22.85 61.38
C ASN Q 8 -84.64 21.91 60.83
N PHE Q 9 -84.85 20.77 61.50
CA PHE Q 9 -85.89 19.81 61.05
C PHE Q 9 -87.24 20.50 60.89
N LEU Q 10 -87.79 21.04 61.98
CA LEU Q 10 -89.10 21.65 61.90
C LEU Q 10 -89.15 22.81 60.91
N ARG Q 11 -88.01 23.46 60.67
CA ARG Q 11 -87.96 24.52 59.67
C ARG Q 11 -88.26 24.01 58.27
N GLU Q 12 -87.75 22.83 57.92
CA GLU Q 12 -87.88 22.34 56.56
C GLU Q 12 -89.14 21.50 56.39
N VAL Q 13 -89.68 20.95 57.48
CA VAL Q 13 -90.87 20.12 57.37
C VAL Q 13 -92.09 20.94 57.75
N ASP Q 14 -92.02 21.62 58.91
CA ASP Q 14 -93.18 22.41 59.41
C ASP Q 14 -93.09 23.85 58.88
N ALA Q 15 -93.69 24.11 57.72
CA ALA Q 15 -93.63 25.42 57.08
C ALA Q 15 -94.47 26.48 57.80
N ASP Q 16 -95.46 26.06 58.61
CA ASP Q 16 -96.33 27.02 59.29
C ASP Q 16 -95.90 27.32 60.71
N GLY Q 17 -94.95 26.56 61.27
CA GLY Q 17 -94.56 26.79 62.65
C GLY Q 17 -95.50 26.44 63.77
N ASP Q 18 -96.53 25.64 63.49
CA ASP Q 18 -97.47 25.20 64.51
C ASP Q 18 -96.93 24.11 65.46
N LEU Q 19 -95.77 23.56 65.10
CA LEU Q 19 -95.08 22.56 65.92
C LEU Q 19 -93.87 23.28 66.49
N ILE Q 20 -93.45 22.85 67.68
CA ILE Q 20 -92.36 23.48 68.41
C ILE Q 20 -91.27 22.44 68.62
N ALA Q 21 -90.04 22.81 68.28
CA ALA Q 21 -88.91 21.90 68.44
C ALA Q 21 -88.56 21.72 69.91
N VAL Q 22 -88.16 20.50 70.26
CA VAL Q 22 -87.75 20.21 71.63
C VAL Q 22 -86.38 20.80 71.89
N SER Q 23 -86.25 21.53 73.00
CA SER Q 23 -85.01 22.26 73.28
C SER Q 23 -83.84 21.34 73.56
N ASN Q 24 -84.02 20.36 74.45
CA ASN Q 24 -82.90 19.53 74.90
C ASN Q 24 -83.42 18.13 75.21
N LEU Q 25 -82.50 17.21 75.50
CA LEU Q 25 -82.87 15.84 75.81
C LEU Q 25 -83.58 15.85 77.15
N ASN Q 26 -83.27 16.84 78.00
CA ASN Q 26 -83.98 16.95 79.27
C ASN Q 26 -85.50 17.02 79.09
N ASP Q 27 -85.92 17.93 78.18
CA ASP Q 27 -87.33 18.03 77.83
C ASP Q 27 -87.94 16.90 77.02
N SER Q 28 -87.11 16.04 76.41
CA SER Q 28 -87.59 14.95 75.58
C SER Q 28 -88.26 13.82 76.36
N ASP Q 29 -88.04 13.76 77.67
CA ASP Q 29 -88.66 12.72 78.49
C ASP Q 29 -89.80 13.27 79.34
N LYS Q 30 -90.02 14.59 79.32
CA LYS Q 30 -91.11 15.21 80.06
C LYS Q 30 -92.34 15.44 79.20
N LEU Q 31 -92.16 15.70 77.90
CA LEU Q 31 -93.28 15.94 77.01
C LEU Q 31 -94.03 14.65 76.69
N GLN Q 32 -95.29 14.58 77.12
CA GLN Q 32 -96.15 13.45 76.84
C GLN Q 32 -97.49 13.94 76.32
N LEU Q 33 -98.28 13.02 75.78
CA LEU Q 33 -99.56 13.37 75.19
C LEU Q 33 -100.46 13.89 76.30
N LEU Q 34 -101.19 14.96 76.01
CA LEU Q 34 -102.13 15.59 76.96
C LEU Q 34 -101.59 15.93 78.34
N SER Q 35 -100.32 16.33 78.41
CA SER Q 35 -99.78 16.88 79.66
C SER Q 35 -99.83 18.37 79.41
N LEU Q 36 -99.93 19.15 80.48
CA LEU Q 36 -100.07 20.60 80.36
C LEU Q 36 -98.75 21.36 80.33
N VAL Q 37 -98.69 22.38 79.48
CA VAL Q 37 -97.50 23.22 79.34
C VAL Q 37 -98.02 24.65 79.43
N THR Q 38 -97.08 25.58 79.64
CA THR Q 38 -97.41 26.99 79.77
C THR Q 38 -96.41 27.78 78.93
N LYS Q 39 -96.96 28.68 78.11
CA LYS Q 39 -96.12 29.56 77.28
C LYS Q 39 -96.23 30.99 77.81
N LYS Q 40 -95.10 31.65 78.02
CA LYS Q 40 -95.07 33.03 78.51
C LYS Q 40 -95.12 33.99 77.33
N LYS Q 41 -96.18 34.80 77.28
CA LYS Q 41 -96.40 35.72 76.17
C LYS Q 41 -95.77 37.08 76.41
N ARG Q 42 -95.01 37.24 77.49
CA ARG Q 42 -94.32 38.51 77.74
C ARG Q 42 -93.33 38.85 76.63
N PHE Q 43 -92.65 37.85 76.08
CA PHE Q 43 -91.74 38.08 74.98
C PHE Q 43 -92.50 38.47 73.72
N TRP Q 44 -91.85 39.26 72.87
CA TRP Q 44 -92.47 39.76 71.65
C TRP Q 44 -92.25 38.77 70.52
N CYS Q 45 -92.55 39.17 69.28
CA CYS Q 45 -92.30 38.29 68.14
C CYS Q 45 -90.81 38.09 67.90
N TRP Q 46 -89.98 38.93 68.51
CA TRP Q 46 -88.53 38.82 68.38
C TRP Q 46 -88.00 37.50 68.92
N GLN Q 47 -88.49 37.03 70.06
CA GLN Q 47 -88.04 35.76 70.63
C GLN Q 47 -89.21 34.80 70.73
N ARG Q 48 -88.90 33.51 70.74
CA ARG Q 48 -89.94 32.49 70.86
C ARG Q 48 -90.58 32.58 72.23
N PRO Q 49 -91.87 32.23 72.36
CA PRO Q 49 -92.49 32.20 73.69
C PRO Q 49 -91.80 31.18 74.59
N LYS Q 50 -91.69 31.53 75.87
CA LYS Q 50 -91.05 30.66 76.84
C LYS Q 50 -92.02 29.57 77.26
N TYR Q 51 -91.69 28.32 76.94
CA TYR Q 51 -92.55 27.18 77.21
C TYR Q 51 -92.01 26.42 78.42
N GLN Q 52 -92.87 26.22 79.41
CA GLN Q 52 -92.54 25.50 80.63
C GLN Q 52 -93.61 24.45 80.90
N PHE Q 53 -93.19 23.28 81.36
CA PHE Q 53 -94.06 22.11 81.47
C PHE Q 53 -94.41 21.89 82.94
N LEU Q 54 -95.69 21.79 83.24
CA LEU Q 54 -96.14 21.41 84.57
C LEU Q 54 -96.07 19.90 84.74
N SER Q 55 -95.79 19.46 85.97
CA SER Q 55 -95.69 18.04 86.27
C SER Q 55 -97.05 17.37 86.23
N LEU Q 56 -98.12 18.16 86.32
CA LEU Q 56 -99.48 17.64 86.36
C LEU Q 56 -99.97 17.39 84.93
N THR Q 57 -101.09 16.69 84.82
CA THR Q 57 -101.72 16.42 83.53
C THR Q 57 -103.16 16.91 83.58
N LEU Q 58 -103.91 16.62 82.52
CA LEU Q 58 -105.32 17.02 82.47
C LEU Q 58 -106.12 16.37 83.59
N GLY Q 59 -106.02 15.04 83.71
CA GLY Q 59 -106.76 14.35 84.75
C GLY Q 59 -106.35 14.79 86.14
N ASP Q 60 -105.13 15.31 86.28
CA ASP Q 60 -104.68 15.81 87.57
C ASP Q 60 -105.35 17.13 87.93
N VAL Q 61 -105.81 17.88 86.93
CA VAL Q 61 -106.38 19.20 87.17
C VAL Q 61 -107.87 19.28 86.86
N LEU Q 62 -108.46 18.25 86.25
CA LEU Q 62 -109.90 18.26 86.03
C LEU Q 62 -110.64 18.24 87.36
N ILE Q 63 -110.51 17.14 88.10
CA ILE Q 63 -111.10 16.96 89.43
C ILE Q 63 -112.62 16.98 89.37
N GLU Q 64 -113.19 18.00 88.71
CA GLU Q 64 -114.64 18.16 88.70
C GLU Q 64 -115.35 17.01 88.01
N ASP Q 65 -114.82 16.54 86.89
CA ASP Q 65 -115.47 15.49 86.10
C ASP Q 65 -114.42 14.48 85.63
N GLN Q 66 -114.90 13.31 85.23
CA GLN Q 66 -114.03 12.21 84.86
C GLN Q 66 -113.23 12.34 83.57
N PHE Q 67 -112.08 11.67 83.54
CA PHE Q 67 -111.17 11.70 82.39
C PHE Q 67 -111.54 11.08 81.05
N PRO Q 68 -111.75 11.86 79.99
CA PRO Q 68 -112.16 11.24 78.72
C PRO Q 68 -111.07 10.46 78.01
N SER Q 69 -111.33 9.19 77.72
CA SER Q 69 -110.29 8.30 77.23
C SER Q 69 -109.74 8.87 75.93
N PRO Q 70 -108.42 8.99 75.78
CA PRO Q 70 -107.90 9.50 74.50
C PRO Q 70 -108.00 8.72 73.22
N VAL Q 71 -108.03 9.43 72.10
CA VAL Q 71 -108.04 8.80 70.77
C VAL Q 71 -106.68 9.04 70.15
N VAL Q 72 -105.73 8.14 70.46
CA VAL Q 72 -104.36 8.27 69.96
C VAL Q 72 -104.29 7.51 68.64
N VAL Q 73 -103.82 8.18 67.60
CA VAL Q 73 -103.66 7.59 66.28
C VAL Q 73 -102.20 7.77 65.90
N GLU Q 74 -101.59 6.66 65.45
CA GLU Q 74 -100.14 6.69 65.09
C GLU Q 74 -99.96 6.80 63.58
N SER Q 75 -99.22 7.82 63.13
CA SER Q 75 -98.90 8.03 61.73
C SER Q 75 -97.43 8.34 61.61
N ASP Q 76 -96.76 7.74 60.62
CA ASP Q 76 -95.34 7.92 60.38
C ASP Q 76 -95.13 8.72 59.10
N PHE Q 77 -94.11 9.57 59.11
CA PHE Q 77 -93.86 10.43 57.92
C PHE Q 77 -92.50 11.09 58.06
N VAL Q 78 -91.98 11.66 56.97
CA VAL Q 78 -90.73 12.47 57.09
C VAL Q 78 -89.60 11.70 57.81
N LYS Q 79 -89.25 10.50 57.34
CA LYS Q 79 -88.13 9.82 58.04
C LYS Q 79 -86.94 10.78 57.91
N TYR Q 80 -86.75 11.40 56.75
CA TYR Q 80 -85.77 12.52 56.60
C TYR Q 80 -84.29 12.20 56.78
N GLU Q 81 -83.45 13.19 56.48
CA GLU Q 81 -82.00 13.14 56.56
C GLU Q 81 -81.51 14.56 56.33
N GLY Q 82 -80.77 15.09 57.29
CA GLY Q 82 -80.36 16.48 57.23
C GLY Q 82 -78.87 16.69 57.43
N LYS Q 83 -78.24 17.37 56.49
CA LYS Q 83 -76.84 17.78 56.59
C LYS Q 83 -76.76 19.29 56.54
N PHE Q 84 -76.05 19.88 57.49
CA PHE Q 84 -76.03 21.34 57.63
C PHE Q 84 -74.59 21.81 57.87
N ALA Q 85 -73.96 22.30 56.82
CA ALA Q 85 -72.61 22.85 56.91
C ALA Q 85 -72.68 24.37 56.87
N ASN Q 86 -72.54 25.01 58.03
CA ASN Q 86 -72.70 26.44 58.18
C ASN Q 86 -71.35 27.08 58.49
N HIS Q 87 -70.98 28.08 57.71
CA HIS Q 87 -69.74 28.84 57.92
C HIS Q 87 -70.09 30.29 58.20
N VAL Q 88 -69.68 30.79 59.36
CA VAL Q 88 -69.92 32.16 59.77
C VAL Q 88 -68.58 32.80 60.09
N SER Q 89 -68.25 33.90 59.42
CA SER Q 89 -67.04 34.65 59.67
C SER Q 89 -67.38 36.12 59.83
N GLY Q 90 -67.02 36.70 60.97
CA GLY Q 90 -67.27 38.10 61.22
C GLY Q 90 -66.08 38.82 61.83
N THR Q 91 -65.58 39.85 61.15
CA THR Q 91 -64.42 40.60 61.60
C THR Q 91 -64.87 42.01 61.92
N LEU Q 92 -64.53 42.49 63.11
CA LEU Q 92 -64.85 43.84 63.55
C LEU Q 92 -63.53 44.57 63.76
N GLU Q 93 -63.37 45.71 63.09
CA GLU Q 93 -62.17 46.51 63.18
C GLU Q 93 -62.57 47.92 63.56
N THR Q 94 -62.12 48.37 64.73
CA THR Q 94 -62.45 49.69 65.25
C THR Q 94 -61.16 50.40 65.63
N ALA Q 95 -61.10 51.71 65.35
CA ALA Q 95 -59.93 52.53 65.66
C ALA Q 95 -60.45 53.91 66.06
N LEU Q 96 -60.27 54.25 67.33
CA LEU Q 96 -60.67 55.56 67.86
C LEU Q 96 -59.48 56.15 68.58
N GLY Q 97 -58.88 57.18 67.98
CA GLY Q 97 -57.81 57.92 68.62
C GLY Q 97 -56.67 57.03 69.08
N LYS Q 98 -56.47 56.98 70.40
CA LYS Q 98 -55.37 56.22 70.98
C LYS Q 98 -55.52 54.72 70.72
N VAL Q 99 -56.74 54.20 70.85
CA VAL Q 99 -56.99 52.77 70.85
C VAL Q 99 -57.31 52.26 69.45
N LYS Q 100 -56.50 51.32 68.96
CA LYS Q 100 -56.82 50.51 67.78
C LYS Q 100 -57.14 49.04 68.00
N LEU Q 101 -58.31 48.60 67.55
CA LEU Q 101 -58.82 47.26 67.86
C LEU Q 101 -59.06 46.51 66.55
N ASN Q 102 -58.47 45.33 66.44
CA ASN Q 102 -58.69 44.43 65.30
C ASN Q 102 -59.20 43.10 65.85
N LEU Q 103 -60.38 42.71 65.39
CA LEU Q 103 -61.03 41.48 65.85
C LEU Q 103 -61.46 40.65 64.65
N GLY Q 104 -61.13 39.36 64.68
CA GLY Q 104 -61.55 38.45 63.62
C GLY Q 104 -62.07 37.13 64.17
N GLY Q 105 -63.35 36.84 63.92
CA GLY Q 105 -63.95 35.63 64.43
C GLY Q 105 -64.52 34.74 63.35
N SER Q 106 -63.97 33.53 63.23
CA SER Q 106 -64.42 32.56 62.24
C SER Q 106 -65.03 31.36 62.96
N SER Q 107 -66.28 31.05 62.62
CA SER Q 107 -67.00 29.94 63.22
C SER Q 107 -67.52 29.01 62.14
N ARG Q 108 -67.19 27.73 62.25
CA ARG Q 108 -67.66 26.71 61.33
C ARG Q 108 -68.45 25.66 62.08
N VAL Q 109 -69.68 25.40 61.64
CA VAL Q 109 -70.54 24.38 62.24
C VAL Q 109 -71.02 23.46 61.13
N GLU Q 110 -70.75 22.17 61.30
CA GLU Q 110 -71.21 21.14 60.37
C GLU Q 110 -72.03 20.17 61.19
N SER Q 111 -73.34 20.41 61.25
CA SER Q 111 -74.25 19.62 62.08
C SER Q 111 -75.05 18.68 61.17
N GLN Q 112 -74.70 17.40 61.19
CA GLN Q 112 -75.45 16.38 60.47
C GLN Q 112 -76.56 15.85 61.36
N SER Q 113 -77.78 15.85 60.85
CA SER Q 113 -78.96 15.44 61.60
C SER Q 113 -79.64 14.30 60.84
N SER Q 114 -79.18 13.08 61.09
CA SER Q 114 -79.73 11.89 60.45
C SER Q 114 -80.76 11.28 61.39
N PHE Q 115 -81.99 11.11 60.90
CA PHE Q 115 -83.10 10.60 61.69
C PHE Q 115 -83.73 9.43 60.97
N GLY Q 116 -84.36 8.53 61.73
CA GLY Q 116 -85.09 7.42 61.15
C GLY Q 116 -86.54 7.77 60.87
N THR Q 117 -87.37 6.73 60.78
CA THR Q 117 -88.79 6.92 60.54
C THR Q 117 -89.45 7.63 61.72
N LEU Q 118 -89.91 8.86 61.50
CA LEU Q 118 -90.53 9.63 62.57
C LEU Q 118 -92.04 9.42 62.55
N ARG Q 119 -92.58 9.19 63.75
CA ARG Q 119 -94.03 8.89 63.85
C ARG Q 119 -94.76 10.00 64.62
N LYS Q 120 -96.01 10.27 64.21
CA LYS Q 120 -96.84 11.29 64.87
C LYS Q 120 -97.94 10.61 65.68
N GLN Q 121 -98.18 11.10 66.89
CA GLN Q 121 -99.20 10.58 67.79
C GLN Q 121 -100.09 11.76 68.19
N GLU Q 122 -101.21 11.90 67.48
CA GLU Q 122 -102.15 12.99 67.73
C GLU Q 122 -103.37 12.49 68.49
N VAL Q 123 -103.86 13.29 69.41
CA VAL Q 123 -105.04 12.96 70.21
C VAL Q 123 -106.26 13.57 69.54
N ASP Q 124 -107.40 12.89 69.66
CA ASP Q 124 -108.66 13.37 69.10
C ASP Q 124 -109.02 14.78 69.58
N LEU Q 125 -109.08 15.73 68.65
CA LEU Q 125 -109.42 17.10 69.02
C LEU Q 125 -110.83 17.21 69.57
N GLN Q 126 -111.75 16.41 69.05
CA GLN Q 126 -113.10 16.39 69.59
C GLN Q 126 -113.25 15.90 71.02
N GLN Q 127 -112.47 14.91 71.43
CA GLN Q 127 -112.40 14.56 72.85
C GLN Q 127 -111.89 15.74 73.67
N LEU Q 128 -110.99 16.54 73.07
CA LEU Q 128 -110.40 17.66 73.78
C LEU Q 128 -111.44 18.73 74.08
N ILE Q 129 -112.40 18.92 73.17
CA ILE Q 129 -113.36 20.01 73.33
C ILE Q 129 -114.54 19.58 74.20
N ARG Q 130 -114.87 18.29 74.20
CA ARG Q 130 -116.08 17.84 74.90
C ARG Q 130 -116.02 18.12 76.39
N ASP Q 131 -114.94 17.71 77.04
CA ASP Q 131 -114.81 17.94 78.48
C ASP Q 131 -114.63 19.42 78.79
N SER Q 132 -113.88 20.13 77.94
CA SER Q 132 -113.59 21.54 78.20
C SER Q 132 -114.84 22.42 78.20
N ALA Q 133 -115.76 22.22 77.24
CA ALA Q 133 -116.97 23.02 77.17
C ALA Q 133 -117.88 22.85 78.37
N GLU Q 134 -117.71 21.77 79.14
CA GLU Q 134 -118.47 21.52 80.34
C GLU Q 134 -117.66 21.92 81.57
N ARG Q 135 -118.34 21.97 82.72
CA ARG Q 135 -117.68 22.31 83.99
C ARG Q 135 -116.88 21.10 84.45
N THR Q 136 -115.65 21.00 83.91
CA THR Q 136 -114.80 19.85 84.15
C THR Q 136 -113.52 20.18 84.89
N ILE Q 137 -113.02 21.42 84.81
CA ILE Q 137 -111.76 21.81 85.44
C ILE Q 137 -112.09 22.63 86.68
N ASN Q 138 -111.51 22.24 87.81
CA ASN Q 138 -111.72 22.97 89.05
C ASN Q 138 -111.06 24.35 88.97
N LEU Q 139 -111.69 25.33 89.61
CA LEU Q 139 -111.20 26.70 89.51
C LEU Q 139 -109.93 26.91 90.34
N ARG Q 140 -109.88 26.35 91.54
CA ARG Q 140 -108.79 26.56 92.46
C ARG Q 140 -108.00 25.27 92.63
N ASN Q 141 -106.69 25.36 92.46
CA ASN Q 141 -105.77 24.25 92.67
C ASN Q 141 -104.59 24.74 93.50
N PRO Q 142 -104.02 23.89 94.34
CA PRO Q 142 -102.79 24.31 95.07
C PRO Q 142 -101.65 24.66 94.14
N VAL Q 143 -101.63 24.06 92.96
CA VAL Q 143 -100.57 24.39 91.96
C VAL Q 143 -101.25 25.26 90.89
N LEU Q 144 -100.48 25.99 90.07
CA LEU Q 144 -101.00 26.82 88.93
C LEU Q 144 -101.39 28.24 89.42
N GLN Q 145 -101.35 28.47 90.73
CA GLN Q 145 -101.60 29.84 91.23
C GLN Q 145 -100.59 30.84 90.67
N GLN Q 146 -99.30 30.44 90.65
CA GLN Q 146 -98.22 31.31 90.12
C GLN Q 146 -98.47 31.60 88.63
N VAL Q 147 -99.21 30.73 87.94
CA VAL Q 147 -99.55 30.97 86.54
C VAL Q 147 -100.54 32.12 86.42
N LEU Q 148 -101.58 32.12 87.26
CA LEU Q 148 -102.54 33.21 87.23
C LEU Q 148 -101.90 34.53 87.64
N GLU Q 149 -101.05 34.51 88.66
CA GLU Q 149 -100.27 35.67 89.05
C GLU Q 149 -99.12 35.88 88.07
N GLY Q 150 -99.39 36.64 87.02
CA GLY Q 150 -98.53 36.62 85.85
C GLY Q 150 -99.39 36.36 84.64
N ARG Q 151 -100.59 36.95 84.61
CA ARG Q 151 -101.56 36.66 83.50
C ARG Q 151 -100.82 36.32 82.20
N ASN Q 152 -99.99 37.23 81.70
CA ASN Q 152 -99.13 36.94 80.55
C ASN Q 152 -98.77 35.53 80.08
N GLU Q 153 -98.48 34.64 81.02
CA GLU Q 153 -98.27 33.23 80.72
C GLU Q 153 -99.59 32.48 80.92
N VAL Q 154 -99.93 31.63 79.95
CA VAL Q 154 -101.20 30.92 79.94
C VAL Q 154 -100.93 29.43 79.81
N LEU Q 155 -101.85 28.63 80.35
CA LEU Q 155 -101.73 27.18 80.32
C LEU Q 155 -102.17 26.64 78.97
N CYS Q 156 -101.44 25.62 78.49
CA CYS Q 156 -101.75 24.96 77.23
C CYS Q 156 -101.67 23.47 77.52
N VAL Q 157 -102.24 22.69 76.58
CA VAL Q 157 -102.24 21.20 76.73
C VAL Q 157 -101.69 20.62 75.42
N LEU Q 158 -100.74 19.69 75.53
CA LEU Q 158 -100.14 19.06 74.37
C LEU Q 158 -101.14 18.14 73.68
N THR Q 159 -101.17 18.19 72.35
CA THR Q 159 -102.04 17.36 71.54
C THR Q 159 -101.41 16.65 70.33
N GLN Q 160 -100.29 17.22 69.85
CA GLN Q 160 -99.55 16.60 68.72
C GLN Q 160 -98.14 16.28 69.21
N LYS Q 161 -97.55 15.19 68.74
CA LYS Q 161 -96.23 14.77 69.18
C LYS Q 161 -95.58 13.96 68.07
N ILE Q 162 -94.33 14.30 67.75
CA ILE Q 162 -93.54 13.57 66.75
C ILE Q 162 -92.46 12.81 67.51
N THR Q 163 -92.40 11.50 67.30
CA THR Q 163 -91.48 10.62 68.01
C THR Q 163 -90.74 9.72 67.03
N THR Q 164 -89.45 9.55 67.26
CA THR Q 164 -88.62 8.69 66.42
C THR Q 164 -88.66 7.25 66.90
N MET Q 165 -88.38 6.32 65.96
CA MET Q 165 -88.43 4.89 66.26
C MET Q 165 -87.07 4.22 66.12
N GLN Q 166 -86.09 4.89 65.53
CA GLN Q 166 -84.79 4.31 65.29
C GLN Q 166 -83.75 5.22 65.92
N LYS Q 167 -82.67 4.59 66.40
CA LYS Q 167 -81.55 5.36 67.00
C LYS Q 167 -81.12 6.42 65.98
N CYS Q 168 -81.15 7.68 66.39
CA CYS Q 168 -80.81 8.78 65.52
C CYS Q 168 -79.37 9.24 65.72
N VAL Q 169 -78.81 9.83 64.66
CA VAL Q 169 -77.42 10.26 64.64
C VAL Q 169 -77.35 11.78 64.50
N ILE Q 170 -76.65 12.43 65.41
CA ILE Q 170 -76.41 13.87 65.34
C ILE Q 170 -74.92 14.09 65.45
N SER Q 171 -74.24 14.10 64.30
CA SER Q 171 -72.79 14.31 64.27
C SER Q 171 -72.53 15.80 64.13
N GLU Q 172 -72.15 16.44 65.23
CA GLU Q 172 -71.94 17.88 65.28
C GLU Q 172 -70.44 18.17 65.27
N HIS Q 173 -70.01 18.99 64.32
CA HIS Q 173 -68.64 19.49 64.28
C HIS Q 173 -68.71 21.00 64.43
N MET Q 174 -68.05 21.53 65.47
CA MET Q 174 -68.09 22.95 65.78
C MET Q 174 -66.66 23.45 65.93
N GLN Q 175 -66.15 24.10 64.89
CA GLN Q 175 -64.84 24.73 64.92
C GLN Q 175 -65.03 26.23 65.10
N VAL Q 176 -64.46 26.78 66.16
CA VAL Q 176 -64.61 28.18 66.52
C VAL Q 176 -63.21 28.78 66.60
N GLU Q 177 -62.93 29.78 65.78
CA GLU Q 177 -61.67 30.51 65.82
C GLU Q 177 -61.96 31.99 66.04
N GLU Q 178 -61.40 32.55 67.11
CA GLU Q 178 -61.59 33.94 67.46
C GLU Q 178 -60.23 34.56 67.71
N LYS Q 179 -59.94 35.65 66.99
CA LYS Q 179 -58.68 36.38 67.14
C LYS Q 179 -58.98 37.80 67.56
N CYS Q 180 -58.40 38.21 68.68
CA CYS Q 180 -58.58 39.56 69.21
C CYS Q 180 -57.23 40.26 69.29
N GLY Q 181 -57.16 41.47 68.75
CA GLY Q 181 -55.94 42.24 68.78
C GLY Q 181 -56.16 43.70 69.09
N GLY Q 182 -55.45 44.22 70.10
CA GLY Q 182 -55.56 45.61 70.47
C GLY Q 182 -54.23 46.29 70.63
N ILE Q 183 -54.02 47.35 69.85
CA ILE Q 183 -52.78 48.17 69.97
C ILE Q 183 -53.23 49.50 70.59
N VAL Q 184 -52.60 49.89 71.70
CA VAL Q 184 -52.98 51.08 72.44
C VAL Q 184 -51.74 51.94 72.63
N GLY Q 185 -51.82 53.19 72.18
CA GLY Q 185 -50.73 54.14 72.36
C GLY Q 185 -51.18 55.43 73.03
N ILE Q 186 -50.59 55.73 74.20
CA ILE Q 186 -51.10 56.93 74.93
C ILE Q 186 -50.02 58.02 75.03
N GLN Q 187 -50.31 59.21 74.52
CA GLN Q 187 -49.44 60.39 74.56
C GLN Q 187 -49.26 61.19 75.89
N THR Q 188 -49.05 60.43 76.97
CA THR Q 188 -48.99 61.01 78.30
C THR Q 188 -47.93 62.06 78.63
N LYS Q 189 -48.23 62.94 79.58
CA LYS Q 189 -47.25 64.00 79.92
C LYS Q 189 -45.92 63.59 80.56
N THR Q 190 -44.82 63.58 79.78
CA THR Q 190 -43.46 63.20 80.28
C THR Q 190 -43.38 61.69 80.42
N VAL Q 191 -44.36 60.96 79.86
CA VAL Q 191 -44.35 59.47 79.92
C VAL Q 191 -44.75 58.94 78.54
N GLN Q 192 -43.80 58.37 77.78
CA GLN Q 192 -44.21 57.78 76.52
C GLN Q 192 -44.69 56.37 76.78
N VAL Q 193 -45.92 56.07 76.38
CA VAL Q 193 -46.56 54.80 76.70
C VAL Q 193 -46.84 54.02 75.42
N SER Q 194 -46.74 52.69 75.50
CA SER Q 194 -47.06 51.82 74.37
C SER Q 194 -47.52 50.47 74.89
N ALA Q 195 -48.82 50.18 74.76
CA ALA Q 195 -49.42 48.96 75.29
C ALA Q 195 -50.08 48.20 74.15
N THR Q 196 -49.71 46.93 74.01
CA THR Q 196 -50.26 46.05 72.98
C THR Q 196 -50.75 44.77 73.63
N GLU Q 197 -51.99 44.39 73.28
CA GLU Q 197 -52.57 43.13 73.80
C GLU Q 197 -53.10 42.30 72.62
N ASP Q 198 -52.65 41.06 72.49
CA ASP Q 198 -53.06 40.17 71.41
C ASP Q 198 -53.66 38.91 72.02
N GLY Q 199 -54.88 38.58 71.62
CA GLY Q 199 -55.55 37.39 72.11
C GLY Q 199 -56.04 36.49 71.01
N ASN Q 200 -55.47 35.30 70.91
CA ASN Q 200 -55.85 34.31 69.91
C ASN Q 200 -56.50 33.14 70.63
N VAL Q 201 -57.73 32.82 70.26
CA VAL Q 201 -58.47 31.71 70.83
C VAL Q 201 -58.92 30.80 69.69
N THR Q 202 -58.53 29.53 69.73
CA THR Q 202 -58.96 28.54 68.76
C THR Q 202 -59.60 27.39 69.52
N LYS Q 203 -60.87 27.13 69.24
CA LYS Q 203 -61.63 26.10 69.95
C LYS Q 203 -62.24 25.15 68.94
N ASP Q 204 -62.13 23.85 69.20
CA ASP Q 204 -62.70 22.80 68.36
C ASP Q 204 -63.55 21.89 69.23
N SER Q 205 -64.72 21.50 68.73
CA SER Q 205 -65.61 20.58 69.43
C SER Q 205 -66.13 19.55 68.43
N ASN Q 206 -65.38 18.47 68.27
CA ASN Q 206 -65.80 17.36 67.41
C ASN Q 206 -66.62 16.40 68.24
N VAL Q 207 -67.94 16.59 68.24
CA VAL Q 207 -68.83 15.78 69.07
C VAL Q 207 -69.80 14.97 68.21
N VAL Q 208 -69.65 13.65 68.22
CA VAL Q 208 -70.59 12.75 67.56
C VAL Q 208 -71.39 12.04 68.65
N LEU Q 209 -72.65 12.39 68.80
CA LEU Q 209 -73.52 11.83 69.83
C LEU Q 209 -74.73 11.19 69.17
N GLU Q 210 -75.09 10.03 69.70
CA GLU Q 210 -76.26 9.30 69.16
C GLU Q 210 -77.51 9.70 69.94
N ILE Q 211 -78.68 9.44 69.35
CA ILE Q 211 -79.96 9.75 69.96
C ILE Q 211 -80.78 8.46 70.02
N PRO Q 212 -81.32 8.09 71.18
CA PRO Q 212 -82.08 6.84 71.26
C PRO Q 212 -83.45 6.99 70.64
N ALA Q 213 -84.09 5.83 70.42
CA ALA Q 213 -85.46 5.83 69.93
C ALA Q 213 -86.41 6.30 71.03
N ALA Q 214 -87.64 6.60 70.63
CA ALA Q 214 -88.77 7.04 71.46
C ALA Q 214 -88.57 8.45 72.01
N THR Q 215 -87.53 9.15 71.55
CA THR Q 215 -87.29 10.54 72.00
C THR Q 215 -88.31 11.46 71.37
N THR Q 216 -88.64 12.56 72.05
CA THR Q 216 -89.57 13.54 71.48
C THR Q 216 -88.81 14.52 70.60
N ILE Q 217 -89.28 14.69 69.37
CA ILE Q 217 -88.67 15.60 68.41
C ILE Q 217 -89.44 16.90 68.30
N ALA Q 218 -90.77 16.83 68.21
CA ALA Q 218 -91.60 18.02 68.10
C ALA Q 218 -92.90 17.78 68.85
N TYR Q 219 -93.56 18.89 69.21
CA TYR Q 219 -94.82 18.82 69.92
C TYR Q 219 -95.63 20.07 69.62
N GLY Q 220 -96.93 19.87 69.41
CA GLY Q 220 -97.85 20.96 69.19
C GLY Q 220 -98.88 21.01 70.30
N VAL Q 221 -99.25 22.22 70.72
CA VAL Q 221 -100.14 22.41 71.86
C VAL Q 221 -101.24 23.29 71.28
N ILE Q 222 -102.41 23.20 71.90
CA ILE Q 222 -103.44 24.22 71.57
C ILE Q 222 -103.74 24.85 72.94
N GLU Q 223 -103.91 26.16 72.98
CA GLU Q 223 -104.03 26.89 74.23
C GLU Q 223 -105.37 26.80 74.94
N LEU Q 224 -105.34 27.13 76.24
CA LEU Q 224 -106.56 27.01 77.08
C LEU Q 224 -107.11 28.38 77.43
N TYR Q 225 -108.34 28.67 77.02
CA TYR Q 225 -109.02 29.91 77.37
C TYR Q 225 -109.34 29.92 78.85
N VAL Q 226 -108.71 30.83 79.60
CA VAL Q 226 -108.87 30.87 81.05
C VAL Q 226 -109.53 32.19 81.45
N LYS Q 227 -110.72 32.10 82.04
CA LYS Q 227 -111.35 33.25 82.67
C LYS Q 227 -111.42 32.99 84.17
N LEU Q 228 -110.95 33.96 84.96
CA LEU Q 228 -110.86 33.76 86.43
C LEU Q 228 -112.26 33.52 87.01
N ASP Q 229 -113.31 33.84 86.25
CA ASP Q 229 -114.69 33.55 86.72
C ASP Q 229 -114.83 32.03 86.89
N GLY Q 230 -114.28 31.27 85.94
CA GLY Q 230 -114.31 29.79 86.07
C GLY Q 230 -114.68 29.12 84.77
N GLN Q 231 -114.85 29.91 83.70
CA GLN Q 231 -115.23 29.35 82.41
C GLN Q 231 -113.98 29.03 81.60
N PHE Q 232 -113.87 27.78 81.16
CA PHE Q 232 -112.71 27.31 80.42
C PHE Q 232 -113.16 26.57 79.17
N GLU Q 233 -112.36 26.71 78.10
CA GLU Q 233 -112.61 26.05 76.83
C GLU Q 233 -111.30 25.88 76.06
N PHE Q 234 -111.00 24.65 75.66
CA PHE Q 234 -109.83 24.39 74.83
C PHE Q 234 -110.16 24.72 73.38
N CYS Q 235 -109.74 25.90 72.92
CA CYS Q 235 -110.10 26.41 71.61
C CYS Q 235 -108.86 26.44 70.71
N LEU Q 236 -109.02 26.05 69.45
CA LEU Q 236 -107.85 25.96 68.53
C LEU Q 236 -107.65 27.23 67.66
N LEU Q 237 -108.55 28.20 67.74
CA LEU Q 237 -108.44 29.38 66.90
C LEU Q 237 -108.01 30.58 67.74
N ARG Q 238 -107.56 31.64 67.08
CA ARG Q 238 -107.04 32.83 67.74
C ARG Q 238 -108.07 33.64 68.50
N GLY Q 239 -109.35 33.33 68.32
CA GLY Q 239 -110.43 34.11 68.91
C GLY Q 239 -110.37 34.26 70.42
N LYS Q 240 -110.62 33.21 71.15
CA LYS Q 240 -110.66 33.27 72.63
C LYS Q 240 -109.83 32.14 73.25
N GLN Q 241 -108.51 32.29 73.30
CA GLN Q 241 -107.64 31.33 73.99
C GLN Q 241 -106.54 32.05 74.77
N GLY Q 242 -106.57 33.39 74.78
CA GLY Q 242 -105.47 34.15 75.36
C GLY Q 242 -105.48 34.22 76.88
N GLY Q 243 -106.61 33.93 77.50
CA GLY Q 243 -106.72 34.09 78.94
C GLY Q 243 -107.37 35.43 79.26
N PHE Q 244 -108.36 35.43 80.14
CA PHE Q 244 -109.12 36.63 80.46
C PHE Q 244 -109.37 36.67 81.96
N GLU Q 245 -109.75 37.84 82.47
CA GLU Q 245 -109.94 37.98 83.93
C GLU Q 245 -111.43 37.92 84.33
N MET R 1 -60.14 16.76 82.64
CA MET R 1 -60.56 17.10 84.00
C MET R 1 -62.07 16.94 84.11
N PHE R 2 -62.53 16.39 85.24
CA PHE R 2 -63.93 16.02 85.38
C PHE R 2 -64.84 17.24 85.34
N ALA R 3 -64.38 18.36 85.90
CA ALA R 3 -65.21 19.56 85.94
C ALA R 3 -65.51 20.07 84.53
N LYS R 4 -64.49 20.07 83.66
CA LYS R 4 -64.69 20.53 82.29
C LYS R 4 -65.47 19.51 81.48
N ALA R 5 -65.24 18.22 81.73
CA ALA R 5 -65.89 17.19 80.94
C ALA R 5 -67.41 17.18 81.00
N THR R 6 -67.98 17.32 82.20
CA THR R 6 -69.44 17.39 82.30
C THR R 6 -70.01 18.77 81.98
N ARG R 7 -69.17 19.80 82.13
CA ARG R 7 -69.63 21.17 81.76
C ARG R 7 -69.88 21.16 80.25
N ASN R 8 -68.88 20.72 79.48
CA ASN R 8 -69.01 20.68 78.00
C ASN R 8 -70.19 19.78 77.63
N PHE R 9 -70.28 18.61 78.28
CA PHE R 9 -71.41 17.68 78.00
C PHE R 9 -72.75 18.39 78.15
N LEU R 10 -73.05 18.88 79.35
CA LEU R 10 -74.34 19.51 79.58
C LEU R 10 -74.57 20.72 78.67
N ARG R 11 -73.49 21.36 78.23
CA ARG R 11 -73.62 22.47 77.30
C ARG R 11 -74.21 22.04 75.96
N GLU R 12 -73.79 20.87 75.46
CA GLU R 12 -74.22 20.44 74.13
C GLU R 12 -75.50 19.62 74.18
N VAL R 13 -75.82 19.03 75.33
CA VAL R 13 -77.02 18.21 75.42
C VAL R 13 -78.12 19.03 76.08
N ASP R 14 -77.80 19.65 77.24
CA ASP R 14 -78.83 20.43 78.01
C ASP R 14 -78.82 21.89 77.52
N ALA R 15 -79.63 22.21 76.53
CA ALA R 15 -79.68 23.55 75.95
C ALA R 15 -80.33 24.58 76.87
N ASP R 16 -81.14 24.14 77.84
CA ASP R 16 -81.84 25.06 78.72
C ASP R 16 -81.13 25.29 80.05
N GLY R 17 -80.11 24.50 80.37
CA GLY R 17 -79.43 24.66 81.64
C GLY R 17 -80.15 24.26 82.91
N ASP R 18 -81.22 23.49 82.81
CA ASP R 18 -81.95 23.01 83.98
C ASP R 18 -81.24 21.87 84.75
N LEU R 19 -80.19 21.33 84.15
CA LEU R 19 -79.38 20.29 84.76
C LEU R 19 -78.05 20.96 85.10
N ILE R 20 -77.42 20.47 86.15
CA ILE R 20 -76.19 21.06 86.68
C ILE R 20 -75.09 19.99 86.63
N ALA R 21 -73.95 20.37 86.06
CA ALA R 21 -72.83 19.44 85.94
C ALA R 21 -72.19 19.19 87.30
N VAL R 22 -71.76 17.95 87.51
CA VAL R 22 -71.09 17.59 88.75
C VAL R 22 -69.67 18.15 88.76
N SER R 23 -69.31 18.83 89.85
CA SER R 23 -68.04 19.53 89.90
C SER R 23 -66.85 18.58 89.90
N ASN R 24 -66.86 17.56 90.77
CA ASN R 24 -65.70 16.70 90.94
C ASN R 24 -66.17 15.29 91.29
N LEU R 25 -65.21 14.35 91.33
CA LEU R 25 -65.55 12.97 91.65
C LEU R 25 -65.97 12.93 93.11
N ASN R 26 -65.49 13.87 93.93
CA ASN R 26 -65.91 13.93 95.32
C ASN R 26 -67.45 14.01 95.44
N ASP R 27 -68.02 14.98 94.68
CA ASP R 27 -69.47 15.10 94.63
C ASP R 27 -70.25 14.02 93.91
N SER R 28 -69.58 13.19 93.11
CA SER R 28 -70.24 12.14 92.35
C SER R 28 -70.76 10.99 93.20
N ASP R 29 -70.28 10.85 94.43
CA ASP R 29 -70.73 9.79 95.31
C ASP R 29 -71.67 10.31 96.39
N LYS R 30 -71.87 11.63 96.48
CA LYS R 30 -72.77 12.22 97.45
C LYS R 30 -74.16 12.50 96.87
N LEU R 31 -74.23 12.83 95.58
CA LEU R 31 -75.50 13.12 94.94
C LEU R 31 -76.32 11.86 94.73
N GLN R 32 -77.47 11.79 95.40
CA GLN R 32 -78.39 10.67 95.24
C GLN R 32 -79.80 11.20 95.03
N LEU R 33 -80.70 10.31 94.62
CA LEU R 33 -82.07 10.70 94.31
C LEU R 33 -82.71 11.17 95.61
N LEU R 34 -83.47 12.27 95.52
CA LEU R 34 -84.18 12.85 96.66
C LEU R 34 -83.37 13.14 97.92
N SER R 35 -82.11 13.51 97.75
CA SER R 35 -81.32 13.99 98.89
C SER R 35 -81.39 15.49 98.72
N LEU R 36 -81.25 16.22 99.83
CA LEU R 36 -81.39 17.67 99.81
C LEU R 36 -80.08 18.42 99.53
N VAL R 37 -80.17 19.48 98.74
CA VAL R 37 -79.03 20.32 98.41
C VAL R 37 -79.48 21.75 98.66
N THR R 38 -78.50 22.66 98.71
CA THR R 38 -78.77 24.06 98.97
C THR R 38 -77.95 24.88 98.00
N LYS R 39 -78.64 25.82 97.34
CA LYS R 39 -77.96 26.74 96.40
C LYS R 39 -77.94 28.14 97.00
N LYS R 40 -76.78 28.78 97.00
CA LYS R 40 -76.62 30.13 97.55
C LYS R 40 -76.89 31.15 96.44
N LYS R 41 -77.92 31.97 96.64
CA LYS R 41 -78.34 32.95 95.64
C LYS R 41 -77.64 34.30 95.81
N ARG R 42 -76.68 34.40 96.72
CA ARG R 42 -75.93 35.63 96.89
C ARG R 42 -75.19 36.02 95.62
N PHE R 43 -74.65 35.04 94.90
CA PHE R 43 -73.96 35.32 93.64
C PHE R 43 -74.96 35.77 92.59
N TRP R 44 -74.48 36.59 91.66
CA TRP R 44 -75.33 37.16 90.62
C TRP R 44 -75.35 36.22 89.41
N CYS R 45 -75.89 36.68 88.28
CA CYS R 45 -75.91 35.86 87.07
C CYS R 45 -74.49 35.66 86.54
N TRP R 46 -73.54 36.46 87.01
CA TRP R 46 -72.15 36.34 86.58
C TRP R 46 -71.54 34.99 86.94
N GLN R 47 -71.81 34.47 88.13
CA GLN R 47 -71.28 33.17 88.54
C GLN R 47 -72.42 32.21 88.83
N ARG R 48 -72.13 30.92 88.72
CA ARG R 48 -73.15 29.91 88.99
C ARG R 48 -73.50 29.94 90.48
N PRO R 49 -74.74 29.60 90.85
CA PRO R 49 -75.08 29.51 92.27
C PRO R 49 -74.25 28.45 92.97
N LYS R 50 -73.88 28.73 94.22
CA LYS R 50 -73.06 27.81 95.00
C LYS R 50 -73.95 26.70 95.55
N TYR R 51 -73.72 25.48 95.10
CA TYR R 51 -74.52 24.32 95.50
C TYR R 51 -73.77 23.50 96.54
N GLN R 52 -74.42 23.26 97.68
CA GLN R 52 -73.86 22.48 98.76
C GLN R 52 -74.88 21.43 99.20
N PHE R 53 -74.39 20.24 99.50
CA PHE R 53 -75.25 19.08 99.75
C PHE R 53 -75.29 18.78 101.24
N LEU R 54 -76.50 18.68 101.79
CA LEU R 54 -76.67 18.24 103.17
C LEU R 54 -76.59 16.73 103.25
N SER R 55 -76.09 16.23 104.37
CA SER R 55 -75.95 14.79 104.58
C SER R 55 -77.31 14.13 104.78
N LEU R 56 -78.32 14.93 105.14
CA LEU R 56 -79.64 14.42 105.41
C LEU R 56 -80.43 14.26 104.11
N THR R 57 -81.56 13.56 104.19
CA THR R 57 -82.44 13.37 103.05
C THR R 57 -83.83 13.87 103.42
N LEU R 58 -84.79 13.63 102.51
CA LEU R 58 -86.16 14.05 102.77
C LEU R 58 -86.74 13.36 103.99
N GLY R 59 -86.65 12.02 104.03
CA GLY R 59 -87.17 11.29 105.17
C GLY R 59 -86.48 11.66 106.47
N ASP R 60 -85.25 12.16 106.38
CA ASP R 60 -84.53 12.59 107.57
C ASP R 60 -85.10 13.89 108.12
N VAL R 61 -85.73 14.70 107.27
CA VAL R 61 -86.22 16.01 107.68
C VAL R 61 -87.73 16.12 107.68
N LEU R 62 -88.46 15.13 107.16
CA LEU R 62 -89.91 15.16 107.24
C LEU R 62 -90.37 15.08 108.69
N ILE R 63 -90.12 13.95 109.33
CA ILE R 63 -90.42 13.71 110.74
C ILE R 63 -91.93 13.75 111.00
N GLU R 64 -92.59 14.81 110.52
CA GLU R 64 -94.01 14.98 110.81
C GLU R 64 -94.87 13.87 110.21
N ASP R 65 -94.58 13.45 108.99
CA ASP R 65 -95.39 12.44 108.31
C ASP R 65 -94.49 11.45 107.59
N GLN R 66 -95.07 10.31 107.24
CA GLN R 66 -94.32 9.21 106.65
C GLN R 66 -93.78 9.40 105.24
N PHE R 67 -92.68 8.72 104.94
CA PHE R 67 -92.02 8.79 103.63
C PHE R 67 -92.66 8.24 102.37
N PRO R 68 -93.07 9.08 101.42
CA PRO R 68 -93.74 8.52 100.22
C PRO R 68 -92.82 7.77 99.27
N SER R 69 -93.17 6.52 98.98
CA SER R 69 -92.25 5.65 98.26
C SER R 69 -91.98 6.28 96.90
N PRO R 70 -90.72 6.38 96.49
CA PRO R 70 -90.44 6.95 95.15
C PRO R 70 -90.82 6.24 93.89
N VAL R 71 -91.06 7.00 92.82
CA VAL R 71 -91.35 6.44 91.50
C VAL R 71 -90.13 6.69 90.63
N VAL R 72 -89.17 5.77 90.70
CA VAL R 72 -87.92 5.91 89.95
C VAL R 72 -88.13 5.21 88.61
N VAL R 73 -87.87 5.93 87.52
CA VAL R 73 -87.99 5.40 86.16
C VAL R 73 -86.63 5.58 85.50
N GLU R 74 -86.16 4.49 84.89
CA GLU R 74 -84.81 4.52 84.25
C GLU R 74 -84.93 4.71 82.74
N SER R 75 -84.28 5.73 82.21
CA SER R 75 -84.24 6.01 80.77
C SER R 75 -82.81 6.31 80.36
N ASP R 76 -82.39 5.76 79.24
CA ASP R 76 -81.03 5.93 78.73
C ASP R 76 -81.06 6.78 77.47
N PHE R 77 -80.05 7.63 77.30
CA PHE R 77 -80.02 8.54 76.13
C PHE R 77 -78.65 9.18 76.03
N VAL R 78 -78.35 9.80 74.88
CA VAL R 78 -77.09 10.59 74.77
C VAL R 78 -75.86 9.77 75.22
N LYS R 79 -75.63 8.59 74.64
CA LYS R 79 -74.40 7.87 75.07
C LYS R 79 -73.25 8.82 74.74
N TYR R 80 -73.28 9.50 73.59
CA TYR R 80 -72.34 10.62 73.30
C TYR R 80 -70.85 10.27 73.16
N GLU R 81 -70.07 11.26 72.74
CA GLU R 81 -68.64 11.20 72.53
C GLU R 81 -68.16 12.62 72.27
N GLY R 82 -67.24 13.09 73.08
CA GLY R 82 -66.82 14.48 72.99
C GLY R 82 -65.32 14.67 72.91
N LYS R 83 -64.88 15.39 71.89
CA LYS R 83 -63.48 15.78 71.72
C LYS R 83 -63.38 17.29 71.72
N PHE R 84 -62.48 17.83 72.54
CA PHE R 84 -62.42 19.28 72.73
C PHE R 84 -60.95 19.72 72.70
N ALA R 85 -60.53 20.26 71.57
CA ALA R 85 -59.18 20.79 71.41
C ALA R 85 -59.22 22.32 71.46
N ASN R 86 -58.83 22.88 72.59
CA ASN R 86 -58.94 24.31 72.83
C ASN R 86 -57.55 24.92 72.89
N HIS R 87 -57.32 25.95 72.10
CA HIS R 87 -56.06 26.69 72.08
C HIS R 87 -56.32 28.13 72.50
N VAL R 88 -55.66 28.57 73.56
CA VAL R 88 -55.79 29.93 74.07
C VAL R 88 -54.40 30.53 74.16
N SER R 89 -54.19 31.66 73.48
CA SER R 89 -52.94 32.38 73.52
C SER R 89 -53.21 33.85 73.81
N GLY R 90 -52.61 34.37 74.88
CA GLY R 90 -52.79 35.76 75.23
C GLY R 90 -51.48 36.43 75.62
N THR R 91 -51.11 37.49 74.90
CA THR R 91 -49.87 38.21 75.14
C THR R 91 -50.22 39.61 75.61
N LEU R 92 -49.63 40.02 76.73
CA LEU R 92 -49.83 41.36 77.28
C LEU R 92 -48.49 42.06 77.25
N GLU R 93 -48.44 43.23 76.63
CA GLU R 93 -47.22 44.01 76.49
C GLU R 93 -47.51 45.41 77.01
N THR R 94 -46.83 45.80 78.08
CA THR R 94 -47.03 47.09 78.72
C THR R 94 -45.67 47.77 78.88
N ALA R 95 -45.65 49.09 78.64
CA ALA R 95 -44.43 49.88 78.73
C ALA R 95 -44.82 51.25 79.30
N LEU R 96 -44.38 51.52 80.53
CA LEU R 96 -44.64 52.81 81.19
C LEU R 96 -43.32 53.37 81.68
N GLY R 97 -42.83 54.41 81.01
CA GLY R 97 -41.64 55.10 81.46
C GLY R 97 -40.46 54.18 81.64
N LYS R 98 -40.00 54.07 82.89
CA LYS R 98 -38.81 53.27 83.18
C LYS R 98 -39.04 51.79 82.90
N VAL R 99 -40.21 51.27 83.25
CA VAL R 99 -40.49 49.84 83.24
C VAL R 99 -41.10 49.40 81.91
N LYS R 100 -40.42 48.49 81.23
CA LYS R 100 -40.98 47.73 80.11
C LYS R 100 -41.28 46.25 80.31
N LEU R 101 -42.53 45.85 80.09
CA LEU R 101 -42.99 44.51 80.43
C LEU R 101 -43.51 43.82 79.17
N ASN R 102 -42.97 42.64 78.88
CA ASN R 102 -43.43 41.80 77.78
C ASN R 102 -43.85 40.45 78.36
N LEU R 103 -45.12 40.09 78.13
CA LEU R 103 -45.69 38.85 78.66
C LEU R 103 -46.36 38.08 77.53
N GLY R 104 -46.05 36.79 77.43
CA GLY R 104 -46.70 35.94 76.45
C GLY R 104 -47.12 34.60 77.03
N GLY R 105 -48.42 34.33 77.03
CA GLY R 105 -48.93 33.10 77.60
C GLY R 105 -49.72 32.27 76.62
N SER R 106 -49.23 31.06 76.32
CA SER R 106 -49.89 30.14 75.41
C SER R 106 -50.37 28.92 76.18
N SER R 107 -51.67 28.64 76.08
CA SER R 107 -52.28 27.51 76.77
C SER R 107 -53.02 26.64 75.76
N ARG R 108 -52.70 25.35 75.76
CA ARG R 108 -53.37 24.38 74.90
C ARG R 108 -54.01 23.30 75.76
N VAL R 109 -55.30 23.07 75.56
CA VAL R 109 -56.05 22.04 76.28
C VAL R 109 -56.76 21.17 75.25
N GLU R 110 -56.49 19.88 75.29
CA GLU R 110 -57.15 18.90 74.43
C GLU R 110 -57.80 17.89 75.37
N SER R 111 -59.07 18.15 75.69
CA SER R 111 -59.80 17.33 76.65
C SER R 111 -60.78 16.45 75.88
N GLN R 112 -60.47 15.16 75.77
CA GLN R 112 -61.36 14.18 75.17
C GLN R 112 -62.28 13.62 76.25
N SER R 113 -63.58 13.66 75.98
CA SER R 113 -64.60 13.22 76.94
C SER R 113 -65.43 12.13 76.29
N SER R 114 -64.96 10.89 76.39
CA SER R 114 -65.66 9.74 75.80
C SER R 114 -66.49 9.10 76.91
N PHE R 115 -67.78 8.96 76.68
CA PHE R 115 -68.72 8.42 77.65
C PHE R 115 -69.52 7.30 77.01
N GLY R 116 -69.99 6.37 77.85
CA GLY R 116 -70.85 5.30 77.38
C GLY R 116 -72.32 5.67 77.41
N THR R 117 -73.16 4.64 77.45
CA THR R 117 -74.60 4.86 77.52
C THR R 117 -75.00 5.52 78.84
N LEU R 118 -75.45 6.76 78.77
CA LEU R 118 -75.84 7.48 79.97
C LEU R 118 -77.32 7.29 80.26
N ARG R 119 -77.62 7.01 81.52
CA ARG R 119 -79.01 6.72 81.91
C ARG R 119 -79.56 7.79 82.85
N LYS R 120 -80.86 8.09 82.71
CA LYS R 120 -81.53 9.09 83.57
C LYS R 120 -82.45 8.39 84.56
N GLN R 121 -82.43 8.81 85.82
CA GLN R 121 -83.26 8.27 86.88
C GLN R 121 -84.04 9.43 87.51
N GLU R 122 -85.27 9.63 87.05
CA GLU R 122 -86.12 10.71 87.52
C GLU R 122 -87.16 10.18 88.49
N VAL R 123 -87.45 10.94 89.53
CA VAL R 123 -88.45 10.59 90.53
C VAL R 123 -89.77 11.24 90.15
N ASP R 124 -90.87 10.57 90.47
CA ASP R 124 -92.20 11.09 90.20
C ASP R 124 -92.44 12.47 90.81
N LEU R 125 -92.66 13.47 89.95
CA LEU R 125 -92.89 14.82 90.44
C LEU R 125 -94.17 14.92 91.28
N GLN R 126 -95.18 14.15 90.91
CA GLN R 126 -96.41 14.12 91.72
C GLN R 126 -96.27 13.57 93.13
N GLN R 127 -95.44 12.54 93.32
CA GLN R 127 -95.09 12.13 94.68
C GLN R 127 -94.40 13.26 95.42
N LEU R 128 -93.62 14.08 94.69
CA LEU R 128 -92.88 15.15 95.33
C LEU R 128 -93.82 16.23 95.89
N ILE R 129 -94.94 16.46 95.19
CA ILE R 129 -95.84 17.55 95.58
C ILE R 129 -96.82 17.10 96.65
N ARG R 130 -97.16 15.81 96.67
CA ARG R 130 -98.22 15.34 97.57
C ARG R 130 -97.85 15.54 99.04
N ASP R 131 -96.67 15.09 99.44
CA ASP R 131 -96.25 15.26 100.83
C ASP R 131 -95.99 16.73 101.16
N SER R 132 -95.41 17.47 100.21
CA SER R 132 -95.05 18.86 100.47
C SER R 132 -96.25 19.74 100.76
N ALA R 133 -97.34 19.60 100.00
CA ALA R 133 -98.53 20.42 100.21
C ALA R 133 -99.18 20.19 101.57
N GLU R 134 -98.88 19.08 102.24
CA GLU R 134 -99.40 18.78 103.56
C GLU R 134 -98.34 19.10 104.61
N ARG R 135 -98.77 19.11 105.87
CA ARG R 135 -97.87 19.39 106.99
C ARG R 135 -97.01 18.14 107.22
N THR R 136 -95.92 18.06 106.46
CA THR R 136 -95.06 16.88 106.46
C THR R 136 -93.64 17.17 106.95
N ILE R 137 -93.15 18.40 106.82
CA ILE R 137 -91.79 18.75 107.20
C ILE R 137 -91.84 19.52 108.51
N ASN R 138 -91.05 19.06 109.48
CA ASN R 138 -90.99 19.74 110.77
C ASN R 138 -90.34 21.11 110.62
N LEU R 139 -90.81 22.07 111.42
CA LEU R 139 -90.31 23.44 111.28
C LEU R 139 -88.91 23.60 111.84
N ARG R 140 -88.63 22.98 112.99
CA ARG R 140 -87.37 23.14 113.69
C ARG R 140 -86.59 21.83 113.63
N ASN R 141 -85.33 21.91 113.20
CA ASN R 141 -84.41 20.79 113.16
C ASN R 141 -83.08 21.23 113.75
N PRO R 142 -82.37 20.32 114.43
CA PRO R 142 -81.01 20.69 114.91
C PRO R 142 -80.07 21.08 113.79
N VAL R 143 -80.30 20.54 112.60
CA VAL R 143 -79.46 20.90 111.42
C VAL R 143 -80.33 21.83 110.55
N LEU R 144 -79.72 22.59 109.63
CA LEU R 144 -80.44 23.48 108.66
C LEU R 144 -80.70 24.89 109.28
N GLN R 145 -80.39 25.05 110.56
CA GLN R 145 -80.51 26.40 111.17
C GLN R 145 -79.61 27.41 110.45
N GLN R 146 -78.37 27.00 110.16
CA GLN R 146 -77.41 27.88 109.46
C GLN R 146 -77.94 28.24 108.07
N VAL R 147 -78.82 27.42 107.51
CA VAL R 147 -79.42 27.73 106.21
C VAL R 147 -80.40 28.89 106.34
N LEU R 148 -81.25 28.87 107.37
CA LEU R 148 -82.18 29.96 107.60
C LEU R 148 -81.44 31.26 107.93
N GLU R 149 -80.39 31.18 108.75
CA GLU R 149 -79.53 32.32 109.03
C GLU R 149 -78.60 32.56 107.84
N GLY R 150 -79.06 33.37 106.91
CA GLY R 150 -78.46 33.39 105.60
C GLY R 150 -79.55 33.20 104.57
N ARG R 151 -80.72 33.81 104.80
CA ARG R 151 -81.90 33.58 103.90
C ARG R 151 -81.44 33.29 102.47
N ASN R 152 -80.72 34.22 101.85
CA ASN R 152 -80.11 33.99 100.54
C ASN R 152 -79.88 32.59 99.95
N GLU R 153 -79.41 31.65 100.77
CA GLU R 153 -79.30 30.26 100.36
C GLU R 153 -80.57 29.52 100.79
N VAL R 154 -81.11 28.71 99.88
CA VAL R 154 -82.37 28.02 100.10
C VAL R 154 -82.16 26.53 99.84
N LEU R 155 -82.98 25.72 100.52
CA LEU R 155 -82.89 24.27 100.40
C LEU R 155 -83.60 23.80 99.14
N CYS R 156 -83.01 22.80 98.47
CA CYS R 156 -83.58 22.20 97.28
C CYS R 156 -83.47 20.69 97.47
N VAL R 157 -84.23 19.96 96.65
CA VAL R 157 -84.22 18.48 96.71
C VAL R 157 -83.95 17.95 95.30
N LEU R 158 -83.03 17.01 95.17
CA LEU R 158 -82.69 16.42 93.88
C LEU R 158 -83.82 15.55 93.37
N THR R 159 -84.13 15.67 92.08
CA THR R 159 -85.15 14.88 91.42
C THR R 159 -84.79 14.23 90.09
N GLN R 160 -83.79 14.81 89.41
CA GLN R 160 -83.31 14.24 88.13
C GLN R 160 -81.82 13.88 88.31
N LYS R 161 -81.36 12.81 87.68
CA LYS R 161 -79.99 12.36 87.82
C LYS R 161 -79.59 11.60 86.57
N ILE R 162 -78.43 11.94 86.02
CA ILE R 162 -77.87 11.25 84.86
C ILE R 162 -76.67 10.44 85.34
N THR R 163 -76.69 9.14 85.07
CA THR R 163 -75.66 8.23 85.53
C THR R 163 -75.15 7.37 84.38
N THR R 164 -73.83 7.17 84.33
CA THR R 164 -73.22 6.35 83.31
C THR R 164 -73.19 4.88 83.71
N MET R 165 -73.12 4.00 82.71
CA MET R 165 -73.13 2.55 82.95
C MET R 165 -71.85 1.88 82.50
N GLN R 166 -70.99 2.57 81.76
CA GLN R 166 -69.77 1.98 81.22
C GLN R 166 -68.60 2.85 81.67
N LYS R 167 -67.47 2.19 81.90
CA LYS R 167 -66.24 2.92 82.29
C LYS R 167 -66.00 4.02 81.26
N CYS R 168 -65.92 5.26 81.72
CA CYS R 168 -65.74 6.40 80.85
C CYS R 168 -64.29 6.84 80.76
N VAL R 169 -63.94 7.47 79.66
CA VAL R 169 -62.57 7.89 79.37
C VAL R 169 -62.51 9.41 79.29
N ILE R 170 -61.63 10.01 80.07
CA ILE R 170 -61.38 11.45 80.02
C ILE R 170 -59.88 11.65 79.83
N SER R 171 -59.44 11.71 78.57
CA SER R 171 -58.03 11.90 78.25
C SER R 171 -57.78 13.40 78.14
N GLU R 172 -57.18 13.98 79.17
CA GLU R 172 -56.93 15.41 79.24
C GLU R 172 -55.47 15.69 78.94
N HIS R 173 -55.21 16.55 77.96
CA HIS R 173 -53.87 17.04 77.67
C HIS R 173 -53.88 18.54 77.90
N MET R 174 -53.02 19.01 78.80
CA MET R 174 -52.97 20.42 79.18
C MET R 174 -51.53 20.90 79.05
N GLN R 175 -51.22 21.59 77.96
CA GLN R 175 -49.92 22.20 77.76
C GLN R 175 -50.04 23.69 78.04
N VAL R 176 -49.25 24.18 78.99
CA VAL R 176 -49.30 25.57 79.43
C VAL R 176 -47.90 26.15 79.25
N GLU R 177 -47.78 27.19 78.44
CA GLU R 177 -46.52 27.90 78.26
C GLU R 177 -46.73 29.37 78.60
N GLU R 178 -45.95 29.87 79.56
CA GLU R 178 -46.04 31.25 80.01
C GLU R 178 -44.65 31.85 80.00
N LYS R 179 -44.49 32.96 79.29
CA LYS R 179 -43.21 33.66 79.20
C LYS R 179 -43.40 35.07 79.74
N CYS R 180 -42.59 35.42 80.74
CA CYS R 180 -42.63 36.74 81.37
C CYS R 180 -41.28 37.43 81.20
N GLY R 181 -41.30 38.66 80.71
CA GLY R 181 -40.08 39.41 80.52
C GLY R 181 -40.20 40.86 80.94
N GLY R 182 -39.30 41.32 81.80
CA GLY R 182 -39.31 42.69 82.25
C GLY R 182 -37.95 43.35 82.17
N ILE R 183 -37.90 44.45 81.41
CA ILE R 183 -36.65 45.25 81.31
C ILE R 183 -36.92 46.55 82.07
N VAL R 184 -36.08 46.88 83.05
CA VAL R 184 -36.28 48.04 83.90
C VAL R 184 -35.01 48.88 83.88
N GLY R 185 -35.15 50.15 83.52
CA GLY R 185 -34.03 51.08 83.51
C GLY R 185 -34.31 52.34 84.31
N ILE R 186 -33.50 52.57 85.35
CA ILE R 186 -33.82 53.74 86.23
C ILE R 186 -32.71 54.82 86.17
N GLN R 187 -33.09 56.04 85.77
CA GLN R 187 -32.20 57.20 85.69
C GLN R 187 -31.74 57.93 86.98
N THR R 188 -31.33 57.12 87.96
CA THR R 188 -31.00 57.64 89.28
C THR R 188 -29.87 58.65 89.43
N LYS R 189 -29.96 59.49 90.48
CA LYS R 189 -28.90 60.52 90.65
C LYS R 189 -27.48 60.07 90.99
N THR R 190 -26.55 60.10 90.00
CA THR R 190 -25.14 59.67 90.19
C THR R 190 -25.06 58.15 90.25
N VAL R 191 -26.14 57.46 89.87
CA VAL R 191 -26.16 55.97 89.85
C VAL R 191 -26.83 55.51 88.56
N GLN R 192 -26.06 54.97 87.60
CA GLN R 192 -26.74 54.45 86.42
C GLN R 192 -27.18 53.03 86.72
N VAL R 193 -28.48 52.76 86.56
CA VAL R 193 -29.06 51.49 86.95
C VAL R 193 -29.61 50.77 85.72
N SER R 194 -29.52 49.44 85.71
CA SER R 194 -30.07 48.63 84.64
C SER R 194 -30.45 47.25 85.16
N ALA R 195 -31.76 46.99 85.30
CA ALA R 195 -32.26 45.75 85.88
C ALA R 195 -33.14 45.05 84.86
N THR R 196 -32.84 43.78 84.59
CA THR R 196 -33.60 42.97 83.65
C THR R 196 -33.98 41.66 84.33
N GLU R 197 -35.26 41.30 84.22
CA GLU R 197 -35.76 40.03 84.80
C GLU R 197 -36.54 39.27 83.71
N ASP R 198 -36.13 38.02 83.43
CA ASP R 198 -36.77 37.19 82.42
C ASP R 198 -37.27 35.91 83.08
N GLY R 199 -38.55 35.61 82.92
CA GLY R 199 -39.12 34.41 83.49
C GLY R 199 -39.85 33.57 82.47
N ASN R 200 -39.33 32.37 82.20
CA ASN R 200 -39.92 31.43 81.25
C ASN R 200 -40.44 30.24 82.03
N VAL R 201 -41.72 29.95 81.90
CA VAL R 201 -42.35 28.82 82.56
C VAL R 201 -43.04 27.98 81.50
N THR R 202 -42.67 26.70 81.41
CA THR R 202 -43.31 25.76 80.50
C THR R 202 -43.80 24.58 81.32
N LYS R 203 -45.11 24.35 81.29
CA LYS R 203 -45.74 23.29 82.08
C LYS R 203 -46.56 22.40 81.18
N ASP R 204 -46.42 21.09 81.36
CA ASP R 204 -47.17 20.09 80.61
C ASP R 204 -47.83 19.14 81.59
N SER R 205 -49.09 18.79 81.31
CA SER R 205 -49.85 17.85 82.14
C SER R 205 -50.58 16.87 81.23
N ASN R 206 -49.90 15.79 80.86
CA ASN R 206 -50.50 14.73 80.05
C ASN R 206 -51.16 13.74 80.98
N VAL R 207 -52.45 13.94 81.27
CA VAL R 207 -53.16 13.09 82.21
C VAL R 207 -54.30 12.34 81.53
N VAL R 208 -54.17 11.02 81.46
CA VAL R 208 -55.25 10.17 80.97
C VAL R 208 -55.82 9.41 82.16
N LEU R 209 -57.02 9.78 82.58
CA LEU R 209 -57.67 9.17 83.73
C LEU R 209 -59.00 8.57 83.31
N GLU R 210 -59.27 7.38 83.84
CA GLU R 210 -60.55 6.70 83.51
C GLU R 210 -61.61 7.07 84.55
N ILE R 211 -62.86 6.85 84.20
CA ILE R 211 -64.00 7.15 85.07
C ILE R 211 -64.80 5.86 85.24
N PRO R 212 -65.12 5.44 86.45
CA PRO R 212 -65.87 4.19 86.63
C PRO R 212 -67.34 4.39 86.31
N ALA R 213 -68.02 3.25 86.17
CA ALA R 213 -69.46 3.28 85.98
C ALA R 213 -70.16 3.71 87.26
N ALA R 214 -71.45 4.04 87.14
CA ALA R 214 -72.37 4.45 88.19
C ALA R 214 -72.04 5.83 88.76
N THR R 215 -71.10 6.54 88.13
CA THR R 215 -70.75 7.90 88.58
C THR R 215 -71.87 8.87 88.22
N THR R 216 -72.02 9.95 89.00
CA THR R 216 -73.03 10.95 88.67
C THR R 216 -72.45 11.97 87.70
N ILE R 217 -73.15 12.20 86.60
CA ILE R 217 -72.72 13.15 85.58
C ILE R 217 -73.48 14.47 85.69
N ALA R 218 -74.80 14.41 85.87
CA ALA R 218 -75.61 15.60 85.97
C ALA R 218 -76.74 15.35 86.96
N TYR R 219 -77.28 16.44 87.50
CA TYR R 219 -78.38 16.35 88.45
C TYR R 219 -79.22 17.62 88.37
N GLY R 220 -80.53 17.44 88.43
CA GLY R 220 -81.46 18.57 88.44
C GLY R 220 -82.24 18.56 89.75
N VAL R 221 -82.49 19.75 90.28
CA VAL R 221 -83.12 19.90 91.58
C VAL R 221 -84.31 20.81 91.27
N ILE R 222 -85.33 20.70 92.12
CA ILE R 222 -86.40 21.76 92.05
C ILE R 222 -86.39 22.31 93.48
N GLU R 223 -86.53 23.62 93.61
CA GLU R 223 -86.38 24.30 94.89
C GLU R 223 -87.55 24.18 95.85
N LEU R 224 -87.25 24.44 97.13
CA LEU R 224 -88.28 24.30 98.19
C LEU R 224 -88.71 25.66 98.71
N TYR R 225 -90.00 25.98 98.57
CA TYR R 225 -90.57 27.21 99.11
C TYR R 225 -90.58 27.15 100.63
N VAL R 226 -89.80 28.01 101.28
CA VAL R 226 -89.67 27.99 102.72
C VAL R 226 -90.21 29.29 103.31
N LYS R 227 -91.26 29.19 104.12
CA LYS R 227 -91.72 30.31 104.92
C LYS R 227 -91.49 29.98 106.39
N LEU R 228 -90.85 30.91 107.11
CA LEU R 228 -90.47 30.63 108.52
C LEU R 228 -91.74 30.38 109.36
N ASP R 229 -92.91 30.75 108.84
CA ASP R 229 -94.17 30.44 109.57
C ASP R 229 -94.30 28.92 109.69
N GLY R 230 -93.96 28.20 108.62
CA GLY R 230 -93.99 26.72 108.69
C GLY R 230 -94.64 26.12 107.46
N GLN R 231 -95.00 26.96 106.49
CA GLN R 231 -95.65 26.46 105.27
C GLN R 231 -94.59 26.17 104.21
N PHE R 232 -94.59 24.94 103.71
CA PHE R 232 -93.62 24.50 102.72
C PHE R 232 -94.33 23.84 101.55
N GLU R 233 -93.76 24.01 100.36
CA GLU R 233 -94.26 23.41 99.13
C GLU R 233 -93.15 23.27 98.11
N PHE R 234 -92.95 22.05 97.60
CA PHE R 234 -91.98 21.82 96.54
C PHE R 234 -92.59 22.23 95.20
N CYS R 235 -92.25 23.42 94.73
CA CYS R 235 -92.86 24.00 93.53
C CYS R 235 -91.83 24.06 92.41
N LEU R 236 -92.24 23.73 91.18
CA LEU R 236 -91.29 23.68 90.04
C LEU R 236 -91.24 24.98 89.21
N LEU R 237 -92.08 25.96 89.53
CA LEU R 237 -92.13 27.18 88.73
C LEU R 237 -91.50 28.33 89.52
N ARG R 238 -91.19 29.42 88.83
CA ARG R 238 -90.52 30.57 89.41
C ARG R 238 -91.36 31.35 90.43
N GLY R 239 -92.66 31.06 90.48
CA GLY R 239 -93.58 31.83 91.31
C GLY R 239 -93.22 31.90 92.79
N LYS R 240 -93.33 30.82 93.49
CA LYS R 240 -93.06 30.81 94.96
C LYS R 240 -92.16 29.64 95.34
N GLN R 241 -90.84 29.77 95.14
CA GLN R 241 -89.88 28.79 95.59
C GLN R 241 -88.63 29.45 96.18
N GLY R 242 -88.63 30.78 96.25
CA GLY R 242 -87.43 31.51 96.62
C GLY R 242 -87.12 31.50 98.10
N GLY R 243 -88.11 31.20 98.94
CA GLY R 243 -87.93 31.29 100.37
C GLY R 243 -88.46 32.61 100.87
N PHE R 244 -89.26 32.58 101.94
CA PHE R 244 -89.91 33.77 102.46
C PHE R 244 -89.85 33.74 103.97
N GLU R 245 -90.11 34.89 104.60
CA GLU R 245 -89.99 34.96 106.09
C GLU R 245 -91.37 34.89 106.76
N MET S 1 -41.92 13.34 93.77
CA MET S 1 -42.05 13.62 95.19
C MET S 1 -43.50 13.47 95.61
N PHE S 2 -43.73 12.87 96.78
CA PHE S 2 -45.09 12.51 97.18
C PHE S 2 -45.96 13.74 97.38
N ALA S 3 -45.38 14.82 97.90
CA ALA S 3 -46.15 16.04 98.15
C ALA S 3 -46.72 16.61 96.85
N LYS S 4 -45.90 16.64 95.81
CA LYS S 4 -46.36 17.17 94.52
C LYS S 4 -47.31 16.20 93.84
N ALA S 5 -47.06 14.90 93.98
CA ALA S 5 -47.87 13.90 93.29
C ALA S 5 -49.35 13.91 93.65
N THR S 6 -49.67 14.00 94.95
CA THR S 6 -51.07 14.07 95.34
C THR S 6 -51.67 15.48 95.21
N ARG S 7 -50.80 16.49 95.23
CA ARG S 7 -51.29 17.88 95.04
C ARG S 7 -51.84 17.94 93.60
N ASN S 8 -51.03 17.53 92.62
CA ASN S 8 -51.46 17.57 91.20
C ASN S 8 -52.71 16.69 91.03
N PHE S 9 -52.68 15.50 91.63
CA PHE S 9 -53.87 14.59 91.56
C PHE S 9 -55.13 15.31 92.00
N LEU S 10 -55.17 15.75 93.27
CA LEU S 10 -56.38 16.37 93.77
C LEU S 10 -56.76 17.63 92.98
N ARG S 11 -55.79 18.28 92.37
CA ARG S 11 -56.08 19.43 91.53
C ARG S 11 -56.94 19.07 90.32
N GLU S 12 -56.65 17.93 89.70
CA GLU S 12 -57.35 17.57 88.46
C GLU S 12 -58.60 16.76 88.73
N VAL S 13 -58.69 16.11 89.90
CA VAL S 13 -59.86 15.31 90.20
C VAL S 13 -60.80 16.10 91.11
N ASP S 14 -60.25 16.66 92.19
CA ASP S 14 -61.07 17.42 93.19
C ASP S 14 -61.13 18.90 92.78
N ALA S 15 -62.13 19.27 91.98
CA ALA S 15 -62.26 20.64 91.49
C ALA S 15 -62.69 21.63 92.57
N ASP S 16 -63.30 21.16 93.66
CA ASP S 16 -63.79 22.04 94.71
C ASP S 16 -62.82 22.19 95.87
N GLY S 17 -61.78 21.38 95.94
CA GLY S 17 -60.85 21.47 97.05
C GLY S 17 -61.31 21.02 98.43
N ASP S 18 -62.39 20.26 98.50
CA ASP S 18 -62.88 19.73 99.78
C ASP S 18 -62.05 18.55 100.33
N LEU S 19 -61.16 18.03 99.51
CA LEU S 19 -60.25 16.95 99.90
C LEU S 19 -58.88 17.60 100.00
N ILE S 20 -58.05 17.05 100.87
CA ILE S 20 -56.72 17.59 101.16
C ILE S 20 -55.69 16.53 100.84
N ALA S 21 -54.68 16.92 100.07
CA ALA S 21 -53.62 16.00 99.68
C ALA S 21 -52.73 15.66 100.88
N VAL S 22 -52.28 14.41 100.94
CA VAL S 22 -51.38 13.98 102.01
C VAL S 22 -49.99 14.53 101.74
N SER S 23 -49.40 15.15 102.77
CA SER S 23 -48.13 15.84 102.60
C SER S 23 -46.97 14.87 102.31
N ASN S 24 -46.83 13.83 103.12
CA ASN S 24 -45.68 12.94 103.01
C ASN S 24 -46.10 11.52 103.37
N LEU S 25 -45.18 10.57 103.19
CA LEU S 25 -45.46 9.18 103.51
C LEU S 25 -45.59 9.07 105.03
N ASN S 26 -44.93 9.97 105.76
CA ASN S 26 -45.06 9.96 107.22
C ASN S 26 -46.53 10.06 107.64
N ASP S 27 -47.23 11.06 107.07
CA ASP S 27 -48.66 11.21 107.31
C ASP S 27 -49.59 10.16 106.72
N SER S 28 -49.11 9.36 105.76
CA SER S 28 -49.93 8.36 105.10
C SER S 28 -50.28 7.17 105.97
N ASP S 29 -49.58 6.97 107.08
CA ASP S 29 -49.87 5.87 107.99
C ASP S 29 -50.55 6.35 109.26
N LYS S 30 -50.70 7.66 109.45
CA LYS S 30 -51.38 8.22 110.60
C LYS S 30 -52.84 8.54 110.33
N LEU S 31 -53.17 8.93 109.10
CA LEU S 31 -54.55 9.26 108.75
C LEU S 31 -55.42 8.03 108.64
N GLN S 32 -56.41 7.92 109.53
CA GLN S 32 -57.36 6.83 109.51
C GLN S 32 -58.76 7.39 109.61
N LEU S 33 -59.75 6.52 109.36
CA LEU S 33 -61.14 6.94 109.35
C LEU S 33 -61.51 7.36 110.77
N LEU S 34 -62.25 8.46 110.88
CA LEU S 34 -62.70 9.00 112.18
C LEU S 34 -61.64 9.21 113.26
N SER S 35 -60.44 9.58 112.85
CA SER S 35 -59.42 10.00 113.82
C SER S 35 -59.49 11.51 113.74
N LEU S 36 -59.13 12.18 114.83
CA LEU S 36 -59.23 13.63 114.90
C LEU S 36 -58.00 14.38 114.41
N VAL S 37 -58.23 15.48 113.70
CA VAL S 37 -57.16 16.32 113.17
C VAL S 37 -57.51 17.74 113.58
N THR S 38 -56.53 18.64 113.48
CA THR S 38 -56.71 20.03 113.85
C THR S 38 -56.09 20.89 112.77
N LYS S 39 -56.88 21.87 112.30
CA LYS S 39 -56.40 22.82 111.29
C LYS S 39 -56.22 24.19 111.94
N LYS S 40 -55.07 24.82 111.73
CA LYS S 40 -54.78 26.14 112.29
C LYS S 40 -55.25 27.22 111.32
N LYS S 41 -56.20 28.03 111.75
CA LYS S 41 -56.80 29.06 110.91
C LYS S 41 -56.05 30.39 110.99
N ARG S 42 -54.92 30.44 111.70
CA ARG S 42 -54.13 31.66 111.76
C ARG S 42 -53.65 32.10 110.38
N PHE S 43 -53.30 31.15 109.52
CA PHE S 43 -52.87 31.48 108.17
C PHE S 43 -54.05 31.99 107.36
N TRP S 44 -53.76 32.85 106.39
CA TRP S 44 -54.78 33.48 105.57
C TRP S 44 -55.07 32.60 104.36
N CYS S 45 -55.81 33.12 103.39
CA CYS S 45 -56.08 32.36 102.17
C CYS S 45 -54.81 32.17 101.34
N TRP S 46 -53.77 32.93 101.65
CA TRP S 46 -52.50 32.83 100.94
C TRP S 46 -51.85 31.45 101.10
N GLN S 47 -51.89 30.88 102.31
CA GLN S 47 -51.30 29.56 102.54
C GLN S 47 -52.39 28.60 103.01
N ARG S 48 -52.16 27.31 102.78
CA ARG S 48 -53.11 26.30 103.22
C ARG S 48 -53.15 26.26 104.74
N PRO S 49 -54.31 25.92 105.33
CA PRO S 49 -54.36 25.76 106.79
C PRO S 49 -53.42 24.66 107.26
N LYS S 50 -52.79 24.87 108.41
CA LYS S 50 -51.85 23.90 108.97
C LYS S 50 -52.64 22.79 109.64
N TYR S 51 -52.52 21.58 109.11
CA TYR S 51 -53.25 20.41 109.60
C TYR S 51 -52.32 19.54 110.43
N GLN S 52 -52.73 19.25 111.66
CA GLN S 52 -51.97 18.41 112.57
C GLN S 52 -52.92 17.35 113.16
N PHE S 53 -52.40 16.14 113.31
CA PHE S 53 -53.21 14.99 113.66
C PHE S 53 -52.94 14.61 115.12
N LEU S 54 -54.02 14.49 115.90
CA LEU S 54 -53.92 13.99 117.26
C LEU S 54 -53.86 12.48 117.26
N SER S 55 -53.15 11.92 118.23
CA SER S 55 -53.01 10.47 118.34
C SER S 55 -54.31 9.82 118.79
N LEU S 56 -55.20 10.60 119.37
CA LEU S 56 -56.47 10.10 119.89
C LEU S 56 -57.48 10.01 118.77
N THR S 57 -58.60 9.33 119.04
CA THR S 57 -59.69 9.18 118.10
C THR S 57 -60.97 9.68 118.76
N LEU S 58 -62.10 9.50 118.05
CA LEU S 58 -63.38 9.92 118.60
C LEU S 58 -63.71 9.17 119.89
N GLY S 59 -63.65 7.84 119.85
CA GLY S 59 -63.94 7.06 121.04
C GLY S 59 -62.99 7.35 122.18
N ASP S 60 -61.80 7.84 121.86
CA ASP S 60 -60.84 8.21 122.91
C ASP S 60 -61.26 9.49 123.62
N VAL S 61 -62.03 10.35 122.95
CA VAL S 61 -62.41 11.64 123.51
C VAL S 61 -63.89 11.76 123.83
N LEU S 62 -64.73 10.81 123.41
CA LEU S 62 -66.14 10.85 123.78
C LEU S 62 -66.29 10.71 125.29
N ILE S 63 -65.93 9.54 125.82
CA ILE S 63 -65.96 9.24 127.26
C ILE S 63 -67.38 9.28 127.81
N GLU S 64 -68.11 10.36 127.53
CA GLU S 64 -69.43 10.54 128.11
C GLU S 64 -70.42 9.47 127.65
N ASP S 65 -70.39 9.10 126.36
CA ASP S 65 -71.34 8.14 125.82
C ASP S 65 -70.62 7.17 124.89
N GLN S 66 -71.28 6.05 124.61
CA GLN S 66 -70.67 4.98 123.84
C GLN S 66 -70.44 5.23 122.35
N PHE S 67 -69.43 4.55 121.80
CA PHE S 67 -69.05 4.68 120.40
C PHE S 67 -69.94 4.20 119.27
N PRO S 68 -70.51 5.09 118.45
CA PRO S 68 -71.42 4.59 117.39
C PRO S 68 -70.74 3.88 116.26
N SER S 69 -71.15 2.65 115.97
CA SER S 69 -70.42 1.80 115.05
C SER S 69 -70.41 2.50 113.69
N PRO S 70 -69.25 2.60 113.03
CA PRO S 70 -69.25 3.24 111.70
C PRO S 70 -69.89 2.59 110.50
N VAL S 71 -70.32 3.40 109.55
CA VAL S 71 -70.89 2.91 108.29
C VAL S 71 -69.86 3.19 107.19
N VAL S 72 -68.93 2.26 107.03
CA VAL S 72 -67.86 2.43 106.05
C VAL S 72 -68.34 1.79 104.75
N VAL S 73 -68.29 2.56 103.66
CA VAL S 73 -68.70 2.09 102.33
C VAL S 73 -67.49 2.30 101.43
N GLU S 74 -67.17 1.23 100.68
CA GLU S 74 -65.98 1.28 99.79
C GLU S 74 -66.40 1.54 98.33
N SER S 75 -65.84 2.59 97.73
CA SER S 75 -66.10 2.93 96.34
C SER S 75 -64.77 3.23 95.66
N ASP S 76 -64.59 2.73 94.45
CA ASP S 76 -63.37 2.93 93.68
C ASP S 76 -63.63 3.83 92.49
N PHE S 77 -62.66 4.67 92.17
CA PHE S 77 -62.85 5.64 91.06
C PHE S 77 -61.52 6.27 90.70
N VAL S 78 -61.45 6.94 89.55
CA VAL S 78 -60.21 7.72 89.23
C VAL S 78 -58.93 6.87 89.38
N LYS S 79 -58.85 5.72 88.70
CA LYS S 79 -57.58 4.97 88.85
C LYS S 79 -56.50 5.92 88.34
N TYR S 80 -56.75 6.66 87.26
CA TYR S 80 -55.85 7.77 86.82
C TYR S 80 -54.44 7.42 86.37
N GLU S 81 -53.74 8.43 85.84
CA GLU S 81 -52.37 8.35 85.34
C GLU S 81 -51.94 9.79 85.06
N GLY S 82 -50.86 10.22 85.69
CA GLY S 82 -50.44 11.60 85.58
C GLY S 82 -48.99 11.78 85.20
N LYS S 83 -48.75 12.55 84.15
CA LYS S 83 -47.41 12.92 83.72
C LYS S 83 -47.28 14.43 83.77
N PHE S 84 -46.22 14.92 84.41
CA PHE S 84 -46.09 16.36 84.65
C PHE S 84 -44.65 16.78 84.34
N ALA S 85 -44.45 17.37 83.17
CA ALA S 85 -43.16 17.91 82.77
C ALA S 85 -43.17 19.42 82.89
N ASN S 86 -42.54 19.93 83.95
CA ASN S 86 -42.57 21.35 84.27
C ASN S 86 -41.18 21.94 84.08
N HIS S 87 -41.10 23.01 83.30
CA HIS S 87 -39.84 23.73 83.06
C HIS S 87 -39.99 25.15 83.58
N VAL S 88 -39.12 25.53 84.52
CA VAL S 88 -39.12 26.87 85.11
C VAL S 88 -37.73 27.45 84.93
N SER S 89 -37.65 28.61 84.28
CA SER S 89 -36.39 29.32 84.09
C SER S 89 -36.57 30.77 84.50
N GLY S 90 -35.76 31.23 85.45
CA GLY S 90 -35.83 32.60 85.89
C GLY S 90 -34.47 33.24 86.04
N THR S 91 -34.23 34.33 85.31
CA THR S 91 -32.95 35.02 85.33
C THR S 91 -33.18 36.40 85.92
N LEU S 92 -32.37 36.76 86.91
CA LEU S 92 -32.42 38.07 87.56
C LEU S 92 -31.09 38.76 87.29
N GLU S 93 -31.16 39.96 86.71
CA GLU S 93 -29.97 40.73 86.38
C GLU S 93 -30.13 42.11 87.01
N THR S 94 -29.23 42.44 87.93
CA THR S 94 -29.27 43.69 88.66
C THR S 94 -27.91 44.36 88.56
N ALA S 95 -27.90 45.68 88.38
CA ALA S 95 -26.67 46.46 88.27
C ALA S 95 -26.92 47.80 88.96
N LEU S 96 -26.24 48.01 90.09
CA LEU S 96 -26.33 49.26 90.84
C LEU S 96 -24.92 49.79 91.09
N GLY S 97 -24.57 50.86 90.37
CA GLY S 97 -23.29 51.51 90.61
C GLY S 97 -22.11 50.57 90.50
N LYS S 98 -21.42 50.39 91.62
CA LYS S 98 -20.21 49.57 91.64
C LYS S 98 -20.51 48.11 91.34
N VAL S 99 -21.60 47.59 91.90
CA VAL S 99 -21.90 46.16 91.87
C VAL S 99 -22.78 45.79 90.68
N LYS S 100 -22.27 44.90 89.84
CA LYS S 100 -23.06 44.21 88.81
C LYS S 100 -23.34 42.73 89.01
N LEU S 101 -24.62 42.34 89.03
CA LEU S 101 -25.03 40.99 89.39
C LEU S 101 -25.81 40.37 88.23
N ASN S 102 -25.36 39.21 87.79
CA ASN S 102 -26.04 38.42 86.77
C ASN S 102 -26.37 37.06 87.36
N LEU S 103 -27.65 36.71 87.38
CA LEU S 103 -28.13 35.45 87.95
C LEU S 103 -29.03 34.75 86.94
N GLY S 104 -28.78 33.46 86.73
CA GLY S 104 -29.62 32.66 85.86
C GLY S 104 -29.95 31.30 86.45
N GLY S 105 -31.23 31.05 86.71
CA GLY S 105 -31.64 29.80 87.31
C GLY S 105 -32.62 29.02 86.46
N SER S 106 -32.23 27.83 86.03
CA SER S 106 -33.07 26.96 85.22
C SER S 106 -33.41 25.70 86.02
N SER S 107 -34.71 25.44 86.18
CA SER S 107 -35.20 24.29 86.92
C SER S 107 -36.13 23.47 86.06
N ARG S 108 -35.85 22.17 85.92
CA ARG S 108 -36.69 21.26 85.17
C ARG S 108 -37.17 20.15 86.09
N VAL S 109 -38.47 19.94 86.14
CA VAL S 109 -39.08 18.89 86.95
C VAL S 109 -40.01 18.07 86.05
N GLU S 110 -39.75 16.78 85.99
CA GLU S 110 -40.60 15.85 85.23
C GLU S 110 -41.07 14.80 86.23
N SER S 111 -42.24 15.05 86.81
CA SER S 111 -42.78 14.20 87.86
C SER S 111 -43.91 13.36 87.26
N GLN S 112 -43.64 12.08 87.04
CA GLN S 112 -44.66 11.14 86.60
C GLN S 112 -45.35 10.54 87.81
N SER S 113 -46.68 10.60 87.82
CA SER S 113 -47.49 10.13 88.94
C SER S 113 -48.47 9.08 88.41
N SER S 114 -48.00 7.83 88.36
CA SER S 114 -48.83 6.72 87.89
C SER S 114 -49.42 6.03 89.10
N PHE S 115 -50.76 5.92 89.13
CA PHE S 115 -51.47 5.34 90.25
C PHE S 115 -52.41 4.25 89.74
N GLY S 116 -52.73 3.29 90.61
CA GLY S 116 -53.68 2.25 90.27
C GLY S 116 -55.10 2.64 90.62
N THR S 117 -55.94 1.62 90.78
CA THR S 117 -57.33 1.84 91.15
C THR S 117 -57.45 2.44 92.54
N LEU S 118 -57.88 3.69 92.63
CA LEU S 118 -58.01 4.36 93.91
C LEU S 118 -59.41 4.17 94.49
N ARG S 119 -59.44 3.83 95.77
CA ARG S 119 -60.74 3.54 96.42
C ARG S 119 -61.06 4.57 97.50
N LYS S 120 -62.35 4.89 97.64
CA LYS S 120 -62.82 5.85 98.66
C LYS S 120 -63.54 5.11 99.78
N GLN S 121 -63.25 5.47 101.02
CA GLN S 121 -63.86 4.89 102.22
C GLN S 121 -64.47 6.02 103.03
N GLU S 122 -65.76 6.26 102.84
CA GLU S 122 -66.48 7.32 103.53
C GLU S 122 -67.33 6.75 104.66
N VAL S 123 -67.37 7.47 105.77
CA VAL S 123 -68.15 7.07 106.94
C VAL S 123 -69.51 7.75 106.86
N ASP S 124 -70.54 7.08 107.37
CA ASP S 124 -71.90 7.63 107.40
C ASP S 124 -71.97 8.98 108.10
N LEU S 125 -72.34 10.02 107.36
CA LEU S 125 -72.44 11.35 107.94
C LEU S 125 -73.52 11.42 109.02
N GLN S 126 -74.61 10.68 108.83
CA GLN S 126 -75.64 10.63 109.86
C GLN S 126 -75.24 10.00 111.19
N GLN S 127 -74.41 8.96 111.18
CA GLN S 127 -73.80 8.48 112.42
C GLN S 127 -72.94 9.56 113.05
N LEU S 128 -72.33 10.41 112.22
CA LEU S 128 -71.45 11.45 112.73
C LEU S 128 -72.23 12.50 113.52
N ILE S 129 -73.46 12.78 113.08
CA ILE S 129 -74.23 13.86 113.70
C ILE S 129 -74.99 13.36 114.92
N ARG S 130 -75.35 12.08 114.94
CA ARG S 130 -76.22 11.57 116.02
C ARG S 130 -75.55 11.70 117.38
N ASP S 131 -74.32 11.22 117.51
CA ASP S 131 -73.63 11.32 118.80
C ASP S 131 -73.28 12.77 119.14
N SER S 132 -72.88 13.54 118.13
CA SER S 132 -72.45 14.92 118.37
C SER S 132 -73.56 15.80 118.94
N ALA S 133 -74.78 15.71 118.41
CA ALA S 133 -75.89 16.52 118.90
C ALA S 133 -76.25 16.24 120.34
N GLU S 134 -75.85 15.09 120.89
CA GLU S 134 -76.10 14.73 122.27
C GLU S 134 -74.84 14.99 123.10
N ARG S 135 -75.01 14.95 124.41
CA ARG S 135 -73.89 15.16 125.35
C ARG S 135 -73.03 13.90 125.34
N THR S 136 -72.12 13.84 124.37
CA THR S 136 -71.30 12.66 124.14
C THR S 136 -69.81 12.90 124.35
N ILE S 137 -69.33 14.14 124.17
CA ILE S 137 -67.92 14.46 124.28
C ILE S 137 -67.68 15.16 125.61
N ASN S 138 -66.72 14.65 126.39
CA ASN S 138 -66.39 15.26 127.67
C ASN S 138 -65.75 16.63 127.45
N LEU S 139 -66.03 17.56 128.37
CA LEU S 139 -65.55 18.93 128.20
C LEU S 139 -64.06 19.04 128.47
N ARG S 140 -63.56 18.36 129.50
CA ARG S 140 -62.18 18.48 129.93
C ARG S 140 -61.46 17.17 129.67
N ASN S 141 -60.31 17.26 128.99
CA ASN S 141 -59.44 16.13 128.72
C ASN S 141 -58.01 16.52 129.06
N PRO S 142 -57.19 15.58 129.52
CA PRO S 142 -55.76 15.92 129.75
C PRO S 142 -55.06 16.35 128.47
N VAL S 143 -55.53 15.86 127.33
CA VAL S 143 -54.94 16.29 126.03
C VAL S 143 -55.95 17.26 125.39
N LEU S 144 -55.53 18.06 124.40
CA LEU S 144 -56.41 19.00 123.64
C LEU S 144 -56.51 20.37 124.35
N GLN S 145 -55.94 20.47 125.56
CA GLN S 145 -55.91 21.79 126.25
C GLN S 145 -55.16 22.83 125.41
N GLN S 146 -54.01 22.42 124.84
CA GLN S 146 -53.19 23.32 124.01
C GLN S 146 -53.98 23.76 122.77
N VAL S 147 -54.98 22.97 122.36
CA VAL S 147 -55.83 23.35 121.22
C VAL S 147 -56.73 24.52 121.60
N LEU S 148 -57.35 24.45 122.79
CA LEU S 148 -58.20 25.54 123.24
C LEU S 148 -57.39 26.81 123.47
N GLU S 149 -56.20 26.68 124.06
CA GLU S 149 -55.28 27.80 124.22
C GLU S 149 -54.59 28.08 122.88
N GLY S 150 -55.22 28.96 122.09
CA GLY S 150 -54.90 29.03 120.69
C GLY S 150 -56.17 28.89 119.90
N ARG S 151 -57.26 29.50 120.38
CA ARG S 151 -58.60 29.34 119.74
C ARG S 151 -58.45 29.10 118.23
N ASN S 152 -57.85 30.06 117.52
CA ASN S 152 -57.52 29.88 116.10
C ASN S 152 -57.43 28.51 115.42
N GLU S 153 -56.84 27.53 116.08
CA GLU S 153 -56.83 26.15 115.60
C GLU S 153 -58.00 25.41 116.24
N VAL S 154 -58.74 24.65 115.41
CA VAL S 154 -59.95 23.96 115.86
C VAL S 154 -59.83 22.49 115.50
N LEU S 155 -60.49 21.65 116.28
CA LEU S 155 -60.46 20.21 116.09
C LEU S 155 -61.42 19.80 114.98
N CYS S 156 -61.00 18.83 114.17
CA CYS S 156 -61.81 18.29 113.08
C CYS S 156 -61.68 16.78 113.18
N VAL S 157 -62.61 16.10 112.49
CA VAL S 157 -62.62 14.61 112.49
C VAL S 157 -62.66 14.14 111.03
N LEU S 158 -61.79 13.21 110.67
CA LEU S 158 -61.73 12.68 109.32
C LEU S 158 -62.95 11.84 109.00
N THR S 159 -63.51 12.03 107.80
CA THR S 159 -64.67 11.29 107.35
C THR S 159 -64.60 10.70 105.93
N GLN S 160 -63.74 11.30 105.09
CA GLN S 160 -63.54 10.78 103.71
C GLN S 160 -62.06 10.40 103.58
N LYS S 161 -61.76 9.36 102.82
CA LYS S 161 -60.38 8.89 102.66
C LYS S 161 -60.27 8.19 101.32
N ILE S 162 -59.23 8.54 100.56
CA ILE S 162 -58.93 7.90 99.28
C ILE S 162 -57.68 7.06 99.47
N THR S 163 -57.77 5.77 99.14
CA THR S 163 -56.69 4.83 99.35
C THR S 163 -56.44 4.02 98.08
N THR S 164 -55.16 3.82 97.77
CA THR S 164 -54.78 3.04 96.60
C THR S 164 -54.70 1.55 96.92
N MET S 165 -54.85 0.72 95.89
CA MET S 165 -54.85 -0.73 96.06
C MET S 165 -53.69 -1.40 95.32
N GLN S 166 -52.98 -0.68 94.46
CA GLN S 166 -51.91 -1.26 93.67
C GLN S 166 -50.67 -0.42 93.90
N LYS S 167 -49.51 -1.11 93.87
CA LYS S 167 -48.22 -0.41 94.04
C LYS S 167 -48.17 0.74 93.03
N CYS S 168 -47.98 1.96 93.51
CA CYS S 168 -47.96 3.14 92.68
C CYS S 168 -46.54 3.57 92.32
N VAL S 169 -46.42 4.25 91.20
CA VAL S 169 -45.12 4.67 90.66
C VAL S 169 -45.05 6.19 90.64
N ILE S 170 -44.01 6.74 91.24
CA ILE S 170 -43.76 8.17 91.22
C ILE S 170 -42.33 8.37 90.73
N SER S 171 -42.15 8.49 89.42
CA SER S 171 -40.83 8.68 88.83
C SER S 171 -40.57 10.18 88.73
N GLU S 172 -39.76 10.70 89.64
CA GLU S 172 -39.49 12.13 89.73
C GLU S 172 -38.10 12.40 89.15
N HIS S 173 -38.03 13.31 88.18
CA HIS S 173 -36.78 13.80 87.64
C HIS S 173 -36.70 15.30 87.95
N MET S 174 -35.67 15.71 88.67
CA MET S 174 -35.51 17.10 89.10
C MET S 174 -34.12 17.56 88.70
N GLN S 175 -34.03 18.30 87.61
CA GLN S 175 -32.78 18.91 87.18
C GLN S 175 -32.81 20.39 87.54
N VAL S 176 -31.84 20.82 88.33
CA VAL S 176 -31.78 22.19 88.83
C VAL S 176 -30.43 22.77 88.41
N GLU S 177 -30.46 23.84 87.63
CA GLU S 177 -29.24 24.55 87.23
C GLU S 177 -29.35 26.00 87.67
N GLU S 178 -28.39 26.44 88.48
CA GLU S 178 -28.36 27.80 88.99
C GLU S 178 -26.98 28.38 88.73
N LYS S 179 -26.94 29.53 88.06
CA LYS S 179 -25.70 30.23 87.75
C LYS S 179 -25.74 31.61 88.38
N CYS S 180 -24.75 31.91 89.20
CA CYS S 180 -24.64 33.19 89.89
C CYS S 180 -23.34 33.87 89.48
N GLY S 181 -23.43 35.12 89.06
CA GLY S 181 -22.26 35.87 88.66
C GLY S 181 -22.26 37.30 89.16
N GLY S 182 -21.19 37.71 89.83
CA GLY S 182 -21.09 39.06 90.35
C GLY S 182 -19.76 39.71 90.02
N ILE S 183 -19.84 40.84 89.32
CA ILE S 183 -18.62 41.63 89.01
C ILE S 183 -18.70 42.90 89.87
N VAL S 184 -17.68 43.17 90.66
CA VAL S 184 -17.69 44.29 91.59
C VAL S 184 -16.43 45.11 91.35
N GLY S 185 -16.61 46.40 91.08
CA GLY S 185 -15.50 47.32 90.89
C GLY S 185 -15.58 48.54 91.79
N ILE S 186 -14.58 48.72 92.64
CA ILE S 186 -14.70 49.84 93.62
C ILE S 186 -13.61 50.91 93.38
N GLN S 187 -14.03 52.16 93.13
CA GLN S 187 -13.16 53.32 92.93
C GLN S 187 -12.43 53.98 94.13
N THR S 188 -11.85 53.12 94.96
CA THR S 188 -11.25 53.56 96.22
C THR S 188 -10.09 54.56 96.19
N LYS S 189 -9.94 55.34 97.26
CA LYS S 189 -8.86 56.37 97.26
C LYS S 189 -7.41 55.88 97.28
N THR S 190 -6.70 55.94 96.13
CA THR S 190 -5.28 55.49 96.01
C THR S 190 -5.22 53.97 95.98
N VAL S 191 -6.37 53.32 95.80
CA VAL S 191 -6.42 51.83 95.72
C VAL S 191 -7.35 51.43 94.58
N GLN S 192 -6.80 50.94 93.45
CA GLN S 192 -7.71 50.48 92.41
C GLN S 192 -8.12 49.05 92.73
N VAL S 193 -9.42 48.80 92.82
CA VAL S 193 -9.94 47.51 93.26
C VAL S 193 -10.73 46.86 92.14
N SER S 194 -10.67 45.54 92.05
CA SER S 194 -11.45 44.78 91.08
C SER S 194 -11.74 43.39 91.62
N ALA S 195 -13.00 43.14 91.99
CA ALA S 195 -13.39 41.87 92.61
C ALA S 195 -14.48 41.22 91.76
N THR S 196 -14.26 39.97 91.38
CA THR S 196 -15.22 39.21 90.58
C THR S 196 -15.47 37.87 91.26
N GLU S 197 -16.76 37.54 91.39
CA GLU S 197 -17.15 36.24 91.99
C GLU S 197 -18.14 35.54 91.06
N ASP S 198 -17.83 34.31 90.64
CA ASP S 198 -18.68 33.53 89.76
C ASP S 198 -19.05 32.23 90.44
N GLY S 199 -20.35 31.95 90.53
CA GLY S 199 -20.81 30.73 91.15
C GLY S 199 -21.75 29.94 90.26
N ASN S 200 -21.32 28.75 89.83
CA ASN S 200 -22.11 27.88 88.98
C ASN S 200 -22.48 26.64 89.79
N VAL S 201 -23.77 26.37 89.92
CA VAL S 201 -24.27 25.22 90.63
C VAL S 201 -25.18 24.44 89.69
N THR S 202 -24.86 23.17 89.48
CA THR S 202 -25.69 22.27 88.68
C THR S 202 -26.03 21.06 89.52
N LYS S 203 -27.32 20.84 89.75
CA LYS S 203 -27.79 19.75 90.61
C LYS S 203 -28.80 18.91 89.85
N ASP S 204 -28.65 17.60 89.94
CA ASP S 204 -29.55 16.64 89.31
C ASP S 204 -30.02 15.65 90.36
N SER S 205 -31.32 15.32 90.32
CA SER S 205 -31.91 14.35 91.25
C SER S 205 -32.83 13.43 90.45
N ASN S 206 -32.26 12.36 89.91
CA ASN S 206 -33.03 11.34 89.19
C ASN S 206 -33.51 10.31 90.20
N VAL S 207 -34.71 10.52 90.74
CA VAL S 207 -35.23 9.63 91.78
C VAL S 207 -36.50 8.93 91.30
N VAL S 208 -36.42 7.61 91.15
CA VAL S 208 -37.59 6.79 90.84
C VAL S 208 -37.92 5.98 92.09
N LEU S 209 -39.01 6.34 92.76
CA LEU S 209 -39.42 5.68 94.00
C LEU S 209 -40.82 5.12 93.82
N GLU S 210 -41.00 3.91 94.34
CA GLU S 210 -42.33 3.25 94.25
C GLU S 210 -43.15 3.59 95.49
N ILE S 211 -44.46 3.40 95.40
CA ILE S 211 -45.38 3.66 96.49
C ILE S 211 -46.17 2.38 96.75
N PRO S 212 -46.23 1.90 97.99
CA PRO S 212 -46.96 0.66 98.26
C PRO S 212 -48.46 0.88 98.26
N ALA S 213 -49.18 -0.24 98.21
CA ALA S 213 -50.63 -0.19 98.31
C ALA S 213 -51.05 0.18 99.72
N ALA S 214 -52.33 0.53 99.88
CA ALA S 214 -53.00 0.90 101.12
C ALA S 214 -52.55 2.25 101.67
N THR S 215 -51.73 2.98 100.90
CA THR S 215 -51.27 4.31 101.33
C THR S 215 -52.42 5.30 101.24
N THR S 216 -52.40 6.35 102.08
CA THR S 216 -53.43 7.37 102.01
C THR S 216 -53.03 8.43 100.99
N ILE S 217 -53.95 8.72 100.07
CA ILE S 217 -53.71 9.71 99.03
C ILE S 217 -54.41 11.04 99.35
N ALA S 218 -55.65 10.98 99.79
CA ALA S 218 -56.41 12.18 100.11
C ALA S 218 -57.33 11.89 101.29
N TYR S 219 -57.72 12.96 101.98
CA TYR S 219 -58.61 12.83 103.12
C TYR S 219 -59.42 14.11 103.28
N GLY S 220 -60.70 13.95 103.59
CA GLY S 220 -61.58 15.07 103.84
C GLY S 220 -62.09 15.02 105.27
N VAL S 221 -62.20 16.18 105.90
CA VAL S 221 -62.55 16.27 107.31
C VAL S 221 -63.75 17.20 107.29
N ILE S 222 -64.59 17.07 108.33
CA ILE S 222 -65.62 18.14 108.52
C ILE S 222 -65.32 18.62 109.93
N GLU S 223 -65.41 19.93 110.16
CA GLU S 223 -64.98 20.53 111.40
C GLU S 223 -65.94 20.39 112.58
N LEU S 224 -65.38 20.58 113.78
CA LEU S 224 -66.18 20.39 115.01
C LEU S 224 -66.48 21.74 115.68
N TYR S 225 -67.76 22.07 115.81
CA TYR S 225 -68.19 23.28 116.51
C TYR S 225 -67.89 23.15 118.00
N VAL S 226 -66.98 23.97 118.51
CA VAL S 226 -66.55 23.89 119.90
C VAL S 226 -66.94 25.15 120.64
N LYS S 227 -67.81 25.03 121.64
CA LYS S 227 -68.08 26.11 122.57
C LYS S 227 -67.56 25.70 123.95
N LEU S 228 -66.77 26.59 124.56
CA LEU S 228 -66.12 26.25 125.86
C LEU S 228 -67.19 25.96 126.93
N ASP S 229 -68.44 26.37 126.67
CA ASP S 229 -69.53 26.04 127.63
C ASP S 229 -69.67 24.53 127.69
N GLY S 230 -69.56 23.84 126.55
CA GLY S 230 -69.62 22.36 126.55
C GLY S 230 -70.50 21.83 125.45
N GLN S 231 -71.04 22.72 124.62
CA GLN S 231 -71.93 22.29 123.54
C GLN S 231 -71.11 22.04 122.28
N PHE S 232 -71.25 20.84 121.72
CA PHE S 232 -70.49 20.43 120.54
C PHE S 232 -71.43 19.82 119.51
N GLU S 233 -71.11 20.06 118.24
CA GLU S 233 -71.87 19.53 117.11
C GLU S 233 -70.99 19.42 115.87
N PHE S 234 -70.92 18.23 115.28
CA PHE S 234 -70.19 18.04 114.04
C PHE S 234 -71.04 18.51 112.87
N CYS S 235 -70.79 19.73 112.39
CA CYS S 235 -71.61 20.37 111.37
C CYS S 235 -70.83 20.48 110.07
N LEU S 236 -71.49 20.21 108.93
CA LEU S 236 -70.78 20.20 107.63
C LEU S 236 -70.87 21.54 106.87
N LEU S 237 -71.62 22.51 107.38
CA LEU S 237 -71.80 23.77 106.67
C LEU S 237 -71.01 24.87 107.38
N ARG S 238 -70.81 25.99 106.67
CA ARG S 238 -70.03 27.11 107.17
C ARG S 238 -70.63 27.85 108.36
N GLY S 239 -71.90 27.57 108.67
CA GLY S 239 -72.60 28.30 109.70
C GLY S 239 -71.96 28.30 111.07
N LYS S 240 -71.95 27.18 111.75
CA LYS S 240 -71.40 27.10 113.12
C LYS S 240 -70.45 25.91 113.25
N GLN S 241 -69.20 26.04 112.81
CA GLN S 241 -68.18 25.02 113.00
C GLN S 241 -66.83 25.64 113.35
N GLY S 242 -66.79 26.97 113.48
CA GLY S 242 -65.52 27.66 113.64
C GLY S 242 -64.92 27.58 115.02
N GLY S 243 -65.73 27.25 116.03
CA GLY S 243 -65.27 27.27 117.40
C GLY S 243 -65.65 28.57 118.05
N PHE S 244 -66.23 28.50 119.25
CA PHE S 244 -66.74 29.67 119.95
C PHE S 244 -66.37 29.56 121.42
N GLU S 245 -66.46 30.68 122.15
CA GLU S 245 -66.06 30.68 123.57
C GLU S 245 -67.28 30.59 124.52
N MET T 1 -21.87 9.21 100.83
CA MET T 1 -21.69 9.42 102.26
C MET T 1 -23.04 9.26 102.95
N PHE T 2 -23.04 8.61 104.11
CA PHE T 2 -24.29 8.24 104.77
C PHE T 2 -25.09 9.47 105.19
N ALA T 3 -24.39 10.52 105.63
CA ALA T 3 -25.08 11.73 106.09
C ALA T 3 -25.88 12.37 104.96
N LYS T 4 -25.29 12.45 103.76
CA LYS T 4 -25.98 13.04 102.63
C LYS T 4 -27.08 12.11 102.11
N ALA T 5 -26.82 10.80 102.14
CA ALA T 5 -27.78 9.85 101.59
C ALA T 5 -29.15 9.86 102.24
N THR T 6 -29.20 9.88 103.58
CA THR T 6 -30.49 9.95 104.25
C THR T 6 -31.08 11.37 104.31
N ARG T 7 -30.20 12.37 104.20
CA ARG T 7 -30.70 13.77 104.16
C ARG T 7 -31.52 13.91 102.88
N ASN T 8 -30.93 13.53 101.73
CA ASN T 8 -31.65 13.65 100.43
C ASN T 8 -32.91 12.79 100.48
N PHE T 9 -32.79 11.57 101.01
CA PHE T 9 -33.98 10.68 101.14
C PHE T 9 -35.12 11.39 101.87
N LEU T 10 -34.89 11.76 103.12
CA LEU T 10 -35.97 12.38 103.89
C LEU T 10 -36.48 13.67 103.25
N ARG T 11 -35.62 14.35 102.48
CA ARG T 11 -36.06 15.54 101.77
C ARG T 11 -37.16 15.24 100.75
N GLU T 12 -37.02 14.13 100.03
CA GLU T 12 -37.95 13.84 98.95
C GLU T 12 -39.15 13.03 99.43
N VAL T 13 -39.02 12.33 100.56
CA VAL T 13 -40.13 11.52 101.05
C VAL T 13 -40.84 12.28 102.16
N ASP T 14 -40.06 12.78 103.14
CA ASP T 14 -40.66 13.49 104.31
C ASP T 14 -40.77 14.99 104.00
N ALA T 15 -41.90 15.41 103.43
CA ALA T 15 -42.11 16.81 103.04
C ALA T 15 -42.29 17.74 104.23
N ASP T 16 -42.68 17.23 105.40
CA ASP T 16 -42.93 18.06 106.57
C ASP T 16 -41.74 18.15 107.51
N GLY T 17 -40.71 17.32 107.33
CA GLY T 17 -39.58 17.36 108.23
C GLY T 17 -39.76 16.84 109.65
N ASP T 18 -40.82 16.09 109.92
CA ASP T 18 -41.05 15.50 111.23
C ASP T 18 -40.16 14.29 111.55
N LEU T 19 -39.45 13.80 110.55
CA LEU T 19 -38.52 12.70 110.69
C LEU T 19 -37.13 13.32 110.54
N ILE T 20 -36.15 12.72 111.21
CA ILE T 20 -34.79 13.24 111.25
C ILE T 20 -33.86 12.18 110.67
N ALA T 21 -33.02 12.60 109.73
CA ALA T 21 -32.08 11.69 109.10
C ALA T 21 -30.97 11.29 110.07
N VAL T 22 -30.54 10.03 109.98
CA VAL T 22 -29.46 9.54 110.83
C VAL T 22 -28.13 10.09 110.31
N SER T 23 -27.34 10.65 111.22
CA SER T 23 -26.11 11.34 110.83
C SER T 23 -25.07 10.38 110.27
N ASN T 24 -24.78 9.29 110.99
CA ASN T 24 -23.69 8.39 110.61
C ASN T 24 -24.05 6.96 110.99
N LEU T 25 -23.20 6.01 110.58
CA LEU T 25 -23.45 4.61 110.88
C LEU T 25 -23.27 4.43 112.38
N ASN T 26 -22.46 5.29 113.01
CA ASN T 26 -22.30 5.21 114.46
C ASN T 26 -23.64 5.31 115.18
N ASP T 27 -24.43 6.33 114.80
CA ASP T 27 -25.78 6.49 115.34
C ASP T 27 -26.82 5.48 114.89
N SER T 28 -26.56 4.73 113.83
CA SER T 28 -27.52 3.76 113.30
C SER T 28 -27.71 2.53 114.18
N ASP T 29 -26.80 2.28 115.11
CA ASP T 29 -26.92 1.13 116.02
C ASP T 29 -27.33 1.57 117.42
N LYS T 30 -27.41 2.86 117.68
CA LYS T 30 -27.84 3.37 118.97
C LYS T 30 -29.31 3.72 119.01
N LEU T 31 -29.88 4.17 117.90
CA LEU T 31 -31.29 4.53 117.85
C LEU T 31 -32.19 3.31 117.87
N GLN T 32 -32.98 3.18 118.93
CA GLN T 32 -33.94 2.09 119.06
C GLN T 32 -35.28 2.66 119.47
N LEU T 33 -36.32 1.81 119.37
CA LEU T 33 -37.67 2.25 119.67
C LEU T 33 -37.73 2.60 121.16
N LEU T 34 -38.41 3.70 121.46
CA LEU T 34 -38.59 4.18 122.83
C LEU T 34 -37.33 4.34 123.68
N SER T 35 -36.22 4.71 123.07
CA SER T 35 -35.02 5.07 123.83
C SER T 35 -35.08 6.58 123.84
N LEU T 36 -34.48 7.20 124.86
CA LEU T 36 -34.54 8.64 125.02
C LEU T 36 -33.43 9.40 124.32
N VAL T 37 -33.77 10.54 123.73
CA VAL T 37 -32.81 11.39 123.02
C VAL T 37 -33.06 12.79 123.56
N THR T 38 -32.10 13.69 123.30
CA THR T 38 -32.17 15.06 123.76
C THR T 38 -31.76 15.96 122.61
N LYS T 39 -32.61 16.98 122.37
CA LYS T 39 -32.33 17.97 121.32
C LYS T 39 -32.00 19.31 121.99
N LYS T 40 -30.90 19.93 121.58
CA LYS T 40 -30.48 21.22 122.12
C LYS T 40 -31.10 22.35 121.31
N LYS T 41 -31.94 23.15 121.97
CA LYS T 41 -32.67 24.22 121.32
C LYS T 41 -31.91 25.55 121.31
N ARG T 42 -30.65 25.54 121.76
CA ARG T 42 -29.84 26.75 121.72
C ARG T 42 -29.64 27.25 120.30
N PHE T 43 -29.48 26.35 119.35
CA PHE T 43 -29.33 26.73 117.95
C PHE T 43 -30.65 27.30 117.42
N TRP T 44 -30.53 28.20 116.45
CA TRP T 44 -31.69 28.88 115.88
C TRP T 44 -32.23 28.06 114.71
N CYS T 45 -33.15 28.63 113.93
CA CYS T 45 -33.67 27.93 112.76
C CYS T 45 -32.60 27.77 111.69
N TRP T 46 -31.50 28.51 111.82
CA TRP T 46 -30.40 28.43 110.87
C TRP T 46 -29.76 27.04 110.83
N GLN T 47 -29.57 26.41 111.99
CA GLN T 47 -28.98 25.07 112.03
C GLN T 47 -29.96 24.10 112.68
N ARG T 48 -29.80 22.83 112.35
CA ARG T 48 -30.67 21.80 112.92
C ARG T 48 -30.41 21.69 114.42
N PRO T 49 -31.41 21.33 115.21
CA PRO T 49 -31.18 21.10 116.65
C PRO T 49 -30.18 19.97 116.85
N LYS T 50 -29.34 20.12 117.87
CA LYS T 50 -28.32 19.12 118.18
C LYS T 50 -28.98 17.98 118.95
N TYR T 51 -28.99 16.80 118.35
CA TYR T 51 -29.63 15.62 118.93
C TYR T 51 -28.57 14.69 119.51
N GLN T 52 -28.73 14.35 120.78
CA GLN T 52 -27.82 13.46 121.48
C GLN T 52 -28.65 12.38 122.20
N PHE T 53 -28.13 11.16 122.19
CA PHE T 53 -28.87 10.00 122.65
C PHE T 53 -28.33 9.55 124.00
N LEU T 54 -29.23 9.42 124.97
CA LEU T 54 -28.87 8.84 126.26
C LEU T 54 -28.84 7.32 126.18
N SER T 55 -27.96 6.71 126.97
CA SER T 55 -27.82 5.26 126.98
C SER T 55 -29.02 4.60 127.65
N LEU T 56 -29.77 5.37 128.44
CA LEU T 56 -30.90 4.85 129.17
C LEU T 56 -32.13 4.82 128.28
N THR T 57 -33.17 4.14 128.75
CA THR T 57 -34.45 4.05 128.03
C THR T 57 -35.56 4.53 128.96
N LEU T 58 -36.80 4.40 128.49
CA LEU T 58 -37.94 4.80 129.31
C LEU T 58 -38.02 4.00 130.59
N GLY T 59 -37.99 2.66 130.48
CA GLY T 59 -38.06 1.83 131.67
C GLY T 59 -36.89 2.06 132.61
N ASP T 60 -35.78 2.56 132.08
CA ASP T 60 -34.62 2.86 132.93
C ASP T 60 -34.86 4.11 133.76
N VAL T 61 -35.73 5.01 133.30
CA VAL T 61 -35.97 6.28 133.98
C VAL T 61 -37.35 6.39 134.60
N LEU T 62 -38.27 5.46 134.32
CA LEU T 62 -39.57 5.50 134.98
C LEU T 62 -39.43 5.29 136.47
N ILE T 63 -38.99 4.10 136.87
CA ILE T 63 -38.73 3.73 138.26
C ILE T 63 -40.00 3.75 139.10
N GLU T 64 -40.76 4.86 139.01
CA GLU T 64 -41.94 5.02 139.86
C GLU T 64 -43.01 3.98 139.55
N ASP T 65 -43.25 3.67 138.28
CA ASP T 65 -44.32 2.75 137.90
C ASP T 65 -43.81 1.82 136.80
N GLN T 66 -44.54 0.72 136.61
CA GLN T 66 -44.12 -0.31 135.68
C GLN T 66 -44.19 0.00 134.18
N PHE T 67 -43.32 -0.65 133.42
CA PHE T 67 -43.23 -0.46 131.97
C PHE T 67 -44.34 -0.88 131.02
N PRO T 68 -45.04 0.05 130.38
CA PRO T 68 -46.17 -0.38 129.51
C PRO T 68 -45.74 -1.05 128.22
N SER T 69 -46.22 -2.26 127.98
CA SER T 69 -45.70 -3.06 126.89
C SER T 69 -45.96 -2.31 125.58
N PRO T 70 -44.95 -2.17 124.72
CA PRO T 70 -45.20 -1.48 123.44
C PRO T 70 -46.09 -2.07 122.37
N VAL T 71 -46.69 -1.20 121.55
CA VAL T 71 -47.51 -1.63 120.42
C VAL T 71 -46.72 -1.31 119.16
N VAL T 72 -45.85 -2.24 118.76
CA VAL T 72 -45.00 -2.03 117.59
C VAL T 72 -45.75 -2.60 116.39
N VAL T 73 -45.90 -1.78 115.35
CA VAL T 73 -46.58 -2.18 114.12
C VAL T 73 -45.58 -1.95 112.99
N GLU T 74 -45.43 -2.98 112.15
CA GLU T 74 -44.45 -2.89 111.03
C GLU T 74 -45.15 -2.56 109.72
N SER T 75 -44.71 -1.48 109.06
CA SER T 75 -45.22 -1.08 107.75
C SER T 75 -44.06 -0.76 106.84
N ASP T 76 -44.14 -1.20 105.59
CA ASP T 76 -43.08 -0.98 104.61
C ASP T 76 -43.58 -0.02 103.54
N PHE T 77 -42.66 0.83 103.06
CA PHE T 77 -43.06 1.85 102.07
C PHE T 77 -41.82 2.49 101.47
N VAL T 78 -41.97 3.21 100.36
CA VAL T 78 -40.81 4.00 99.83
C VAL T 78 -39.54 3.12 99.67
N LYS T 79 -39.61 2.01 98.95
CA LYS T 79 -38.36 1.23 98.80
C LYS T 79 -37.37 2.20 98.12
N TYR T 80 -37.83 2.99 97.14
CA TYR T 80 -37.01 4.12 96.59
C TYR T 80 -35.73 3.78 95.85
N GLU T 81 -35.13 4.80 95.24
CA GLU T 81 -33.90 4.75 94.47
C GLU T 81 -33.51 6.18 94.17
N GLY T 82 -32.30 6.57 94.59
CA GLY T 82 -31.90 7.94 94.46
C GLY T 82 -30.54 8.13 93.79
N LYS T 83 -30.50 8.95 92.76
CA LYS T 83 -29.27 9.33 92.09
C LYS T 83 -29.12 10.83 92.17
N PHE T 84 -27.94 11.28 92.60
CA PHE T 84 -27.72 12.70 92.89
C PHE T 84 -26.38 13.13 92.31
N ALA T 85 -26.40 13.77 91.15
CA ALA T 85 -25.20 14.30 90.52
C ALA T 85 -25.15 15.81 90.71
N ASN T 86 -24.33 16.27 91.64
CA ASN T 86 -24.27 17.67 92.02
C ASN T 86 -22.93 18.25 91.58
N HIS T 87 -22.98 19.35 90.85
CA HIS T 87 -21.79 20.08 90.40
C HIS T 87 -21.80 21.47 91.01
N VAL T 88 -20.76 21.80 91.76
CA VAL T 88 -20.60 23.10 92.40
C VAL T 88 -19.27 23.68 91.97
N SER T 89 -19.30 24.87 91.37
CA SER T 89 -18.09 25.58 90.97
C SER T 89 -18.17 27.01 91.46
N GLY T 90 -17.16 27.41 92.25
CA GLY T 90 -17.12 28.76 92.76
C GLY T 90 -15.74 29.39 92.66
N THR T 91 -15.63 30.50 91.95
CA THR T 91 -14.36 31.18 91.74
C THR T 91 -14.43 32.54 92.42
N LEU T 92 -13.44 32.84 93.24
CA LEU T 92 -13.34 34.11 93.95
C LEU T 92 -12.08 34.80 93.45
N GLU T 93 -12.24 36.02 92.95
CA GLU T 93 -11.12 36.80 92.41
C GLU T 93 -11.13 38.15 93.13
N THR T 94 -10.05 38.42 93.86
CA THR T 94 -9.92 39.64 94.64
C THR T 94 -8.59 40.30 94.29
N ALA T 95 -8.59 41.63 94.19
CA ALA T 95 -7.40 42.40 93.86
C ALA T 95 -7.47 43.71 94.65
N LEU T 96 -6.58 43.86 95.63
CA LEU T 96 -6.49 45.07 96.44
C LEU T 96 -5.05 45.57 96.41
N GLY T 97 -4.83 46.67 95.69
CA GLY T 97 -3.52 47.30 95.70
C GLY T 97 -2.40 46.36 95.30
N LYS T 98 -1.50 46.11 96.25
CA LYS T 98 -0.33 45.28 95.99
C LYS T 98 -0.73 43.84 95.69
N VAL T 99 -1.68 43.30 96.44
CA VAL T 99 -2.01 41.88 96.41
C VAL T 99 -3.11 41.58 95.40
N LYS T 100 -2.80 40.73 94.43
CA LYS T 100 -3.80 40.09 93.56
C LYS T 100 -4.07 38.60 93.74
N LEU T 101 -5.31 38.23 94.00
CA LEU T 101 -5.68 36.87 94.37
C LEU T 101 -6.68 36.31 93.37
N ASN T 102 -6.35 35.16 92.80
CA ASN T 102 -7.24 34.44 91.91
C ASN T 102 -7.47 33.04 92.48
N LEU T 103 -8.73 32.72 92.74
CA LEU T 103 -9.10 31.44 93.33
C LEU T 103 -10.21 30.79 92.51
N GLY T 104 -10.03 29.51 92.19
CA GLY T 104 -11.04 28.77 91.47
C GLY T 104 -11.28 27.38 92.05
N GLY T 105 -12.48 27.13 92.56
CA GLY T 105 -12.78 25.85 93.17
C GLY T 105 -13.93 25.13 92.51
N SER T 106 -13.65 23.95 91.95
CA SER T 106 -14.67 23.13 91.29
C SER T 106 -14.86 21.84 92.08
N SER T 107 -16.11 21.59 92.49
CA SER T 107 -16.44 20.40 93.27
C SER T 107 -17.56 19.64 92.56
N ARG T 108 -17.33 18.35 92.32
CA ARG T 108 -18.33 17.48 91.72
C ARG T 108 -18.63 16.33 92.66
N VAL T 109 -19.91 16.13 92.97
CA VAL T 109 -20.36 15.05 93.83
C VAL T 109 -21.45 14.29 93.11
N GLU T 110 -21.25 12.99 92.92
CA GLU T 110 -22.24 12.11 92.31
C GLU T 110 -22.53 11.02 93.35
N SER T 111 -23.54 11.26 94.17
CA SER T 111 -23.89 10.35 95.25
C SER T 111 -25.13 9.56 94.87
N GLN T 112 -24.94 8.28 94.54
CA GLN T 112 -26.05 7.38 94.26
C GLN T 112 -26.48 6.73 95.56
N SER T 113 -27.79 6.80 95.84
CA SER T 113 -28.36 6.28 97.08
C SER T 113 -29.44 5.27 96.72
N SER T 114 -29.02 4.02 96.52
CA SER T 114 -29.95 2.94 96.16
C SER T 114 -30.30 2.20 97.45
N PHE T 115 -31.60 2.10 97.74
CA PHE T 115 -32.09 1.48 98.95
C PHE T 115 -33.12 0.43 98.59
N GLY T 116 -33.28 -0.57 99.46
CA GLY T 116 -34.30 -1.59 99.28
C GLY T 116 -35.62 -1.20 99.93
N THR T 117 -36.43 -2.22 100.21
CA THR T 117 -37.71 -2.00 100.86
C THR T 117 -37.53 -1.46 102.27
N LEU T 118 -37.92 -0.22 102.50
CA LEU T 118 -37.76 0.39 103.82
C LEU T 118 -39.02 0.18 104.65
N ARG T 119 -38.80 -0.22 105.90
CA ARG T 119 -39.95 -0.53 106.78
C ARG T 119 -40.03 0.45 107.96
N LYS T 120 -41.26 0.77 108.37
CA LYS T 120 -41.49 1.70 109.50
C LYS T 120 -41.98 0.90 110.71
N GLN T 121 -41.44 1.20 111.88
CA GLN T 121 -41.80 0.57 113.15
C GLN T 121 -42.22 1.67 114.11
N GLU T 122 -43.53 1.93 114.20
CA GLU T 122 -44.07 2.96 115.07
C GLU T 122 -44.67 2.34 116.32
N VAL T 123 -44.49 3.01 117.45
CA VAL T 123 -45.03 2.57 118.73
C VAL T 123 -46.35 3.28 118.97
N ASP T 124 -47.27 2.58 119.65
CA ASP T 124 -48.58 3.13 119.97
C ASP T 124 -48.49 4.45 120.73
N LEU T 125 -48.98 5.53 120.12
CA LEU T 125 -48.94 6.84 120.77
C LEU T 125 -49.77 6.87 122.06
N GLN T 126 -50.89 6.14 122.06
CA GLN T 126 -51.69 6.05 123.27
C GLN T 126 -51.04 5.36 124.46
N GLN T 127 -50.25 4.31 124.23
CA GLN T 127 -49.42 3.76 125.30
C GLN T 127 -48.43 4.81 125.79
N LEU T 128 -47.98 5.68 124.89
CA LEU T 128 -46.99 6.69 125.26
C LEU T 128 -47.58 7.71 126.23
N ILE T 129 -48.87 8.03 126.08
CA ILE T 129 -49.48 9.08 126.88
C ILE T 129 -49.99 8.53 128.21
N ARG T 130 -50.36 7.25 128.25
CA ARG T 130 -51.00 6.70 129.45
C ARG T 130 -50.07 6.76 130.65
N ASP T 131 -48.84 6.26 130.52
CA ASP T 131 -47.90 6.29 131.64
C ASP T 131 -47.46 7.71 131.96
N SER T 132 -47.27 8.54 130.93
CA SER T 132 -46.77 9.89 131.14
C SER T 132 -47.72 10.76 131.96
N ALA T 133 -49.03 10.70 131.69
CA ALA T 133 -50.00 11.51 132.42
C ALA T 133 -50.08 11.15 133.90
N GLU T 134 -49.59 9.98 134.29
CA GLU T 134 -49.55 9.55 135.68
C GLU T 134 -48.15 9.77 136.25
N ARG T 135 -48.06 9.65 137.58
CA ARG T 135 -46.78 9.81 138.27
C ARG T 135 -45.95 8.54 138.04
N THR T 136 -45.26 8.53 136.89
CA THR T 136 -44.52 7.35 136.45
C THR T 136 -43.02 7.58 136.36
N ILE T 137 -42.56 8.80 136.15
CA ILE T 137 -41.14 9.10 135.98
C ILE T 137 -40.63 9.73 137.27
N ASN T 138 -39.54 9.18 137.81
CA ASN T 138 -38.96 9.73 139.02
C ASN T 138 -38.35 11.10 138.74
N LEU T 139 -38.41 11.99 139.75
CA LEU T 139 -37.96 13.35 139.54
C LEU T 139 -36.43 13.44 139.50
N ARG T 140 -35.76 12.71 140.39
CA ARG T 140 -34.32 12.79 140.54
C ARG T 140 -33.68 11.49 140.07
N ASN T 141 -32.70 11.60 139.18
CA ASN T 141 -31.92 10.47 138.69
C ASN T 141 -30.45 10.85 138.74
N PRO T 142 -29.56 9.87 139.00
CA PRO T 142 -28.12 10.18 138.94
C PRO T 142 -27.68 10.67 137.57
N VAL T 143 -28.38 10.24 136.52
CA VAL T 143 -28.06 10.72 135.15
C VAL T 143 -29.16 11.73 134.77
N LEU T 144 -28.92 12.57 133.75
CA LEU T 144 -29.92 13.56 133.23
C LEU T 144 -29.85 14.89 134.01
N GLN T 145 -29.05 14.93 135.09
CA GLN T 145 -28.86 16.21 135.81
C GLN T 145 -28.26 17.28 134.88
N GLN T 146 -27.27 16.89 134.08
CA GLN T 146 -26.61 17.84 133.14
C GLN T 146 -27.63 18.33 132.10
N VAL T 147 -28.70 17.57 131.87
CA VAL T 147 -29.75 18.01 130.95
C VAL T 147 -30.53 19.17 131.56
N LEU T 148 -30.91 19.05 132.84
CA LEU T 148 -31.63 20.13 133.51
C LEU T 148 -30.76 21.38 133.63
N GLU T 149 -29.48 21.21 133.96
CA GLU T 149 -28.53 22.31 133.97
C GLU T 149 -28.12 22.65 132.54
N GLY T 150 -28.87 23.56 131.94
CA GLY T 150 -28.83 23.71 130.50
C GLY T 150 -30.26 23.62 129.97
N ARG T 151 -31.21 24.21 130.70
CA ARG T 151 -32.65 24.10 130.33
C ARG T 151 -32.81 23.93 128.81
N ASN T 152 -32.35 24.91 128.04
CA ASN T 152 -32.32 24.80 126.58
C ASN T 152 -32.41 23.47 125.82
N GLU T 153 -31.70 22.44 126.30
CA GLU T 153 -31.83 21.10 125.77
C GLU T 153 -32.85 20.33 126.61
N VAL T 154 -33.75 19.62 125.92
CA VAL T 154 -34.86 18.92 126.56
C VAL T 154 -34.84 17.47 126.12
N LEU T 155 -35.35 16.60 126.99
CA LEU T 155 -35.38 15.17 126.72
C LEU T 155 -36.55 14.83 125.81
N CYS T 156 -36.32 13.89 124.88
CA CYS T 156 -37.34 13.41 123.96
C CYS T 156 -37.24 11.90 123.97
N VAL T 157 -38.30 11.26 123.45
CA VAL T 157 -38.33 9.77 123.38
C VAL T 157 -38.67 9.39 121.94
N LEU T 158 -37.91 8.45 121.37
CA LEU T 158 -38.14 7.99 120.01
C LEU T 158 -39.42 7.18 119.92
N THR T 159 -40.20 7.43 118.87
CA THR T 159 -41.44 6.72 118.62
C THR T 159 -41.67 6.21 117.18
N GLN T 160 -40.99 6.84 116.22
CA GLN T 160 -41.08 6.38 114.82
C GLN T 160 -39.67 6.00 114.36
N LYS T 161 -39.54 4.99 113.50
CA LYS T 161 -38.24 4.51 113.06
C LYS T 161 -38.41 3.87 111.69
N ILE T 162 -37.54 4.25 110.75
CA ILE T 162 -37.52 3.68 109.41
C ILE T 162 -36.27 2.82 109.30
N THR T 163 -36.45 1.55 108.95
CA THR T 163 -35.37 0.58 108.88
C THR T 163 -35.39 -0.17 107.56
N THR T 164 -34.21 -0.37 106.98
CA THR T 164 -34.08 -1.10 105.73
C THR T 164 -33.97 -2.60 105.96
N MET T 165 -34.35 -3.38 104.94
CA MET T 165 -34.34 -4.84 105.03
C MET T 165 -33.37 -5.48 104.06
N GLN T 166 -32.83 -4.73 103.10
CA GLN T 166 -31.95 -5.27 102.09
C GLN T 166 -30.66 -4.46 102.11
N LYS T 167 -29.57 -5.15 101.81
CA LYS T 167 -28.25 -4.48 101.74
C LYS T 167 -28.39 -3.28 100.79
N CYS T 168 -28.07 -2.09 101.30
CA CYS T 168 -28.20 -0.87 100.52
C CYS T 168 -26.87 -0.44 99.91
N VAL T 169 -26.96 0.29 98.80
CA VAL T 169 -25.80 0.73 98.04
C VAL T 169 -25.70 2.24 98.07
N ILE T 170 -24.55 2.76 98.48
CA ILE T 170 -24.28 4.18 98.46
C ILE T 170 -22.97 4.39 97.71
N SER T 171 -23.06 4.58 96.40
CA SER T 171 -21.88 4.78 95.57
C SER T 171 -21.62 6.27 95.48
N GLU T 172 -20.63 6.75 96.24
CA GLU T 172 -20.32 8.17 96.32
C GLU T 172 -19.07 8.45 95.50
N HIS T 173 -19.19 9.40 94.57
CA HIS T 173 -18.06 9.91 93.81
C HIS T 173 -17.90 11.39 94.16
N MET T 174 -16.73 11.75 94.68
CA MET T 174 -16.47 13.11 95.12
C MET T 174 -15.16 13.59 94.48
N GLN T 175 -15.28 14.38 93.43
CA GLN T 175 -14.14 15.00 92.77
C GLN T 175 -14.07 16.45 93.21
N VAL T 176 -12.95 16.84 93.81
CA VAL T 176 -12.75 18.19 94.34
C VAL T 176 -11.51 18.76 93.68
N GLU T 177 -11.67 19.87 92.97
CA GLU T 177 -10.55 20.59 92.37
C GLU T 177 -10.54 22.02 92.89
N GLU T 178 -9.42 22.42 93.50
CA GLU T 178 -9.26 23.75 94.07
C GLU T 178 -7.96 24.33 93.55
N LYS T 179 -8.04 25.50 92.93
CA LYS T 179 -6.87 26.20 92.41
C LYS T 179 -6.76 27.55 93.10
N CYS T 180 -5.62 27.80 93.73
CA CYS T 180 -5.34 29.05 94.42
C CYS T 180 -4.14 29.73 93.79
N GLY T 181 -4.29 31.01 93.47
CA GLY T 181 -3.21 31.77 92.87
C GLY T 181 -3.08 33.17 93.42
N GLY T 182 -1.88 33.53 93.89
CA GLY T 182 -1.65 34.85 94.43
C GLY T 182 -0.41 35.50 93.87
N ILE T 183 -0.61 36.67 93.25
CA ILE T 183 0.54 37.46 92.73
C ILE T 183 0.65 38.69 93.64
N VAL T 184 1.82 38.91 94.23
CA VAL T 184 2.03 39.98 95.20
C VAL T 184 3.23 40.80 94.74
N GLY T 185 3.02 42.11 94.57
CA GLY T 185 4.07 43.03 94.20
C GLY T 185 4.20 44.20 95.15
N ILE T 186 5.37 44.32 95.79
CA ILE T 186 5.47 45.40 96.82
C ILE T 186 6.51 46.47 96.42
N GLN T 187 6.06 47.73 96.31
CA GLN T 187 6.91 48.89 95.99
C GLN T 187 7.88 49.48 97.05
N THR T 188 8.60 48.57 97.71
CA THR T 188 9.44 48.96 98.83
C THR T 188 10.59 49.95 98.62
N LYS T 189 10.96 50.68 99.67
CA LYS T 189 12.05 51.69 99.50
C LYS T 189 13.47 51.18 99.20
N THR T 190 13.93 51.30 97.95
CA THR T 190 15.28 50.84 97.51
C THR T 190 15.30 49.32 97.41
N VAL T 191 14.13 48.68 97.44
CA VAL T 191 14.04 47.20 97.30
C VAL T 191 12.89 46.87 96.34
N GLN T 192 13.19 46.43 95.12
CA GLN T 192 12.08 46.03 94.26
C GLN T 192 11.73 44.59 94.59
N VAL T 193 10.46 44.35 94.93
CA VAL T 193 10.01 43.05 95.41
C VAL T 193 8.99 42.46 94.43
N SER T 194 9.02 41.14 94.29
CA SER T 194 8.04 40.44 93.44
C SER T 194 7.83 39.02 93.97
N ALA T 195 6.68 38.76 94.58
CA ALA T 195 6.39 37.47 95.21
C ALA T 195 5.14 36.88 94.57
N THR T 196 5.25 35.65 94.09
CA THR T 196 4.14 34.93 93.46
C THR T 196 4.00 33.57 94.13
N GLU T 197 2.76 33.24 94.50
CA GLU T 197 2.48 31.92 95.12
C GLU T 197 1.30 31.27 94.37
N ASP T 198 1.50 30.07 93.84
CA ASP T 198 0.48 29.33 93.10
C ASP T 198 0.23 28.00 93.80
N GLY T 199 -1.03 27.73 94.13
CA GLY T 199 -1.39 26.49 94.77
C GLY T 199 -2.50 25.75 94.06
N ASN T 200 -2.18 24.59 93.51
CA ASN T 200 -3.15 23.76 92.79
C ASN T 200 -3.37 22.49 93.60
N VAL T 201 -4.62 22.23 93.97
CA VAL T 201 -4.98 21.04 94.72
C VAL T 201 -6.08 20.32 93.96
N THR T 202 -5.84 19.05 93.63
CA THR T 202 -6.82 18.21 92.96
C THR T 202 -7.02 16.96 93.80
N LYS T 203 -8.23 16.74 94.27
CA LYS T 203 -8.54 15.62 95.16
C LYS T 203 -9.70 14.83 94.59
N ASP T 204 -9.55 13.51 94.58
CA ASP T 204 -10.59 12.59 94.10
C ASP T 204 -10.86 11.56 95.18
N SER T 205 -12.14 11.24 95.40
CA SER T 205 -12.55 10.24 96.38
C SER T 205 -13.63 9.36 95.74
N ASN T 206 -13.20 8.32 95.05
CA ASN T 206 -14.12 7.35 94.46
C ASN T 206 -14.41 6.27 95.49
N VAL T 207 -15.46 6.46 96.27
CA VAL T 207 -15.79 5.53 97.35
C VAL T 207 -17.13 4.86 97.11
N VAL T 208 -17.12 3.55 96.89
CA VAL T 208 -18.34 2.76 96.79
C VAL T 208 -18.43 1.89 98.04
N LEU T 209 -19.35 2.23 98.93
CA LEU T 209 -19.52 1.52 100.19
C LEU T 209 -20.94 0.98 100.27
N GLU T 210 -21.04 -0.25 100.77
CA GLU T 210 -22.36 -0.89 100.92
C GLU T 210 -22.91 -0.61 102.32
N ILE T 211 -24.21 -0.78 102.48
CA ILE T 211 -24.89 -0.56 103.75
C ILE T 211 -25.64 -1.84 104.11
N PRO T 212 -25.46 -2.39 105.31
CA PRO T 212 -26.14 -3.63 105.66
C PRO T 212 -27.60 -3.40 105.97
N ALA T 213 -28.35 -4.50 106.02
CA ALA T 213 -29.75 -4.44 106.41
C ALA T 213 -29.85 -4.13 107.90
N ALA T 214 -31.06 -3.78 108.33
CA ALA T 214 -31.48 -3.46 109.70
C ALA T 214 -30.89 -2.15 110.20
N THR T 215 -30.24 -1.39 109.31
CA THR T 215 -29.67 -0.08 109.70
C THR T 215 -30.79 0.92 109.89
N THR T 216 -30.58 1.92 110.76
CA THR T 216 -31.59 2.96 110.94
C THR T 216 -31.39 4.07 109.92
N ILE T 217 -32.46 4.41 109.21
CA ILE T 217 -32.42 5.45 108.19
C ILE T 217 -33.01 6.76 108.70
N ALA T 218 -34.15 6.69 109.38
CA ALA T 218 -34.80 7.88 109.91
C ALA T 218 -35.46 7.54 111.24
N TYR T 219 -35.70 8.58 112.04
CA TYR T 219 -36.34 8.41 113.34
C TYR T 219 -37.07 9.69 113.71
N GLY T 220 -38.26 9.53 114.25
CA GLY T 220 -39.05 10.64 114.74
C GLY T 220 -39.26 10.52 116.23
N VAL T 221 -39.22 11.65 116.93
CA VAL T 221 -39.29 11.68 118.38
C VAL T 221 -40.45 12.63 118.64
N ILE T 222 -41.06 12.45 119.81
CA ILE T 222 -42.01 13.52 120.27
C ILE T 222 -41.42 13.93 121.61
N GLU T 223 -41.43 15.22 121.90
CA GLU T 223 -40.76 15.77 123.07
C GLU T 223 -41.46 15.57 124.40
N LEU T 224 -40.67 15.70 125.47
CA LEU T 224 -41.19 15.46 126.84
C LEU T 224 -41.33 16.77 127.60
N TYR T 225 -42.55 17.12 128.02
CA TYR T 225 -42.80 18.29 128.84
C TYR T 225 -42.22 18.08 130.22
N VAL T 226 -41.21 18.87 130.58
CA VAL T 226 -40.51 18.72 131.85
C VAL T 226 -40.72 19.95 132.71
N LYS T 227 -41.37 19.78 133.86
CA LYS T 227 -41.43 20.83 134.88
C LYS T 227 -40.65 20.34 136.10
N LEU T 228 -39.73 21.20 136.58
CA LEU T 228 -38.85 20.78 137.70
C LEU T 228 -39.68 20.47 138.94
N ASP T 229 -40.95 20.89 138.96
CA ASP T 229 -41.83 20.53 140.11
C ASP T 229 -41.98 19.01 140.14
N GLY T 230 -42.13 18.38 138.97
CA GLY T 230 -42.20 16.90 138.91
C GLY T 230 -43.30 16.43 137.99
N GLN T 231 -43.98 17.37 137.32
CA GLN T 231 -45.07 17.00 136.42
C GLN T 231 -44.53 16.80 135.02
N PHE T 232 -44.80 15.63 134.45
CA PHE T 232 -44.30 15.28 133.12
C PHE T 232 -45.45 14.74 132.27
N GLU T 233 -45.39 15.02 130.97
CA GLU T 233 -46.36 14.55 130.00
C GLU T 233 -45.75 14.49 128.61
N PHE T 234 -45.82 13.33 127.96
CA PHE T 234 -45.37 13.20 126.59
C PHE T 234 -46.44 13.74 125.63
N CYS T 235 -46.26 14.97 125.18
CA CYS T 235 -47.25 15.67 124.37
C CYS T 235 -46.75 15.83 122.94
N LEU T 236 -47.63 15.62 121.96
CA LEU T 236 -47.21 15.67 120.54
C LEU T 236 -47.42 17.05 119.86
N LEU T 237 -48.03 18.00 120.57
CA LEU T 237 -48.32 19.29 119.97
C LEU T 237 -47.39 20.35 120.54
N ARG T 238 -47.32 21.50 119.87
CA ARG T 238 -46.42 22.58 120.25
C ARG T 238 -46.76 23.27 121.57
N GLY T 239 -47.94 23.00 122.11
CA GLY T 239 -48.41 23.68 123.29
C GLY T 239 -47.50 23.61 124.51
N LYS T 240 -47.38 22.46 125.12
CA LYS T 240 -46.56 22.31 126.35
C LYS T 240 -45.62 21.09 126.23
N GLN T 241 -44.49 21.24 125.54
CA GLN T 241 -43.47 20.20 125.48
C GLN T 241 -42.07 20.79 125.57
N GLY T 242 -41.98 22.11 125.75
CA GLY T 242 -40.69 22.78 125.68
C GLY T 242 -39.84 22.63 126.92
N GLY T 243 -40.42 22.25 128.05
CA GLY T 243 -39.68 22.20 129.30
C GLY T 243 -39.92 23.48 130.07
N PHE T 244 -40.23 23.35 131.36
CA PHE T 244 -40.58 24.49 132.20
C PHE T 244 -39.92 24.32 133.56
N GLU T 245 -39.85 25.39 134.34
CA GLU T 245 -39.16 25.32 135.66
C GLU T 245 -40.16 25.20 136.81
N MET U 1 -87.95 13.39 -53.06
CA MET U 1 -89.29 13.82 -53.40
C MET U 1 -89.65 13.30 -54.79
N PHE U 2 -90.89 12.84 -54.93
CA PHE U 2 -91.29 12.13 -56.16
C PHE U 2 -91.23 13.05 -57.38
N ALA U 3 -91.58 14.32 -57.20
CA ALA U 3 -91.58 15.25 -58.33
C ALA U 3 -90.19 15.42 -58.90
N LYS U 4 -89.18 15.56 -58.03
CA LYS U 4 -87.81 15.72 -58.50
C LYS U 4 -87.25 14.41 -59.03
N ALA U 5 -87.63 13.29 -58.42
CA ALA U 5 -87.09 11.99 -58.84
C ALA U 5 -87.37 11.59 -60.28
N THR U 6 -88.62 11.77 -60.73
CA THR U 6 -88.93 11.46 -62.12
C THR U 6 -88.53 12.57 -63.09
N ARG U 7 -88.42 13.80 -62.58
CA ARG U 7 -87.95 14.92 -63.44
C ARG U 7 -86.51 14.60 -63.84
N ASN U 8 -85.66 14.31 -62.84
CA ASN U 8 -84.22 14.01 -63.12
C ASN U 8 -84.15 12.78 -64.02
N PHE U 9 -84.95 11.75 -63.71
CA PHE U 9 -84.97 10.52 -64.55
C PHE U 9 -85.23 10.86 -66.02
N LEU U 10 -86.39 11.46 -66.31
CA LEU U 10 -86.72 11.74 -67.71
C LEU U 10 -85.72 12.67 -68.37
N ARG U 11 -85.04 13.50 -67.57
CA ARG U 11 -84.00 14.37 -68.10
C ARG U 11 -82.84 13.58 -68.69
N GLU U 12 -82.43 12.50 -68.01
CA GLU U 12 -81.24 11.77 -68.44
C GLU U 12 -81.59 10.65 -69.42
N VAL U 13 -82.84 10.20 -69.43
CA VAL U 13 -83.22 9.12 -70.33
C VAL U 13 -83.93 9.71 -71.54
N ASP U 14 -84.93 10.56 -71.29
CA ASP U 14 -85.74 11.17 -72.40
C ASP U 14 -85.08 12.48 -72.86
N ALA U 15 -84.18 12.41 -73.84
CA ALA U 15 -83.46 13.57 -74.33
C ALA U 15 -84.33 14.52 -75.13
N ASP U 16 -85.46 14.05 -75.68
CA ASP U 16 -86.32 14.88 -76.51
C ASP U 16 -87.47 15.51 -75.76
N GLY U 17 -87.73 15.08 -74.53
CA GLY U 17 -88.86 15.61 -73.79
C GLY U 17 -90.26 15.26 -74.22
N ASP U 18 -90.42 14.22 -75.04
CA ASP U 18 -91.74 13.75 -75.46
C ASP U 18 -92.52 12.98 -74.38
N LEU U 19 -91.85 12.65 -73.29
CA LEU U 19 -92.46 11.99 -72.15
C LEU U 19 -92.52 13.04 -71.05
N ILE U 20 -93.51 12.91 -70.18
CA ILE U 20 -93.77 13.87 -69.12
C ILE U 20 -93.68 13.15 -67.79
N ALA U 21 -92.91 13.72 -66.86
CA ALA U 21 -92.74 13.11 -65.55
C ALA U 21 -94.01 13.26 -64.72
N VAL U 22 -94.31 12.23 -63.92
CA VAL U 22 -95.47 12.27 -63.05
C VAL U 22 -95.19 13.18 -61.87
N SER U 23 -96.12 14.10 -61.59
CA SER U 23 -95.90 15.12 -60.57
C SER U 23 -95.83 14.52 -59.17
N ASN U 24 -96.82 13.70 -58.80
CA ASN U 24 -96.92 13.22 -57.43
C ASN U 24 -97.50 11.81 -57.44
N LEU U 25 -97.53 11.18 -56.27
CA LEU U 25 -98.07 9.82 -56.14
C LEU U 25 -99.57 9.91 -56.39
N ASN U 26 -100.18 11.06 -56.10
CA ASN U 26 -101.61 11.23 -56.37
C ASN U 26 -101.94 10.93 -57.83
N ASP U 27 -101.15 11.57 -58.74
CA ASP U 27 -101.31 11.30 -60.16
C ASP U 27 -100.86 9.93 -60.66
N SER U 28 -100.07 9.20 -59.88
CA SER U 28 -99.56 7.91 -60.30
C SER U 28 -100.61 6.81 -60.37
N ASP U 29 -101.77 7.00 -59.74
CA ASP U 29 -102.83 6.01 -59.78
C ASP U 29 -103.97 6.44 -60.70
N LYS U 30 -103.92 7.66 -61.25
CA LYS U 30 -104.92 8.14 -62.18
C LYS U 30 -104.53 7.95 -63.64
N LEU U 31 -103.25 8.02 -63.94
CA LEU U 31 -102.77 7.86 -65.31
C LEU U 31 -102.84 6.40 -65.76
N GLN U 32 -103.68 6.13 -66.75
CA GLN U 32 -103.80 4.81 -67.33
C GLN U 32 -103.74 4.91 -68.84
N LEU U 33 -103.58 3.75 -69.49
CA LEU U 33 -103.44 3.72 -70.94
C LEU U 33 -104.75 4.21 -71.54
N LEU U 34 -104.64 5.02 -72.59
CA LEU U 34 -105.78 5.57 -73.31
C LEU U 34 -106.86 6.26 -72.48
N SER U 35 -106.46 6.94 -71.41
CA SER U 35 -107.40 7.79 -70.65
C SER U 35 -107.06 9.17 -71.17
N LEU U 36 -108.04 10.07 -71.13
CA LEU U 36 -107.85 11.42 -71.67
C LEU U 36 -107.30 12.42 -70.68
N VAL U 37 -106.40 13.29 -71.15
CA VAL U 37 -105.78 14.33 -70.33
C VAL U 37 -105.92 15.61 -71.14
N THR U 38 -105.71 16.73 -70.47
CA THR U 38 -105.83 18.04 -71.10
C THR U 38 -104.65 18.89 -70.65
N LYS U 39 -103.99 19.49 -71.65
CA LYS U 39 -102.85 20.39 -71.37
C LYS U 39 -103.26 21.83 -71.68
N LYS U 40 -103.01 22.74 -70.75
CA LYS U 40 -103.35 24.15 -70.93
C LYS U 40 -102.17 24.86 -71.60
N LYS U 41 -102.42 25.40 -72.79
CA LYS U 41 -101.39 26.06 -73.59
C LYS U 41 -101.27 27.55 -73.29
N ARG U 42 -102.01 28.05 -72.29
CA ARG U 42 -101.90 29.45 -71.92
C ARG U 42 -100.50 29.82 -71.46
N PHE U 43 -99.83 28.91 -70.75
CA PHE U 43 -98.46 29.15 -70.31
C PHE U 43 -97.52 29.13 -71.50
N TRP U 44 -96.44 29.90 -71.39
CA TRP U 44 -95.47 30.05 -72.47
C TRP U 44 -94.41 28.95 -72.36
N CYS U 45 -93.33 29.06 -73.12
CA CYS U 45 -92.25 28.08 -73.02
C CYS U 45 -91.53 28.17 -71.68
N TRP U 46 -91.75 29.27 -70.95
CA TRP U 46 -91.13 29.46 -69.64
C TRP U 46 -91.56 28.39 -68.64
N GLN U 47 -92.84 28.01 -68.61
CA GLN U 47 -93.33 27.00 -67.70
C GLN U 47 -93.90 25.83 -68.48
N ARG U 48 -93.92 24.65 -67.85
CA ARG U 48 -94.47 23.48 -68.50
C ARG U 48 -95.98 23.64 -68.68
N PRO U 49 -96.55 23.06 -69.73
CA PRO U 49 -98.02 23.10 -69.87
C PRO U 49 -98.72 22.43 -68.70
N LYS U 50 -99.84 23.00 -68.28
CA LYS U 50 -100.60 22.47 -67.17
C LYS U 50 -101.42 21.28 -67.64
N TYR U 51 -101.11 20.09 -67.11
CA TYR U 51 -101.75 18.86 -67.50
C TYR U 51 -102.76 18.45 -66.44
N GLN U 52 -104.00 18.23 -66.86
CA GLN U 52 -105.09 17.81 -65.99
C GLN U 52 -105.80 16.62 -66.62
N PHE U 53 -106.18 15.66 -65.78
CA PHE U 53 -106.69 14.37 -66.24
C PHE U 53 -108.20 14.31 -66.03
N LEU U 54 -108.93 14.00 -67.09
CA LEU U 54 -110.36 13.76 -66.98
C LEU U 54 -110.62 12.34 -66.47
N SER U 55 -111.71 12.20 -65.72
CA SER U 55 -112.08 10.90 -65.16
C SER U 55 -112.57 9.95 -66.25
N LEU U 56 -112.96 10.49 -67.39
CA LEU U 56 -113.50 9.71 -68.48
C LEU U 56 -112.36 9.12 -69.32
N THR U 57 -112.69 8.18 -70.20
CA THR U 57 -111.73 7.57 -71.10
C THR U 57 -112.23 7.74 -72.52
N LEU U 58 -111.52 7.11 -73.47
CA LEU U 58 -111.92 7.18 -74.87
C LEU U 58 -113.30 6.57 -75.08
N GLY U 59 -113.49 5.34 -74.62
CA GLY U 59 -114.78 4.69 -74.78
C GLY U 59 -115.91 5.42 -74.09
N ASP U 60 -115.56 6.22 -73.07
CA ASP U 60 -116.58 7.02 -72.38
C ASP U 60 -117.03 8.19 -73.22
N VAL U 61 -116.19 8.65 -74.15
CA VAL U 61 -116.50 9.84 -74.95
C VAL U 61 -116.72 9.53 -76.42
N LEU U 62 -116.44 8.32 -76.88
CA LEU U 62 -116.72 7.98 -78.27
C LEU U 62 -118.23 8.02 -78.53
N ILE U 63 -118.97 7.10 -77.89
CA ILE U 63 -120.42 7.03 -77.97
C ILE U 63 -120.90 6.71 -79.38
N GLU U 64 -120.40 7.45 -80.37
CA GLU U 64 -120.87 7.30 -81.74
C GLU U 64 -120.56 5.91 -82.30
N ASP U 65 -119.37 5.38 -82.03
CA ASP U 65 -118.95 4.11 -82.60
C ASP U 65 -118.23 3.29 -81.53
N GLN U 66 -118.11 1.99 -81.80
CA GLN U 66 -117.56 1.06 -80.83
C GLN U 66 -116.07 1.15 -80.54
N PHE U 67 -115.71 0.75 -79.32
CA PHE U 67 -114.31 0.78 -78.86
C PHE U 67 -113.24 -0.13 -79.45
N PRO U 68 -112.25 0.41 -80.18
CA PRO U 68 -111.25 -0.49 -80.79
C PRO U 68 -110.28 -1.12 -79.82
N SER U 69 -110.21 -2.44 -79.81
CA SER U 69 -109.47 -3.16 -78.77
C SER U 69 -108.02 -2.71 -78.83
N PRO U 70 -107.42 -2.33 -77.71
CA PRO U 70 -106.00 -1.93 -77.76
C PRO U 70 -104.89 -2.92 -78.05
N VAL U 71 -103.79 -2.43 -78.61
CA VAL U 71 -102.62 -3.27 -78.88
C VAL U 71 -101.54 -2.84 -77.88
N VAL U 72 -101.58 -3.45 -76.70
CA VAL U 72 -100.64 -3.10 -75.63
C VAL U 72 -99.44 -4.04 -75.78
N VAL U 73 -98.24 -3.47 -75.84
CA VAL U 73 -97.01 -4.22 -75.96
C VAL U 73 -96.13 -3.81 -74.79
N GLU U 74 -95.59 -4.81 -74.08
CA GLU U 74 -94.76 -4.53 -72.89
C GLU U 74 -93.28 -4.62 -73.22
N SER U 75 -92.52 -3.56 -72.95
CA SER U 75 -91.08 -3.53 -73.15
C SER U 75 -90.43 -2.92 -71.91
N ASP U 76 -89.32 -3.52 -71.47
CA ASP U 76 -88.61 -3.07 -70.29
C ASP U 76 -87.26 -2.49 -70.70
N PHE U 77 -86.85 -1.44 -69.99
CA PHE U 77 -85.58 -0.76 -70.35
C PHE U 77 -85.19 0.20 -69.25
N VAL U 78 -83.94 0.68 -69.27
CA VAL U 78 -83.55 1.75 -68.30
C VAL U 78 -83.90 1.37 -66.84
N LYS U 79 -83.45 0.21 -66.35
CA LYS U 79 -83.77 -0.07 -64.93
C LYS U 79 -83.16 1.09 -64.14
N TYR U 80 -81.95 1.53 -64.49
CA TYR U 80 -81.38 2.80 -63.93
C TYR U 80 -81.06 2.83 -62.44
N GLU U 81 -80.41 3.93 -62.03
CA GLU U 81 -80.00 4.21 -60.66
C GLU U 81 -79.50 5.65 -60.65
N GLY U 82 -80.10 6.48 -59.81
CA GLY U 82 -79.77 7.89 -59.82
C GLY U 82 -79.44 8.45 -58.46
N LYS U 83 -78.28 9.09 -58.35
CA LYS U 83 -77.86 9.79 -57.15
C LYS U 83 -77.65 11.26 -57.49
N PHE U 84 -78.25 12.15 -56.69
CA PHE U 84 -78.25 13.58 -57.01
C PHE U 84 -77.95 14.38 -55.75
N ALA U 85 -76.71 14.82 -55.62
CA ALA U 85 -76.27 15.65 -54.50
C ALA U 85 -76.14 17.09 -54.98
N ASN U 86 -77.11 17.93 -54.65
CA ASN U 86 -77.18 19.30 -55.13
C ASN U 86 -76.97 20.26 -53.98
N HIS U 87 -76.02 21.17 -54.14
CA HIS U 87 -75.73 22.19 -53.14
C HIS U 87 -75.99 23.57 -53.75
N VAL U 88 -76.89 24.32 -53.14
CA VAL U 88 -77.24 25.67 -53.59
C VAL U 88 -77.04 26.63 -52.43
N SER U 89 -76.19 27.65 -52.64
CA SER U 89 -75.95 28.67 -51.63
C SER U 89 -76.08 30.04 -52.29
N GLY U 90 -76.98 30.87 -51.75
CA GLY U 90 -77.18 32.20 -52.28
C GLY U 90 -77.28 33.25 -51.19
N THR U 91 -76.39 34.24 -51.21
CA THR U 91 -76.35 35.29 -50.20
C THR U 91 -76.68 36.60 -50.88
N LEU U 92 -77.64 37.33 -50.31
CA LEU U 92 -78.04 38.64 -50.83
C LEU U 92 -77.73 39.66 -49.76
N GLU U 93 -76.95 40.68 -50.11
CA GLU U 93 -76.54 41.72 -49.19
C GLU U 93 -76.92 43.06 -49.80
N THR U 94 -77.82 43.78 -49.15
CA THR U 94 -78.32 45.07 -49.64
C THR U 94 -78.17 46.09 -48.53
N ALA U 95 -77.77 47.31 -48.90
CA ALA U 95 -77.58 48.41 -47.96
C ALA U 95 -78.03 49.70 -48.66
N LEU U 96 -79.13 50.28 -48.19
CA LEU U 96 -79.65 51.52 -48.72
C LEU U 96 -79.86 52.49 -47.56
N GLY U 97 -79.00 53.50 -47.48
CA GLY U 97 -79.18 54.55 -46.49
C GLY U 97 -79.29 54.03 -45.08
N LYS U 98 -80.46 54.24 -44.48
CA LYS U 98 -80.68 53.84 -43.09
C LYS U 98 -80.61 52.33 -42.91
N VAL U 99 -81.21 51.59 -43.84
CA VAL U 99 -81.40 50.15 -43.70
C VAL U 99 -80.26 49.36 -44.30
N LYS U 100 -79.61 48.55 -43.47
CA LYS U 100 -78.69 47.51 -43.92
C LYS U 100 -79.11 46.06 -43.76
N LEU U 101 -79.14 45.30 -44.86
CA LEU U 101 -79.70 43.96 -44.88
C LEU U 101 -78.63 42.96 -45.31
N ASN U 102 -78.42 41.93 -44.49
CA ASN U 102 -77.51 40.83 -44.81
C ASN U 102 -78.32 39.54 -44.77
N LEU U 103 -78.33 38.82 -45.88
CA LEU U 103 -79.08 37.58 -46.02
C LEU U 103 -78.18 36.49 -46.56
N GLY U 104 -78.20 35.33 -45.91
CA GLY U 104 -77.44 34.18 -46.39
C GLY U 104 -78.23 32.89 -46.35
N GLY U 105 -78.47 32.30 -47.52
CA GLY U 105 -79.25 31.08 -47.59
C GLY U 105 -78.52 29.91 -48.21
N SER U 106 -78.31 28.85 -47.43
CA SER U 106 -77.63 27.65 -47.90
C SER U 106 -78.60 26.50 -47.92
N SER U 107 -78.75 25.87 -49.08
CA SER U 107 -79.65 24.74 -49.28
C SER U 107 -78.89 23.55 -49.84
N ARG U 108 -79.00 22.41 -49.17
CA ARG U 108 -78.38 21.18 -49.62
C ARG U 108 -79.46 20.12 -49.83
N VAL U 109 -79.47 19.53 -51.02
CA VAL U 109 -80.43 18.47 -51.36
C VAL U 109 -79.64 17.29 -51.89
N GLU U 110 -79.80 16.13 -51.27
CA GLU U 110 -79.17 14.89 -51.71
C GLU U 110 -80.31 13.91 -51.95
N SER U 111 -80.80 13.87 -53.18
CA SER U 111 -81.94 13.04 -53.55
C SER U 111 -81.45 11.82 -54.31
N GLN U 112 -81.46 10.67 -53.66
CA GLN U 112 -81.13 9.41 -54.29
C GLN U 112 -82.39 8.80 -54.90
N SER U 113 -82.33 8.45 -56.17
CA SER U 113 -83.48 7.92 -56.91
C SER U 113 -83.10 6.56 -57.47
N SER U 114 -83.27 5.52 -56.66
CA SER U 114 -82.96 4.16 -57.06
C SER U 114 -84.24 3.50 -57.53
N PHE U 115 -84.22 2.99 -58.77
CA PHE U 115 -85.39 2.38 -59.38
C PHE U 115 -85.03 1.00 -59.90
N GLY U 116 -86.03 0.13 -60.00
CA GLY U 116 -85.83 -1.19 -60.56
C GLY U 116 -86.04 -1.22 -62.06
N THR U 117 -86.34 -2.42 -62.57
CA THR U 117 -86.59 -2.59 -63.99
C THR U 117 -87.85 -1.86 -64.42
N LEU U 118 -87.70 -0.81 -65.22
CA LEU U 118 -88.85 -0.02 -65.65
C LEU U 118 -89.37 -0.55 -66.98
N ARG U 119 -90.70 -0.69 -67.05
CA ARG U 119 -91.32 -1.28 -68.25
C ARG U 119 -92.19 -0.26 -68.97
N LYS U 120 -92.21 -0.34 -70.31
CA LYS U 120 -93.03 0.58 -71.14
C LYS U 120 -94.23 -0.18 -71.70
N GLN U 121 -95.40 0.45 -71.67
CA GLN U 121 -96.64 -0.12 -72.20
C GLN U 121 -97.22 0.87 -73.19
N GLU U 122 -96.93 0.66 -74.47
CA GLU U 122 -97.38 1.54 -75.54
C GLU U 122 -98.56 0.91 -76.28
N VAL U 123 -99.52 1.74 -76.66
CA VAL U 123 -100.70 1.30 -77.40
C VAL U 123 -100.45 1.51 -78.87
N ASP U 124 -101.01 0.62 -79.70
CA ASP U 124 -100.87 0.72 -81.15
C ASP U 124 -101.34 2.07 -81.70
N LEU U 125 -100.41 2.81 -82.29
CA LEU U 125 -100.74 4.12 -82.84
C LEU U 125 -101.75 4.02 -83.99
N GLN U 126 -101.64 2.96 -84.79
CA GLN U 126 -102.61 2.73 -85.85
C GLN U 126 -104.04 2.47 -85.41
N GLN U 127 -104.25 1.75 -84.30
CA GLN U 127 -105.58 1.67 -83.71
C GLN U 127 -106.06 3.05 -83.29
N LEU U 128 -105.12 3.91 -82.86
CA LEU U 128 -105.49 5.24 -82.39
C LEU U 128 -106.05 6.09 -83.53
N ILE U 129 -105.51 5.92 -84.75
CA ILE U 129 -105.88 6.78 -85.86
C ILE U 129 -107.14 6.26 -86.56
N ARG U 130 -107.38 4.94 -86.51
CA ARG U 130 -108.47 4.36 -87.28
C ARG U 130 -109.82 4.89 -86.83
N ASP U 131 -110.10 4.85 -85.53
CA ASP U 131 -111.38 5.33 -85.02
C ASP U 131 -111.48 6.85 -85.16
N SER U 132 -110.37 7.56 -84.93
CA SER U 132 -110.39 9.02 -84.95
C SER U 132 -110.75 9.58 -86.32
N ALA U 133 -110.19 9.03 -87.40
CA ALA U 133 -110.46 9.54 -88.74
C ALA U 133 -111.93 9.36 -89.15
N GLU U 134 -112.67 8.50 -88.47
CA GLU U 134 -114.08 8.29 -88.74
C GLU U 134 -114.92 9.05 -87.70
N ARG U 135 -116.22 9.15 -87.98
CA ARG U 135 -117.15 9.83 -87.08
C ARG U 135 -117.40 8.92 -85.88
N THR U 136 -116.50 9.00 -84.91
CA THR U 136 -116.52 8.12 -83.76
C THR U 136 -116.75 8.84 -82.43
N ILE U 137 -116.39 10.12 -82.32
CA ILE U 137 -116.52 10.88 -81.09
C ILE U 137 -117.72 11.80 -81.21
N ASN U 138 -118.61 11.75 -80.22
CA ASN U 138 -119.78 12.62 -80.22
C ASN U 138 -119.37 14.06 -80.00
N LEU U 139 -120.09 14.98 -80.63
CA LEU U 139 -119.71 16.39 -80.58
C LEU U 139 -120.04 17.00 -79.22
N ARG U 140 -121.19 16.67 -78.65
CA ARG U 140 -121.66 17.28 -77.41
C ARG U 140 -121.66 16.23 -76.31
N ASN U 141 -121.04 16.57 -75.19
CA ASN U 141 -121.01 15.75 -73.99
C ASN U 141 -121.33 16.61 -72.78
N PRO U 142 -122.00 16.06 -71.77
CA PRO U 142 -122.23 16.84 -70.54
C PRO U 142 -120.93 17.28 -69.88
N VAL U 143 -119.87 16.50 -70.07
CA VAL U 143 -118.54 16.89 -69.50
C VAL U 143 -117.70 17.39 -70.68
N LEU U 144 -116.61 18.14 -70.43
CA LEU U 144 -115.65 18.62 -71.47
C LEU U 144 -116.12 19.99 -72.05
N GLN U 145 -117.32 20.43 -71.66
CA GLN U 145 -117.76 21.79 -72.10
C GLN U 145 -116.80 22.87 -71.60
N GLN U 146 -116.38 22.77 -70.34
CA GLN U 146 -115.43 23.75 -69.74
C GLN U 146 -114.10 23.72 -70.50
N VAL U 147 -113.78 22.61 -71.18
CA VAL U 147 -112.56 22.54 -71.97
C VAL U 147 -112.69 23.41 -73.22
N LEU U 148 -113.84 23.32 -73.91
CA LEU U 148 -114.05 24.15 -75.09
C LEU U 148 -114.11 25.63 -74.72
N GLU U 149 -114.78 25.96 -73.61
CA GLU U 149 -114.77 27.33 -73.09
C GLU U 149 -113.44 27.60 -72.39
N GLY U 150 -112.49 28.11 -73.16
CA GLY U 150 -111.11 28.08 -72.74
C GLY U 150 -110.28 27.43 -73.84
N ARG U 151 -110.61 27.73 -75.10
CA ARG U 151 -109.93 27.07 -76.25
C ARG U 151 -108.50 26.68 -75.89
N ASN U 152 -107.67 27.65 -75.53
CA ASN U 152 -106.32 27.37 -75.04
C ASN U 152 -105.88 26.02 -74.47
N GLU U 153 -106.73 25.38 -73.68
CA GLU U 153 -106.49 24.02 -73.22
C GLU U 153 -107.19 23.04 -74.17
N VAL U 154 -106.49 21.99 -74.56
CA VAL U 154 -106.97 21.03 -75.54
C VAL U 154 -106.88 19.62 -74.94
N LEU U 155 -107.77 18.74 -75.40
CA LEU U 155 -107.83 17.37 -74.93
C LEU U 155 -106.76 16.53 -75.60
N CYS U 156 -106.13 15.64 -74.84
CA CYS U 156 -105.13 14.71 -75.33
C CYS U 156 -105.50 13.35 -74.78
N VAL U 157 -104.89 12.33 -75.39
CA VAL U 157 -105.13 10.92 -74.95
C VAL U 157 -103.77 10.26 -74.70
N LEU U 158 -103.63 9.59 -73.56
CA LEU U 158 -102.39 8.92 -73.21
C LEU U 158 -102.16 7.70 -74.09
N THR U 159 -100.93 7.53 -74.55
CA THR U 159 -100.55 6.39 -75.38
C THR U 159 -99.26 5.66 -75.00
N GLN U 160 -98.37 6.36 -74.28
CA GLN U 160 -97.11 5.74 -73.80
C GLN U 160 -97.12 5.82 -72.26
N LYS U 161 -96.56 4.82 -71.59
CA LYS U 161 -96.56 4.79 -70.13
C LYS U 161 -95.36 3.97 -69.68
N ILE U 162 -94.61 4.50 -68.73
CA ILE U 162 -93.47 3.81 -68.13
C ILE U 162 -93.86 3.44 -66.71
N THR U 163 -93.76 2.16 -66.38
CA THR U 163 -94.18 1.63 -65.09
C THR U 163 -93.08 0.76 -64.48
N THR U 164 -92.87 0.93 -63.18
CA THR U 164 -91.87 0.14 -62.47
C THR U 164 -92.45 -1.18 -61.97
N MET U 165 -91.57 -2.16 -61.77
CA MET U 165 -91.98 -3.50 -61.35
C MET U 165 -91.44 -3.88 -59.98
N GLN U 166 -90.50 -3.11 -59.44
CA GLN U 166 -89.86 -3.43 -58.17
C GLN U 166 -90.02 -2.22 -57.26
N LYS U 167 -90.15 -2.51 -55.96
CA LYS U 167 -90.26 -1.43 -54.95
C LYS U 167 -89.07 -0.49 -55.15
N CYS U 168 -89.37 0.78 -55.39
CA CYS U 168 -88.33 1.78 -55.64
C CYS U 168 -87.98 2.56 -54.38
N VAL U 169 -86.75 3.08 -54.35
CA VAL U 169 -86.22 3.79 -53.20
C VAL U 169 -85.94 5.24 -53.58
N ILE U 170 -86.49 6.17 -52.82
CA ILE U 170 -86.23 7.59 -53.01
C ILE U 170 -85.79 8.15 -51.66
N SER U 171 -84.49 8.12 -51.39
CA SER U 171 -83.93 8.63 -50.15
C SER U 171 -83.59 10.10 -50.34
N GLU U 172 -84.44 10.97 -49.82
CA GLU U 172 -84.29 12.42 -49.98
C GLU U 172 -83.74 13.02 -48.70
N HIS U 173 -82.64 13.74 -48.82
CA HIS U 173 -82.09 14.52 -47.70
C HIS U 173 -82.13 15.98 -48.12
N MET U 174 -82.83 16.81 -47.33
CA MET U 174 -83.01 18.21 -47.65
C MET U 174 -82.61 19.02 -46.43
N GLN U 175 -81.41 19.59 -46.45
CA GLN U 175 -80.94 20.49 -45.40
C GLN U 175 -81.04 21.92 -45.92
N VAL U 176 -81.80 22.75 -45.20
CA VAL U 176 -82.05 24.13 -45.59
C VAL U 176 -81.60 25.02 -44.44
N GLU U 177 -80.65 25.91 -44.72
CA GLU U 177 -80.20 26.88 -43.74
C GLU U 177 -80.38 28.28 -44.32
N GLU U 178 -81.15 29.11 -43.62
CA GLU U 178 -81.42 30.48 -44.05
C GLU U 178 -81.13 31.42 -42.89
N LYS U 179 -80.26 32.40 -43.13
CA LYS U 179 -79.90 33.39 -42.12
C LYS U 179 -80.29 34.77 -42.64
N CYS U 180 -81.10 35.49 -41.87
CA CYS U 180 -81.55 36.83 -42.21
C CYS U 180 -81.10 37.81 -41.14
N GLY U 181 -80.46 38.90 -41.57
CA GLY U 181 -80.00 39.91 -40.64
C GLY U 181 -80.25 41.32 -41.12
N GLY U 182 -80.90 42.13 -40.29
CA GLY U 182 -81.18 43.51 -40.65
C GLY U 182 -80.80 44.49 -39.55
N ILE U 183 -79.91 45.42 -39.90
CA ILE U 183 -79.53 46.49 -38.94
C ILE U 183 -80.15 47.79 -39.49
N VAL U 184 -80.95 48.47 -38.67
CA VAL U 184 -81.66 49.67 -39.11
C VAL U 184 -81.34 50.79 -38.14
N GLY U 185 -80.85 51.91 -38.67
CA GLY U 185 -80.56 53.08 -37.87
C GLY U 185 -81.23 54.34 -38.40
N ILE U 186 -82.09 54.95 -37.59
CA ILE U 186 -82.85 56.11 -38.13
C ILE U 186 -82.48 57.42 -37.40
N GLN U 187 -82.00 58.42 -38.14
CA GLN U 187 -81.65 59.75 -37.64
C GLN U 187 -82.75 60.77 -37.27
N THR U 188 -83.75 60.27 -36.54
CA THR U 188 -84.93 61.07 -36.23
C THR U 188 -84.79 62.35 -35.43
N LYS U 189 -85.72 63.29 -35.64
CA LYS U 189 -85.60 64.59 -34.91
C LYS U 189 -85.77 64.59 -33.38
N THR U 190 -84.67 64.69 -32.62
CA THR U 190 -84.68 64.70 -31.13
C THR U 190 -84.93 63.28 -30.61
N VAL U 191 -84.81 62.29 -31.49
CA VAL U 191 -84.98 60.86 -31.07
C VAL U 191 -83.86 60.03 -31.73
N GLN U 192 -82.89 59.57 -30.95
CA GLN U 192 -81.90 58.70 -31.58
C GLN U 192 -82.43 57.28 -31.56
N VAL U 193 -82.50 56.66 -32.73
CA VAL U 193 -83.13 55.36 -32.88
C VAL U 193 -82.09 54.33 -33.33
N SER U 194 -82.24 53.08 -32.87
CA SER U 194 -81.38 51.99 -33.28
C SER U 194 -82.13 50.68 -33.20
N ALA U 195 -82.49 50.10 -34.35
CA ALA U 195 -83.28 48.88 -34.41
C ALA U 195 -82.51 47.81 -35.17
N THR U 196 -82.36 46.65 -34.55
CA THR U 196 -81.66 45.52 -35.14
C THR U 196 -82.54 44.29 -35.05
N GLU U 197 -82.67 43.59 -36.19
CA GLU U 197 -83.47 42.33 -36.23
C GLU U 197 -82.62 41.22 -36.87
N ASP U 198 -82.44 40.11 -36.16
CA ASP U 198 -81.66 38.99 -36.65
C ASP U 198 -82.53 37.75 -36.68
N GLY U 199 -82.61 37.10 -37.83
CA GLY U 199 -83.40 35.89 -37.97
C GLY U 199 -82.62 34.73 -38.54
N ASN U 200 -82.43 33.68 -37.73
CA ASN U 200 -81.70 32.49 -38.13
C ASN U 200 -82.69 31.34 -38.19
N VAL U 201 -82.79 30.70 -39.35
CA VAL U 201 -83.68 29.56 -39.56
C VAL U 201 -82.84 28.41 -40.10
N THR U 202 -82.87 27.29 -39.39
CA THR U 202 -82.19 26.07 -39.82
C THR U 202 -83.21 24.96 -39.87
N LYS U 203 -83.41 24.37 -41.06
CA LYS U 203 -84.41 23.34 -41.25
C LYS U 203 -83.77 22.12 -41.90
N ASP U 204 -84.09 20.94 -41.37
CA ASP U 204 -83.59 19.68 -41.87
C ASP U 204 -84.77 18.75 -42.13
N SER U 205 -84.73 18.04 -43.26
CA SER U 205 -85.77 17.09 -43.62
C SER U 205 -85.10 15.81 -44.14
N ASN U 206 -84.78 14.91 -43.21
CA ASN U 206 -84.22 13.61 -43.58
C ASN U 206 -85.36 12.63 -43.82
N VAL U 207 -85.80 12.53 -45.07
CA VAL U 207 -86.94 11.70 -45.41
C VAL U 207 -86.54 10.57 -46.35
N VAL U 208 -86.62 9.33 -45.87
CA VAL U 208 -86.40 8.16 -46.70
C VAL U 208 -87.76 7.47 -46.90
N LEU U 209 -88.29 7.57 -48.11
CA LEU U 209 -89.60 7.02 -48.42
C LEU U 209 -89.46 6.03 -49.57
N GLU U 210 -90.18 4.92 -49.43
CA GLU U 210 -90.12 3.87 -50.48
C GLU U 210 -91.25 4.11 -51.49
N ILE U 211 -91.13 3.52 -52.66
CA ILE U 211 -92.11 3.64 -53.72
C ILE U 211 -92.55 2.23 -54.12
N PRO U 212 -93.85 1.94 -54.15
CA PRO U 212 -94.30 0.59 -54.49
C PRO U 212 -94.18 0.32 -55.98
N ALA U 213 -94.29 -0.96 -56.33
CA ALA U 213 -94.31 -1.34 -57.73
C ALA U 213 -95.62 -0.91 -58.38
N ALA U 214 -95.65 -0.96 -59.71
CA ALA U 214 -96.78 -0.65 -60.58
C ALA U 214 -97.11 0.84 -60.61
N THR U 215 -96.26 1.67 -59.98
CA THR U 215 -96.47 3.13 -59.99
C THR U 215 -96.17 3.68 -61.36
N THR U 216 -96.82 4.80 -61.73
CA THR U 216 -96.52 5.43 -63.02
C THR U 216 -95.35 6.40 -62.87
N ILE U 217 -94.34 6.25 -63.72
CA ILE U 217 -93.16 7.10 -63.69
C ILE U 217 -93.22 8.17 -64.78
N ALA U 218 -93.61 7.79 -65.99
CA ALA U 218 -93.68 8.73 -67.10
C ALA U 218 -94.85 8.35 -67.99
N TYR U 219 -95.32 9.33 -68.76
CA TYR U 219 -96.43 9.11 -69.68
C TYR U 219 -96.31 10.08 -70.84
N GLY U 220 -96.58 9.57 -72.03
CA GLY U 220 -96.61 10.39 -73.24
C GLY U 220 -98.00 10.39 -73.84
N VAL U 221 -98.41 11.55 -74.36
CA VAL U 221 -99.76 11.73 -74.87
C VAL U 221 -99.52 12.22 -76.28
N ILE U 222 -100.52 11.99 -77.14
CA ILE U 222 -100.48 12.70 -78.45
C ILE U 222 -101.80 13.47 -78.46
N GLU U 223 -101.79 14.70 -78.95
CA GLU U 223 -102.94 15.59 -78.86
C GLU U 223 -104.07 15.31 -79.83
N LEU U 224 -105.25 15.85 -79.48
CA LEU U 224 -106.46 15.61 -80.30
C LEU U 224 -106.86 16.88 -81.05
N TYR U 225 -106.88 16.82 -82.38
CA TYR U 225 -107.33 17.93 -83.22
C TYR U 225 -108.84 18.10 -83.04
N VAL U 226 -109.24 19.24 -82.48
CA VAL U 226 -110.65 19.50 -82.19
C VAL U 226 -111.14 20.68 -83.01
N LYS U 227 -112.10 20.43 -83.89
CA LYS U 227 -112.83 21.51 -84.57
C LYS U 227 -114.27 21.50 -84.09
N LEU U 228 -114.76 22.66 -83.67
CA LEU U 228 -116.12 22.74 -83.08
C LEU U 228 -117.17 22.30 -84.11
N ASP U 229 -116.79 22.24 -85.39
CA ASP U 229 -117.73 21.75 -86.43
C ASP U 229 -118.05 20.28 -86.11
N GLY U 230 -117.05 19.50 -85.69
CA GLY U 230 -117.31 18.11 -85.29
C GLY U 230 -116.27 17.16 -85.87
N GLN U 231 -115.27 17.70 -86.55
CA GLN U 231 -114.23 16.87 -87.17
C GLN U 231 -113.08 16.69 -86.20
N PHE U 232 -112.74 15.44 -85.90
CA PHE U 232 -111.68 15.13 -84.95
C PHE U 232 -110.72 14.12 -85.57
N GLU U 233 -109.44 14.25 -85.20
CA GLU U 233 -108.39 13.34 -85.65
C GLU U 233 -107.24 13.32 -84.65
N PHE U 234 -106.87 12.14 -84.18
CA PHE U 234 -105.70 12.01 -83.31
C PHE U 234 -104.43 12.01 -84.14
N CYS U 235 -103.77 13.17 -84.22
CA CYS U 235 -102.61 13.36 -85.08
C CYS U 235 -101.35 13.51 -84.25
N LEU U 236 -100.26 12.89 -84.69
CA LEU U 236 -99.00 12.90 -83.88
C LEU U 236 -98.02 14.01 -84.30
N LEU U 237 -98.32 14.78 -85.34
CA LEU U 237 -97.40 15.80 -85.82
C LEU U 237 -97.94 17.17 -85.47
N ARG U 238 -97.06 18.18 -85.55
CA ARG U 238 -97.40 19.56 -85.18
C ARG U 238 -98.41 20.24 -86.10
N GLY U 239 -98.70 19.63 -87.24
CA GLY U 239 -99.56 20.24 -88.24
C GLY U 239 -100.94 20.64 -87.76
N LYS U 240 -101.80 19.70 -87.49
CA LYS U 240 -103.19 20.01 -87.08
C LYS U 240 -103.58 19.20 -85.83
N GLN U 241 -103.17 19.65 -84.64
CA GLN U 241 -103.58 19.03 -83.38
C GLN U 241 -103.89 20.08 -82.32
N GLY U 242 -103.79 21.36 -82.70
CA GLY U 242 -103.88 22.43 -81.72
C GLY U 242 -105.30 22.76 -81.27
N GLY U 243 -106.30 22.33 -82.03
CA GLY U 243 -107.67 22.70 -81.72
C GLY U 243 -108.07 23.91 -82.55
N PHE U 244 -109.24 23.84 -83.19
CA PHE U 244 -109.70 24.87 -84.10
C PHE U 244 -111.18 25.11 -83.87
N GLU U 245 -111.69 26.23 -84.36
CA GLU U 245 -113.12 26.57 -84.11
C GLU U 245 -114.00 26.25 -85.33
N MET V 1 -75.51 9.28 -70.27
CA MET V 1 -76.77 9.66 -70.91
C MET V 1 -76.83 9.07 -72.30
N PHE V 2 -78.02 8.57 -72.68
CA PHE V 2 -78.15 7.80 -73.91
C PHE V 2 -77.86 8.67 -75.14
N ALA V 3 -78.25 9.94 -75.10
CA ALA V 3 -78.03 10.82 -76.25
C ALA V 3 -76.55 10.99 -76.53
N LYS V 4 -75.74 11.19 -75.49
CA LYS V 4 -74.31 11.36 -75.68
C LYS V 4 -73.63 10.03 -76.03
N ALA V 5 -74.12 8.93 -75.45
CA ALA V 5 -73.49 7.63 -75.68
C ALA V 5 -73.47 7.16 -77.13
N THR V 6 -74.60 7.29 -77.82
CA THR V 6 -74.63 6.91 -79.24
C THR V 6 -74.04 7.99 -80.17
N ARG V 7 -74.06 9.24 -79.70
CA ARG V 7 -73.44 10.33 -80.50
C ARG V 7 -71.94 10.02 -80.58
N ASN V 8 -71.30 9.80 -79.43
CA ASN V 8 -69.85 9.51 -79.40
C ASN V 8 -69.58 8.23 -80.20
N PHE V 9 -70.41 7.21 -80.01
CA PHE V 9 -70.25 5.94 -80.78
C PHE V 9 -70.21 6.20 -82.28
N LEU V 10 -71.29 6.75 -82.82
CA LEU V 10 -71.34 6.98 -84.26
C LEU V 10 -70.23 7.90 -84.75
N ARG V 11 -69.74 8.78 -83.88
CA ARG V 11 -68.62 9.65 -84.24
C ARG V 11 -67.35 8.85 -84.54
N GLU V 12 -67.08 7.81 -83.74
CA GLU V 12 -65.83 7.08 -83.89
C GLU V 12 -65.96 5.92 -84.86
N VAL V 13 -67.18 5.44 -85.10
CA VAL V 13 -67.35 4.32 -86.01
C VAL V 13 -67.80 4.84 -87.36
N ASP V 14 -68.84 5.68 -87.36
CA ASP V 14 -69.42 6.22 -88.64
C ASP V 14 -68.70 7.52 -89.01
N ALA V 15 -67.61 7.42 -89.79
CA ALA V 15 -66.82 8.57 -90.18
C ALA V 15 -67.52 9.47 -91.19
N ASP V 16 -68.50 8.95 -91.93
CA ASP V 16 -69.18 9.72 -92.96
C ASP V 16 -70.48 10.37 -92.48
N GLY V 17 -70.98 9.99 -91.31
CA GLY V 17 -72.24 10.53 -90.85
C GLY V 17 -73.52 10.13 -91.53
N ASP V 18 -73.50 9.05 -92.31
CA ASP V 18 -74.69 8.54 -92.97
C ASP V 18 -75.69 7.81 -92.03
N LEU V 19 -75.24 7.54 -90.81
CA LEU V 19 -76.06 6.91 -89.79
C LEU V 19 -76.34 8.01 -88.77
N ILE V 20 -77.50 7.90 -88.12
CA ILE V 20 -77.97 8.90 -87.18
C ILE V 20 -78.15 8.25 -85.82
N ALA V 21 -77.58 8.87 -84.79
CA ALA V 21 -77.69 8.34 -83.44
C ALA V 21 -79.09 8.50 -82.89
N VAL V 22 -79.54 7.49 -82.13
CA VAL V 22 -80.86 7.55 -81.51
C VAL V 22 -80.83 8.52 -80.34
N SER V 23 -81.80 9.43 -80.31
CA SER V 23 -81.80 10.50 -79.31
C SER V 23 -82.02 9.97 -77.89
N ASN V 24 -83.05 9.15 -77.69
CA ASN V 24 -83.42 8.73 -76.34
C ASN V 24 -83.98 7.31 -76.41
N LEU V 25 -84.24 6.73 -75.23
CA LEU V 25 -84.77 5.37 -75.16
C LEU V 25 -86.20 5.42 -75.70
N ASN V 26 -86.85 6.57 -75.59
CA ASN V 26 -88.21 6.70 -76.16
C ASN V 26 -88.23 6.33 -77.65
N ASP V 27 -87.28 6.94 -78.41
CA ASP V 27 -87.14 6.60 -79.81
C ASP V 27 -86.58 5.22 -80.16
N SER V 28 -85.97 4.54 -79.19
CA SER V 28 -85.36 3.24 -79.43
C SER V 28 -86.38 2.12 -79.65
N ASP V 29 -87.63 2.32 -79.29
CA ASP V 29 -88.67 1.31 -79.50
C ASP V 29 -89.60 1.68 -80.64
N LYS V 30 -89.45 2.86 -81.22
CA LYS V 30 -90.25 3.29 -82.37
C LYS V 30 -89.57 3.03 -83.70
N LEU V 31 -88.24 3.11 -83.74
CA LEU V 31 -87.50 2.90 -84.98
C LEU V 31 -87.47 1.43 -85.36
N GLN V 32 -88.08 1.10 -86.49
CA GLN V 32 -88.07 -0.26 -87.02
C GLN V 32 -87.70 -0.22 -88.49
N LEU V 33 -87.41 -1.40 -89.03
CA LEU V 33 -86.98 -1.50 -90.43
C LEU V 33 -88.14 -1.08 -91.30
N LEU V 34 -87.83 -0.30 -92.34
CA LEU V 34 -88.81 0.20 -93.30
C LEU V 34 -90.05 0.91 -92.74
N SER V 35 -89.87 1.63 -91.64
CA SER V 35 -90.95 2.49 -91.15
C SER V 35 -90.52 3.86 -91.64
N LEU V 36 -91.50 4.75 -91.84
CA LEU V 36 -91.22 6.07 -92.40
C LEU V 36 -90.89 7.13 -91.36
N VAL V 37 -89.92 7.99 -91.69
CA VAL V 37 -89.50 9.08 -90.82
C VAL V 37 -89.48 10.32 -91.70
N THR V 38 -89.43 11.47 -91.05
CA THR V 38 -89.43 12.75 -91.75
C THR V 38 -88.36 13.64 -91.11
N LYS V 39 -87.53 14.21 -91.99
CA LYS V 39 -86.46 15.14 -91.53
C LYS V 39 -86.83 16.55 -91.99
N LYS V 40 -86.78 17.52 -91.07
CA LYS V 40 -87.08 18.90 -91.38
C LYS V 40 -85.82 19.61 -91.84
N LYS V 41 -85.81 20.09 -93.08
CA LYS V 41 -84.64 20.73 -93.68
C LYS V 41 -84.61 22.24 -93.43
N ARG V 42 -85.55 22.77 -92.64
CA ARG V 42 -85.53 24.19 -92.31
C ARG V 42 -84.24 24.60 -91.60
N PHE V 43 -83.73 23.74 -90.72
CA PHE V 43 -82.48 24.03 -90.03
C PHE V 43 -81.31 23.97 -91.01
N TRP V 44 -80.28 24.76 -90.71
CA TRP V 44 -79.12 24.88 -91.58
C TRP V 44 -78.10 23.81 -91.20
N CYS V 45 -76.88 23.90 -91.73
CA CYS V 45 -75.83 22.95 -91.38
C CYS V 45 -75.41 23.11 -89.92
N TRP V 46 -75.77 24.24 -89.31
CA TRP V 46 -75.44 24.50 -87.91
C TRP V 46 -76.06 23.48 -86.97
N GLN V 47 -77.31 23.07 -87.18
CA GLN V 47 -77.96 22.09 -86.34
C GLN V 47 -78.35 20.88 -87.16
N ARG V 48 -78.49 19.73 -86.49
CA ARG V 48 -78.88 18.52 -87.17
C ARG V 48 -80.33 18.64 -87.66
N PRO V 49 -80.67 18.01 -88.78
CA PRO V 49 -82.07 18.01 -89.22
C PRO V 49 -82.98 17.38 -88.18
N LYS V 50 -84.18 17.95 -88.03
CA LYS V 50 -85.15 17.46 -87.06
C LYS V 50 -85.84 16.23 -87.64
N TYR V 51 -85.63 15.08 -86.99
CA TYR V 51 -86.17 13.81 -87.45
C TYR V 51 -87.37 13.43 -86.59
N GLN V 52 -88.50 13.17 -87.25
CA GLN V 52 -89.72 12.76 -86.59
C GLN V 52 -90.29 11.53 -87.29
N PHE V 53 -90.82 10.60 -86.51
CA PHE V 53 -91.21 9.29 -87.00
C PHE V 53 -92.74 9.21 -87.09
N LEU V 54 -93.23 8.83 -88.26
CA LEU V 54 -94.65 8.57 -88.43
C LEU V 54 -95.00 7.18 -87.90
N SER V 55 -96.21 7.04 -87.39
CA SER V 55 -96.67 5.77 -86.86
C SER V 55 -96.92 4.76 -87.98
N LEU V 56 -97.08 5.24 -89.20
CA LEU V 56 -97.38 4.39 -90.33
C LEU V 56 -96.09 3.80 -90.89
N THR V 57 -96.23 2.81 -91.78
CA THR V 57 -95.10 2.18 -92.44
C THR V 57 -95.30 2.27 -93.95
N LEU V 58 -94.41 1.61 -94.69
CA LEU V 58 -94.52 1.61 -96.14
C LEU V 58 -95.82 0.97 -96.60
N GLY V 59 -96.09 -0.24 -96.13
CA GLY V 59 -97.31 -0.93 -96.52
C GLY V 59 -98.56 -0.18 -96.10
N ASP V 60 -98.44 0.66 -95.07
CA ASP V 60 -99.58 1.46 -94.64
C ASP V 60 -99.86 2.60 -95.62
N VAL V 61 -98.86 3.03 -96.37
CA VAL V 61 -99.01 4.18 -97.27
C VAL V 61 -98.92 3.79 -98.74
N LEU V 62 -98.54 2.56 -99.08
CA LEU V 62 -98.54 2.16 -100.48
C LEU V 62 -99.96 2.16 -101.04
N ILE V 63 -100.81 1.26 -100.52
CA ILE V 63 -102.22 1.16 -100.88
C ILE V 63 -102.40 0.77 -102.34
N GLU V 64 -101.71 1.47 -103.25
CA GLU V 64 -101.89 1.24 -104.67
C GLU V 64 -101.46 -0.16 -105.09
N ASP V 65 -100.34 -0.65 -104.57
CA ASP V 65 -99.80 -1.94 -104.98
C ASP V 65 -99.31 -2.69 -103.75
N GLN V 66 -99.13 -4.00 -103.93
CA GLN V 66 -98.78 -4.88 -102.83
C GLN V 66 -97.37 -4.75 -102.23
N PHE V 67 -97.25 -5.09 -100.95
CA PHE V 67 -95.99 -5.01 -100.22
C PHE V 67 -94.81 -5.92 -100.54
N PRO V 68 -93.71 -5.39 -101.08
CA PRO V 68 -92.59 -6.30 -101.43
C PRO V 68 -91.84 -6.87 -100.25
N SER V 69 -91.75 -8.19 -100.17
CA SER V 69 -91.23 -8.84 -98.97
C SER V 69 -89.79 -8.36 -98.75
N PRO V 70 -89.44 -7.93 -97.55
CA PRO V 70 -88.04 -7.50 -97.33
C PRO V 70 -86.89 -8.48 -97.35
N VAL V 71 -85.70 -8.00 -97.69
CA VAL V 71 -84.49 -8.83 -97.68
C VAL V 71 -83.65 -8.33 -96.51
N VAL V 72 -83.92 -8.88 -95.32
CA VAL V 72 -83.22 -8.47 -94.11
C VAL V 72 -82.00 -9.39 -93.97
N VAL V 73 -80.83 -8.80 -93.82
CA VAL V 73 -79.58 -9.54 -93.65
C VAL V 73 -78.97 -9.05 -92.35
N GLU V 74 -78.57 -10.01 -91.51
CA GLU V 74 -78.01 -9.66 -90.18
C GLU V 74 -76.48 -9.74 -90.20
N SER V 75 -75.81 -8.65 -89.83
CA SER V 75 -74.36 -8.60 -89.74
C SER V 75 -73.97 -7.93 -88.43
N ASP V 76 -72.98 -8.49 -87.75
CA ASP V 76 -72.51 -7.97 -86.47
C ASP V 76 -71.12 -7.38 -86.63
N PHE V 77 -70.87 -6.29 -85.90
CA PHE V 77 -69.56 -5.60 -86.03
C PHE V 77 -69.41 -4.58 -84.91
N VAL V 78 -68.19 -4.08 -84.71
CA VAL V 78 -68.01 -2.96 -83.73
C VAL V 78 -68.65 -3.28 -82.36
N LYS V 79 -68.30 -4.41 -81.73
CA LYS V 79 -68.90 -4.63 -80.39
C LYS V 79 -68.46 -3.43 -79.55
N TYR V 80 -67.22 -2.97 -79.68
CA TYR V 80 -66.79 -1.67 -79.08
C TYR V 80 -66.78 -1.56 -77.55
N GLU V 81 -66.23 -0.44 -77.06
CA GLU V 81 -66.10 -0.09 -75.66
C GLU V 81 -65.63 1.35 -75.62
N GLY V 82 -66.40 2.21 -74.96
CA GLY V 82 -66.09 3.63 -74.97
C GLY V 82 -66.05 4.25 -73.60
N LYS V 83 -64.94 4.92 -73.29
CA LYS V 83 -64.79 5.69 -72.06
C LYS V 83 -64.52 7.14 -72.43
N PHE V 84 -65.28 8.05 -71.81
CA PHE V 84 -65.23 9.46 -72.19
C PHE V 84 -65.19 10.33 -70.94
N ALA V 85 -64.01 10.80 -70.58
CA ALA V 85 -63.82 11.69 -69.44
C ALA V 85 -63.60 13.11 -69.95
N ASN V 86 -64.63 13.94 -69.87
CA ASN V 86 -64.62 15.28 -70.41
C ASN V 86 -64.65 16.30 -69.28
N HIS V 87 -63.69 17.22 -69.29
CA HIS V 87 -63.62 18.29 -68.32
C HIS V 87 -63.77 19.63 -69.03
N VAL V 88 -64.78 20.40 -68.65
CA VAL V 88 -65.04 21.71 -69.23
C VAL V 88 -65.08 22.73 -68.10
N SER V 89 -64.23 23.75 -68.18
CA SER V 89 -64.21 24.83 -67.20
C SER V 89 -64.23 26.17 -67.92
N GLY V 90 -65.22 27.00 -67.62
CA GLY V 90 -65.32 28.30 -68.24
C GLY V 90 -65.66 29.40 -67.25
N THR V 91 -64.78 30.40 -67.14
CA THR V 91 -64.95 31.49 -66.20
C THR V 91 -65.15 32.77 -66.99
N LEU V 92 -66.22 33.50 -66.67
CA LEU V 92 -66.52 34.78 -67.32
C LEU V 92 -66.43 35.86 -66.24
N GLU V 93 -65.62 36.87 -66.49
CA GLU V 93 -65.42 37.97 -65.56
C GLU V 93 -65.67 39.27 -66.30
N THR V 94 -66.69 40.00 -65.88
CA THR V 94 -67.09 41.25 -66.51
C THR V 94 -67.18 42.32 -65.44
N ALA V 95 -66.73 43.53 -65.79
CA ALA V 95 -66.75 44.68 -64.88
C ALA V 95 -67.05 45.91 -65.72
N LEU V 96 -68.23 46.50 -65.50
CA LEU V 96 -68.65 47.71 -66.20
C LEU V 96 -69.10 48.72 -65.16
N GLY V 97 -68.29 49.76 -64.94
CA GLY V 97 -68.67 50.85 -64.07
C GLY V 97 -69.06 50.39 -62.68
N LYS V 98 -70.33 50.60 -62.33
CA LYS V 98 -70.82 50.27 -61.00
C LYS V 98 -70.78 48.76 -60.75
N VAL V 99 -71.16 47.97 -61.74
CA VAL V 99 -71.37 46.54 -61.57
C VAL V 99 -70.12 45.74 -61.89
N LYS V 100 -69.64 44.98 -60.91
CA LYS V 100 -68.63 43.94 -61.11
C LYS V 100 -69.07 42.49 -60.96
N LEU V 101 -68.86 41.68 -62.00
CA LEU V 101 -69.40 40.33 -62.08
C LEU V 101 -68.26 39.34 -62.24
N ASN V 102 -68.21 38.36 -61.34
CA ASN V 102 -67.24 37.26 -61.42
C ASN V 102 -68.02 35.95 -61.48
N LEU V 103 -67.80 35.17 -62.54
CA LEU V 103 -68.50 33.92 -62.76
C LEU V 103 -67.49 32.82 -63.06
N GLY V 104 -67.63 31.69 -62.37
CA GLY V 104 -66.78 30.55 -62.63
C GLY V 104 -67.56 29.24 -62.69
N GLY V 105 -67.54 28.59 -63.85
CA GLY V 105 -68.28 27.36 -64.01
C GLY V 105 -67.43 26.18 -64.42
N SER V 106 -67.37 25.15 -63.57
CA SER V 106 -66.60 23.95 -63.83
C SER V 106 -67.54 22.77 -64.00
N SER V 107 -67.43 22.09 -65.14
CA SER V 107 -68.27 20.93 -65.45
C SER V 107 -67.40 19.74 -65.79
N ARG V 108 -67.63 18.63 -65.10
CA ARG V 108 -66.92 17.39 -65.35
C ARG V 108 -67.92 16.30 -65.72
N VAL V 109 -67.69 15.66 -66.86
CA VAL V 109 -68.54 14.56 -67.33
C VAL V 109 -67.65 13.38 -67.64
N GLU V 110 -67.93 12.24 -67.00
CA GLU V 110 -67.21 11.00 -67.25
C GLU V 110 -68.28 9.99 -67.67
N SER V 111 -68.49 9.88 -68.97
CA SER V 111 -69.54 9.02 -69.52
C SER V 111 -68.88 7.77 -70.11
N GLN V 112 -69.02 6.65 -69.41
CA GLN V 112 -68.55 5.37 -69.91
C GLN V 112 -69.66 4.71 -70.73
N SER V 113 -69.33 4.30 -71.95
CA SER V 113 -70.31 3.72 -72.87
C SER V 113 -69.80 2.34 -73.27
N SER V 114 -70.14 1.34 -72.47
CA SER V 114 -69.73 -0.04 -72.73
C SER V 114 -70.88 -0.74 -73.42
N PHE V 115 -70.61 -1.31 -74.60
CA PHE V 115 -71.62 -1.97 -75.41
C PHE V 115 -71.15 -3.36 -75.77
N GLY V 116 -72.11 -4.26 -76.04
CA GLY V 116 -71.79 -5.60 -76.48
C GLY V 116 -71.69 -5.70 -77.99
N THR V 117 -71.86 -6.92 -78.49
CA THR V 117 -71.82 -7.16 -79.92
C THR V 117 -72.98 -6.47 -80.63
N LEU V 118 -72.68 -5.46 -81.43
CA LEU V 118 -73.72 -4.71 -82.13
C LEU V 118 -73.96 -5.31 -83.51
N ARG V 119 -75.24 -5.48 -83.83
CA ARG V 119 -75.60 -6.14 -85.11
C ARG V 119 -76.32 -5.16 -86.04
N LYS V 120 -76.07 -5.31 -87.35
CA LYS V 120 -76.70 -4.44 -88.36
C LYS V 120 -77.76 -5.25 -89.13
N GLN V 121 -78.92 -4.65 -89.36
CA GLN V 121 -80.03 -5.26 -90.09
C GLN V 121 -80.39 -4.33 -91.23
N GLU V 122 -79.86 -4.59 -92.42
CA GLU V 122 -80.10 -3.76 -93.59
C GLU V 122 -81.09 -4.46 -94.52
N VAL V 123 -81.97 -3.66 -95.13
CA VAL V 123 -82.96 -4.15 -96.07
C VAL V 123 -82.42 -4.01 -97.47
N ASP V 124 -82.80 -4.94 -98.36
CA ASP V 124 -82.37 -4.91 -99.75
C ASP V 124 -82.71 -3.60 -100.44
N LEU V 125 -81.70 -2.86 -100.87
CA LEU V 125 -81.93 -1.59 -101.53
C LEU V 125 -82.68 -1.76 -102.86
N GLN V 126 -82.40 -2.85 -103.56
CA GLN V 126 -83.14 -3.15 -104.79
C GLN V 126 -84.62 -3.41 -104.64
N GLN V 127 -85.03 -4.09 -103.56
CA GLN V 127 -86.46 -4.17 -103.24
C GLN V 127 -87.03 -2.78 -103.00
N LEU V 128 -86.21 -1.89 -102.44
CA LEU V 128 -86.68 -0.54 -102.11
C LEU V 128 -87.00 0.24 -103.38
N ILE V 129 -86.23 0.03 -104.45
CA ILE V 129 -86.38 0.83 -105.65
C ILE V 129 -87.47 0.26 -106.56
N ARG V 130 -87.68 -1.07 -106.51
CA ARG V 130 -88.60 -1.70 -107.46
C ARG V 130 -90.02 -1.18 -107.31
N ASP V 131 -90.56 -1.16 -106.09
CA ASP V 131 -91.92 -0.68 -105.88
C ASP V 131 -92.01 0.83 -106.11
N SER V 132 -90.97 1.56 -105.69
CA SER V 132 -91.00 3.02 -105.79
C SER V 132 -91.08 3.52 -107.22
N ALA V 133 -90.31 2.93 -108.14
CA ALA V 133 -90.31 3.37 -109.53
C ALA V 133 -91.65 3.14 -110.22
N GLU V 134 -92.51 2.30 -109.67
CA GLU V 134 -93.84 2.05 -110.19
C GLU V 134 -94.88 2.84 -109.39
N ARG V 135 -96.08 2.90 -109.93
CA ARG V 135 -97.19 3.60 -109.27
C ARG V 135 -97.68 2.75 -108.11
N THR V 136 -96.98 2.88 -106.97
CA THR V 136 -97.23 2.06 -105.81
C THR V 136 -97.73 2.84 -104.60
N ILE V 137 -97.42 4.12 -104.49
CA ILE V 137 -97.79 4.94 -103.33
C ILE V 137 -98.96 5.83 -103.74
N ASN V 138 -100.03 5.80 -102.95
CA ASN V 138 -101.18 6.65 -103.23
C ASN V 138 -100.83 8.11 -103.00
N LEU V 139 -101.43 8.99 -103.81
CA LEU V 139 -101.08 10.41 -103.74
C LEU V 139 -101.68 11.06 -102.51
N ARG V 140 -102.92 10.74 -102.17
CA ARG V 140 -103.64 11.39 -101.08
C ARG V 140 -103.86 10.40 -99.95
N ASN V 141 -103.48 10.80 -98.74
CA ASN V 141 -103.67 10.03 -97.53
C ASN V 141 -104.25 10.94 -96.45
N PRO V 142 -105.11 10.41 -95.57
CA PRO V 142 -105.59 11.26 -94.45
C PRO V 142 -104.46 11.76 -93.57
N VAL V 143 -103.37 10.99 -93.49
CA VAL V 143 -102.19 11.43 -92.70
C VAL V 143 -101.12 11.89 -93.71
N LEU V 144 -100.12 12.67 -93.27
CA LEU V 144 -98.98 13.12 -94.12
C LEU V 144 -99.33 14.46 -94.85
N GLN V 145 -100.58 14.89 -94.74
CA GLN V 145 -100.94 16.22 -95.31
C GLN V 145 -100.11 17.34 -94.69
N GLN V 146 -99.95 17.30 -93.37
CA GLN V 146 -99.15 18.32 -92.64
C GLN V 146 -97.69 18.29 -93.11
N VAL V 147 -97.24 17.16 -93.65
CA VAL V 147 -95.89 17.08 -94.18
C VAL V 147 -95.76 17.88 -95.47
N LEU V 148 -96.74 17.74 -96.36
CA LEU V 148 -96.73 18.52 -97.61
C LEU V 148 -96.87 20.00 -97.33
N GLU V 149 -97.75 20.37 -96.40
CA GLU V 149 -97.88 21.76 -95.94
C GLU V 149 -96.71 22.09 -95.00
N GLY V 150 -95.62 22.58 -95.60
CA GLY V 150 -94.35 22.59 -94.91
C GLY V 150 -93.32 21.92 -95.78
N ARG V 151 -93.39 22.15 -97.10
CA ARG V 151 -92.49 21.45 -98.06
C ARG V 151 -91.15 21.11 -97.39
N ASN V 152 -90.41 22.11 -96.92
CA ASN V 152 -89.20 21.88 -96.15
C ASN V 152 -88.86 20.56 -95.45
N GLU V 153 -89.85 19.94 -94.81
CA GLU V 153 -89.70 18.61 -94.25
C GLU V 153 -90.19 17.58 -95.27
N VAL V 154 -89.40 16.52 -95.46
CA VAL V 154 -89.68 15.50 -96.47
C VAL V 154 -89.70 14.14 -95.80
N LEU V 155 -90.46 13.22 -96.39
CA LEU V 155 -90.60 11.87 -95.86
C LEU V 155 -89.40 11.02 -96.27
N CYS V 156 -88.94 10.17 -95.35
CA CYS V 156 -87.85 9.25 -95.59
C CYS V 156 -88.30 7.90 -95.06
N VAL V 157 -87.57 6.87 -95.48
CA VAL V 157 -87.90 5.48 -95.04
C VAL V 157 -86.61 4.85 -94.48
N LEU V 158 -86.69 4.25 -93.31
CA LEU V 158 -85.54 3.61 -92.68
C LEU V 158 -85.13 2.36 -93.44
N THR V 159 -83.82 2.19 -93.64
CA THR V 159 -83.27 1.02 -94.31
C THR V 159 -82.07 0.33 -93.64
N GLN V 160 -81.37 1.08 -92.79
CA GLN V 160 -80.22 0.51 -92.04
C GLN V 160 -80.53 0.66 -90.55
N LYS V 161 -80.12 -0.30 -89.73
CA LYS V 161 -80.40 -0.27 -88.30
C LYS V 161 -79.32 -1.04 -87.57
N ILE V 162 -78.78 -0.45 -86.51
CA ILE V 162 -77.79 -1.09 -85.67
C ILE V 162 -78.45 -1.40 -84.34
N THR V 163 -78.41 -2.67 -83.93
CA THR V 163 -79.08 -3.14 -82.73
C THR V 163 -78.12 -3.96 -81.87
N THR V 164 -78.16 -3.73 -80.56
CA THR V 164 -77.33 -4.47 -79.62
C THR V 164 -77.98 -5.78 -79.20
N MET V 165 -77.15 -6.73 -78.77
CA MET V 165 -77.62 -8.06 -78.38
C MET V 165 -77.36 -8.36 -76.91
N GLN V 166 -76.55 -7.55 -76.22
CA GLN V 166 -76.20 -7.80 -74.85
C GLN V 166 -76.55 -6.55 -74.05
N LYS V 167 -76.93 -6.79 -72.78
CA LYS V 167 -77.25 -5.67 -71.88
C LYS V 167 -76.06 -4.71 -71.88
N CYS V 168 -76.31 -3.46 -72.23
CA CYS V 168 -75.26 -2.45 -72.31
C CYS V 168 -75.18 -1.61 -71.05
N VAL V 169 -73.99 -1.06 -70.80
CA VAL V 169 -73.71 -0.29 -69.59
C VAL V 169 -73.37 1.14 -69.99
N ILE V 170 -74.07 2.10 -69.40
CA ILE V 170 -73.79 3.51 -69.59
C ILE V 170 -73.64 4.13 -68.21
N SER V 171 -72.42 4.15 -67.70
CA SER V 171 -72.13 4.72 -66.37
C SER V 171 -71.77 6.19 -66.57
N GLU V 172 -72.72 7.07 -66.28
CA GLU V 172 -72.55 8.50 -66.48
C GLU V 172 -72.28 9.18 -65.14
N HIS V 173 -71.18 9.92 -65.06
CA HIS V 173 -70.87 10.75 -63.91
C HIS V 173 -70.85 12.19 -64.39
N MET V 174 -71.69 13.04 -63.81
CA MET V 174 -71.83 14.43 -64.21
C MET V 174 -71.69 15.30 -62.97
N GLN V 175 -70.51 15.88 -62.79
CA GLN V 175 -70.27 16.84 -61.71
C GLN V 175 -70.29 18.24 -62.30
N VAL V 176 -71.18 19.09 -61.79
CA VAL V 176 -71.37 20.45 -62.30
C VAL V 176 -71.16 21.40 -61.13
N GLU V 177 -70.19 22.29 -61.24
CA GLU V 177 -69.95 23.32 -60.25
C GLU V 177 -70.03 24.68 -60.91
N GLU V 178 -70.93 25.53 -60.42
CA GLU V 178 -71.12 26.88 -60.96
C GLU V 178 -71.07 27.87 -59.82
N LYS V 179 -70.19 28.86 -59.92
CA LYS V 179 -70.05 29.90 -58.92
C LYS V 179 -70.33 31.25 -59.56
N CYS V 180 -71.30 31.98 -59.01
CA CYS V 180 -71.68 33.30 -59.50
C CYS V 180 -71.46 34.33 -58.41
N GLY V 181 -70.77 35.42 -58.76
CA GLY V 181 -70.51 36.47 -57.80
C GLY V 181 -70.67 37.86 -58.39
N GLY V 182 -71.48 38.69 -57.75
CA GLY V 182 -71.70 40.04 -58.22
C GLY V 182 -71.57 41.07 -57.11
N ILE V 183 -70.64 42.01 -57.32
CA ILE V 183 -70.46 43.13 -56.36
C ILE V 183 -70.97 44.39 -57.09
N VAL V 184 -71.92 45.10 -56.48
CA VAL V 184 -72.54 46.25 -57.11
C VAL V 184 -72.44 47.43 -56.15
N GLY V 185 -71.85 48.53 -56.62
CA GLY V 185 -71.74 49.74 -55.85
C GLY V 185 -72.30 50.96 -56.56
N ILE V 186 -73.32 51.59 -55.96
CA ILE V 186 -73.97 52.72 -56.71
C ILE V 186 -73.77 54.06 -55.97
N GLN V 187 -73.16 55.03 -56.66
CA GLN V 187 -72.92 56.39 -56.15
C GLN V 187 -74.09 57.41 -56.06
N THR V 188 -75.21 56.92 -55.53
CA THR V 188 -76.44 57.71 -55.50
C THR V 188 -76.48 59.03 -54.75
N LYS V 189 -77.35 59.94 -55.19
CA LYS V 189 -77.39 61.27 -54.51
C LYS V 189 -77.87 61.34 -53.05
N THR V 190 -76.94 61.50 -52.09
CA THR V 190 -77.27 61.57 -50.64
C THR V 190 -77.60 60.18 -50.11
N VAL V 191 -77.29 59.14 -50.90
CA VAL V 191 -77.53 57.74 -50.46
C VAL V 191 -76.30 56.90 -50.84
N GLN V 192 -75.49 56.50 -49.85
CA GLN V 192 -74.38 55.62 -50.23
C GLN V 192 -74.90 54.19 -50.25
N VAL V 193 -74.73 53.51 -51.38
CA VAL V 193 -75.29 52.19 -51.59
C VAL V 193 -74.18 51.17 -51.77
N SER V 194 -74.41 49.95 -51.29
CA SER V 194 -73.46 48.84 -51.47
C SER V 194 -74.20 47.51 -51.47
N ALA V 195 -74.32 46.89 -52.65
CA ALA V 195 -75.08 45.65 -52.80
C ALA V 195 -74.16 44.57 -53.34
N THR V 196 -74.12 43.43 -52.63
CA THR V 196 -73.30 42.29 -53.03
C THR V 196 -74.17 41.05 -53.06
N GLU V 197 -74.06 40.30 -54.16
CA GLU V 197 -74.82 39.02 -54.31
C GLU V 197 -73.85 37.90 -54.71
N ASP V 198 -73.81 36.83 -53.92
CA ASP V 198 -72.93 35.70 -54.18
C ASP V 198 -73.77 34.44 -54.34
N GLY V 199 -73.61 33.74 -55.45
CA GLY V 199 -74.34 32.51 -55.68
C GLY V 199 -73.44 31.34 -56.02
N ASN V 200 -73.41 30.35 -55.14
CA ASN V 200 -72.60 29.14 -55.33
C ASN V 200 -73.56 27.97 -55.54
N VAL V 201 -73.41 27.28 -56.66
CA VAL V 201 -74.24 26.12 -56.98
C VAL V 201 -73.29 24.96 -57.29
N THR V 202 -73.44 23.87 -56.55
CA THR V 202 -72.69 22.65 -56.77
C THR V 202 -73.67 21.51 -56.98
N LYS V 203 -73.61 20.87 -58.14
CA LYS V 203 -74.55 19.81 -58.50
C LYS V 203 -73.77 18.58 -58.92
N ASP V 204 -74.18 17.42 -58.41
CA ASP V 204 -73.57 16.14 -58.75
C ASP V 204 -74.67 15.19 -59.19
N SER V 205 -74.40 14.42 -60.25
CA SER V 205 -75.33 13.43 -60.78
C SER V 205 -74.57 12.15 -61.09
N ASN V 206 -74.44 11.30 -60.08
CA ASN V 206 -73.78 9.99 -60.25
C ASN V 206 -74.85 8.98 -60.67
N VAL V 207 -75.02 8.82 -61.98
CA VAL V 207 -76.06 7.95 -62.51
C VAL V 207 -75.47 6.79 -63.29
N VAL V 208 -75.63 5.57 -62.77
CA VAL V 208 -75.23 4.36 -63.49
C VAL V 208 -76.52 3.64 -63.92
N LEU V 209 -76.81 3.68 -65.21
CA LEU V 209 -78.01 3.08 -65.76
C LEU V 209 -77.63 2.04 -66.80
N GLU V 210 -78.35 0.93 -66.76
CA GLU V 210 -78.08 -0.16 -67.73
C GLU V 210 -78.98 0.01 -68.95
N ILE V 211 -78.63 -0.64 -70.05
CA ILE V 211 -79.37 -0.58 -71.29
C ILE V 211 -79.71 -2.02 -71.70
N PRO V 212 -80.97 -2.33 -71.98
CA PRO V 212 -81.33 -3.70 -72.34
C PRO V 212 -80.90 -4.04 -73.76
N ALA V 213 -80.92 -5.33 -74.06
CA ALA V 213 -80.66 -5.78 -75.41
C ALA V 213 -81.81 -5.40 -76.34
N ALA V 214 -81.57 -5.51 -77.64
CA ALA V 214 -82.50 -5.26 -78.73
C ALA V 214 -82.83 -3.79 -78.90
N THR V 215 -82.14 -2.92 -78.16
CA THR V 215 -82.37 -1.45 -78.27
C THR V 215 -81.80 -0.96 -79.58
N THR V 216 -82.37 0.12 -80.14
CA THR V 216 -81.82 0.71 -81.35
C THR V 216 -80.72 1.70 -81.01
N ILE V 217 -79.56 1.53 -81.64
CA ILE V 217 -78.41 2.40 -81.42
C ILE V 217 -78.26 3.42 -82.54
N ALA V 218 -78.38 2.98 -83.79
CA ALA V 218 -78.25 3.87 -84.94
C ALA V 218 -79.21 3.43 -86.03
N TYR V 219 -79.52 4.36 -86.92
CA TYR V 219 -80.41 4.08 -88.03
C TYR V 219 -80.08 5.00 -89.20
N GLY V 220 -80.10 4.43 -90.39
CA GLY V 220 -79.88 5.19 -91.61
C GLY V 220 -81.13 5.14 -92.48
N VAL V 221 -81.43 6.26 -93.13
CA VAL V 221 -82.66 6.40 -93.91
C VAL V 221 -82.14 6.83 -95.27
N ILE V 222 -82.95 6.54 -96.29
CA ILE V 222 -82.65 7.19 -97.60
C ILE V 222 -83.94 7.92 -97.92
N GLU V 223 -83.85 9.13 -98.46
CA GLU V 223 -85.00 10.00 -98.64
C GLU V 223 -85.91 9.67 -99.81
N LEU V 224 -87.14 10.19 -99.73
CA LEU V 224 -88.15 9.89 -100.77
C LEU V 224 -88.40 11.12 -101.64
N TYR V 225 -88.16 11.00 -102.94
CA TYR V 225 -88.44 12.05 -103.91
C TYR V 225 -89.95 12.21 -104.05
N VAL V 226 -90.47 13.37 -103.63
CA VAL V 226 -91.91 13.61 -103.64
C VAL V 226 -92.24 14.75 -104.59
N LYS V 227 -93.00 14.44 -105.64
CA LYS V 227 -93.58 15.46 -106.51
C LYS V 227 -95.09 15.45 -106.33
N LEU V 228 -95.67 16.62 -106.06
CA LEU V 228 -97.12 16.70 -105.77
C LEU V 228 -97.93 16.19 -106.97
N ASP V 229 -97.30 16.09 -108.14
CA ASP V 229 -98.01 15.53 -109.32
C ASP V 229 -98.38 14.07 -109.01
N GLY V 230 -97.47 13.33 -108.36
CA GLY V 230 -97.79 11.95 -107.96
C GLY V 230 -96.64 11.00 -108.26
N GLN V 231 -95.53 11.53 -108.76
CA GLN V 231 -94.40 10.68 -109.11
C GLN V 231 -93.46 10.58 -107.92
N PHE V 232 -93.17 9.35 -107.50
CA PHE V 232 -92.32 9.10 -106.35
C PHE V 232 -91.24 8.08 -106.70
N GLU V 233 -90.07 8.25 -106.10
CA GLU V 233 -88.94 7.35 -106.28
C GLU V 233 -88.01 7.40 -105.07
N PHE V 234 -87.74 6.24 -104.47
CA PHE V 234 -86.77 6.18 -103.37
C PHE V 234 -85.36 6.16 -103.94
N CYS V 235 -84.70 7.33 -103.93
CA CYS V 235 -83.40 7.50 -104.56
C CYS V 235 -82.33 7.72 -103.49
N LEU V 236 -81.16 7.09 -103.67
CA LEU V 236 -80.10 7.17 -102.63
C LEU V 236 -79.06 8.28 -102.88
N LEU V 237 -79.16 8.99 -104.01
CA LEU V 237 -78.16 10.00 -104.34
C LEU V 237 -78.78 11.38 -104.18
N ARG V 238 -77.92 12.40 -104.12
CA ARG V 238 -78.33 13.79 -103.90
C ARG V 238 -79.14 14.41 -105.03
N GLY V 239 -79.20 13.74 -106.19
CA GLY V 239 -79.83 14.29 -107.36
C GLY V 239 -81.29 14.69 -107.19
N LYS V 240 -82.17 13.74 -107.05
CA LYS V 240 -83.62 14.04 -106.94
C LYS V 240 -84.24 13.28 -105.77
N GLN V 241 -84.09 13.79 -104.54
CA GLN V 241 -84.75 13.23 -103.36
C GLN V 241 -85.27 14.32 -102.44
N GLY V 242 -85.11 15.58 -102.85
CA GLY V 242 -85.41 16.69 -101.96
C GLY V 242 -86.89 17.00 -101.82
N GLY V 243 -87.72 16.53 -102.74
CA GLY V 243 -89.12 16.89 -102.74
C GLY V 243 -89.36 18.05 -103.69
N PHE V 244 -90.37 17.93 -104.55
CA PHE V 244 -90.65 18.91 -105.58
C PHE V 244 -92.15 19.13 -105.66
N GLU V 245 -92.56 20.21 -106.30
CA GLU V 245 -94.01 20.53 -106.37
C GLU V 245 -94.63 20.15 -107.72
N MET W 1 -59.80 4.62 -84.44
CA MET W 1 -60.90 4.94 -85.32
C MET W 1 -60.68 4.29 -86.68
N PHE W 2 -61.76 3.75 -87.26
CA PHE W 2 -61.64 2.93 -88.46
C PHE W 2 -61.10 3.74 -89.64
N ALA W 3 -61.51 5.01 -89.74
CA ALA W 3 -61.07 5.84 -90.86
C ALA W 3 -59.57 6.02 -90.85
N LYS W 4 -58.99 6.28 -89.67
CA LYS W 4 -57.55 6.47 -89.58
C LYS W 4 -56.81 5.15 -89.73
N ALA W 5 -57.39 4.06 -89.20
CA ALA W 5 -56.71 2.76 -89.24
C ALA W 5 -56.40 2.23 -90.63
N THR W 6 -57.35 2.30 -91.55
CA THR W 6 -57.09 1.86 -92.91
C THR W 6 -56.34 2.91 -93.76
N ARG W 7 -56.46 4.17 -93.36
CA ARG W 7 -55.71 5.25 -94.08
C ARG W 7 -54.22 4.96 -93.83
N ASN W 8 -53.84 4.80 -92.57
CA ASN W 8 -52.40 4.54 -92.23
C ASN W 8 -51.97 3.23 -92.91
N PHE W 9 -52.81 2.20 -92.83
CA PHE W 9 -52.49 0.91 -93.48
C PHE W 9 -52.15 1.11 -94.96
N LEU W 10 -53.11 1.61 -95.75
CA LEU W 10 -52.85 1.77 -97.17
C LEU W 10 -51.68 2.69 -97.47
N ARG W 11 -51.38 3.61 -96.55
CA ARG W 11 -50.22 4.48 -96.72
C ARG W 11 -48.91 3.70 -96.72
N GLU W 12 -48.80 2.71 -95.84
CA GLU W 12 -47.54 1.99 -95.69
C GLU W 12 -47.46 0.78 -96.63
N VAL W 13 -48.60 0.27 -97.07
CA VAL W 13 -48.57 -0.90 -97.94
C VAL W 13 -48.74 -0.45 -99.39
N ASP W 14 -49.78 0.37 -99.64
CA ASP W 14 -50.08 0.85 -101.02
C ASP W 14 -49.31 2.14 -101.32
N ALA W 15 -48.09 2.03 -101.85
CA ALA W 15 -47.24 3.18 -102.12
C ALA W 15 -47.74 4.01 -103.30
N ASP W 16 -48.55 3.44 -104.19
CA ASP W 16 -49.02 4.16 -105.37
C ASP W 16 -50.38 4.79 -105.20
N GLY W 17 -51.11 4.46 -104.13
CA GLY W 17 -52.44 5.00 -103.96
C GLY W 17 -53.56 4.54 -104.86
N ASP W 18 -53.37 3.43 -105.58
CA ASP W 18 -54.41 2.87 -106.44
C ASP W 18 -55.56 2.16 -105.69
N LEU W 19 -55.36 1.95 -104.39
CA LEU W 19 -56.36 1.36 -103.53
C LEU W 19 -56.86 2.50 -102.64
N ILE W 20 -58.12 2.40 -102.23
CA ILE W 20 -58.79 3.43 -101.45
C ILE W 20 -59.23 2.83 -100.13
N ALA W 21 -58.88 3.51 -99.04
CA ALA W 21 -59.25 3.04 -97.71
C ALA W 21 -60.75 3.18 -97.47
N VAL W 22 -61.33 2.22 -96.76
CA VAL W 22 -62.74 2.28 -96.42
C VAL W 22 -62.96 3.30 -95.31
N SER W 23 -63.93 4.19 -95.52
CA SER W 23 -64.14 5.31 -94.61
C SER W 23 -64.63 4.83 -93.24
N ASN W 24 -65.67 4.01 -93.20
CA ASN W 24 -66.31 3.64 -91.95
C ASN W 24 -66.83 2.21 -92.05
N LEU W 25 -67.31 1.68 -90.93
CA LEU W 25 -67.84 0.31 -90.90
C LEU W 25 -69.12 0.31 -91.71
N ASN W 26 -69.80 1.45 -91.80
CA ASN W 26 -71.00 1.53 -92.63
C ASN W 26 -70.73 1.09 -94.07
N ASP W 27 -69.66 1.69 -94.66
CA ASP W 27 -69.23 1.28 -95.98
C ASP W 27 -68.61 -0.10 -96.14
N SER W 28 -68.19 -0.72 -95.04
CA SER W 28 -67.54 -2.02 -95.09
C SER W 28 -68.47 -3.17 -95.46
N ASP W 29 -69.78 -2.98 -95.37
CA ASP W 29 -70.73 -4.02 -95.73
C ASP W 29 -71.41 -3.72 -97.05
N LYS W 30 -71.17 -2.55 -97.65
CA LYS W 30 -71.72 -2.20 -98.95
C LYS W 30 -70.78 -2.50 -100.11
N LEU W 31 -69.47 -2.40 -99.88
CA LEU W 31 -68.50 -2.65 -100.93
C LEU W 31 -68.37 -4.14 -101.22
N GLN W 32 -68.74 -4.53 -102.44
CA GLN W 32 -68.62 -5.91 -102.89
C GLN W 32 -67.96 -5.94 -104.25
N LEU W 33 -67.56 -7.13 -104.67
CA LEU W 33 -66.84 -7.28 -105.93
C LEU W 33 -67.80 -6.93 -107.06
N LEU W 34 -67.30 -6.19 -108.04
CA LEU W 34 -68.08 -5.75 -109.21
C LEU W 34 -69.40 -5.05 -108.95
N SER W 35 -69.46 -4.26 -107.87
CA SER W 35 -70.63 -3.40 -107.63
C SER W 35 -70.12 -2.05 -108.11
N LEU W 36 -71.04 -1.20 -108.54
CA LEU W 36 -70.67 0.10 -109.09
C LEU W 36 -70.57 1.21 -108.07
N VAL W 37 -69.56 2.08 -108.23
CA VAL W 37 -69.33 3.21 -107.35
C VAL W 37 -69.15 4.41 -108.26
N THR W 38 -69.25 5.60 -107.67
CA THR W 38 -69.11 6.84 -108.42
C THR W 38 -68.21 7.78 -107.63
N LYS W 39 -67.22 8.32 -108.34
CA LYS W 39 -66.28 9.29 -107.72
C LYS W 39 -66.55 10.68 -108.31
N LYS W 40 -66.71 11.68 -107.45
CA LYS W 40 -66.96 13.05 -107.88
C LYS W 40 -65.63 13.76 -108.10
N LYS W 41 -65.38 14.18 -109.34
CA LYS W 41 -64.12 14.82 -109.72
C LYS W 41 -64.15 16.33 -109.56
N ARG W 42 -65.23 16.88 -108.98
CA ARG W 42 -65.30 18.31 -108.74
C ARG W 42 -64.19 18.78 -107.79
N PHE W 43 -63.85 17.98 -106.80
CA PHE W 43 -62.77 18.32 -105.88
C PHE W 43 -61.43 18.24 -106.61
N TRP W 44 -60.49 19.06 -106.14
CA TRP W 44 -59.18 19.17 -106.75
C TRP W 44 -58.24 18.13 -106.13
N CYS W 45 -56.94 18.22 -106.41
CA CYS W 45 -55.98 17.31 -105.80
C CYS W 45 -55.85 17.55 -104.31
N TRP W 46 -56.35 18.69 -103.83
CA TRP W 46 -56.31 19.02 -102.42
C TRP W 46 -57.09 18.03 -101.56
N GLN W 47 -58.27 17.59 -102.00
CA GLN W 47 -59.07 16.64 -101.26
C GLN W 47 -59.27 15.38 -102.09
N ARG W 48 -59.53 14.26 -101.41
CA ARG W 48 -59.76 13.01 -102.10
C ARG W 48 -61.08 13.09 -102.87
N PRO W 49 -61.20 12.40 -104.00
CA PRO W 49 -62.48 12.35 -104.72
C PRO W 49 -63.57 11.75 -103.85
N LYS W 50 -64.78 12.30 -103.98
CA LYS W 50 -65.92 11.84 -103.20
C LYS W 50 -66.46 10.57 -103.83
N TYR W 51 -66.38 9.45 -103.11
CA TYR W 51 -66.80 8.16 -103.61
C TYR W 51 -68.14 7.79 -102.99
N GLN W 52 -69.11 7.48 -103.85
CA GLN W 52 -70.45 7.08 -103.43
C GLN W 52 -70.84 5.81 -104.17
N PHE W 53 -71.52 4.91 -103.46
CA PHE W 53 -71.79 3.56 -103.96
C PHE W 53 -73.26 3.45 -104.35
N LEU W 54 -73.51 3.01 -105.58
CA LEU W 54 -74.86 2.72 -106.02
C LEU W 54 -75.29 1.34 -105.52
N SER W 55 -76.58 1.21 -105.25
CA SER W 55 -77.13 -0.05 -104.76
C SER W 55 -77.13 -1.12 -105.84
N LEU W 56 -77.05 -0.69 -107.10
CA LEU W 56 -77.10 -1.60 -108.24
C LEU W 56 -75.72 -2.19 -108.50
N THR W 57 -75.67 -3.22 -109.34
CA THR W 57 -74.42 -3.86 -109.72
C THR W 57 -74.32 -3.84 -111.25
N LEU W 58 -73.28 -4.52 -111.76
CA LEU W 58 -73.10 -4.58 -113.21
C LEU W 58 -74.27 -5.27 -113.88
N GLY W 59 -74.63 -6.46 -113.42
CA GLY W 59 -75.73 -7.19 -114.02
C GLY W 59 -77.05 -6.45 -113.89
N ASP W 60 -77.15 -5.55 -112.91
CA ASP W 60 -78.36 -4.76 -112.75
C ASP W 60 -78.46 -3.67 -113.81
N VAL W 61 -77.32 -3.26 -114.38
CA VAL W 61 -77.29 -2.16 -115.35
C VAL W 61 -76.91 -2.61 -116.75
N LEU W 62 -76.46 -3.83 -116.94
CA LEU W 62 -76.17 -4.31 -118.28
C LEU W 62 -77.44 -4.36 -119.11
N ILE W 63 -78.37 -5.25 -118.74
CA ILE W 63 -79.68 -5.39 -119.36
C ILE W 63 -79.55 -5.86 -120.82
N GLU W 64 -78.70 -5.18 -121.60
CA GLU W 64 -78.59 -5.48 -123.03
C GLU W 64 -78.07 -6.89 -123.28
N ASP W 65 -77.07 -7.34 -122.51
CA ASP W 65 -76.45 -8.63 -122.74
C ASP W 65 -76.21 -9.32 -121.41
N GLN W 66 -75.98 -10.63 -121.48
CA GLN W 66 -75.85 -11.46 -120.29
C GLN W 66 -74.60 -11.27 -119.43
N PHE W 67 -74.74 -11.54 -118.14
CA PHE W 67 -73.64 -11.41 -117.17
C PHE W 67 -72.42 -12.31 -117.20
N PRO W 68 -71.24 -11.79 -117.53
CA PRO W 68 -70.07 -12.69 -117.61
C PRO W 68 -69.56 -13.18 -116.27
N SER W 69 -69.47 -14.50 -116.11
CA SER W 69 -69.21 -15.08 -114.80
C SER W 69 -67.85 -14.57 -114.33
N PRO W 70 -67.75 -14.07 -113.10
CA PRO W 70 -66.42 -13.62 -112.62
C PRO W 70 -65.29 -14.57 -112.36
N VAL W 71 -64.06 -14.08 -112.48
CA VAL W 71 -62.87 -14.88 -112.18
C VAL W 71 -62.28 -14.32 -110.89
N VAL W 72 -62.78 -14.82 -109.76
CA VAL W 72 -62.34 -14.34 -108.46
C VAL W 72 -61.18 -15.23 -108.03
N VAL W 73 -60.06 -14.61 -107.67
CA VAL W 73 -58.86 -15.32 -107.22
C VAL W 73 -58.53 -14.76 -105.84
N GLU W 74 -58.31 -15.67 -104.90
CA GLU W 74 -58.03 -15.25 -103.49
C GLU W 74 -56.52 -15.30 -103.21
N SER W 75 -55.95 -14.19 -102.76
CA SER W 75 -54.55 -14.10 -102.38
C SER W 75 -54.44 -13.36 -101.06
N ASP W 76 -53.61 -13.87 -100.16
CA ASP W 76 -53.41 -13.29 -98.84
C ASP W 76 -52.03 -12.68 -98.74
N PHE W 77 -51.94 -11.55 -98.03
CA PHE W 77 -50.64 -10.84 -97.93
C PHE W 77 -50.72 -9.77 -96.85
N VAL W 78 -49.58 -9.24 -96.43
CA VAL W 78 -49.61 -8.07 -95.50
C VAL W 78 -50.51 -8.34 -94.26
N LYS W 79 -50.28 -9.43 -93.52
CA LYS W 79 -51.13 -9.61 -92.33
C LYS W 79 -50.90 -8.36 -91.48
N TYR W 80 -49.66 -7.89 -91.37
CA TYR W 80 -49.37 -6.55 -90.76
C TYR W 80 -49.67 -6.37 -89.27
N GLU W 81 -49.25 -5.23 -88.74
CA GLU W 81 -49.41 -4.80 -87.36
C GLU W 81 -48.96 -3.35 -87.29
N GLY W 82 -49.86 -2.48 -86.83
CA GLY W 82 -49.57 -1.06 -86.86
C GLY W 82 -49.81 -0.37 -85.54
N LYS W 83 -48.79 0.33 -85.04
CA LYS W 83 -48.89 1.15 -83.85
C LYS W 83 -48.58 2.60 -84.22
N PHE W 84 -49.45 3.52 -83.82
CA PHE W 84 -49.33 4.91 -84.25
C PHE W 84 -49.57 5.83 -83.06
N ALA W 85 -48.48 6.34 -82.49
CA ALA W 85 -48.54 7.29 -81.38
C ALA W 85 -48.24 8.69 -81.91
N ASN W 86 -49.27 9.50 -82.07
CA ASN W 86 -49.16 10.82 -82.66
C ASN W 86 -49.43 11.87 -81.61
N HIS W 87 -48.51 12.82 -81.48
CA HIS W 87 -48.64 13.94 -80.55
C HIS W 87 -48.65 15.24 -81.35
N VAL W 88 -49.73 16.01 -81.21
CA VAL W 88 -49.88 17.29 -81.90
C VAL W 88 -50.16 18.35 -80.85
N SER W 89 -49.32 19.39 -80.80
CA SER W 89 -49.50 20.50 -79.90
C SER W 89 -49.38 21.81 -80.68
N GLY W 90 -50.43 22.63 -80.62
CA GLY W 90 -50.42 23.91 -81.31
C GLY W 90 -50.95 25.04 -80.46
N THR W 91 -50.14 26.06 -80.22
CA THR W 91 -50.50 27.19 -79.39
C THR W 91 -50.55 28.43 -80.27
N LEU W 92 -51.66 29.15 -80.21
CA LEU W 92 -51.84 30.40 -80.96
C LEU W 92 -51.99 31.52 -79.95
N GLU W 93 -51.14 32.54 -80.08
CA GLU W 93 -51.15 33.68 -79.16
C GLU W 93 -51.26 34.93 -80.01
N THR W 94 -52.35 35.67 -79.83
CA THR W 94 -52.63 36.88 -80.60
C THR W 94 -52.95 38.00 -79.63
N ALA W 95 -52.44 39.20 -79.93
CA ALA W 95 -52.65 40.39 -79.10
C ALA W 95 -52.79 41.59 -80.05
N LEU W 96 -54.00 42.15 -80.10
CA LEU W 96 -54.28 43.32 -80.92
C LEU W 96 -54.95 44.37 -80.04
N GLY W 97 -54.20 45.43 -79.72
CA GLY W 97 -54.77 46.55 -78.99
C GLY W 97 -55.42 46.14 -77.69
N LYS W 98 -56.73 46.35 -77.62
CA LYS W 98 -57.48 46.07 -76.40
C LYS W 98 -57.48 44.58 -76.07
N VAL W 99 -57.64 43.73 -77.08
CA VAL W 99 -57.87 42.30 -76.89
C VAL W 99 -56.57 41.52 -76.90
N LYS W 100 -56.30 40.81 -75.81
CA LYS W 100 -55.26 39.78 -75.75
C LYS W 100 -55.70 38.33 -75.64
N LEU W 101 -55.29 37.49 -76.57
CA LEU W 101 -55.77 36.12 -76.68
C LEU W 101 -54.62 35.14 -76.56
N ASN W 102 -54.74 34.20 -75.63
CA ASN W 102 -53.77 33.12 -75.46
C ASN W 102 -54.51 31.80 -75.61
N LEU W 103 -54.07 30.98 -76.57
CA LEU W 103 -54.69 29.71 -76.86
C LEU W 103 -53.64 28.61 -76.90
N GLY W 104 -53.90 27.51 -76.20
CA GLY W 104 -53.00 26.37 -76.23
C GLY W 104 -53.74 25.05 -76.38
N GLY W 105 -53.48 24.35 -77.48
CA GLY W 105 -54.17 23.09 -77.73
C GLY W 105 -53.24 21.92 -77.90
N SER W 106 -53.34 20.93 -77.00
CA SER W 106 -52.52 19.73 -77.04
C SER W 106 -53.39 18.53 -77.34
N SER W 107 -53.06 17.80 -78.39
CA SER W 107 -53.81 16.62 -78.81
C SER W 107 -52.87 15.43 -78.92
N ARG W 108 -53.22 14.34 -78.23
CA ARG W 108 -52.46 13.10 -78.28
C ARG W 108 -53.36 11.98 -78.79
N VAL W 109 -52.90 11.28 -79.83
CA VAL W 109 -53.63 10.17 -80.41
C VAL W 109 -52.67 8.98 -80.48
N GLU W 110 -53.06 7.87 -79.86
CA GLU W 110 -52.30 6.63 -79.89
C GLU W 110 -53.24 5.59 -80.47
N SER W 111 -53.20 5.41 -81.78
CA SER W 111 -54.09 4.50 -82.49
C SER W 111 -53.32 3.25 -82.87
N GLN W 112 -53.58 2.16 -82.16
CA GLN W 112 -53.02 0.86 -82.49
C GLN W 112 -53.93 0.15 -83.48
N SER W 113 -53.37 -0.31 -84.59
CA SER W 113 -54.12 -0.96 -85.66
C SER W 113 -53.53 -2.34 -85.89
N SER W 114 -54.02 -3.31 -85.11
CA SER W 114 -53.55 -4.69 -85.22
C SER W 114 -54.53 -5.44 -86.10
N PHE W 115 -54.02 -6.06 -87.17
CA PHE W 115 -54.85 -6.77 -88.14
C PHE W 115 -54.29 -8.17 -88.33
N GLY W 116 -55.17 -9.10 -88.73
CA GLY W 116 -54.75 -10.45 -89.03
C GLY W 116 -54.34 -10.62 -90.49
N THR W 117 -54.40 -11.86 -90.95
CA THR W 117 -54.06 -12.17 -92.34
C THR W 117 -55.07 -11.54 -93.29
N LEU W 118 -54.62 -10.55 -94.07
CA LEU W 118 -55.51 -9.86 -94.99
C LEU W 118 -55.46 -10.53 -96.37
N ARG W 119 -56.65 -10.73 -96.93
CA ARG W 119 -56.73 -11.45 -98.21
C ARG W 119 -57.25 -10.54 -99.32
N LYS W 120 -56.75 -10.73 -100.54
CA LYS W 120 -57.17 -9.93 -101.71
C LYS W 120 -58.04 -10.79 -102.63
N GLN W 121 -59.14 -10.22 -103.12
CA GLN W 121 -60.07 -10.89 -104.03
C GLN W 121 -60.20 -10.02 -105.27
N GLU W 122 -59.43 -10.32 -106.31
CA GLU W 122 -59.44 -9.56 -107.55
C GLU W 122 -60.21 -10.31 -108.62
N VAL W 123 -60.96 -9.56 -109.42
CA VAL W 123 -61.74 -10.11 -110.52
C VAL W 123 -60.92 -10.02 -111.80
N ASP W 124 -61.11 -11.00 -112.69
CA ASP W 124 -60.41 -11.02 -113.97
C ASP W 124 -60.63 -9.75 -114.78
N LEU W 125 -59.54 -9.01 -115.02
CA LEU W 125 -59.65 -7.78 -115.79
C LEU W 125 -60.11 -8.02 -117.23
N GLN W 126 -59.68 -9.14 -117.81
CA GLN W 126 -60.15 -9.51 -119.14
C GLN W 126 -61.65 -9.79 -119.28
N GLN W 127 -62.26 -10.43 -118.27
CA GLN W 127 -63.71 -10.52 -118.25
C GLN W 127 -64.34 -9.13 -118.19
N LEU W 128 -63.66 -8.20 -117.51
CA LEU W 128 -64.19 -6.85 -117.36
C LEU W 128 -64.26 -6.13 -118.71
N ILE W 129 -63.29 -6.38 -119.58
CA ILE W 129 -63.19 -5.63 -120.83
C ILE W 129 -64.08 -6.27 -121.91
N ARG W 130 -64.28 -7.59 -121.84
CA ARG W 130 -64.97 -8.28 -122.92
C ARG W 130 -66.40 -7.78 -123.09
N ASP W 131 -67.18 -7.73 -122.01
CA ASP W 131 -68.56 -7.26 -122.11
C ASP W 131 -68.61 -5.77 -122.40
N SER W 132 -67.70 -4.99 -121.83
CA SER W 132 -67.71 -3.54 -121.99
C SER W 132 -67.51 -3.12 -123.45
N ALA W 133 -66.56 -3.73 -124.16
CA ALA W 133 -66.29 -3.35 -125.54
C ALA W 133 -67.46 -3.62 -126.47
N GLU W 134 -68.40 -4.47 -126.06
CA GLU W 134 -69.60 -4.77 -126.84
C GLU W 134 -70.78 -3.96 -126.30
N ARG W 135 -71.86 -3.94 -127.08
CA ARG W 135 -73.08 -3.24 -126.68
C ARG W 135 -73.78 -4.05 -125.60
N THR W 136 -73.34 -3.85 -124.36
CA THR W 136 -73.80 -4.63 -123.22
C THR W 136 -74.55 -3.80 -122.18
N ILE W 137 -74.28 -2.51 -122.07
CA ILE W 137 -74.88 -1.65 -121.06
C ILE W 137 -75.95 -0.80 -121.74
N ASN W 138 -77.16 -0.81 -121.18
CA ASN W 138 -78.24 -0.01 -121.73
C ASN W 138 -77.96 1.47 -121.50
N LEU W 139 -78.39 2.31 -122.46
CA LEU W 139 -78.08 3.73 -122.39
C LEU W 139 -78.91 4.43 -121.33
N ARG W 140 -80.20 4.10 -121.24
CA ARG W 140 -81.12 4.79 -120.35
C ARG W 140 -81.55 3.84 -119.24
N ASN W 141 -81.43 4.31 -118.00
CA ASN W 141 -81.87 3.59 -116.81
C ASN W 141 -82.66 4.54 -115.92
N PRO W 142 -83.67 4.03 -115.21
CA PRO W 142 -84.37 4.91 -114.25
C PRO W 142 -83.46 5.48 -113.18
N VAL W 143 -82.39 4.73 -112.85
CA VAL W 143 -81.40 5.23 -111.85
C VAL W 143 -80.16 5.67 -112.65
N LEU W 144 -79.27 6.48 -112.06
CA LEU W 144 -77.99 6.92 -112.69
C LEU W 144 -78.20 8.22 -113.53
N GLN W 145 -79.45 8.63 -113.69
CA GLN W 145 -79.71 9.92 -114.40
C GLN W 145 -79.03 11.08 -113.66
N GLN W 146 -79.13 11.11 -112.33
CA GLN W 146 -78.52 12.18 -111.52
C GLN W 146 -76.99 12.16 -111.68
N VAL W 147 -76.42 11.01 -112.07
CA VAL W 147 -74.98 10.92 -112.31
C VAL W 147 -74.61 11.67 -113.59
N LEU W 148 -75.40 11.47 -114.65
CA LEU W 148 -75.14 12.19 -115.90
C LEU W 148 -75.34 13.68 -115.73
N GLU W 149 -76.40 14.08 -115.00
CA GLU W 149 -76.62 15.49 -114.66
C GLU W 149 -75.67 15.88 -113.53
N GLY W 150 -74.50 16.37 -113.91
CA GLY W 150 -73.40 16.44 -112.98
C GLY W 150 -72.20 15.74 -113.59
N ARG W 151 -72.01 15.91 -114.90
CA ARG W 151 -70.92 15.19 -115.62
C ARG W 151 -69.74 14.90 -114.68
N ASN W 152 -69.13 15.94 -114.12
CA ASN W 152 -68.09 15.76 -113.12
C ASN W 152 -67.89 14.49 -112.31
N GLU W 153 -68.98 13.88 -111.84
CA GLU W 153 -68.94 12.57 -111.20
C GLU W 153 -69.19 11.49 -112.25
N VAL W 154 -68.38 10.44 -112.22
CA VAL W 154 -68.42 9.37 -113.22
C VAL W 154 -68.56 8.03 -112.51
N LEU W 155 -69.18 7.08 -113.19
CA LEU W 155 -69.42 5.75 -112.63
C LEU W 155 -68.15 4.91 -112.75
N CYS W 156 -67.88 4.12 -111.72
CA CYS W 156 -66.76 3.20 -111.68
C CYS W 156 -67.30 1.87 -111.19
N VAL W 157 -66.48 0.83 -111.40
CA VAL W 157 -66.88 -0.54 -110.97
C VAL W 157 -65.73 -1.12 -110.14
N LEU W 158 -66.04 -1.67 -108.97
CA LEU W 158 -65.02 -2.25 -108.10
C LEU W 158 -64.46 -3.53 -108.71
N THR W 159 -63.13 -3.69 -108.62
CA THR W 159 -62.45 -4.87 -109.12
C THR W 159 -61.41 -5.50 -108.19
N GLN W 160 -60.89 -4.70 -107.25
CA GLN W 160 -59.92 -5.22 -106.26
C GLN W 160 -60.53 -5.00 -104.87
N LYS W 161 -60.27 -5.92 -103.93
CA LYS W 161 -60.85 -5.83 -102.59
C LYS W 161 -59.93 -6.55 -101.63
N ILE W 162 -59.62 -5.90 -100.51
CA ILE W 162 -58.81 -6.48 -99.45
C ILE W 162 -59.72 -6.74 -98.27
N THR W 163 -59.75 -7.99 -97.81
CA THR W 163 -60.64 -8.43 -96.74
C THR W 163 -59.87 -9.19 -95.67
N THR W 164 -60.19 -8.90 -94.41
CA THR W 164 -59.55 -9.57 -93.28
C THR W 164 -60.26 -10.88 -92.95
N MET W 165 -59.53 -11.79 -92.31
CA MET W 165 -60.05 -13.10 -91.95
C MET W 165 -60.09 -13.34 -90.45
N GLN W 166 -59.45 -12.48 -89.66
CA GLN W 166 -59.37 -12.66 -88.22
C GLN W 166 -59.88 -11.39 -87.57
N LYS W 167 -60.53 -11.57 -86.41
CA LYS W 167 -61.03 -10.42 -85.63
C LYS W 167 -59.88 -9.44 -85.44
N CYS W 168 -60.06 -8.21 -85.89
CA CYS W 168 -59.02 -7.19 -85.81
C CYS W 168 -59.21 -6.29 -84.60
N VAL W 169 -58.10 -5.71 -84.14
CA VAL W 169 -58.07 -4.88 -82.94
C VAL W 169 -57.67 -3.45 -83.34
N ILE W 170 -58.49 -2.49 -82.94
CA ILE W 170 -58.19 -1.08 -83.14
C ILE W 170 -58.33 -0.39 -81.80
N SER W 171 -57.24 -0.33 -81.04
CA SER W 171 -57.23 0.31 -79.72
C SER W 171 -56.86 1.77 -79.91
N GLU W 172 -57.86 2.64 -79.86
CA GLU W 172 -57.66 4.07 -80.09
C GLU W 172 -57.68 4.81 -78.76
N HIS W 173 -56.62 5.57 -78.50
CA HIS W 173 -56.56 6.47 -77.35
C HIS W 173 -56.45 7.88 -77.88
N MET W 174 -57.40 8.74 -77.51
CA MET W 174 -57.47 10.11 -78.01
C MET W 174 -57.59 11.03 -76.81
N GLN W 175 -56.49 11.65 -76.42
CA GLN W 175 -56.48 12.66 -75.37
C GLN W 175 -56.39 14.03 -76.01
N VAL W 176 -57.37 14.89 -75.74
CA VAL W 176 -57.46 16.21 -76.34
C VAL W 176 -57.52 17.22 -75.19
N GLU W 177 -56.54 18.12 -75.15
CA GLU W 177 -56.52 19.20 -74.18
C GLU W 177 -56.47 20.53 -74.91
N GLU W 178 -57.46 21.39 -74.66
CA GLU W 178 -57.55 22.69 -75.29
C GLU W 178 -57.75 23.74 -74.21
N LYS W 179 -56.88 24.75 -74.18
CA LYS W 179 -56.95 25.83 -73.22
C LYS W 179 -57.11 27.14 -73.98
N CYS W 180 -58.17 27.88 -73.67
CA CYS W 180 -58.46 29.16 -74.29
C CYS W 180 -58.48 30.26 -73.23
N GLY W 181 -57.74 31.33 -73.48
CA GLY W 181 -57.70 32.44 -72.54
C GLY W 181 -57.74 33.79 -73.21
N GLY W 182 -58.68 34.64 -72.79
CA GLY W 182 -58.81 35.96 -73.36
C GLY W 182 -58.91 37.04 -72.30
N ILE W 183 -57.96 37.99 -72.36
CA ILE W 183 -58.00 39.16 -71.44
C ILE W 183 -58.37 40.37 -72.31
N VAL W 184 -59.42 41.09 -71.94
CA VAL W 184 -59.92 42.20 -72.74
C VAL W 184 -60.02 43.42 -71.84
N GLY W 185 -59.37 44.51 -72.24
CA GLY W 185 -59.42 45.76 -71.52
C GLY W 185 -59.84 46.93 -72.38
N ILE W 186 -60.96 47.57 -72.04
CA ILE W 186 -61.46 48.65 -72.95
C ILE W 186 -61.43 50.03 -72.26
N GLN W 187 -60.69 50.97 -72.85
CA GLN W 187 -60.59 52.37 -72.37
C GLN W 187 -61.76 53.35 -72.57
N THR W 188 -62.95 52.87 -72.25
CA THR W 188 -64.18 53.64 -72.51
C THR W 188 -64.37 54.99 -71.85
N LYS W 189 -65.15 55.86 -72.49
CA LYS W 189 -65.34 57.23 -71.90
C LYS W 189 -66.10 57.35 -70.59
N THR W 190 -65.40 57.57 -69.46
CA THR W 190 -66.01 57.70 -68.11
C THR W 190 -66.42 56.32 -67.60
N VAL W 191 -65.95 55.26 -68.25
CA VAL W 191 -66.26 53.88 -67.80
C VAL W 191 -64.97 53.05 -67.87
N GLN W 192 -64.37 52.70 -66.74
CA GLN W 192 -63.20 51.83 -66.84
C GLN W 192 -63.70 50.39 -66.89
N VAL W 193 -63.28 49.67 -67.93
CA VAL W 193 -63.78 48.32 -68.19
C VAL W 193 -62.65 47.32 -68.09
N SER W 194 -62.97 46.11 -67.60
CA SER W 194 -61.99 45.02 -67.53
C SER W 194 -62.70 43.68 -67.62
N ALA W 195 -62.57 43.00 -68.75
CA ALA W 195 -63.27 41.75 -69.01
C ALA W 195 -62.25 40.65 -69.30
N THR W 196 -62.34 39.56 -68.55
CA THR W 196 -61.44 38.41 -68.72
C THR W 196 -62.28 37.15 -68.86
N GLU W 197 -61.94 36.35 -69.88
CA GLU W 197 -62.65 35.06 -70.11
C GLU W 197 -61.60 33.94 -70.25
N ASP W 198 -61.71 32.91 -69.43
CA ASP W 198 -60.79 31.79 -69.45
C ASP W 198 -61.57 30.51 -69.71
N GLY W 199 -61.17 29.75 -70.73
CA GLY W 199 -61.83 28.51 -71.05
C GLY W 199 -60.88 27.33 -71.15
N ASN W 200 -61.01 26.38 -70.23
CA ASN W 200 -60.17 25.19 -70.19
C ASN W 200 -61.06 23.99 -70.53
N VAL W 201 -60.68 23.25 -71.56
CA VAL W 201 -61.40 22.06 -71.99
C VAL W 201 -60.41 20.91 -72.04
N THR W 202 -60.70 19.85 -71.29
CA THR W 202 -59.90 18.63 -71.31
C THR W 202 -60.80 17.47 -71.64
N LYS W 203 -60.51 16.78 -72.74
CA LYS W 203 -61.34 15.69 -73.23
C LYS W 203 -60.48 14.45 -73.43
N ASP W 204 -60.98 13.31 -72.95
CA ASP W 204 -60.30 12.03 -73.10
C ASP W 204 -61.28 11.03 -73.71
N SER W 205 -60.78 10.23 -74.66
CA SER W 205 -61.59 9.20 -75.31
C SER W 205 -60.76 7.92 -75.39
N ASN W 206 -60.82 7.11 -74.34
CA ASN W 206 -60.14 5.82 -74.31
C ASN W 206 -61.09 4.77 -74.90
N VAL W 207 -60.99 4.54 -76.20
CA VAL W 207 -61.90 3.62 -76.88
C VAL W 207 -61.14 2.44 -77.48
N VAL W 208 -61.40 1.25 -76.93
CA VAL W 208 -60.86 0.02 -77.51
C VAL W 208 -62.01 -0.75 -78.14
N LEU W 209 -62.04 -0.77 -79.48
CA LEU W 209 -63.09 -1.42 -80.22
C LEU W 209 -62.50 -2.49 -81.12
N GLU W 210 -63.21 -3.62 -81.17
CA GLU W 210 -62.73 -4.75 -82.01
C GLU W 210 -63.38 -4.65 -83.39
N ILE W 211 -62.79 -5.34 -84.36
CA ILE W 211 -63.27 -5.36 -85.74
C ILE W 211 -63.51 -6.81 -86.13
N PRO W 212 -64.68 -7.16 -86.64
CA PRO W 212 -64.95 -8.56 -87.00
C PRO W 212 -64.24 -8.95 -88.29
N ALA W 213 -64.19 -10.25 -88.53
CA ALA W 213 -63.65 -10.76 -89.78
C ALA W 213 -64.60 -10.44 -90.93
N ALA W 214 -64.10 -10.61 -92.15
CA ALA W 214 -64.79 -10.43 -93.43
C ALA W 214 -65.10 -8.97 -93.72
N THR W 215 -64.57 -8.05 -92.89
CA THR W 215 -64.79 -6.60 -93.12
C THR W 215 -63.96 -6.15 -94.32
N THR W 216 -64.42 -5.11 -95.02
CA THR W 216 -63.65 -4.58 -96.14
C THR W 216 -62.65 -3.54 -95.63
N ILE W 217 -61.39 -3.71 -96.00
CA ILE W 217 -60.32 -2.81 -95.59
C ILE W 217 -59.95 -1.84 -96.71
N ALA W 218 -59.82 -2.34 -97.93
CA ALA W 218 -59.45 -1.50 -99.07
C ALA W 218 -60.16 -2.01 -100.31
N TYR W 219 -60.30 -1.13 -101.29
CA TYR W 219 -60.95 -1.48 -102.54
C TYR W 219 -60.40 -0.61 -103.67
N GLY W 220 -60.17 -1.22 -104.81
CA GLY W 220 -59.72 -0.52 -105.99
C GLY W 220 -60.76 -0.64 -107.10
N VAL W 221 -60.94 0.45 -107.85
CA VAL W 221 -61.99 0.53 -108.85
C VAL W 221 -61.21 0.91 -110.10
N ILE W 222 -61.78 0.56 -111.25
CA ILE W 222 -61.23 1.15 -112.51
C ILE W 222 -62.45 1.85 -113.12
N GLU W 223 -62.26 3.03 -113.68
CA GLU W 223 -63.36 3.87 -114.13
C GLU W 223 -64.01 3.46 -115.44
N LEU W 224 -65.22 3.97 -115.64
CA LEU W 224 -66.02 3.60 -116.84
C LEU W 224 -66.10 4.79 -117.81
N TYR W 225 -65.58 4.61 -119.02
CA TYR W 225 -65.68 5.62 -120.08
C TYR W 225 -67.14 5.74 -120.53
N VAL W 226 -67.74 6.90 -120.28
CA VAL W 226 -69.15 7.11 -120.59
C VAL W 226 -69.29 8.20 -121.65
N LYS W 227 -69.81 7.83 -122.82
CA LYS W 227 -70.22 8.81 -123.82
C LYS W 227 -71.74 8.77 -123.95
N LEU W 228 -72.37 9.94 -123.87
CA LEU W 228 -73.85 9.99 -123.88
C LEU W 228 -74.39 9.43 -125.20
N ASP W 229 -73.54 9.28 -126.21
CA ASP W 229 -73.99 8.65 -127.48
C ASP W 229 -74.40 7.21 -127.17
N GLY W 230 -73.64 6.51 -126.32
CA GLY W 230 -74.01 5.15 -125.92
C GLY W 230 -72.82 4.20 -125.95
N GLN W 231 -71.64 4.73 -126.23
CA GLN W 231 -70.44 3.90 -126.31
C GLN W 231 -69.77 3.87 -124.94
N PHE W 232 -69.55 2.66 -124.42
CA PHE W 232 -68.96 2.48 -123.11
C PHE W 232 -67.82 1.46 -123.19
N GLU W 233 -66.79 1.69 -122.36
CA GLU W 233 -65.65 0.79 -122.26
C GLU W 233 -64.98 0.92 -120.90
N PHE W 234 -64.82 -0.20 -120.21
CA PHE W 234 -64.09 -0.19 -118.94
C PHE W 234 -62.59 -0.21 -119.20
N CYS W 235 -61.96 0.97 -119.12
CA CYS W 235 -60.56 1.14 -119.48
C CYS W 235 -59.74 1.42 -118.23
N LEU W 236 -58.55 0.81 -118.14
CA LEU W 236 -57.72 0.96 -116.91
C LEU W 236 -56.67 2.07 -117.01
N LEU W 237 -56.53 2.73 -118.16
CA LEU W 237 -55.50 3.74 -118.33
C LEU W 237 -56.16 5.12 -118.36
N ARG W 238 -55.34 6.16 -118.19
CA ARG W 238 -55.80 7.54 -118.12
C ARG W 238 -56.37 8.09 -119.41
N GLY W 239 -56.18 7.38 -120.52
CA GLY W 239 -56.58 7.86 -121.83
C GLY W 239 -58.04 8.24 -121.97
N LYS W 240 -58.92 7.28 -121.96
CA LYS W 240 -60.37 7.56 -122.18
C LYS W 240 -61.21 6.84 -121.11
N GLN W 241 -61.30 7.40 -119.90
CA GLN W 241 -62.18 6.88 -118.86
C GLN W 241 -62.90 8.00 -118.11
N GLY W 242 -62.67 9.25 -118.54
CA GLY W 242 -63.15 10.39 -117.78
C GLY W 242 -64.63 10.69 -117.97
N GLY W 243 -65.25 10.15 -119.01
CA GLY W 243 -66.63 10.48 -119.30
C GLY W 243 -66.67 11.59 -120.34
N PHE W 244 -67.49 11.41 -121.38
CA PHE W 244 -67.57 12.34 -122.49
C PHE W 244 -69.02 12.53 -122.88
N GLU W 245 -69.31 13.58 -123.65
CA GLU W 245 -70.72 13.87 -124.02
C GLU W 245 -71.03 13.40 -125.45
N MET X 1 -41.52 -0.37 -94.89
CA MET X 1 -42.43 -0.11 -96.00
C MET X 1 -41.93 -0.82 -97.26
N PHE X 2 -42.86 -1.40 -98.01
CA PHE X 2 -42.48 -2.28 -99.12
C PHE X 2 -41.74 -1.51 -100.20
N ALA X 3 -42.13 -0.25 -100.45
CA ALA X 3 -41.48 0.53 -101.50
C ALA X 3 -40.00 0.74 -101.19
N LYS X 4 -39.68 1.07 -99.93
CA LYS X 4 -38.29 1.29 -99.56
C LYS X 4 -37.52 -0.03 -99.49
N ALA X 5 -38.19 -1.09 -99.05
CA ALA X 5 -37.50 -2.38 -98.88
C ALA X 5 -36.91 -2.97 -100.16
N THR X 6 -37.67 -2.96 -101.25
CA THR X 6 -37.13 -3.45 -102.52
C THR X 6 -36.24 -2.44 -103.24
N ARG X 7 -36.44 -1.15 -102.93
CA ARG X 7 -35.58 -0.11 -103.53
C ARG X 7 -34.16 -0.35 -102.98
N ASN X 8 -34.04 -0.44 -101.66
CA ASN X 8 -32.71 -0.66 -101.03
C ASN X 8 -32.13 -1.99 -101.54
N PHE X 9 -32.96 -3.03 -101.58
CA PHE X 9 -32.50 -4.34 -102.10
C PHE X 9 -31.86 -4.21 -103.48
N LEU X 10 -32.65 -3.76 -104.46
CA LEU X 10 -32.12 -3.66 -105.82
C LEU X 10 -30.92 -2.73 -105.92
N ARG X 11 -30.82 -1.76 -105.00
CA ARG X 11 -29.66 -0.87 -104.98
C ARG X 11 -28.37 -1.64 -104.68
N GLU X 12 -28.43 -2.58 -103.74
CA GLU X 12 -27.21 -3.27 -103.31
C GLU X 12 -26.93 -4.51 -104.14
N VAL X 13 -27.96 -5.06 -104.79
CA VAL X 13 -27.74 -6.27 -105.58
C VAL X 13 -27.63 -5.89 -107.05
N ASP X 14 -28.59 -5.10 -107.54
CA ASP X 14 -28.62 -4.70 -108.98
C ASP X 14 -27.81 -3.41 -109.18
N ALA X 15 -26.52 -3.52 -109.44
CA ALA X 15 -25.64 -2.37 -109.61
C ALA X 15 -25.89 -1.60 -110.89
N ASP X 16 -26.50 -2.22 -111.89
CA ASP X 16 -26.72 -1.57 -113.18
C ASP X 16 -28.10 -0.95 -113.32
N GLY X 17 -29.03 -1.25 -112.40
CA GLY X 17 -30.37 -0.73 -112.53
C GLY X 17 -31.28 -1.25 -113.62
N ASP X 18 -30.94 -2.39 -114.22
CA ASP X 18 -31.77 -3.01 -115.25
C ASP X 18 -33.04 -3.71 -114.71
N LEU X 19 -33.11 -3.85 -113.40
CA LEU X 19 -34.26 -4.42 -112.72
C LEU X 19 -34.94 -3.26 -112.01
N ILE X 20 -36.25 -3.36 -111.86
CA ILE X 20 -37.08 -2.31 -111.28
C ILE X 20 -37.77 -2.85 -110.05
N ALA X 21 -37.66 -2.12 -108.94
CA ALA X 21 -38.28 -2.54 -107.69
C ALA X 21 -39.80 -2.41 -107.76
N VAL X 22 -40.51 -3.35 -107.14
CA VAL X 22 -41.96 -3.31 -107.11
C VAL X 22 -42.41 -2.24 -106.12
N SER X 23 -43.32 -1.37 -106.56
CA SER X 23 -43.72 -0.23 -105.75
C SER X 23 -44.48 -0.65 -104.49
N ASN X 24 -45.50 -1.49 -104.62
CA ASN X 24 -46.37 -1.82 -103.50
C ASN X 24 -46.84 -3.26 -103.65
N LEU X 25 -47.54 -3.74 -102.61
CA LEU X 25 -48.05 -5.12 -102.63
C LEU X 25 -49.14 -5.18 -103.68
N ASN X 26 -49.80 -4.06 -103.96
CA ASN X 26 -50.81 -4.05 -105.03
C ASN X 26 -50.25 -4.54 -106.36
N ASP X 27 -49.08 -3.95 -106.73
CA ASP X 27 -48.39 -4.41 -107.94
C ASP X 27 -47.73 -5.78 -107.89
N SER X 28 -47.54 -6.35 -106.71
CA SER X 28 -46.88 -7.63 -106.56
C SER X 28 -47.71 -8.81 -107.06
N ASP X 29 -49.01 -8.65 -107.24
CA ASP X 29 -49.86 -9.72 -107.72
C ASP X 29 -50.26 -9.49 -109.17
N LYS X 30 -49.91 -8.35 -109.77
CA LYS X 30 -50.20 -8.07 -111.17
C LYS X 30 -49.04 -8.41 -112.10
N LEU X 31 -47.80 -8.27 -111.62
CA LEU X 31 -46.63 -8.54 -112.44
C LEU X 31 -46.43 -10.05 -112.63
N GLN X 32 -46.55 -10.50 -113.87
CA GLN X 32 -46.33 -11.89 -114.22
C GLN X 32 -45.40 -11.97 -115.42
N LEU X 33 -44.91 -13.17 -115.69
CA LEU X 33 -43.95 -13.37 -116.77
C LEU X 33 -44.67 -13.08 -118.08
N LEU X 34 -43.98 -12.38 -118.98
CA LEU X 34 -44.52 -12.01 -120.30
C LEU X 34 -45.87 -11.32 -120.34
N SER X 35 -46.16 -10.49 -119.34
CA SER X 35 -47.36 -9.64 -119.39
C SER X 35 -46.78 -8.30 -119.81
N LEU X 36 -47.60 -7.49 -120.46
CA LEU X 36 -47.13 -6.21 -120.99
C LEU X 36 -47.25 -5.05 -120.02
N VAL X 37 -46.24 -4.17 -120.02
CA VAL X 37 -46.21 -3.00 -119.17
C VAL X 37 -45.85 -1.84 -120.08
N THR X 38 -46.09 -0.62 -119.58
CA THR X 38 -45.81 0.58 -120.35
C THR X 38 -45.10 1.58 -119.43
N LYS X 39 -43.99 2.10 -119.96
CA LYS X 39 -43.21 3.12 -119.21
C LYS X 39 -43.37 4.47 -119.91
N LYS X 40 -43.69 5.51 -119.15
CA LYS X 40 -43.87 6.85 -119.68
C LYS X 40 -42.53 7.58 -119.67
N LYS X 41 -42.04 7.95 -120.85
CA LYS X 41 -40.74 8.59 -121.00
C LYS X 41 -40.82 10.11 -120.91
N ARG X 42 -41.99 10.66 -120.60
CA ARG X 42 -42.12 12.10 -120.44
C ARG X 42 -41.23 12.63 -119.32
N PHE X 43 -41.10 11.88 -118.24
CA PHE X 43 -40.22 12.28 -117.14
C PHE X 43 -38.76 12.20 -117.57
N TRP X 44 -37.95 13.06 -116.96
CA TRP X 44 -36.54 13.16 -117.31
C TRP X 44 -35.74 12.18 -116.45
N CYS X 45 -34.40 12.28 -116.48
CA CYS X 45 -33.58 11.42 -115.65
C CYS X 45 -33.77 11.72 -114.16
N TRP X 46 -34.36 12.88 -113.86
CA TRP X 46 -34.61 13.27 -112.48
C TRP X 46 -35.54 12.30 -111.75
N GLN X 47 -36.60 11.83 -112.40
CA GLN X 47 -37.53 10.89 -111.79
C GLN X 47 -37.54 9.59 -112.58
N ARG X 48 -37.92 8.50 -111.91
CA ARG X 48 -37.99 7.22 -112.58
C ARG X 48 -39.13 7.23 -113.59
N PRO X 49 -39.00 6.48 -114.69
CA PRO X 49 -40.12 6.38 -115.65
C PRO X 49 -41.36 5.80 -114.99
N LYS X 50 -42.52 6.32 -115.38
CA LYS X 50 -43.79 5.87 -114.83
C LYS X 50 -44.18 4.57 -115.50
N TYR X 51 -44.23 3.48 -114.73
CA TYR X 51 -44.53 2.16 -115.24
C TYR X 51 -45.97 1.80 -114.89
N GLN X 52 -46.74 1.43 -115.91
CA GLN X 52 -48.14 1.02 -115.75
C GLN X 52 -48.36 -0.29 -116.49
N PHE X 53 -49.15 -1.17 -115.89
CA PHE X 53 -49.31 -2.54 -116.37
C PHE X 53 -50.66 -2.69 -117.04
N LEU X 54 -50.65 -3.20 -118.27
CA LEU X 54 -51.89 -3.54 -118.96
C LEU X 54 -52.40 -4.90 -118.48
N SER X 55 -53.72 -5.04 -118.49
CA SER X 55 -54.34 -6.29 -118.04
C SER X 55 -54.11 -7.40 -119.06
N LEU X 56 -53.78 -7.03 -120.29
CA LEU X 56 -53.59 -7.99 -121.38
C LEU X 56 -52.18 -8.57 -121.32
N THR X 57 -51.95 -9.64 -122.08
CA THR X 57 -50.64 -10.26 -122.18
C THR X 57 -50.23 -10.32 -123.64
N LEU X 58 -49.11 -10.99 -123.91
CA LEU X 58 -48.64 -11.12 -125.29
C LEU X 58 -49.64 -11.86 -126.15
N GLY X 59 -50.07 -13.04 -125.71
CA GLY X 59 -51.03 -13.81 -126.48
C GLY X 59 -52.35 -13.09 -126.66
N ASP X 60 -52.65 -12.16 -125.76
CA ASP X 60 -53.88 -11.38 -125.89
C ASP X 60 -53.76 -10.34 -127.00
N VAL X 61 -52.55 -9.93 -127.34
CA VAL X 61 -52.34 -8.87 -128.33
C VAL X 61 -51.67 -9.38 -129.61
N LEU X 62 -51.17 -10.61 -129.65
CA LEU X 62 -50.62 -11.14 -130.88
C LEU X 62 -51.70 -11.25 -131.95
N ILE X 63 -52.68 -12.14 -131.72
CA ILE X 63 -53.82 -12.34 -132.60
C ILE X 63 -53.40 -12.86 -133.97
N GLU X 64 -52.41 -12.21 -134.60
CA GLU X 64 -52.01 -12.57 -135.95
C GLU X 64 -51.44 -13.98 -136.03
N ASP X 65 -50.61 -14.37 -135.06
CA ASP X 65 -49.94 -15.66 -135.09
C ASP X 65 -49.97 -16.28 -133.70
N GLN X 66 -49.73 -17.59 -133.67
CA GLN X 66 -49.83 -18.35 -132.43
C GLN X 66 -48.78 -18.11 -131.35
N PHE X 67 -49.18 -18.33 -130.11
CA PHE X 67 -48.30 -18.13 -128.94
C PHE X 67 -47.09 -19.01 -128.67
N PRO X 68 -45.86 -18.47 -128.78
CA PRO X 68 -44.70 -19.36 -128.59
C PRO X 68 -44.46 -19.78 -127.15
N SER X 69 -44.40 -21.09 -126.91
CA SER X 69 -44.40 -21.61 -125.55
C SER X 69 -43.17 -21.04 -124.83
N PRO X 70 -43.33 -20.49 -123.63
CA PRO X 70 -42.13 -19.99 -122.93
C PRO X 70 -41.06 -20.91 -122.40
N VAL X 71 -39.83 -20.40 -122.29
CA VAL X 71 -38.72 -21.16 -121.72
C VAL X 71 -38.42 -20.53 -120.36
N VAL X 72 -39.13 -20.99 -119.34
CA VAL X 72 -38.97 -20.44 -118.00
C VAL X 72 -37.90 -21.29 -117.29
N VAL X 73 -36.89 -20.63 -116.75
CA VAL X 73 -35.80 -21.29 -116.03
C VAL X 73 -35.76 -20.67 -114.66
N GLU X 74 -35.73 -21.53 -113.63
CA GLU X 74 -35.74 -21.04 -112.23
C GLU X 74 -34.32 -21.05 -111.63
N SER X 75 -33.87 -19.91 -111.14
CA SER X 75 -32.56 -19.78 -110.49
C SER X 75 -32.75 -18.98 -109.21
N ASP X 76 -32.10 -19.43 -108.14
CA ASP X 76 -32.18 -18.78 -106.84
C ASP X 76 -30.85 -18.14 -106.49
N PHE X 77 -30.91 -16.99 -105.83
CA PHE X 77 -29.67 -16.24 -105.51
C PHE X 77 -29.98 -15.13 -104.52
N VAL X 78 -28.94 -14.56 -103.90
CA VAL X 78 -29.18 -13.35 -103.05
C VAL X 78 -30.32 -13.58 -102.01
N LYS X 79 -30.22 -14.63 -101.19
CA LYS X 79 -31.30 -14.77 -100.19
C LYS X 79 -31.26 -13.48 -99.36
N TYR X 80 -30.07 -12.98 -99.03
CA TYR X 80 -29.91 -11.61 -98.44
C TYR X 80 -30.52 -11.37 -97.05
N GLU X 81 -30.22 -10.20 -96.51
CA GLU X 81 -30.66 -9.71 -95.20
C GLU X 81 -30.26 -8.24 -95.12
N GLY X 82 -31.24 -7.38 -94.90
CA GLY X 82 -30.96 -5.95 -94.93
C GLY X 82 -31.46 -5.21 -93.71
N LYS X 83 -30.58 -4.46 -93.06
CA LYS X 83 -30.92 -3.59 -91.96
C LYS X 83 -30.56 -2.16 -92.32
N PHE X 84 -31.50 -1.24 -92.14
CA PHE X 84 -31.32 0.13 -92.62
C PHE X 84 -31.80 1.11 -91.54
N ALA X 85 -30.85 1.66 -90.79
CA ALA X 85 -31.15 2.66 -89.77
C ALA X 85 -30.76 4.03 -90.28
N ASN X 86 -31.74 4.82 -90.69
CA ASN X 86 -31.52 6.11 -91.32
C ASN X 86 -32.01 7.22 -90.40
N HIS X 87 -31.15 8.18 -90.12
CA HIS X 87 -31.48 9.33 -89.30
C HIS X 87 -31.34 10.60 -90.15
N VAL X 88 -32.42 11.34 -90.27
CA VAL X 88 -32.44 12.59 -91.03
C VAL X 88 -32.95 13.70 -90.11
N SER X 89 -32.14 14.75 -89.95
CA SER X 89 -32.51 15.90 -89.14
C SER X 89 -32.26 17.17 -89.95
N GLY X 90 -33.30 17.98 -90.14
CA GLY X 90 -33.15 19.22 -90.87
C GLY X 90 -33.87 20.38 -90.21
N THR X 91 -33.12 21.42 -89.86
CA THR X 91 -33.67 22.59 -89.18
C THR X 91 -33.54 23.78 -90.11
N LEU X 92 -34.65 24.48 -90.30
CA LEU X 92 -34.69 25.68 -91.13
C LEU X 92 -35.04 26.85 -90.23
N GLU X 93 -34.20 27.88 -90.23
CA GLU X 93 -34.41 29.06 -89.40
C GLU X 93 -34.35 30.28 -90.31
N THR X 94 -35.47 31.00 -90.39
CA THR X 94 -35.59 32.17 -91.25
C THR X 94 -36.12 33.32 -90.43
N ALA X 95 -35.58 34.52 -90.68
CA ALA X 95 -35.96 35.74 -89.97
C ALA X 95 -35.92 36.88 -90.97
N LEU X 96 -37.09 37.43 -91.30
CA LEU X 96 -37.21 38.55 -92.22
C LEU X 96 -38.05 39.63 -91.54
N GLY X 97 -37.39 40.71 -91.12
CA GLY X 97 -38.11 41.85 -90.58
C GLY X 97 -39.01 41.49 -89.42
N LYS X 98 -40.31 41.68 -89.62
CA LYS X 98 -41.29 41.44 -88.57
C LYS X 98 -41.33 39.96 -88.18
N VAL X 99 -41.29 39.07 -89.16
CA VAL X 99 -41.53 37.65 -88.95
C VAL X 99 -40.25 36.89 -88.66
N LYS X 100 -40.19 36.24 -87.50
CA LYS X 100 -39.18 35.23 -87.18
C LYS X 100 -39.62 33.78 -87.09
N LEU X 101 -39.02 32.90 -87.88
CA LEU X 101 -39.47 31.53 -88.02
C LEU X 101 -38.35 30.58 -87.62
N ASN X 102 -38.64 29.67 -86.69
CA ASN X 102 -37.72 28.62 -86.28
C ASN X 102 -38.39 27.28 -86.50
N LEU X 103 -37.77 26.43 -87.32
CA LEU X 103 -38.31 25.13 -87.67
C LEU X 103 -37.26 24.06 -87.44
N GLY X 104 -37.64 22.98 -86.76
CA GLY X 104 -36.75 21.86 -86.55
C GLY X 104 -37.41 20.52 -86.78
N GLY X 105 -36.94 19.77 -87.77
CA GLY X 105 -37.54 18.49 -88.09
C GLY X 105 -36.59 17.33 -88.01
N SER X 106 -36.87 16.39 -87.11
CA SER X 106 -36.04 15.20 -86.93
C SER X 106 -36.82 13.98 -87.33
N SER X 107 -36.27 13.20 -88.27
CA SER X 107 -36.91 11.99 -88.77
C SER X 107 -35.96 10.81 -88.63
N ARG X 108 -36.43 9.75 -87.97
CA ARG X 108 -35.67 8.53 -87.80
C ARG X 108 -36.43 7.36 -88.43
N VAL X 109 -35.76 6.64 -89.32
CA VAL X 109 -36.35 5.47 -89.98
C VAL X 109 -35.39 4.31 -89.79
N GLU X 110 -35.89 3.22 -89.21
CA GLU X 110 -35.12 1.99 -89.03
C GLU X 110 -35.92 0.90 -89.73
N SER X 111 -35.60 0.67 -91.00
CA SER X 111 -36.33 -0.28 -91.83
C SER X 111 -35.49 -1.54 -91.99
N GLN X 112 -35.87 -2.61 -91.30
CA GLN X 112 -35.24 -3.90 -91.45
C GLN X 112 -35.93 -4.68 -92.56
N SER X 113 -35.14 -5.18 -93.51
CA SER X 113 -35.65 -5.88 -94.68
C SER X 113 -35.02 -7.27 -94.72
N SER X 114 -35.64 -8.21 -94.02
CA SER X 114 -35.15 -9.58 -93.96
C SER X 114 -35.93 -10.39 -94.98
N PHE X 115 -35.21 -11.04 -95.89
CA PHE X 115 -35.81 -11.82 -96.97
C PHE X 115 -35.22 -13.21 -96.98
N GLY X 116 -35.98 -14.17 -97.51
CA GLY X 116 -35.50 -15.53 -97.65
C GLY X 116 -34.81 -15.75 -98.98
N THR X 117 -34.75 -17.02 -99.39
CA THR X 117 -34.14 -17.39 -100.66
C THR X 117 -34.94 -16.81 -101.83
N LEU X 118 -34.36 -15.86 -102.54
CA LEU X 118 -35.04 -15.23 -103.66
C LEU X 118 -34.71 -15.95 -104.96
N ARG X 119 -35.76 -16.21 -105.75
CA ARG X 119 -35.57 -16.99 -106.99
C ARG X 119 -35.87 -16.13 -108.22
N LYS X 120 -35.12 -16.38 -109.30
CA LYS X 120 -35.32 -15.63 -110.56
C LYS X 120 -35.97 -16.55 -111.60
N GLN X 121 -36.95 -16.03 -112.33
CA GLN X 121 -37.67 -16.75 -113.37
C GLN X 121 -37.57 -15.94 -114.65
N GLU X 122 -36.59 -16.28 -115.50
CA GLU X 122 -36.36 -15.57 -116.75
C GLU X 122 -36.90 -16.38 -117.92
N VAL X 123 -37.47 -15.68 -118.89
CA VAL X 123 -38.01 -16.30 -120.09
C VAL X 123 -36.94 -16.26 -121.18
N ASP X 124 -36.93 -17.28 -122.04
CA ASP X 124 -35.99 -17.34 -123.16
C ASP X 124 -36.05 -16.12 -124.05
N LEU X 125 -34.95 -15.36 -124.11
CA LEU X 125 -34.91 -14.17 -124.95
C LEU X 125 -35.07 -14.49 -126.43
N GLN X 126 -34.52 -15.62 -126.85
CA GLN X 126 -34.71 -16.06 -128.23
C GLN X 126 -36.13 -16.38 -128.65
N GLN X 127 -36.93 -16.98 -127.77
CA GLN X 127 -38.37 -17.10 -128.04
C GLN X 127 -39.00 -15.72 -128.17
N LEU X 128 -38.48 -14.75 -127.42
CA LEU X 128 -39.05 -13.40 -127.44
C LEU X 128 -38.85 -12.74 -128.81
N ILE X 129 -37.72 -13.01 -129.45
CA ILE X 129 -37.38 -12.32 -130.70
C ILE X 129 -38.02 -13.02 -131.90
N ARG X 130 -38.23 -14.35 -131.80
CA ARG X 130 -38.68 -15.10 -132.97
C ARG X 130 -40.05 -14.63 -133.45
N ASP X 131 -41.03 -14.55 -132.54
CA ASP X 131 -42.36 -14.11 -132.93
C ASP X 131 -42.37 -12.63 -133.32
N SER X 132 -41.59 -11.82 -132.61
CA SER X 132 -41.60 -10.37 -132.84
C SER X 132 -41.10 -10.01 -134.24
N ALA X 133 -40.02 -10.63 -134.72
CA ALA X 133 -39.48 -10.32 -136.03
C ALA X 133 -40.44 -10.66 -137.16
N GLU X 134 -41.44 -11.49 -136.91
CA GLU X 134 -42.45 -11.86 -137.90
C GLU X 134 -43.72 -11.05 -137.65
N ARG X 135 -44.62 -11.09 -138.63
CA ARG X 135 -45.91 -10.39 -138.53
C ARG X 135 -46.80 -11.16 -137.57
N THR X 136 -46.61 -10.90 -136.28
CA THR X 136 -47.30 -11.63 -135.22
C THR X 136 -48.24 -10.78 -134.39
N ILE X 137 -48.01 -9.47 -134.29
CA ILE X 137 -48.82 -8.58 -133.47
C ILE X 137 -49.74 -7.78 -134.38
N ASN X 138 -51.04 -7.79 -134.08
CA ASN X 138 -52.00 -7.04 -134.87
C ASN X 138 -51.77 -5.54 -134.66
N LEU X 139 -52.01 -4.76 -135.73
CA LEU X 139 -51.74 -3.33 -135.67
C LEU X 139 -52.77 -2.60 -134.84
N ARG X 140 -54.05 -2.95 -134.99
CA ARG X 140 -55.14 -2.25 -134.34
C ARG X 140 -55.78 -3.15 -133.30
N ASN X 141 -55.92 -2.63 -132.08
CA ASN X 141 -56.58 -3.29 -130.97
C ASN X 141 -57.54 -2.32 -130.31
N PRO X 142 -58.67 -2.81 -129.79
CA PRO X 142 -59.56 -1.90 -129.04
C PRO X 142 -58.88 -1.27 -127.83
N VAL X 143 -57.90 -1.98 -127.25
CA VAL X 143 -57.14 -1.42 -126.10
C VAL X 143 -55.76 -0.99 -126.66
N LEU X 144 -55.02 -0.14 -125.94
CA LEU X 144 -53.65 0.30 -126.31
C LEU X 144 -53.69 1.55 -127.24
N GLN X 145 -54.89 1.93 -127.67
CA GLN X 145 -55.01 3.18 -128.48
C GLN X 145 -54.49 4.39 -127.68
N GLN X 146 -54.87 4.48 -126.41
CA GLN X 146 -54.45 5.59 -125.53
C GLN X 146 -52.92 5.59 -125.38
N VAL X 147 -52.28 4.44 -125.59
CA VAL X 147 -50.81 4.37 -125.54
C VAL X 147 -50.21 5.07 -126.74
N LEU X 148 -50.75 4.81 -127.93
CA LEU X 148 -50.25 5.47 -129.14
C LEU X 148 -50.50 6.97 -129.08
N GLU X 149 -51.68 7.38 -128.61
CA GLU X 149 -51.99 8.79 -128.38
C GLU X 149 -51.29 9.26 -127.10
N GLY X 150 -50.06 9.74 -127.27
CA GLY X 150 -49.18 9.88 -126.12
C GLY X 150 -47.88 9.18 -126.46
N ARG X 151 -47.42 9.29 -127.71
CA ARG X 151 -46.21 8.56 -128.16
C ARG X 151 -45.24 8.34 -126.99
N ASN X 152 -44.76 9.41 -126.37
CA ASN X 152 -43.94 9.30 -125.16
C ASN X 152 -43.90 8.07 -124.27
N GLU X 153 -45.06 7.46 -124.01
CA GLU X 153 -45.13 6.19 -123.30
C GLU X 153 -45.16 5.05 -124.33
N VAL X 154 -44.36 4.02 -124.09
CA VAL X 154 -44.19 2.91 -125.02
C VAL X 154 -44.46 1.60 -124.28
N LEU X 155 -44.92 0.60 -125.03
CA LEU X 155 -45.25 -0.70 -124.48
C LEU X 155 -43.98 -1.53 -124.29
N CYS X 156 -43.92 -2.26 -123.19
CA CYS X 156 -42.81 -3.16 -122.89
C CYS X 156 -43.43 -4.47 -122.45
N VAL X 157 -42.58 -5.50 -122.45
CA VAL X 157 -43.03 -6.86 -122.03
C VAL X 157 -42.07 -7.38 -120.97
N LEU X 158 -42.61 -7.88 -119.86
CA LEU X 158 -41.79 -8.41 -118.78
C LEU X 158 -41.10 -9.70 -119.18
N THR X 159 -39.82 -9.82 -118.84
CA THR X 159 -39.03 -11.01 -119.12
C THR X 159 -38.20 -11.59 -117.97
N GLN X 160 -37.88 -10.73 -116.99
CA GLN X 160 -37.13 -11.18 -115.79
C GLN X 160 -38.01 -10.92 -114.57
N LYS X 161 -37.95 -11.79 -113.56
CA LYS X 161 -38.78 -11.64 -112.37
C LYS X 161 -38.06 -12.30 -111.20
N ILE X 162 -37.99 -11.60 -110.08
CA ILE X 162 -37.40 -12.12 -108.85
C ILE X 162 -38.54 -12.34 -107.87
N THR X 163 -38.65 -13.57 -107.35
CA THR X 163 -39.73 -13.97 -106.48
C THR X 163 -39.19 -14.67 -105.23
N THR X 164 -39.75 -14.33 -104.08
CA THR X 164 -39.35 -14.94 -102.82
C THR X 164 -40.10 -16.24 -102.56
N MET X 165 -39.50 -17.11 -101.75
CA MET X 165 -40.07 -18.42 -101.45
C MET X 165 -40.42 -18.58 -99.97
N GLN X 166 -39.96 -17.68 -99.11
CA GLN X 166 -40.17 -17.80 -97.68
C GLN X 166 -40.82 -16.50 -97.21
N LYS X 167 -41.67 -16.65 -96.19
CA LYS X 167 -42.35 -15.47 -95.59
C LYS X 167 -41.25 -14.45 -95.21
N CYS X 168 -41.36 -13.25 -95.75
CA CYS X 168 -40.37 -12.21 -95.51
C CYS X 168 -40.80 -11.26 -94.41
N VAL X 169 -39.82 -10.64 -93.76
CA VAL X 169 -40.04 -9.75 -92.63
C VAL X 169 -39.59 -8.34 -92.99
N ILE X 170 -40.48 -7.38 -92.83
CA ILE X 170 -40.16 -5.97 -93.04
C ILE X 170 -40.57 -5.22 -91.77
N SER X 171 -39.66 -5.11 -90.82
CA SER X 171 -39.92 -4.41 -89.57
C SER X 171 -39.53 -2.95 -89.74
N GLU X 172 -40.52 -2.10 -89.93
CA GLU X 172 -40.30 -0.68 -90.19
C GLU X 172 -40.60 0.12 -88.92
N HIS X 173 -39.62 0.92 -88.49
CA HIS X 173 -39.81 1.86 -87.40
C HIS X 173 -39.60 3.25 -87.97
N MET X 174 -40.62 4.11 -87.84
CA MET X 174 -40.60 5.45 -88.41
C MET X 174 -40.97 6.43 -87.30
N GLN X 175 -39.97 7.08 -86.73
CA GLN X 175 -40.18 8.14 -85.75
C GLN X 175 -39.98 9.48 -86.42
N VAL X 176 -41.01 10.33 -86.40
CA VAL X 176 -40.99 11.63 -87.06
C VAL X 176 -41.27 12.68 -86.01
N GLU X 177 -40.35 13.60 -85.81
CA GLU X 177 -40.54 14.72 -84.91
C GLU X 177 -40.35 16.02 -85.68
N GLU X 178 -41.37 16.87 -85.67
CA GLU X 178 -41.36 18.14 -86.37
C GLU X 178 -41.78 19.23 -85.40
N LYS X 179 -40.93 20.25 -85.25
CA LYS X 179 -41.21 21.38 -84.37
C LYS X 179 -41.23 22.65 -85.21
N CYS X 180 -42.34 23.38 -85.15
CA CYS X 180 -42.50 24.62 -85.89
C CYS X 180 -42.75 25.77 -84.90
N GLY X 181 -41.99 26.85 -85.05
CA GLY X 181 -42.14 28.00 -84.17
C GLY X 181 -42.06 29.32 -84.91
N GLY X 182 -43.07 30.16 -84.73
CA GLY X 182 -43.09 31.46 -85.37
C GLY X 182 -43.43 32.58 -84.41
N ILE X 183 -42.49 33.54 -84.33
CA ILE X 183 -42.73 34.75 -83.48
C ILE X 183 -42.93 35.91 -84.48
N VAL X 184 -44.04 36.63 -84.36
CA VAL X 184 -44.37 37.70 -85.30
C VAL X 184 -44.67 38.95 -84.49
N GLY X 185 -43.95 40.03 -84.80
CA GLY X 185 -44.18 41.31 -84.16
C GLY X 185 -44.42 42.44 -85.16
N ILE X 186 -45.60 43.07 -85.08
CA ILE X 186 -45.91 44.09 -86.12
C ILE X 186 -46.03 45.50 -85.51
N GLN X 187 -45.20 46.44 -85.98
CA GLN X 187 -45.20 47.85 -85.56
C GLN X 187 -46.32 48.80 -86.04
N THR X 188 -47.56 48.32 -85.94
CA THR X 188 -48.70 49.05 -86.47
C THR X 188 -49.04 50.42 -85.93
N LYS X 189 -49.69 51.25 -86.76
CA LYS X 189 -50.00 52.63 -86.30
C LYS X 189 -51.02 52.81 -85.16
N THR X 190 -50.56 53.09 -83.93
CA THR X 190 -51.43 53.27 -82.74
C THR X 190 -51.92 51.91 -82.25
N VAL X 191 -51.32 50.83 -82.74
CA VAL X 191 -51.70 49.46 -82.30
C VAL X 191 -50.41 48.65 -82.08
N GLN X 192 -50.06 48.37 -80.83
CA GLN X 192 -48.89 47.51 -80.64
C GLN X 192 -49.34 46.06 -80.73
N VAL X 193 -48.72 45.31 -81.63
CA VAL X 193 -49.15 43.94 -81.92
C VAL X 193 -48.05 42.96 -81.54
N SER X 194 -48.44 41.77 -81.07
CA SER X 194 -47.49 40.71 -80.76
C SER X 194 -48.15 39.35 -80.92
N ALA X 195 -47.78 38.62 -81.97
CA ALA X 195 -48.41 37.34 -82.30
C ALA X 195 -47.34 36.26 -82.31
N THR X 196 -47.56 35.20 -81.56
CA THR X 196 -46.65 34.06 -81.48
C THR X 196 -47.43 32.78 -81.74
N GLU X 197 -46.88 31.95 -82.62
CA GLU X 197 -47.51 30.63 -82.93
C GLU X 197 -46.45 29.53 -82.80
N ASP X 198 -46.71 28.53 -81.96
CA ASP X 198 -45.79 27.42 -81.74
C ASP X 198 -46.50 26.12 -82.09
N GLY X 199 -45.89 25.33 -82.98
CA GLY X 199 -46.46 24.06 -83.37
C GLY X 199 -45.49 22.91 -83.21
N ASN X 200 -45.80 21.98 -82.30
CA ASN X 200 -44.97 20.81 -82.03
C ASN X 200 -45.75 19.58 -82.48
N VAL X 201 -45.17 18.81 -83.38
CA VAL X 201 -45.78 17.58 -83.88
C VAL X 201 -44.79 16.45 -83.67
N THR X 202 -45.21 15.42 -82.96
CA THR X 202 -44.41 14.22 -82.74
C THR X 202 -45.22 13.03 -83.21
N LYS X 203 -44.71 12.29 -84.19
CA LYS X 203 -45.40 11.17 -84.78
C LYS X 203 -44.52 9.93 -84.74
N ASP X 204 -45.08 8.81 -84.33
CA ASP X 204 -44.38 7.54 -84.27
C ASP X 204 -45.20 6.49 -85.01
N SER X 205 -44.52 5.66 -85.80
CA SER X 205 -45.17 4.58 -86.55
C SER X 205 -44.33 3.31 -86.40
N ASN X 206 -44.59 2.56 -85.34
CA ASN X 206 -43.92 1.28 -85.13
C ASN X 206 -44.72 0.19 -85.83
N VAL X 207 -44.35 -0.10 -87.08
CA VAL X 207 -45.10 -1.07 -87.89
C VAL X 207 -44.23 -2.25 -88.26
N VAL X 208 -44.57 -3.43 -87.73
CA VAL X 208 -43.91 -4.67 -88.11
C VAL X 208 -44.91 -5.49 -88.94
N LEU X 209 -44.67 -5.57 -90.24
CA LEU X 209 -45.54 -6.27 -91.15
C LEU X 209 -44.77 -7.38 -91.86
N GLU X 210 -45.45 -8.51 -91.99
CA GLU X 210 -44.79 -9.67 -92.66
C GLU X 210 -45.15 -9.65 -94.15
N ILE X 211 -44.37 -10.37 -94.95
CA ILE X 211 -44.56 -10.46 -96.39
C ILE X 211 -44.71 -11.93 -96.74
N PRO X 212 -45.74 -12.33 -97.47
CA PRO X 212 -45.91 -13.75 -97.80
C PRO X 212 -44.96 -14.18 -98.91
N ALA X 213 -44.85 -15.49 -99.06
CA ALA X 213 -44.07 -16.04 -100.16
C ALA X 213 -44.76 -15.80 -101.49
N ALA X 214 -44.02 -16.01 -102.58
CA ALA X 214 -44.44 -15.90 -103.97
C ALA X 214 -44.71 -14.46 -104.39
N THR X 215 -44.37 -13.50 -103.52
CA THR X 215 -44.54 -12.06 -103.86
C THR X 215 -43.50 -11.66 -104.88
N THR X 216 -43.82 -10.66 -105.72
CA THR X 216 -42.84 -10.15 -106.68
C THR X 216 -41.97 -9.08 -106.03
N ILE X 217 -40.66 -9.25 -106.13
CA ILE X 217 -39.70 -8.31 -105.56
C ILE X 217 -39.13 -7.38 -106.62
N ALA X 218 -38.75 -7.93 -107.77
CA ALA X 218 -38.16 -7.14 -108.85
C ALA X 218 -38.61 -7.72 -110.18
N TYR X 219 -38.55 -6.88 -111.21
CA TYR X 219 -38.93 -7.30 -112.55
C TYR X 219 -38.17 -6.47 -113.57
N GLY X 220 -37.71 -7.14 -114.62
CA GLY X 220 -37.03 -6.48 -115.72
C GLY X 220 -37.83 -6.66 -117.01
N VAL X 221 -37.86 -5.61 -117.83
CA VAL X 221 -38.68 -5.60 -119.03
C VAL X 221 -37.67 -5.27 -120.11
N ILE X 222 -38.00 -5.68 -121.34
CA ILE X 222 -37.21 -5.13 -122.48
C ILE X 222 -38.29 -4.48 -123.35
N GLU X 223 -38.00 -3.33 -123.92
CA GLU X 223 -38.99 -2.53 -124.63
C GLU X 223 -39.36 -3.01 -126.03
N LEU X 224 -40.52 -2.54 -126.48
CA LEU X 224 -41.04 -2.97 -127.81
C LEU X 224 -40.94 -1.84 -128.82
N TYR X 225 -40.19 -2.06 -129.90
CA TYR X 225 -40.09 -1.10 -131.00
C TYR X 225 -41.41 -1.03 -131.74
N VAL X 226 -42.07 0.13 -131.68
CA VAL X 226 -43.39 0.30 -132.27
C VAL X 226 -43.32 1.34 -133.39
N LYS X 227 -43.60 0.90 -134.61
CA LYS X 227 -43.80 1.83 -135.73
C LYS X 227 -45.26 1.75 -136.16
N LEU X 228 -45.90 2.91 -136.27
CA LEU X 228 -47.36 2.94 -136.57
C LEU X 228 -47.62 2.30 -137.94
N ASP X 229 -46.57 2.13 -138.76
CA ASP X 229 -46.75 1.44 -140.06
C ASP X 229 -47.20 0.00 -139.78
N GLY X 230 -46.62 -0.64 -138.75
CA GLY X 230 -47.05 -2.00 -138.38
C GLY X 230 -45.87 -2.92 -138.12
N GLN X 231 -44.66 -2.38 -138.18
CA GLN X 231 -43.47 -3.19 -137.97
C GLN X 231 -43.08 -3.15 -136.50
N PHE X 232 -42.96 -4.33 -135.89
CA PHE X 232 -42.64 -4.43 -134.47
C PHE X 232 -41.51 -5.43 -134.28
N GLU X 233 -40.67 -5.15 -133.27
CA GLU X 233 -39.56 -6.02 -132.90
C GLU X 233 -39.18 -5.82 -131.43
N PHE X 234 -39.15 -6.90 -130.67
CA PHE X 234 -38.70 -6.82 -129.28
C PHE X 234 -37.17 -6.82 -129.24
N CYS X 235 -36.59 -5.63 -129.09
CA CYS X 235 -35.14 -5.45 -129.17
C CYS X 235 -34.60 -5.09 -127.79
N LEU X 236 -33.45 -5.67 -127.43
CA LEU X 236 -32.89 -5.46 -126.07
C LEU X 236 -31.84 -4.33 -126.01
N LEU X 237 -31.49 -3.72 -127.14
CA LEU X 237 -30.45 -2.69 -127.14
C LEU X 237 -31.10 -1.34 -127.38
N ARG X 238 -30.33 -0.28 -127.08
CA ARG X 238 -30.82 1.10 -127.19
C ARG X 238 -31.12 1.58 -128.60
N GLY X 239 -30.71 0.82 -129.60
CA GLY X 239 -30.84 1.23 -130.99
C GLY X 239 -32.24 1.58 -131.44
N LYS X 240 -33.10 0.61 -131.56
CA LYS X 240 -34.47 0.85 -132.06
C LYS X 240 -35.50 0.16 -131.16
N GLN X 241 -35.85 0.78 -130.03
CA GLN X 241 -36.91 0.28 -129.16
C GLN X 241 -37.77 1.43 -128.63
N GLY X 242 -37.48 2.66 -129.06
CA GLY X 242 -38.12 3.82 -128.48
C GLY X 242 -39.53 4.07 -128.97
N GLY X 243 -39.92 3.49 -130.09
CA GLY X 243 -41.21 3.77 -130.67
C GLY X 243 -41.06 4.83 -131.75
N PHE X 244 -41.65 4.60 -132.91
CA PHE X 244 -41.51 5.47 -134.06
C PHE X 244 -42.85 5.61 -134.75
N GLU X 245 -42.99 6.62 -135.61
CA GLU X 245 -44.29 6.86 -136.27
C GLU X 245 -44.32 6.33 -137.71
N MET Y 1 -21.48 -5.48 -101.18
CA MET Y 1 -22.14 -5.27 -102.46
C MET Y 1 -21.38 -6.03 -103.55
N PHE Y 2 -22.14 -6.66 -104.45
CA PHE Y 2 -21.54 -7.58 -105.41
C PHE Y 2 -20.60 -6.85 -106.36
N ALA Y 3 -20.94 -5.62 -106.74
CA ALA Y 3 -20.10 -4.87 -107.67
C ALA Y 3 -18.72 -4.61 -107.08
N LYS Y 4 -18.67 -4.22 -105.81
CA LYS Y 4 -17.38 -3.96 -105.17
C LYS Y 4 -16.62 -5.26 -104.88
N ALA Y 5 -17.36 -6.32 -104.53
CA ALA Y 5 -16.72 -7.57 -104.17
C ALA Y 5 -15.86 -8.22 -105.27
N THR Y 6 -16.38 -8.27 -106.49
CA THR Y 6 -15.59 -8.81 -107.60
C THR Y 6 -14.58 -7.81 -108.17
N ARG Y 7 -14.86 -6.52 -107.98
CA ARG Y 7 -13.90 -5.47 -108.44
C ARG Y 7 -12.62 -5.67 -107.60
N ASN Y 8 -12.76 -5.69 -106.27
CA ASN Y 8 -11.59 -5.86 -105.38
C ASN Y 8 -10.91 -7.19 -105.70
N PHE Y 9 -11.70 -8.26 -105.86
CA PHE Y 9 -11.13 -9.59 -106.21
C PHE Y 9 -10.24 -9.50 -107.44
N LEU Y 10 -10.81 -9.11 -108.59
CA LEU Y 10 -10.02 -9.07 -109.81
C LEU Y 10 -8.83 -8.12 -109.70
N ARG Y 11 -8.93 -7.11 -108.84
CA ARG Y 11 -7.80 -6.20 -108.63
C ARG Y 11 -6.60 -6.92 -108.03
N GLU Y 12 -6.84 -7.83 -107.08
CA GLU Y 12 -5.72 -8.47 -106.39
C GLU Y 12 -5.27 -9.74 -107.08
N VAL Y 13 -6.13 -10.34 -107.90
CA VAL Y 13 -5.75 -11.58 -108.56
C VAL Y 13 -5.35 -11.26 -109.99
N ASP Y 14 -6.20 -10.52 -110.72
CA ASP Y 14 -5.94 -10.18 -112.14
C ASP Y 14 -5.12 -8.88 -112.22
N ALA Y 15 -3.80 -8.98 -112.23
CA ALA Y 15 -2.91 -7.82 -112.26
C ALA Y 15 -2.92 -7.12 -113.61
N ASP Y 16 -3.30 -7.80 -114.69
CA ASP Y 16 -3.26 -7.21 -116.02
C ASP Y 16 -4.60 -6.62 -116.47
N GLY Y 17 -5.68 -6.90 -115.74
CA GLY Y 17 -6.98 -6.41 -116.16
C GLY Y 17 -7.63 -6.99 -117.38
N ASP Y 18 -7.17 -8.15 -117.85
CA ASP Y 18 -7.78 -8.84 -118.99
C ASP Y 18 -9.12 -9.53 -118.68
N LEU Y 19 -9.46 -9.62 -117.40
CA LEU Y 19 -10.71 -10.18 -116.95
C LEU Y 19 -11.54 -9.00 -116.45
N ILE Y 20 -12.85 -9.12 -116.56
CA ILE Y 20 -13.78 -8.06 -116.21
C ILE Y 20 -14.70 -8.56 -115.12
N ALA Y 21 -14.82 -7.78 -114.06
CA ALA Y 21 -15.68 -8.15 -112.94
C ALA Y 21 -17.16 -8.05 -113.33
N VAL Y 22 -17.96 -8.99 -112.81
CA VAL Y 22 -19.40 -8.96 -113.07
C VAL Y 22 -20.04 -7.87 -112.24
N SER Y 23 -20.85 -7.04 -112.90
CA SER Y 23 -21.42 -5.86 -112.25
C SER Y 23 -22.42 -6.24 -111.14
N ASN Y 24 -23.37 -7.11 -111.44
CA ASN Y 24 -24.46 -7.40 -110.50
C ASN Y 24 -24.87 -8.86 -110.67
N LEU Y 25 -25.77 -9.31 -109.78
CA LEU Y 25 -26.25 -10.69 -109.83
C LEU Y 25 -27.10 -10.82 -111.08
N ASN Y 26 -27.70 -9.73 -111.54
CA ASN Y 26 -28.48 -9.78 -112.78
C ASN Y 26 -27.64 -10.32 -113.95
N ASP Y 27 -26.44 -9.73 -114.11
CA ASP Y 27 -25.52 -10.22 -115.12
C ASP Y 27 -24.86 -11.58 -114.88
N SER Y 28 -24.91 -12.09 -113.65
CA SER Y 28 -24.29 -13.35 -113.32
C SER Y 28 -24.98 -14.57 -113.92
N ASP Y 29 -26.22 -14.44 -114.36
CA ASP Y 29 -26.95 -15.55 -114.97
C ASP Y 29 -27.04 -15.40 -116.47
N LYS Y 30 -26.59 -14.28 -117.03
CA LYS Y 30 -26.60 -14.06 -118.48
C LYS Y 30 -25.27 -14.42 -119.13
N LEU Y 31 -24.16 -14.23 -118.42
CA LEU Y 31 -22.84 -14.53 -118.98
C LEU Y 31 -22.60 -16.03 -119.04
N GLN Y 32 -22.46 -16.54 -120.27
CA GLN Y 32 -22.15 -17.95 -120.49
C GLN Y 32 -20.99 -18.06 -121.47
N LEU Y 33 -20.45 -19.26 -121.59
CA LEU Y 33 -19.30 -19.49 -122.44
C LEU Y 33 -19.74 -19.27 -123.88
N LEU Y 34 -18.88 -18.60 -124.66
CA LEU Y 34 -19.14 -18.30 -126.06
C LEU Y 34 -20.47 -17.64 -126.42
N SER Y 35 -20.96 -16.77 -125.53
CA SER Y 35 -22.13 -15.95 -125.86
C SER Y 35 -21.49 -14.62 -126.22
N LEU Y 36 -22.18 -13.86 -127.07
CA LEU Y 36 -21.62 -12.59 -127.56
C LEU Y 36 -21.95 -11.39 -126.69
N VAL Y 37 -20.97 -10.49 -126.52
CA VAL Y 37 -21.12 -9.28 -125.73
C VAL Y 37 -20.60 -8.16 -126.62
N THR Y 38 -20.93 -6.93 -126.23
CA THR Y 38 -20.53 -5.75 -126.99
C THR Y 38 -20.02 -4.71 -125.99
N LYS Y 39 -18.84 -4.18 -126.31
CA LYS Y 39 -18.23 -3.12 -125.47
C LYS Y 39 -18.26 -1.80 -126.25
N LYS Y 40 -18.75 -0.74 -125.62
CA LYS Y 40 -18.82 0.57 -126.25
C LYS Y 40 -17.52 1.33 -125.99
N LYS Y 41 -16.80 1.65 -127.08
CA LYS Y 41 -15.51 2.32 -126.99
C LYS Y 41 -15.61 3.83 -126.99
N ARG Y 42 -16.83 4.37 -126.95
CA ARG Y 42 -17.01 5.82 -126.89
C ARG Y 42 -16.37 6.42 -125.64
N PHE Y 43 -16.45 5.72 -124.51
CA PHE Y 43 -15.82 6.18 -123.29
C PHE Y 43 -14.30 6.11 -123.40
N TRP Y 44 -13.63 7.02 -122.69
CA TRP Y 44 -12.19 7.13 -122.75
C TRP Y 44 -11.56 6.20 -121.71
N CYS Y 45 -10.26 6.32 -121.46
CA CYS Y 45 -9.60 5.52 -120.44
C CYS Y 45 -10.09 5.88 -119.05
N TRP Y 46 -10.75 7.04 -118.92
CA TRP Y 46 -11.27 7.49 -117.63
C TRP Y 46 -12.32 6.54 -117.07
N GLN Y 47 -13.22 6.01 -117.90
CA GLN Y 47 -14.24 5.09 -117.44
C GLN Y 47 -14.09 3.76 -118.15
N ARG Y 48 -14.59 2.69 -117.52
CA ARG Y 48 -14.51 1.38 -118.12
C ARG Y 48 -15.41 1.32 -119.36
N PRO Y 49 -15.07 0.53 -120.36
CA PRO Y 49 -15.95 0.36 -121.52
C PRO Y 49 -17.30 -0.21 -121.10
N LYS Y 50 -18.36 0.27 -121.74
CA LYS Y 50 -19.72 -0.18 -121.43
C LYS Y 50 -19.95 -1.52 -122.11
N TYR Y 51 -20.15 -2.57 -121.31
CA TYR Y 51 -20.32 -3.92 -121.81
C TYR Y 51 -21.81 -4.30 -121.74
N GLN Y 52 -22.35 -4.72 -122.86
CA GLN Y 52 -23.74 -5.15 -122.98
C GLN Y 52 -23.79 -6.50 -123.68
N PHE Y 53 -24.68 -7.37 -123.22
CA PHE Y 53 -24.73 -8.76 -123.65
C PHE Y 53 -25.91 -8.97 -124.57
N LEU Y 54 -25.65 -9.53 -125.75
CA LEU Y 54 -26.71 -9.92 -126.65
C LEU Y 54 -27.29 -11.27 -126.23
N SER Y 55 -28.60 -11.44 -126.48
CA SER Y 55 -29.27 -12.68 -126.12
C SER Y 55 -28.83 -13.83 -127.02
N LEU Y 56 -28.27 -13.51 -128.18
CA LEU Y 56 -27.86 -14.51 -129.14
C LEU Y 56 -26.48 -15.06 -128.77
N THR Y 57 -26.08 -16.16 -129.42
CA THR Y 57 -24.78 -16.76 -129.22
C THR Y 57 -24.08 -16.88 -130.57
N LEU Y 58 -22.93 -17.54 -130.58
CA LEU Y 58 -22.18 -17.72 -131.82
C LEU Y 58 -22.99 -18.52 -132.83
N GLY Y 59 -23.47 -19.68 -132.43
CA GLY Y 59 -24.26 -20.50 -133.34
C GLY Y 59 -25.51 -19.83 -133.81
N ASP Y 60 -26.01 -18.85 -133.03
CA ASP Y 60 -27.19 -18.10 -133.45
C ASP Y 60 -26.86 -17.12 -134.57
N VAL Y 61 -25.60 -16.70 -134.67
CA VAL Y 61 -25.21 -15.69 -135.66
C VAL Y 61 -24.29 -16.24 -136.74
N LEU Y 62 -23.79 -17.47 -136.62
CA LEU Y 62 -22.98 -18.03 -137.69
C LEU Y 62 -23.83 -18.21 -138.95
N ILE Y 63 -24.82 -19.11 -138.88
CA ILE Y 63 -25.77 -19.37 -139.97
C ILE Y 63 -25.07 -19.95 -141.19
N GLU Y 64 -23.99 -19.30 -141.63
CA GLU Y 64 -23.32 -19.72 -142.86
C GLU Y 64 -22.73 -21.12 -142.75
N ASP Y 65 -22.11 -21.45 -141.62
CA ASP Y 65 -21.44 -22.72 -141.45
C ASP Y 65 -21.73 -23.28 -140.07
N GLN Y 66 -21.49 -24.58 -139.92
CA GLN Y 66 -21.84 -25.29 -138.69
C GLN Y 66 -21.03 -24.98 -137.44
N PHE Y 67 -21.67 -25.15 -136.29
CA PHE Y 67 -21.05 -24.88 -134.99
C PHE Y 67 -19.90 -25.72 -134.45
N PRO Y 68 -18.68 -25.17 -134.33
CA PRO Y 68 -17.58 -26.03 -133.85
C PRO Y 68 -17.63 -26.37 -132.39
N SER Y 69 -17.60 -27.67 -132.08
CA SER Y 69 -17.87 -28.12 -130.72
C SER Y 69 -16.82 -27.51 -129.80
N PRO Y 70 -17.22 -26.90 -128.69
CA PRO Y 70 -16.20 -26.34 -127.77
C PRO Y 70 -15.25 -27.21 -126.99
N VAL Y 71 -14.08 -26.68 -126.67
CA VAL Y 71 -13.09 -27.40 -125.85
C VAL Y 71 -13.07 -26.70 -124.48
N VAL Y 72 -13.98 -27.12 -123.61
CA VAL Y 72 -14.10 -26.52 -122.29
C VAL Y 72 -13.19 -27.31 -121.35
N VAL Y 73 -12.30 -26.61 -120.64
CA VAL Y 73 -11.38 -27.21 -119.69
C VAL Y 73 -11.63 -26.53 -118.36
N GLU Y 74 -11.80 -27.34 -117.31
CA GLU Y 74 -12.09 -26.79 -115.97
C GLU Y 74 -10.83 -26.74 -115.10
N SER Y 75 -10.49 -25.57 -114.58
CA SER Y 75 -9.35 -25.39 -113.69
C SER Y 75 -9.79 -24.53 -112.51
N ASP Y 76 -9.37 -24.92 -111.30
CA ASP Y 76 -9.72 -24.22 -110.08
C ASP Y 76 -8.50 -23.53 -109.51
N PHE Y 77 -8.71 -22.35 -108.92
CA PHE Y 77 -7.56 -21.57 -108.40
C PHE Y 77 -8.07 -20.43 -107.55
N VAL Y 78 -7.20 -19.80 -106.77
CA VAL Y 78 -7.61 -18.56 -106.03
C VAL Y 78 -8.93 -18.76 -105.24
N LYS Y 79 -8.99 -19.78 -104.36
CA LYS Y 79 -10.25 -19.89 -103.59
C LYS Y 79 -10.39 -18.56 -102.84
N TYR Y 80 -9.29 -18.03 -102.30
CA TYR Y 80 -9.28 -16.63 -101.76
C TYR Y 80 -10.15 -16.34 -100.53
N GLU Y 81 -9.97 -15.13 -99.99
CA GLU Y 81 -10.68 -14.60 -98.84
C GLU Y 81 -10.31 -13.13 -98.74
N GLY Y 82 -11.32 -12.27 -98.76
CA GLY Y 82 -11.06 -10.84 -98.81
C GLY Y 82 -11.82 -10.05 -97.76
N LYS Y 83 -11.09 -9.26 -96.98
CA LYS Y 83 -11.65 -8.35 -96.01
C LYS Y 83 -11.24 -6.93 -96.36
N PHE Y 84 -12.20 -6.02 -96.42
CA PHE Y 84 -11.94 -4.66 -96.92
C PHE Y 84 -12.64 -3.65 -96.00
N ALA Y 85 -11.87 -3.05 -95.11
CA ALA Y 85 -12.37 -2.01 -94.21
C ALA Y 85 -11.89 -0.66 -94.71
N ASN Y 86 -12.80 0.09 -95.35
CA ASN Y 86 -12.47 1.36 -95.97
C ASN Y 86 -13.14 2.50 -95.22
N HIS Y 87 -12.35 3.49 -94.82
CA HIS Y 87 -12.86 4.67 -94.14
C HIS Y 87 -12.56 5.90 -95.01
N VAL Y 88 -13.61 6.62 -95.37
CA VAL Y 88 -13.49 7.83 -96.18
C VAL Y 88 -14.18 8.97 -95.44
N SER Y 89 -13.43 10.04 -95.17
CA SER Y 89 -13.97 11.22 -94.52
C SER Y 89 -13.56 12.46 -95.32
N GLY Y 90 -14.56 13.23 -95.75
CA GLY Y 90 -14.28 14.44 -96.50
C GLY Y 90 -15.12 15.61 -96.04
N THR Y 91 -14.48 16.69 -95.61
CA THR Y 91 -15.16 17.87 -95.10
C THR Y 91 -14.86 19.02 -96.05
N LEU Y 92 -15.91 19.70 -96.50
CA LEU Y 92 -15.79 20.86 -97.37
C LEU Y 92 -16.33 22.06 -96.62
N GLU Y 93 -15.53 23.11 -96.50
CA GLU Y 93 -15.90 24.31 -95.79
C GLU Y 93 -15.67 25.48 -96.72
N THR Y 94 -16.75 26.18 -97.06
CA THR Y 94 -16.71 27.31 -97.99
C THR Y 94 -17.41 28.49 -97.33
N ALA Y 95 -16.84 29.68 -97.53
CA ALA Y 95 -17.37 30.93 -96.98
C ALA Y 95 -17.14 32.03 -98.00
N LEU Y 96 -18.22 32.53 -98.59
CA LEU Y 96 -18.17 33.61 -99.56
C LEU Y 96 -19.14 34.70 -99.12
N GLY Y 97 -18.59 35.81 -98.64
CA GLY Y 97 -19.41 36.96 -98.31
C GLY Y 97 -20.52 36.64 -97.34
N LYS Y 98 -21.76 36.79 -97.81
CA LYS Y 98 -22.93 36.58 -96.96
C LYS Y 98 -23.04 35.12 -96.51
N VAL Y 99 -22.78 34.19 -97.42
CA VAL Y 99 -23.06 32.78 -97.19
C VAL Y 99 -21.85 32.05 -96.62
N LYS Y 100 -22.03 31.46 -95.44
CA LYS Y 100 -21.08 30.49 -94.88
C LYS Y 100 -21.52 29.03 -94.80
N LEU Y 101 -20.76 28.13 -95.41
CA LEU Y 101 -21.16 26.74 -95.58
C LEU Y 101 -20.13 25.83 -94.92
N ASN Y 102 -20.60 24.97 -94.01
CA ASN Y 102 -19.78 23.96 -93.37
C ASN Y 102 -20.37 22.59 -93.67
N LEU Y 103 -19.59 21.72 -94.30
CA LEU Y 103 -20.03 20.39 -94.69
C LEU Y 103 -19.03 19.35 -94.21
N GLY Y 104 -19.54 18.30 -93.56
CA GLY Y 104 -18.70 17.21 -93.12
C GLY Y 104 -19.30 15.85 -93.42
N GLY Y 105 -18.62 15.06 -94.26
CA GLY Y 105 -19.14 13.76 -94.63
C GLY Y 105 -18.20 12.62 -94.31
N SER Y 106 -18.65 11.71 -93.43
CA SER Y 106 -17.87 10.55 -93.02
C SER Y 106 -18.53 9.29 -93.53
N SER Y 107 -17.80 8.49 -94.28
CA SER Y 107 -18.31 7.24 -94.85
C SER Y 107 -17.40 6.09 -94.46
N ARG Y 108 -17.98 5.05 -93.86
CA ARG Y 108 -17.26 3.85 -93.49
C ARG Y 108 -17.87 2.65 -94.20
N VAL Y 109 -17.02 1.90 -94.90
CA VAL Y 109 -17.45 0.69 -95.61
C VAL Y 109 -16.54 -0.45 -95.17
N GLU Y 110 -17.14 -1.52 -94.65
CA GLU Y 110 -16.41 -2.72 -94.26
C GLU Y 110 -17.04 -3.85 -95.05
N SER Y 111 -16.47 -4.14 -96.23
CA SER Y 111 -17.01 -5.14 -97.14
C SER Y 111 -16.13 -6.39 -97.07
N GLN Y 112 -16.64 -7.43 -96.41
CA GLN Y 112 -15.98 -8.72 -96.37
C GLN Y 112 -16.42 -9.56 -97.56
N SER Y 113 -15.45 -10.08 -98.30
CA SER Y 113 -15.72 -10.85 -99.52
C SER Y 113 -15.08 -12.22 -99.36
N SER Y 114 -15.81 -13.14 -98.74
CA SER Y 114 -15.33 -14.50 -98.53
C SER Y 114 -15.87 -15.37 -99.65
N PHE Y 115 -14.97 -16.05 -100.36
CA PHE Y 115 -15.34 -16.88 -101.50
C PHE Y 115 -14.75 -18.26 -101.33
N GLY Y 116 -15.38 -19.26 -101.95
CA GLY Y 116 -14.86 -20.62 -101.92
C GLY Y 116 -13.92 -20.89 -103.07
N THR Y 117 -13.77 -22.17 -103.41
CA THR Y 117 -12.91 -22.58 -104.51
C THR Y 117 -13.45 -22.08 -105.84
N LEU Y 118 -12.75 -21.15 -106.46
CA LEU Y 118 -13.20 -20.58 -107.72
C LEU Y 118 -12.60 -21.36 -108.90
N ARG Y 119 -13.48 -21.67 -109.86
CA ARG Y 119 -13.04 -22.50 -111.01
C ARG Y 119 -13.08 -21.71 -112.31
N LYS Y 120 -12.13 -21.98 -113.20
CA LYS Y 120 -12.07 -21.30 -114.52
C LYS Y 120 -12.49 -22.28 -115.61
N GLN Y 121 -13.30 -21.81 -116.55
CA GLN Y 121 -13.79 -22.59 -117.68
C GLN Y 121 -13.45 -21.84 -118.96
N GLU Y 122 -12.31 -22.19 -119.57
CA GLU Y 122 -11.84 -21.54 -120.78
C GLU Y 122 -12.12 -22.41 -121.99
N VAL Y 123 -12.49 -21.77 -123.09
CA VAL Y 123 -12.77 -22.45 -124.35
C VAL Y 123 -11.51 -22.44 -125.20
N ASP Y 124 -11.31 -23.50 -126.00
CA ASP Y 124 -10.17 -23.59 -126.88
C ASP Y 124 -10.05 -22.41 -127.84
N LEU Y 125 -8.98 -21.64 -127.70
CA LEU Y 125 -8.77 -20.48 -128.57
C LEU Y 125 -8.63 -20.87 -130.04
N GLN Y 126 -7.99 -22.01 -130.30
CA GLN Y 126 -7.89 -22.52 -131.66
C GLN Y 126 -9.21 -22.88 -132.34
N GLN Y 127 -10.16 -23.46 -131.61
CA GLN Y 127 -11.51 -23.62 -132.15
C GLN Y 127 -12.12 -22.25 -132.48
N LEU Y 128 -11.77 -21.24 -131.68
CA LEU Y 128 -12.33 -19.91 -131.88
C LEU Y 128 -11.87 -19.31 -133.21
N ILE Y 129 -10.62 -19.59 -133.60
CA ILE Y 129 -10.06 -18.95 -134.79
C ILE Y 129 -10.42 -19.72 -136.05
N ARG Y 130 -10.63 -21.04 -135.94
CA ARG Y 130 -10.83 -21.85 -137.13
C ARG Y 130 -12.09 -21.44 -137.91
N ASP Y 131 -13.22 -21.32 -137.22
CA ASP Y 131 -14.46 -20.93 -137.89
C ASP Y 131 -14.40 -19.47 -138.34
N SER Y 132 -13.79 -18.61 -137.53
CA SER Y 132 -13.76 -17.18 -137.83
C SER Y 132 -13.00 -16.87 -139.12
N ALA Y 133 -11.84 -17.49 -139.33
CA ALA Y 133 -11.04 -17.23 -140.52
C ALA Y 133 -11.75 -17.64 -141.81
N GLU Y 134 -12.77 -18.48 -141.73
CA GLU Y 134 -13.56 -18.91 -142.88
C GLU Y 134 -14.86 -18.12 -142.93
N ARG Y 135 -15.55 -18.21 -144.06
CA ARG Y 135 -16.83 -17.54 -144.26
C ARG Y 135 -17.89 -18.28 -143.46
N THR Y 136 -17.97 -17.96 -142.18
CA THR Y 136 -18.85 -18.65 -141.24
C THR Y 136 -19.95 -17.78 -140.66
N ILE Y 137 -19.76 -16.47 -140.58
CA ILE Y 137 -20.73 -15.56 -139.99
C ILE Y 137 -21.45 -14.82 -141.10
N ASN Y 138 -22.78 -14.84 -141.07
CA ASN Y 138 -23.57 -14.14 -142.07
C ASN Y 138 -23.41 -12.63 -141.91
N LEU Y 139 -23.43 -11.91 -143.02
CA LEU Y 139 -23.18 -10.47 -142.98
C LEU Y 139 -24.38 -9.72 -142.41
N ARG Y 140 -25.59 -10.10 -142.80
CA ARG Y 140 -26.81 -9.38 -142.42
C ARG Y 140 -27.63 -10.26 -141.48
N ASN Y 141 -28.01 -9.68 -140.34
CA ASN Y 141 -28.87 -10.31 -139.36
C ASN Y 141 -29.96 -9.33 -138.95
N PRO Y 142 -31.17 -9.82 -138.64
CA PRO Y 142 -32.20 -8.90 -138.14
C PRO Y 142 -31.79 -8.20 -136.85
N VAL Y 143 -30.93 -8.86 -136.06
CA VAL Y 143 -30.43 -8.23 -134.80
C VAL Y 143 -28.98 -7.81 -135.09
N LEU Y 144 -28.41 -6.90 -134.28
CA LEU Y 144 -26.99 -6.46 -134.39
C LEU Y 144 -26.86 -5.25 -135.36
N GLN Y 145 -27.95 -4.91 -136.05
CA GLN Y 145 -27.91 -3.70 -136.91
C GLN Y 145 -27.58 -2.45 -136.09
N GLN Y 146 -28.21 -2.32 -134.93
CA GLN Y 146 -27.98 -1.15 -134.04
C GLN Y 146 -26.52 -1.12 -133.58
N VAL Y 147 -25.83 -2.27 -133.61
CA VAL Y 147 -24.41 -2.30 -133.25
C VAL Y 147 -23.58 -1.65 -134.34
N LEU Y 148 -23.87 -1.98 -135.60
CA LEU Y 148 -23.14 -1.35 -136.72
C LEU Y 148 -23.42 0.14 -136.78
N GLU Y 149 -24.67 0.54 -136.58
CA GLU Y 149 -25.03 1.96 -136.49
C GLU Y 149 -24.61 2.50 -135.12
N GLY Y 150 -23.38 3.00 -135.05
CA GLY Y 150 -22.75 3.20 -133.77
C GLY Y 150 -21.40 2.52 -133.79
N ARG Y 151 -20.70 2.58 -134.93
CA ARG Y 151 -19.41 1.85 -135.10
C ARG Y 151 -18.69 1.70 -133.75
N ASN Y 152 -18.36 2.81 -133.10
CA ASN Y 152 -17.81 2.77 -131.74
C ASN Y 152 -17.94 1.59 -130.80
N GLU Y 153 -19.12 0.97 -130.74
CA GLU Y 153 -19.32 -0.27 -130.01
C GLU Y 153 -19.13 -1.45 -130.96
N VAL Y 154 -18.38 -2.46 -130.51
CA VAL Y 154 -18.02 -3.61 -131.35
C VAL Y 154 -18.41 -4.89 -130.61
N LEU Y 155 -18.71 -5.93 -131.39
CA LEU Y 155 -19.12 -7.21 -130.85
C LEU Y 155 -17.91 -8.00 -130.38
N CYS Y 156 -18.07 -8.69 -129.25
CA CYS Y 156 -17.03 -9.54 -128.69
C CYS Y 156 -17.72 -10.85 -128.31
N VAL Y 157 -16.87 -11.86 -128.09
CA VAL Y 157 -17.39 -13.21 -127.71
C VAL Y 157 -16.66 -13.66 -126.45
N LEU Y 158 -17.40 -14.12 -125.45
CA LEU Y 158 -16.81 -14.58 -124.20
C LEU Y 158 -16.04 -15.87 -124.39
N THR Y 159 -14.86 -15.96 -123.80
CA THR Y 159 -14.02 -17.15 -123.86
C THR Y 159 -13.43 -17.65 -122.54
N GLN Y 160 -13.33 -16.75 -121.56
CA GLN Y 160 -12.83 -17.13 -120.21
C GLN Y 160 -13.95 -16.83 -119.20
N LYS Y 161 -14.07 -17.65 -118.16
CA LYS Y 161 -15.13 -17.47 -117.18
C LYS Y 161 -14.66 -18.06 -115.85
N ILE Y 162 -14.83 -17.30 -114.77
CA ILE Y 162 -14.49 -17.76 -113.43
C ILE Y 162 -15.80 -17.96 -112.68
N THR Y 163 -16.00 -19.16 -112.15
CA THR Y 163 -17.23 -19.54 -111.49
C THR Y 163 -16.94 -20.17 -110.13
N THR Y 164 -17.74 -19.79 -109.13
CA THR Y 164 -17.60 -20.34 -107.79
C THR Y 164 -18.37 -21.64 -107.62
N MET Y 165 -17.93 -22.46 -106.66
CA MET Y 165 -18.55 -23.76 -106.42
C MET Y 165 -19.18 -23.86 -105.04
N GLN Y 166 -18.92 -22.92 -104.14
CA GLN Y 166 -19.41 -22.97 -102.79
C GLN Y 166 -20.16 -21.67 -102.52
N LYS Y 167 -21.20 -21.79 -101.69
CA LYS Y 167 -21.98 -20.60 -101.29
C LYS Y 167 -21.00 -19.55 -100.76
N CYS Y 168 -21.01 -18.37 -101.36
CA CYS Y 168 -20.10 -17.30 -100.98
C CYS Y 168 -20.76 -16.31 -100.04
N VAL Y 169 -19.92 -15.64 -99.23
CA VAL Y 169 -20.38 -14.71 -98.21
C VAL Y 169 -19.88 -13.30 -98.54
N ILE Y 170 -20.80 -12.36 -98.61
CA ILE Y 170 -20.45 -10.95 -98.81
C ILE Y 170 -21.12 -10.16 -97.70
N SER Y 171 -20.42 -9.98 -96.59
CA SER Y 171 -20.94 -9.23 -95.44
C SER Y 171 -20.53 -7.78 -95.60
N GLU Y 172 -21.48 -6.95 -96.03
CA GLU Y 172 -21.22 -5.54 -96.31
C GLU Y 172 -21.77 -4.69 -95.17
N HIS Y 173 -20.92 -3.86 -94.59
CA HIS Y 173 -21.33 -2.87 -93.61
C HIS Y 173 -21.03 -1.50 -94.19
N MET Y 174 -22.06 -0.66 -94.31
CA MET Y 174 -21.92 0.65 -94.93
C MET Y 174 -22.53 1.68 -93.97
N GLN Y 175 -21.67 2.37 -93.24
CA GLN Y 175 -22.09 3.47 -92.36
C GLN Y 175 -21.76 4.78 -93.06
N VAL Y 176 -22.79 5.60 -93.27
CA VAL Y 176 -22.65 6.88 -93.99
C VAL Y 176 -23.16 7.98 -93.05
N GLU Y 177 -22.29 8.92 -92.72
CA GLU Y 177 -22.67 10.08 -91.94
C GLU Y 177 -22.35 11.34 -92.72
N GLU Y 178 -23.36 12.17 -92.95
CA GLU Y 178 -23.21 13.41 -93.70
C GLU Y 178 -23.83 14.54 -92.89
N LYS Y 179 -23.04 15.58 -92.62
CA LYS Y 179 -23.51 16.74 -91.87
C LYS Y 179 -23.37 17.98 -92.76
N CYS Y 180 -24.47 18.68 -92.95
CA CYS Y 180 -24.50 19.90 -93.77
C CYS Y 180 -24.95 21.06 -92.91
N GLY Y 181 -24.18 22.16 -92.95
CA GLY Y 181 -24.52 23.34 -92.18
C GLY Y 181 -24.32 24.63 -92.95
N GLY Y 182 -25.34 25.46 -93.02
CA GLY Y 182 -25.25 26.72 -93.72
C GLY Y 182 -25.78 27.89 -92.89
N ILE Y 183 -24.90 28.86 -92.67
CA ILE Y 183 -25.31 30.10 -91.96
C ILE Y 183 -25.30 31.22 -93.02
N VAL Y 184 -26.43 31.91 -93.16
CA VAL Y 184 -26.58 32.93 -94.20
C VAL Y 184 -27.04 34.22 -93.54
N GLY Y 185 -26.29 35.29 -93.75
CA GLY Y 185 -26.65 36.60 -93.23
C GLY Y 185 -26.70 37.67 -94.31
N ILE Y 186 -27.87 38.28 -94.49
CA ILE Y 186 -27.97 39.25 -95.63
C ILE Y 186 -28.23 40.69 -95.12
N GLN Y 187 -27.33 41.62 -95.46
CA GLN Y 187 -27.43 43.04 -95.12
C GLN Y 187 -28.44 43.96 -95.86
N THR Y 188 -29.66 43.45 -95.99
CA THR Y 188 -30.68 44.13 -96.78
C THR Y 188 -31.15 45.52 -96.38
N LYS Y 189 -31.61 46.30 -97.36
CA LYS Y 189 -32.03 47.70 -97.03
C LYS Y 189 -33.25 47.90 -96.14
N THR Y 190 -33.06 48.25 -94.85
CA THR Y 190 -34.15 48.47 -93.87
C THR Y 190 -34.72 47.12 -93.43
N VAL Y 191 -34.01 46.03 -93.74
CA VAL Y 191 -34.47 44.67 -93.32
C VAL Y 191 -33.25 43.90 -92.80
N GLN Y 192 -33.16 43.68 -91.49
CA GLN Y 192 -32.04 42.86 -91.03
C GLN Y 192 -32.44 41.41 -91.13
N VAL Y 193 -31.65 40.61 -91.85
CA VAL Y 193 -32.00 39.23 -92.16
C VAL Y 193 -30.99 38.29 -91.52
N SER Y 194 -31.44 37.12 -91.08
CA SER Y 194 -30.57 36.09 -90.53
C SER Y 194 -31.17 34.71 -90.76
N ALA Y 195 -30.60 33.94 -91.68
CA ALA Y 195 -31.12 32.64 -92.06
C ALA Y 195 -30.06 31.58 -91.81
N THR Y 196 -30.43 30.54 -91.06
CA THR Y 196 -29.54 29.43 -90.74
C THR Y 196 -30.24 28.13 -91.09
N GLU Y 197 -29.52 27.26 -91.81
CA GLU Y 197 -30.06 25.92 -92.18
C GLU Y 197 -29.04 24.85 -91.79
N ASP Y 198 -29.44 23.88 -90.97
CA ASP Y 198 -28.58 22.81 -90.51
C ASP Y 198 -29.19 21.47 -90.94
N GLY Y 199 -28.41 20.66 -91.64
CA GLY Y 199 -28.88 19.36 -92.07
C GLY Y 199 -27.95 18.23 -91.67
N ASN Y 200 -28.43 17.35 -90.79
CA ASN Y 200 -27.66 16.21 -90.31
C ASN Y 200 -28.32 14.94 -90.84
N VAL Y 201 -27.56 14.14 -91.58
CA VAL Y 201 -28.04 12.88 -92.13
C VAL Y 201 -27.10 11.78 -91.67
N THR Y 202 -27.64 10.77 -91.00
CA THR Y 202 -26.90 9.60 -90.58
C THR Y 202 -27.58 8.37 -91.13
N LYS Y 203 -26.88 7.60 -91.96
CA LYS Y 203 -27.44 6.44 -92.62
C LYS Y 203 -26.56 5.22 -92.35
N ASP Y 204 -27.18 4.11 -91.99
CA ASP Y 204 -26.50 2.86 -91.74
C ASP Y 204 -27.14 1.77 -92.59
N SER Y 205 -26.30 0.91 -93.17
CA SER Y 205 -26.77 -0.21 -93.99
C SER Y 205 -25.96 -1.46 -93.61
N ASN Y 206 -26.44 -2.17 -92.59
CA ASN Y 206 -25.81 -3.43 -92.18
C ASN Y 206 -26.44 -4.56 -92.98
N VAL Y 207 -25.83 -4.90 -94.11
CA VAL Y 207 -26.39 -5.91 -95.00
C VAL Y 207 -25.45 -7.10 -95.14
N VAL Y 208 -25.88 -8.26 -94.63
CA VAL Y 208 -25.14 -9.50 -94.81
C VAL Y 208 -25.94 -10.37 -95.78
N LEU Y 209 -25.43 -10.52 -97.00
CA LEU Y 209 -26.12 -11.27 -98.04
C LEU Y 209 -25.20 -12.39 -98.52
N GLU Y 210 -25.82 -13.55 -98.73
CA GLU Y 210 -25.04 -14.72 -99.20
C GLU Y 210 -25.08 -14.77 -100.73
N ILE Y 211 -24.15 -15.51 -101.32
CA ILE Y 211 -24.04 -15.67 -102.76
C ILE Y 211 -24.10 -17.16 -103.07
N PRO Y 212 -24.96 -17.61 -103.97
CA PRO Y 212 -25.05 -19.04 -104.27
C PRO Y 212 -23.89 -19.51 -105.13
N ALA Y 213 -23.73 -20.83 -105.20
CA ALA Y 213 -22.74 -21.41 -106.08
C ALA Y 213 -23.16 -21.24 -107.53
N ALA Y 214 -22.21 -21.48 -108.43
CA ALA Y 214 -22.34 -21.45 -109.89
C ALA Y 214 -22.52 -20.03 -110.43
N THR Y 215 -22.37 -19.03 -109.55
CA THR Y 215 -22.49 -17.61 -109.99
C THR Y 215 -21.27 -17.23 -110.80
N THR Y 216 -21.42 -16.28 -111.73
CA THR Y 216 -20.27 -15.81 -112.49
C THR Y 216 -19.57 -14.68 -111.73
N ILE Y 217 -18.26 -14.83 -111.57
CA ILE Y 217 -17.45 -13.84 -110.86
C ILE Y 217 -16.68 -12.96 -111.83
N ALA Y 218 -16.06 -13.55 -112.85
CA ALA Y 218 -15.29 -12.80 -113.82
C ALA Y 218 -15.45 -13.44 -115.19
N TYR Y 219 -15.20 -12.65 -116.23
CA TYR Y 219 -15.29 -13.14 -117.59
C TYR Y 219 -14.35 -12.34 -118.48
N GLY Y 220 -13.67 -13.05 -119.38
CA GLY Y 220 -12.80 -12.42 -120.35
C GLY Y 220 -13.31 -12.68 -121.75
N VAL Y 221 -13.19 -11.67 -122.62
CA VAL Y 221 -13.75 -11.73 -123.96
C VAL Y 221 -12.55 -11.43 -124.83
N ILE Y 222 -12.62 -11.90 -126.08
CA ILE Y 222 -11.61 -11.39 -127.07
C ILE Y 222 -12.50 -10.81 -128.16
N GLU Y 223 -12.11 -9.67 -128.72
CA GLU Y 223 -12.95 -8.92 -129.65
C GLU Y 223 -13.02 -9.47 -131.07
N LEU Y 224 -14.07 -9.05 -131.77
CA LEU Y 224 -14.32 -9.55 -133.15
C LEU Y 224 -14.02 -8.46 -134.17
N TYR Y 225 -13.07 -8.71 -135.07
CA TYR Y 225 -12.75 -7.82 -136.16
C TYR Y 225 -13.90 -7.80 -137.17
N VAL Y 226 -14.56 -6.64 -137.29
CA VAL Y 226 -15.74 -6.52 -138.15
C VAL Y 226 -15.45 -5.54 -139.28
N LYS Y 227 -15.48 -6.04 -140.51
CA LYS Y 227 -15.45 -5.17 -141.69
C LYS Y 227 -16.80 -5.29 -142.40
N LEU Y 228 -17.41 -4.15 -142.69
CA LEU Y 228 -18.78 -4.16 -143.29
C LEU Y 228 -18.75 -4.87 -144.65
N ASP Y 229 -17.56 -5.06 -145.22
CA ASP Y 229 -17.47 -5.81 -146.50
C ASP Y 229 -17.95 -7.25 -146.24
N GLY Y 230 -17.58 -7.82 -145.10
CA GLY Y 230 -18.07 -9.17 -144.74
C GLY Y 230 -16.96 -10.06 -144.21
N GLN Y 231 -15.76 -9.50 -144.05
CA GLN Y 231 -14.63 -10.27 -143.57
C GLN Y 231 -14.55 -10.16 -142.05
N PHE Y 232 -14.54 -11.30 -141.37
CA PHE Y 232 -14.52 -11.34 -139.92
C PHE Y 232 -13.44 -12.31 -139.45
N GLU Y 233 -12.83 -11.97 -138.31
CA GLU Y 233 -11.79 -12.79 -137.68
C GLU Y 233 -11.73 -12.52 -136.19
N PHE Y 234 -11.84 -13.57 -135.37
CA PHE Y 234 -11.68 -13.42 -133.94
C PHE Y 234 -10.20 -13.39 -133.58
N CYS Y 235 -9.67 -12.18 -133.38
CA CYS Y 235 -8.24 -11.97 -133.17
C CYS Y 235 -7.98 -11.54 -131.73
N LEU Y 236 -6.92 -12.08 -131.12
CA LEU Y 236 -6.64 -11.80 -129.68
C LEU Y 236 -5.66 -10.64 -129.47
N LEU Y 237 -5.08 -10.08 -130.54
CA LEU Y 237 -4.08 -9.03 -130.38
C LEU Y 237 -4.67 -7.70 -130.80
N ARG Y 238 -3.99 -6.62 -130.42
CA ARG Y 238 -4.47 -5.25 -130.67
C ARG Y 238 -4.49 -4.85 -132.14
N GLY Y 239 -3.86 -5.64 -133.00
CA GLY Y 239 -3.71 -5.29 -134.40
C GLY Y 239 -5.00 -5.00 -135.15
N LYS Y 240 -5.81 -5.99 -135.40
CA LYS Y 240 -7.05 -5.80 -136.18
C LYS Y 240 -8.23 -6.46 -135.46
N GLN Y 241 -8.82 -5.80 -134.46
CA GLN Y 241 -10.02 -6.28 -133.80
C GLN Y 241 -10.98 -5.13 -133.51
N GLY Y 242 -10.62 -3.92 -133.92
CA GLY Y 242 -11.38 -2.74 -133.54
C GLY Y 242 -12.67 -2.53 -134.31
N GLY Y 243 -12.81 -3.18 -135.46
CA GLY Y 243 -13.96 -2.95 -136.31
C GLY Y 243 -13.61 -1.93 -137.38
N PHE Y 244 -13.95 -2.23 -138.64
CA PHE Y 244 -13.59 -1.41 -139.77
C PHE Y 244 -14.76 -1.33 -140.72
N GLU Y 245 -14.74 -0.36 -141.64
CA GLU Y 245 -15.88 -0.17 -142.55
C GLU Y 245 -15.61 -0.77 -143.95
N MET Z 1 -0.47 -10.47 -103.05
CA MET Z 1 -0.87 -10.34 -104.43
C MET Z 1 0.09 -11.13 -105.31
N PHE Z 2 -0.46 -11.82 -106.32
CA PHE Z 2 0.34 -12.77 -107.10
C PHE Z 2 1.45 -12.07 -107.87
N ALA Z 3 1.18 -10.85 -108.37
CA ALA Z 3 2.18 -10.13 -109.14
C ALA Z 3 3.41 -9.82 -108.31
N LYS Z 4 3.21 -9.38 -107.07
CA LYS Z 4 4.33 -9.06 -106.20
C LYS Z 4 5.02 -10.33 -105.70
N ALA Z 5 4.25 -11.39 -105.45
CA ALA Z 5 4.82 -12.62 -104.90
C ALA Z 5 5.88 -13.29 -105.78
N THR Z 6 5.62 -13.40 -107.07
CA THR Z 6 6.61 -13.98 -107.97
C THR Z 6 7.71 -12.99 -108.38
N ARG Z 7 7.39 -11.69 -108.31
CA ARG Z 7 8.41 -10.67 -108.62
C ARG Z 7 9.50 -10.79 -107.54
N ASN Z 8 9.09 -10.76 -106.26
CA ASN Z 8 10.06 -10.87 -105.14
C ASN Z 8 10.81 -12.20 -105.25
N PHE Z 9 10.08 -13.28 -105.52
CA PHE Z 9 10.71 -14.61 -105.68
C PHE Z 9 11.84 -14.56 -106.70
N LEU Z 10 11.51 -14.23 -107.96
CA LEU Z 10 12.53 -14.23 -109.00
C LEU Z 10 13.66 -13.26 -108.71
N ARG Z 11 13.37 -12.21 -107.93
CA ARG Z 11 14.43 -11.27 -107.54
C ARG Z 11 15.50 -11.94 -106.68
N GLU Z 12 15.08 -12.80 -105.76
CA GLU Z 12 16.03 -13.39 -104.81
C GLU Z 12 16.64 -14.69 -105.34
N VAL Z 13 15.96 -15.34 -106.28
CA VAL Z 13 16.48 -16.60 -106.79
C VAL Z 13 17.16 -16.34 -108.14
N ASP Z 14 16.46 -15.64 -109.04
CA ASP Z 14 17.01 -15.37 -110.40
C ASP Z 14 17.81 -14.06 -110.40
N ALA Z 15 19.11 -14.14 -110.12
CA ALA Z 15 19.96 -12.96 -110.03
C ALA Z 15 20.23 -12.32 -111.38
N ASP Z 16 20.08 -13.05 -112.48
CA ASP Z 16 20.39 -12.53 -113.80
C ASP Z 16 19.17 -11.99 -114.54
N GLY Z 17 17.96 -12.25 -114.04
CA GLY Z 17 16.76 -11.81 -114.72
C GLY Z 17 16.37 -12.46 -116.03
N ASP Z 18 16.93 -13.63 -116.33
CA ASP Z 18 16.58 -14.38 -117.54
C ASP Z 18 15.21 -15.07 -117.48
N LEU Z 19 14.62 -15.12 -116.30
CA LEU Z 19 13.31 -15.68 -116.08
C LEU Z 19 12.39 -14.49 -115.80
N ILE Z 20 11.12 -14.65 -116.17
CA ILE Z 20 10.13 -13.59 -116.08
C ILE Z 20 9.01 -14.06 -115.17
N ALA Z 21 8.66 -13.23 -114.19
CA ALA Z 21 7.60 -13.57 -113.25
C ALA Z 21 6.24 -13.52 -113.92
N VAL Z 22 5.36 -14.44 -113.54
CA VAL Z 22 4.01 -14.45 -114.08
C VAL Z 22 3.19 -13.33 -113.46
N SER Z 23 2.52 -12.55 -114.31
CA SER Z 23 1.81 -11.36 -113.84
C SER Z 23 0.63 -11.71 -112.94
N ASN Z 24 -0.24 -12.61 -113.39
CA ASN Z 24 -1.49 -12.87 -112.68
C ASN Z 24 -1.85 -14.35 -112.85
N LEU Z 25 -2.89 -14.77 -112.13
CA LEU Z 25 -3.34 -16.17 -112.22
C LEU Z 25 -3.93 -16.37 -113.61
N ASN Z 26 -4.43 -15.31 -114.23
CA ASN Z 26 -4.93 -15.44 -115.59
C ASN Z 26 -3.88 -16.02 -116.54
N ASP Z 27 -2.68 -15.41 -116.49
CA ASP Z 27 -1.56 -15.93 -117.27
C ASP Z 27 -0.95 -17.26 -116.84
N SER Z 28 -1.25 -17.71 -115.62
CA SER Z 28 -0.68 -18.95 -115.11
C SER Z 28 -1.24 -20.20 -115.77
N ASP Z 29 -2.37 -20.11 -116.46
CA ASP Z 29 -2.94 -21.27 -117.15
C ASP Z 29 -2.74 -21.19 -118.65
N LYS Z 30 -2.19 -20.08 -119.16
CA LYS Z 30 -1.90 -19.94 -120.58
C LYS Z 30 -0.46 -20.29 -120.93
N LEU Z 31 0.48 -20.04 -120.03
CA LEU Z 31 1.88 -20.35 -120.29
C LEU Z 31 2.15 -21.85 -120.24
N GLN Z 32 2.55 -22.41 -121.38
CA GLN Z 32 2.90 -23.82 -121.47
C GLN Z 32 4.23 -23.95 -122.19
N LEU Z 33 4.80 -25.15 -122.13
CA LEU Z 33 6.11 -25.39 -122.73
C LEU Z 33 5.96 -25.25 -124.24
N LEU Z 34 6.95 -24.59 -124.85
CA LEU Z 34 6.98 -24.37 -126.30
C LEU Z 34 5.74 -23.75 -126.94
N SER Z 35 5.07 -22.85 -126.23
CA SER Z 35 3.99 -22.07 -126.82
C SER Z 35 4.67 -20.75 -127.11
N LEU Z 36 4.17 -20.03 -128.11
CA LEU Z 36 4.79 -18.78 -128.54
C LEU Z 36 4.28 -17.55 -127.81
N VAL Z 37 5.20 -16.63 -127.50
CA VAL Z 37 4.89 -15.38 -126.81
C VAL Z 37 5.56 -14.29 -127.62
N THR Z 38 5.14 -13.05 -127.37
CA THR Z 38 5.68 -11.90 -128.08
C THR Z 38 5.97 -10.80 -127.06
N LYS Z 39 7.19 -10.27 -127.16
CA LYS Z 39 7.59 -9.16 -126.26
C LYS Z 39 7.71 -7.88 -127.10
N LYS Z 40 7.10 -6.79 -126.63
CA LYS Z 40 7.14 -5.52 -127.32
C LYS Z 40 8.36 -4.72 -126.85
N LYS Z 41 9.27 -4.44 -127.77
CA LYS Z 41 10.52 -3.75 -127.46
C LYS Z 41 10.40 -2.23 -127.56
N ARG Z 42 9.19 -1.71 -127.79
CA ARG Z 42 8.99 -0.27 -127.84
C ARG Z 42 9.36 0.40 -126.51
N PHE Z 43 9.06 -0.25 -125.39
CA PHE Z 43 9.42 0.28 -124.09
C PHE Z 43 10.94 0.24 -123.90
N TRP Z 44 11.44 1.18 -123.10
CA TRP Z 44 12.87 1.32 -122.88
C TRP Z 44 13.27 0.45 -121.69
N CYS Z 45 14.50 0.61 -121.20
CA CYS Z 45 14.94 -0.14 -120.03
C CYS Z 45 14.18 0.28 -118.77
N TRP Z 46 13.50 1.43 -118.84
CA TRP Z 46 12.72 1.93 -117.72
C TRP Z 46 11.59 0.99 -117.32
N GLN Z 47 10.88 0.40 -118.29
CA GLN Z 47 9.80 -0.52 -118.00
C GLN Z 47 10.10 -1.88 -118.61
N ARG Z 48 9.50 -2.92 -118.03
CA ARG Z 48 9.70 -4.26 -118.55
C ARG Z 48 9.07 -4.39 -119.93
N PRO Z 49 9.63 -5.22 -120.81
CA PRO Z 49 8.99 -5.46 -122.11
C PRO Z 49 7.59 -6.04 -121.95
N LYS Z 50 6.68 -5.61 -122.81
CA LYS Z 50 5.29 -6.07 -122.76
C LYS Z 50 5.22 -7.44 -123.40
N TYR Z 51 4.88 -8.46 -122.61
CA TYR Z 51 4.81 -9.84 -123.06
C TYR Z 51 3.36 -10.23 -123.28
N GLN Z 52 3.05 -10.72 -124.48
CA GLN Z 52 1.72 -11.18 -124.84
C GLN Z 52 1.83 -12.56 -125.48
N PHE Z 53 0.87 -13.43 -125.16
CA PHE Z 53 0.93 -14.83 -125.52
C PHE Z 53 -0.05 -15.11 -126.65
N LEU Z 54 0.45 -15.72 -127.72
CA LEU Z 54 -0.40 -16.17 -128.81
C LEU Z 54 -1.04 -17.51 -128.44
N SER Z 55 -2.26 -17.72 -128.94
CA SER Z 55 -2.99 -18.95 -128.67
C SER Z 55 -2.37 -20.13 -129.40
N LEU Z 56 -1.57 -19.86 -130.43
CA LEU Z 56 -0.96 -20.89 -131.25
C LEU Z 56 0.31 -21.40 -130.58
N THR Z 57 0.84 -22.51 -131.09
CA THR Z 57 2.08 -23.08 -130.61
C THR Z 57 3.04 -23.23 -131.78
N LEU Z 58 4.18 -23.88 -131.52
CA LEU Z 58 5.16 -24.10 -132.57
C LEU Z 58 4.58 -24.96 -133.68
N GLY Z 59 4.03 -26.12 -133.33
CA GLY Z 59 3.47 -27.00 -134.34
C GLY Z 59 2.32 -26.36 -135.10
N ASP Z 60 1.67 -25.37 -134.48
CA ASP Z 60 0.59 -24.66 -135.16
C ASP Z 60 1.13 -23.72 -136.23
N VAL Z 61 2.37 -23.28 -136.11
CA VAL Z 61 2.95 -22.31 -137.03
C VAL Z 61 4.07 -22.89 -137.88
N LEU Z 62 4.56 -24.09 -137.61
CA LEU Z 62 5.57 -24.69 -138.46
C LEU Z 62 5.00 -24.95 -139.85
N ILE Z 63 4.02 -25.86 -139.94
CA ILE Z 63 3.31 -26.19 -141.18
C ILE Z 63 4.25 -26.81 -142.21
N GLU Z 64 5.39 -26.17 -142.46
CA GLU Z 64 6.30 -26.62 -143.50
C GLU Z 64 6.88 -28.01 -143.21
N ASP Z 65 7.25 -28.27 -141.97
CA ASP Z 65 7.89 -29.53 -141.60
C ASP Z 65 7.32 -30.03 -140.29
N GLN Z 66 7.54 -31.31 -140.03
CA GLN Z 66 6.96 -31.97 -138.86
C GLN Z 66 7.50 -31.59 -137.49
N PHE Z 67 6.64 -31.73 -136.48
CA PHE Z 67 6.98 -31.37 -135.10
C PHE Z 67 8.01 -32.17 -134.29
N PRO Z 68 9.17 -31.59 -133.96
CA PRO Z 68 10.17 -32.40 -133.23
C PRO Z 68 9.81 -32.69 -131.78
N SER Z 69 9.79 -33.96 -131.41
CA SER Z 69 9.26 -34.36 -130.12
C SER Z 69 10.10 -33.69 -129.03
N PRO Z 70 9.47 -33.04 -128.06
CA PRO Z 70 10.28 -32.42 -126.99
C PRO Z 70 11.06 -33.24 -125.99
N VAL Z 71 12.14 -32.67 -125.46
CA VAL Z 71 12.94 -33.32 -124.43
C VAL Z 71 12.68 -32.56 -123.13
N VAL Z 72 11.63 -32.97 -122.42
CA VAL Z 72 11.23 -32.30 -121.19
C VAL Z 72 11.94 -33.03 -120.04
N VAL Z 73 12.65 -32.28 -119.22
CA VAL Z 73 13.37 -32.83 -118.07
C VAL Z 73 12.84 -32.08 -116.85
N GLU Z 74 12.49 -32.85 -115.82
CA GLU Z 74 11.92 -32.25 -114.59
C GLU Z 74 12.99 -32.14 -113.49
N SER Z 75 13.19 -30.94 -112.97
CA SER Z 75 14.13 -30.69 -111.87
C SER Z 75 13.45 -29.79 -110.85
N ASP Z 76 13.62 -30.11 -109.57
CA ASP Z 76 13.02 -29.37 -108.48
C ASP Z 76 14.10 -28.64 -107.70
N PHE Z 77 13.77 -27.44 -107.24
CA PHE Z 77 14.78 -26.61 -106.52
C PHE Z 77 14.09 -25.43 -105.85
N VAL Z 78 14.79 -24.76 -104.94
CA VAL Z 78 14.22 -23.50 -104.37
C VAL Z 78 12.78 -23.69 -103.84
N LYS Z 79 12.54 -24.66 -102.95
CA LYS Z 79 11.15 -24.77 -102.45
C LYS Z 79 10.86 -23.41 -101.80
N TYR Z 80 11.81 -22.82 -101.07
CA TYR Z 80 11.70 -21.41 -100.61
C TYR Z 80 10.59 -21.08 -99.60
N GLU Z 81 10.64 -19.84 -99.10
CA GLU Z 81 9.72 -19.28 -98.13
C GLU Z 81 10.04 -17.79 -98.04
N GLY Z 82 9.04 -16.95 -98.30
CA GLY Z 82 9.30 -15.52 -98.37
C GLY Z 82 8.34 -14.70 -97.53
N LYS Z 83 8.89 -13.86 -96.66
CA LYS Z 83 8.12 -12.92 -95.86
C LYS Z 83 8.60 -11.51 -96.20
N PHE Z 84 7.65 -10.62 -96.50
CA PHE Z 84 7.99 -9.29 -96.99
C PHE Z 84 7.12 -8.25 -96.28
N ALA Z 85 7.68 -7.59 -95.28
CA ALA Z 85 7.00 -6.52 -94.56
C ALA Z 85 7.54 -5.18 -95.01
N ASN Z 86 6.79 -4.48 -95.85
CA ASN Z 86 7.23 -3.24 -96.47
C ASN Z 86 6.41 -2.08 -95.92
N HIS Z 87 7.09 -1.06 -95.42
CA HIS Z 87 6.44 0.14 -94.92
C HIS Z 87 6.90 1.34 -95.76
N VAL Z 88 5.93 2.02 -96.37
CA VAL Z 88 6.21 3.19 -97.20
C VAL Z 88 5.37 4.35 -96.66
N SER Z 89 6.03 5.45 -96.30
CA SER Z 89 5.36 6.65 -95.83
C SER Z 89 5.91 7.86 -96.58
N GLY Z 90 5.02 8.59 -97.24
CA GLY Z 90 5.43 9.77 -97.98
C GLY Z 90 4.49 10.95 -97.76
N THR Z 91 5.03 12.05 -97.26
CA THR Z 91 4.25 13.24 -96.96
C THR Z 91 4.73 14.35 -97.87
N LEU Z 92 3.77 14.99 -98.56
CA LEU Z 92 4.06 16.11 -99.45
C LEU Z 92 3.36 17.34 -98.88
N GLU Z 93 4.13 18.40 -98.65
CA GLU Z 93 3.60 19.63 -98.08
C GLU Z 93 4.00 20.77 -99.02
N THR Z 94 3.00 21.42 -99.60
CA THR Z 94 3.22 22.51 -100.55
C THR Z 94 2.39 23.71 -100.10
N ALA Z 95 2.98 24.90 -100.24
CA ALA Z 95 2.33 26.16 -99.86
C ALA Z 95 2.77 27.22 -100.88
N LEU Z 96 1.81 27.67 -101.69
CA LEU Z 96 2.06 28.70 -102.69
C LEU Z 96 1.01 29.79 -102.50
N GLY Z 97 1.43 30.94 -101.97
CA GLY Z 97 0.55 32.08 -101.87
C GLY Z 97 -0.74 31.78 -101.12
N LYS Z 98 -1.85 31.89 -101.85
CA LYS Z 98 -3.16 31.69 -101.24
C LYS Z 98 -3.35 30.26 -100.75
N VAL Z 99 -2.91 29.29 -101.55
CA VAL Z 99 -3.20 27.88 -101.32
C VAL Z 99 -2.13 27.21 -100.47
N LYS Z 100 -2.53 26.66 -99.33
CA LYS Z 100 -1.71 25.74 -98.54
C LYS Z 100 -2.15 24.28 -98.48
N LEU Z 101 -1.27 23.37 -98.88
CA LEU Z 101 -1.61 21.96 -99.06
C LEU Z 101 -0.73 21.10 -98.15
N ASN Z 102 -1.37 20.27 -97.33
CA ASN Z 102 -0.68 19.31 -96.48
C ASN Z 102 -1.19 17.92 -96.84
N LEU Z 103 -0.29 17.03 -97.24
CA LEU Z 103 -0.62 15.68 -97.65
C LEU Z 103 0.27 14.68 -96.92
N GLY Z 104 -0.35 13.65 -96.34
CA GLY Z 104 0.39 12.59 -95.70
C GLY Z 104 -0.12 11.21 -96.04
N GLY Z 105 0.72 10.41 -96.68
CA GLY Z 105 0.30 9.08 -97.10
C GLY Z 105 1.16 7.97 -96.53
N SER Z 106 0.56 7.10 -95.72
CA SER Z 106 1.25 5.97 -95.11
C SER Z 106 0.71 4.68 -95.68
N SER Z 107 1.60 3.86 -96.24
CA SER Z 107 1.22 2.57 -96.83
C SER Z 107 2.04 1.46 -96.20
N ARG Z 108 1.36 0.44 -95.69
CA ARG Z 108 2.01 -0.73 -95.12
C ARG Z 108 1.56 -1.97 -95.88
N VAL Z 109 2.53 -2.74 -96.36
CA VAL Z 109 2.28 -3.99 -97.08
C VAL Z 109 3.10 -5.08 -96.42
N GLU Z 110 2.42 -6.14 -95.98
CA GLU Z 110 3.06 -7.31 -95.39
C GLU Z 110 2.62 -8.49 -96.24
N SER Z 111 3.41 -8.82 -97.25
CA SER Z 111 3.09 -9.87 -98.20
C SER Z 111 3.93 -11.10 -97.90
N GLN Z 112 3.31 -12.11 -97.31
CA GLN Z 112 3.97 -13.39 -97.07
C GLN Z 112 3.78 -14.29 -98.28
N SER Z 113 4.89 -14.83 -98.79
CA SER Z 113 4.88 -15.66 -99.99
C SER Z 113 5.50 -17.01 -99.65
N SER Z 114 4.66 -17.91 -99.15
CA SER Z 114 5.09 -19.25 -98.78
C SER Z 114 4.80 -20.18 -99.94
N PHE Z 115 5.83 -20.88 -100.42
CA PHE Z 115 5.71 -21.77 -101.57
C PHE Z 115 6.27 -23.12 -101.21
N GLY Z 116 5.79 -24.16 -101.89
CA GLY Z 116 6.30 -25.50 -101.71
C GLY Z 116 7.47 -25.81 -102.63
N THR Z 117 7.69 -27.10 -102.86
CA THR Z 117 8.75 -27.55 -103.75
C THR Z 117 8.49 -27.11 -105.18
N LEU Z 118 9.29 -26.20 -105.70
CA LEU Z 118 9.10 -25.69 -107.05
C LEU Z 118 9.93 -26.51 -108.04
N ARG Z 119 9.28 -26.88 -109.14
CA ARG Z 119 9.96 -27.76 -110.13
C ARG Z 119 10.16 -27.03 -111.46
N LYS Z 120 11.27 -27.32 -112.12
CA LYS Z 120 11.59 -26.70 -113.43
C LYS Z 120 11.41 -27.74 -114.54
N GLN Z 121 10.79 -27.32 -115.64
CA GLN Z 121 10.56 -28.17 -116.81
C GLN Z 121 11.15 -27.47 -118.02
N GLU Z 122 12.38 -27.83 -118.38
CA GLU Z 122 13.09 -27.22 -119.49
C GLU Z 122 13.07 -28.15 -120.70
N VAL Z 123 12.92 -27.57 -121.88
CA VAL Z 123 12.91 -28.31 -123.14
C VAL Z 123 14.32 -28.31 -123.72
N ASP Z 124 14.67 -29.40 -124.40
CA ASP Z 124 15.98 -29.51 -125.04
C ASP Z 124 16.27 -28.37 -126.00
N LEU Z 125 17.30 -27.57 -125.70
CA LEU Z 125 17.66 -26.45 -126.56
C LEU Z 125 18.10 -26.91 -127.94
N GLN Z 126 18.79 -28.05 -128.01
CA GLN Z 126 19.16 -28.61 -129.30
C GLN Z 126 18.02 -29.03 -130.22
N GLN Z 127 16.95 -29.60 -129.66
CA GLN Z 127 15.73 -29.80 -130.45
C GLN Z 127 15.19 -28.47 -130.96
N LEU Z 128 15.36 -27.41 -130.17
CA LEU Z 128 14.84 -26.11 -130.55
C LEU Z 128 15.55 -25.56 -131.77
N ILE Z 129 16.86 -25.83 -131.90
CA ILE Z 129 17.65 -25.23 -132.96
C ILE Z 129 17.55 -26.06 -134.25
N ARG Z 130 17.33 -27.38 -134.11
CA ARG Z 130 17.39 -28.25 -135.28
C ARG Z 130 16.31 -27.89 -136.31
N ASP Z 131 15.06 -27.78 -135.86
CA ASP Z 131 13.99 -27.44 -136.80
C ASP Z 131 14.11 -26.00 -137.30
N SER Z 132 14.53 -25.09 -136.41
CA SER Z 132 14.62 -23.67 -136.77
C SER Z 132 15.62 -23.41 -137.90
N ALA Z 133 16.80 -24.02 -137.84
CA ALA Z 133 17.82 -23.79 -138.86
C ALA Z 133 17.40 -24.27 -140.24
N GLU Z 134 16.38 -25.13 -140.33
CA GLU Z 134 15.85 -25.61 -141.59
C GLU Z 134 14.58 -24.86 -141.94
N ARG Z 135 14.14 -25.02 -143.19
CA ARG Z 135 12.91 -24.38 -143.66
C ARG Z 135 11.72 -25.11 -143.07
N THR Z 136 11.37 -24.73 -141.84
CA THR Z 136 10.33 -25.40 -141.08
C THR Z 136 9.13 -24.52 -140.76
N ILE Z 137 9.29 -23.21 -140.71
CA ILE Z 137 8.21 -22.28 -140.37
C ILE Z 137 7.72 -21.62 -141.64
N ASN Z 138 6.42 -21.66 -141.88
CA ASN Z 138 5.84 -21.01 -143.05
C ASN Z 138 5.95 -19.51 -142.93
N LEU Z 139 6.15 -18.83 -144.06
CA LEU Z 139 6.37 -17.39 -144.04
C LEU Z 139 5.07 -16.64 -143.76
N ARG Z 140 3.97 -17.06 -144.37
CA ARG Z 140 2.69 -16.36 -144.27
C ARG Z 140 1.70 -17.20 -143.48
N ASN Z 141 1.09 -16.57 -142.48
CA ASN Z 141 0.05 -17.18 -141.65
C ASN Z 141 -1.10 -16.20 -141.52
N PRO Z 142 -2.34 -16.70 -141.44
CA PRO Z 142 -3.46 -15.77 -141.20
C PRO Z 142 -3.33 -15.01 -139.88
N VAL Z 143 -2.65 -15.62 -138.91
CA VAL Z 143 -2.41 -14.92 -137.61
C VAL Z 143 -0.93 -14.48 -137.62
N LEU Z 144 -0.55 -13.53 -136.75
CA LEU Z 144 0.87 -13.07 -136.59
C LEU Z 144 1.18 -11.90 -137.59
N GLN Z 145 0.24 -11.62 -138.49
CA GLN Z 145 0.45 -10.45 -139.39
C GLN Z 145 0.58 -9.15 -138.58
N GLN Z 146 -0.27 -8.98 -137.57
CA GLN Z 146 -0.24 -7.77 -136.72
C GLN Z 146 1.11 -7.69 -135.97
N VAL Z 147 1.79 -8.82 -135.80
CA VAL Z 147 3.11 -8.81 -135.17
C VAL Z 147 4.15 -8.19 -136.10
N LEU Z 148 4.12 -8.59 -137.37
CA LEU Z 148 5.04 -8.00 -138.34
C LEU Z 148 4.78 -6.52 -138.54
N GLU Z 149 3.51 -6.13 -138.61
CA GLU Z 149 3.13 -4.72 -138.66
C GLU Z 149 3.25 -4.11 -137.26
N GLY Z 150 4.43 -3.58 -136.97
CA GLY Z 150 4.79 -3.31 -135.59
C GLY Z 150 6.13 -3.97 -135.32
N ARG Z 151 7.04 -3.94 -136.29
CA ARG Z 151 8.35 -4.65 -136.16
C ARG Z 151 8.77 -4.73 -134.69
N ASN Z 152 8.95 -3.58 -134.04
CA ASN Z 152 9.22 -3.55 -132.60
C ASN Z 152 8.91 -4.70 -131.65
N GLU Z 153 7.76 -5.34 -131.81
CA GLU Z 153 7.43 -6.54 -131.07
C GLU Z 153 7.81 -7.76 -131.90
N VAL Z 154 8.47 -8.73 -131.27
CA VAL Z 154 8.99 -9.91 -131.95
C VAL Z 154 8.48 -11.16 -131.25
N LEU Z 155 8.36 -12.24 -132.02
CA LEU Z 155 7.85 -13.51 -131.52
C LEU Z 155 8.95 -14.25 -130.77
N CYS Z 156 8.58 -14.89 -129.67
CA CYS Z 156 9.48 -15.70 -128.86
C CYS Z 156 8.75 -17.00 -128.57
N VAL Z 157 9.54 -17.99 -128.13
CA VAL Z 157 8.98 -19.32 -127.80
C VAL Z 157 9.44 -19.70 -126.39
N LEU Z 158 8.51 -20.13 -125.55
CA LEU Z 158 8.84 -20.52 -124.19
C LEU Z 158 9.65 -21.81 -124.17
N THR Z 159 10.68 -21.84 -123.33
CA THR Z 159 11.53 -23.02 -123.17
C THR Z 159 11.84 -23.45 -121.72
N GLN Z 160 11.73 -22.50 -120.79
CA GLN Z 160 11.96 -22.81 -119.36
C GLN Z 160 10.65 -22.48 -118.61
N LYS Z 161 10.33 -23.26 -117.57
CA LYS Z 161 9.09 -23.05 -116.83
C LYS Z 161 9.29 -23.57 -115.41
N ILE Z 162 8.91 -22.78 -114.43
CA ILE Z 162 8.96 -23.16 -113.03
C ILE Z 162 7.53 -23.35 -112.55
N THR Z 163 7.25 -24.53 -112.01
CA THR Z 163 5.90 -24.91 -111.59
C THR Z 163 5.91 -25.47 -110.17
N THR Z 164 4.93 -25.06 -109.38
CA THR Z 164 4.81 -25.54 -108.01
C THR Z 164 4.03 -26.85 -107.94
N MET Z 165 4.27 -27.62 -106.87
CA MET Z 165 3.63 -28.92 -106.70
C MET Z 165 2.73 -28.97 -105.47
N GLN Z 166 2.81 -27.98 -104.59
CA GLN Z 166 2.04 -27.98 -103.35
C GLN Z 166 1.25 -26.68 -103.30
N LYS Z 167 0.06 -26.78 -102.70
CA LYS Z 167 -0.80 -25.60 -102.53
C LYS Z 167 0.04 -24.50 -101.85
N CYS Z 168 0.15 -23.35 -102.50
CA CYS Z 168 0.95 -22.25 -102.00
C CYS Z 168 0.11 -21.23 -101.25
N VAL Z 169 0.75 -20.51 -100.34
CA VAL Z 169 0.09 -19.54 -99.47
C VAL Z 169 0.63 -18.14 -99.77
N ILE Z 170 -0.26 -17.21 -100.06
CA ILE Z 170 0.10 -15.81 -100.26
C ILE Z 170 -0.79 -14.98 -99.34
N SER Z 171 -0.32 -14.75 -98.12
CA SER Z 171 -1.08 -13.96 -97.14
C SER Z 171 -0.66 -12.50 -97.29
N GLU Z 172 -1.51 -11.71 -97.94
CA GLU Z 172 -1.21 -10.31 -98.23
C GLU Z 172 -1.99 -9.42 -97.27
N HIS Z 173 -1.27 -8.55 -96.56
CA HIS Z 173 -1.89 -7.52 -95.73
C HIS Z 173 -1.49 -6.18 -96.30
N MET Z 174 -2.48 -5.37 -96.67
CA MET Z 174 -2.24 -4.08 -97.31
C MET Z 174 -3.04 -3.03 -96.54
N GLN Z 175 -2.36 -2.28 -95.69
CA GLN Z 175 -2.95 -1.15 -94.98
C GLN Z 175 -2.50 0.13 -95.65
N VAL Z 176 -3.46 0.92 -96.10
CA VAL Z 176 -3.19 2.17 -96.84
C VAL Z 176 -3.89 3.29 -96.09
N GLU Z 177 -3.13 4.27 -95.64
CA GLU Z 177 -3.67 5.46 -94.99
C GLU Z 177 -3.20 6.69 -95.75
N GLU Z 178 -4.16 7.49 -96.23
CA GLU Z 178 -3.87 8.69 -96.99
C GLU Z 178 -4.65 9.84 -96.37
N LYS Z 179 -3.95 10.91 -96.00
CA LYS Z 179 -4.57 12.09 -95.42
C LYS Z 179 -4.26 13.29 -96.32
N CYS Z 180 -5.31 13.97 -96.77
CA CYS Z 180 -5.18 15.14 -97.63
C CYS Z 180 -5.81 16.35 -96.94
N GLY Z 181 -5.07 17.45 -96.88
CA GLY Z 181 -5.56 18.65 -96.25
C GLY Z 181 -5.21 19.91 -97.02
N GLY Z 182 -6.22 20.72 -97.34
CA GLY Z 182 -6.00 21.95 -98.06
C GLY Z 182 -6.69 23.13 -97.42
N ILE Z 183 -5.88 24.14 -97.07
CA ILE Z 183 -6.44 25.40 -96.52
C ILE Z 183 -6.24 26.46 -97.61
N VAL Z 184 -7.31 27.13 -98.01
CA VAL Z 184 -7.26 28.10 -99.10
C VAL Z 184 -7.87 29.41 -98.60
N GLY Z 185 -7.10 30.49 -98.71
CA GLY Z 185 -7.56 31.81 -98.34
C GLY Z 185 -7.41 32.83 -99.46
N ILE Z 186 -8.52 33.41 -99.91
CA ILE Z 186 -8.40 34.33 -101.08
C ILE Z 186 -8.77 35.78 -100.71
N GLN Z 187 -7.83 36.71 -100.90
CA GLN Z 187 -8.01 38.15 -100.66
C GLN Z 187 -8.86 39.00 -101.63
N THR Z 188 -10.03 38.47 -101.98
CA THR Z 188 -10.87 39.09 -102.99
C THR Z 188 -11.42 40.49 -102.77
N LYS Z 189 -11.68 41.21 -103.85
CA LYS Z 189 -12.18 42.62 -103.68
C LYS Z 189 -13.56 42.84 -103.07
N THR Z 190 -13.62 43.24 -101.79
CA THR Z 190 -14.90 43.49 -101.06
C THR Z 190 -15.53 42.15 -100.68
N VAL Z 191 -14.77 41.06 -100.79
CA VAL Z 191 -15.28 39.71 -100.40
C VAL Z 191 -14.19 38.99 -99.60
N GLN Z 192 -14.35 38.84 -98.30
CA GLN Z 192 -13.34 38.06 -97.58
C GLN Z 192 -13.71 36.58 -97.69
N VAL Z 193 -12.78 35.79 -98.20
CA VAL Z 193 -13.05 34.38 -98.50
C VAL Z 193 -12.17 33.49 -97.63
N SER Z 194 -12.71 32.33 -97.23
CA SER Z 194 -11.95 31.34 -96.47
C SER Z 194 -12.48 29.94 -96.75
N ALA Z 195 -11.72 29.15 -97.49
CA ALA Z 195 -12.14 27.82 -97.91
C ALA Z 195 -11.15 26.79 -97.40
N THR Z 196 -11.65 25.78 -96.70
CA THR Z 196 -10.83 24.71 -96.15
C THR Z 196 -11.43 23.38 -96.57
N GLU Z 197 -10.57 22.49 -97.07
CA GLU Z 197 -11.01 21.12 -97.48
C GLU Z 197 -10.08 20.09 -96.84
N ASP Z 198 -10.63 19.15 -96.09
CA ASP Z 198 -9.87 18.12 -95.41
C ASP Z 198 -10.37 16.76 -95.88
N GLY Z 199 -9.45 15.92 -96.37
CA GLY Z 199 -9.81 14.59 -96.83
C GLY Z 199 -8.98 13.51 -96.19
N ASN Z 200 -9.61 12.66 -95.38
CA ASN Z 200 -8.94 11.55 -94.71
C ASN Z 200 -9.46 10.25 -95.30
N VAL Z 201 -8.57 9.43 -95.82
CA VAL Z 201 -8.92 8.14 -96.41
C VAL Z 201 -8.08 7.08 -95.71
N THR Z 202 -8.74 6.10 -95.13
CA THR Z 202 -8.08 4.96 -94.49
C THR Z 202 -8.62 3.69 -95.12
N LYS Z 203 -7.76 2.90 -95.74
CA LYS Z 203 -8.16 1.70 -96.45
C LYS Z 203 -7.34 0.51 -95.95
N ASP Z 204 -8.02 -0.59 -95.68
CA ASP Z 204 -7.39 -1.82 -95.23
C ASP Z 204 -7.83 -2.96 -96.13
N SER Z 205 -6.88 -3.83 -96.50
CA SER Z 205 -7.17 -5.00 -97.33
C SER Z 205 -6.45 -6.21 -96.74
N ASN Z 206 -7.10 -6.88 -95.81
CA ASN Z 206 -6.56 -8.10 -95.22
C ASN Z 206 -7.00 -9.29 -96.07
N VAL Z 207 -6.17 -9.66 -97.04
CA VAL Z 207 -6.52 -10.72 -97.97
C VAL Z 207 -5.56 -11.90 -97.85
N VAL Z 208 -6.08 -13.04 -97.38
CA VAL Z 208 -5.31 -14.28 -97.36
C VAL Z 208 -5.89 -15.21 -98.43
N LEU Z 209 -5.15 -15.40 -99.51
CA LEU Z 209 -5.59 -16.21 -100.63
C LEU Z 209 -4.59 -17.33 -100.86
N GLU Z 210 -5.14 -18.51 -101.13
CA GLU Z 210 -4.27 -19.69 -101.38
C GLU Z 210 -4.00 -19.81 -102.88
N ILE Z 211 -2.96 -20.56 -103.23
CA ILE Z 211 -2.57 -20.78 -104.62
C ILE Z 211 -2.54 -22.28 -104.86
N PRO Z 212 -3.21 -22.79 -105.89
CA PRO Z 212 -3.21 -24.24 -106.13
C PRO Z 212 -1.90 -24.72 -106.72
N ALA Z 213 -1.72 -26.03 -106.69
CA ALA Z 213 -0.56 -26.63 -107.32
C ALA Z 213 -0.68 -26.54 -108.84
N ALA Z 214 0.44 -26.81 -109.51
CA ALA Z 214 0.60 -26.84 -110.97
C ALA Z 214 0.52 -25.45 -111.60
N THR Z 215 0.47 -24.41 -110.76
CA THR Z 215 0.44 -23.02 -111.28
C THR Z 215 1.79 -22.65 -111.85
N THR Z 216 1.82 -21.74 -112.83
CA THR Z 216 3.10 -21.28 -113.37
C THR Z 216 3.62 -20.11 -112.54
N ILE Z 217 4.87 -20.22 -112.10
CA ILE Z 217 5.51 -19.19 -111.29
C ILE Z 217 6.46 -18.34 -112.13
N ALA Z 218 7.27 -18.97 -112.97
CA ALA Z 218 8.21 -18.24 -113.81
C ALA Z 218 8.34 -18.95 -115.14
N TYR Z 219 8.79 -18.20 -116.15
CA TYR Z 219 8.98 -18.75 -117.48
C TYR Z 219 10.07 -17.98 -118.20
N GLY Z 220 10.93 -18.71 -118.91
CA GLY Z 220 11.97 -18.12 -119.72
C GLY Z 220 11.76 -18.45 -121.18
N VAL Z 221 12.04 -17.48 -122.04
CA VAL Z 221 11.77 -17.61 -123.47
C VAL Z 221 13.12 -17.32 -124.09
N ILE Z 222 13.30 -17.85 -125.30
CA ILE Z 222 14.48 -17.37 -126.09
C ILE Z 222 13.83 -16.84 -127.37
N GLU Z 223 14.32 -15.73 -127.90
CA GLU Z 223 13.67 -15.04 -129.01
C GLU Z 223 13.90 -15.66 -130.38
N LEU Z 224 13.00 -15.28 -131.31
CA LEU Z 224 13.05 -15.85 -132.67
C LEU Z 224 13.54 -14.80 -133.68
N TYR Z 225 14.66 -15.08 -134.34
CA TYR Z 225 15.18 -14.22 -135.40
C TYR Z 225 14.26 -14.28 -136.61
N VAL Z 226 13.62 -13.14 -136.92
CA VAL Z 226 12.64 -13.09 -138.01
C VAL Z 226 13.13 -12.15 -139.10
N LYS Z 227 13.37 -12.70 -140.28
CA LYS Z 227 13.62 -11.89 -141.47
C LYS Z 227 12.45 -12.07 -142.44
N LEU Z 228 11.89 -10.95 -142.90
CA LEU Z 228 10.68 -11.01 -143.75
C LEU Z 228 10.99 -11.78 -145.05
N ASP Z 229 12.27 -11.98 -145.36
CA ASP Z 229 12.63 -12.79 -146.55
C ASP Z 229 12.12 -14.22 -146.33
N GLY Z 230 12.26 -14.74 -145.11
CA GLY Z 230 11.72 -16.07 -144.80
C GLY Z 230 12.70 -16.91 -144.00
N GLN Z 231 13.84 -16.32 -143.64
CA GLN Z 231 14.86 -17.05 -142.90
C GLN Z 231 14.63 -16.87 -141.41
N PHE Z 232 14.50 -17.98 -140.68
CA PHE Z 232 14.24 -17.95 -139.25
C PHE Z 232 15.21 -18.88 -138.53
N GLU Z 233 15.58 -18.47 -137.31
CA GLU Z 233 16.47 -19.24 -136.46
C GLU Z 233 16.23 -18.91 -134.99
N PHE Z 234 15.96 -19.92 -134.17
CA PHE Z 234 15.83 -19.70 -132.73
C PHE Z 234 17.21 -19.62 -132.09
N CYS Z 235 17.68 -18.40 -131.84
CA CYS Z 235 19.03 -18.15 -131.36
C CYS Z 235 18.99 -17.66 -129.92
N LEU Z 236 19.91 -18.15 -129.08
CA LEU Z 236 19.88 -17.79 -127.64
C LEU Z 236 20.80 -16.61 -127.28
N LEU Z 237 21.57 -16.09 -128.24
CA LEU Z 237 22.51 -15.02 -127.92
C LEU Z 237 22.00 -13.72 -128.52
N ARG Z 238 22.57 -12.60 -128.06
CA ARG Z 238 22.15 -11.26 -128.48
C ARG Z 238 22.43 -10.91 -129.94
N GLY Z 239 23.22 -11.74 -130.61
CA GLY Z 239 23.64 -11.45 -131.97
C GLY Z 239 22.53 -11.22 -132.97
N LYS Z 240 21.81 -12.24 -133.33
CA LYS Z 240 20.74 -12.11 -134.36
C LYS Z 240 19.43 -12.76 -133.87
N GLN Z 241 18.66 -12.06 -133.03
CA GLN Z 241 17.35 -12.53 -132.60
C GLN Z 241 16.34 -11.39 -132.57
N GLY Z 242 16.76 -10.19 -132.96
CA GLY Z 242 15.94 -9.01 -132.80
C GLY Z 242 14.83 -8.87 -133.82
N GLY Z 243 14.93 -9.57 -134.94
CA GLY Z 243 13.97 -9.39 -136.02
C GLY Z 243 14.52 -8.42 -137.05
N PHE Z 244 14.45 -8.79 -138.32
CA PHE Z 244 15.03 -8.01 -139.40
C PHE Z 244 14.06 -7.99 -140.57
N GLU Z 245 14.27 -7.07 -141.51
CA GLU Z 245 13.33 -6.94 -142.65
C GLU Z 245 13.88 -7.60 -143.93
N MET AA 1 20.51 -15.14 -100.41
CA MET AA 1 20.40 -15.08 -101.85
C MET AA 1 21.53 -15.89 -102.47
N PHE AA 2 21.20 -16.64 -103.54
CA PHE AA 2 22.15 -17.60 -104.09
C PHE AA 2 23.38 -16.91 -104.66
N ALA AA 3 23.20 -15.73 -105.26
CA ALA AA 3 24.33 -15.03 -105.85
C ALA AA 3 25.37 -14.66 -104.80
N LYS AA 4 24.91 -14.16 -103.65
CA LYS AA 4 25.83 -13.78 -102.58
C LYS AA 4 26.41 -15.01 -101.90
N ALA AA 5 25.62 -16.07 -101.76
CA ALA AA 5 26.08 -17.27 -101.06
C ALA AA 5 27.30 -17.95 -101.65
N THR AA 6 27.31 -18.13 -102.97
CA THR AA 6 28.48 -18.73 -103.62
C THR AA 6 29.62 -17.73 -103.85
N ARG AA 7 29.28 -16.44 -103.91
CA ARG AA 7 30.34 -15.40 -104.05
C ARG AA 7 31.18 -15.47 -102.77
N ASN AA 8 30.52 -15.38 -101.61
CA ASN AA 8 31.25 -15.42 -100.31
C ASN AA 8 32.01 -16.74 -100.20
N PHE AA 9 31.36 -17.85 -100.56
CA PHE AA 9 32.03 -19.17 -100.53
C PHE AA 9 33.35 -19.15 -101.30
N LEU AA 10 33.26 -18.88 -102.61
CA LEU AA 10 34.48 -18.91 -103.42
C LEU AA 10 35.51 -17.90 -102.95
N ARG AA 11 35.07 -16.83 -102.30
CA ARG AA 11 36.01 -15.85 -101.75
C ARG AA 11 36.89 -16.46 -100.67
N GLU AA 12 36.30 -17.29 -99.81
CA GLU AA 12 37.06 -17.82 -98.66
C GLU AA 12 37.76 -19.12 -98.99
N VAL AA 13 37.30 -19.83 -100.02
CA VAL AA 13 37.92 -21.10 -100.36
C VAL AA 13 38.86 -20.89 -101.55
N ASP AA 14 38.35 -20.24 -102.60
CA ASP AA 14 39.16 -20.02 -103.84
C ASP AA 14 39.93 -18.70 -103.73
N ALA AA 15 41.15 -18.74 -103.19
CA ALA AA 15 41.96 -17.54 -103.00
C ALA AA 15 42.49 -16.96 -104.29
N ASP AA 16 42.57 -17.74 -105.36
CA ASP AA 16 43.13 -17.28 -106.63
C ASP AA 16 42.07 -16.79 -107.61
N GLY AA 17 40.80 -17.06 -107.35
CA GLY AA 17 39.76 -16.67 -108.29
C GLY AA 17 39.66 -17.39 -109.62
N ASP AA 18 40.27 -18.56 -109.74
CA ASP AA 18 40.18 -19.36 -110.95
C ASP AA 18 38.83 -20.08 -111.14
N LEU AA 19 38.02 -20.09 -110.09
CA LEU AA 19 36.69 -20.67 -110.12
C LEU AA 19 35.72 -19.48 -110.09
N ILE AA 20 34.56 -19.68 -110.71
CA ILE AA 20 33.56 -18.64 -110.86
C ILE AA 20 32.28 -19.08 -110.18
N ALA AA 21 31.73 -18.22 -109.32
CA ALA AA 21 30.51 -18.54 -108.61
C ALA AA 21 29.31 -18.54 -109.55
N VAL AA 22 28.37 -19.46 -109.30
CA VAL AA 22 27.17 -19.53 -110.10
C VAL AA 22 26.23 -18.40 -109.71
N SER AA 23 25.73 -17.67 -110.72
CA SER AA 23 24.94 -16.47 -110.46
C SER AA 23 23.59 -16.80 -109.81
N ASN AA 24 22.84 -17.74 -110.38
CA ASN AA 24 21.48 -17.99 -109.92
C ASN AA 24 21.18 -19.48 -110.08
N LEU AA 25 20.01 -19.89 -109.57
CA LEU AA 25 19.61 -21.30 -109.68
C LEU AA 25 19.32 -21.57 -111.15
N ASN AA 26 18.95 -20.56 -111.91
CA ASN AA 26 18.72 -20.75 -113.34
C ASN AA 26 19.95 -21.35 -114.03
N ASP AA 27 21.12 -20.72 -113.77
CA ASP AA 27 22.38 -21.25 -114.28
C ASP AA 27 22.88 -22.55 -113.67
N SER AA 28 22.36 -22.95 -112.52
CA SER AA 28 22.81 -24.15 -111.83
C SER AA 28 22.43 -25.45 -112.53
N ASP AA 29 21.46 -25.42 -113.45
CA ASP AA 29 21.05 -26.61 -114.18
C ASP AA 29 21.56 -26.59 -115.61
N LYS AA 30 22.18 -25.50 -116.05
CA LYS AA 30 22.75 -25.41 -117.39
C LYS AA 30 24.23 -25.76 -117.43
N LEU AA 31 24.97 -25.46 -116.37
CA LEU AA 31 26.39 -25.74 -116.32
C LEU AA 31 26.67 -27.23 -116.15
N GLN AA 32 27.28 -27.84 -117.16
CA GLN AA 32 27.67 -29.24 -117.10
C GLN AA 32 29.12 -29.38 -117.54
N LEU AA 33 29.67 -30.56 -117.30
CA LEU AA 33 31.08 -30.81 -117.62
C LEU AA 33 31.24 -30.73 -119.12
N LEU AA 34 32.32 -30.08 -119.56
CA LEU AA 34 32.64 -29.93 -120.98
C LEU AA 34 31.55 -29.36 -121.88
N SER AA 35 30.75 -28.45 -121.36
CA SER AA 35 29.80 -27.71 -122.20
C SER AA 35 30.51 -26.39 -122.41
N LEU AA 36 30.21 -25.73 -123.52
CA LEU AA 36 30.90 -24.49 -123.87
C LEU AA 36 30.24 -23.22 -123.33
N VAL AA 37 31.07 -22.28 -122.88
CA VAL AA 37 30.60 -21.01 -122.33
C VAL AA 37 31.42 -19.95 -123.05
N THR AA 38 30.96 -18.71 -122.95
CA THR AA 38 31.61 -17.58 -123.58
C THR AA 38 31.67 -16.43 -122.59
N LYS AA 39 32.88 -15.88 -122.46
CA LYS AA 39 33.10 -14.72 -121.56
C LYS AA 39 33.36 -13.48 -122.41
N LYS AA 40 32.66 -12.39 -122.13
CA LYS AA 40 32.83 -11.14 -122.86
C LYS AA 40 33.91 -10.31 -122.19
N LYS AA 41 34.99 -10.04 -122.93
CA LYS AA 41 36.14 -9.32 -122.40
C LYS AA 41 36.03 -7.81 -122.60
N ARG AA 42 34.90 -7.33 -123.09
CA ARG AA 42 34.69 -5.89 -123.24
C ARG AA 42 34.78 -5.16 -121.90
N PHE AA 43 34.27 -5.76 -120.83
CA PHE AA 43 34.35 -5.16 -119.51
C PHE AA 43 35.79 -5.16 -119.02
N TRP AA 44 36.11 -4.18 -118.19
CA TRP AA 44 37.47 -4.00 -117.69
C TRP AA 44 37.63 -4.81 -116.40
N CYS AA 45 38.73 -4.60 -115.67
CA CYS AA 45 38.93 -5.29 -114.40
C CYS AA 45 37.93 -4.83 -113.36
N TRP AA 46 37.26 -3.69 -113.61
CA TRP AA 46 36.28 -3.16 -112.69
C TRP AA 46 35.10 -4.11 -112.49
N GLN AA 47 34.59 -4.75 -113.55
CA GLN AA 47 33.49 -5.68 -113.44
C GLN AA 47 33.93 -7.06 -113.91
N ARG AA 48 33.24 -8.08 -113.42
CA ARG AA 48 33.56 -9.44 -113.81
C ARG AA 48 33.21 -9.65 -115.29
N PRO AA 49 33.94 -10.50 -116.00
CA PRO AA 49 33.58 -10.80 -117.39
C PRO AA 49 32.19 -11.41 -117.48
N LYS AA 50 31.46 -11.04 -118.53
CA LYS AA 50 30.10 -11.52 -118.74
C LYS AA 50 30.17 -12.93 -119.32
N TYR AA 51 29.68 -13.91 -118.56
CA TYR AA 51 29.73 -15.31 -118.95
C TYR AA 51 28.35 -15.74 -119.43
N GLN AA 52 28.29 -16.29 -120.64
CA GLN AA 52 27.07 -16.79 -121.25
C GLN AA 52 27.31 -18.20 -121.78
N PHE AA 53 26.32 -19.06 -121.62
CA PHE AA 53 26.46 -20.49 -121.89
C PHE AA 53 25.74 -20.83 -123.19
N LEU AA 54 26.45 -21.48 -124.11
CA LEU AA 54 25.84 -22.00 -125.31
C LEU AA 54 25.15 -23.33 -125.02
N SER AA 55 24.07 -23.59 -125.75
CA SER AA 55 23.31 -24.82 -125.56
C SER AA 55 24.07 -26.02 -126.10
N LEU AA 56 25.06 -25.77 -126.97
CA LEU AA 56 25.83 -26.83 -127.59
C LEU AA 56 26.95 -27.28 -126.66
N THR AA 57 27.58 -28.41 -126.99
CA THR AA 57 28.71 -28.93 -126.24
C THR AA 57 29.88 -29.12 -127.19
N LEU AA 58 30.95 -29.73 -126.67
CA LEU AA 58 32.13 -29.98 -127.49
C LEU AA 58 31.80 -30.91 -128.66
N GLY AA 59 31.20 -32.05 -128.37
CA GLY AA 59 30.85 -32.98 -129.42
C GLY AA 59 29.88 -32.41 -130.43
N ASP AA 60 29.11 -31.40 -130.00
CA ASP AA 60 28.19 -30.74 -130.92
C ASP AA 60 28.92 -29.84 -131.90
N VAL AA 61 30.11 -29.38 -131.55
CA VAL AA 61 30.85 -28.43 -132.39
C VAL AA 61 32.12 -29.03 -132.97
N LEU AA 62 32.55 -30.21 -132.54
CA LEU AA 62 33.73 -30.83 -133.15
C LEU AA 62 33.45 -31.16 -134.61
N ILE AA 63 32.53 -32.10 -134.85
CA ILE AA 63 32.09 -32.49 -136.19
C ILE AA 63 33.22 -33.14 -136.97
N GLU AA 64 34.38 -32.49 -137.01
CA GLU AA 64 35.48 -32.97 -137.84
C GLU AA 64 36.00 -34.33 -137.37
N ASP AA 65 36.12 -34.53 -136.06
CA ASP AA 65 36.68 -35.75 -135.52
C ASP AA 65 35.87 -36.21 -134.31
N GLN AA 66 36.05 -37.48 -133.96
CA GLN AA 66 35.25 -38.09 -132.90
C GLN AA 66 35.49 -37.63 -131.47
N PHE AA 67 34.45 -37.73 -130.65
CA PHE AA 67 34.50 -37.33 -129.25
C PHE AA 67 35.34 -38.06 -128.21
N PRO AA 68 36.41 -37.45 -127.68
CA PRO AA 68 37.25 -38.20 -126.73
C PRO AA 68 36.61 -38.43 -125.38
N SER AA 69 36.52 -39.69 -124.95
CA SER AA 69 35.75 -40.04 -123.77
C SER AA 69 36.34 -39.30 -122.58
N PRO AA 70 35.52 -38.62 -121.78
CA PRO AA 70 36.10 -37.94 -120.59
C PRO AA 70 36.67 -38.69 -119.42
N VAL AA 71 37.61 -38.08 -118.72
CA VAL AA 71 38.19 -38.67 -117.52
C VAL AA 71 37.67 -37.86 -116.33
N VAL AA 72 36.50 -38.25 -115.84
CA VAL AA 72 35.85 -37.54 -114.73
C VAL AA 72 36.32 -38.20 -113.44
N VAL AA 73 36.84 -37.40 -112.52
CA VAL AA 73 37.32 -37.88 -111.23
C VAL AA 73 36.55 -37.09 -110.18
N GLU AA 74 36.01 -37.82 -109.20
CA GLU AA 74 35.19 -37.18 -108.14
C GLU AA 74 36.01 -37.00 -106.86
N SER AA 75 36.10 -35.77 -106.36
CA SER AA 75 36.78 -35.45 -105.12
C SER AA 75 35.91 -34.52 -104.30
N ASP AA 76 35.82 -34.78 -103.00
CA ASP AA 76 35.00 -34.00 -102.08
C ASP AA 76 35.90 -33.21 -101.15
N PHE AA 77 35.46 -32.00 -100.82
CA PHE AA 77 36.30 -31.12 -99.94
C PHE AA 77 35.48 -29.93 -99.49
N VAL AA 78 35.96 -29.20 -98.49
CA VAL AA 78 35.29 -27.92 -98.11
C VAL AA 78 33.77 -28.12 -97.88
N LYS AA 79 33.37 -29.06 -97.00
CA LYS AA 79 31.90 -29.16 -96.78
C LYS AA 79 31.47 -27.78 -96.28
N TYR AA 80 32.26 -27.15 -95.40
CA TYR AA 80 32.04 -25.71 -95.03
C TYR AA 80 30.76 -25.36 -94.29
N GLU AA 81 30.68 -24.10 -93.85
CA GLU AA 81 29.57 -23.51 -93.11
C GLU AA 81 29.85 -22.02 -93.03
N GLY AA 82 28.93 -21.21 -93.54
CA GLY AA 82 29.17 -19.78 -93.61
C GLY AA 82 28.06 -18.95 -93.02
N LYS AA 83 28.42 -18.06 -92.10
CA LYS AA 83 27.49 -17.09 -91.52
C LYS AA 83 28.01 -15.69 -91.83
N PHE AA 84 27.13 -14.83 -92.35
CA PHE AA 84 27.56 -13.52 -92.83
C PHE AA 84 26.55 -12.47 -92.37
N ALA AA 85 26.89 -11.75 -91.31
CA ALA AA 85 26.07 -10.67 -90.78
C ALA AA 85 26.68 -9.34 -91.18
N ASN AA 86 26.10 -8.69 -92.19
CA ASN AA 86 26.65 -7.47 -92.76
C ASN AA 86 25.71 -6.30 -92.45
N HIS AA 87 26.27 -5.25 -91.87
CA HIS AA 87 25.53 -4.03 -91.56
C HIS AA 87 26.13 -2.87 -92.36
N VAL AA 88 25.30 -2.24 -93.18
CA VAL AA 88 25.73 -1.10 -93.98
C VAL AA 88 24.79 0.07 -93.69
N SER AA 89 25.36 1.19 -93.26
CA SER AA 89 24.59 2.40 -92.99
C SER AA 89 25.27 3.58 -93.68
N GLY AA 90 24.52 4.27 -94.53
CA GLY AA 90 25.05 5.42 -95.23
C GLY AA 90 24.09 6.59 -95.26
N THR AA 91 24.51 7.73 -94.71
CA THR AA 91 23.67 8.91 -94.63
C THR AA 91 24.31 9.99 -95.49
N LEU AA 92 23.51 10.57 -96.39
CA LEU AA 92 23.95 11.66 -97.26
C LEU AA 92 23.15 12.89 -96.89
N GLU AA 93 23.84 13.98 -96.57
CA GLU AA 93 23.20 15.23 -96.18
C GLU AA 93 23.75 16.32 -97.06
N THR AA 94 22.89 16.94 -97.87
CA THR AA 94 23.29 17.98 -98.80
C THR AA 94 22.39 19.18 -98.59
N ALA AA 95 22.98 20.38 -98.66
CA ALA AA 95 22.25 21.64 -98.49
C ALA AA 95 22.87 22.66 -99.45
N LEU AA 96 22.09 23.06 -100.45
CA LEU AA 96 22.52 24.05 -101.43
C LEU AA 96 21.44 25.13 -101.52
N GLY AA 97 21.75 26.30 -100.97
CA GLY AA 97 20.84 27.44 -101.09
C GLY AA 97 19.45 27.15 -100.62
N LYS AA 98 18.49 27.20 -101.55
CA LYS AA 98 17.09 27.00 -101.22
C LYS AA 98 16.82 25.59 -100.71
N VAL AA 99 17.43 24.59 -101.35
CA VAL AA 99 17.10 23.19 -101.11
C VAL AA 99 17.99 22.58 -100.04
N LYS AA 100 17.37 22.08 -98.97
CA LYS AA 100 18.01 21.21 -98.00
C LYS AA 100 17.60 19.74 -97.96
N LEU AA 101 18.55 18.83 -98.13
CA LEU AA 101 18.27 17.41 -98.30
C LEU AA 101 18.95 16.61 -97.20
N ASN AA 102 18.17 15.81 -96.48
CA ASN AA 102 18.69 14.90 -95.46
C ASN AA 102 18.27 13.48 -95.84
N LEU AA 103 19.24 12.60 -96.02
CA LEU AA 103 19.00 11.22 -96.42
C LEU AA 103 19.74 10.28 -95.49
N GLY AA 104 19.03 9.26 -94.99
CA GLY AA 104 19.63 8.25 -94.15
C GLY AA 104 19.22 6.84 -94.53
N GLY AA 105 20.18 6.03 -94.95
CA GLY AA 105 19.87 4.67 -95.37
C GLY AA 105 20.60 3.61 -94.59
N SER AA 106 19.86 2.76 -93.88
CA SER AA 106 20.43 1.68 -93.09
C SER AA 106 20.02 0.35 -93.69
N SER AA 107 21.01 -0.48 -94.02
CA SER AA 107 20.78 -1.79 -94.61
C SER AA 107 21.47 -2.86 -93.78
N ARG AA 108 20.71 -3.87 -93.37
CA ARG AA 108 21.23 -5.00 -92.62
C ARG AA 108 20.96 -6.29 -93.39
N VAL AA 109 22.03 -7.06 -93.63
CA VAL AA 109 21.93 -8.34 -94.32
C VAL AA 109 22.60 -9.39 -93.46
N GLU AA 110 21.86 -10.44 -93.11
CA GLU AA 110 22.39 -11.56 -92.35
C GLU AA 110 22.14 -12.79 -93.22
N SER AA 111 23.12 -13.15 -94.03
CA SER AA 111 23.00 -14.25 -94.98
C SER AA 111 23.78 -15.44 -94.45
N GLN AA 112 23.07 -16.45 -93.96
CA GLN AA 112 23.67 -17.70 -93.52
C GLN AA 112 23.75 -18.65 -94.70
N SER AA 113 24.94 -19.20 -94.95
CA SER AA 113 25.18 -20.08 -96.09
C SER AA 113 25.72 -21.40 -95.55
N SER AA 114 24.82 -22.29 -95.20
CA SER AA 114 25.18 -23.61 -94.68
C SER AA 114 25.13 -24.59 -95.83
N PHE AA 115 26.24 -25.29 -96.06
CA PHE AA 115 26.37 -26.23 -97.17
C PHE AA 115 26.86 -27.56 -96.64
N GLY AA 116 26.53 -28.64 -97.36
CA GLY AA 116 27.02 -29.96 -97.00
C GLY AA 116 28.34 -30.28 -97.66
N THR AA 117 28.62 -31.58 -97.78
CA THR AA 117 29.85 -32.05 -98.40
C THR AA 117 29.87 -31.68 -99.88
N LEU AA 118 30.76 -30.78 -100.26
CA LEU AA 118 30.84 -30.34 -101.66
C LEU AA 118 31.86 -31.19 -102.41
N ARG AA 119 31.45 -31.62 -103.60
CA ARG AA 119 32.32 -32.53 -104.40
C ARG AA 119 32.78 -31.85 -105.69
N LYS AA 120 34.02 -32.16 -106.10
CA LYS AA 120 34.59 -31.59 -107.35
C LYS AA 120 34.64 -32.68 -108.42
N GLN AA 121 34.25 -32.32 -109.64
CA GLN AA 121 34.27 -33.22 -110.79
C GLN AA 121 35.09 -32.57 -111.89
N GLU AA 122 36.37 -32.92 -111.97
CA GLU AA 122 37.27 -32.35 -112.95
C GLU AA 122 37.51 -33.34 -114.09
N VAL AA 123 37.60 -32.81 -115.30
CA VAL AA 123 37.86 -33.61 -116.49
C VAL AA 123 39.35 -33.61 -116.78
N ASP AA 124 39.84 -34.72 -117.32
CA ASP AA 124 41.26 -34.83 -117.68
C ASP AA 124 41.72 -33.73 -118.62
N LEU AA 125 42.66 -32.90 -118.15
CA LEU AA 125 43.17 -31.81 -118.98
C LEU AA 125 43.89 -32.32 -120.22
N GLN AA 126 44.59 -33.45 -120.09
CA GLN AA 126 45.23 -34.07 -121.25
C GLN AA 126 44.30 -34.55 -122.36
N GLN AA 127 43.13 -35.11 -122.00
CA GLN AA 127 42.11 -35.38 -123.01
C GLN AA 127 41.67 -34.08 -123.68
N LEU AA 128 41.67 -32.98 -122.93
CA LEU AA 128 41.21 -31.70 -123.46
C LEU AA 128 42.16 -31.20 -124.54
N ILE AA 129 43.47 -31.45 -124.39
CA ILE AA 129 44.44 -30.89 -125.31
C ILE AA 129 44.62 -31.78 -126.54
N ARG AA 130 44.39 -33.09 -126.39
CA ARG AA 130 44.69 -34.01 -127.48
C ARG AA 130 43.84 -33.72 -128.71
N ASP AA 131 42.52 -33.61 -128.55
CA ASP AA 131 41.66 -33.34 -129.68
C ASP AA 131 41.88 -31.92 -130.21
N SER AA 132 42.10 -30.96 -129.32
CA SER AA 132 42.24 -29.56 -129.72
C SER AA 132 43.44 -29.33 -130.62
N ALA AA 133 44.59 -29.91 -130.30
CA ALA AA 133 45.80 -29.72 -131.11
C ALA AA 133 45.67 -30.26 -132.53
N GLU AA 134 44.70 -31.14 -132.76
CA GLU AA 134 44.44 -31.70 -134.08
C GLU AA 134 43.26 -30.98 -134.72
N ARG AA 135 43.08 -31.21 -136.02
CA ARG AA 135 41.97 -30.62 -136.77
C ARG AA 135 40.69 -31.34 -136.39
N THR AA 136 40.09 -30.91 -135.28
CA THR AA 136 38.94 -31.56 -134.70
C THR AA 136 37.68 -30.70 -134.69
N ILE AA 137 37.81 -29.38 -134.67
CA ILE AA 137 36.68 -28.46 -134.59
C ILE AA 137 36.45 -27.86 -135.97
N ASN AA 138 35.22 -27.94 -136.47
CA ASN AA 138 34.89 -27.36 -137.76
C ASN AA 138 34.96 -25.85 -137.69
N LEU AA 139 35.37 -25.22 -138.79
CA LEU AA 139 35.56 -23.77 -138.79
C LEU AA 139 34.23 -23.03 -138.82
N ARG AA 140 33.28 -23.51 -139.61
CA ARG AA 140 32.01 -22.82 -139.82
C ARG AA 140 30.89 -23.65 -139.20
N ASN AA 141 30.08 -22.99 -138.37
CA ASN AA 141 28.90 -23.57 -137.75
C ASN AA 141 27.73 -22.61 -137.89
N PRO AA 142 26.51 -23.13 -138.05
CA PRO AA 142 25.35 -22.22 -138.07
C PRO AA 142 25.21 -21.40 -136.80
N VAL AA 143 25.68 -21.95 -135.68
CA VAL AA 143 25.65 -21.19 -134.40
C VAL AA 143 27.09 -20.72 -134.13
N LEU AA 144 27.28 -19.73 -133.24
CA LEU AA 144 28.62 -19.22 -132.83
C LEU AA 144 29.12 -18.10 -133.79
N GLN AA 145 28.39 -17.88 -134.88
CA GLN AA 145 28.76 -16.74 -135.77
C GLN AA 145 28.72 -15.41 -135.02
N GLN AA 146 27.68 -15.21 -134.21
CA GLN AA 146 27.52 -13.96 -133.42
C GLN AA 146 28.69 -13.82 -132.43
N VAL AA 147 29.33 -14.93 -132.07
CA VAL AA 147 30.50 -14.87 -131.19
C VAL AA 147 31.69 -14.27 -131.91
N LEU AA 148 31.93 -14.72 -133.15
CA LEU AA 148 33.03 -14.16 -133.94
C LEU AA 148 32.79 -12.70 -134.26
N GLU AA 149 31.56 -12.34 -134.60
CA GLU AA 149 31.18 -10.93 -134.80
C GLU AA 149 31.01 -10.26 -133.43
N GLY AA 150 32.11 -9.70 -132.94
CA GLY AA 150 32.18 -9.36 -131.54
C GLY AA 150 33.44 -9.98 -130.96
N ARG AA 151 34.53 -9.97 -131.73
CA ARG AA 151 35.79 -10.66 -131.30
C ARG AA 151 35.90 -10.66 -129.78
N ASN AA 152 35.94 -9.48 -129.15
CA ASN AA 152 35.91 -9.38 -127.70
C ASN AA 152 35.43 -10.48 -126.77
N GLU AA 153 34.33 -11.15 -127.12
CA GLU AA 153 33.87 -12.33 -126.41
C GLU AA 153 34.44 -13.58 -127.09
N VAL AA 154 34.95 -14.51 -126.29
CA VAL AA 154 35.63 -15.70 -126.79
C VAL AA 154 34.98 -16.93 -126.16
N LEU AA 155 35.04 -18.05 -126.88
CA LEU AA 155 34.45 -19.30 -126.42
C LEU AA 155 35.38 -19.99 -125.44
N CYS AA 156 34.79 -20.58 -124.40
CA CYS AA 156 35.53 -21.33 -123.40
C CYS AA 156 34.77 -22.64 -123.20
N VAL AA 157 35.47 -23.59 -122.57
CA VAL AA 157 34.85 -24.92 -122.29
C VAL AA 157 35.03 -25.22 -120.80
N LEU AA 158 33.95 -25.63 -120.14
CA LEU AA 158 34.00 -25.95 -118.72
C LEU AA 158 34.80 -27.22 -118.47
N THR AA 159 35.65 -27.20 -117.44
CA THR AA 159 36.46 -28.34 -117.06
C THR AA 159 36.47 -28.71 -115.56
N GLN AA 160 36.17 -27.72 -114.72
CA GLN AA 160 36.10 -27.96 -113.26
C GLN AA 160 34.67 -27.63 -112.80
N LYS AA 161 34.15 -28.36 -111.82
CA LYS AA 161 32.79 -28.15 -111.36
C LYS AA 161 32.70 -28.60 -109.91
N ILE AA 162 32.11 -27.76 -109.06
CA ILE AA 162 31.89 -28.08 -107.65
C ILE AA 162 30.39 -28.28 -107.47
N THR AA 163 30.02 -29.44 -106.94
CA THR AA 163 28.61 -29.82 -106.78
C THR AA 163 28.35 -30.32 -105.36
N THR AA 164 27.22 -29.89 -104.80
CA THR AA 164 26.83 -30.31 -103.46
C THR AA 164 26.06 -31.63 -103.49
N MET AA 165 26.09 -32.35 -102.37
CA MET AA 165 25.44 -33.65 -102.26
C MET AA 165 24.32 -33.67 -101.24
N GLN AA 166 24.20 -32.63 -100.41
CA GLN AA 166 23.20 -32.59 -99.35
C GLN AA 166 22.41 -31.31 -99.52
N LYS AA 167 21.12 -31.41 -99.17
CA LYS AA 167 20.23 -30.22 -99.24
C LYS AA 167 20.91 -29.09 -98.46
N CYS AA 168 21.13 -27.97 -99.12
CA CYS AA 168 21.80 -26.83 -98.53
C CYS AA 168 20.82 -25.79 -98.01
N VAL AA 169 21.25 -25.02 -97.02
CA VAL AA 169 20.42 -24.02 -96.35
C VAL AA 169 21.00 -22.63 -96.60
N ILE AA 170 20.18 -21.74 -97.11
CA ILE AA 170 20.56 -20.34 -97.30
C ILE AA 170 19.49 -19.49 -96.63
N SER AA 171 19.69 -19.18 -95.35
CA SER AA 171 18.76 -18.37 -94.58
C SER AA 171 19.17 -16.91 -94.71
N GLU AA 172 18.47 -16.17 -95.56
CA GLU AA 172 18.81 -14.77 -95.85
C GLU AA 172 17.84 -13.86 -95.11
N HIS AA 173 18.39 -12.94 -94.32
CA HIS AA 173 17.61 -11.89 -93.67
C HIS AA 173 18.10 -10.56 -94.22
N MET AA 174 17.21 -9.79 -94.82
CA MET AA 174 17.55 -8.53 -95.46
C MET AA 174 16.60 -7.46 -94.92
N GLN AA 175 17.10 -6.66 -93.98
CA GLN AA 175 16.36 -5.51 -93.46
C GLN AA 175 16.92 -4.25 -94.09
N VAL AA 176 16.06 -3.49 -94.78
CA VAL AA 176 16.46 -2.29 -95.49
C VAL AA 176 15.61 -1.14 -94.95
N GLU AA 177 16.27 -0.13 -94.40
CA GLU AA 177 15.59 1.07 -93.93
C GLU AA 177 16.18 2.28 -94.64
N GLU AA 178 15.34 3.03 -95.35
CA GLU AA 178 15.76 4.21 -96.09
C GLU AA 178 14.86 5.37 -95.70
N LYS AA 179 15.46 6.47 -95.25
CA LYS AA 179 14.73 7.66 -94.86
C LYS AA 179 15.20 8.82 -95.73
N CYS AA 180 14.26 9.46 -96.42
CA CYS AA 180 14.54 10.59 -97.29
C CYS AA 180 13.78 11.81 -96.80
N GLY AA 181 14.48 12.94 -96.64
CA GLY AA 181 13.86 14.16 -96.19
C GLY AA 181 14.35 15.38 -96.93
N GLY AA 182 13.41 16.16 -97.48
CA GLY AA 182 13.77 17.36 -98.20
C GLY AA 182 12.95 18.56 -97.78
N ILE AA 183 13.66 19.60 -97.32
CA ILE AA 183 12.99 20.87 -96.95
C ILE AA 183 13.39 21.89 -98.03
N VAL AA 184 12.42 22.52 -98.67
CA VAL AA 184 12.68 23.44 -99.78
C VAL AA 184 11.98 24.75 -99.48
N GLY AA 185 12.74 25.84 -99.48
CA GLY AA 185 12.20 27.17 -99.27
C GLY AA 185 12.57 28.14 -100.38
N ILE AA 186 11.55 28.68 -101.07
CA ILE AA 186 11.90 29.54 -102.24
C ILE AA 186 11.46 31.00 -102.02
N GLN AA 187 12.41 31.94 -102.07
CA GLN AA 187 12.16 33.38 -101.94
C GLN AA 187 11.51 34.18 -103.10
N THR AA 188 10.45 33.60 -103.65
CA THR AA 188 9.83 34.17 -104.84
C THR AA 188 9.23 35.56 -104.79
N LYS AA 189 9.18 36.23 -105.95
CA LYS AA 189 8.65 37.63 -105.96
C LYS AA 189 7.17 37.85 -105.63
N THR AA 190 6.84 38.31 -104.42
CA THR AA 190 5.44 38.57 -103.98
C THR AA 190 4.76 37.23 -103.66
N VAL AA 191 5.54 36.16 -103.57
CA VAL AA 191 4.97 34.82 -103.22
C VAL AA 191 5.90 34.16 -102.20
N GLN AA 192 5.47 34.06 -100.93
CA GLN AA 192 6.32 33.33 -100.00
C GLN AA 192 5.99 31.85 -100.11
N VAL AA 193 7.02 31.04 -100.38
CA VAL AA 193 6.83 29.62 -100.66
C VAL AA 193 7.52 28.79 -99.58
N SER AA 194 6.94 27.63 -99.25
CA SER AA 194 7.53 26.70 -98.30
C SER AA 194 7.08 25.28 -98.62
N ALA AA 195 7.98 24.47 -99.15
CA ALA AA 195 7.66 23.11 -99.59
C ALA AA 195 8.54 22.13 -98.84
N THR AA 196 7.92 21.14 -98.19
CA THR AA 196 8.62 20.11 -97.44
C THR AA 196 8.13 18.75 -97.90
N GLU AA 197 9.09 17.86 -98.19
CA GLU AA 197 8.75 16.47 -98.61
C GLU AA 197 9.55 15.48 -97.75
N ASP AA 198 8.86 14.57 -97.07
CA ASP AA 198 9.48 13.58 -96.21
C ASP AA 198 9.10 12.18 -96.70
N GLY AA 199 10.10 11.35 -96.96
CA GLY AA 199 9.86 10.00 -97.41
C GLY AA 199 10.56 8.96 -96.58
N ASN AA 200 9.79 8.13 -95.87
CA ASN AA 200 10.31 7.07 -95.02
C ASN AA 200 9.93 5.74 -95.64
N VAL AA 201 10.92 4.91 -95.94
CA VAL AA 201 10.71 3.59 -96.51
C VAL AA 201 11.40 2.58 -95.61
N THR AA 202 10.64 1.61 -95.12
CA THR AA 202 11.17 0.51 -94.32
C THR AA 202 10.78 -0.79 -94.98
N LYS AA 203 11.76 -1.59 -95.37
CA LYS AA 203 11.52 -2.84 -96.09
C LYS AA 203 12.24 -3.98 -95.38
N ASP AA 204 11.53 -5.09 -95.19
CA ASP AA 204 12.07 -6.28 -94.57
C ASP AA 204 11.83 -7.47 -95.49
N SER AA 205 12.83 -8.33 -95.61
CA SER AA 205 12.74 -9.54 -96.43
C SER AA 205 13.33 -10.71 -95.65
N ASN AA 206 12.51 -11.35 -94.83
CA ASN AA 206 12.94 -12.54 -94.09
C ASN AA 206 12.68 -13.76 -94.95
N VAL AA 207 13.70 -14.17 -95.72
CA VAL AA 207 13.56 -15.27 -96.65
C VAL AA 207 14.48 -16.43 -96.28
N VAL AA 208 13.90 -17.56 -95.88
CA VAL AA 208 14.65 -18.78 -95.63
C VAL AA 208 14.31 -19.77 -96.75
N LEU AA 209 15.25 -19.99 -97.65
CA LEU AA 209 15.06 -20.86 -98.80
C LEU AA 209 16.10 -21.97 -98.77
N GLU AA 210 15.63 -23.17 -99.09
CA GLU AA 210 16.54 -24.34 -99.10
C GLU AA 210 17.11 -24.52 -100.50
N ILE AA 211 18.20 -25.27 -100.60
CA ILE AA 211 18.87 -25.54 -101.87
C ILE AA 211 18.96 -27.06 -102.02
N PRO AA 212 18.52 -27.63 -103.15
CA PRO AA 212 18.58 -29.08 -103.30
C PRO AA 212 19.99 -29.56 -103.59
N ALA AA 213 20.17 -30.87 -103.47
CA ALA AA 213 21.45 -31.48 -103.83
C ALA AA 213 21.63 -31.46 -105.33
N ALA AA 214 22.86 -31.73 -105.76
CA ALA AA 214 23.32 -31.83 -107.15
C ALA AA 214 23.36 -30.47 -107.85
N THR AA 215 23.13 -29.39 -107.09
CA THR AA 215 23.19 -28.02 -107.67
C THR AA 215 24.62 -27.66 -107.97
N THR AA 216 24.84 -26.79 -108.97
CA THR AA 216 26.19 -26.32 -109.26
C THR AA 216 26.54 -25.12 -108.40
N ILE AA 217 27.67 -25.19 -107.72
CA ILE AA 217 28.12 -24.11 -106.85
C ILE AA 217 29.21 -23.27 -107.52
N ALA AA 218 30.18 -23.92 -108.14
CA ALA AA 218 31.27 -23.22 -108.81
C ALA AA 218 31.67 -23.99 -110.05
N TYR AA 219 32.31 -23.28 -110.98
CA TYR AA 219 32.76 -23.88 -112.22
C TYR AA 219 33.98 -23.12 -112.74
N GLY AA 220 34.96 -23.87 -113.22
CA GLY AA 220 36.14 -23.29 -113.83
C GLY AA 220 36.23 -23.69 -115.29
N VAL AA 221 36.67 -22.75 -116.13
CA VAL AA 221 36.69 -22.95 -117.57
C VAL AA 221 38.14 -22.67 -117.92
N ILE AA 222 38.57 -23.25 -119.04
CA ILE AA 222 39.88 -22.78 -119.61
C ILE AA 222 39.50 -22.33 -121.01
N GLU AA 223 40.06 -21.23 -121.48
CA GLU AA 223 39.65 -20.61 -122.72
C GLU AA 223 40.16 -21.28 -124.00
N LEU AA 224 39.47 -20.96 -125.10
CA LEU AA 224 39.80 -21.59 -126.39
C LEU AA 224 40.47 -20.58 -127.33
N TYR AA 225 41.69 -20.87 -127.75
CA TYR AA 225 42.42 -20.04 -128.71
C TYR AA 225 41.76 -20.16 -130.08
N VAL AA 226 41.18 -19.07 -130.58
CA VAL AA 226 40.45 -19.08 -131.83
C VAL AA 226 41.14 -18.18 -132.84
N LYS AA 227 41.63 -18.78 -133.93
CA LYS AA 227 42.09 -18.02 -135.09
C LYS AA 227 41.15 -18.27 -136.25
N LEU AA 228 40.68 -17.18 -136.87
CA LEU AA 228 39.68 -17.31 -137.95
C LEU AA 228 40.24 -18.13 -139.12
N ASP AA 229 41.56 -18.31 -139.15
CA ASP AA 229 42.16 -19.17 -140.21
C ASP AA 229 41.63 -20.60 -140.03
N GLY AA 230 41.52 -21.06 -138.77
CA GLY AA 230 40.96 -22.39 -138.52
C GLY AA 230 41.76 -23.17 -137.51
N GLN AA 231 42.80 -22.55 -136.94
CA GLN AA 231 43.65 -23.22 -135.97
C GLN AA 231 43.12 -22.98 -134.57
N PHE AA 232 42.86 -24.06 -133.83
CA PHE AA 232 42.31 -23.97 -132.49
C PHE AA 232 43.12 -24.84 -131.55
N GLU AA 233 43.24 -24.37 -130.30
CA GLU AA 233 43.95 -25.09 -129.24
C GLU AA 233 43.41 -24.69 -127.87
N PHE AA 234 42.99 -25.67 -127.07
CA PHE AA 234 42.56 -25.39 -125.71
C PHE AA 234 43.79 -25.25 -124.81
N CYS AA 235 44.19 -24.01 -124.53
CA CYS AA 235 45.41 -23.71 -123.79
C CYS AA 235 45.07 -23.16 -122.42
N LEU AA 236 45.81 -23.59 -121.39
CA LEU AA 236 45.48 -23.17 -119.99
C LEU AA 236 46.30 -21.95 -119.51
N LEU AA 237 47.24 -21.46 -120.33
CA LEU AA 237 48.10 -20.36 -119.89
C LEU AA 237 47.70 -19.10 -120.63
N ARG AA 238 48.15 -17.95 -120.13
CA ARG AA 238 47.81 -16.64 -120.68
C ARG AA 238 48.38 -16.35 -122.07
N GLY AA 239 49.30 -17.20 -122.53
CA GLY AA 239 49.98 -16.96 -123.78
C GLY AA 239 49.09 -16.79 -125.00
N LYS AA 240 48.46 -17.84 -125.44
CA LYS AA 240 47.63 -17.78 -126.67
C LYS AA 240 46.26 -18.43 -126.43
N GLN AA 241 45.32 -17.72 -125.80
CA GLN AA 241 43.96 -18.19 -125.63
C GLN AA 241 42.95 -17.07 -125.85
N GLY AA 242 43.44 -15.88 -126.20
CA GLY AA 242 42.58 -14.71 -126.27
C GLY AA 242 41.71 -14.63 -127.51
N GLY AA 243 42.03 -15.38 -128.55
CA GLY AA 243 41.31 -15.27 -129.80
C GLY AA 243 42.05 -14.34 -130.74
N PHE AA 244 42.24 -14.76 -131.98
CA PHE AA 244 43.02 -14.03 -132.96
C PHE AA 244 42.31 -14.08 -134.30
N GLU AA 245 42.69 -13.20 -135.22
CA GLU AA 245 41.99 -13.14 -136.54
C GLU AA 245 42.81 -13.84 -137.64
N MET BA 1 40.53 -19.26 -93.35
CA MET BA 1 40.72 -19.28 -94.80
C MET BA 1 41.96 -20.09 -95.14
N PHE BA 2 41.86 -20.89 -96.20
CA PHE BA 2 42.90 -21.86 -96.51
C PHE BA 2 44.22 -21.18 -96.85
N ALA BA 3 44.15 -20.02 -97.53
CA ALA BA 3 45.38 -19.33 -97.91
C ALA BA 3 46.18 -18.89 -96.70
N LYS BA 4 45.49 -18.35 -95.69
CA LYS BA 4 46.18 -17.91 -94.48
C LYS BA 4 46.62 -19.09 -93.63
N ALA BA 5 45.82 -20.16 -93.61
CA ALA BA 5 46.14 -21.31 -92.76
C ALA BA 5 47.47 -22.00 -93.07
N THR BA 6 47.74 -22.24 -94.36
CA THR BA 6 49.02 -22.84 -94.73
C THR BA 6 50.18 -21.84 -94.77
N ARG BA 7 49.84 -20.56 -94.95
CA ARG BA 7 50.90 -19.51 -94.93
C ARG BA 7 51.47 -19.49 -93.50
N ASN BA 8 50.58 -19.37 -92.50
CA ASN BA 8 51.04 -19.33 -91.08
C ASN BA 8 51.78 -20.63 -90.76
N PHE BA 9 51.22 -21.77 -91.19
CA PHE BA 9 51.88 -23.08 -90.95
C PHE BA 9 53.32 -23.07 -91.45
N LEU BA 10 53.52 -22.86 -92.76
CA LEU BA 10 54.86 -22.90 -93.30
C LEU BA 10 55.77 -21.85 -92.69
N ARG BA 11 55.19 -20.76 -92.19
CA ARG BA 11 56.00 -19.74 -91.51
C ARG BA 11 56.64 -20.28 -90.24
N GLU BA 12 55.90 -21.08 -89.47
CA GLU BA 12 56.40 -21.54 -88.18
C GLU BA 12 57.18 -22.85 -88.30
N VAL BA 13 56.95 -23.61 -89.37
CA VAL BA 13 57.64 -24.88 -89.51
C VAL BA 13 58.79 -24.71 -90.49
N ASP BA 14 58.50 -24.12 -91.67
CA ASP BA 14 59.54 -23.94 -92.71
C ASP BA 14 60.26 -22.60 -92.51
N ALA BA 15 61.35 -22.59 -91.75
CA ALA BA 15 62.08 -21.37 -91.45
C ALA BA 15 62.86 -20.83 -92.63
N ASP BA 16 63.17 -21.67 -93.63
CA ASP BA 16 63.97 -21.25 -94.77
C ASP BA 16 63.13 -20.83 -95.97
N GLY BA 17 61.82 -21.10 -95.97
CA GLY BA 17 61.00 -20.78 -97.11
C GLY BA 17 61.16 -21.56 -98.39
N ASP BA 18 61.81 -22.72 -98.33
CA ASP BA 18 61.97 -23.58 -99.50
C ASP BA 18 60.70 -24.34 -99.92
N LEU BA 19 59.69 -24.31 -99.06
CA LEU BA 19 58.40 -24.91 -99.33
C LEU BA 19 57.44 -23.75 -99.55
N ILE BA 20 56.42 -24.00 -100.39
CA ILE BA 20 55.46 -22.98 -100.79
C ILE BA 20 54.08 -23.42 -100.35
N ALA BA 21 53.36 -22.53 -99.67
CA ALA BA 21 52.02 -22.84 -99.20
C ALA BA 21 51.03 -22.90 -100.36
N VAL BA 22 50.08 -23.83 -100.26
CA VAL BA 22 49.06 -23.96 -101.29
C VAL BA 22 48.05 -22.84 -101.15
N SER BA 23 47.76 -22.16 -102.27
CA SER BA 23 46.92 -20.96 -102.23
C SER BA 23 45.48 -21.28 -101.85
N ASN BA 24 44.86 -22.27 -102.51
CA ASN BA 24 43.44 -22.53 -102.32
C ASN BA 24 43.19 -24.03 -102.48
N LEU BA 25 41.95 -24.44 -102.20
CA LEU BA 25 41.59 -25.86 -102.31
C LEU BA 25 41.60 -26.20 -103.79
N ASN BA 26 41.38 -25.23 -104.67
CA ASN BA 26 41.45 -25.49 -106.11
C ASN BA 26 42.80 -26.10 -106.50
N ASP BA 27 43.89 -25.44 -106.03
CA ASP BA 27 45.22 -25.97 -106.26
C ASP BA 27 45.62 -27.23 -105.49
N SER BA 28 44.87 -27.58 -104.45
CA SER BA 28 45.19 -28.74 -103.63
C SER BA 28 44.97 -30.08 -104.33
N ASP BA 29 44.20 -30.10 -105.43
CA ASP BA 29 43.96 -31.34 -106.16
C ASP BA 29 44.74 -31.37 -107.47
N LYS BA 30 45.45 -30.30 -107.82
CA LYS BA 30 46.26 -30.26 -109.03
C LYS BA 30 47.72 -30.57 -108.75
N LEU BA 31 48.23 -30.20 -107.57
CA LEU BA 31 49.63 -30.46 -107.23
C LEU BA 31 49.86 -31.94 -106.93
N GLN BA 32 50.68 -32.58 -107.75
CA GLN BA 32 51.06 -33.97 -107.57
C GLN BA 32 52.57 -34.10 -107.69
N LEU BA 33 53.08 -35.26 -107.30
CA LEU BA 33 54.52 -35.49 -107.30
C LEU BA 33 54.98 -35.47 -108.75
N LEU BA 34 56.12 -34.83 -109.00
CA LEU BA 34 56.73 -34.74 -110.33
C LEU BA 34 55.84 -34.23 -111.46
N SER BA 35 54.93 -33.31 -111.15
CA SER BA 35 54.16 -32.63 -112.19
C SER BA 35 54.88 -31.31 -112.32
N LEU BA 36 54.81 -30.71 -113.50
CA LEU BA 36 55.55 -29.47 -113.77
C LEU BA 36 54.78 -28.19 -113.42
N VAL BA 37 55.49 -27.21 -112.86
CA VAL BA 37 54.92 -25.93 -112.49
C VAL BA 37 55.85 -24.89 -113.07
N THR BA 38 55.36 -23.65 -113.13
CA THR BA 38 56.12 -22.54 -113.68
C THR BA 38 55.97 -21.35 -112.74
N LYS BA 39 57.12 -20.77 -112.39
CA LYS BA 39 57.13 -19.57 -111.52
C LYS BA 39 57.56 -18.36 -112.37
N LYS BA 40 56.80 -17.27 -112.29
CA LYS BA 40 57.10 -16.06 -113.02
C LYS BA 40 58.02 -15.17 -112.19
N LYS BA 41 59.22 -14.92 -112.71
CA LYS BA 41 60.24 -14.15 -111.99
C LYS BA 41 60.15 -12.65 -112.28
N ARG BA 42 59.13 -12.21 -113.02
CA ARG BA 42 58.95 -10.79 -113.28
C ARG BA 42 58.76 -9.99 -111.99
N PHE BA 43 58.05 -10.56 -111.03
CA PHE BA 43 57.85 -9.90 -109.74
C PHE BA 43 59.17 -9.85 -108.96
N TRP BA 44 59.31 -8.83 -108.14
CA TRP BA 44 60.53 -8.60 -107.38
C TRP BA 44 60.44 -9.35 -106.04
N CYS BA 45 61.36 -9.08 -105.12
CA CYS BA 45 61.31 -9.71 -103.81
C CYS BA 45 60.11 -9.22 -103.01
N TRP BA 46 59.50 -8.11 -103.45
CA TRP BA 46 58.33 -7.55 -102.78
C TRP BA 46 57.15 -8.51 -102.77
N GLN BA 47 56.89 -9.21 -103.87
CA GLN BA 47 55.79 -10.16 -103.95
C GLN BA 47 56.33 -11.55 -104.25
N ARG BA 48 55.56 -12.56 -103.86
CA ARG BA 48 55.96 -13.93 -104.12
C ARG BA 48 55.93 -14.21 -105.62
N PRO BA 49 56.80 -15.09 -106.13
CA PRO BA 49 56.73 -15.45 -107.54
C PRO BA 49 55.39 -16.09 -107.88
N LYS BA 50 54.89 -15.78 -109.08
CA LYS BA 50 53.60 -16.30 -109.53
C LYS BA 50 53.80 -17.73 -110.01
N TYR BA 51 53.17 -18.68 -109.32
CA TYR BA 51 53.31 -20.10 -109.63
C TYR BA 51 52.07 -20.58 -110.36
N GLN BA 52 52.27 -21.19 -111.53
CA GLN BA 52 51.19 -21.74 -112.34
C GLN BA 52 51.55 -23.16 -112.75
N PHE BA 53 50.56 -24.04 -112.74
CA PHE BA 53 50.76 -25.47 -112.92
C PHE BA 53 50.32 -25.89 -114.31
N LEU BA 54 51.21 -26.56 -115.04
CA LEU BA 54 50.86 -27.14 -116.31
C LEU BA 54 50.15 -28.48 -116.11
N SER BA 55 49.23 -28.78 -117.03
CA SER BA 55 48.46 -30.02 -116.94
C SER BA 55 49.33 -31.23 -117.25
N LEU BA 56 50.46 -31.01 -117.91
CA LEU BA 56 51.36 -32.07 -118.30
C LEU BA 56 52.27 -32.46 -117.15
N THR BA 57 52.97 -33.59 -117.30
CA THR BA 57 53.92 -34.06 -116.31
C THR BA 57 55.27 -34.26 -116.99
N LEU BA 58 56.21 -34.83 -116.24
CA LEU BA 58 57.54 -35.08 -116.79
C LEU BA 58 57.46 -36.08 -117.95
N GLY BA 59 56.83 -37.22 -117.73
CA GLY BA 59 56.71 -38.21 -118.79
C GLY BA 59 55.95 -37.70 -120.00
N ASP BA 60 55.11 -36.68 -119.79
CA ASP BA 60 54.38 -36.08 -120.90
C ASP BA 60 55.28 -35.22 -121.76
N VAL BA 61 56.37 -34.71 -121.20
CA VAL BA 61 57.26 -33.79 -121.92
C VAL BA 61 58.63 -34.38 -122.20
N LEU BA 62 58.98 -35.54 -121.64
CA LEU BA 62 60.25 -36.17 -121.97
C LEU BA 62 60.29 -36.57 -123.43
N ILE BA 63 59.43 -37.53 -123.81
CA ILE BA 63 59.28 -38.00 -125.18
C ILE BA 63 60.55 -38.66 -125.69
N GLU BA 64 61.69 -37.98 -125.53
CA GLU BA 64 62.94 -38.48 -126.09
C GLU BA 64 63.37 -39.81 -125.46
N ASP BA 65 63.23 -39.95 -124.15
CA ASP BA 65 63.69 -41.14 -123.45
C ASP BA 65 62.64 -41.55 -122.42
N GLN BA 66 62.76 -42.80 -121.97
CA GLN BA 66 61.77 -43.38 -121.07
C GLN BA 66 61.72 -42.85 -119.64
N PHE BA 67 60.53 -42.94 -119.04
CA PHE BA 67 60.28 -42.46 -117.67
C PHE BA 67 60.91 -43.14 -116.46
N PRO BA 68 61.84 -42.48 -115.76
CA PRO BA 68 62.48 -43.17 -114.61
C PRO BA 68 61.58 -43.35 -113.41
N SER BA 69 61.43 -44.59 -112.95
CA SER BA 69 60.43 -44.90 -111.94
C SER BA 69 60.76 -44.09 -110.68
N PRO BA 70 59.79 -43.40 -110.10
CA PRO BA 70 60.11 -42.65 -108.86
C PRO BA 70 60.44 -43.34 -107.57
N VAL BA 71 61.21 -42.68 -106.72
CA VAL BA 71 61.54 -43.20 -105.39
C VAL BA 71 60.78 -42.35 -104.37
N VAL BA 72 59.53 -42.74 -104.11
CA VAL BA 72 58.68 -41.99 -103.19
C VAL BA 72 58.88 -42.59 -101.81
N VAL BA 73 59.20 -41.74 -100.84
CA VAL BA 73 59.40 -42.15 -99.46
C VAL BA 73 58.44 -41.33 -98.61
N GLU BA 74 57.71 -42.02 -97.74
CA GLU BA 74 56.69 -41.34 -96.90
C GLU BA 74 57.23 -41.09 -95.48
N SER BA 75 57.21 -39.84 -95.04
CA SER BA 75 57.63 -39.46 -93.71
C SER BA 75 56.59 -38.51 -93.13
N ASP BA 76 56.25 -38.71 -91.86
CA ASP BA 76 55.25 -37.90 -91.16
C ASP BA 76 55.93 -37.05 -90.10
N PHE BA 77 55.43 -35.83 -89.93
CA PHE BA 77 56.06 -34.90 -88.96
C PHE BA 77 55.16 -33.71 -88.73
N VAL BA 78 55.42 -32.92 -87.68
CA VAL BA 78 54.66 -31.64 -87.51
C VAL BA 78 53.13 -31.86 -87.58
N LYS BA 79 52.57 -32.76 -86.77
CA LYS BA 79 51.09 -32.89 -86.84
C LYS BA 79 50.56 -31.49 -86.49
N TYR BA 80 51.14 -30.81 -85.51
CA TYR BA 80 50.84 -29.36 -85.27
C TYR BA 80 49.43 -29.00 -84.82
N GLU BA 81 49.25 -27.72 -84.46
CA GLU BA 81 48.02 -27.12 -83.99
C GLU BA 81 48.26 -25.62 -83.93
N GLY BA 82 47.45 -24.86 -84.64
CA GLY BA 82 47.69 -23.43 -84.74
C GLY BA 82 46.47 -22.59 -84.43
N LYS BA 83 46.62 -21.65 -83.50
CA LYS BA 83 45.59 -20.68 -83.17
C LYS BA 83 46.15 -19.28 -83.42
N PHE BA 84 45.39 -18.47 -84.16
CA PHE BA 84 45.88 -17.17 -84.60
C PHE BA 84 44.80 -16.12 -84.40
N ALA BA 85 44.91 -15.35 -83.33
CA ALA BA 85 43.98 -14.26 -83.04
C ALA BA 85 44.65 -12.93 -83.37
N ASN BA 86 44.29 -12.35 -84.51
CA ASN BA 86 44.92 -11.14 -85.01
C ASN BA 86 43.94 -9.98 -84.95
N HIS BA 87 44.34 -8.89 -84.33
CA HIS BA 87 43.55 -7.68 -84.23
C HIS BA 87 44.28 -6.54 -84.94
N VAL BA 88 43.64 -5.95 -85.94
CA VAL BA 88 44.21 -4.85 -86.70
C VAL BA 88 43.22 -3.69 -86.66
N SER BA 89 43.67 -2.54 -86.17
CA SER BA 89 42.86 -1.34 -86.12
C SER BA 89 43.64 -0.17 -86.72
N GLY BA 90 43.08 0.46 -87.75
CA GLY BA 90 43.74 1.59 -88.37
C GLY BA 90 42.79 2.74 -88.65
N THR BA 91 43.07 3.91 -88.09
CA THR BA 91 42.22 5.08 -88.23
C THR BA 91 43.00 6.13 -89.00
N LEU BA 92 42.40 6.65 -90.06
CA LEU BA 92 43.00 7.71 -90.87
C LEU BA 92 42.13 8.94 -90.74
N GLU BA 93 42.73 10.06 -90.34
CA GLU BA 93 42.01 11.31 -90.14
C GLU BA 93 42.74 12.38 -90.95
N THR BA 94 42.04 12.93 -91.94
CA THR BA 94 42.60 13.94 -92.82
C THR BA 94 41.67 15.13 -92.86
N ALA BA 95 42.25 16.34 -92.88
CA ALA BA 95 41.49 17.59 -92.91
C ALA BA 95 42.27 18.58 -93.77
N LEU BA 96 41.72 18.91 -94.93
CA LEU BA 96 42.33 19.87 -95.85
C LEU BA 96 41.28 20.92 -96.19
N GLY BA 97 41.45 22.12 -95.66
CA GLY BA 97 40.59 23.23 -96.02
C GLY BA 97 39.12 22.94 -95.81
N LYS BA 98 38.38 22.93 -96.93
CA LYS BA 98 36.93 22.72 -96.87
C LYS BA 98 36.58 21.33 -96.36
N VAL BA 99 37.31 20.31 -96.81
CA VAL BA 99 36.96 18.92 -96.58
C VAL BA 99 37.62 18.37 -95.32
N LYS BA 100 36.80 17.91 -94.38
CA LYS BA 100 37.25 17.10 -93.25
C LYS BA 100 36.84 15.63 -93.23
N LEU BA 101 37.82 14.73 -93.16
CA LEU BA 101 37.59 13.30 -93.31
C LEU BA 101 38.05 12.56 -92.07
N ASN BA 102 37.14 11.78 -91.48
CA ASN BA 102 37.46 10.92 -90.34
C ASN BA 102 37.14 9.48 -90.73
N LEU BA 103 38.14 8.61 -90.66
CA LEU BA 103 38.00 7.21 -91.03
C LEU BA 103 38.53 6.33 -89.92
N GLY BA 104 37.75 5.32 -89.54
CA GLY BA 104 38.18 4.37 -88.55
C GLY BA 104 37.86 2.93 -88.92
N GLY BA 105 38.90 2.11 -89.10
CA GLY BA 105 38.69 0.73 -89.51
C GLY BA 105 39.26 -0.28 -88.55
N SER BA 106 38.40 -1.11 -87.98
CA SER BA 106 38.81 -2.13 -87.02
C SER BA 106 38.54 -3.50 -87.63
N SER BA 107 39.59 -4.33 -87.71
CA SER BA 107 39.48 -5.67 -88.28
C SER BA 107 40.01 -6.69 -87.28
N ARG BA 108 39.19 -7.69 -86.97
CA ARG BA 108 39.57 -8.77 -86.08
C ARG BA 108 39.48 -10.10 -86.83
N VAL BA 109 40.57 -10.86 -86.81
CA VAL BA 109 40.62 -12.17 -87.45
C VAL BA 109 41.12 -13.17 -86.42
N GLU BA 110 40.34 -14.22 -86.18
CA GLU BA 110 40.71 -15.30 -85.27
C GLU BA 110 40.65 -16.57 -86.10
N SER BA 111 41.78 -16.94 -86.69
CA SER BA 111 41.86 -18.09 -87.58
C SER BA 111 42.53 -19.24 -86.85
N GLN BA 112 41.74 -20.23 -86.46
CA GLN BA 112 42.26 -21.45 -85.86
C GLN BA 112 42.58 -22.46 -86.95
N SER BA 113 43.80 -22.99 -86.94
CA SER BA 113 44.28 -23.91 -87.95
C SER BA 113 44.72 -25.20 -87.26
N SER BA 114 43.76 -26.09 -87.05
CA SER BA 114 44.03 -27.37 -86.40
C SER BA 114 44.23 -28.41 -87.49
N PHE BA 115 45.36 -29.10 -87.46
CA PHE BA 115 45.73 -30.09 -88.47
C PHE BA 115 46.11 -31.38 -87.79
N GLY BA 116 45.95 -32.50 -88.51
CA GLY BA 116 46.36 -33.79 -88.00
C GLY BA 116 47.80 -34.12 -88.35
N THR BA 117 48.10 -35.41 -88.35
CA THR BA 117 49.44 -35.88 -88.70
C THR BA 117 49.75 -35.59 -90.16
N LEU BA 118 50.70 -34.67 -90.40
CA LEU BA 118 51.05 -34.31 -91.77
C LEU BA 118 52.21 -35.16 -92.25
N ARG BA 119 52.06 -35.66 -93.48
CA ARG BA 119 53.08 -36.59 -94.04
C ARG BA 119 53.78 -35.96 -95.24
N LYS BA 120 55.08 -36.26 -95.38
CA LYS BA 120 55.88 -35.74 -96.51
C LYS BA 120 56.16 -36.87 -97.50
N GLN BA 121 56.03 -36.58 -98.79
CA GLN BA 121 56.28 -37.53 -99.87
C GLN BA 121 57.30 -36.91 -100.81
N GLU BA 122 58.57 -37.24 -100.61
CA GLU BA 122 59.66 -36.70 -101.42
C GLU BA 122 60.13 -37.73 -102.43
N VAL BA 123 60.46 -37.26 -103.63
CA VAL BA 123 60.95 -38.11 -104.70
C VAL BA 123 62.47 -38.09 -104.68
N ASP BA 124 63.08 -39.22 -105.06
CA ASP BA 124 64.54 -39.32 -105.11
C ASP BA 124 65.18 -38.26 -105.99
N LEU BA 125 65.99 -37.38 -105.38
CA LEU BA 125 66.64 -36.32 -106.14
C LEU BA 125 67.61 -36.88 -107.19
N GLN BA 126 68.27 -37.99 -106.87
CA GLN BA 126 69.14 -38.64 -107.85
C GLN BA 126 68.46 -39.19 -109.10
N GLN BA 127 67.26 -39.75 -108.95
CA GLN BA 127 66.46 -40.08 -110.14
C GLN BA 127 66.16 -38.83 -110.95
N LEU BA 128 65.98 -37.70 -110.26
CA LEU BA 128 65.64 -36.46 -110.93
C LEU BA 128 66.78 -35.98 -111.82
N ILE BA 129 68.03 -36.20 -111.40
CA ILE BA 129 69.17 -35.66 -112.13
C ILE BA 129 69.59 -36.60 -113.25
N ARG BA 130 69.35 -37.91 -113.09
CA ARG BA 130 69.88 -38.88 -114.06
C ARG BA 130 69.29 -38.66 -115.45
N ASP BA 131 67.97 -38.56 -115.55
CA ASP BA 131 67.35 -38.36 -116.85
C ASP BA 131 67.66 -36.97 -117.40
N SER BA 132 67.68 -35.96 -116.52
CA SER BA 132 67.88 -34.58 -116.95
C SER BA 132 69.24 -34.37 -117.61
N ALA BA 133 70.32 -34.91 -117.03
CA ALA BA 133 71.65 -34.73 -117.58
C ALA BA 133 71.82 -35.34 -118.97
N GLU BA 134 70.93 -36.25 -119.36
CA GLU BA 134 70.95 -36.86 -120.68
C GLU BA 134 69.91 -36.20 -121.57
N ARG BA 135 70.00 -36.50 -122.87
CA ARG BA 135 69.06 -35.96 -123.85
C ARG BA 135 67.74 -36.69 -123.70
N THR BA 136 66.93 -36.22 -122.76
CA THR BA 136 65.68 -36.87 -122.40
C THR BA 136 64.44 -36.03 -122.68
N ILE BA 137 64.55 -34.71 -122.69
CA ILE BA 137 63.41 -33.81 -122.89
C ILE BA 137 63.46 -33.27 -124.32
N ASN BA 138 62.36 -33.40 -125.05
CA ASN BA 138 62.30 -32.89 -126.41
C ASN BA 138 62.32 -31.37 -126.40
N LEU BA 139 62.95 -30.79 -127.43
CA LEU BA 139 63.13 -29.34 -127.46
C LEU BA 139 61.83 -28.62 -127.78
N ARG BA 140 61.06 -29.15 -128.73
CA ARG BA 140 59.85 -28.50 -129.22
C ARG BA 140 58.62 -29.32 -128.79
N ASN BA 141 57.66 -28.64 -128.18
CA ASN BA 141 56.40 -29.22 -127.78
C ASN BA 141 55.26 -28.29 -128.21
N PRO BA 142 54.10 -28.84 -128.58
CA PRO BA 142 52.96 -27.95 -128.89
C PRO BA 142 52.56 -27.07 -127.71
N VAL BA 143 52.81 -27.57 -126.49
CA VAL BA 143 52.51 -26.75 -125.28
C VAL BA 143 53.85 -26.24 -124.74
N LEU BA 144 53.86 -25.21 -123.89
CA LEU BA 144 55.09 -24.65 -123.24
C LEU BA 144 55.75 -23.57 -124.13
N GLN BA 145 55.25 -23.41 -125.36
CA GLN BA 145 55.78 -22.31 -126.22
C GLN BA 145 55.57 -20.95 -125.54
N GLN BA 146 54.39 -20.73 -124.97
CA GLN BA 146 54.07 -19.45 -124.30
C GLN BA 146 55.01 -19.24 -123.10
N VAL BA 147 55.58 -20.32 -122.56
CA VAL BA 147 56.54 -20.20 -121.46
C VAL BA 147 57.84 -19.61 -121.97
N LEU BA 148 58.34 -20.11 -123.10
CA LEU BA 148 59.57 -19.57 -123.68
C LEU BA 148 59.38 -18.11 -124.11
N GLU BA 149 58.24 -17.80 -124.72
CA GLU BA 149 57.90 -16.42 -125.04
C GLU BA 149 57.45 -15.69 -123.78
N GLY BA 150 58.42 -15.08 -123.10
CA GLY BA 150 58.20 -14.68 -121.74
C GLY BA 150 59.32 -15.24 -120.89
N ARG BA 151 60.55 -15.25 -121.42
CA ARG BA 151 61.70 -15.90 -120.72
C ARG BA 151 61.51 -15.82 -119.19
N ASN BA 152 61.40 -14.62 -118.63
CA ASN BA 152 61.08 -14.45 -117.22
C ASN BA 152 60.43 -15.52 -116.36
N GLU BA 153 59.43 -16.23 -116.90
CA GLU BA 153 58.85 -17.38 -116.24
C GLU BA 153 59.56 -18.65 -116.73
N VAL BA 154 59.91 -19.53 -115.79
CA VAL BA 154 60.68 -20.73 -116.10
C VAL BA 154 59.93 -21.94 -115.54
N LEU BA 155 60.14 -23.09 -116.19
CA LEU BA 155 59.49 -24.33 -115.80
C LEU BA 155 60.21 -24.96 -114.61
N CYS BA 156 59.43 -25.51 -113.68
CA CYS BA 156 59.96 -26.20 -112.52
C CYS BA 156 59.19 -27.51 -112.41
N VAL BA 157 59.75 -28.42 -111.61
CA VAL BA 157 59.11 -29.75 -111.40
C VAL BA 157 58.98 -29.98 -109.89
N LEU BA 158 57.79 -30.38 -109.45
CA LEU BA 158 57.55 -30.64 -108.03
C LEU BA 158 58.30 -31.88 -107.57
N THR BA 159 58.92 -31.79 -106.39
CA THR BA 159 59.64 -32.90 -105.79
C THR BA 159 59.37 -33.20 -104.31
N GLN BA 160 58.89 -32.18 -103.59
CA GLN BA 160 58.52 -32.35 -102.17
C GLN BA 160 57.03 -32.03 -102.02
N LYS BA 161 56.32 -32.73 -101.13
CA LYS BA 161 54.90 -32.52 -100.96
C LYS BA 161 54.52 -32.90 -99.54
N ILE BA 162 53.77 -32.04 -98.86
CA ILE BA 162 53.27 -32.30 -97.53
C ILE BA 162 51.76 -32.52 -97.63
N THR BA 163 51.30 -33.66 -97.14
CA THR BA 163 49.90 -34.07 -97.25
C THR BA 163 49.37 -34.50 -95.89
N THR BA 164 48.14 -34.07 -95.59
CA THR BA 164 47.49 -34.44 -94.34
C THR BA 164 46.76 -35.77 -94.46
N MET BA 165 46.57 -36.44 -93.32
CA MET BA 165 45.92 -37.74 -93.28
C MET BA 165 44.61 -37.74 -92.50
N GLN BA 166 44.32 -36.67 -91.77
CA GLN BA 166 43.13 -36.60 -90.94
C GLN BA 166 42.37 -35.34 -91.34
N LYS BA 167 41.04 -35.45 -91.23
CA LYS BA 167 40.17 -34.28 -91.54
C LYS BA 167 40.66 -33.10 -90.69
N CYS BA 168 41.01 -32.01 -91.36
CA CYS BA 168 41.53 -30.83 -90.68
C CYS BA 168 40.45 -29.79 -90.45
N VAL BA 169 40.67 -28.96 -89.42
CA VAL BA 169 39.71 -27.96 -88.99
C VAL BA 169 40.31 -26.57 -89.17
N ILE BA 170 39.60 -25.70 -89.88
CA ILE BA 170 40.00 -24.32 -90.06
C ILE BA 170 38.81 -23.46 -89.66
N SER BA 171 38.75 -23.09 -88.38
CA SER BA 171 37.67 -22.26 -87.85
C SER BA 171 38.09 -20.80 -87.97
N GLU BA 172 37.57 -20.11 -88.97
CA GLU BA 172 37.93 -18.73 -89.26
C GLU BA 172 36.83 -17.80 -88.77
N HIS BA 173 37.20 -16.84 -87.93
CA HIS BA 173 36.30 -15.77 -87.51
C HIS BA 173 36.88 -14.46 -88.01
N MET BA 174 36.12 -13.74 -88.82
CA MET BA 174 36.57 -12.50 -89.43
C MET BA 174 35.53 -11.42 -89.15
N GLN BA 175 35.80 -10.57 -88.17
CA GLN BA 175 34.96 -9.42 -87.86
C GLN BA 175 35.63 -8.17 -88.43
N VAL BA 176 34.92 -7.47 -89.30
CA VAL BA 176 35.44 -6.29 -89.99
C VAL BA 176 34.50 -5.13 -89.69
N GLU BA 177 35.01 -4.08 -89.06
CA GLU BA 177 34.25 -2.88 -88.80
C GLU BA 177 34.97 -1.69 -89.43
N GLU BA 178 34.27 -0.99 -90.32
CA GLU BA 178 34.82 0.17 -91.03
C GLU BA 178 33.84 1.32 -90.88
N LYS BA 179 34.34 2.45 -90.37
CA LYS BA 179 33.53 3.65 -90.20
C LYS BA 179 34.15 4.78 -91.01
N CYS BA 180 33.37 5.36 -91.90
CA CYS BA 180 33.81 6.46 -92.76
C CYS BA 180 32.94 7.69 -92.49
N GLY BA 181 33.60 8.83 -92.24
CA GLY BA 181 32.88 10.06 -91.99
C GLY BA 181 33.50 11.26 -92.67
N GLY BA 182 32.68 11.99 -93.44
CA GLY BA 182 33.17 13.17 -94.13
C GLY BA 182 32.26 14.36 -93.94
N ILE BA 183 32.86 15.44 -93.39
CA ILE BA 183 32.12 16.71 -93.23
C ILE BA 183 32.73 17.69 -94.25
N VAL BA 184 31.89 18.26 -95.11
CA VAL BA 184 32.35 19.14 -96.18
C VAL BA 184 31.60 20.45 -96.10
N GLY BA 185 32.34 21.55 -95.99
CA GLY BA 185 31.75 22.88 -95.96
C GLY BA 185 32.33 23.81 -97.02
N ILE BA 186 31.47 24.29 -97.93
CA ILE BA 186 32.04 25.11 -99.05
C ILE BA 186 31.53 26.57 -98.99
N GLN BA 187 32.47 27.52 -98.89
CA GLN BA 187 32.20 28.96 -98.88
C GLN BA 187 31.79 29.69 -100.19
N THR BA 188 30.86 29.07 -100.91
CA THR BA 188 30.48 29.57 -102.23
C THR BA 188 29.88 30.95 -102.38
N LYS BA 189 30.06 31.57 -103.54
CA LYS BA 189 29.53 32.96 -103.72
C LYS BA 189 28.01 33.16 -103.72
N THR BA 190 27.44 33.67 -102.62
CA THR BA 190 25.98 33.92 -102.47
C THR BA 190 25.26 32.59 -102.25
N VAL BA 191 26.01 31.53 -101.94
CA VAL BA 191 25.40 30.20 -101.66
C VAL BA 191 26.10 29.60 -100.43
N GLN BA 192 25.43 29.55 -99.28
CA GLN BA 192 26.08 28.89 -98.15
C GLN BA 192 25.80 27.40 -98.26
N VAL BA 193 26.87 26.60 -98.28
CA VAL BA 193 26.75 25.16 -98.52
C VAL BA 193 27.22 24.39 -97.29
N SER BA 194 26.58 23.26 -97.03
CA SER BA 194 26.98 22.37 -95.94
C SER BA 194 26.61 20.93 -96.27
N ALA BA 195 27.62 20.10 -96.57
CA ALA BA 195 27.41 18.72 -96.99
C ALA BA 195 28.13 17.79 -96.03
N THR BA 196 27.40 16.83 -95.48
CA THR BA 196 27.95 15.84 -94.56
C THR BA 196 27.57 14.45 -95.04
N GLU BA 197 28.58 13.57 -95.08
CA GLU BA 197 28.34 12.15 -95.49
C GLU BA 197 28.96 11.22 -94.44
N ASP BA 198 28.15 10.33 -93.88
CA ASP BA 198 28.60 9.39 -92.85
C ASP BA 198 28.34 7.98 -93.35
N GLY BA 199 29.39 7.15 -93.36
CA GLY BA 199 29.25 5.77 -93.79
C GLY BA 199 29.77 4.78 -92.77
N ASN BA 200 28.89 3.97 -92.20
CA ASN BA 200 29.24 2.96 -91.21
C ASN BA 200 28.99 1.60 -91.84
N VAL BA 201 30.05 0.78 -91.88
CA VAL BA 201 29.96 -0.57 -92.43
C VAL BA 201 30.47 -1.53 -91.35
N THR BA 202 29.63 -2.49 -90.98
CA THR BA 202 30.00 -3.54 -90.04
C THR BA 202 29.76 -4.88 -90.70
N LYS BA 203 30.82 -5.68 -90.85
CA LYS BA 203 30.74 -6.96 -91.54
C LYS BA 203 31.30 -8.05 -90.64
N ASP BA 204 30.59 -9.17 -90.55
CA ASP BA 204 31.00 -10.32 -89.77
C ASP BA 204 30.96 -11.56 -90.66
N SER BA 205 31.98 -12.40 -90.54
CA SER BA 205 32.06 -13.65 -91.30
C SER BA 205 32.51 -14.76 -90.36
N ASN BA 206 31.54 -15.39 -89.70
CA ASN BA 206 31.81 -16.53 -88.82
C ASN BA 206 31.76 -17.80 -89.67
N VAL BA 207 32.90 -18.22 -90.19
CA VAL BA 207 32.96 -19.36 -91.07
C VAL BA 207 33.80 -20.48 -90.47
N VAL BA 208 33.15 -21.61 -90.14
CA VAL BA 208 33.87 -22.80 -89.69
C VAL BA 208 33.76 -23.84 -90.80
N LEU BA 209 34.88 -24.09 -91.49
CA LEU BA 209 34.92 -25.01 -92.60
C LEU BA 209 35.95 -26.10 -92.31
N GLU BA 210 35.57 -27.33 -92.66
CA GLU BA 210 36.47 -28.48 -92.43
C GLU BA 210 37.32 -28.71 -93.69
N ILE BA 211 38.41 -29.44 -93.52
CA ILE BA 211 39.33 -29.76 -94.61
C ILE BA 211 39.46 -31.28 -94.67
N PRO BA 212 39.26 -31.90 -95.84
CA PRO BA 212 39.36 -33.36 -95.91
C PRO BA 212 40.81 -33.83 -95.88
N ALA BA 213 40.98 -35.13 -95.66
CA ALA BA 213 42.30 -35.72 -95.71
C ALA BA 213 42.79 -35.77 -97.17
N ALA BA 214 44.08 -36.04 -97.32
CA ALA BA 214 44.82 -36.18 -98.58
C ALA BA 214 44.97 -34.86 -99.33
N THR BA 215 44.59 -33.75 -98.68
CA THR BA 215 44.75 -32.41 -99.30
C THR BA 215 46.21 -32.03 -99.32
N THR BA 216 46.62 -31.21 -100.29
CA THR BA 216 48.01 -30.73 -100.33
C THR BA 216 48.15 -29.48 -99.48
N ILE BA 217 49.12 -29.49 -98.57
CA ILE BA 217 49.38 -28.37 -97.69
C ILE BA 217 50.56 -27.54 -98.16
N ALA BA 218 51.65 -28.21 -98.55
CA ALA BA 218 52.85 -27.51 -99.01
C ALA BA 218 53.50 -28.32 -100.11
N TYR BA 219 54.31 -27.64 -100.93
CA TYR BA 219 55.01 -28.30 -102.02
C TYR BA 219 56.30 -27.54 -102.32
N GLY BA 220 57.36 -28.28 -102.56
CA GLY BA 220 58.64 -27.71 -102.94
C GLY BA 220 59.02 -28.18 -104.34
N VAL BA 221 59.62 -27.27 -105.12
CA VAL BA 221 59.93 -27.54 -106.50
C VAL BA 221 61.42 -27.24 -106.57
N ILE BA 222 62.07 -27.86 -107.55
CA ILE BA 222 63.46 -27.39 -107.86
C ILE BA 222 63.37 -27.02 -109.33
N GLU BA 223 64.00 -25.92 -109.73
CA GLU BA 223 63.85 -25.37 -111.06
C GLU BA 223 64.61 -26.09 -112.17
N LEU BA 224 64.16 -25.84 -113.41
CA LEU BA 224 64.74 -26.52 -114.58
C LEU BA 224 65.58 -25.54 -115.41
N TYR BA 225 66.87 -25.82 -115.56
CA TYR BA 225 67.76 -25.02 -116.39
C TYR BA 225 67.39 -25.22 -117.85
N VAL BA 226 66.93 -24.16 -118.51
CA VAL BA 226 66.46 -24.24 -119.88
C VAL BA 226 67.33 -23.38 -120.78
N LYS BA 227 68.03 -24.02 -121.72
CA LYS BA 227 68.72 -23.30 -122.78
C LYS BA 227 68.03 -23.62 -124.11
N LEU BA 228 67.68 -22.57 -124.86
CA LEU BA 228 66.91 -22.76 -126.12
C LEU BA 228 67.72 -23.63 -127.10
N ASP BA 229 69.02 -23.79 -126.86
CA ASP BA 229 69.84 -24.68 -127.73
C ASP BA 229 69.29 -26.10 -127.60
N GLY BA 230 68.93 -26.51 -126.37
CA GLY BA 230 68.33 -27.84 -126.17
C GLY BA 230 68.93 -28.56 -124.97
N GLN BA 231 69.82 -27.89 -124.24
CA GLN BA 231 70.47 -28.50 -123.10
C GLN BA 231 69.67 -28.21 -121.84
N PHE BA 232 69.28 -29.26 -121.12
CA PHE BA 232 68.46 -29.11 -119.92
C PHE BA 232 69.08 -29.93 -118.79
N GLU BA 233 68.94 -29.40 -117.57
CA GLU BA 233 69.42 -30.06 -116.36
C GLU BA 233 68.60 -29.60 -115.15
N PHE BA 234 68.05 -30.55 -114.41
CA PHE BA 234 67.35 -30.22 -113.16
C PHE BA 234 68.36 -30.02 -112.05
N CYS BA 235 68.69 -28.76 -111.75
CA CYS BA 235 69.73 -28.41 -110.80
C CYS BA 235 69.12 -27.80 -109.55
N LEU BA 236 69.63 -28.17 -108.37
CA LEU BA 236 69.04 -27.69 -107.10
C LEU BA 236 69.73 -26.44 -106.52
N LEU BA 237 70.80 -25.97 -107.14
CA LEU BA 237 71.54 -24.83 -106.61
C LEU BA 237 71.29 -23.61 -107.48
N ARG BA 238 71.62 -22.43 -106.94
CA ARG BA 238 71.39 -21.15 -107.61
C ARG BA 238 72.22 -20.92 -108.87
N GLY BA 239 73.22 -21.77 -109.09
CA GLY BA 239 74.15 -21.58 -110.20
C GLY BA 239 73.52 -21.48 -111.58
N LYS BA 240 73.00 -22.56 -112.08
CA LYS BA 240 72.43 -22.57 -113.46
C LYS BA 240 71.05 -23.24 -113.46
N GLN BA 241 70.00 -22.51 -113.07
CA GLN BA 241 68.62 -23.00 -113.15
C GLN BA 241 67.68 -21.91 -113.62
N GLY BA 242 68.21 -20.73 -113.93
CA GLY BA 242 67.38 -19.58 -114.23
C GLY BA 242 66.77 -19.57 -115.61
N GLY BA 243 67.31 -20.37 -116.53
CA GLY BA 243 66.86 -20.32 -117.90
C GLY BA 243 67.76 -19.43 -118.72
N PHE BA 244 68.20 -19.90 -119.89
CA PHE BA 244 69.15 -19.20 -120.72
C PHE BA 244 68.73 -19.33 -122.17
N GLU BA 245 69.28 -18.47 -123.04
CA GLU BA 245 68.87 -18.49 -124.47
C GLU BA 245 69.89 -19.23 -125.34
N MET CA 1 58.79 -22.69 -82.21
CA MET CA 1 59.27 -22.77 -83.59
C MET CA 1 60.56 -23.57 -83.64
N PHE CA 2 60.69 -24.42 -84.66
CA PHE CA 2 61.79 -25.38 -84.70
C PHE CA 2 63.14 -24.69 -84.80
N ALA CA 3 63.20 -23.57 -85.53
CA ALA CA 3 64.47 -22.87 -85.70
C ALA CA 3 65.00 -22.35 -84.37
N LYS CA 4 64.12 -21.79 -83.54
CA LYS CA 4 64.54 -21.28 -82.24
C LYS CA 4 64.82 -22.41 -81.27
N ALA CA 5 64.04 -23.49 -81.35
CA ALA CA 5 64.19 -24.59 -80.40
C ALA CA 5 65.56 -25.28 -80.41
N THR CA 6 66.09 -25.57 -81.60
CA THR CA 6 67.43 -26.16 -81.67
C THR CA 6 68.56 -25.14 -81.52
N ARG CA 7 68.25 -23.88 -81.83
CA ARG CA 7 69.27 -22.80 -81.65
C ARG CA 7 69.53 -22.71 -80.15
N ASN CA 8 68.48 -22.57 -79.35
CA ASN CA 8 68.62 -22.45 -77.87
C ASN CA 8 69.30 -23.72 -77.35
N PHE CA 9 68.85 -24.89 -77.82
CA PHE CA 9 69.46 -26.17 -77.40
C PHE CA 9 70.98 -26.15 -77.59
N LEU CA 10 71.42 -26.00 -78.85
CA LEU CA 10 72.85 -26.04 -79.10
C LEU CA 10 73.61 -24.95 -78.36
N ARG CA 11 72.93 -23.84 -78.05
CA ARG CA 11 73.57 -22.78 -77.27
C ARG CA 11 73.96 -23.24 -75.87
N GLU CA 12 73.09 -24.04 -75.23
CA GLU CA 12 73.32 -24.42 -73.85
C GLU CA 12 74.12 -25.71 -73.74
N VAL CA 13 74.10 -26.53 -74.80
CA VAL CA 13 74.82 -27.80 -74.73
C VAL CA 13 76.14 -27.64 -75.47
N ASP CA 14 76.10 -27.11 -76.70
CA ASP CA 14 77.33 -26.96 -77.53
C ASP CA 14 77.98 -25.60 -77.26
N ALA CA 15 78.89 -25.54 -76.29
CA ALA CA 15 79.53 -24.29 -75.90
C ALA CA 15 80.54 -23.78 -76.93
N ASP CA 16 81.04 -24.66 -77.80
CA ASP CA 16 82.05 -24.28 -78.78
C ASP CA 16 81.47 -23.93 -80.15
N GLY CA 17 80.19 -24.23 -80.39
CA GLY CA 17 79.62 -23.98 -81.69
C GLY CA 17 80.04 -24.81 -82.87
N ASP CA 18 80.67 -25.96 -82.63
CA ASP CA 18 81.08 -26.86 -83.70
C ASP CA 18 79.92 -27.66 -84.33
N LEU CA 19 78.76 -27.62 -83.68
CA LEU CA 19 77.56 -28.26 -84.18
C LEU CA 19 76.65 -27.13 -84.65
N ILE CA 20 75.82 -27.43 -85.66
CA ILE CA 20 74.96 -26.45 -86.29
C ILE CA 20 73.51 -26.90 -86.13
N ALA CA 21 72.67 -25.99 -85.65
CA ALA CA 21 71.26 -26.31 -85.45
C ALA CA 21 70.54 -26.44 -86.77
N VAL CA 22 69.60 -27.38 -86.83
CA VAL CA 22 68.80 -27.58 -88.03
C VAL CA 22 67.77 -26.47 -88.16
N SER CA 23 67.70 -25.84 -89.34
CA SER CA 23 66.87 -24.67 -89.53
C SER CA 23 65.38 -24.99 -89.43
N ASN CA 24 64.92 -26.02 -90.15
CA ASN CA 24 63.50 -26.31 -90.25
C ASN CA 24 63.30 -27.81 -90.38
N LEU CA 25 62.02 -28.23 -90.33
CA LEU CA 25 61.71 -29.66 -90.45
C LEU CA 25 62.03 -30.07 -91.87
N ASN CA 26 61.98 -29.13 -92.82
CA ASN CA 26 62.34 -29.47 -94.20
C ASN CA 26 63.75 -30.07 -94.28
N ASP CA 27 64.71 -29.36 -93.64
CA ASP CA 27 66.07 -29.88 -93.56
C ASP CA 27 66.32 -31.09 -92.67
N SER CA 28 65.38 -31.42 -91.79
CA SER CA 28 65.54 -32.53 -90.87
C SER CA 28 65.47 -33.90 -91.54
N ASP CA 29 64.95 -33.99 -92.76
CA ASP CA 29 64.86 -35.25 -93.47
C ASP CA 29 65.90 -35.34 -94.58
N LYS CA 30 66.63 -34.27 -94.85
CA LYS CA 30 67.69 -34.27 -95.86
C LYS CA 30 69.07 -34.54 -95.28
N LEU CA 31 69.32 -34.11 -94.04
CA LEU CA 31 70.62 -34.33 -93.41
C LEU CA 31 70.81 -35.78 -93.00
N GLN CA 32 71.79 -36.44 -93.62
CA GLN CA 32 72.13 -37.81 -93.28
C GLN CA 32 73.64 -37.92 -93.10
N LEU CA 33 74.06 -39.05 -92.55
CA LEU CA 33 75.47 -39.26 -92.25
C LEU CA 33 76.22 -39.30 -93.57
N LEU CA 34 77.38 -38.64 -93.61
CA LEU CA 34 78.24 -38.60 -94.80
C LEU CA 34 77.60 -38.17 -96.11
N SER CA 35 76.64 -37.25 -96.04
CA SER CA 35 76.10 -36.63 -97.25
C SER CA 35 76.82 -35.30 -97.30
N LEU CA 36 76.98 -34.76 -98.49
CA LEU CA 36 77.73 -33.51 -98.67
C LEU CA 36 76.90 -32.24 -98.54
N VAL CA 37 77.48 -31.23 -97.89
CA VAL CA 37 76.82 -29.94 -97.71
C VAL CA 37 77.85 -28.90 -98.14
N THR CA 38 77.36 -27.68 -98.35
CA THR CA 38 78.20 -26.58 -98.79
C THR CA 38 77.85 -25.35 -97.96
N LYS CA 39 78.91 -24.73 -97.42
CA LYS CA 39 78.74 -23.49 -96.63
C LYS CA 39 79.31 -22.32 -97.42
N LYS CA 40 78.54 -21.24 -97.55
CA LYS CA 40 78.98 -20.06 -98.27
C LYS CA 40 79.70 -19.11 -97.32
N LYS CA 41 80.98 -18.87 -97.59
CA LYS CA 41 81.81 -18.04 -96.73
C LYS CA 41 81.78 -16.56 -97.09
N ARG CA 42 80.92 -16.18 -98.04
CA ARG CA 42 80.79 -14.77 -98.40
C ARG CA 42 80.33 -13.92 -97.22
N PHE CA 43 79.44 -14.46 -96.38
CA PHE CA 43 78.99 -13.74 -95.20
C PHE CA 43 80.12 -13.63 -94.18
N TRP CA 44 80.07 -12.57 -93.39
CA TRP CA 44 81.11 -12.29 -92.41
C TRP CA 44 80.75 -12.97 -91.09
N CYS CA 45 81.49 -12.64 -90.02
CA CYS CA 45 81.17 -13.22 -88.71
C CYS CA 45 79.83 -12.71 -88.19
N TRP CA 46 79.31 -11.64 -88.80
CA TRP CA 46 78.03 -11.08 -88.40
C TRP CA 46 76.87 -12.06 -88.59
N GLN CA 47 76.85 -12.80 -89.70
CA GLN CA 47 75.79 -13.78 -89.94
C GLN CA 47 76.39 -15.17 -90.06
N ARG CA 48 75.57 -16.17 -89.78
CA ARG CA 48 76.03 -17.55 -89.88
C ARG CA 48 76.31 -17.90 -91.35
N PRO CA 49 77.27 -18.78 -91.63
CA PRO CA 49 77.49 -19.21 -93.01
C PRO CA 49 76.26 -19.89 -93.59
N LYS CA 50 76.00 -19.64 -94.86
CA LYS CA 50 74.84 -20.21 -95.55
C LYS CA 50 75.14 -21.65 -95.91
N TYR CA 51 74.40 -22.59 -95.32
CA TYR CA 51 74.62 -24.01 -95.52
C TYR CA 51 73.55 -24.55 -96.47
N GLN CA 52 73.98 -25.20 -97.53
CA GLN CA 52 73.11 -25.81 -98.52
C GLN CA 52 73.56 -27.24 -98.78
N PHE CA 53 72.58 -28.14 -98.93
CA PHE CA 53 72.84 -29.57 -98.99
C PHE CA 53 72.70 -30.07 -100.42
N LEU CA 54 73.73 -30.75 -100.92
CA LEU CA 54 73.64 -31.40 -102.21
C LEU CA 54 72.91 -32.74 -102.09
N SER CA 55 72.20 -33.10 -103.15
CA SER CA 55 71.44 -34.35 -103.16
C SER CA 55 72.37 -35.56 -103.24
N LEU CA 56 73.61 -35.34 -103.66
CA LEU CA 56 74.58 -36.41 -103.82
C LEU CA 56 75.25 -36.72 -102.49
N THR CA 57 75.96 -37.84 -102.44
CA THR CA 57 76.70 -38.25 -101.26
C THR CA 57 78.16 -38.46 -101.64
N LEU CA 58 78.94 -38.97 -100.68
CA LEU CA 58 80.36 -39.22 -100.95
C LEU CA 58 80.53 -40.26 -102.05
N GLY CA 59 79.86 -41.41 -101.91
CA GLY CA 59 79.98 -42.45 -102.92
C GLY CA 59 79.47 -42.00 -104.29
N ASP CA 60 78.59 -41.00 -104.30
CA ASP CA 60 78.10 -40.47 -105.56
C ASP CA 60 79.15 -39.63 -106.26
N VAL CA 61 80.11 -39.07 -105.51
CA VAL CA 61 81.11 -38.17 -106.08
C VAL CA 61 82.52 -38.75 -106.05
N LEU CA 62 82.75 -39.87 -105.37
CA LEU CA 62 84.07 -40.49 -105.41
C LEU CA 62 84.40 -40.96 -106.82
N ILE CA 63 83.65 -41.95 -107.32
CA ILE CA 63 83.78 -42.48 -108.66
C ILE CA 63 85.14 -43.14 -108.88
N GLU CA 64 86.22 -42.44 -108.53
CA GLU CA 64 87.56 -42.93 -108.79
C GLU CA 64 87.86 -44.22 -108.02
N ASP CA 65 87.46 -44.30 -106.76
CA ASP CA 65 87.77 -45.45 -105.92
C ASP CA 65 86.55 -45.84 -105.11
N GLN CA 66 86.58 -47.06 -104.58
CA GLN CA 66 85.44 -47.62 -103.87
C GLN CA 66 85.09 -47.03 -102.51
N PHE CA 67 83.81 -47.11 -102.17
CA PHE CA 67 83.29 -46.58 -100.90
C PHE CA 67 83.66 -47.19 -99.56
N PRO CA 68 84.43 -46.48 -98.72
CA PRO CA 68 84.83 -47.11 -97.43
C PRO CA 68 83.71 -47.25 -96.42
N SER CA 69 83.48 -48.47 -95.95
CA SER CA 69 82.29 -48.75 -95.15
C SER CA 69 82.35 -47.88 -93.89
N PRO CA 70 81.29 -47.18 -93.55
CA PRO CA 70 81.34 -46.37 -92.31
C PRO CA 70 81.40 -47.00 -90.93
N VAL CA 71 81.98 -46.28 -89.98
CA VAL CA 71 82.04 -46.74 -88.59
C VAL CA 71 81.09 -45.85 -87.80
N VAL CA 72 79.82 -46.26 -87.78
CA VAL CA 72 78.78 -45.48 -87.09
C VAL CA 72 78.71 -46.01 -85.66
N VAL CA 73 78.82 -45.11 -84.68
CA VAL CA 73 78.74 -45.46 -83.27
C VAL CA 73 77.62 -44.62 -82.68
N GLU CA 74 76.72 -45.28 -81.94
CA GLU CA 74 75.55 -44.59 -81.36
C GLU CA 74 75.80 -44.26 -79.88
N SER CA 75 75.67 -42.99 -79.51
CA SER CA 75 75.80 -42.54 -78.13
C SER CA 75 74.66 -41.59 -77.81
N ASP CA 76 74.07 -41.73 -76.63
CA ASP CA 76 72.95 -40.92 -76.20
C ASP CA 76 73.39 -40.01 -75.07
N PHE CA 77 72.86 -38.79 -75.05
CA PHE CA 77 73.26 -37.81 -74.03
C PHE CA 77 72.32 -36.62 -74.04
N VAL CA 78 72.36 -35.79 -73.00
CA VAL CA 78 71.57 -34.52 -73.05
C VAL CA 78 70.09 -34.77 -73.42
N LYS CA 79 69.39 -35.64 -72.69
CA LYS CA 79 67.96 -35.80 -73.05
C LYS CA 79 67.35 -34.40 -72.89
N TYR CA 80 67.71 -33.66 -71.85
CA TYR CA 80 67.36 -32.21 -71.74
C TYR CA 80 65.88 -31.86 -71.60
N GLU CA 81 65.62 -30.57 -71.34
CA GLU CA 81 64.31 -29.97 -71.17
C GLU CA 81 64.52 -28.46 -71.12
N GLY CA 82 63.86 -27.75 -72.03
CA GLY CA 82 64.11 -26.32 -72.14
C GLY CA 82 62.83 -25.49 -72.12
N LYS CA 83 62.79 -24.51 -71.23
CA LYS CA 83 61.71 -23.54 -71.16
C LYS CA 83 62.28 -22.15 -71.37
N PHE CA 84 61.68 -21.39 -72.28
CA PHE CA 84 62.25 -20.09 -72.67
C PHE CA 84 61.13 -19.06 -72.75
N ALA CA 85 61.01 -18.24 -71.72
CA ALA CA 85 60.04 -17.16 -71.67
C ALA CA 85 60.75 -15.84 -71.92
N ASN CA 86 60.61 -15.30 -73.13
CA ASN CA 86 61.33 -14.11 -73.56
C ASN CA 86 60.34 -12.97 -73.76
N HIS CA 87 60.61 -11.84 -73.12
CA HIS CA 87 59.79 -10.63 -73.24
C HIS CA 87 60.65 -9.53 -73.84
N VAL CA 88 60.21 -9.00 -74.98
CA VAL CA 88 60.91 -7.92 -75.67
C VAL CA 88 59.92 -6.78 -75.88
N SER CA 89 60.25 -5.60 -75.36
CA SER CA 89 59.44 -4.41 -75.54
C SER CA 89 60.32 -3.26 -76.02
N GLY CA 90 59.97 -2.69 -77.17
CA GLY CA 90 60.73 -1.57 -77.70
C GLY CA 90 59.84 -0.46 -78.22
N THR CA 91 59.99 0.74 -77.66
CA THR CA 91 59.18 1.89 -78.04
C THR CA 91 60.09 2.92 -78.68
N LEU CA 92 59.71 3.38 -79.86
CA LEU CA 92 60.46 4.41 -80.59
C LEU CA 92 59.55 5.63 -80.70
N GLU CA 93 60.05 6.78 -80.24
CA GLU CA 93 59.30 8.02 -80.25
C GLU CA 93 60.15 9.07 -80.95
N THR CA 94 59.67 9.56 -82.09
CA THR CA 94 60.39 10.54 -82.89
C THR CA 94 59.47 11.71 -83.17
N ALA CA 95 60.03 12.92 -83.12
CA ALA CA 95 59.28 14.16 -83.36
C ALA CA 95 60.22 15.12 -84.09
N LEU CA 96 59.91 15.39 -85.36
CA LEU CA 96 60.68 16.33 -86.18
C LEU CA 96 59.71 17.33 -86.78
N GLY CA 97 59.75 18.56 -86.28
CA GLY CA 97 58.97 19.64 -86.86
C GLY CA 97 57.50 19.32 -86.95
N LYS CA 98 57.00 19.25 -88.18
CA LYS CA 98 55.57 19.02 -88.41
C LYS CA 98 55.14 17.64 -87.91
N VAL CA 99 55.95 16.62 -88.16
CA VAL CA 99 55.58 15.23 -87.94
C VAL CA 99 55.98 14.75 -86.55
N LYS CA 100 54.99 14.32 -85.77
CA LYS CA 100 55.20 13.57 -84.53
C LYS CA 100 54.82 12.09 -84.52
N LEU CA 101 55.77 11.22 -84.21
CA LEU CA 101 55.59 9.78 -84.35
C LEU CA 101 55.79 9.11 -82.99
N ASN CA 102 54.80 8.33 -82.57
CA ASN CA 102 54.87 7.53 -81.35
C ASN CA 102 54.66 6.08 -81.72
N LEU CA 103 55.64 5.23 -81.41
CA LEU CA 103 55.58 3.81 -81.74
C LEU CA 103 55.89 2.99 -80.50
N GLY CA 104 55.06 1.99 -80.23
CA GLY CA 104 55.29 1.07 -79.13
C GLY CA 104 55.07 -0.37 -79.50
N GLY CA 105 56.13 -1.18 -79.42
CA GLY CA 105 56.02 -2.58 -79.80
C GLY CA 105 56.40 -3.54 -78.69
N SER CA 106 55.45 -4.35 -78.25
CA SER CA 106 55.67 -5.33 -77.20
C SER CA 106 55.54 -6.73 -77.78
N SER CA 107 56.58 -7.53 -77.61
CA SER CA 107 56.62 -8.89 -78.12
C SER CA 107 56.93 -9.86 -76.97
N ARG CA 108 56.07 -10.87 -76.80
CA ARG CA 108 56.28 -11.90 -75.80
C ARG CA 108 56.35 -13.26 -76.49
N VAL CA 109 57.42 -14.00 -76.21
CA VAL CA 109 57.62 -15.34 -76.77
C VAL CA 109 57.90 -16.28 -75.60
N GLU CA 110 57.10 -17.33 -75.48
CA GLU CA 110 57.29 -18.36 -74.46
C GLU CA 110 57.42 -19.67 -75.24
N SER CA 111 58.65 -20.05 -75.55
CA SER CA 111 58.93 -21.23 -76.36
C SER CA 111 59.44 -22.33 -75.45
N GLN CA 112 58.60 -23.32 -75.18
CA GLN CA 112 59.00 -24.50 -74.43
C GLN CA 112 59.54 -25.55 -75.38
N SER CA 113 60.74 -26.05 -75.09
CA SER CA 113 61.42 -27.01 -75.95
C SER CA 113 61.72 -28.26 -75.12
N SER CA 114 60.76 -29.16 -75.07
CA SER CA 114 60.89 -30.41 -74.32
C SER CA 114 61.32 -31.49 -75.29
N PHE CA 115 62.44 -32.15 -75.00
CA PHE CA 115 63.00 -33.17 -75.87
C PHE CA 115 63.25 -34.43 -75.06
N GLY CA 116 63.25 -35.58 -75.74
CA GLY CA 116 63.56 -36.84 -75.10
C GLY CA 116 65.04 -37.16 -75.14
N THR CA 117 65.36 -38.45 -75.01
CA THR CA 117 66.74 -38.90 -75.06
C THR CA 117 67.35 -38.67 -76.44
N LEU CA 118 68.30 -37.75 -76.53
CA LEU CA 118 68.93 -37.44 -77.81
C LEU CA 118 70.17 -38.30 -78.02
N ARG CA 119 70.27 -38.85 -79.22
CA ARG CA 119 71.38 -39.78 -79.52
C ARG CA 119 72.32 -39.19 -80.58
N LYS CA 120 73.62 -39.48 -80.44
CA LYS CA 120 74.63 -38.99 -81.41
C LYS CA 120 75.12 -40.15 -82.27
N GLN CA 121 75.24 -39.93 -83.57
CA GLN CA 121 75.72 -40.93 -84.52
C GLN CA 121 76.91 -40.32 -85.27
N GLU CA 122 78.11 -40.63 -84.80
CA GLU CA 122 79.33 -40.10 -85.40
C GLU CA 122 80.01 -41.17 -86.25
N VAL CA 123 80.57 -40.74 -87.38
CA VAL CA 123 81.28 -41.63 -88.28
C VAL CA 123 82.77 -41.58 -87.96
N ASP CA 124 83.45 -42.71 -88.16
CA ASP CA 124 84.88 -42.79 -87.91
C ASP CA 124 85.68 -41.75 -88.69
N LEU CA 125 86.34 -40.84 -87.98
CA LEU CA 125 87.13 -39.80 -88.63
C LEU CA 125 88.29 -40.38 -89.43
N GLN CA 126 88.88 -41.46 -88.94
CA GLN CA 126 89.94 -42.13 -89.68
C GLN CA 126 89.53 -42.76 -91.02
N GLN CA 127 88.33 -43.34 -91.09
CA GLN CA 127 87.79 -43.74 -92.40
C GLN CA 127 87.64 -42.53 -93.32
N LEU CA 128 87.32 -41.38 -92.72
CA LEU CA 128 87.12 -40.17 -93.52
C LEU CA 128 88.40 -39.70 -94.18
N ILE CA 129 89.54 -39.89 -93.50
CA ILE CA 129 90.81 -39.36 -94.01
C ILE CA 129 91.45 -40.35 -94.98
N ARG CA 130 91.21 -41.64 -94.80
CA ARG CA 130 91.92 -42.65 -95.59
C ARG CA 130 91.63 -42.50 -97.09
N ASP CA 131 90.35 -42.44 -97.47
CA ASP CA 131 90.01 -42.31 -98.87
C ASP CA 131 90.40 -40.94 -99.41
N SER CA 132 90.23 -39.89 -98.60
CA SER CA 132 90.51 -38.53 -99.04
C SER CA 132 91.97 -38.32 -99.42
N ALA CA 133 92.92 -38.82 -98.61
CA ALA CA 133 94.33 -38.63 -98.90
C ALA CA 133 94.78 -39.30 -100.18
N GLU CA 134 94.00 -40.25 -100.71
CA GLU CA 134 94.29 -40.92 -101.95
C GLU CA 134 93.45 -40.32 -103.08
N ARG CA 135 93.80 -40.67 -104.31
CA ARG CA 135 93.07 -40.18 -105.48
C ARG CA 135 91.76 -40.94 -105.58
N THR CA 136 90.76 -40.44 -104.84
CA THR CA 136 89.48 -41.10 -104.71
C THR CA 136 88.31 -40.30 -105.27
N ILE CA 137 88.41 -38.97 -105.33
CA ILE CA 137 87.33 -38.11 -105.79
C ILE CA 137 87.66 -37.64 -107.19
N ASN CA 138 86.72 -37.82 -108.13
CA ASN CA 138 86.94 -37.37 -109.49
C ASN CA 138 86.95 -35.86 -109.56
N LEU CA 139 87.77 -35.31 -110.46
CA LEU CA 139 87.93 -33.86 -110.53
C LEU CA 139 86.71 -33.18 -111.14
N ARG CA 140 86.15 -33.76 -112.20
CA ARG CA 140 85.06 -33.16 -112.95
C ARG CA 140 83.79 -33.99 -112.75
N ASN CA 141 82.72 -33.30 -112.38
CA ASN CA 141 81.39 -33.89 -112.22
C ASN CA 141 80.37 -33.00 -112.91
N PRO CA 142 79.32 -33.58 -113.47
CA PRO CA 142 78.25 -32.74 -114.04
C PRO CA 142 77.61 -31.81 -113.02
N VAL CA 143 77.61 -32.25 -111.75
CA VAL CA 143 77.06 -31.38 -110.66
C VAL CA 143 78.27 -30.83 -109.90
N LEU CA 144 78.08 -29.75 -109.11
CA LEU CA 144 79.15 -29.14 -108.25
C LEU CA 144 79.98 -28.09 -109.05
N GLN CA 145 79.73 -28.00 -110.35
CA GLN CA 145 80.41 -26.93 -111.14
C GLN CA 145 80.06 -25.54 -110.59
N GLN CA 146 78.79 -25.31 -110.28
CA GLN CA 146 78.33 -24.02 -109.74
C GLN CA 146 79.01 -23.74 -108.39
N VAL CA 147 79.46 -24.78 -107.70
CA VAL CA 147 80.17 -24.59 -106.43
C VAL CA 147 81.56 -24.00 -106.69
N LEU CA 148 82.27 -24.54 -107.69
CA LEU CA 148 83.57 -24.00 -108.03
C LEU CA 148 83.48 -22.57 -108.56
N GLU CA 149 82.47 -22.31 -109.39
CA GLU CA 149 82.19 -20.95 -109.85
C GLU CA 149 81.49 -20.17 -108.74
N GLY CA 150 82.30 -19.51 -107.91
CA GLY CA 150 81.80 -19.05 -106.63
C GLY CA 150 82.74 -19.56 -105.55
N ARG CA 151 84.04 -19.56 -105.83
CA ARG CA 151 85.03 -20.15 -104.88
C ARG CA 151 84.53 -20.02 -103.43
N ASN CA 152 84.31 -18.79 -102.97
CA ASN CA 152 83.71 -18.57 -101.65
C ASN CA 152 82.90 -19.61 -100.89
N GLU CA 153 82.05 -20.36 -101.58
CA GLU CA 153 81.35 -21.49 -100.99
C GLU CA 153 82.14 -22.77 -101.27
N VAL CA 154 82.32 -23.60 -100.24
CA VAL CA 154 83.15 -24.79 -100.33
C VAL CA 154 82.31 -26.00 -99.88
N LEU CA 155 82.67 -27.17 -100.41
CA LEU CA 155 81.96 -28.40 -100.10
C LEU CA 155 82.42 -28.96 -98.76
N CYS CA 156 81.48 -29.49 -97.99
CA CYS CA 156 81.78 -30.11 -96.71
C CYS CA 156 81.00 -31.43 -96.70
N VAL CA 157 81.40 -32.29 -95.76
CA VAL CA 157 80.74 -33.62 -95.61
C VAL CA 157 80.31 -33.78 -94.15
N LEU CA 158 79.07 -34.19 -93.93
CA LEU CA 158 78.55 -34.39 -92.59
C LEU CA 158 79.20 -35.59 -91.92
N THR CA 159 79.57 -35.44 -90.65
CA THR CA 159 80.16 -36.50 -89.87
C THR CA 159 79.60 -36.74 -88.46
N GLN CA 160 78.97 -35.70 -87.90
CA GLN CA 160 78.33 -35.81 -86.57
C GLN CA 160 76.84 -35.51 -86.75
N LYS CA 161 75.97 -36.18 -85.99
CA LYS CA 161 74.54 -35.99 -86.12
C LYS CA 161 73.88 -36.32 -84.78
N ILE CA 162 73.01 -35.44 -84.32
CA ILE CA 162 72.24 -35.64 -83.10
C ILE CA 162 70.80 -35.91 -83.50
N THR CA 163 70.25 -37.03 -83.05
CA THR CA 163 68.91 -37.46 -83.42
C THR CA 163 68.11 -37.84 -82.18
N THR CA 164 66.85 -37.43 -82.15
CA THR CA 164 65.96 -37.76 -81.05
C THR CA 164 65.28 -39.11 -81.25
N MET CA 165 64.87 -39.72 -80.13
CA MET CA 165 64.24 -41.04 -80.17
C MET CA 165 62.81 -41.02 -79.67
N GLN CA 166 62.36 -39.93 -79.06
CA GLN CA 166 61.02 -39.84 -78.49
C GLN CA 166 60.34 -38.62 -79.09
N LYS CA 167 59.02 -38.75 -79.26
CA LYS CA 167 58.23 -37.61 -79.79
C LYS CA 167 58.53 -36.39 -78.92
N CYS CA 168 58.98 -35.32 -79.55
CA CYS CA 168 59.35 -34.10 -78.85
C CYS CA 168 58.24 -33.07 -78.87
N VAL CA 169 58.23 -32.20 -77.86
CA VAL CA 169 57.20 -31.19 -77.68
C VAL CA 169 57.81 -29.80 -77.82
N ILE CA 170 57.25 -28.99 -78.69
CA ILE CA 170 57.66 -27.60 -78.86
C ILE CA 170 56.41 -26.74 -78.74
N SER CA 171 56.08 -26.32 -77.52
CA SER CA 171 54.91 -25.49 -77.27
C SER CA 171 55.34 -24.03 -77.37
N GLU CA 172 55.02 -23.40 -78.48
CA GLU CA 172 55.43 -22.02 -78.76
C GLU CA 172 54.24 -21.09 -78.54
N HIS CA 173 54.42 -20.09 -77.70
CA HIS CA 173 53.44 -19.02 -77.53
C HIS CA 173 54.10 -17.72 -77.96
N MET CA 174 53.50 -17.05 -78.94
CA MET CA 174 54.06 -15.83 -79.51
C MET CA 174 52.97 -14.76 -79.50
N GLN CA 175 53.04 -13.87 -78.52
CA GLN CA 175 52.14 -12.72 -78.44
C GLN CA 175 52.89 -11.49 -78.92
N VAL CA 176 52.37 -10.83 -79.95
CA VAL CA 176 53.01 -9.68 -80.57
C VAL CA 176 52.01 -8.53 -80.53
N GLU CA 177 52.38 -7.44 -79.86
CA GLU CA 177 51.56 -6.24 -79.82
C GLU CA 177 52.37 -5.07 -80.36
N GLU CA 178 51.87 -4.42 -81.40
CA GLU CA 178 52.54 -3.29 -82.03
C GLU CA 178 51.55 -2.15 -82.14
N LYS CA 179 51.91 -0.99 -81.59
CA LYS CA 179 51.08 0.20 -81.65
C LYS CA 179 51.84 1.31 -82.38
N CYS CA 180 51.25 1.83 -83.43
CA CYS CA 180 51.84 2.90 -84.23
C CYS CA 180 50.93 4.13 -84.20
N GLY CA 181 51.50 5.28 -83.88
CA GLY CA 181 50.74 6.51 -83.84
C GLY CA 181 51.47 7.69 -84.44
N GLY CA 182 50.83 8.36 -85.39
CA GLY CA 182 51.43 9.52 -86.02
C GLY CA 182 50.49 10.71 -86.08
N ILE CA 183 50.96 11.82 -85.47
CA ILE CA 183 50.17 13.09 -85.53
C ILE CA 183 50.97 14.03 -86.45
N VAL CA 184 50.32 14.55 -87.49
CA VAL CA 184 50.99 15.38 -88.48
C VAL CA 184 50.21 16.68 -88.62
N GLY CA 185 50.91 17.80 -88.42
CA GLY CA 185 50.31 19.11 -88.58
C GLY CA 185 51.08 20.00 -89.54
N ILE CA 186 50.42 20.43 -90.62
CA ILE CA 186 51.19 21.21 -91.63
C ILE CA 186 50.68 22.65 -91.76
N GLN CA 187 51.56 23.63 -91.51
CA GLN CA 187 51.28 25.07 -91.63
C GLN CA 187 51.14 25.73 -93.02
N THR CA 188 50.38 25.06 -93.90
CA THR CA 188 50.27 25.49 -95.28
C THR CA 188 49.69 26.85 -95.61
N LYS CA 189 50.11 27.42 -96.75
CA LYS CA 189 49.60 28.78 -97.10
C LYS CA 189 48.12 28.96 -97.41
N THR CA 190 47.33 29.51 -96.47
CA THR CA 190 45.87 29.73 -96.64
C THR CA 190 45.13 28.40 -96.50
N VAL CA 191 45.82 27.37 -96.00
CA VAL CA 191 45.17 26.05 -95.78
C VAL CA 191 45.62 25.52 -94.41
N GLN CA 192 44.73 25.51 -93.41
CA GLN CA 192 45.14 24.91 -92.15
C GLN CA 192 44.91 23.41 -92.24
N VAL CA 193 45.97 22.63 -92.00
CA VAL CA 193 45.92 21.18 -92.19
C VAL CA 193 46.13 20.48 -90.86
N SER CA 194 45.47 19.33 -90.68
CA SER CA 194 45.65 18.51 -89.49
C SER CA 194 45.36 17.05 -89.81
N ALA CA 195 46.42 16.24 -89.87
CA ALA CA 195 46.31 14.83 -90.25
C ALA CA 195 46.83 13.96 -89.12
N THR CA 196 46.01 13.01 -88.69
CA THR CA 196 46.37 12.07 -87.62
C THR CA 196 46.12 10.66 -88.11
N GLU CA 197 47.12 9.79 -87.91
CA GLU CA 197 46.98 8.36 -88.29
C GLU CA 197 47.38 7.49 -87.09
N ASP CA 198 46.49 6.60 -86.65
CA ASP CA 198 46.73 5.72 -85.53
C ASP CA 198 46.59 4.27 -85.99
N GLY CA 199 47.62 3.47 -85.75
CA GLY CA 199 47.59 2.07 -86.13
C GLY CA 199 47.92 1.14 -84.98
N ASN CA 200 46.93 0.35 -84.56
CA ASN CA 200 47.08 -0.61 -83.47
C ASN CA 200 46.99 -2.01 -84.07
N VAL CA 201 48.03 -2.81 -83.86
CA VAL CA 201 48.07 -4.19 -84.34
C VAL CA 201 48.37 -5.08 -83.15
N THR CA 202 47.48 -6.04 -82.90
CA THR CA 202 47.66 -7.04 -81.86
C THR CA 202 47.57 -8.41 -82.49
N LYS CA 203 48.64 -9.20 -82.39
CA LYS CA 203 48.72 -10.50 -83.01
C LYS CA 203 49.09 -11.55 -81.97
N ASP CA 204 48.39 -12.67 -81.97
CA ASP CA 204 48.65 -13.78 -81.06
C ASP CA 204 48.80 -15.04 -81.88
N SER CA 205 49.79 -15.87 -81.52
CA SER CA 205 50.03 -17.15 -82.19
C SER CA 205 50.29 -18.22 -81.13
N ASN CA 206 49.21 -18.83 -80.65
CA ASN CA 206 49.32 -19.92 -79.68
C ASN CA 206 49.45 -21.23 -80.44
N VAL CA 207 50.68 -21.65 -80.70
CA VAL CA 207 50.93 -22.83 -81.51
C VAL CA 207 51.64 -23.91 -80.70
N VAL CA 208 50.95 -25.02 -80.45
CA VAL CA 208 51.57 -26.18 -79.81
C VAL CA 208 51.70 -27.28 -80.87
N LEU CA 209 52.93 -27.53 -81.29
CA LEU CA 209 53.22 -28.51 -82.34
C LEU CA 209 54.16 -29.56 -81.79
N GLU CA 210 53.87 -30.81 -82.15
CA GLU CA 210 54.72 -31.93 -81.68
C GLU CA 210 55.81 -32.20 -82.73
N ILE CA 211 56.85 -32.90 -82.32
CA ILE CA 211 57.98 -33.25 -83.18
C ILE CA 211 58.13 -34.77 -83.15
N PRO CA 212 58.19 -35.45 -84.29
CA PRO CA 212 58.31 -36.91 -84.26
C PRO CA 212 59.73 -37.35 -83.93
N ALA CA 213 59.85 -38.63 -83.62
CA ALA CA 213 61.17 -39.20 -83.38
C ALA CA 213 61.94 -39.30 -84.69
N ALA CA 214 63.24 -39.55 -84.57
CA ALA CA 214 64.22 -39.74 -85.64
C ALA CA 214 64.51 -38.45 -86.40
N THR CA 215 64.00 -37.32 -85.91
CA THR CA 215 64.26 -36.01 -86.55
C THR CA 215 65.69 -35.59 -86.30
N THR CA 216 66.29 -34.82 -87.20
CA THR CA 216 67.64 -34.31 -86.98
C THR CA 216 67.59 -33.02 -86.18
N ILE CA 217 68.36 -32.98 -85.09
CA ILE CA 217 68.42 -31.81 -84.23
C ILE CA 217 69.68 -30.98 -84.49
N ALA CA 218 70.83 -31.64 -84.62
CA ALA CA 218 72.08 -30.94 -84.87
C ALA CA 218 72.95 -31.79 -85.78
N TYR CA 219 73.91 -31.14 -86.44
CA TYR CA 219 74.82 -31.83 -87.33
C TYR CA 219 76.13 -31.05 -87.40
N GLY CA 220 77.23 -31.79 -87.39
CA GLY CA 220 78.55 -31.21 -87.53
C GLY CA 220 79.22 -31.73 -88.79
N VAL CA 221 79.94 -30.85 -89.48
CA VAL CA 221 80.54 -31.17 -90.76
C VAL CA 221 82.00 -30.85 -90.55
N ILE CA 222 82.85 -31.49 -91.34
CA ILE CA 222 84.27 -31.02 -91.39
C ILE CA 222 84.47 -30.71 -92.87
N GLU CA 223 85.17 -29.63 -93.18
CA GLU CA 223 85.27 -29.14 -94.55
C GLU CA 223 86.25 -29.89 -95.43
N LEU CA 224 86.05 -29.70 -96.75
CA LEU CA 224 86.87 -30.43 -97.75
C LEU CA 224 87.85 -29.47 -98.43
N TYR CA 225 89.15 -29.73 -98.30
CA TYR CA 225 90.18 -28.96 -98.98
C TYR CA 225 90.12 -29.23 -100.48
N VAL CA 226 89.78 -28.21 -101.26
CA VAL CA 226 89.61 -28.36 -102.70
C VAL CA 226 90.64 -27.52 -103.43
N LYS CA 227 91.51 -28.18 -104.19
CA LYS CA 227 92.40 -27.50 -105.13
C LYS CA 227 91.99 -27.90 -106.55
N LEU CA 228 91.80 -26.89 -107.40
CA LEU CA 228 91.30 -27.16 -108.77
C LEU CA 228 92.29 -28.05 -109.54
N ASP CA 229 93.53 -28.16 -109.03
CA ASP CA 229 94.50 -29.09 -109.67
C ASP CA 229 93.96 -30.52 -109.57
N GLY CA 230 93.36 -30.87 -108.43
CA GLY CA 230 92.75 -32.20 -108.29
C GLY CA 230 93.10 -32.85 -106.97
N GLN CA 231 93.82 -32.14 -106.11
CA GLN CA 231 94.23 -32.68 -104.82
C GLN CA 231 93.18 -32.35 -103.77
N PHE CA 232 92.67 -33.37 -103.10
CA PHE CA 232 91.63 -33.19 -102.09
C PHE CA 232 92.01 -33.94 -100.82
N GLU CA 233 91.61 -33.36 -99.68
CA GLU CA 233 91.84 -33.95 -98.37
C GLU CA 233 90.81 -33.45 -97.37
N PHE CA 234 90.12 -34.39 -96.71
CA PHE CA 234 89.18 -34.01 -95.66
C PHE CA 234 89.95 -33.74 -94.37
N CYS CA 235 90.19 -32.46 -94.07
CA CYS CA 235 91.02 -32.05 -92.95
C CYS CA 235 90.15 -31.39 -91.88
N LEU CA 236 90.42 -31.70 -90.60
CA LEU CA 236 89.57 -31.18 -89.49
C LEU CA 236 90.12 -29.89 -88.86
N LEU CA 237 91.30 -29.42 -89.27
CA LEU CA 237 91.90 -28.25 -88.65
C LEU CA 237 91.82 -27.08 -89.61
N ARG CA 238 92.03 -25.86 -89.07
CA ARG CA 238 91.92 -24.63 -89.84
C ARG CA 238 92.98 -24.44 -90.92
N GLY CA 239 94.02 -25.27 -90.90
CA GLY CA 239 95.15 -25.10 -91.80
C GLY CA 239 94.82 -25.09 -93.28
N LYS CA 240 94.42 -26.20 -93.83
CA LYS CA 240 94.14 -26.28 -95.29
C LYS CA 240 92.79 -26.98 -95.53
N GLN CA 241 91.68 -26.26 -95.40
CA GLN CA 241 90.35 -26.78 -95.73
C GLN CA 241 89.51 -25.73 -96.44
N GLY CA 242 90.09 -24.54 -96.69
CA GLY CA 242 89.31 -23.43 -97.21
C GLY CA 242 89.00 -23.50 -98.68
N GLY CA 243 89.73 -24.33 -99.44
CA GLY CA 243 89.56 -24.35 -100.87
C GLY CA 243 90.60 -23.48 -101.53
N PHE CA 244 91.27 -24.00 -102.56
CA PHE CA 244 92.35 -23.31 -103.21
C PHE CA 244 92.24 -23.51 -104.71
N GLU CA 245 92.96 -22.68 -105.49
CA GLU CA 245 92.84 -22.77 -106.96
C GLU CA 245 94.03 -23.54 -107.58
N MET DA 1 74.43 -25.25 -67.47
CA MET DA 1 75.18 -25.38 -68.72
C MET DA 1 76.46 -26.16 -68.46
N PHE DA 2 76.80 -27.05 -69.40
CA PHE DA 2 77.90 -27.99 -69.18
C PHE DA 2 79.23 -27.27 -69.03
N ALA DA 3 79.43 -26.19 -69.79
CA ALA DA 3 80.69 -25.47 -69.73
C ALA DA 3 80.95 -24.89 -68.35
N LYS DA 4 79.90 -24.30 -67.75
CA LYS DA 4 80.05 -23.73 -66.42
C LYS DA 4 80.14 -24.81 -65.35
N ALA DA 5 79.40 -25.91 -65.53
CA ALA DA 5 79.37 -26.96 -64.53
C ALA DA 5 80.72 -27.61 -64.22
N THR DA 6 81.49 -27.96 -65.26
CA THR DA 6 82.80 -28.52 -65.04
C THR DA 6 83.88 -27.47 -64.72
N ARG DA 7 83.63 -26.23 -65.14
CA ARG DA 7 84.58 -25.13 -64.81
C ARG DA 7 84.53 -24.97 -63.28
N ASN DA 8 83.32 -24.80 -62.72
CA ASN DA 8 83.18 -24.62 -61.25
C ASN DA 8 83.74 -25.85 -60.55
N PHE DA 9 83.40 -27.05 -61.05
CA PHE DA 9 83.94 -28.30 -60.44
C PHE DA 9 85.46 -28.25 -60.33
N LEU DA 10 86.15 -28.16 -61.47
CA LEU DA 10 87.61 -28.18 -61.43
C LEU DA 10 88.19 -27.04 -60.61
N ARG DA 11 87.45 -25.93 -60.50
CA ARG DA 11 87.90 -24.83 -59.66
C ARG DA 11 88.00 -25.22 -58.19
N GLU DA 12 87.03 -26.00 -57.70
CA GLU DA 12 86.98 -26.31 -56.28
C GLU DA 12 87.75 -27.58 -55.96
N VAL DA 13 87.96 -28.45 -56.94
CA VAL DA 13 88.67 -29.70 -56.68
C VAL DA 13 90.11 -29.55 -57.14
N ASP DA 14 90.31 -29.08 -58.38
CA ASP DA 14 91.68 -28.95 -58.96
C ASP DA 14 92.24 -27.56 -58.61
N ALA DA 15 92.94 -27.43 -57.49
CA ALA DA 15 93.48 -26.16 -57.03
C ALA DA 15 94.66 -25.68 -57.87
N ASP DA 16 95.35 -26.59 -58.57
CA ASP DA 16 96.53 -26.23 -59.35
C ASP DA 16 96.23 -25.96 -60.82
N GLY DA 17 95.03 -26.29 -61.30
CA GLY DA 17 94.72 -26.10 -62.70
C GLY DA 17 95.39 -26.98 -63.74
N ASP DA 18 95.97 -28.11 -63.32
CA ASP DA 18 96.60 -29.05 -64.24
C ASP DA 18 95.60 -29.90 -65.04
N LEU DA 19 94.33 -29.84 -64.66
CA LEU DA 19 93.26 -30.53 -65.35
C LEU DA 19 92.46 -29.44 -66.05
N ILE DA 20 91.86 -29.81 -67.18
CA ILE DA 20 91.13 -28.88 -68.03
C ILE DA 20 89.68 -29.34 -68.13
N ALA DA 21 88.75 -28.43 -67.87
CA ALA DA 21 87.33 -28.76 -67.94
C ALA DA 21 86.89 -28.97 -69.39
N VAL DA 22 85.99 -29.93 -69.58
CA VAL DA 22 85.46 -30.20 -70.92
C VAL DA 22 84.46 -29.11 -71.30
N SER DA 23 84.63 -28.55 -72.49
CA SER DA 23 83.84 -27.40 -72.91
C SER DA 23 82.37 -27.75 -73.10
N ASN DA 24 82.07 -28.82 -73.86
CA ASN DA 24 80.70 -29.13 -74.21
C ASN DA 24 80.54 -30.64 -74.30
N LEU DA 25 79.30 -31.09 -74.49
CA LEU DA 25 79.03 -32.53 -74.61
C LEU DA 25 79.63 -33.00 -75.92
N ASN DA 26 79.76 -32.10 -76.90
CA ASN DA 26 80.40 -32.50 -78.16
C ASN DA 26 81.80 -33.07 -77.93
N ASP DA 27 82.60 -32.32 -77.15
CA ASP DA 27 83.93 -32.80 -76.77
C ASP DA 27 84.00 -33.97 -75.79
N SER DA 28 82.91 -34.28 -75.10
CA SER DA 28 82.88 -35.34 -74.11
C SER DA 28 82.97 -36.74 -74.71
N ASP DA 29 82.70 -36.90 -76.00
CA ASP DA 29 82.78 -38.19 -76.66
C ASP DA 29 84.02 -38.31 -77.53
N LYS DA 30 84.78 -37.23 -77.69
CA LYS DA 30 86.02 -37.26 -78.47
C LYS DA 30 87.26 -37.48 -77.61
N LEU DA 31 87.25 -36.99 -76.37
CA LEU DA 31 88.39 -37.15 -75.49
C LEU DA 31 88.51 -38.58 -74.97
N GLN DA 32 89.60 -39.25 -75.35
CA GLN DA 32 89.88 -40.59 -74.88
C GLN DA 32 91.31 -40.67 -74.39
N LEU DA 33 91.64 -41.76 -73.71
CA LEU DA 33 92.96 -41.93 -73.14
C LEU DA 33 93.96 -42.01 -74.28
N LEU DA 34 95.09 -41.34 -74.11
CA LEU DA 34 96.17 -41.33 -75.10
C LEU DA 34 95.81 -40.97 -76.54
N SER DA 35 94.84 -40.07 -76.70
CA SER DA 35 94.55 -39.52 -78.03
C SER DA 35 95.26 -38.18 -77.98
N LEU DA 36 95.65 -37.68 -79.15
CA LEU DA 36 96.42 -36.44 -79.23
C LEU DA 36 95.56 -35.18 -79.34
N VAL DA 37 95.99 -34.12 -78.64
CA VAL DA 37 95.29 -32.84 -78.65
C VAL DA 37 96.37 -31.80 -78.91
N THR DA 38 95.93 -30.61 -79.29
CA THR DA 38 96.83 -29.51 -79.59
C THR DA 38 96.31 -28.25 -78.91
N LYS DA 39 97.23 -27.59 -78.19
CA LYS DA 39 96.89 -26.32 -77.52
C LYS DA 39 97.60 -25.16 -78.23
N LYS DA 40 96.86 -24.11 -78.57
CA LYS DA 40 97.42 -22.94 -79.24
C LYS DA 40 97.92 -21.96 -78.21
N LYS DA 41 99.22 -21.69 -78.22
CA LYS DA 41 99.87 -20.81 -77.25
C LYS DA 41 99.89 -19.36 -77.69
N ARG DA 42 99.24 -19.03 -78.81
CA ARG DA 42 99.17 -17.65 -79.26
C ARG DA 42 98.47 -16.75 -78.23
N PHE DA 43 97.43 -17.27 -77.57
CA PHE DA 43 96.75 -16.51 -76.54
C PHE DA 43 97.65 -16.33 -75.32
N TRP DA 44 97.43 -15.23 -74.61
CA TRP DA 44 98.25 -14.89 -73.46
C TRP DA 44 97.64 -15.52 -72.20
N CYS DA 45 98.13 -15.13 -71.02
CA CYS DA 45 97.57 -15.65 -69.78
C CYS DA 45 96.14 -15.15 -69.56
N TRP DA 46 95.74 -14.11 -70.32
CA TRP DA 46 94.40 -13.56 -70.21
C TRP DA 46 93.32 -14.57 -70.58
N GLN DA 47 93.53 -15.36 -71.63
CA GLN DA 47 92.55 -16.37 -72.04
C GLN DA 47 93.18 -17.75 -71.97
N ARG DA 48 92.33 -18.76 -71.82
CA ARG DA 48 92.82 -20.13 -71.76
C ARG DA 48 93.38 -20.54 -73.12
N PRO DA 49 94.39 -21.41 -73.14
CA PRO DA 49 94.90 -21.90 -74.44
C PRO DA 49 93.80 -22.63 -75.22
N LYS DA 50 93.82 -22.44 -76.53
CA LYS DA 50 92.82 -23.06 -77.40
C LYS DA 50 93.21 -24.52 -77.63
N TYR DA 51 92.37 -25.44 -77.15
CA TYR DA 51 92.64 -26.87 -77.24
C TYR DA 51 91.78 -27.47 -78.34
N GLN DA 52 92.43 -28.16 -79.28
CA GLN DA 52 91.78 -28.83 -80.39
C GLN DA 52 92.28 -30.26 -80.48
N PHE DA 53 91.37 -31.18 -80.79
CA PHE DA 53 91.65 -32.61 -80.72
C PHE DA 53 91.80 -33.17 -82.13
N LEU DA 54 92.91 -33.86 -82.37
CA LEU DA 54 93.11 -34.57 -83.63
C LEU DA 54 92.38 -35.91 -83.59
N SER DA 55 91.90 -36.34 -84.76
CA SER DA 55 91.17 -37.59 -84.85
C SER DA 55 92.11 -38.79 -84.69
N LEU DA 56 93.40 -38.56 -84.86
CA LEU DA 56 94.40 -39.62 -84.77
C LEU DA 56 94.78 -39.86 -83.32
N THR DA 57 95.49 -40.96 -83.07
CA THR DA 57 95.98 -41.30 -81.74
C THR DA 57 97.48 -41.50 -81.81
N LEU DA 58 98.06 -41.95 -80.69
CA LEU DA 58 99.50 -42.19 -80.65
C LEU DA 58 99.90 -43.27 -81.65
N GLY DA 59 99.24 -44.43 -81.59
CA GLY DA 59 99.57 -45.51 -82.51
C GLY DA 59 99.34 -45.13 -83.96
N ASP DA 60 98.46 -44.15 -84.20
CA ASP DA 60 98.23 -43.68 -85.56
C ASP DA 60 99.40 -42.86 -86.07
N VAL DA 61 100.18 -42.25 -85.18
CA VAL DA 61 101.26 -41.36 -85.58
C VAL DA 61 102.64 -41.90 -85.23
N LEU DA 62 102.75 -42.99 -84.47
CA LEU DA 62 104.05 -43.59 -84.21
C LEU DA 62 104.66 -44.11 -85.50
N ILE DA 63 104.04 -45.14 -86.08
CA ILE DA 63 104.45 -45.73 -87.36
C ILE DA 63 105.83 -46.37 -87.26
N GLU DA 64 106.81 -45.62 -86.72
CA GLU DA 64 108.19 -46.11 -86.69
C GLU DA 64 108.33 -47.35 -85.83
N ASP DA 65 107.68 -47.39 -84.66
CA ASP DA 65 107.83 -48.49 -83.73
C ASP DA 65 106.48 -48.87 -83.16
N GLN DA 66 106.41 -50.06 -82.58
CA GLN DA 66 105.16 -50.61 -82.09
C GLN DA 66 104.53 -49.97 -80.86
N PHE DA 67 103.21 -50.06 -80.77
CA PHE DA 67 102.44 -49.48 -79.66
C PHE DA 67 102.54 -50.02 -78.24
N PRO DA 68 103.11 -49.26 -77.30
CA PRO DA 68 103.24 -49.82 -75.94
C PRO DA 68 101.95 -49.94 -75.16
N SER DA 69 101.64 -51.14 -74.70
CA SER DA 69 100.32 -51.41 -74.13
C SER DA 69 100.12 -50.48 -72.93
N PRO DA 70 98.99 -49.78 -72.84
CA PRO DA 70 98.78 -48.92 -71.65
C PRO DA 70 98.57 -49.48 -70.28
N VAL DA 71 98.95 -48.71 -69.27
CA VAL DA 71 98.73 -49.11 -67.86
C VAL DA 71 97.62 -48.20 -67.32
N VAL DA 72 96.37 -48.63 -67.54
CA VAL DA 72 95.22 -47.85 -67.11
C VAL DA 72 94.86 -48.31 -65.70
N VAL DA 73 94.75 -47.37 -64.77
CA VAL DA 73 94.40 -47.65 -63.39
C VAL DA 73 93.17 -46.80 -63.08
N GLU DA 74 92.17 -47.46 -62.50
CA GLU DA 74 90.89 -46.75 -62.20
C GLU DA 74 90.83 -46.36 -60.72
N SER DA 75 90.61 -45.08 -60.45
CA SER DA 75 90.45 -44.56 -59.09
C SER DA 75 89.27 -43.62 -59.06
N ASP DA 76 88.45 -43.72 -58.02
CA ASP DA 76 87.26 -42.91 -57.86
C ASP DA 76 87.45 -41.93 -56.70
N PHE DA 77 86.90 -40.73 -56.86
CA PHE DA 77 87.09 -39.70 -55.82
C PHE DA 77 86.16 -38.53 -56.09
N VAL DA 78 85.98 -37.65 -55.10
CA VAL DA 78 85.20 -36.40 -55.36
C VAL DA 78 83.83 -36.69 -56.01
N LYS DA 79 83.01 -37.54 -55.39
CA LYS DA 79 81.68 -37.75 -56.03
C LYS DA 79 81.04 -36.36 -56.07
N TYR DA 80 81.17 -35.56 -55.01
CA TYR DA 80 80.79 -34.12 -55.04
C TYR DA 80 79.31 -33.79 -55.22
N GLU DA 81 78.99 -32.49 -55.09
CA GLU DA 81 77.67 -31.91 -55.21
C GLU DA 81 77.85 -30.40 -55.19
N GLY DA 82 77.38 -29.74 -56.25
CA GLY DA 82 77.63 -28.31 -56.37
C GLY DA 82 76.38 -27.51 -56.65
N LYS DA 83 76.14 -26.49 -55.84
CA LYS DA 83 75.06 -25.53 -56.04
C LYS DA 83 75.64 -24.15 -56.19
N PHE DA 84 75.23 -23.44 -57.24
CA PHE DA 84 75.86 -22.16 -57.57
C PHE DA 84 74.76 -21.15 -57.92
N ALA DA 85 74.44 -20.28 -56.98
CA ALA DA 85 73.46 -19.22 -57.17
C ALA DA 85 74.20 -17.90 -57.35
N ASN DA 86 74.30 -17.42 -58.58
CA ASN DA 86 75.08 -16.24 -58.91
C ASN DA 86 74.14 -15.13 -59.36
N HIS DA 87 74.26 -13.97 -58.74
CA HIS DA 87 73.48 -12.78 -59.08
C HIS DA 87 74.42 -11.69 -59.55
N VAL DA 88 74.22 -11.22 -60.77
CA VAL DA 88 75.03 -10.16 -61.36
C VAL DA 88 74.09 -9.05 -61.82
N SER DA 89 74.31 -7.84 -61.31
CA SER DA 89 73.52 -6.68 -61.70
C SER DA 89 74.48 -5.53 -62.04
N GLY DA 90 74.36 -5.02 -63.26
CA GLY DA 90 75.20 -3.92 -63.69
C GLY DA 90 74.43 -2.84 -64.43
N THR DA 91 74.45 -1.62 -63.92
CA THR DA 91 73.72 -0.50 -64.50
C THR DA 91 74.74 0.51 -64.99
N LEU DA 92 74.60 0.92 -66.25
CA LEU DA 92 75.46 1.93 -66.87
C LEU DA 92 74.59 3.12 -67.21
N GLU DA 93 74.97 4.30 -66.71
CA GLU DA 93 74.22 5.52 -66.94
C GLU DA 93 75.20 6.55 -67.50
N THR DA 94 74.95 6.99 -68.72
CA THR DA 94 75.81 7.94 -69.41
C THR DA 94 74.95 9.08 -69.93
N ALA DA 95 75.47 10.30 -69.83
CA ALA DA 95 74.78 11.51 -70.28
C ALA DA 95 75.84 12.46 -70.86
N LEU DA 96 75.79 12.67 -72.17
CA LEU DA 96 76.69 13.58 -72.86
C LEU DA 96 75.87 14.53 -73.70
N GLY DA 97 75.79 15.79 -73.25
CA GLY DA 97 75.14 16.83 -74.03
C GLY DA 97 73.71 16.47 -74.40
N LYS DA 98 73.47 16.33 -75.70
CA LYS DA 98 72.13 16.06 -76.20
C LYS DA 98 71.61 14.70 -75.74
N VAL DA 99 72.47 13.69 -75.77
CA VAL DA 99 72.07 12.30 -75.56
C VAL DA 99 72.18 11.90 -74.09
N LYS DA 100 71.06 11.48 -73.51
CA LYS DA 100 71.03 10.79 -72.22
C LYS DA 100 70.66 9.31 -72.21
N LEU DA 101 71.54 8.47 -71.68
CA LEU DA 101 71.40 7.02 -71.78
C LEU DA 101 71.34 6.42 -70.38
N ASN DA 102 70.29 5.65 -70.12
CA ASN DA 102 70.12 4.90 -68.88
C ASN DA 102 70.00 3.43 -69.21
N LEU DA 103 70.90 2.62 -68.67
CA LEU DA 103 70.93 1.18 -68.94
C LEU DA 103 70.99 0.42 -67.62
N GLY DA 104 70.13 -0.59 -67.49
CA GLY DA 104 70.14 -1.43 -66.31
C GLY DA 104 70.02 -2.91 -66.64
N GLY DA 105 71.04 -3.69 -66.32
CA GLY DA 105 71.03 -5.10 -66.64
C GLY DA 105 71.18 -6.00 -65.44
N SER DA 106 70.17 -6.82 -65.16
CA SER DA 106 70.18 -7.74 -64.04
C SER DA 106 70.19 -9.17 -64.57
N SER DA 107 71.19 -9.94 -64.15
CA SER DA 107 71.33 -11.32 -64.57
C SER DA 107 71.42 -12.24 -63.35
N ARG DA 108 70.56 -13.25 -63.31
CA ARG DA 108 70.56 -14.23 -62.23
C ARG DA 108 70.78 -15.62 -62.82
N VAL DA 109 71.78 -16.32 -62.30
CA VAL DA 109 72.11 -17.68 -62.73
C VAL DA 109 72.17 -18.56 -61.49
N GLU DA 110 71.36 -19.62 -61.49
CA GLU DA 110 71.35 -20.60 -60.41
C GLU DA 110 71.64 -21.94 -61.07
N SER DA 111 72.92 -22.31 -61.12
CA SER DA 111 73.35 -23.52 -61.79
C SER DA 111 73.69 -24.57 -60.74
N GLN DA 112 72.82 -25.56 -60.61
CA GLN DA 112 73.07 -26.70 -59.73
C GLN DA 112 73.81 -27.78 -60.51
N SER DA 113 74.92 -28.25 -59.96
CA SER DA 113 75.79 -29.22 -60.61
C SER DA 113 75.92 -30.43 -59.68
N SER DA 114 74.97 -31.35 -59.77
CA SER DA 114 74.97 -32.56 -58.95
C SER DA 114 75.59 -33.68 -59.78
N PHE DA 115 76.63 -34.30 -59.23
CA PHE DA 115 77.37 -35.34 -59.91
C PHE DA 115 77.47 -36.57 -59.01
N GLY DA 116 77.61 -37.75 -59.62
CA GLY DA 116 77.80 -38.97 -58.87
C GLY DA 116 79.27 -39.26 -58.60
N THR DA 117 79.56 -40.53 -58.35
CA THR DA 117 80.93 -40.95 -58.09
C THR DA 117 81.80 -40.77 -59.33
N LEU DA 118 82.74 -39.84 -59.26
CA LEU DA 118 83.61 -39.58 -60.41
C LEU DA 118 84.88 -40.43 -60.32
N ARG DA 119 85.22 -41.03 -61.46
CA ARG DA 119 86.39 -41.95 -61.47
C ARG DA 119 87.51 -41.39 -62.35
N LYS DA 120 88.75 -41.65 -61.94
CA LYS DA 120 89.93 -41.18 -62.71
C LYS DA 120 90.60 -42.37 -63.39
N GLN DA 121 90.99 -42.21 -64.64
CA GLN DA 121 91.66 -43.24 -65.44
C GLN DA 121 92.96 -42.64 -65.97
N GLU DA 122 94.05 -42.90 -65.25
CA GLU DA 122 95.36 -42.38 -65.61
C GLU DA 122 96.21 -43.48 -66.25
N VAL DA 123 96.98 -43.09 -67.26
CA VAL DA 123 97.86 -44.01 -67.97
C VAL DA 123 99.25 -43.91 -67.35
N ASP DA 124 99.97 -45.04 -67.35
CA ASP DA 124 101.33 -45.08 -66.82
C ASP DA 124 102.26 -44.06 -67.47
N LEU DA 125 102.76 -43.10 -66.68
CA LEU DA 125 103.65 -42.08 -67.21
C LEU DA 125 104.95 -42.68 -67.74
N GLN DA 126 105.44 -43.72 -67.08
CA GLN DA 126 106.63 -44.40 -67.57
C GLN DA 126 106.51 -45.10 -68.92
N GLN DA 127 105.36 -45.70 -69.21
CA GLN DA 127 105.10 -46.17 -70.58
C GLN DA 127 105.12 -45.01 -71.56
N LEU DA 128 104.69 -43.84 -71.10
CA LEU DA 128 104.62 -42.67 -71.98
C LEU DA 128 106.02 -42.21 -72.39
N ILE DA 129 106.99 -42.34 -71.49
CA ILE DA 129 108.33 -41.82 -71.76
C ILE DA 129 109.18 -42.83 -72.52
N ARG DA 130 108.90 -44.12 -72.34
CA ARG DA 130 109.78 -45.15 -72.92
C ARG DA 130 109.79 -45.07 -74.44
N ASP DA 131 108.62 -45.05 -75.07
CA ASP DA 131 108.56 -44.99 -76.53
C ASP DA 131 109.04 -43.64 -77.05
N SER DA 132 108.70 -42.56 -76.33
CA SER DA 132 109.05 -41.21 -76.78
C SER DA 132 110.56 -40.99 -76.86
N ALA DA 133 111.33 -41.44 -75.86
CA ALA DA 133 112.77 -41.24 -75.86
C ALA DA 133 113.47 -41.95 -77.00
N GLU DA 134 112.82 -42.94 -77.62
CA GLU DA 134 113.37 -43.66 -78.75
C GLU DA 134 112.76 -43.13 -80.04
N ARG DA 135 113.36 -43.53 -81.17
CA ARG DA 135 112.88 -43.11 -82.49
C ARG DA 135 111.62 -43.90 -82.81
N THR DA 136 110.49 -43.39 -82.30
CA THR DA 136 109.21 -44.06 -82.40
C THR DA 136 108.18 -43.31 -83.23
N ILE DA 137 108.27 -41.98 -83.34
CA ILE DA 137 107.30 -41.17 -84.05
C ILE DA 137 107.90 -40.74 -85.38
N ASN DA 138 107.18 -41.00 -86.46
CA ASN DA 138 107.65 -40.60 -87.79
C ASN DA 138 107.67 -39.08 -87.91
N LEU DA 139 108.63 -38.57 -88.66
CA LEU DA 139 108.80 -37.12 -88.76
C LEU DA 139 107.72 -36.49 -89.64
N ARG DA 140 107.41 -37.14 -90.76
CA ARG DA 140 106.48 -36.60 -91.75
C ARG DA 140 105.20 -37.43 -91.76
N ASN DA 141 104.07 -36.75 -91.65
CA ASN DA 141 102.74 -37.35 -91.72
C ASN DA 141 101.88 -36.52 -92.65
N PRO DA 142 100.96 -37.14 -93.39
CA PRO DA 142 100.02 -36.35 -94.21
C PRO DA 142 99.18 -35.39 -93.37
N VAL DA 143 98.92 -35.77 -92.12
CA VAL DA 143 98.17 -34.87 -91.20
C VAL DA 143 99.19 -34.24 -90.24
N LEU DA 144 98.84 -33.14 -89.56
CA LEU DA 144 99.70 -32.48 -88.54
C LEU DA 144 100.65 -31.45 -89.19
N GLN DA 145 100.68 -31.42 -90.53
CA GLN DA 145 101.50 -30.37 -91.20
C GLN DA 145 101.03 -28.97 -90.82
N GLN DA 146 99.71 -28.75 -90.78
CA GLN DA 146 99.14 -27.44 -90.40
C GLN DA 146 99.52 -27.09 -88.96
N VAL DA 147 99.84 -28.09 -88.14
CA VAL DA 147 100.29 -27.82 -86.77
C VAL DA 147 101.69 -27.22 -86.77
N LEU DA 148 102.59 -27.79 -87.57
CA LEU DA 148 103.94 -27.24 -87.67
C LEU DA 148 103.93 -25.84 -88.27
N GLU DA 149 103.12 -25.64 -89.31
CA GLU DA 149 102.92 -24.31 -89.88
C GLU DA 149 102.00 -23.49 -88.97
N GLY DA 150 102.62 -22.78 -88.03
CA GLY DA 150 101.86 -22.27 -86.90
C GLY DA 150 102.57 -22.71 -85.63
N ARG DA 151 103.90 -22.70 -85.63
CA ARG DA 151 104.68 -23.23 -84.47
C ARG DA 151 103.91 -23.04 -83.17
N ASN DA 152 103.58 -21.80 -82.82
CA ASN DA 152 102.72 -21.53 -81.67
C ASN DA 152 101.79 -22.55 -81.03
N GLU DA 153 101.10 -23.35 -81.84
CA GLU DA 153 100.31 -24.47 -81.36
C GLU DA 153 101.16 -25.74 -81.40
N VAL DA 154 101.13 -26.51 -80.33
CA VAL DA 154 101.97 -27.70 -80.18
C VAL DA 154 101.07 -28.90 -79.85
N LEU DA 155 101.53 -30.08 -80.25
CA LEU DA 155 100.79 -31.30 -80.03
C LEU DA 155 100.99 -31.80 -78.60
N CYS DA 156 99.91 -32.31 -78.00
CA CYS DA 156 99.94 -32.87 -76.66
C CYS DA 156 99.20 -34.21 -76.75
N VAL DA 157 99.40 -35.01 -75.70
CA VAL DA 157 98.74 -36.34 -75.63
C VAL DA 157 98.03 -36.45 -74.28
N LEU DA 158 96.77 -36.87 -74.30
CA LEU DA 158 96.00 -37.02 -73.08
C LEU DA 158 96.50 -38.17 -72.24
N THR DA 159 96.61 -37.96 -70.92
CA THR DA 159 97.05 -38.97 -69.99
C THR DA 159 96.21 -39.16 -68.71
N GLN DA 160 95.47 -38.11 -68.35
CA GLN DA 160 94.57 -38.17 -67.17
C GLN DA 160 93.15 -37.91 -67.66
N LYS DA 161 92.15 -38.56 -67.05
CA LYS DA 161 90.77 -38.41 -67.48
C LYS DA 161 89.87 -38.69 -66.29
N ILE DA 162 88.90 -37.80 -66.06
CA ILE DA 162 87.91 -37.97 -65.01
C ILE DA 162 86.58 -38.27 -65.68
N THR DA 163 85.96 -39.39 -65.29
CA THR DA 163 84.72 -39.86 -65.90
C THR DA 163 83.70 -40.20 -64.83
N THR DA 164 82.46 -39.82 -65.08
CA THR DA 164 81.36 -40.10 -64.16
C THR DA 164 80.75 -41.47 -64.42
N MET DA 165 80.13 -42.05 -63.39
CA MET DA 165 79.53 -43.38 -63.48
C MET DA 165 78.02 -43.36 -63.30
N GLN DA 166 77.45 -42.25 -62.84
CA GLN DA 166 76.02 -42.17 -62.56
C GLN DA 166 75.47 -40.99 -63.34
N LYS DA 167 74.22 -41.15 -63.77
CA LYS DA 167 73.53 -40.05 -64.50
C LYS DA 167 73.64 -38.78 -63.65
N CYS DA 168 74.20 -37.74 -64.22
CA CYS DA 168 74.41 -36.48 -63.52
C CYS DA 168 73.31 -35.48 -63.82
N VAL DA 169 73.10 -34.56 -62.88
CA VAL DA 169 72.04 -33.57 -62.95
C VAL DA 169 72.65 -32.17 -63.03
N ILE DA 170 72.27 -31.40 -64.05
CA ILE DA 170 72.69 -30.02 -64.18
C ILE DA 170 71.43 -29.18 -64.36
N SER DA 171 70.87 -28.72 -63.25
CA SER DA 171 69.66 -27.89 -63.29
C SER DA 171 70.08 -26.43 -63.37
N GLU DA 172 69.99 -25.86 -64.56
CA GLU DA 172 70.43 -24.49 -64.81
C GLU DA 172 69.21 -23.57 -64.89
N HIS DA 173 69.21 -22.53 -64.08
CA HIS DA 173 68.20 -21.48 -64.15
C HIS DA 173 68.92 -20.19 -64.50
N MET DA 174 68.53 -19.57 -65.62
CA MET DA 174 69.17 -18.37 -66.12
C MET DA 174 68.10 -17.32 -66.37
N GLN DA 175 67.96 -16.38 -65.45
CA GLN DA 175 67.06 -15.25 -65.61
C GLN DA 175 67.88 -14.02 -65.99
N VAL DA 176 67.56 -13.43 -67.14
CA VAL DA 176 68.31 -12.29 -67.67
C VAL DA 176 67.30 -11.16 -67.88
N GLU DA 177 67.52 -10.03 -67.21
CA GLU DA 177 66.70 -8.84 -67.39
C GLU DA 177 67.60 -7.69 -67.80
N GLU DA 178 67.31 -7.10 -68.96
CA GLU DA 178 68.08 -5.98 -69.49
C GLU DA 178 67.11 -4.86 -69.86
N LYS DA 179 67.36 -3.68 -69.31
CA LYS DA 179 66.53 -2.51 -69.58
C LYS DA 179 67.42 -1.42 -70.19
N CYS DA 180 67.05 -0.96 -71.38
CA CYS DA 180 67.77 0.09 -72.09
C CYS DA 180 66.87 1.29 -72.30
N GLY DA 181 67.36 2.47 -71.93
CA GLY DA 181 66.59 3.69 -72.10
C GLY DA 181 67.41 4.85 -72.60
N GLY DA 182 66.97 5.47 -73.69
CA GLY DA 182 67.67 6.61 -74.25
C GLY DA 182 66.76 7.78 -74.55
N ILE DA 183 67.07 8.92 -73.92
CA ILE DA 183 66.31 10.17 -74.18
C ILE DA 183 67.26 11.08 -74.97
N VAL DA 184 66.84 11.54 -76.14
CA VAL DA 184 67.69 12.34 -77.03
C VAL DA 184 66.94 13.62 -77.37
N GLY DA 185 67.57 14.76 -77.10
CA GLY DA 185 67.01 16.05 -77.43
C GLY DA 185 67.94 16.92 -78.26
N ILE DA 186 67.52 17.27 -79.47
CA ILE DA 186 68.46 18.02 -80.35
C ILE DA 186 67.98 19.45 -80.63
N GLN DA 187 68.78 20.46 -80.27
CA GLN DA 187 68.51 21.88 -80.51
C GLN DA 187 68.64 22.48 -81.93
N THR DA 188 68.09 21.75 -82.90
CA THR DA 188 68.26 22.11 -84.31
C THR DA 188 67.75 23.45 -84.81
N LYS DA 189 68.37 23.97 -85.87
CA LYS DA 189 67.94 25.31 -86.38
C LYS DA 189 66.55 25.45 -86.99
N THR DA 190 65.58 26.02 -86.26
CA THR DA 190 64.18 26.21 -86.73
C THR DA 190 63.44 24.87 -86.67
N VAL DA 191 64.02 23.88 -85.99
CA VAL DA 191 63.36 22.55 -85.85
C VAL DA 191 63.53 22.09 -84.39
N GLN DA 192 62.46 22.11 -83.60
CA GLN DA 192 62.61 21.58 -82.25
C GLN DA 192 62.41 20.07 -82.31
N VAL DA 193 63.40 19.32 -81.83
CA VAL DA 193 63.41 17.87 -81.96
C VAL DA 193 63.36 17.23 -80.57
N SER DA 194 62.69 16.09 -80.47
CA SER DA 194 62.62 15.32 -79.24
C SER DA 194 62.43 13.84 -79.54
N ALA DA 195 63.48 13.04 -79.33
CA ALA DA 195 63.47 11.62 -79.67
C ALA DA 195 63.76 10.81 -78.42
N THR DA 196 62.88 9.87 -78.11
CA THR DA 196 63.02 8.99 -76.95
C THR DA 196 62.89 7.55 -77.41
N GLU DA 197 63.84 6.71 -76.98
CA GLU DA 197 63.80 5.26 -77.30
C GLU DA 197 63.95 4.45 -76.00
N ASP DA 198 63.00 3.57 -75.72
CA ASP DA 198 63.01 2.75 -74.52
C ASP DA 198 62.99 1.28 -74.93
N GLY DA 199 63.95 0.51 -74.45
CA GLY DA 199 64.01 -0.91 -74.76
C GLY DA 199 64.10 -1.78 -73.53
N ASN DA 200 63.07 -2.57 -73.28
CA ASN DA 200 63.00 -3.48 -72.13
C ASN DA 200 63.05 -4.91 -72.66
N VAL DA 201 64.02 -5.68 -72.22
CA VAL DA 201 64.19 -7.07 -72.61
C VAL DA 201 64.24 -7.91 -71.35
N THR DA 202 63.33 -8.87 -71.23
CA THR DA 202 63.31 -9.82 -70.13
C THR DA 202 63.36 -11.22 -70.70
N LYS DA 203 64.40 -11.97 -70.34
CA LYS DA 203 64.61 -13.31 -70.88
C LYS DA 203 64.78 -14.28 -69.73
N ASP DA 204 64.09 -15.43 -69.82
CA ASP DA 204 64.18 -16.49 -68.83
C ASP DA 204 64.51 -17.79 -69.54
N SER DA 205 65.40 -18.58 -68.94
CA SER DA 205 65.79 -19.88 -69.49
C SER DA 205 65.84 -20.89 -68.34
N ASN DA 206 64.70 -21.50 -68.06
CA ASN DA 206 64.61 -22.55 -67.04
C ASN DA 206 64.91 -23.89 -67.71
N VAL DA 207 66.17 -24.30 -67.68
CA VAL DA 207 66.59 -25.51 -68.36
C VAL DA 207 67.13 -26.53 -67.37
N VAL DA 208 66.42 -27.64 -67.22
CA VAL DA 208 66.90 -28.77 -66.41
C VAL DA 208 67.26 -29.91 -67.37
N LEU DA 209 68.56 -30.16 -67.53
CA LEU DA 209 69.05 -31.17 -68.44
C LEU DA 209 69.87 -32.18 -67.67
N GLU DA 210 69.68 -33.45 -68.02
CA GLU DA 210 70.43 -34.53 -67.33
C GLU DA 210 71.70 -34.83 -68.12
N ILE DA 211 72.66 -35.49 -67.48
CA ILE DA 211 73.93 -35.86 -68.08
C ILE DA 211 74.09 -37.37 -67.93
N PRO DA 212 74.38 -38.10 -69.01
CA PRO DA 212 74.51 -39.55 -68.90
C PRO DA 212 75.84 -39.94 -68.26
N ALA DA 213 75.91 -41.21 -67.87
CA ALA DA 213 77.15 -41.75 -67.34
C ALA DA 213 78.18 -41.89 -68.46
N ALA DA 214 79.44 -42.11 -68.07
CA ALA DA 214 80.60 -42.33 -68.91
C ALA DA 214 81.03 -41.06 -69.66
N THR DA 215 80.42 -39.93 -69.33
CA THR DA 215 80.79 -38.64 -69.97
C THR DA 215 82.14 -38.19 -69.45
N THR DA 216 82.90 -37.44 -70.26
CA THR DA 216 84.17 -36.90 -69.79
C THR DA 216 83.96 -35.58 -69.08
N ILE DA 217 84.49 -35.47 -67.87
CA ILE DA 217 84.36 -34.26 -67.06
C ILE DA 217 85.63 -33.42 -67.11
N ALA DA 218 86.79 -34.06 -66.98
CA ALA DA 218 88.06 -33.35 -66.99
C ALA DA 218 89.11 -34.23 -67.66
N TYR DA 219 90.16 -33.58 -68.15
CA TYR DA 219 91.25 -34.29 -68.81
C TYR DA 219 92.54 -33.50 -68.66
N GLY DA 220 93.62 -34.21 -68.38
CA GLY DA 220 94.94 -33.62 -68.28
C GLY DA 220 95.85 -34.18 -69.36
N VAL DA 221 96.69 -33.32 -69.92
CA VAL DA 221 97.54 -33.69 -71.05
C VAL DA 221 98.92 -33.32 -70.55
N ILE DA 222 99.93 -33.99 -71.13
CA ILE DA 222 101.31 -33.49 -70.91
C ILE DA 222 101.81 -33.25 -72.34
N GLU DA 223 102.54 -32.17 -72.55
CA GLU DA 223 102.93 -31.73 -73.88
C GLU DA 223 104.07 -32.51 -74.53
N LEU DA 224 104.13 -32.38 -75.86
CA LEU DA 224 105.15 -33.14 -76.63
C LEU DA 224 106.24 -32.19 -77.15
N TYR DA 225 107.49 -32.42 -76.75
CA TYR DA 225 108.63 -31.66 -77.25
C TYR DA 225 108.87 -32.00 -78.72
N VAL DA 226 108.69 -31.02 -79.59
CA VAL DA 226 108.80 -31.24 -81.03
C VAL DA 226 109.96 -30.42 -81.58
N LYS DA 227 110.97 -31.09 -82.11
CA LYS DA 227 112.02 -30.44 -82.88
C LYS DA 227 111.92 -30.91 -84.33
N LEU DA 228 111.89 -29.94 -85.25
CA LEU DA 228 111.68 -30.28 -86.69
C LEU DA 228 112.82 -31.19 -87.18
N ASP DA 229 113.92 -31.26 -86.44
CA ASP DA 229 115.02 -32.19 -86.83
C ASP DA 229 114.48 -33.62 -86.78
N GLY DA 230 113.68 -33.94 -85.76
CA GLY DA 230 113.06 -35.27 -85.68
C GLY DA 230 113.14 -35.85 -84.29
N GLN DA 231 113.67 -35.08 -83.33
CA GLN DA 231 113.81 -35.57 -81.97
C GLN DA 231 112.57 -35.20 -81.16
N PHE DA 232 111.94 -36.21 -80.56
CA PHE DA 232 110.71 -36.00 -79.80
C PHE DA 232 110.84 -36.68 -78.44
N GLU DA 233 110.21 -36.07 -77.44
CA GLU DA 233 110.18 -36.59 -76.07
C GLU DA 233 108.95 -36.06 -75.32
N PHE DA 234 108.16 -36.98 -74.77
CA PHE DA 234 107.03 -36.58 -73.95
C PHE DA 234 107.50 -36.23 -72.55
N CYS DA 235 107.67 -34.94 -72.27
CA CYS DA 235 108.24 -34.46 -71.02
C CYS DA 235 107.18 -33.77 -70.19
N LEU DA 236 107.19 -34.02 -68.88
CA LEU DA 236 106.13 -33.46 -67.99
C LEU DA 236 106.52 -32.13 -67.31
N LEU DA 237 107.76 -31.66 -67.51
CA LEU DA 237 108.21 -30.45 -66.83
C LEU DA 237 108.32 -29.31 -67.84
N ARG DA 238 108.40 -28.08 -67.34
CA ARG DA 238 108.44 -26.89 -68.17
C ARG DA 238 109.69 -26.72 -69.01
N GLY DA 239 110.71 -27.54 -68.74
CA GLY DA 239 112.00 -27.39 -69.40
C GLY DA 239 111.96 -27.45 -70.92
N LYS DA 240 111.70 -28.59 -71.49
CA LYS DA 240 111.73 -28.75 -72.97
C LYS DA 240 110.46 -29.48 -73.44
N GLN DA 241 109.33 -28.77 -73.57
CA GLN DA 241 108.12 -29.33 -74.14
C GLN DA 241 107.42 -28.32 -75.05
N GLY DA 242 108.03 -27.15 -75.24
CA GLY DA 242 107.36 -26.08 -75.95
C GLY DA 242 107.35 -26.21 -77.46
N GLY DA 243 108.22 -27.06 -78.01
CA GLY DA 243 108.35 -27.16 -79.45
C GLY DA 243 109.50 -26.29 -79.92
N PHE DA 244 110.37 -26.84 -80.77
CA PHE DA 244 111.56 -26.17 -81.22
C PHE DA 244 111.74 -26.44 -82.70
N GLU DA 245 112.59 -25.63 -83.36
CA GLU DA 245 112.78 -25.79 -84.82
C GLU DA 245 114.08 -26.56 -85.15
#